data_9BOQ
#
_entry.id   9BOQ
#
_cell.length_a   1.00
_cell.length_b   1.00
_cell.length_c   1.00
_cell.angle_alpha   90.00
_cell.angle_beta   90.00
_cell.angle_gamma   90.00
#
_symmetry.space_group_name_H-M   'P 1'
#
loop_
_entity.id
_entity.type
_entity.pdbx_description
1 polymer 'Transitional endoplasmic reticulum ATPase'
2 non-polymer "ADENOSINE-5'-DIPHOSPHATE"
3 non-polymer '3-(2,6-difluoro-4-{[(4P)-5-{[(2S)-hexan-2-yl]sulfanyl}-4-(pyridin-3-yl)-4H-1,2,4-triazol-3-yl]methoxy}phenyl)prop-2-yn-1-yl (1-methylpiperidin-4-yl)carbamate'
#
_entity_poly.entity_id   1
_entity_poly.type   'polypeptide(L)'
_entity_poly.pdbx_seq_one_letter_code
;MASGADSKGDDLSTAILKQKNRPNRLIVDEAINEDNSVVSLSQPKMDELQLFRGDTVLLKGKKRREAVCIVLSDDTCSDE
KIRMNRVVRNNLRVRLGDVISIQPCPDVKYGKRIHVLPIDDTVEGITGNLFEVYLKPYFLEAYRPIRKGDIFLVRGGMRA
VEFKVVETDPSPYCIVAPDTVIHCEGEPIKREDEEESLNEVGYDDIGGCRKQLAQIKEMVELPLRHPALFKAIGVKPPRG
ILLYGPPGTGKTLIARAVANETGAFFFLINGPEIMSKLAGESESNLRKAFEEAEKNAPAIIFIDELDAIAPKREKTHGEV
ERRIVSQLLTLMDGLKQRAHVIVMAATNRPNSIDPALRRFGRFDREVDIGIPDATGRLEILQIHTKNMKLADDVDLEQVA
NETHGHVGADLAALCSEAALQAIRKKMDLIDLEDETIDAEVMNSLAVTMDDFRWALSQSNPSALRETVVEVPQVTWEDIG
GLEDVKRELQELVQYPVEHPDKFLKFGMTPSKGVLFYGPPGCGKTLLAKAIANECQANFISIKGPELLTMWFGESEANVR
EIFDKARQAAPCVLFFDELDSIAKARGGNIGDGGGAADRVINQILTEMDGMSTKKNVFIIGATNRPDIIDPAILRPGRLD
QLIYIPLPDEKSRVAILKANLRKSPVAKDVDLEFLAKMTNGFSGADLTEICQRACKLAIRESIESEIRRERERQTNPSAM
EVEEDDPVPEIRRDHFEEAMRFARRSVSDNDIRKYEMFAQTLQQSRGFGSFRFPSGNQGGAGPSQGSGGGTGGSVYTEDN
DDDLYG
;
_entity_poly.pdbx_strand_id   A,B,C,D,E,F,G,H,I,J,K,L
#
# COMPACT_ATOMS: atom_id res chain seq x y z
N ARG A 22 43.92 75.63 34.97
CA ARG A 22 42.74 75.61 35.82
C ARG A 22 41.94 74.33 35.60
N PRO A 23 41.21 73.88 36.63
CA PRO A 23 40.34 72.70 36.45
C PRO A 23 39.19 72.94 35.50
N ASN A 24 38.87 74.19 35.16
CA ASN A 24 37.77 74.50 34.25
C ASN A 24 38.22 74.41 32.79
N ARG A 25 38.83 73.28 32.43
CA ARG A 25 39.22 73.02 31.05
C ARG A 25 38.81 71.59 30.71
N LEU A 26 38.19 71.41 29.55
CA LEU A 26 37.56 70.13 29.23
C LEU A 26 37.97 69.61 27.87
N ILE A 27 37.34 68.53 27.42
CA ILE A 27 37.62 67.92 26.12
C ILE A 27 36.36 68.02 25.26
N VAL A 28 36.55 68.38 24.00
CA VAL A 28 35.46 68.67 23.08
C VAL A 28 34.87 67.36 22.56
N ASP A 29 33.56 67.36 22.37
CA ASP A 29 32.83 66.23 21.81
C ASP A 29 31.83 66.75 20.78
N GLU A 30 31.44 65.87 19.86
CA GLU A 30 30.45 66.23 18.86
C GLU A 30 29.10 66.47 19.53
N ALA A 31 28.47 67.59 19.21
CA ALA A 31 27.23 67.98 19.86
C ALA A 31 26.05 67.22 19.26
N ILE A 32 25.13 66.79 20.13
CA ILE A 32 23.94 66.08 19.68
C ILE A 32 22.86 67.01 19.19
N ASN A 33 22.97 68.31 19.45
CA ASN A 33 22.01 69.29 19.00
C ASN A 33 22.50 69.98 17.72
N GLU A 34 21.60 70.77 17.14
CA GLU A 34 21.90 71.48 15.89
C GLU A 34 22.02 72.99 16.06
N ASP A 35 21.72 73.51 17.25
CA ASP A 35 21.77 74.95 17.46
C ASP A 35 23.22 75.45 17.44
N ASN A 36 23.42 76.61 16.81
CA ASN A 36 24.75 77.19 16.73
C ASN A 36 25.02 78.07 17.95
N SER A 37 26.30 78.19 18.30
CA SER A 37 26.74 78.97 19.45
C SER A 37 26.05 78.51 20.74
N VAL A 38 25.89 77.19 20.86
CA VAL A 38 25.25 76.57 22.02
C VAL A 38 26.17 75.47 22.52
N VAL A 39 26.49 75.50 23.81
CA VAL A 39 27.36 74.51 24.44
C VAL A 39 26.51 73.62 25.33
N SER A 40 26.63 72.31 25.14
CA SER A 40 25.91 71.33 25.95
C SER A 40 26.87 70.70 26.93
N LEU A 41 26.58 70.83 28.23
CA LEU A 41 27.47 70.37 29.28
C LEU A 41 26.68 69.63 30.35
N SER A 42 27.37 68.75 31.08
CA SER A 42 26.73 67.99 32.14
C SER A 42 26.41 68.88 33.34
N GLN A 43 25.32 68.57 34.02
CA GLN A 43 24.88 69.39 35.15
C GLN A 43 25.88 69.46 36.30
N PRO A 44 26.46 68.35 36.78
CA PRO A 44 27.49 68.50 37.83
C PRO A 44 28.67 69.34 37.39
N LYS A 45 29.10 69.19 36.14
CA LYS A 45 30.15 70.06 35.62
C LYS A 45 29.66 71.49 35.46
N MET A 46 28.37 71.67 35.13
CA MET A 46 27.82 73.01 34.99
C MET A 46 27.86 73.76 36.32
N ASP A 47 27.44 73.10 37.40
CA ASP A 47 27.49 73.78 38.70
C ASP A 47 28.93 73.87 39.23
N GLU A 48 29.80 72.93 38.84
CA GLU A 48 31.21 73.06 39.15
C GLU A 48 31.84 74.21 38.38
N LEU A 49 31.30 74.53 37.21
CA LEU A 49 31.77 75.62 36.37
C LEU A 49 31.01 76.92 36.65
N GLN A 50 30.13 76.92 37.66
CA GLN A 50 29.29 78.07 38.00
C GLN A 50 28.44 78.49 36.80
N LEU A 51 27.59 77.56 36.36
CA LEU A 51 26.70 77.78 35.23
C LEU A 51 25.27 77.54 35.66
N PHE A 52 24.38 78.45 35.28
CA PHE A 52 22.96 78.33 35.58
C PHE A 52 22.27 77.54 34.47
N ARG A 53 20.93 77.57 34.45
CA ARG A 53 20.19 76.85 33.43
C ARG A 53 20.47 77.39 32.03
N GLY A 54 20.54 78.72 31.90
CA GLY A 54 20.82 79.33 30.62
C GLY A 54 21.95 80.32 30.66
N ASP A 55 22.93 80.06 31.52
CA ASP A 55 24.08 80.96 31.64
C ASP A 55 24.93 80.90 30.38
N THR A 56 25.53 82.04 30.03
CA THR A 56 26.44 82.11 28.90
C THR A 56 27.82 81.64 29.30
N VAL A 57 28.38 80.70 28.54
CA VAL A 57 29.69 80.11 28.83
C VAL A 57 30.68 80.60 27.79
N LEU A 58 31.82 81.10 28.24
CA LEU A 58 32.86 81.62 27.37
C LEU A 58 34.00 80.61 27.26
N LEU A 59 34.54 80.47 26.05
CA LEU A 59 35.54 79.46 25.75
C LEU A 59 36.77 80.11 25.14
N LYS A 60 37.92 79.48 25.37
CA LYS A 60 39.19 79.91 24.78
C LYS A 60 39.80 78.74 24.04
N GLY A 61 40.06 78.92 22.75
CA GLY A 61 40.57 77.86 21.90
C GLY A 61 42.09 77.81 21.88
N LYS A 62 42.60 76.95 21.00
CA LYS A 62 44.04 76.81 20.85
C LYS A 62 44.69 78.03 20.22
N LYS A 63 43.93 78.84 19.48
CA LYS A 63 44.45 80.03 18.83
C LYS A 63 43.77 81.26 19.42
N ARG A 64 44.06 82.42 18.83
CA ARG A 64 43.58 83.71 19.35
C ARG A 64 42.16 83.96 18.86
N ARG A 65 41.21 83.27 19.49
CA ARG A 65 39.80 83.45 19.18
C ARG A 65 38.98 82.93 20.35
N GLU A 66 37.87 83.61 20.63
CA GLU A 66 36.95 83.22 21.69
C GLU A 66 35.52 83.32 21.17
N ALA A 67 34.62 82.57 21.81
CA ALA A 67 33.22 82.57 21.41
C ALA A 67 32.35 82.26 22.63
N VAL A 68 31.55 83.23 23.03
CA VAL A 68 30.59 83.04 24.12
C VAL A 68 29.38 82.27 23.58
N CYS A 69 28.93 81.27 24.34
CA CYS A 69 27.86 80.40 23.89
C CYS A 69 26.87 80.17 25.02
N ILE A 70 25.65 79.76 24.65
CA ILE A 70 24.63 79.40 25.61
C ILE A 70 24.91 78.00 26.15
N VAL A 71 24.89 77.87 27.47
CA VAL A 71 25.07 76.55 28.08
C VAL A 71 23.78 75.74 27.91
N LEU A 72 23.93 74.41 27.89
CA LEU A 72 22.80 73.50 27.76
C LEU A 72 23.02 72.31 28.67
N SER A 73 21.94 71.83 29.27
CA SER A 73 21.99 70.72 30.23
C SER A 73 21.58 69.44 29.50
N ASP A 74 22.57 68.67 29.08
CA ASP A 74 22.33 67.37 28.45
C ASP A 74 22.85 66.26 29.36
N ASP A 75 22.07 65.19 29.48
CA ASP A 75 22.42 64.05 30.31
C ASP A 75 23.12 62.94 29.53
N THR A 76 23.43 63.17 28.26
CA THR A 76 24.07 62.16 27.42
C THR A 76 25.59 62.28 27.40
N CYS A 77 26.17 63.23 28.13
CA CYS A 77 27.60 63.43 28.17
C CYS A 77 28.08 63.54 29.61
N SER A 78 29.35 63.22 29.81
CA SER A 78 29.97 63.26 31.13
C SER A 78 30.46 64.68 31.43
N ASP A 79 31.18 64.85 32.53
CA ASP A 79 31.68 66.17 32.90
C ASP A 79 32.78 66.64 31.95
N GLU A 80 33.74 65.76 31.64
CA GLU A 80 34.85 66.15 30.78
C GLU A 80 34.37 66.40 29.35
N LYS A 81 33.41 65.61 28.87
CA LYS A 81 32.90 65.77 27.51
C LYS A 81 32.03 67.02 27.45
N ILE A 82 32.50 68.05 26.78
CA ILE A 82 31.71 69.25 26.52
C ILE A 82 31.32 69.24 25.05
N ARG A 83 30.02 69.30 24.78
CA ARG A 83 29.51 69.17 23.42
C ARG A 83 29.65 70.50 22.69
N MET A 84 30.13 70.44 21.45
CA MET A 84 30.30 71.65 20.65
C MET A 84 30.11 71.32 19.18
N ASN A 85 29.46 72.23 18.45
CA ASN A 85 29.24 72.07 17.03
C ASN A 85 30.51 72.38 16.25
N ARG A 86 30.48 72.09 14.95
CA ARG A 86 31.57 72.51 14.07
C ARG A 86 31.64 74.03 13.96
N VAL A 87 30.51 74.71 14.18
CA VAL A 87 30.49 76.17 14.12
C VAL A 87 31.40 76.77 15.20
N VAL A 88 31.32 76.22 16.40
CA VAL A 88 32.12 76.71 17.52
C VAL A 88 33.38 75.87 17.65
N ARG A 89 33.74 75.15 16.60
CA ARG A 89 34.99 74.42 16.53
C ARG A 89 35.95 74.96 15.49
N ASN A 90 35.45 75.36 14.31
CA ASN A 90 36.32 75.93 13.30
C ASN A 90 36.79 77.34 13.66
N ASN A 91 35.95 78.10 14.37
CA ASN A 91 36.37 79.42 14.81
C ASN A 91 37.33 79.35 16.00
N LEU A 92 37.17 78.34 16.86
CA LEU A 92 38.06 78.15 18.00
C LEU A 92 39.34 77.43 17.63
N ARG A 93 39.50 77.03 16.36
CA ARG A 93 40.68 76.31 15.88
C ARG A 93 40.91 75.02 16.65
N VAL A 94 39.83 74.38 17.08
CA VAL A 94 39.89 73.17 17.90
C VAL A 94 39.23 72.04 17.13
N ARG A 95 39.99 70.97 16.89
CA ARG A 95 39.46 69.80 16.22
C ARG A 95 38.76 68.89 17.23
N LEU A 96 38.07 67.89 16.71
CA LEU A 96 37.32 66.96 17.57
C LEU A 96 38.29 66.08 18.34
N GLY A 97 38.27 66.20 19.67
CA GLY A 97 39.18 65.45 20.52
C GLY A 97 40.35 66.28 21.01
N ASP A 98 40.10 67.56 21.30
CA ASP A 98 41.12 68.48 21.76
C ASP A 98 40.68 69.13 23.06
N VAL A 99 41.61 69.88 23.67
CA VAL A 99 41.38 70.50 24.97
C VAL A 99 40.87 71.92 24.75
N ILE A 100 39.78 72.26 25.43
CA ILE A 100 39.16 73.58 25.36
C ILE A 100 39.24 74.24 26.73
N SER A 101 39.64 75.50 26.75
CA SER A 101 39.75 76.28 27.97
C SER A 101 38.50 77.11 28.17
N ILE A 102 37.97 77.10 29.39
CA ILE A 102 36.70 77.73 29.72
C ILE A 102 36.90 78.69 30.88
N GLN A 103 36.36 79.90 30.75
CA GLN A 103 36.33 80.86 31.86
C GLN A 103 35.14 81.80 31.68
N PRO A 104 34.20 81.81 32.63
CA PRO A 104 33.05 82.70 32.52
C PRO A 104 33.43 84.16 32.78
N CYS A 105 32.66 85.06 32.17
CA CYS A 105 32.82 86.49 32.35
C CYS A 105 31.53 87.21 31.99
N PRO A 106 30.59 87.31 32.91
CA PRO A 106 29.27 87.89 32.57
C PRO A 106 29.22 89.41 32.62
N ASP A 107 28.89 90.02 31.48
CA ASP A 107 28.60 91.44 31.37
C ASP A 107 27.34 91.60 30.55
N VAL A 108 26.58 92.67 30.79
CA VAL A 108 25.33 92.89 30.08
C VAL A 108 25.60 93.07 28.58
N LYS A 109 26.24 94.18 28.22
CA LYS A 109 26.77 94.46 26.88
C LYS A 109 25.81 94.03 25.77
N TYR A 110 24.62 94.65 25.77
CA TYR A 110 23.68 94.43 24.68
C TYR A 110 24.23 95.09 23.41
N GLY A 111 24.27 94.32 22.32
CA GLY A 111 24.92 94.75 21.10
C GLY A 111 24.40 96.04 20.51
N LYS A 112 25.30 96.93 20.11
CA LYS A 112 24.96 98.21 19.52
C LYS A 112 25.57 98.28 18.12
N ARG A 113 24.73 98.06 17.11
CA ARG A 113 25.12 98.14 15.70
C ARG A 113 26.27 97.18 15.39
N ILE A 114 25.96 95.88 15.52
CA ILE A 114 26.93 94.84 15.22
C ILE A 114 27.20 94.82 13.72
N HIS A 115 28.29 94.16 13.32
CA HIS A 115 28.79 94.22 11.95
C HIS A 115 28.93 92.81 11.37
N VAL A 116 27.88 92.00 11.51
CA VAL A 116 27.86 90.70 10.86
C VAL A 116 27.94 90.90 9.35
N LEU A 117 28.79 90.11 8.70
CA LEU A 117 29.05 90.24 7.27
C LEU A 117 29.01 88.87 6.60
N PRO A 118 28.62 88.81 5.33
CA PRO A 118 28.61 87.53 4.62
C PRO A 118 29.94 87.24 3.94
N ILE A 119 31.00 87.90 4.38
CA ILE A 119 32.29 87.88 3.67
C ILE A 119 32.83 86.45 3.71
N ASP A 120 32.76 85.77 2.57
CA ASP A 120 33.18 84.38 2.42
C ASP A 120 33.09 83.96 0.96
N ASP A 121 33.48 82.73 0.66
CA ASP A 121 33.32 82.17 -0.67
C ASP A 121 31.99 81.44 -0.85
N THR A 122 31.18 81.33 0.20
CA THR A 122 29.88 80.67 0.10
C THR A 122 28.83 81.56 -0.56
N VAL A 123 29.03 82.87 -0.56
CA VAL A 123 28.05 83.80 -1.17
C VAL A 123 28.47 83.96 -2.63
N GLU A 124 28.03 83.02 -3.45
CA GLU A 124 28.26 83.06 -4.89
C GLU A 124 26.93 82.86 -5.60
N GLY A 125 26.54 83.85 -6.41
CA GLY A 125 25.28 83.76 -7.12
C GLY A 125 24.05 83.89 -6.25
N ILE A 126 24.18 84.43 -5.04
CA ILE A 126 23.05 84.64 -4.14
C ILE A 126 23.06 86.11 -3.74
N THR A 127 22.14 86.88 -4.29
CA THR A 127 22.05 88.31 -4.06
C THR A 127 20.70 88.65 -3.43
N GLY A 128 20.42 89.94 -3.31
CA GLY A 128 19.15 90.41 -2.78
C GLY A 128 19.22 90.78 -1.32
N ASN A 129 18.16 90.42 -0.58
CA ASN A 129 18.09 90.72 0.85
C ASN A 129 18.55 89.55 1.70
N LEU A 130 19.52 88.77 1.21
CA LEU A 130 20.04 87.63 1.98
C LEU A 130 20.67 88.07 3.30
N PHE A 131 21.01 89.36 3.43
CA PHE A 131 21.57 89.87 4.66
C PHE A 131 20.59 89.84 5.82
N GLU A 132 19.28 89.80 5.56
CA GLU A 132 18.29 89.86 6.62
C GLU A 132 17.14 88.88 6.50
N VAL A 133 16.94 88.19 5.37
CA VAL A 133 15.74 87.37 5.21
C VAL A 133 15.79 86.15 6.12
N TYR A 134 16.93 85.46 6.17
CA TYR A 134 17.08 84.30 7.05
C TYR A 134 17.89 84.60 8.30
N LEU A 135 18.29 85.86 8.50
CA LEU A 135 18.95 86.25 9.74
C LEU A 135 17.97 86.71 10.80
N LYS A 136 16.85 87.31 10.40
CA LYS A 136 15.82 87.69 11.38
C LYS A 136 15.26 86.50 12.14
N PRO A 137 14.88 85.37 11.51
CA PRO A 137 14.35 84.25 12.30
C PRO A 137 15.38 83.60 13.22
N TYR A 138 16.67 83.69 12.88
CA TYR A 138 17.70 82.99 13.66
C TYR A 138 18.64 83.95 14.36
N PHE A 139 19.31 84.85 13.63
CA PHE A 139 20.32 85.72 14.23
C PHE A 139 19.72 86.84 15.06
N LEU A 140 18.43 87.12 14.89
CA LEU A 140 17.73 88.16 15.64
C LEU A 140 16.67 87.55 16.56
N GLU A 141 16.94 86.37 17.10
CA GLU A 141 15.99 85.67 17.93
C GLU A 141 16.72 84.92 19.05
N ALA A 142 15.97 84.60 20.11
CA ALA A 142 16.42 83.81 21.24
C ALA A 142 17.54 84.46 22.04
N TYR A 143 17.90 85.71 21.73
CA TYR A 143 18.95 86.45 22.44
C TYR A 143 20.25 85.67 22.48
N ARG A 144 20.63 85.10 21.33
CA ARG A 144 21.85 84.33 21.25
C ARG A 144 23.07 85.24 21.37
N PRO A 145 24.17 84.74 21.95
CA PRO A 145 25.35 85.57 22.12
C PRO A 145 26.13 85.74 20.82
N ILE A 146 26.80 86.88 20.70
CA ILE A 146 27.53 87.24 19.50
C ILE A 146 28.98 87.53 19.87
N ARG A 147 29.86 87.39 18.87
CA ARG A 147 31.27 87.69 19.02
C ARG A 147 31.81 88.13 17.67
N LYS A 148 32.88 88.91 17.69
CA LYS A 148 33.52 89.39 16.48
C LYS A 148 34.75 88.55 16.16
N GLY A 149 35.07 88.48 14.87
CA GLY A 149 36.21 87.72 14.40
C GLY A 149 35.94 86.26 14.11
N ASP A 150 34.81 85.73 14.57
CA ASP A 150 34.45 84.34 14.33
C ASP A 150 33.32 84.26 13.31
N ILE A 151 33.05 83.05 12.85
CA ILE A 151 32.07 82.79 11.80
C ILE A 151 31.01 81.84 12.34
N PHE A 152 29.75 82.21 12.18
CA PHE A 152 28.64 81.32 12.46
C PHE A 152 27.99 80.91 11.14
N LEU A 153 27.00 80.03 11.23
CA LEU A 153 26.37 79.46 10.04
C LEU A 153 24.85 79.60 10.14
N VAL A 154 24.23 79.93 9.01
CA VAL A 154 22.78 80.04 8.92
C VAL A 154 22.29 79.19 7.75
N ARG A 155 21.29 78.36 8.01
CA ARG A 155 20.74 77.45 7.01
C ARG A 155 19.34 77.93 6.65
N GLY A 156 19.18 78.44 5.43
CA GLY A 156 17.89 78.89 4.96
C GLY A 156 17.88 79.03 3.46
N GLY A 157 16.68 78.90 2.88
CA GLY A 157 16.53 79.03 1.44
C GLY A 157 17.37 78.06 0.64
N MET A 158 17.47 76.81 1.10
CA MET A 158 18.32 75.78 0.50
C MET A 158 19.78 76.20 0.44
N ARG A 159 20.22 77.09 1.33
CA ARG A 159 21.58 77.59 1.33
C ARG A 159 22.13 77.61 2.75
N ALA A 160 23.33 77.07 2.93
CA ALA A 160 24.05 77.14 4.19
C ALA A 160 25.14 78.20 4.04
N VAL A 161 24.95 79.35 4.68
CA VAL A 161 25.80 80.52 4.49
C VAL A 161 26.61 80.74 5.75
N GLU A 162 27.92 80.94 5.59
CA GLU A 162 28.83 81.24 6.69
C GLU A 162 28.95 82.76 6.82
N PHE A 163 28.49 83.30 7.94
CA PHE A 163 28.49 84.73 8.20
C PHE A 163 29.54 85.06 9.25
N LYS A 164 30.42 86.00 8.93
CA LYS A 164 31.40 86.52 9.88
C LYS A 164 30.93 87.84 10.45
N VAL A 165 31.33 88.12 11.69
CA VAL A 165 30.98 89.36 12.38
C VAL A 165 32.26 90.11 12.68
N VAL A 166 32.28 91.40 12.36
CA VAL A 166 33.49 92.21 12.47
C VAL A 166 33.53 93.03 13.74
N GLU A 167 32.42 93.68 14.09
CA GLU A 167 32.35 94.52 15.29
C GLU A 167 31.14 94.13 16.12
N THR A 168 31.35 93.86 17.40
CA THR A 168 30.30 93.55 18.37
C THR A 168 30.51 94.35 19.65
N ASP A 169 30.77 95.65 19.50
CA ASP A 169 31.07 96.61 20.57
C ASP A 169 32.43 96.29 21.19
N PRO A 170 33.08 97.26 21.85
CA PRO A 170 34.41 96.99 22.44
C PRO A 170 34.33 96.10 23.67
N SER A 171 34.02 94.81 23.44
CA SER A 171 33.95 93.82 24.49
C SER A 171 34.05 92.44 23.87
N PRO A 172 34.71 91.49 24.54
CA PRO A 172 34.72 90.10 24.05
C PRO A 172 33.47 89.31 24.36
N TYR A 173 32.42 89.98 24.86
CA TYR A 173 31.17 89.34 25.24
C TYR A 173 30.04 90.20 24.69
N CYS A 174 29.24 89.64 23.78
CA CYS A 174 28.16 90.39 23.16
C CYS A 174 26.92 89.51 23.05
N ILE A 175 25.76 90.11 23.28
CA ILE A 175 24.46 89.45 23.12
C ILE A 175 23.65 90.24 22.11
N VAL A 176 22.94 89.51 21.23
CA VAL A 176 22.13 90.18 20.22
C VAL A 176 20.97 90.92 20.89
N ALA A 177 20.55 92.01 20.24
CA ALA A 177 19.54 92.90 20.78
C ALA A 177 18.81 93.56 19.61
N PRO A 178 17.62 94.11 19.84
CA PRO A 178 16.92 94.79 18.74
C PRO A 178 17.67 95.97 18.15
N ASP A 179 18.59 96.58 18.89
CA ASP A 179 19.37 97.70 18.38
C ASP A 179 20.68 97.26 17.72
N THR A 180 20.87 95.96 17.51
CA THR A 180 22.07 95.49 16.82
C THR A 180 22.08 95.86 15.34
N VAL A 181 20.92 96.20 14.78
CA VAL A 181 20.79 96.80 13.45
C VAL A 181 21.22 95.86 12.33
N ILE A 182 22.34 95.15 12.51
CA ILE A 182 22.95 94.25 11.54
C ILE A 182 23.06 94.92 10.16
N HIS A 183 23.41 96.21 10.18
CA HIS A 183 23.52 97.03 8.97
C HIS A 183 24.32 96.33 7.88
N CYS A 184 23.92 96.57 6.63
CA CYS A 184 24.43 95.82 5.49
C CYS A 184 25.73 96.43 4.98
N GLU A 185 26.82 95.66 5.05
CA GLU A 185 28.09 96.04 4.48
C GLU A 185 28.74 94.82 3.81
N GLY A 186 27.95 94.08 3.04
CA GLY A 186 28.44 92.85 2.46
C GLY A 186 29.55 93.08 1.45
N GLU A 187 30.48 92.13 1.40
CA GLU A 187 31.65 92.23 0.54
C GLU A 187 32.05 90.83 0.11
N PRO A 188 32.75 90.69 -1.02
CA PRO A 188 33.22 89.36 -1.45
C PRO A 188 34.57 89.00 -0.85
N ILE A 189 34.94 89.65 0.26
CA ILE A 189 36.25 89.45 0.88
C ILE A 189 36.51 87.97 1.13
N LYS A 190 37.67 87.51 0.70
CA LYS A 190 38.02 86.09 0.79
C LYS A 190 38.24 85.67 2.24
N ARG A 191 38.04 84.38 2.49
CA ARG A 191 38.28 83.81 3.80
C ARG A 191 39.77 83.54 4.02
N GLU A 192 40.13 83.31 5.28
CA GLU A 192 41.50 82.99 5.64
C GLU A 192 41.67 81.48 5.79
N ASP A 193 42.91 81.02 5.65
CA ASP A 193 43.20 79.59 5.72
C ASP A 193 43.02 79.02 7.12
N GLU A 194 43.05 79.87 8.15
CA GLU A 194 42.87 79.37 9.51
C GLU A 194 41.47 78.82 9.72
N GLU A 195 40.46 79.50 9.17
CA GLU A 195 39.08 79.04 9.29
C GLU A 195 38.84 77.85 8.37
N GLU A 196 38.00 76.93 8.85
CA GLU A 196 37.63 75.74 8.09
C GLU A 196 36.26 75.93 7.46
N SER A 197 36.13 75.53 6.20
CA SER A 197 34.88 75.70 5.48
C SER A 197 33.81 74.78 6.05
N LEU A 198 32.73 75.38 6.54
CA LEU A 198 31.62 74.59 7.06
C LEU A 198 30.87 73.86 5.95
N ASN A 199 30.96 74.33 4.71
CA ASN A 199 30.39 73.59 3.59
C ASN A 199 31.13 72.27 3.37
N GLU A 200 32.42 72.22 3.72
CA GLU A 200 33.16 70.97 3.65
C GLU A 200 32.62 69.98 4.68
N VAL A 201 32.74 68.70 4.37
CA VAL A 201 32.09 67.66 5.16
C VAL A 201 32.77 67.52 6.53
N GLY A 202 32.05 66.90 7.45
CA GLY A 202 32.54 66.66 8.79
C GLY A 202 31.72 65.59 9.46
N TYR A 203 31.90 65.49 10.79
CA TYR A 203 31.19 64.46 11.56
C TYR A 203 29.68 64.64 11.47
N ASP A 204 29.21 65.89 11.44
CA ASP A 204 27.78 66.15 11.40
C ASP A 204 27.14 65.79 10.06
N ASP A 205 27.94 65.50 9.04
CA ASP A 205 27.41 65.20 7.71
C ASP A 205 27.11 63.71 7.50
N ILE A 206 27.30 62.88 8.51
CA ILE A 206 26.87 61.48 8.48
C ILE A 206 25.91 61.26 9.62
N GLY A 207 24.73 60.74 9.31
CA GLY A 207 23.74 60.47 10.32
C GLY A 207 23.34 59.00 10.39
N GLY A 208 23.46 58.31 9.25
CA GLY A 208 23.00 56.93 9.19
C GLY A 208 23.91 55.94 9.88
N CYS A 209 25.10 56.36 10.31
CA CYS A 209 26.07 55.47 10.95
C CYS A 209 26.54 56.10 12.24
N ARG A 210 26.22 55.44 13.37
CA ARG A 210 26.67 55.88 14.68
C ARG A 210 27.76 54.98 15.25
N LYS A 211 27.51 53.68 15.35
CA LYS A 211 28.52 52.76 15.83
C LYS A 211 29.68 52.66 14.85
N GLN A 212 29.37 52.59 13.54
CA GLN A 212 30.41 52.45 12.53
C GLN A 212 31.27 53.70 12.40
N LEU A 213 30.70 54.88 12.62
CA LEU A 213 31.49 56.10 12.63
C LEU A 213 32.35 56.22 13.88
N ALA A 214 31.80 55.83 15.04
CA ALA A 214 32.58 55.84 16.27
C ALA A 214 33.72 54.83 16.21
N GLN A 215 33.53 53.73 15.48
CA GLN A 215 34.61 52.76 15.31
C GLN A 215 35.80 53.39 14.59
N ILE A 216 35.54 54.10 13.49
CA ILE A 216 36.61 54.78 12.77
C ILE A 216 37.20 55.90 13.61
N LYS A 217 36.35 56.57 14.40
CA LYS A 217 36.84 57.63 15.28
C LYS A 217 37.86 57.08 16.27
N GLU A 218 37.51 56.01 16.98
CA GLU A 218 38.45 55.39 17.91
C GLU A 218 39.65 54.81 17.19
N MET A 219 39.46 54.34 15.95
CA MET A 219 40.55 53.75 15.19
C MET A 219 41.62 54.77 14.83
N VAL A 220 41.22 55.95 14.36
CA VAL A 220 42.14 56.88 13.72
C VAL A 220 42.32 58.18 14.48
N GLU A 221 41.65 58.38 15.62
CA GLU A 221 41.85 59.61 16.37
C GLU A 221 43.23 59.65 17.02
N LEU A 222 43.61 58.57 17.70
CA LEU A 222 44.91 58.54 18.36
C LEU A 222 46.08 58.57 17.37
N PRO A 223 46.12 57.77 16.30
CA PRO A 223 47.26 57.85 15.38
C PRO A 223 47.41 59.19 14.68
N LEU A 224 46.31 59.91 14.41
CA LEU A 224 46.36 61.15 13.67
C LEU A 224 46.60 62.37 14.57
N ARG A 225 45.83 62.50 15.64
CA ARG A 225 45.97 63.66 16.51
C ARG A 225 47.30 63.66 17.26
N HIS A 226 47.75 62.48 17.70
CA HIS A 226 48.98 62.36 18.48
C HIS A 226 49.87 61.29 17.86
N PRO A 227 50.54 61.59 16.75
CA PRO A 227 51.52 60.64 16.20
C PRO A 227 52.77 60.50 17.05
N ALA A 228 53.06 61.50 17.89
CA ALA A 228 54.24 61.43 18.75
C ALA A 228 54.12 60.30 19.77
N LEU A 229 52.91 60.03 20.26
CA LEU A 229 52.72 58.91 21.18
C LEU A 229 53.02 57.58 20.49
N PHE A 230 52.60 57.42 19.24
CA PHE A 230 52.89 56.19 18.51
C PHE A 230 54.37 56.08 18.19
N LYS A 231 55.02 57.20 17.86
CA LYS A 231 56.46 57.18 17.64
C LYS A 231 57.20 56.86 18.92
N ALA A 232 56.65 57.23 20.07
CA ALA A 232 57.29 56.98 21.35
C ALA A 232 57.04 55.55 21.83
N ILE A 233 55.77 55.20 22.02
CA ILE A 233 55.40 53.90 22.56
C ILE A 233 55.39 52.88 21.43
N GLY A 234 56.06 51.75 21.65
CA GLY A 234 56.06 50.72 20.63
C GLY A 234 54.70 50.07 20.48
N VAL A 235 53.99 50.44 19.42
CA VAL A 235 52.65 49.95 19.11
C VAL A 235 52.60 49.71 17.61
N LYS A 236 51.60 48.93 17.18
CA LYS A 236 51.33 48.75 15.76
C LYS A 236 50.16 49.64 15.36
N PRO A 237 50.43 50.83 14.82
CA PRO A 237 49.35 51.77 14.51
C PRO A 237 48.45 51.24 13.41
N PRO A 238 47.16 51.56 13.45
CA PRO A 238 46.27 51.16 12.34
C PRO A 238 46.64 51.87 11.05
N ARG A 239 47.19 51.11 10.10
CA ARG A 239 47.57 51.64 8.79
C ARG A 239 46.85 50.80 7.75
N GLY A 240 45.61 51.18 7.45
CA GLY A 240 44.78 50.46 6.51
C GLY A 240 43.39 50.24 7.03
N ILE A 241 42.39 50.73 6.29
CA ILE A 241 40.99 50.56 6.64
C ILE A 241 40.26 50.00 5.43
N LEU A 242 39.26 49.16 5.67
CA LEU A 242 38.56 48.42 4.62
C LEU A 242 37.06 48.69 4.71
N LEU A 243 36.70 49.97 4.76
CA LEU A 243 35.29 50.37 4.74
C LEU A 243 34.59 49.75 3.54
N TYR A 244 33.67 48.83 3.77
CA TYR A 244 32.96 48.17 2.68
C TYR A 244 31.46 48.29 2.90
N GLY A 245 30.72 48.35 1.80
CA GLY A 245 29.30 48.50 1.83
C GLY A 245 28.78 48.80 0.44
N PRO A 246 27.45 48.85 0.28
CA PRO A 246 26.88 49.12 -1.03
C PRO A 246 27.28 50.50 -1.50
N PRO A 247 27.38 50.71 -2.81
CA PRO A 247 27.79 52.02 -3.32
C PRO A 247 26.78 53.11 -2.96
N GLY A 248 27.30 54.31 -2.70
CA GLY A 248 26.46 55.42 -2.31
C GLY A 248 26.10 55.46 -0.84
N THR A 249 26.82 54.73 0.01
CA THR A 249 26.52 54.66 1.43
C THR A 249 27.31 55.69 2.25
N GLY A 250 28.18 56.47 1.61
CA GLY A 250 28.93 57.49 2.30
C GLY A 250 30.31 57.11 2.75
N LYS A 251 30.91 56.05 2.19
CA LYS A 251 32.26 55.67 2.56
C LYS A 251 33.26 56.77 2.21
N THR A 252 33.14 57.35 1.00
CA THR A 252 33.96 58.50 0.64
C THR A 252 33.63 59.69 1.53
N LEU A 253 32.35 59.91 1.81
CA LEU A 253 31.95 60.99 2.69
C LEU A 253 32.54 60.80 4.09
N ILE A 254 32.50 59.57 4.61
CA ILE A 254 33.04 59.30 5.94
C ILE A 254 34.56 59.49 5.94
N ALA A 255 35.24 59.06 4.88
CA ALA A 255 36.69 59.22 4.80
C ALA A 255 37.06 60.70 4.77
N ARG A 256 36.37 61.50 3.96
CA ARG A 256 36.66 62.94 3.94
C ARG A 256 36.34 63.57 5.29
N ALA A 257 35.23 63.16 5.91
CA ALA A 257 34.80 63.70 7.19
C ALA A 257 35.84 63.44 8.27
N VAL A 258 36.07 62.18 8.63
CA VAL A 258 37.19 61.95 9.54
C VAL A 258 38.42 61.63 8.68
N ALA A 259 38.80 62.61 7.86
CA ALA A 259 40.19 62.88 7.49
C ALA A 259 40.50 64.37 7.46
N ASN A 260 39.49 65.23 7.31
CA ASN A 260 39.67 66.68 7.38
C ASN A 260 39.37 67.24 8.77
N GLU A 261 38.34 66.72 9.44
CA GLU A 261 38.01 67.19 10.78
C GLU A 261 39.05 66.72 11.79
N THR A 262 39.47 65.46 11.68
CA THR A 262 40.48 64.90 12.59
C THR A 262 41.89 65.21 12.10
N GLY A 263 42.19 64.86 10.85
CA GLY A 263 43.48 65.12 10.26
C GLY A 263 43.54 66.48 9.59
N ALA A 264 44.51 66.63 8.70
CA ALA A 264 44.69 67.88 7.97
C ALA A 264 44.81 67.71 6.46
N PHE A 265 45.21 66.55 5.97
CA PHE A 265 45.34 66.30 4.53
C PHE A 265 44.60 65.01 4.19
N PHE A 266 43.79 65.06 3.14
CA PHE A 266 42.98 63.93 2.71
C PHE A 266 43.19 63.72 1.21
N PHE A 267 43.72 62.56 0.84
CA PHE A 267 43.97 62.22 -0.55
C PHE A 267 42.84 61.34 -1.06
N LEU A 268 42.39 61.63 -2.28
CA LEU A 268 41.19 61.01 -2.84
C LEU A 268 41.50 60.48 -4.25
N ILE A 269 42.54 59.65 -4.36
CA ILE A 269 42.78 58.95 -5.61
C ILE A 269 41.52 58.14 -5.97
N ASN A 270 41.10 58.25 -7.23
CA ASN A 270 39.77 57.79 -7.60
C ASN A 270 39.64 56.28 -7.57
N GLY A 271 40.71 55.55 -7.88
CA GLY A 271 40.63 54.14 -8.16
C GLY A 271 40.60 53.82 -9.63
N PRO A 272 39.48 54.15 -10.32
CA PRO A 272 39.51 54.08 -11.79
C PRO A 272 40.55 54.97 -12.43
N GLU A 273 40.94 56.06 -11.77
CA GLU A 273 42.00 56.92 -12.31
C GLU A 273 43.31 56.16 -12.43
N ILE A 274 43.65 55.37 -11.40
CA ILE A 274 44.89 54.59 -11.44
C ILE A 274 44.75 53.34 -12.30
N MET A 275 43.53 52.83 -12.48
CA MET A 275 43.32 51.70 -13.38
C MET A 275 43.20 52.14 -14.84
N SER A 276 43.10 53.45 -15.10
CA SER A 276 42.82 53.98 -16.43
C SER A 276 44.06 54.52 -17.14
N LYS A 277 45.02 55.07 -16.40
CA LYS A 277 46.16 55.72 -17.02
C LYS A 277 47.08 54.69 -17.67
N LEU A 278 48.11 55.20 -18.35
CA LEU A 278 48.96 54.38 -19.22
C LEU A 278 50.02 53.62 -18.41
N ALA A 279 49.53 52.71 -17.56
CA ALA A 279 50.37 51.76 -16.83
C ALA A 279 51.45 52.45 -15.99
N GLY A 280 52.56 52.81 -16.64
CA GLY A 280 53.67 53.41 -15.91
C GLY A 280 53.30 54.74 -15.27
N GLU A 281 52.56 55.58 -15.99
CA GLU A 281 52.11 56.85 -15.41
C GLU A 281 51.12 56.61 -14.27
N SER A 282 50.27 55.59 -14.41
CA SER A 282 49.35 55.25 -13.32
C SER A 282 50.09 54.84 -12.06
N GLU A 283 51.11 53.99 -12.21
CA GLU A 283 51.89 53.57 -11.06
C GLU A 283 52.71 54.72 -10.50
N SER A 284 53.16 55.64 -11.36
CA SER A 284 53.83 56.84 -10.89
C SER A 284 52.90 57.69 -10.04
N ASN A 285 51.65 57.85 -10.46
CA ASN A 285 50.67 58.57 -9.66
C ASN A 285 50.38 57.85 -8.35
N LEU A 286 50.32 56.51 -8.39
CA LEU A 286 50.12 55.75 -7.16
C LEU A 286 51.25 55.97 -6.17
N ARG A 287 52.49 55.96 -6.65
CA ARG A 287 53.63 56.24 -5.78
C ARG A 287 53.60 57.67 -5.28
N LYS A 288 53.26 58.62 -6.16
CA LYS A 288 53.34 60.04 -5.81
C LYS A 288 52.26 60.44 -4.81
N ALA A 289 51.08 59.81 -4.89
CA ALA A 289 50.05 60.10 -3.89
C ALA A 289 50.51 59.69 -2.50
N PHE A 290 51.10 58.49 -2.39
CA PHE A 290 51.63 58.03 -1.12
C PHE A 290 52.77 58.92 -0.64
N GLU A 291 53.63 59.35 -1.57
CA GLU A 291 54.74 60.23 -1.20
C GLU A 291 54.24 61.56 -0.67
N GLU A 292 53.31 62.20 -1.39
CA GLU A 292 52.77 63.48 -0.94
C GLU A 292 52.00 63.33 0.36
N ALA A 293 51.38 62.18 0.58
CA ALA A 293 50.75 61.92 1.88
C ALA A 293 51.78 61.85 3.00
N GLU A 294 52.91 61.20 2.74
CA GLU A 294 53.95 61.08 3.76
C GLU A 294 54.92 62.26 3.75
N LYS A 295 54.81 63.17 2.77
CA LYS A 295 55.71 64.31 2.72
C LYS A 295 55.10 65.54 3.38
N ASN A 296 53.79 65.73 3.23
CA ASN A 296 53.15 66.97 3.70
C ASN A 296 52.93 66.93 5.21
N ALA A 297 52.12 65.99 5.69
CA ALA A 297 51.73 65.89 7.09
C ALA A 297 51.06 64.54 7.33
N PRO A 298 50.80 64.14 8.58
CA PRO A 298 49.96 62.97 8.82
C PRO A 298 48.63 63.07 8.08
N ALA A 299 48.44 62.22 7.09
CA ALA A 299 47.32 62.32 6.16
C ALA A 299 46.60 60.98 6.06
N ILE A 300 45.53 60.97 5.26
CA ILE A 300 44.73 59.78 5.02
C ILE A 300 44.62 59.58 3.53
N ILE A 301 45.08 58.42 3.05
CA ILE A 301 44.95 58.04 1.65
C ILE A 301 43.68 57.21 1.50
N PHE A 302 42.81 57.64 0.58
CA PHE A 302 41.53 56.98 0.37
C PHE A 302 41.53 56.33 -1.01
N ILE A 303 41.31 55.02 -1.03
CA ILE A 303 41.18 54.26 -2.27
C ILE A 303 39.69 53.97 -2.45
N ASP A 304 39.01 54.78 -3.26
CA ASP A 304 37.57 54.69 -3.41
C ASP A 304 37.13 53.40 -4.10
N GLU A 305 38.00 52.79 -4.90
CA GLU A 305 37.65 51.61 -5.69
C GLU A 305 38.73 50.55 -5.57
N LEU A 306 39.12 50.23 -4.32
CA LEU A 306 40.09 49.17 -4.11
C LEU A 306 39.63 47.84 -4.72
N ASP A 307 38.31 47.64 -4.83
CA ASP A 307 37.81 46.48 -5.55
C ASP A 307 38.18 46.54 -7.03
N ALA A 308 38.26 47.74 -7.60
CA ALA A 308 38.63 47.88 -9.01
C ALA A 308 40.14 47.84 -9.20
N ILE A 309 40.89 48.52 -8.34
CA ILE A 309 42.36 48.50 -8.44
C ILE A 309 42.89 47.10 -8.17
N ALA A 310 42.38 46.44 -7.12
CA ALA A 310 42.86 45.14 -6.68
C ALA A 310 41.71 44.16 -6.59
N PRO A 311 41.24 43.63 -7.72
CA PRO A 311 40.25 42.54 -7.67
C PRO A 311 40.92 41.22 -7.35
N LYS A 312 40.16 40.12 -7.41
CA LYS A 312 40.74 38.79 -7.20
C LYS A 312 41.82 38.51 -8.23
N ARG A 313 43.08 38.41 -7.77
CA ARG A 313 44.19 38.19 -8.68
C ARG A 313 44.11 36.84 -9.37
N GLU A 314 43.49 35.85 -8.72
CA GLU A 314 43.38 34.52 -9.30
C GLU A 314 42.54 34.53 -10.57
N LYS A 315 41.46 35.31 -10.59
CA LYS A 315 40.55 35.35 -11.73
C LYS A 315 40.93 36.39 -12.77
N THR A 316 41.97 37.18 -12.53
CA THR A 316 42.40 38.17 -13.51
C THR A 316 43.05 37.49 -14.70
N HIS A 317 42.88 38.10 -15.87
CA HIS A 317 43.42 37.57 -17.13
C HIS A 317 44.73 38.24 -17.50
N GLY A 318 44.73 39.57 -17.60
CA GLY A 318 45.94 40.29 -17.92
C GLY A 318 46.94 40.25 -16.78
N GLU A 319 48.20 40.55 -17.11
CA GLU A 319 49.27 40.56 -16.14
C GLU A 319 49.66 41.96 -15.68
N VAL A 320 49.42 42.98 -16.49
CA VAL A 320 49.68 44.35 -16.05
C VAL A 320 48.73 44.73 -14.92
N GLU A 321 47.50 44.21 -14.93
CA GLU A 321 46.65 44.36 -13.77
C GLU A 321 47.16 43.56 -12.58
N ARG A 322 47.76 42.39 -12.83
CA ARG A 322 48.43 41.66 -11.77
C ARG A 322 49.61 42.46 -11.23
N ARG A 323 50.33 43.15 -12.12
CA ARG A 323 51.40 44.03 -11.69
C ARG A 323 50.86 45.16 -10.83
N ILE A 324 49.69 45.72 -11.19
CA ILE A 324 49.08 46.78 -10.39
C ILE A 324 48.72 46.27 -9.00
N VAL A 325 48.11 45.08 -8.94
CA VAL A 325 47.71 44.50 -7.66
C VAL A 325 48.92 44.24 -6.79
N SER A 326 49.98 43.66 -7.37
CA SER A 326 51.17 43.34 -6.60
C SER A 326 51.90 44.60 -6.16
N GLN A 327 51.93 45.63 -7.02
CA GLN A 327 52.56 46.90 -6.63
C GLN A 327 51.80 47.56 -5.50
N LEU A 328 50.46 47.51 -5.53
CA LEU A 328 49.67 48.02 -4.42
C LEU A 328 49.95 47.23 -3.14
N LEU A 329 50.06 45.91 -3.26
CA LEU A 329 50.37 45.08 -2.10
C LEU A 329 51.72 45.44 -1.50
N THR A 330 52.73 45.61 -2.36
CA THR A 330 54.06 45.96 -1.86
C THR A 330 54.11 47.37 -1.29
N LEU A 331 53.35 48.31 -1.88
CA LEU A 331 53.28 49.65 -1.32
C LEU A 331 52.63 49.64 0.05
N MET A 332 51.57 48.84 0.23
CA MET A 332 50.91 48.76 1.53
C MET A 332 51.80 48.07 2.55
N ASP A 333 52.53 47.02 2.13
CA ASP A 333 53.46 46.36 3.04
C ASP A 333 54.60 47.30 3.44
N GLY A 334 55.11 48.10 2.51
CA GLY A 334 56.10 49.11 2.81
C GLY A 334 55.57 50.37 3.44
N LEU A 335 54.25 50.47 3.59
CA LEU A 335 53.62 51.59 4.27
C LEU A 335 53.62 51.44 5.78
N LYS A 336 54.33 50.44 6.31
CA LYS A 336 54.46 50.29 7.75
C LYS A 336 55.27 51.42 8.37
N GLN A 337 55.95 52.22 7.55
CA GLN A 337 56.78 53.31 8.04
C GLN A 337 55.94 54.58 8.23
N ARG A 338 56.61 55.61 8.76
CA ARG A 338 56.12 56.97 8.97
C ARG A 338 55.13 57.06 10.13
N ALA A 339 54.62 55.91 10.58
CA ALA A 339 53.83 55.79 11.80
C ALA A 339 52.64 56.75 11.92
N HIS A 340 52.29 57.43 10.81
CA HIS A 340 51.22 58.43 10.92
C HIS A 340 50.32 58.51 9.69
N VAL A 341 50.39 57.58 8.75
CA VAL A 341 49.62 57.66 7.51
C VAL A 341 48.57 56.54 7.54
N ILE A 342 47.30 56.92 7.56
CA ILE A 342 46.21 55.97 7.46
C ILE A 342 45.83 55.82 6.00
N VAL A 343 45.43 54.60 5.61
CA VAL A 343 45.09 54.29 4.23
C VAL A 343 43.69 53.67 4.23
N MET A 344 42.68 54.49 3.99
CA MET A 344 41.31 53.99 3.89
C MET A 344 41.05 53.44 2.51
N ALA A 345 40.26 52.37 2.45
CA ALA A 345 39.90 51.72 1.18
C ALA A 345 38.41 51.46 1.16
N ALA A 346 37.78 51.75 0.02
CA ALA A 346 36.34 51.56 -0.15
C ALA A 346 36.08 50.46 -1.16
N THR A 347 35.05 49.66 -0.89
CA THR A 347 34.66 48.57 -1.77
C THR A 347 33.21 48.21 -1.47
N ASN A 348 32.66 47.30 -2.27
CA ASN A 348 31.28 46.88 -2.10
C ASN A 348 31.12 45.67 -1.21
N ARG A 349 32.15 44.82 -1.10
CA ARG A 349 32.07 43.61 -0.30
C ARG A 349 33.49 43.11 -0.05
N PRO A 350 33.75 42.44 1.07
CA PRO A 350 35.12 41.98 1.34
C PRO A 350 35.49 40.69 0.64
N ASN A 351 34.52 39.90 0.21
CA ASN A 351 34.79 38.64 -0.48
C ASN A 351 35.02 38.82 -1.98
N SER A 352 35.18 40.06 -2.45
CA SER A 352 35.51 40.33 -3.84
C SER A 352 36.95 40.80 -4.04
N ILE A 353 37.59 41.31 -3.00
CA ILE A 353 39.00 41.68 -3.08
C ILE A 353 39.84 40.42 -2.99
N ASP A 354 41.00 40.44 -3.66
CA ASP A 354 41.93 39.33 -3.59
C ASP A 354 42.32 39.05 -2.14
N PRO A 355 42.36 37.79 -1.71
CA PRO A 355 42.69 37.50 -0.30
C PRO A 355 44.14 37.76 0.04
N ALA A 356 44.64 38.94 -0.31
CA ALA A 356 45.95 39.41 0.10
C ALA A 356 45.94 40.83 0.64
N LEU A 357 44.94 41.64 0.31
CA LEU A 357 44.74 42.96 0.91
C LEU A 357 44.04 42.89 2.25
N ARG A 358 43.95 41.70 2.86
CA ARG A 358 43.40 41.54 4.20
C ARG A 358 44.43 41.04 5.18
N ARG A 359 45.71 41.02 4.81
CA ARG A 359 46.78 40.56 5.67
C ARG A 359 47.08 41.60 6.74
N PHE A 360 47.94 41.22 7.69
CA PHE A 360 48.31 42.12 8.78
C PHE A 360 49.03 43.34 8.24
N GLY A 361 48.61 44.52 8.70
CA GLY A 361 49.19 45.78 8.27
C GLY A 361 48.65 46.31 6.96
N ARG A 362 47.77 45.58 6.27
CA ARG A 362 47.20 45.98 5.00
C ARG A 362 45.70 45.75 5.07
N PHE A 363 44.95 46.79 5.46
CA PHE A 363 43.50 46.76 5.55
C PHE A 363 43.01 45.60 6.42
N ASP A 364 43.70 45.41 7.55
CA ASP A 364 43.35 44.32 8.45
C ASP A 364 42.06 44.57 9.21
N ARG A 365 41.58 45.81 9.23
CA ARG A 365 40.39 46.19 9.98
C ARG A 365 39.24 46.46 9.02
N GLU A 366 38.14 45.75 9.20
CA GLU A 366 36.93 45.95 8.41
C GLU A 366 35.87 46.63 9.28
N VAL A 367 35.33 47.73 8.78
CA VAL A 367 34.47 48.62 9.56
C VAL A 367 33.12 48.77 8.86
N ASP A 368 32.64 47.66 8.29
CA ASP A 368 31.49 47.58 7.39
C ASP A 368 30.39 48.59 7.68
N ILE A 369 29.97 49.32 6.66
CA ILE A 369 29.00 50.41 6.82
C ILE A 369 27.57 49.89 6.76
N GLY A 370 27.22 49.15 5.72
CA GLY A 370 25.90 48.59 5.61
C GLY A 370 24.83 49.60 5.23
N ILE A 371 23.68 49.11 4.78
CA ILE A 371 22.59 50.00 4.37
C ILE A 371 22.10 50.78 5.59
N PRO A 372 21.81 52.08 5.46
CA PRO A 372 21.20 52.80 6.58
C PRO A 372 19.88 52.16 6.99
N ASP A 373 19.64 52.12 8.30
CA ASP A 373 18.56 51.33 8.87
C ASP A 373 17.62 52.22 9.67
N ALA A 374 16.33 52.16 9.32
CA ALA A 374 15.25 52.80 10.06
C ALA A 374 15.53 54.27 10.37
N THR A 375 15.62 54.59 11.66
CA THR A 375 15.86 55.98 12.07
C THR A 375 17.15 56.52 11.49
N GLY A 376 18.12 55.65 11.22
CA GLY A 376 19.35 56.09 10.57
C GLY A 376 19.08 56.78 9.24
N ARG A 377 18.17 56.21 8.44
CA ARG A 377 17.75 56.90 7.23
C ARG A 377 17.15 58.25 7.57
N LEU A 378 16.30 58.29 8.61
CA LEU A 378 15.84 59.57 9.14
C LEU A 378 17.02 60.46 9.51
N GLU A 379 18.01 59.89 10.22
CA GLU A 379 19.18 60.66 10.59
C GLU A 379 19.99 61.11 9.39
N ILE A 380 19.74 60.55 8.21
CA ILE A 380 20.36 61.06 6.99
C ILE A 380 19.55 62.23 6.44
N LEU A 381 18.22 62.11 6.47
CA LEU A 381 17.36 63.10 5.82
C LEU A 381 17.56 64.48 6.43
N GLN A 382 17.62 64.55 7.76
CA GLN A 382 17.83 65.84 8.42
C GLN A 382 19.15 66.47 8.04
N ILE A 383 20.13 65.68 7.60
CA ILE A 383 21.39 66.26 7.14
C ILE A 383 21.20 66.94 5.79
N HIS A 384 20.37 66.37 4.92
CA HIS A 384 20.13 66.93 3.60
C HIS A 384 18.93 67.87 3.58
N THR A 385 18.30 68.11 4.73
CA THR A 385 17.15 68.98 4.84
C THR A 385 17.41 70.22 5.69
N LYS A 386 18.43 70.19 6.55
CA LYS A 386 18.70 71.31 7.44
C LYS A 386 18.98 72.59 6.67
N ASN A 387 19.79 72.49 5.60
CA ASN A 387 20.00 73.65 4.74
C ASN A 387 18.72 73.99 3.96
N MET A 388 17.92 72.98 3.62
CA MET A 388 16.68 73.17 2.90
C MET A 388 15.58 73.61 3.88
N LYS A 389 14.34 73.62 3.41
CA LYS A 389 13.18 73.83 4.24
C LYS A 389 12.30 72.59 4.21
N LEU A 390 11.38 72.50 5.17
CA LEU A 390 10.53 71.32 5.27
C LEU A 390 9.07 71.65 5.55
N ALA A 391 8.70 72.92 5.54
CA ALA A 391 7.32 73.38 5.81
C ALA A 391 6.92 72.87 7.20
N ASP A 392 5.68 72.40 7.38
CA ASP A 392 5.26 71.90 8.68
C ASP A 392 4.43 70.62 8.62
N ASP A 393 4.13 70.10 7.43
CA ASP A 393 3.29 68.92 7.28
C ASP A 393 4.07 67.66 6.92
N VAL A 394 5.39 67.74 6.79
CA VAL A 394 6.17 66.57 6.39
C VAL A 394 6.27 65.60 7.55
N ASP A 395 6.10 64.32 7.26
CA ASP A 395 6.28 63.24 8.23
C ASP A 395 7.61 62.58 7.93
N LEU A 396 8.68 63.14 8.49
CA LEU A 396 10.03 62.63 8.22
C LEU A 396 10.20 61.20 8.69
N GLU A 397 9.56 60.83 9.80
CA GLU A 397 9.61 59.46 10.26
C GLU A 397 8.90 58.52 9.30
N GLN A 398 7.79 58.97 8.70
CA GLN A 398 7.06 58.13 7.75
C GLN A 398 7.86 57.92 6.47
N VAL A 399 8.43 59.00 5.92
CA VAL A 399 9.25 58.86 4.72
C VAL A 399 10.54 58.09 5.03
N ALA A 400 11.00 58.13 6.28
CA ALA A 400 12.14 57.30 6.67
C ALA A 400 11.75 55.83 6.70
N ASN A 401 10.56 55.52 7.19
CA ASN A 401 10.05 54.15 7.10
C ASN A 401 9.63 53.81 5.67
N GLU A 402 9.47 54.81 4.81
CA GLU A 402 9.07 54.59 3.43
C GLU A 402 10.27 54.27 2.53
N THR A 403 11.45 54.77 2.89
CA THR A 403 12.63 54.67 2.03
C THR A 403 13.45 53.42 2.33
N HIS A 404 12.77 52.28 2.36
CA HIS A 404 13.45 51.02 2.68
C HIS A 404 14.29 50.56 1.50
N GLY A 405 15.55 50.21 1.79
CA GLY A 405 16.46 49.77 0.75
C GLY A 405 17.22 50.87 0.04
N HIS A 406 17.28 52.06 0.62
CA HIS A 406 17.97 53.20 0.02
C HIS A 406 19.26 53.47 0.78
N VAL A 407 20.37 53.58 0.04
CA VAL A 407 21.63 54.03 0.62
C VAL A 407 21.56 55.54 0.79
N GLY A 408 22.55 56.10 1.50
CA GLY A 408 22.57 57.53 1.75
C GLY A 408 22.60 58.39 0.51
N ALA A 409 23.09 57.85 -0.61
CA ALA A 409 23.07 58.61 -1.86
C ALA A 409 21.64 58.78 -2.37
N ASP A 410 20.81 57.74 -2.24
CA ASP A 410 19.42 57.85 -2.64
C ASP A 410 18.67 58.87 -1.79
N LEU A 411 18.92 58.88 -0.48
CA LEU A 411 18.32 59.88 0.39
C LEU A 411 18.80 61.28 0.06
N ALA A 412 20.07 61.42 -0.34
CA ALA A 412 20.54 62.71 -0.83
C ALA A 412 19.85 63.10 -2.13
N ALA A 413 19.61 62.13 -3.01
CA ALA A 413 18.85 62.40 -4.23
C ALA A 413 17.36 62.58 -3.92
N LEU A 414 16.84 61.82 -2.95
CA LEU A 414 15.44 61.99 -2.56
C LEU A 414 15.19 63.38 -1.99
N CYS A 415 16.11 63.87 -1.16
CA CYS A 415 16.01 65.23 -0.65
C CYS A 415 16.28 66.27 -1.73
N SER A 416 16.99 65.91 -2.79
CA SER A 416 17.23 66.82 -3.90
C SER A 416 16.15 66.77 -4.96
N GLU A 417 15.50 65.62 -5.16
CA GLU A 417 14.43 65.53 -6.13
C GLU A 417 13.14 66.18 -5.62
N ALA A 418 12.89 66.11 -4.31
CA ALA A 418 11.73 66.81 -3.75
C ALA A 418 11.94 68.31 -3.77
N ALA A 419 13.14 68.76 -3.45
CA ALA A 419 13.46 70.19 -3.53
C ALA A 419 13.34 70.69 -4.97
N LEU A 420 13.84 69.90 -5.93
CA LEU A 420 13.70 70.28 -7.33
C LEU A 420 12.25 70.26 -7.79
N GLN A 421 11.46 69.32 -7.26
CA GLN A 421 10.02 69.32 -7.56
C GLN A 421 9.35 70.59 -7.07
N ALA A 422 9.67 71.01 -5.84
CA ALA A 422 9.12 72.26 -5.32
C ALA A 422 9.57 73.45 -6.15
N ILE A 423 10.86 73.48 -6.52
CA ILE A 423 11.38 74.58 -7.32
C ILE A 423 10.68 74.63 -8.68
N ARG A 424 10.50 73.48 -9.32
CA ARG A 424 9.89 73.44 -10.64
C ARG A 424 8.40 73.73 -10.58
N LYS A 425 7.74 73.44 -9.46
CA LYS A 425 6.36 73.88 -9.30
C LYS A 425 6.27 75.37 -9.03
N LYS A 426 7.27 75.96 -8.41
CA LYS A 426 7.32 77.41 -8.23
C LYS A 426 7.81 78.13 -9.49
N MET A 427 8.39 77.41 -10.45
CA MET A 427 8.81 78.05 -11.70
C MET A 427 7.62 78.60 -12.48
N ASP A 428 6.51 77.85 -12.48
CA ASP A 428 5.30 78.34 -13.14
C ASP A 428 4.72 79.54 -12.41
N LEU A 429 4.83 79.59 -11.09
CA LEU A 429 4.32 80.73 -10.34
C LEU A 429 5.16 81.98 -10.60
N ILE A 430 6.48 81.86 -10.58
CA ILE A 430 7.39 82.97 -10.83
C ILE A 430 7.92 82.79 -12.24
N ASP A 431 7.27 83.42 -13.20
CA ASP A 431 7.64 83.29 -14.60
C ASP A 431 8.79 84.24 -14.95
N LEU A 432 9.45 83.95 -16.07
CA LEU A 432 10.46 84.79 -16.71
C LEU A 432 11.75 84.88 -15.89
N GLU A 433 11.83 84.21 -14.73
CA GLU A 433 12.98 84.33 -13.85
C GLU A 433 14.26 83.76 -14.46
N ASP A 434 15.18 84.63 -14.87
CA ASP A 434 16.54 84.23 -15.22
C ASP A 434 17.49 85.23 -14.56
N GLU A 435 17.78 84.98 -13.29
CA GLU A 435 18.65 85.82 -12.47
C GLU A 435 19.34 84.92 -11.44
N THR A 436 19.89 85.53 -10.39
CA THR A 436 20.32 84.77 -9.22
C THR A 436 19.14 84.25 -8.41
N ILE A 437 17.92 84.69 -8.74
CA ILE A 437 16.67 84.28 -8.09
C ILE A 437 16.71 84.65 -6.61
N ASP A 438 17.52 85.65 -6.27
CA ASP A 438 17.57 86.27 -4.94
C ASP A 438 17.77 85.19 -3.87
N ALA A 439 17.30 85.45 -2.65
CA ALA A 439 17.26 84.45 -1.60
C ALA A 439 15.98 84.52 -0.79
N GLU A 440 15.03 85.38 -1.14
CA GLU A 440 13.79 85.55 -0.41
C GLU A 440 12.72 84.57 -0.86
N VAL A 441 12.60 84.35 -2.17
CA VAL A 441 11.65 83.34 -2.67
C VAL A 441 12.08 81.95 -2.23
N MET A 442 13.39 81.69 -2.17
CA MET A 442 13.88 80.42 -1.65
C MET A 442 13.54 80.26 -0.18
N ASN A 443 13.58 81.35 0.58
CA ASN A 443 13.11 81.31 1.96
C ASN A 443 11.62 81.02 2.01
N SER A 444 10.86 81.59 1.08
CA SER A 444 9.42 81.33 1.00
C SER A 444 9.12 79.91 0.50
N LEU A 445 10.12 79.23 -0.08
CA LEU A 445 9.90 77.87 -0.55
C LEU A 445 9.67 76.95 0.64
N ALA A 446 8.61 76.15 0.57
CA ALA A 446 8.23 75.23 1.64
C ALA A 446 7.94 73.86 1.02
N VAL A 447 8.92 72.96 1.11
CA VAL A 447 8.73 71.61 0.57
C VAL A 447 7.75 70.85 1.45
N THR A 448 6.67 70.37 0.84
CA THR A 448 5.60 69.69 1.54
C THR A 448 5.66 68.19 1.26
N MET A 449 4.67 67.47 1.79
CA MET A 449 4.59 66.02 1.57
C MET A 449 4.38 65.65 0.11
N ASP A 450 3.81 66.56 -0.70
CA ASP A 450 3.62 66.26 -2.12
C ASP A 450 4.94 66.05 -2.82
N ASP A 451 5.89 66.98 -2.61
CA ASP A 451 7.20 66.87 -3.25
C ASP A 451 7.95 65.62 -2.80
N PHE A 452 7.96 65.36 -1.49
CA PHE A 452 8.64 64.18 -0.97
C PHE A 452 8.00 62.88 -1.44
N ARG A 453 6.68 62.80 -1.49
CA ARG A 453 6.00 61.62 -2.01
C ARG A 453 6.30 61.41 -3.50
N TRP A 454 6.28 62.48 -4.29
CA TRP A 454 6.60 62.37 -5.71
C TRP A 454 8.04 61.90 -5.90
N ALA A 455 8.97 62.46 -5.12
CA ALA A 455 10.37 62.04 -5.23
C ALA A 455 10.55 60.60 -4.80
N LEU A 456 9.87 60.19 -3.73
CA LEU A 456 9.97 58.80 -3.26
C LEU A 456 9.42 57.84 -4.30
N SER A 457 8.32 58.21 -4.96
CA SER A 457 7.80 57.39 -6.05
C SER A 457 8.78 57.34 -7.21
N GLN A 458 9.43 58.47 -7.51
CA GLN A 458 10.40 58.49 -8.60
C GLN A 458 11.71 57.81 -8.22
N SER A 459 12.14 57.98 -6.98
CA SER A 459 13.43 57.43 -6.55
C SER A 459 13.40 55.90 -6.57
N ASN A 460 14.53 55.31 -6.95
CA ASN A 460 14.67 53.87 -7.03
C ASN A 460 15.71 53.41 -6.01
N PRO A 461 15.43 52.38 -5.22
CA PRO A 461 16.43 51.85 -4.29
C PRO A 461 17.64 51.31 -5.04
N SER A 462 18.83 51.58 -4.49
CA SER A 462 20.07 51.07 -5.06
C SER A 462 20.53 49.80 -4.38
N ALA A 463 20.35 49.70 -3.07
CA ALA A 463 20.75 48.54 -2.28
C ALA A 463 19.52 48.01 -1.55
N LEU A 464 18.75 47.15 -2.21
CA LEU A 464 17.55 46.57 -1.61
C LEU A 464 17.69 45.08 -1.33
N ARG A 465 18.38 44.34 -2.19
CA ARG A 465 18.54 42.90 -2.00
C ARG A 465 19.56 42.56 -0.92
N GLU A 466 20.44 43.49 -0.55
CA GLU A 466 21.37 43.24 0.53
C GLU A 466 20.63 43.17 1.86
N THR A 467 21.08 42.27 2.73
CA THR A 467 20.44 42.09 4.03
C THR A 467 20.60 43.36 4.86
N VAL A 468 19.52 43.78 5.49
CA VAL A 468 19.50 45.02 6.26
C VAL A 468 19.89 44.71 7.71
N VAL A 469 20.83 45.48 8.24
CA VAL A 469 21.27 45.38 9.63
C VAL A 469 20.67 46.57 10.35
N GLU A 470 19.75 46.29 11.29
CA GLU A 470 18.93 47.33 11.87
C GLU A 470 18.99 47.30 13.38
N VAL A 471 18.69 48.46 13.98
CA VAL A 471 18.39 48.56 15.40
C VAL A 471 16.89 48.84 15.49
N PRO A 472 16.07 47.86 15.87
CA PRO A 472 14.62 48.01 15.73
C PRO A 472 14.06 49.07 16.66
N GLN A 473 12.94 49.65 16.23
CA GLN A 473 12.21 50.62 17.03
C GLN A 473 11.19 49.97 17.94
N VAL A 474 11.07 48.64 17.90
CA VAL A 474 10.14 47.92 18.76
C VAL A 474 10.72 47.84 20.16
N THR A 475 10.00 48.40 21.13
CA THR A 475 10.42 48.42 22.52
C THR A 475 9.54 47.48 23.35
N TRP A 476 9.81 47.43 24.65
CA TRP A 476 9.00 46.61 25.54
C TRP A 476 7.56 47.13 25.63
N GLU A 477 7.36 48.43 25.41
CA GLU A 477 6.01 48.98 25.40
C GLU A 477 5.20 48.45 24.23
N ASP A 478 5.86 48.18 23.09
CA ASP A 478 5.16 47.62 21.94
C ASP A 478 4.83 46.15 22.11
N ILE A 479 5.35 45.50 23.16
CA ILE A 479 5.09 44.09 23.41
C ILE A 479 3.97 43.99 24.44
N GLY A 480 2.84 43.42 24.03
CA GLY A 480 1.73 43.23 24.94
C GLY A 480 1.75 41.89 25.65
N GLY A 481 1.70 41.91 26.98
CA GLY A 481 1.75 40.67 27.72
C GLY A 481 3.15 40.05 27.71
N LEU A 482 3.17 38.74 27.94
CA LEU A 482 4.42 37.97 27.98
C LEU A 482 5.41 38.53 28.99
N GLU A 483 4.89 38.91 30.15
CA GLU A 483 5.74 39.50 31.20
C GLU A 483 6.76 38.49 31.71
N ASP A 484 6.34 37.24 31.90
CA ASP A 484 7.29 36.21 32.32
C ASP A 484 8.35 35.97 31.25
N VAL A 485 7.95 35.93 29.99
CA VAL A 485 8.91 35.77 28.89
C VAL A 485 9.84 36.97 28.83
N LYS A 486 9.30 38.18 29.03
CA LYS A 486 10.13 39.38 29.04
C LYS A 486 11.16 39.31 30.16
N ARG A 487 10.74 38.87 31.35
CA ARG A 487 11.67 38.75 32.47
C ARG A 487 12.75 37.71 32.18
N GLU A 488 12.36 36.56 31.63
CA GLU A 488 13.34 35.53 31.28
C GLU A 488 14.34 36.05 30.25
N LEU A 489 13.86 36.76 29.24
CA LEU A 489 14.74 37.31 28.21
C LEU A 489 15.70 38.34 28.80
N GLN A 490 15.17 39.29 29.58
CA GLN A 490 16.01 40.33 30.16
C GLN A 490 16.94 39.81 31.24
N GLU A 491 16.67 38.64 31.81
CA GLU A 491 17.59 38.01 32.74
C GLU A 491 18.51 36.99 32.07
N LEU A 492 18.29 36.69 30.79
CA LEU A 492 19.10 35.71 30.09
C LEU A 492 20.11 36.33 29.12
N VAL A 493 19.79 37.47 28.51
CA VAL A 493 20.70 38.12 27.58
C VAL A 493 21.24 39.44 28.12
N GLN A 494 20.44 40.21 28.87
CA GLN A 494 20.93 41.45 29.43
C GLN A 494 21.81 41.23 30.65
N TYR A 495 21.58 40.13 31.39
CA TYR A 495 22.41 39.84 32.56
C TYR A 495 23.88 39.60 32.21
N PRO A 496 24.24 38.75 31.24
CA PRO A 496 25.67 38.52 30.98
C PRO A 496 26.40 39.74 30.43
N VAL A 497 25.73 40.60 29.67
CA VAL A 497 26.44 41.70 29.03
C VAL A 497 26.81 42.80 30.01
N GLU A 498 26.20 42.82 31.20
CA GLU A 498 26.50 43.83 32.20
C GLU A 498 27.11 43.27 33.47
N HIS A 499 27.05 41.95 33.69
CA HIS A 499 27.68 41.31 34.84
C HIS A 499 28.49 40.11 34.36
N PRO A 500 29.65 40.35 33.74
CA PRO A 500 30.47 39.23 33.27
C PRO A 500 31.27 38.59 34.39
N ASP A 501 31.64 39.38 35.40
CA ASP A 501 32.45 38.85 36.49
C ASP A 501 31.72 37.78 37.28
N LYS A 502 30.43 37.99 37.57
CA LYS A 502 29.67 37.00 38.32
C LYS A 502 29.42 35.75 37.50
N PHE A 503 29.26 35.88 36.18
CA PHE A 503 29.16 34.71 35.33
C PHE A 503 30.47 33.94 35.27
N LEU A 504 31.60 34.65 35.29
CA LEU A 504 32.90 33.98 35.24
C LEU A 504 33.23 33.31 36.55
N LYS A 505 32.77 33.88 37.67
CA LYS A 505 33.11 33.34 38.99
C LYS A 505 32.52 31.94 39.17
N PHE A 506 31.27 31.74 38.77
CA PHE A 506 30.62 30.45 38.96
C PHE A 506 30.99 29.44 37.89
N GLY A 507 31.75 29.84 36.87
CA GLY A 507 32.20 28.92 35.85
C GLY A 507 31.08 28.39 34.97
N MET A 508 30.43 29.28 34.23
CA MET A 508 29.37 28.87 33.31
C MET A 508 29.35 29.82 32.13
N THR A 509 29.43 29.27 30.93
CA THR A 509 29.27 30.08 29.73
C THR A 509 27.80 30.45 29.59
N PRO A 510 27.47 31.73 29.45
CA PRO A 510 26.05 32.11 29.33
C PRO A 510 25.43 31.55 28.06
N SER A 511 24.14 31.23 28.15
CA SER A 511 23.44 30.60 27.04
C SER A 511 23.27 31.60 25.90
N LYS A 512 23.71 31.22 24.71
CA LYS A 512 23.60 32.04 23.51
C LYS A 512 22.68 31.34 22.53
N GLY A 513 21.54 31.97 22.23
CA GLY A 513 20.61 31.37 21.28
C GLY A 513 19.37 30.90 22.01
N VAL A 514 18.21 31.36 21.55
CA VAL A 514 16.93 31.02 22.12
C VAL A 514 15.97 30.64 20.99
N LEU A 515 15.33 29.49 21.11
CA LEU A 515 14.36 29.02 20.12
C LEU A 515 12.97 29.36 20.61
N PHE A 516 12.39 30.43 20.06
CA PHE A 516 11.02 30.81 20.42
C PHE A 516 10.04 29.91 19.67
N TYR A 517 9.35 29.05 20.40
CA TYR A 517 8.34 28.18 19.83
C TYR A 517 6.97 28.53 20.38
N GLY A 518 5.96 28.45 19.51
CA GLY A 518 4.61 28.80 19.89
C GLY A 518 3.71 28.97 18.68
N PRO A 519 2.49 29.42 18.92
CA PRO A 519 1.58 29.63 17.80
C PRO A 519 2.09 30.73 16.89
N PRO A 520 1.83 30.63 15.59
CA PRO A 520 2.29 31.67 14.67
C PRO A 520 1.56 32.99 14.90
N GLY A 521 2.26 34.08 14.62
CA GLY A 521 1.69 35.40 14.81
C GLY A 521 1.40 35.73 16.27
N CYS A 522 2.32 35.37 17.17
CA CYS A 522 2.12 35.57 18.60
C CYS A 522 3.14 36.51 19.23
N GLY A 523 4.17 36.94 18.51
CA GLY A 523 5.09 37.93 19.03
C GLY A 523 6.50 37.45 19.24
N LYS A 524 6.95 36.50 18.41
CA LYS A 524 8.34 36.04 18.52
C LYS A 524 9.31 37.02 17.86
N THR A 525 9.01 37.44 16.63
CA THR A 525 9.82 38.46 15.98
C THR A 525 9.75 39.77 16.76
N LEU A 526 8.57 40.11 17.27
CA LEU A 526 8.42 41.31 18.09
C LEU A 526 9.28 41.24 19.34
N LEU A 527 9.30 40.08 20.00
CA LEU A 527 10.14 39.91 21.19
C LEU A 527 11.62 40.01 20.85
N ALA A 528 12.03 39.41 19.73
CA ALA A 528 13.43 39.52 19.32
C ALA A 528 13.82 40.96 19.02
N LYS A 529 12.93 41.70 18.34
CA LYS A 529 13.22 43.10 18.04
C LYS A 529 13.27 43.93 19.31
N ALA A 530 12.40 43.62 20.28
CA ALA A 530 12.42 44.34 21.56
C ALA A 530 13.71 44.05 22.32
N ILE A 531 14.18 42.80 22.28
CA ILE A 531 15.46 42.46 22.90
C ILE A 531 16.60 43.21 22.22
N ALA A 532 16.56 43.30 20.90
CA ALA A 532 17.59 44.03 20.17
C ALA A 532 17.58 45.51 20.53
N ASN A 533 16.39 46.10 20.67
CA ASN A 533 16.29 47.52 20.95
C ASN A 533 16.69 47.84 22.39
N GLU A 534 16.32 46.98 23.34
CA GLU A 534 16.61 47.24 24.74
C GLU A 534 18.11 47.25 25.00
N CYS A 535 18.85 46.32 24.39
CA CYS A 535 20.29 46.28 24.52
C CYS A 535 21.01 47.18 23.52
N GLN A 536 20.26 47.86 22.65
CA GLN A 536 20.83 48.74 21.63
C GLN A 536 21.85 48.02 20.75
N ALA A 537 21.46 46.83 20.30
CA ALA A 537 22.31 46.00 19.47
C ALA A 537 21.68 45.83 18.10
N ASN A 538 22.53 45.57 17.10
CA ASN A 538 22.04 45.39 15.74
C ASN A 538 21.21 44.12 15.62
N PHE A 539 20.24 44.15 14.71
CA PHE A 539 19.29 43.07 14.54
C PHE A 539 19.32 42.59 13.09
N ILE A 540 19.57 41.30 12.91
CA ILE A 540 19.58 40.67 11.60
C ILE A 540 18.48 39.62 11.59
N SER A 541 17.45 39.84 10.77
CA SER A 541 16.32 38.93 10.67
C SER A 541 16.46 38.10 9.41
N ILE A 542 16.67 36.79 9.58
CA ILE A 542 16.72 35.86 8.46
C ILE A 542 15.39 35.14 8.40
N LYS A 543 14.47 35.64 7.58
CA LYS A 543 13.13 35.11 7.53
C LYS A 543 13.12 33.77 6.78
N GLY A 544 11.97 33.08 6.85
CA GLY A 544 11.76 31.85 6.15
C GLY A 544 11.94 31.90 4.65
N PRO A 545 11.48 32.96 3.97
CA PRO A 545 11.79 33.09 2.54
C PRO A 545 13.27 33.04 2.20
N GLU A 546 14.12 33.67 3.01
CA GLU A 546 15.56 33.64 2.72
C GLU A 546 16.13 32.24 2.87
N LEU A 547 15.76 31.55 3.95
CA LEU A 547 16.23 30.18 4.15
C LEU A 547 15.75 29.26 3.04
N LEU A 548 14.49 29.40 2.64
CA LEU A 548 13.95 28.55 1.57
C LEU A 548 14.62 28.85 0.24
N THR A 549 14.92 30.13 -0.03
CA THR A 549 15.64 30.48 -1.25
C THR A 549 17.03 29.88 -1.25
N MET A 550 17.73 29.94 -0.11
CA MET A 550 19.07 29.36 -0.03
C MET A 550 19.03 27.85 -0.13
N TRP A 551 17.97 27.21 0.35
CA TRP A 551 17.84 25.76 0.25
C TRP A 551 17.51 25.31 -1.16
N PHE A 552 16.59 26.00 -1.82
CA PHE A 552 16.13 25.55 -3.15
C PHE A 552 17.22 25.69 -4.19
N GLY A 553 17.91 26.83 -4.22
CA GLY A 553 18.98 27.06 -5.15
C GLY A 553 20.29 26.44 -4.79
N GLU A 554 20.33 25.62 -3.73
CA GLU A 554 21.56 25.04 -3.21
C GLU A 554 22.59 26.12 -2.90
N SER A 555 22.11 27.23 -2.33
CA SER A 555 22.92 28.39 -1.99
C SER A 555 23.23 28.45 -0.51
N GLU A 556 23.50 27.30 0.12
CA GLU A 556 23.85 27.28 1.53
C GLU A 556 25.16 28.02 1.82
N ALA A 557 26.03 28.17 0.81
CA ALA A 557 27.25 28.95 0.99
C ALA A 557 26.95 30.40 1.30
N ASN A 558 25.76 30.90 0.95
CA ASN A 558 25.37 32.24 1.33
C ASN A 558 25.09 32.36 2.82
N VAL A 559 24.71 31.27 3.48
CA VAL A 559 24.46 31.29 4.93
C VAL A 559 25.68 31.83 5.66
N ARG A 560 26.86 31.33 5.28
CA ARG A 560 28.12 31.84 5.81
C ARG A 560 28.16 33.37 5.76
N GLU A 561 27.85 33.93 4.59
CA GLU A 561 27.87 35.38 4.41
C GLU A 561 27.00 36.06 5.46
N ILE A 562 25.80 35.52 5.69
CA ILE A 562 24.90 36.11 6.69
C ILE A 562 25.60 36.17 8.03
N PHE A 563 26.19 35.05 8.46
CA PHE A 563 26.90 35.04 9.73
C PHE A 563 28.08 36.00 9.69
N ASP A 564 28.77 36.06 8.55
CA ASP A 564 29.85 37.03 8.40
C ASP A 564 29.33 38.45 8.59
N LYS A 565 28.14 38.72 8.06
CA LYS A 565 27.52 40.03 8.29
C LYS A 565 27.32 40.27 9.77
N ALA A 566 26.83 39.26 10.49
CA ALA A 566 26.66 39.39 11.93
C ALA A 566 27.99 39.52 12.63
N ARG A 567 29.06 39.00 12.03
CA ARG A 567 30.39 39.18 12.62
C ARG A 567 30.90 40.60 12.39
N GLN A 568 30.41 41.27 11.34
CA GLN A 568 30.83 42.62 11.03
C GLN A 568 29.85 43.68 11.55
N ALA A 569 28.78 43.27 12.23
CA ALA A 569 27.80 44.18 12.80
C ALA A 569 27.58 43.89 14.27
N ALA A 570 28.60 43.34 14.94
CA ALA A 570 28.47 42.98 16.33
C ALA A 570 28.31 44.24 17.20
N PRO A 571 27.49 44.18 18.26
CA PRO A 571 26.70 43.03 18.72
C PRO A 571 25.46 42.79 17.86
N CYS A 572 25.09 41.52 17.64
CA CYS A 572 23.94 41.19 16.81
C CYS A 572 22.98 40.31 17.58
N VAL A 573 21.72 40.34 17.15
CA VAL A 573 20.62 39.62 17.80
C VAL A 573 19.98 38.69 16.79
N LEU A 574 20.82 38.05 15.96
CA LEU A 574 20.41 37.21 14.82
C LEU A 574 19.13 36.44 15.06
N PHE A 575 18.18 36.56 14.14
CA PHE A 575 16.85 35.99 14.30
C PHE A 575 16.52 35.16 13.07
N PHE A 576 16.34 33.85 13.27
CA PHE A 576 15.99 32.94 12.17
C PHE A 576 14.49 32.67 12.23
N ASP A 577 13.74 33.60 11.65
CA ASP A 577 12.29 33.43 11.60
C ASP A 577 11.92 32.23 10.73
N GLU A 578 10.94 31.46 11.21
CA GLU A 578 10.49 30.23 10.55
C GLU A 578 11.66 29.27 10.33
N LEU A 579 12.26 28.85 11.46
CA LEU A 579 13.34 27.88 11.39
C LEU A 579 12.86 26.51 10.91
N ASP A 580 11.55 26.26 10.95
CA ASP A 580 10.96 25.03 10.45
C ASP A 580 10.41 25.19 9.03
N SER A 581 10.66 26.34 8.38
CA SER A 581 10.16 26.54 7.03
C SER A 581 10.77 25.55 6.05
N ILE A 582 12.07 25.26 6.20
CA ILE A 582 12.70 24.26 5.35
C ILE A 582 12.12 22.87 5.62
N ALA A 583 11.82 22.57 6.89
CA ALA A 583 11.17 21.30 7.20
C ALA A 583 9.74 21.26 6.71
N LYS A 584 9.03 22.40 6.75
CA LYS A 584 7.67 22.44 6.24
C LYS A 584 7.65 22.23 4.73
N ALA A 585 8.62 22.80 4.01
CA ALA A 585 8.67 22.66 2.55
C ALA A 585 9.00 21.24 2.11
N ARG A 586 9.50 20.41 3.01
CA ARG A 586 9.82 19.01 2.70
C ARG A 586 8.71 18.05 3.10
N GLY A 587 7.58 18.56 3.59
CA GLY A 587 6.48 17.70 3.98
C GLY A 587 6.07 17.89 5.43
N GLY A 588 7.05 18.11 6.29
CA GLY A 588 6.79 18.29 7.71
C GLY A 588 6.76 16.98 8.48
N GLY A 594 13.85 11.80 4.84
CA GLY A 594 13.44 12.22 6.16
C GLY A 594 14.60 12.49 7.10
N GLY A 595 14.33 12.45 8.41
CA GLY A 595 15.34 12.67 9.40
C GLY A 595 15.74 14.12 9.61
N ALA A 596 15.02 15.06 9.00
CA ALA A 596 15.28 16.51 9.10
C ALA A 596 16.72 16.76 8.64
N ALA A 597 17.43 17.71 9.26
CA ALA A 597 18.84 17.99 8.97
C ALA A 597 19.04 18.34 7.49
N ASP A 598 18.45 19.47 7.10
CA ASP A 598 18.51 19.94 5.73
C ASP A 598 19.83 20.66 5.48
N ARG A 599 20.06 21.05 4.22
CA ARG A 599 21.33 21.66 3.83
C ARG A 599 21.53 23.00 4.54
N VAL A 600 20.56 23.90 4.43
CA VAL A 600 20.70 25.23 5.03
C VAL A 600 20.70 25.14 6.55
N ILE A 601 19.88 24.24 7.10
CA ILE A 601 19.87 24.05 8.55
C ILE A 601 21.21 23.47 9.02
N ASN A 602 21.81 22.57 8.23
CA ASN A 602 23.12 22.03 8.61
C ASN A 602 24.20 23.10 8.57
N GLN A 603 24.19 23.95 7.55
CA GLN A 603 25.14 25.06 7.51
C GLN A 603 24.89 26.04 8.65
N ILE A 604 23.63 26.23 9.02
CA ILE A 604 23.30 27.06 10.17
C ILE A 604 23.87 26.45 11.45
N LEU A 605 23.79 25.13 11.58
CA LEU A 605 24.38 24.44 12.73
C LEU A 605 25.88 24.63 12.76
N THR A 606 26.55 24.50 11.62
CA THR A 606 27.99 24.70 11.55
C THR A 606 28.37 26.12 11.95
N GLU A 607 27.63 27.11 11.45
CA GLU A 607 27.93 28.49 11.79
C GLU A 607 27.58 28.82 13.24
N MET A 608 26.57 28.14 13.80
CA MET A 608 26.29 28.29 15.23
C MET A 608 27.43 27.74 16.07
N ASP A 609 27.99 26.60 15.67
CA ASP A 609 29.15 26.06 16.36
C ASP A 609 30.34 27.01 16.24
N GLY A 610 30.49 27.64 15.07
CA GLY A 610 31.56 28.62 14.91
C GLY A 610 31.36 29.86 15.76
N MET A 611 30.13 30.35 15.87
CA MET A 611 29.82 31.59 16.57
C MET A 611 29.55 31.40 18.05
N SER A 612 29.54 30.16 18.53
CA SER A 612 29.36 29.95 19.97
C SER A 612 30.48 30.57 20.78
N THR A 613 31.65 30.76 20.18
CA THR A 613 32.78 31.40 20.85
C THR A 613 32.80 32.91 20.67
N LYS A 614 31.86 33.46 19.89
CA LYS A 614 31.81 34.91 19.72
C LYS A 614 31.44 35.61 21.01
N LYS A 615 30.36 35.16 21.66
CA LYS A 615 29.84 35.78 22.90
C LYS A 615 29.60 37.27 22.74
N ASN A 616 29.29 37.69 21.51
CA ASN A 616 28.86 39.05 21.22
C ASN A 616 27.63 39.11 20.34
N VAL A 617 27.19 37.98 19.78
CA VAL A 617 26.03 37.92 18.93
C VAL A 617 25.06 36.88 19.48
N PHE A 618 23.77 37.20 19.48
CA PHE A 618 22.75 36.27 19.94
C PHE A 618 22.03 35.71 18.73
N ILE A 619 21.65 34.44 18.80
CA ILE A 619 21.31 33.67 17.61
C ILE A 619 19.86 33.20 17.76
N ILE A 620 19.02 34.07 18.33
CA ILE A 620 17.59 33.79 18.57
C ILE A 620 16.93 33.12 17.37
N GLY A 621 16.14 32.09 17.63
CA GLY A 621 15.41 31.43 16.56
C GLY A 621 13.91 31.54 16.73
N ALA A 622 13.15 30.90 15.84
CA ALA A 622 11.70 30.94 15.92
C ALA A 622 11.13 29.76 15.14
N THR A 623 10.14 29.10 15.73
CA THR A 623 9.49 27.95 15.12
C THR A 623 8.01 27.99 15.41
N ASN A 624 7.19 28.13 14.37
CA ASN A 624 5.74 28.01 14.52
C ASN A 624 5.27 26.56 14.48
N ARG A 625 6.19 25.62 14.23
CA ARG A 625 5.90 24.19 14.31
C ARG A 625 7.15 23.51 14.85
N PRO A 626 7.39 23.59 16.15
CA PRO A 626 8.67 23.11 16.71
C PRO A 626 8.81 21.60 16.70
N ASP A 627 7.73 20.85 16.50
CA ASP A 627 7.83 19.39 16.50
C ASP A 627 8.68 18.90 15.35
N ILE A 628 8.47 19.45 14.15
CA ILE A 628 9.26 19.06 12.97
C ILE A 628 10.42 20.06 12.90
N ILE A 629 11.48 19.74 13.64
CA ILE A 629 12.70 20.54 13.63
C ILE A 629 13.88 19.58 13.81
N ASP A 630 15.05 20.04 13.40
CA ASP A 630 16.26 19.24 13.56
C ASP A 630 16.64 19.17 15.03
N PRO A 631 16.74 17.98 15.62
CA PRO A 631 17.15 17.90 17.04
C PRO A 631 18.55 18.41 17.29
N ALA A 632 19.40 18.51 16.25
CA ALA A 632 20.73 19.07 16.44
C ALA A 632 20.67 20.54 16.81
N ILE A 633 19.60 21.24 16.45
CA ILE A 633 19.44 22.64 16.83
C ILE A 633 19.25 22.82 18.33
N LEU A 634 18.92 21.75 19.04
CA LEU A 634 18.73 21.77 20.49
C LEU A 634 19.94 21.11 21.13
N ARG A 635 20.98 21.91 21.38
CA ARG A 635 22.25 21.39 21.89
C ARG A 635 23.06 22.53 22.49
N PRO A 636 23.85 22.28 23.52
CA PRO A 636 24.71 23.34 24.07
C PRO A 636 25.64 23.91 23.00
N GLY A 637 25.83 25.22 23.06
CA GLY A 637 26.52 25.97 22.02
C GLY A 637 25.54 26.45 20.96
N ARG A 638 24.62 25.57 20.57
CA ARG A 638 23.52 25.91 19.67
C ARG A 638 22.33 26.35 20.54
N LEU A 639 21.14 26.42 19.94
CA LEU A 639 19.96 26.91 20.67
C LEU A 639 19.54 25.93 21.75
N ASP A 640 20.11 26.09 22.95
CA ASP A 640 19.81 25.23 24.07
C ASP A 640 18.57 25.69 24.84
N GLN A 641 18.55 26.96 25.25
CA GLN A 641 17.40 27.49 25.98
C GLN A 641 16.18 27.56 25.08
N LEU A 642 15.04 27.12 25.59
CA LEU A 642 13.77 27.15 24.85
C LEU A 642 12.76 27.96 25.65
N ILE A 643 12.19 28.98 25.01
CA ILE A 643 11.19 29.83 25.62
C ILE A 643 9.89 29.67 24.84
N TYR A 644 8.82 29.30 25.52
CA TYR A 644 7.53 29.09 24.90
C TYR A 644 6.75 30.40 24.90
N ILE A 645 6.26 30.79 23.72
CA ILE A 645 5.47 32.01 23.57
C ILE A 645 4.00 31.61 23.50
N PRO A 646 3.27 31.61 24.61
CA PRO A 646 1.89 31.10 24.60
C PRO A 646 0.93 32.12 24.01
N LEU A 647 -0.27 31.63 23.70
CA LEU A 647 -1.34 32.50 23.27
C LEU A 647 -1.68 33.47 24.39
N PRO A 648 -1.94 34.74 24.07
CA PRO A 648 -2.23 35.73 25.12
C PRO A 648 -3.48 35.36 25.89
N ASP A 649 -3.44 35.60 27.21
CA ASP A 649 -4.57 35.34 28.07
C ASP A 649 -5.46 36.58 28.11
N GLU A 650 -6.42 36.61 29.04
CA GLU A 650 -7.34 37.74 29.11
C GLU A 650 -6.60 39.04 29.44
N LYS A 651 -5.62 38.98 30.34
CA LYS A 651 -4.89 40.19 30.70
C LYS A 651 -3.92 40.60 29.61
N SER A 652 -3.28 39.63 28.95
CA SER A 652 -2.29 39.95 27.93
C SER A 652 -2.93 40.53 26.68
N ARG A 653 -4.16 40.12 26.37
CA ARG A 653 -4.83 40.65 25.18
C ARG A 653 -5.15 42.12 25.31
N VAL A 654 -5.42 42.61 26.53
CA VAL A 654 -5.63 44.03 26.73
C VAL A 654 -4.39 44.81 26.35
N ALA A 655 -3.22 44.34 26.81
CA ALA A 655 -1.97 45.01 26.48
C ALA A 655 -1.66 44.90 25.00
N ILE A 656 -1.97 43.76 24.39
CA ILE A 656 -1.74 43.59 22.95
C ILE A 656 -2.58 44.57 22.16
N LEU A 657 -3.87 44.70 22.51
CA LEU A 657 -4.74 45.62 21.80
C LEU A 657 -4.34 47.07 22.04
N LYS A 658 -3.90 47.40 23.27
CA LYS A 658 -3.48 48.77 23.55
C LYS A 658 -2.21 49.12 22.79
N ALA A 659 -1.26 48.18 22.69
CA ALA A 659 -0.02 48.44 21.97
C ALA A 659 -0.27 48.55 20.47
N ASN A 660 -1.24 47.81 19.94
CA ASN A 660 -1.58 47.87 18.52
C ASN A 660 -2.50 49.03 18.19
N LEU A 661 -2.94 49.80 19.20
CA LEU A 661 -3.83 50.93 18.98
C LEU A 661 -3.30 52.23 19.57
N ARG A 662 -2.03 52.25 19.99
CA ARG A 662 -1.45 53.49 20.51
C ARG A 662 -1.36 54.57 19.44
N LYS A 663 -0.93 54.18 18.24
CA LYS A 663 -0.85 55.15 17.14
C LYS A 663 -2.24 55.52 16.64
N SER A 664 -3.16 54.56 16.63
CA SER A 664 -4.50 54.81 16.12
C SER A 664 -5.30 55.68 17.11
N PRO A 665 -6.05 56.65 16.62
CA PRO A 665 -6.87 57.47 17.51
C PRO A 665 -8.17 56.78 17.89
N VAL A 666 -8.12 55.93 18.92
CA VAL A 666 -9.29 55.17 19.35
C VAL A 666 -10.06 55.99 20.37
N ALA A 667 -11.38 56.06 20.19
CA ALA A 667 -12.23 56.77 21.13
C ALA A 667 -12.28 56.03 22.46
N LYS A 668 -12.44 56.81 23.54
CA LYS A 668 -12.44 56.24 24.88
C LYS A 668 -13.68 55.40 25.17
N ASP A 669 -14.76 55.58 24.42
CA ASP A 669 -15.98 54.84 24.69
C ASP A 669 -15.88 53.36 24.33
N VAL A 670 -14.85 52.96 23.59
CA VAL A 670 -14.69 51.54 23.26
C VAL A 670 -14.27 50.77 24.51
N ASP A 671 -14.41 49.45 24.44
CA ASP A 671 -14.14 48.55 25.57
C ASP A 671 -13.12 47.51 25.11
N LEU A 672 -11.84 47.85 25.22
CA LEU A 672 -10.79 46.91 24.81
C LEU A 672 -10.63 45.76 25.79
N GLU A 673 -10.80 46.02 27.09
CA GLU A 673 -10.71 44.95 28.07
C GLU A 673 -11.87 43.97 27.98
N PHE A 674 -12.95 44.32 27.29
CA PHE A 674 -14.02 43.39 26.98
C PHE A 674 -13.76 42.63 25.69
N LEU A 675 -13.16 43.31 24.71
CA LEU A 675 -12.71 42.62 23.50
C LEU A 675 -11.66 41.56 23.83
N ALA A 676 -10.84 41.80 24.84
CA ALA A 676 -9.92 40.78 25.32
C ALA A 676 -10.67 39.59 25.89
N LYS A 677 -11.75 39.85 26.63
CA LYS A 677 -12.54 38.76 27.21
C LYS A 677 -13.20 37.93 26.12
N MET A 678 -13.76 38.58 25.10
CA MET A 678 -14.51 37.85 24.08
C MET A 678 -13.60 36.96 23.25
N THR A 679 -12.48 37.50 22.77
CA THR A 679 -11.53 36.71 21.99
C THR A 679 -10.74 35.80 22.92
N ASN A 680 -10.85 34.49 22.71
CA ASN A 680 -10.23 33.50 23.60
C ASN A 680 -8.94 32.95 23.02
N GLY A 681 -9.00 32.35 21.84
CA GLY A 681 -7.83 31.74 21.24
C GLY A 681 -7.12 32.63 20.25
N PHE A 682 -7.34 33.94 20.37
CA PHE A 682 -6.79 34.88 19.41
C PHE A 682 -5.34 35.18 19.73
N SER A 683 -4.48 35.08 18.73
CA SER A 683 -3.07 35.42 18.89
C SER A 683 -2.88 36.92 18.77
N GLY A 684 -1.63 37.37 18.87
CA GLY A 684 -1.33 38.77 18.66
C GLY A 684 -1.63 39.21 17.23
N ALA A 685 -1.35 38.33 16.27
CA ALA A 685 -1.66 38.64 14.87
C ALA A 685 -3.16 38.77 14.64
N ASP A 686 -3.97 37.93 15.30
CA ASP A 686 -5.41 38.01 15.13
C ASP A 686 -5.96 39.32 15.67
N LEU A 687 -5.50 39.73 16.86
CA LEU A 687 -5.94 41.01 17.42
C LEU A 687 -5.43 42.18 16.60
N THR A 688 -4.23 42.06 16.04
CA THR A 688 -3.71 43.11 15.16
C THR A 688 -4.55 43.21 13.90
N GLU A 689 -4.97 42.07 13.33
CA GLU A 689 -5.87 42.11 12.19
C GLU A 689 -7.22 42.73 12.56
N ILE A 690 -7.70 42.44 13.77
CA ILE A 690 -8.97 43.02 14.22
C ILE A 690 -8.86 44.54 14.30
N CYS A 691 -7.80 45.04 14.93
CA CYS A 691 -7.65 46.49 15.06
C CYS A 691 -7.36 47.15 13.71
N GLN A 692 -6.62 46.46 12.84
CA GLN A 692 -6.37 47.01 11.51
C GLN A 692 -7.65 47.06 10.68
N ARG A 693 -8.52 46.06 10.82
CA ARG A 693 -9.80 46.10 10.13
C ARG A 693 -10.72 47.18 10.69
N ALA A 694 -10.67 47.40 12.01
CA ALA A 694 -11.41 48.51 12.58
C ALA A 694 -10.91 49.85 12.05
N CYS A 695 -9.59 49.99 11.94
CA CYS A 695 -9.01 51.20 11.34
C CYS A 695 -9.43 51.34 9.88
N LYS A 696 -9.44 50.22 9.15
CA LYS A 696 -9.85 50.25 7.74
C LYS A 696 -11.30 50.70 7.59
N LEU A 697 -12.19 50.19 8.45
CA LEU A 697 -13.58 50.63 8.40
C LEU A 697 -13.72 52.09 8.79
N ALA A 698 -12.94 52.54 9.77
CA ALA A 698 -12.98 53.96 10.16
C ALA A 698 -12.54 54.85 9.00
N ILE A 699 -11.44 54.48 8.33
CA ILE A 699 -10.96 55.26 7.20
C ILE A 699 -11.96 55.21 6.04
N ARG A 700 -12.58 54.05 5.83
CA ARG A 700 -13.57 53.94 4.76
C ARG A 700 -14.77 54.84 5.03
N GLU A 701 -15.26 54.87 6.27
CA GLU A 701 -16.37 55.74 6.62
C GLU A 701 -15.98 57.21 6.49
N SER A 702 -14.76 57.56 6.92
CA SER A 702 -14.32 58.94 6.80
C SER A 702 -14.22 59.37 5.34
N ILE A 703 -13.66 58.50 4.49
CA ILE A 703 -13.53 58.82 3.07
C ILE A 703 -14.90 58.92 2.41
N GLU A 704 -15.82 58.01 2.76
CA GLU A 704 -17.17 58.07 2.21
C GLU A 704 -17.85 59.36 2.61
N SER A 705 -17.73 59.76 3.88
CA SER A 705 -18.34 61.01 4.32
C SER A 705 -17.72 62.21 3.60
N GLU A 706 -16.40 62.21 3.45
CA GLU A 706 -15.73 63.34 2.80
C GLU A 706 -16.13 63.46 1.33
N ILE A 707 -16.15 62.34 0.60
CA ILE A 707 -16.52 62.40 -0.81
C ILE A 707 -18.00 62.69 -0.97
N ARG A 708 -18.84 62.25 -0.03
CA ARG A 708 -20.26 62.59 -0.08
C ARG A 708 -20.46 64.09 0.16
N ARG A 709 -19.71 64.66 1.11
CA ARG A 709 -19.80 66.10 1.36
C ARG A 709 -19.29 66.90 0.15
N GLU A 710 -18.22 66.43 -0.48
CA GLU A 710 -17.70 67.10 -1.67
C GLU A 710 -18.71 67.02 -2.81
N ARG A 711 -19.40 65.89 -2.96
CA ARG A 711 -20.45 65.76 -3.96
C ARG A 711 -21.76 66.41 -3.53
N GLU A 712 -21.87 66.86 -2.28
CA GLU A 712 -23.04 67.57 -1.80
C GLU A 712 -22.80 69.06 -1.59
N ARG A 713 -21.56 69.46 -1.29
CA ARG A 713 -21.24 70.87 -1.07
C ARG A 713 -20.23 71.36 -2.11
N PRO A 727 -15.93 65.40 9.82
CA PRO A 727 -16.60 64.09 9.87
C PRO A 727 -16.31 63.34 11.17
N VAL A 728 -15.76 62.14 11.04
CA VAL A 728 -15.45 61.30 12.19
C VAL A 728 -14.00 61.58 12.61
N PRO A 729 -13.75 61.87 13.89
CA PRO A 729 -12.37 62.17 14.32
C PRO A 729 -11.63 61.00 14.94
N GLU A 730 -12.28 59.87 15.20
CA GLU A 730 -11.66 58.76 15.90
C GLU A 730 -12.39 57.47 15.55
N ILE A 731 -11.74 56.35 15.86
CA ILE A 731 -12.34 55.04 15.60
C ILE A 731 -13.52 54.88 16.56
N ARG A 732 -14.73 54.94 16.02
CA ARG A 732 -15.93 54.85 16.85
C ARG A 732 -16.17 53.40 17.27
N ARG A 733 -17.21 53.21 18.09
CA ARG A 733 -17.55 51.88 18.56
C ARG A 733 -18.02 50.99 17.40
N ASP A 734 -18.85 51.55 16.50
CA ASP A 734 -19.43 50.75 15.43
C ASP A 734 -18.37 50.19 14.49
N HIS A 735 -17.24 50.89 14.35
CA HIS A 735 -16.15 50.37 13.52
C HIS A 735 -15.61 49.05 14.08
N PHE A 736 -15.36 49.01 15.39
CA PHE A 736 -14.93 47.77 16.02
C PHE A 736 -16.04 46.73 15.99
N GLU A 737 -17.30 47.17 16.14
CA GLU A 737 -18.43 46.26 16.04
C GLU A 737 -18.45 45.53 14.70
N GLU A 738 -18.25 46.28 13.61
CA GLU A 738 -18.24 45.66 12.29
C GLU A 738 -16.98 44.86 12.04
N ALA A 739 -15.84 45.30 12.59
CA ALA A 739 -14.59 44.58 12.38
C ALA A 739 -14.61 43.22 13.07
N MET A 740 -15.24 43.13 14.23
CA MET A 740 -15.28 41.87 14.96
C MET A 740 -16.15 40.82 14.28
N ARG A 741 -16.94 41.19 13.27
CA ARG A 741 -17.73 40.21 12.53
C ARG A 741 -16.85 39.29 11.69
N PHE A 742 -15.64 39.71 11.35
CA PHE A 742 -14.68 38.91 10.60
C PHE A 742 -13.52 38.50 11.49
N ALA A 743 -13.82 38.14 12.73
CA ALA A 743 -12.78 37.85 13.72
C ALA A 743 -12.07 36.54 13.39
N ARG A 744 -10.80 36.65 13.03
CA ARG A 744 -10.00 35.49 12.64
C ARG A 744 -9.38 34.83 13.87
N ARG A 745 -9.42 33.50 13.90
CA ARG A 745 -8.70 32.71 14.90
C ARG A 745 -7.82 31.73 14.12
N SER A 746 -6.60 32.16 13.82
CA SER A 746 -5.71 31.36 12.97
C SER A 746 -5.35 30.03 13.63
N VAL A 747 -5.01 30.05 14.91
CA VAL A 747 -4.61 28.85 15.64
C VAL A 747 -5.65 28.56 16.72
N SER A 748 -6.16 27.35 16.74
CA SER A 748 -7.19 26.97 17.70
C SER A 748 -7.19 25.45 17.86
N ASP A 749 -7.63 25.01 19.05
CA ASP A 749 -7.89 23.60 19.36
C ASP A 749 -6.59 22.81 19.26
N ASN A 750 -6.52 21.74 18.46
CA ASN A 750 -5.43 20.78 18.53
C ASN A 750 -4.08 21.42 18.23
N ASP A 751 -4.04 22.47 17.41
CA ASP A 751 -2.77 23.15 17.14
C ASP A 751 -2.16 23.68 18.43
N ILE A 752 -2.97 24.33 19.27
CA ILE A 752 -2.46 24.80 20.56
C ILE A 752 -2.00 23.62 21.41
N ARG A 753 -2.61 22.45 21.21
CA ARG A 753 -2.15 21.26 21.91
C ARG A 753 -0.73 20.90 21.52
N LYS A 754 -0.42 20.99 20.22
CA LYS A 754 0.87 20.48 19.72
C LYS A 754 2.04 21.16 20.43
N TYR A 755 2.03 22.49 20.47
CA TYR A 755 3.07 23.22 21.20
C TYR A 755 3.14 22.76 22.65
N GLU A 756 1.96 22.64 23.30
CA GLU A 756 1.95 22.14 24.66
C GLU A 756 2.56 20.75 24.74
N MET A 757 2.24 19.88 23.76
CA MET A 757 2.92 18.60 23.66
C MET A 757 4.42 18.81 23.55
N PHE A 758 4.85 19.66 22.61
CA PHE A 758 6.27 19.95 22.49
C PHE A 758 6.79 20.63 23.74
N ALA A 759 5.92 21.32 24.49
CA ALA A 759 6.32 21.82 25.79
C ALA A 759 6.65 20.67 26.73
N GLN A 760 5.72 19.71 26.86
CA GLN A 760 5.91 18.62 27.81
C GLN A 760 7.14 17.80 27.44
N THR A 761 7.23 17.37 26.18
CA THR A 761 8.38 16.63 25.71
C THR A 761 9.68 17.41 25.88
N LEU A 762 9.60 18.74 25.99
CA LEU A 762 10.79 19.54 26.25
C LEU A 762 10.84 20.12 27.66
N GLN A 763 9.76 19.99 28.45
CA GLN A 763 9.86 20.42 29.84
C GLN A 763 10.61 19.39 30.67
N GLN A 764 10.43 18.11 30.34
CA GLN A 764 11.22 17.00 30.90
C GLN A 764 11.25 17.04 32.43
N SER A 765 10.07 17.16 33.03
CA SER A 765 9.97 17.01 34.47
C SER A 765 10.38 15.61 34.89
N ARG A 766 9.90 14.60 34.16
CA ARG A 766 10.34 13.20 34.28
C ARG A 766 10.14 12.63 35.68
N GLY A 767 9.21 13.21 36.45
CA GLY A 767 8.98 12.75 37.81
C GLY A 767 9.96 13.28 38.84
N PHE A 768 10.90 14.14 38.44
CA PHE A 768 11.89 14.69 39.35
C PHE A 768 11.41 15.97 40.03
N GLY A 769 10.18 16.40 39.79
CA GLY A 769 9.66 17.56 40.47
C GLY A 769 9.47 17.31 41.96
N SER A 770 9.60 18.38 42.74
CA SER A 770 9.46 18.32 44.19
C SER A 770 10.43 17.31 44.80
N PHE A 771 11.65 17.28 44.28
CA PHE A 771 12.70 16.41 44.79
C PHE A 771 13.52 17.19 45.83
N ARG A 772 13.68 16.60 47.01
CA ARG A 772 14.34 17.27 48.12
C ARG A 772 15.55 16.48 48.59
N PHE A 773 16.63 17.20 48.90
CA PHE A 773 17.81 16.57 49.45
C PHE A 773 17.59 16.19 50.92
N PRO A 774 18.30 15.20 51.42
CA PRO A 774 18.28 14.93 52.85
C PRO A 774 19.13 15.93 53.62
N SER A 775 18.77 16.14 54.88
CA SER A 775 19.49 17.07 55.74
C SER A 775 20.75 16.43 56.30
N ARG B 22 87.01 20.44 29.73
CA ARG B 22 86.43 19.95 30.96
C ARG B 22 85.05 19.34 30.71
N PRO B 23 84.65 18.36 31.54
CA PRO B 23 83.30 17.81 31.41
C PRO B 23 82.19 18.80 31.73
N ASN B 24 82.50 19.92 32.38
CA ASN B 24 81.50 20.92 32.72
C ASN B 24 81.23 21.87 31.55
N ARG B 25 80.95 21.30 30.38
CA ARG B 25 80.58 22.07 29.20
C ARG B 25 79.38 21.41 28.57
N LEU B 26 78.38 22.22 28.21
CA LEU B 26 77.09 21.65 27.78
C LEU B 26 76.60 22.25 26.48
N ILE B 27 75.38 21.91 26.08
CA ILE B 27 74.77 22.42 24.86
C ILE B 27 73.55 23.26 25.23
N VAL B 28 73.42 24.40 24.57
CA VAL B 28 72.40 25.39 24.89
C VAL B 28 71.05 24.96 24.32
N ASP B 29 69.99 25.26 25.06
CA ASP B 29 68.62 24.99 24.64
C ASP B 29 67.76 26.19 24.96
N GLU B 30 66.64 26.32 24.24
CA GLU B 30 65.72 27.41 24.50
C GLU B 30 65.08 27.23 25.87
N ALA B 31 65.09 28.31 26.66
CA ALA B 31 64.61 28.24 28.03
C ALA B 31 63.08 28.30 28.06
N ILE B 32 62.49 27.48 28.93
CA ILE B 32 61.03 27.47 29.09
C ILE B 32 60.54 28.59 29.99
N ASN B 33 61.43 29.25 30.71
CA ASN B 33 61.06 30.37 31.58
C ASN B 33 61.31 31.70 30.88
N GLU B 34 60.84 32.77 31.53
CA GLU B 34 60.98 34.11 30.98
C GLU B 34 61.95 34.99 31.76
N ASP B 35 62.45 34.53 32.90
CA ASP B 35 63.34 35.34 33.71
C ASP B 35 64.70 35.51 33.02
N ASN B 36 65.23 36.73 33.10
CA ASN B 36 66.52 37.03 32.49
C ASN B 36 67.65 36.70 33.46
N SER B 37 68.81 36.38 32.89
CA SER B 37 70.01 36.01 33.66
C SER B 37 69.72 34.84 34.60
N VAL B 38 68.93 33.89 34.12
CA VAL B 38 68.56 32.70 34.88
C VAL B 38 68.85 31.48 34.02
N VAL B 39 69.59 30.53 34.56
CA VAL B 39 69.96 29.30 33.86
C VAL B 39 69.17 28.15 34.46
N SER B 40 68.48 27.39 33.62
CA SER B 40 67.72 26.22 34.06
C SER B 40 68.48 24.96 33.68
N LEU B 41 68.81 24.14 34.67
CA LEU B 41 69.64 22.95 34.46
C LEU B 41 69.04 21.77 35.21
N SER B 42 69.37 20.57 34.75
CA SER B 42 68.88 19.35 35.38
C SER B 42 69.57 19.13 36.72
N GLN B 43 68.84 18.55 37.66
CA GLN B 43 69.37 18.34 39.00
C GLN B 43 70.59 17.42 39.04
N PRO B 44 70.63 16.25 38.39
CA PRO B 44 71.87 15.46 38.39
C PRO B 44 73.05 16.22 37.80
N LYS B 45 72.82 16.98 36.73
CA LYS B 45 73.89 17.82 36.19
C LYS B 45 74.22 18.95 37.15
N MET B 46 73.23 19.46 37.88
CA MET B 46 73.48 20.54 38.84
C MET B 46 74.41 20.08 39.95
N ASP B 47 74.15 18.89 40.51
CA ASP B 47 75.05 18.39 41.55
C ASP B 47 76.38 17.91 40.97
N GLU B 48 76.37 17.45 39.71
CA GLU B 48 77.63 17.15 39.05
C GLU B 48 78.43 18.41 38.77
N LEU B 49 77.75 19.55 38.61
CA LEU B 49 78.38 20.84 38.39
C LEU B 49 78.61 21.60 39.69
N GLN B 50 78.33 20.97 40.83
CA GLN B 50 78.44 21.60 42.15
C GLN B 50 77.58 22.85 42.24
N LEU B 51 76.27 22.64 42.06
CA LEU B 51 75.29 23.72 42.10
C LEU B 51 74.24 23.41 43.15
N PHE B 52 73.92 24.41 43.97
CA PHE B 52 72.90 24.27 45.00
C PHE B 52 71.53 24.64 44.42
N ARG B 53 70.54 24.82 45.28
CA ARG B 53 69.20 25.17 44.81
C ARG B 53 69.18 26.51 44.11
N GLY B 54 69.90 27.50 44.66
CA GLY B 54 69.95 28.82 44.06
C GLY B 54 71.36 29.32 43.85
N ASP B 55 72.28 28.40 43.58
CA ASP B 55 73.67 28.78 43.35
C ASP B 55 73.81 29.56 42.05
N THR B 56 74.74 30.51 42.04
CA THR B 56 75.03 31.29 40.83
C THR B 56 75.97 30.51 39.94
N VAL B 57 75.61 30.36 38.67
CA VAL B 57 76.38 29.60 37.69
C VAL B 57 76.99 30.57 36.70
N LEU B 58 78.30 30.45 36.47
CA LEU B 58 79.03 31.32 35.56
C LEU B 58 79.30 30.58 34.25
N LEU B 59 79.18 31.30 33.14
CA LEU B 59 79.27 30.73 31.81
C LEU B 59 80.32 31.46 31.00
N LYS B 60 80.93 30.74 30.06
CA LYS B 60 81.90 31.30 29.12
C LYS B 60 81.45 30.98 27.71
N GLY B 61 81.25 32.01 26.90
CA GLY B 61 80.75 31.85 25.55
C GLY B 61 81.86 31.66 24.53
N LYS B 62 81.45 31.67 23.27
CA LYS B 62 82.40 31.50 22.16
C LYS B 62 83.31 32.71 22.00
N LYS B 63 82.90 33.89 22.48
CA LYS B 63 83.68 35.11 22.38
C LYS B 63 84.05 35.59 23.78
N ARG B 64 84.67 36.76 23.84
CA ARG B 64 85.20 37.31 25.09
C ARG B 64 84.08 38.00 25.85
N ARG B 65 83.23 37.19 26.48
CA ARG B 65 82.15 37.71 27.31
C ARG B 65 81.68 36.60 28.25
N GLU B 66 81.33 36.98 29.48
CA GLU B 66 80.83 36.05 30.48
C GLU B 66 79.61 36.66 31.15
N ALA B 67 78.77 35.81 31.72
CA ALA B 67 77.56 36.26 32.40
C ALA B 67 77.20 35.27 33.50
N VAL B 68 77.27 35.72 34.75
CA VAL B 68 76.85 34.90 35.88
C VAL B 68 75.33 34.92 35.98
N CYS B 69 74.74 33.75 36.20
CA CYS B 69 73.29 33.61 36.19
C CYS B 69 72.85 32.74 37.36
N ILE B 70 71.58 32.88 37.73
CA ILE B 70 70.97 32.07 38.76
C ILE B 70 70.63 30.69 38.18
N VAL B 71 71.04 29.63 38.88
CA VAL B 71 70.69 28.29 38.45
C VAL B 71 69.23 28.01 38.78
N LEU B 72 68.62 27.11 38.00
CA LEU B 72 67.23 26.73 38.19
C LEU B 72 67.10 25.23 37.97
N SER B 73 66.25 24.60 38.77
CA SER B 73 66.05 23.15 38.73
C SER B 73 64.78 22.86 37.94
N ASP B 74 64.95 22.54 36.66
CA ASP B 74 63.83 22.14 35.80
C ASP B 74 63.97 20.67 35.43
N ASP B 75 62.85 19.96 35.46
CA ASP B 75 62.81 18.54 35.13
C ASP B 75 62.46 18.28 33.67
N THR B 76 62.32 19.32 32.86
CA THR B 76 61.95 19.18 31.46
C THR B 76 63.15 19.09 30.52
N CYS B 77 64.37 19.13 31.05
CA CYS B 77 65.57 19.07 30.24
C CYS B 77 66.54 18.04 30.81
N SER B 78 67.40 17.53 29.93
CA SER B 78 68.39 16.52 30.32
C SER B 78 69.63 17.22 30.89
N ASP B 79 70.68 16.44 31.13
CA ASP B 79 71.91 16.99 31.69
C ASP B 79 72.63 17.88 30.67
N GLU B 80 72.76 17.40 29.44
CA GLU B 80 73.49 18.15 28.42
C GLU B 80 72.73 19.42 28.03
N LYS B 81 71.40 19.35 27.98
CA LYS B 81 70.58 20.50 27.62
C LYS B 81 70.57 21.49 28.78
N ILE B 82 71.23 22.64 28.60
CA ILE B 82 71.18 23.72 29.58
C ILE B 82 70.32 24.84 28.99
N ARG B 83 69.28 25.21 29.71
CA ARG B 83 68.31 26.18 29.20
C ARG B 83 68.85 27.59 29.36
N MET B 84 68.72 28.40 28.31
CA MET B 84 69.19 29.78 28.34
C MET B 84 68.31 30.65 27.46
N ASN B 85 68.05 31.86 27.92
CA ASN B 85 67.25 32.82 27.16
C ASN B 85 68.08 33.46 26.07
N ARG B 86 67.41 34.22 25.19
CA ARG B 86 68.13 35.00 24.20
C ARG B 86 68.96 36.10 24.86
N VAL B 87 68.56 36.53 26.05
CA VAL B 87 69.30 37.57 26.77
C VAL B 87 70.71 37.08 27.10
N VAL B 88 70.83 35.84 27.57
CA VAL B 88 72.11 35.26 27.94
C VAL B 88 72.67 34.45 26.77
N ARG B 89 72.14 34.70 25.58
CA ARG B 89 72.65 34.10 24.34
C ARG B 89 73.29 35.11 23.41
N ASN B 90 72.68 36.29 23.26
CA ASN B 90 73.26 37.32 22.40
C ASN B 90 74.51 37.95 23.02
N ASN B 91 74.55 38.05 24.35
CA ASN B 91 75.75 38.56 25.00
C ASN B 91 76.87 37.54 25.03
N LEU B 92 76.54 36.25 25.10
CA LEU B 92 77.54 35.19 25.09
C LEU B 92 77.98 34.82 23.68
N ARG B 93 77.40 35.46 22.66
CA ARG B 93 77.72 35.19 21.25
C ARG B 93 77.50 33.72 20.90
N VAL B 94 76.49 33.11 21.51
CA VAL B 94 76.20 31.68 21.35
C VAL B 94 74.81 31.56 20.75
N ARG B 95 74.71 30.93 19.58
CA ARG B 95 73.43 30.68 18.96
C ARG B 95 72.79 29.41 19.53
N LEU B 96 71.53 29.19 19.16
CA LEU B 96 70.80 28.04 19.68
C LEU B 96 71.34 26.76 19.04
N GLY B 97 71.89 25.88 19.87
CA GLY B 97 72.49 24.65 19.40
C GLY B 97 74.01 24.72 19.35
N ASP B 98 74.62 25.40 20.32
CA ASP B 98 76.06 25.57 20.37
C ASP B 98 76.57 25.11 21.74
N VAL B 99 77.90 25.06 21.86
CA VAL B 99 78.55 24.57 23.06
C VAL B 99 78.85 25.74 23.99
N ILE B 100 78.47 25.60 25.25
CA ILE B 100 78.69 26.62 26.27
C ILE B 100 79.62 26.05 27.35
N SER B 101 80.61 26.85 27.74
CA SER B 101 81.58 26.46 28.76
C SER B 101 81.16 27.03 30.10
N ILE B 102 81.21 26.19 31.14
CA ILE B 102 80.72 26.53 32.46
C ILE B 102 81.82 26.30 33.48
N GLN B 103 82.02 27.28 34.36
CA GLN B 103 82.92 27.13 35.50
C GLN B 103 82.48 28.03 36.65
N PRO B 104 82.12 27.46 37.80
CA PRO B 104 81.70 28.27 38.93
C PRO B 104 82.87 29.03 39.56
N CYS B 105 82.54 30.16 40.17
CA CYS B 105 83.51 30.98 40.88
C CYS B 105 82.78 31.88 41.88
N PRO B 106 82.47 31.39 43.08
CA PRO B 106 81.66 32.17 44.02
C PRO B 106 82.46 33.18 44.84
N ASP B 107 82.11 34.46 44.72
CA ASP B 107 82.62 35.53 45.56
C ASP B 107 81.44 36.39 45.99
N VAL B 108 81.55 37.01 47.16
CA VAL B 108 80.44 37.84 47.67
C VAL B 108 80.18 39.02 46.73
N LYS B 109 81.13 39.95 46.66
CA LYS B 109 81.17 41.06 45.71
C LYS B 109 79.80 41.69 45.48
N TYR B 110 79.23 42.24 46.54
CA TYR B 110 77.99 43.00 46.43
C TYR B 110 78.28 44.31 45.68
N GLY B 111 77.49 44.57 44.64
CA GLY B 111 77.75 45.67 43.74
C GLY B 111 77.82 47.05 44.39
N LYS B 112 78.84 47.82 44.04
CA LYS B 112 79.05 49.16 44.56
C LYS B 112 79.01 50.15 43.39
N ARG B 113 77.87 50.84 43.25
CA ARG B 113 77.68 51.88 42.23
C ARG B 113 77.91 51.32 40.82
N ILE B 114 77.03 50.38 40.45
CA ILE B 114 77.09 49.78 39.12
C ILE B 114 76.71 50.83 38.08
N HIS B 115 77.03 50.56 36.82
CA HIS B 115 76.92 51.53 35.74
C HIS B 115 76.05 50.99 34.61
N VAL B 116 74.88 50.46 34.96
CA VAL B 116 73.92 50.05 33.94
C VAL B 116 73.50 51.28 33.12
N LEU B 117 73.48 51.13 31.81
CA LEU B 117 73.21 52.22 30.89
C LEU B 117 72.19 51.79 29.84
N PRO B 118 71.37 52.72 29.34
CA PRO B 118 70.41 52.38 28.29
C PRO B 118 71.01 52.51 26.89
N ILE B 119 72.33 52.52 26.80
CA ILE B 119 73.01 52.87 25.54
C ILE B 119 72.67 51.82 24.49
N ASP B 120 71.82 52.19 23.54
CA ASP B 120 71.33 51.31 22.48
C ASP B 120 70.49 52.11 21.50
N ASP B 121 70.00 51.45 20.45
CA ASP B 121 69.07 52.06 19.51
C ASP B 121 67.62 51.85 19.91
N THR B 122 67.35 51.11 20.98
CA THR B 122 65.97 50.90 21.42
C THR B 122 65.41 52.09 22.17
N VAL B 123 66.27 52.95 22.70
CA VAL B 123 65.80 54.14 23.46
C VAL B 123 65.65 55.26 22.44
N GLU B 124 64.50 55.28 21.77
CA GLU B 124 64.15 56.33 20.82
C GLU B 124 62.78 56.87 21.18
N GLY B 125 62.71 58.16 21.47
CA GLY B 125 61.45 58.77 21.84
C GLY B 125 60.91 58.37 23.19
N ILE B 126 61.76 57.84 24.06
CA ILE B 126 61.36 57.46 25.41
C ILE B 126 62.31 58.15 26.38
N THR B 127 61.82 59.18 27.05
CA THR B 127 62.62 60.00 27.97
C THR B 127 62.02 59.92 29.37
N GLY B 128 62.55 60.74 30.27
CA GLY B 128 62.04 60.82 31.62
C GLY B 128 62.84 60.00 32.61
N ASN B 129 62.14 59.34 33.54
CA ASN B 129 62.78 58.51 34.55
C ASN B 129 62.83 57.04 34.15
N LEU B 130 62.95 56.75 32.85
CA LEU B 130 63.02 55.37 32.38
C LEU B 130 64.23 54.63 32.95
N PHE B 131 65.22 55.37 33.45
CA PHE B 131 66.40 54.75 34.05
C PHE B 131 66.07 54.00 35.33
N GLU B 132 64.96 54.32 36.00
CA GLU B 132 64.65 53.70 37.29
C GLU B 132 63.21 53.27 37.47
N VAL B 133 62.27 53.64 36.60
CA VAL B 133 60.86 53.34 36.88
C VAL B 133 60.58 51.85 36.74
N TYR B 134 61.08 51.22 35.69
CA TYR B 134 60.90 49.78 35.51
C TYR B 134 62.15 48.98 35.85
N LEU B 135 63.21 49.63 36.34
CA LEU B 135 64.38 48.92 36.82
C LEU B 135 64.29 48.56 38.30
N LYS B 136 63.62 49.40 39.10
CA LYS B 136 63.42 49.06 40.51
C LYS B 136 62.64 47.77 40.71
N PRO B 137 61.51 47.51 40.02
CA PRO B 137 60.81 46.23 40.26
C PRO B 137 61.58 45.01 39.78
N TYR B 138 62.48 45.16 38.80
CA TYR B 138 63.17 44.01 38.22
C TYR B 138 64.67 44.03 38.51
N PHE B 139 65.37 45.10 38.11
CA PHE B 139 66.82 45.13 38.23
C PHE B 139 67.29 45.35 39.66
N LEU B 140 66.40 45.81 40.55
CA LEU B 140 66.72 46.04 41.95
C LEU B 140 65.94 45.09 42.85
N GLU B 141 65.71 43.87 42.39
CA GLU B 141 64.93 42.89 43.13
C GLU B 141 65.50 41.49 42.91
N ALA B 142 65.17 40.60 43.84
CA ALA B 142 65.51 39.18 43.80
C ALA B 142 67.01 38.91 43.86
N TYR B 143 67.83 39.94 44.08
CA TYR B 143 69.29 39.80 44.19
C TYR B 143 69.86 39.09 42.96
N ARG B 144 69.42 39.50 41.78
CA ARG B 144 69.88 38.89 40.55
C ARG B 144 71.33 39.28 40.29
N PRO B 145 72.12 38.39 39.67
CA PRO B 145 73.52 38.69 39.42
C PRO B 145 73.70 39.66 38.25
N ILE B 146 74.78 40.43 38.32
CA ILE B 146 75.07 41.46 37.34
C ILE B 146 76.46 41.21 36.76
N ARG B 147 76.67 41.75 35.55
CA ARG B 147 77.95 41.68 34.88
C ARG B 147 78.07 42.90 33.98
N LYS B 148 79.32 43.28 33.69
CA LYS B 148 79.60 44.42 32.83
C LYS B 148 79.95 43.94 31.43
N GLY B 149 79.66 44.80 30.45
CA GLY B 149 79.94 44.49 29.06
C GLY B 149 78.84 43.74 28.33
N ASP B 150 77.88 43.18 29.05
CA ASP B 150 76.76 42.47 28.45
C ASP B 150 75.48 43.29 28.55
N ILE B 151 74.45 42.83 27.86
CA ILE B 151 73.18 43.54 27.76
C ILE B 151 72.07 42.63 28.27
N PHE B 152 71.26 43.14 29.19
CA PHE B 152 70.06 42.47 29.62
C PHE B 152 68.85 43.23 29.08
N LEU B 153 67.65 42.69 29.33
CA LEU B 153 66.43 43.23 28.76
C LEU B 153 65.40 43.43 29.88
N VAL B 154 64.68 44.56 29.80
CA VAL B 154 63.62 44.86 30.74
C VAL B 154 62.35 45.20 29.96
N ARG B 155 61.25 44.57 30.34
CA ARG B 155 59.97 44.75 29.66
C ARG B 155 59.03 45.50 30.60
N GLY B 156 58.72 46.75 30.26
CA GLY B 156 57.82 47.55 31.06
C GLY B 156 57.32 48.74 30.27
N GLY B 157 56.13 49.21 30.65
CA GLY B 157 55.53 50.37 30.00
C GLY B 157 55.35 50.20 28.51
N MET B 158 54.93 49.00 28.08
CA MET B 158 54.78 48.65 26.66
C MET B 158 56.09 48.80 25.89
N ARG B 159 57.23 48.70 26.57
CA ARG B 159 58.53 48.88 25.93
C ARG B 159 59.48 47.80 26.41
N ALA B 160 60.17 47.16 25.46
CA ALA B 160 61.23 46.21 25.76
C ALA B 160 62.56 46.91 25.49
N VAL B 161 63.28 47.24 26.57
CA VAL B 161 64.48 48.06 26.49
C VAL B 161 65.69 47.20 26.81
N GLU B 162 66.71 47.31 25.97
CA GLU B 162 67.97 46.61 26.16
C GLU B 162 68.93 47.51 26.92
N PHE B 163 69.30 47.11 28.13
CA PHE B 163 70.17 47.89 29.00
C PHE B 163 71.54 47.22 29.08
N LYS B 164 72.58 47.99 28.81
CA LYS B 164 73.96 47.54 28.97
C LYS B 164 74.53 48.07 30.27
N VAL B 165 75.45 47.31 30.87
CA VAL B 165 76.11 47.69 32.11
C VAL B 165 77.60 47.81 31.84
N VAL B 166 78.19 48.91 32.29
CA VAL B 166 79.57 49.24 31.97
C VAL B 166 80.53 48.86 33.09
N GLU B 167 80.18 49.19 34.34
CA GLU B 167 81.02 48.88 35.48
C GLU B 167 80.21 48.16 36.55
N THR B 168 80.72 47.01 37.01
CA THR B 168 80.12 46.23 38.09
C THR B 168 81.19 45.81 39.09
N ASP B 169 82.04 46.77 39.50
CA ASP B 169 83.17 46.60 40.40
C ASP B 169 84.27 45.77 39.71
N PRO B 170 85.53 45.87 40.15
CA PRO B 170 86.61 45.10 39.49
C PRO B 170 86.53 43.61 39.79
N SER B 171 85.53 42.95 39.22
CA SER B 171 85.33 41.53 39.37
C SER B 171 84.42 41.04 38.25
N PRO B 172 84.67 39.83 37.73
CA PRO B 172 83.75 39.24 36.73
C PRO B 172 82.49 38.63 37.33
N TYR B 173 82.25 38.84 38.63
CA TYR B 173 81.11 38.28 39.34
C TYR B 173 80.51 39.39 40.19
N CYS B 174 79.27 39.77 39.89
CA CYS B 174 78.61 40.85 40.62
C CYS B 174 77.17 40.48 40.91
N ILE B 175 76.70 40.86 42.10
CA ILE B 175 75.32 40.68 42.52
C ILE B 175 74.74 42.05 42.86
N VAL B 176 73.49 42.27 42.46
CA VAL B 176 72.85 43.56 42.73
C VAL B 176 72.62 43.72 44.24
N ALA B 177 72.66 44.96 44.70
CA ALA B 177 72.57 45.29 46.10
C ALA B 177 71.95 46.67 46.23
N PRO B 178 71.43 47.02 47.42
CA PRO B 178 70.85 48.36 47.59
C PRO B 178 71.82 49.50 47.36
N ASP B 179 73.13 49.26 47.49
CA ASP B 179 74.12 50.30 47.27
C ASP B 179 74.63 50.33 45.82
N THR B 180 74.00 49.58 44.92
CA THR B 180 74.38 49.62 43.52
C THR B 180 74.03 50.95 42.85
N VAL B 181 73.12 51.73 43.44
CA VAL B 181 72.85 53.12 43.07
C VAL B 181 72.24 53.25 41.68
N ILE B 182 72.78 52.51 40.71
CA ILE B 182 72.38 52.54 39.29
C ILE B 182 72.30 53.98 38.78
N HIS B 183 73.27 54.80 39.21
CA HIS B 183 73.34 56.21 38.86
C HIS B 183 73.15 56.45 37.37
N CYS B 184 72.51 57.57 37.04
CA CYS B 184 72.06 57.83 35.67
C CYS B 184 73.17 58.46 34.84
N GLU B 185 73.61 57.76 33.80
CA GLU B 185 74.56 58.28 32.84
C GLU B 185 74.13 57.87 31.42
N GLY B 186 72.85 58.02 31.12
CA GLY B 186 72.33 57.56 29.85
C GLY B 186 72.92 58.32 28.67
N GLU B 187 73.09 57.60 27.57
CA GLU B 187 73.69 58.16 26.36
C GLU B 187 73.08 57.47 25.15
N PRO B 188 73.10 58.13 23.98
CA PRO B 188 72.59 57.49 22.77
C PRO B 188 73.63 56.65 22.04
N ILE B 189 74.68 56.24 22.76
CA ILE B 189 75.80 55.50 22.18
C ILE B 189 75.28 54.29 21.41
N LYS B 190 75.76 54.15 20.17
CA LYS B 190 75.28 53.09 19.29
C LYS B 190 75.77 51.72 19.76
N ARG B 191 75.02 50.69 19.38
CA ARG B 191 75.39 49.32 19.68
C ARG B 191 76.46 48.81 18.71
N GLU B 192 77.07 47.69 19.08
CA GLU B 192 78.06 47.05 18.23
C GLU B 192 77.44 45.91 17.45
N ASP B 193 78.08 45.55 16.34
CA ASP B 193 77.55 44.50 15.46
C ASP B 193 77.63 43.12 16.10
N GLU B 194 78.50 42.94 17.09
CA GLU B 194 78.62 41.64 17.75
C GLU B 194 77.34 41.28 18.48
N GLU B 195 76.74 42.25 19.17
CA GLU B 195 75.50 42.01 19.89
C GLU B 195 74.32 41.91 18.93
N GLU B 196 73.38 41.03 19.28
CA GLU B 196 72.18 40.83 18.49
C GLU B 196 71.01 41.58 19.11
N SER B 197 70.22 42.23 18.27
CA SER B 197 69.10 43.03 18.74
C SER B 197 68.01 42.11 19.32
N LEU B 198 67.70 42.29 20.59
CA LEU B 198 66.63 41.51 21.21
C LEU B 198 65.26 41.91 20.69
N ASN B 199 65.12 43.12 20.16
CA ASN B 199 63.87 43.51 19.51
C ASN B 199 63.63 42.68 18.25
N GLU B 200 64.70 42.25 17.59
CA GLU B 200 64.57 41.37 16.43
C GLU B 200 64.01 40.02 16.87
N VAL B 201 63.29 39.36 15.96
CA VAL B 201 62.55 38.16 16.33
C VAL B 201 63.50 36.99 16.59
N GLY B 202 62.97 35.98 17.27
CA GLY B 202 63.72 34.79 17.60
C GLY B 202 62.78 33.67 17.97
N TYR B 203 63.35 32.61 18.56
CA TYR B 203 62.56 31.45 18.95
C TYR B 203 61.49 31.81 19.96
N ASP B 204 61.80 32.73 20.88
CA ASP B 204 60.84 33.10 21.92
C ASP B 204 59.66 33.91 21.38
N ASP B 205 59.71 34.36 20.13
CA ASP B 205 58.66 35.19 19.57
C ASP B 205 57.55 34.38 18.89
N ILE B 206 57.63 33.05 18.92
CA ILE B 206 56.54 32.18 18.47
C ILE B 206 56.13 31.32 19.64
N GLY B 207 54.84 31.33 19.96
CA GLY B 207 54.34 30.52 21.04
C GLY B 207 53.27 29.54 20.60
N GLY B 208 52.55 29.88 19.53
CA GLY B 208 51.44 29.04 19.09
C GLY B 208 51.86 27.76 18.39
N CYS B 209 53.14 27.60 18.09
CA CYS B 209 53.63 26.42 17.38
C CYS B 209 54.81 25.84 18.12
N ARG B 210 54.64 24.62 18.65
CA ARG B 210 55.72 23.90 19.33
C ARG B 210 56.27 22.76 18.50
N LYS B 211 55.42 21.83 18.06
CA LYS B 211 55.87 20.74 17.21
C LYS B 211 56.31 21.26 15.84
N GLN B 212 55.56 22.19 15.27
CA GLN B 212 55.88 22.72 13.95
C GLN B 212 57.15 23.56 13.95
N LEU B 213 57.44 24.26 15.04
CA LEU B 213 58.69 24.99 15.16
C LEU B 213 59.88 24.05 15.36
N ALA B 214 59.69 23.01 16.19
CA ALA B 214 60.75 22.03 16.39
C ALA B 214 61.04 21.26 15.11
N GLN B 215 60.03 21.07 14.26
CA GLN B 215 60.26 20.42 12.98
C GLN B 215 61.22 21.22 12.11
N ILE B 216 60.99 22.53 12.01
CA ILE B 216 61.89 23.39 11.24
C ILE B 216 63.26 23.46 11.91
N LYS B 217 63.28 23.45 13.25
CA LYS B 217 64.55 23.46 13.97
C LYS B 217 65.40 22.25 13.60
N GLU B 218 64.82 21.05 13.70
CA GLU B 218 65.54 19.85 13.31
C GLU B 218 65.86 19.84 11.82
N MET B 219 65.01 20.45 11.00
CA MET B 219 65.22 20.46 9.55
C MET B 219 66.44 21.30 9.18
N VAL B 220 66.59 22.48 9.77
CA VAL B 220 67.55 23.47 9.27
C VAL B 220 68.67 23.78 10.24
N GLU B 221 68.70 23.15 11.43
CA GLU B 221 69.80 23.42 12.36
C GLU B 221 71.10 22.82 11.85
N LEU B 222 71.07 21.54 11.45
CA LEU B 222 72.28 20.89 10.97
C LEU B 222 72.81 21.49 9.66
N PRO B 223 71.99 21.73 8.63
CA PRO B 223 72.55 22.32 7.39
C PRO B 223 73.12 23.71 7.58
N LEU B 224 72.58 24.52 8.50
CA LEU B 224 73.01 25.89 8.67
C LEU B 224 74.18 26.03 9.63
N ARG B 225 74.08 25.43 10.82
CA ARG B 225 75.14 25.57 11.82
C ARG B 225 76.41 24.87 11.37
N HIS B 226 76.29 23.70 10.75
CA HIS B 226 77.44 22.90 10.33
C HIS B 226 77.30 22.53 8.85
N PRO B 227 77.56 23.46 7.94
CA PRO B 227 77.57 23.10 6.51
C PRO B 227 78.77 22.24 6.13
N ALA B 228 79.84 22.27 6.92
CA ALA B 228 81.02 21.46 6.62
C ALA B 228 80.70 19.96 6.70
N LEU B 229 79.82 19.57 7.63
CA LEU B 229 79.43 18.17 7.72
C LEU B 229 78.68 17.73 6.45
N PHE B 230 77.81 18.59 5.93
CA PHE B 230 77.09 18.25 4.71
C PHE B 230 78.01 18.24 3.50
N LYS B 231 78.99 19.16 3.46
CA LYS B 231 79.98 19.14 2.40
C LYS B 231 80.85 17.90 2.48
N ALA B 232 81.06 17.39 3.69
CA ALA B 232 81.90 16.20 3.88
C ALA B 232 81.11 14.93 3.60
N ILE B 233 80.05 14.70 4.35
CA ILE B 233 79.27 13.46 4.24
C ILE B 233 78.29 13.60 3.09
N GLY B 234 78.26 12.60 2.21
CA GLY B 234 77.33 12.65 1.10
C GLY B 234 75.89 12.48 1.57
N VAL B 235 75.16 13.59 1.61
CA VAL B 235 73.77 13.63 2.06
C VAL B 235 73.03 14.57 1.11
N LYS B 236 71.70 14.47 1.11
CA LYS B 236 70.87 15.41 0.39
C LYS B 236 70.32 16.45 1.36
N PRO B 237 70.96 17.62 1.48
CA PRO B 237 70.53 18.60 2.49
C PRO B 237 69.15 19.15 2.16
N PRO B 238 68.36 19.49 3.18
CA PRO B 238 67.06 20.13 2.93
C PRO B 238 67.24 21.50 2.30
N ARG B 239 66.88 21.62 1.03
CA ARG B 239 66.96 22.89 0.30
C ARG B 239 65.56 23.16 -0.25
N GLY B 240 64.72 23.78 0.57
CA GLY B 240 63.36 24.08 0.20
C GLY B 240 62.39 23.72 1.30
N ILE B 241 61.62 24.70 1.76
CA ILE B 241 60.60 24.50 2.79
C ILE B 241 59.29 25.08 2.27
N LEU B 242 58.18 24.46 2.63
CA LEU B 242 56.86 24.81 2.13
C LEU B 242 55.91 25.10 3.28
N LEU B 243 56.34 25.97 4.18
CA LEU B 243 55.49 26.42 5.28
C LEU B 243 54.17 26.96 4.74
N TYR B 244 53.07 26.28 5.01
CA TYR B 244 51.77 26.71 4.51
C TYR B 244 50.79 26.81 5.66
N GLY B 245 49.85 27.73 5.54
CA GLY B 245 48.86 27.99 6.56
C GLY B 245 48.11 29.26 6.25
N PRO B 246 47.08 29.56 7.04
CA PRO B 246 46.30 30.76 6.79
C PRO B 246 47.17 32.00 6.97
N PRO B 247 46.86 33.08 6.26
CA PRO B 247 47.68 34.29 6.38
C PRO B 247 47.65 34.87 7.77
N GLY B 248 48.79 35.43 8.19
CA GLY B 248 48.90 35.99 9.52
C GLY B 248 49.19 35.00 10.61
N THR B 249 49.66 33.80 10.26
CA THR B 249 49.94 32.76 11.24
C THR B 249 51.40 32.76 11.71
N GLY B 250 52.23 33.65 11.17
CA GLY B 250 53.61 33.75 11.60
C GLY B 250 54.62 33.00 10.77
N LYS B 251 54.28 32.63 9.53
CA LYS B 251 55.24 31.95 8.68
C LYS B 251 56.45 32.83 8.39
N THR B 252 56.21 34.10 8.06
CA THR B 252 57.31 35.05 7.91
C THR B 252 58.04 35.25 9.23
N LEU B 253 57.30 35.34 10.33
CA LEU B 253 57.92 35.47 11.64
C LEU B 253 58.79 34.26 11.96
N ILE B 254 58.29 33.06 11.66
CA ILE B 254 59.05 31.84 11.92
C ILE B 254 60.30 31.79 11.05
N ALA B 255 60.18 32.19 9.78
CA ALA B 255 61.33 32.19 8.89
C ALA B 255 62.40 33.16 9.38
N ARG B 256 62.00 34.37 9.76
CA ARG B 256 62.98 35.33 10.28
C ARG B 256 63.59 34.81 11.58
N ALA B 257 62.77 34.21 12.44
CA ALA B 257 63.22 33.69 13.73
C ALA B 257 64.27 32.61 13.55
N VAL B 258 63.91 31.46 12.97
CA VAL B 258 64.97 30.52 12.64
C VAL B 258 65.39 30.79 11.20
N ALA B 259 65.90 31.99 10.97
CA ALA B 259 66.95 32.29 10.00
C ALA B 259 67.97 33.28 10.53
N ASN B 260 67.63 34.09 11.55
CA ASN B 260 68.57 34.99 12.19
C ASN B 260 69.16 34.40 13.47
N GLU B 261 68.37 33.68 14.25
CA GLU B 261 68.88 33.06 15.46
C GLU B 261 69.79 31.87 15.14
N THR B 262 69.39 31.06 14.16
CA THR B 262 70.18 29.90 13.75
C THR B 262 71.24 30.30 12.71
N GLY B 263 70.80 30.93 11.62
CA GLY B 263 71.69 31.40 10.59
C GLY B 263 72.21 32.80 10.85
N ALA B 264 72.69 33.43 9.79
CA ALA B 264 73.22 34.79 9.88
C ALA B 264 72.65 35.76 8.86
N PHE B 265 72.14 35.28 7.73
CA PHE B 265 71.56 36.15 6.71
C PHE B 265 70.18 35.62 6.35
N PHE B 266 69.20 36.51 6.29
CA PHE B 266 67.82 36.15 5.99
C PHE B 266 67.30 37.08 4.90
N PHE B 267 66.93 36.50 3.76
CA PHE B 267 66.41 37.25 2.63
C PHE B 267 64.89 37.16 2.62
N LEU B 268 64.24 38.30 2.35
CA LEU B 268 62.80 38.42 2.50
C LEU B 268 62.21 39.06 1.24
N ILE B 269 62.51 38.46 0.08
CA ILE B 269 61.83 38.87 -1.15
C ILE B 269 60.32 38.73 -0.95
N ASN B 270 59.59 39.78 -1.34
CA ASN B 270 58.19 39.90 -0.92
C ASN B 270 57.30 38.86 -1.59
N GLY B 271 57.60 38.47 -2.82
CA GLY B 271 56.67 37.73 -3.63
C GLY B 271 55.92 38.60 -4.61
N PRO B 272 55.00 39.45 -4.13
CA PRO B 272 54.42 40.46 -5.02
C PRO B 272 55.44 41.41 -5.61
N GLU B 273 56.58 41.63 -4.93
CA GLU B 273 57.63 42.47 -5.50
C GLU B 273 58.16 41.89 -6.80
N ILE B 274 58.39 40.57 -6.83
CA ILE B 274 58.88 39.93 -8.04
C ILE B 274 57.78 39.73 -9.07
N MET B 275 56.51 39.66 -8.65
CA MET B 275 55.41 39.58 -9.59
C MET B 275 55.01 40.95 -10.12
N SER B 276 55.54 42.03 -9.56
CA SER B 276 55.11 43.39 -9.86
C SER B 276 56.07 44.13 -10.79
N LYS B 277 57.37 43.85 -10.72
CA LYS B 277 58.34 44.61 -11.48
C LYS B 277 58.23 44.28 -12.97
N LEU B 278 59.02 45.00 -13.77
CA LEU B 278 58.90 44.97 -15.23
C LEU B 278 59.60 43.75 -15.83
N ALA B 279 59.05 42.57 -15.49
CA ALA B 279 59.46 41.30 -16.09
C ALA B 279 60.95 41.03 -15.97
N GLY B 280 61.74 41.62 -16.88
CA GLY B 280 63.18 41.36 -16.87
C GLY B 280 63.85 41.83 -15.60
N GLU B 281 63.47 43.01 -15.11
CA GLU B 281 64.03 43.50 -13.85
C GLU B 281 63.60 42.63 -12.68
N SER B 282 62.36 42.13 -12.72
CA SER B 282 61.89 41.23 -11.66
C SER B 282 62.70 39.94 -11.65
N GLU B 283 62.96 39.36 -12.81
CA GLU B 283 63.75 38.14 -12.87
C GLU B 283 65.20 38.42 -12.50
N SER B 284 65.71 39.61 -12.81
CA SER B 284 67.04 40.00 -12.37
C SER B 284 67.12 40.06 -10.86
N ASN B 285 66.09 40.63 -10.22
CA ASN B 285 66.05 40.64 -8.76
C ASN B 285 65.94 39.23 -8.19
N LEU B 286 65.16 38.37 -8.84
CA LEU B 286 65.05 36.99 -8.40
C LEU B 286 66.40 36.28 -8.45
N ARG B 287 67.15 36.47 -9.54
CA ARG B 287 68.49 35.90 -9.64
C ARG B 287 69.43 36.51 -8.60
N LYS B 288 69.35 37.83 -8.40
CA LYS B 288 70.31 38.51 -7.55
C LYS B 288 70.08 38.19 -6.07
N ALA B 289 68.83 37.97 -5.66
CA ALA B 289 68.59 37.54 -4.29
C ALA B 289 69.24 36.20 -4.01
N PHE B 290 69.08 35.24 -4.93
CA PHE B 290 69.71 33.94 -4.77
C PHE B 290 71.23 34.07 -4.78
N GLU B 291 71.76 34.93 -5.65
CA GLU B 291 73.21 35.12 -5.72
C GLU B 291 73.75 35.70 -4.43
N GLU B 292 73.12 36.76 -3.91
CA GLU B 292 73.57 37.36 -2.66
C GLU B 292 73.40 36.41 -1.48
N ALA B 293 72.40 35.53 -1.54
CA ALA B 293 72.27 34.49 -0.52
C ALA B 293 73.43 33.51 -0.59
N GLU B 294 73.84 33.12 -1.80
CA GLU B 294 74.94 32.18 -1.95
C GLU B 294 76.30 32.87 -1.98
N LYS B 295 76.34 34.20 -2.02
CA LYS B 295 77.62 34.91 -2.05
C LYS B 295 78.07 35.33 -0.65
N ASN B 296 77.13 35.72 0.21
CA ASN B 296 77.49 36.29 1.51
C ASN B 296 77.87 35.19 2.50
N ALA B 297 76.93 34.30 2.81
CA ALA B 297 77.12 33.26 3.82
C ALA B 297 75.97 32.26 3.71
N PRO B 298 76.04 31.10 4.39
CA PRO B 298 74.86 30.24 4.48
C PRO B 298 73.64 31.00 4.97
N ALA B 299 72.66 31.17 4.10
CA ALA B 299 71.52 32.04 4.34
C ALA B 299 70.22 31.30 4.07
N ILE B 300 69.11 32.00 4.31
CA ILE B 300 67.77 31.46 4.10
C ILE B 300 67.01 32.43 3.20
N ILE B 301 66.56 31.94 2.05
CA ILE B 301 65.73 32.71 1.14
C ILE B 301 64.27 32.42 1.46
N PHE B 302 63.50 33.47 1.71
CA PHE B 302 62.10 33.33 2.08
C PHE B 302 61.23 33.89 0.97
N ILE B 303 60.34 33.06 0.44
CA ILE B 303 59.37 33.47 -0.57
C ILE B 303 58.02 33.57 0.14
N ASP B 304 57.65 34.79 0.53
CA ASP B 304 56.46 35.00 1.33
C ASP B 304 55.17 34.69 0.58
N GLU B 305 55.19 34.76 -0.76
CA GLU B 305 54.00 34.57 -1.57
C GLU B 305 54.29 33.65 -2.74
N LEU B 306 54.87 32.48 -2.44
CA LEU B 306 55.11 31.48 -3.49
C LEU B 306 53.82 31.10 -4.20
N ASP B 307 52.68 31.20 -3.52
CA ASP B 307 51.40 31.00 -4.19
C ASP B 307 51.15 32.07 -5.24
N ALA B 308 51.65 33.29 -5.01
CA ALA B 308 51.47 34.36 -6.00
C ALA B 308 52.52 34.29 -7.10
N ILE B 309 53.77 34.04 -6.75
CA ILE B 309 54.83 33.93 -7.76
C ILE B 309 54.58 32.72 -8.66
N ALA B 310 54.23 31.58 -8.05
CA ALA B 310 54.06 30.32 -8.79
C ALA B 310 52.70 29.73 -8.47
N PRO B 311 51.63 30.25 -9.09
CA PRO B 311 50.33 29.59 -8.97
C PRO B 311 50.23 28.40 -9.89
N LYS B 312 49.05 27.78 -9.98
CA LYS B 312 48.86 26.67 -10.90
C LYS B 312 49.13 27.09 -12.33
N ARG B 313 50.19 26.55 -12.93
CA ARG B 313 50.58 26.93 -14.28
C ARG B 313 49.52 26.54 -15.31
N GLU B 314 48.77 25.46 -15.03
CA GLU B 314 47.75 25.00 -15.97
C GLU B 314 46.64 26.03 -16.15
N LYS B 315 46.24 26.69 -15.07
CA LYS B 315 45.15 27.66 -15.11
C LYS B 315 45.60 29.07 -15.43
N THR B 316 46.90 29.32 -15.55
CA THR B 316 47.39 30.64 -15.90
C THR B 316 47.06 30.98 -17.35
N HIS B 317 46.81 32.26 -17.60
CA HIS B 317 46.47 32.76 -18.93
C HIS B 317 47.67 33.33 -19.65
N GLY B 318 48.35 34.30 -19.04
CA GLY B 318 49.53 34.87 -19.64
C GLY B 318 50.69 33.90 -19.66
N GLU B 319 51.67 34.20 -20.51
CA GLU B 319 52.86 33.37 -20.64
C GLU B 319 54.08 33.93 -19.92
N VAL B 320 54.13 35.24 -19.73
CA VAL B 320 55.24 35.81 -18.95
C VAL B 320 55.15 35.35 -17.49
N GLU B 321 53.94 35.16 -16.97
CA GLU B 321 53.82 34.51 -15.67
C GLU B 321 54.22 33.04 -15.73
N ARG B 322 53.95 32.37 -16.85
CA ARG B 322 54.47 31.02 -17.05
C ARG B 322 55.99 31.04 -17.10
N ARG B 323 56.57 32.07 -17.73
CA ARG B 323 58.01 32.22 -17.72
C ARG B 323 58.54 32.42 -16.31
N ILE B 324 57.82 33.19 -15.49
CA ILE B 324 58.24 33.40 -14.10
C ILE B 324 58.20 32.08 -13.33
N VAL B 325 57.13 31.31 -13.50
CA VAL B 325 57.00 30.04 -12.79
C VAL B 325 58.11 29.08 -13.22
N SER B 326 58.36 29.00 -14.53
CA SER B 326 59.38 28.07 -15.01
C SER B 326 60.78 28.52 -14.61
N GLN B 327 61.03 29.84 -14.58
CA GLN B 327 62.33 30.34 -14.14
C GLN B 327 62.54 30.05 -12.66
N LEU B 328 61.50 30.19 -11.84
CA LEU B 328 61.59 29.82 -10.44
C LEU B 328 61.86 28.33 -10.29
N LEU B 329 61.19 27.51 -11.09
CA LEU B 329 61.41 26.06 -11.05
C LEU B 329 62.86 25.71 -11.40
N THR B 330 63.38 26.33 -12.45
CA THR B 330 64.76 26.05 -12.86
C THR B 330 65.77 26.59 -11.84
N LEU B 331 65.49 27.73 -11.23
CA LEU B 331 66.36 28.24 -10.18
C LEU B 331 66.39 27.30 -8.98
N MET B 332 65.22 26.77 -8.60
CA MET B 332 65.18 25.84 -7.46
C MET B 332 65.86 24.53 -7.81
N ASP B 333 65.69 24.04 -9.05
CA ASP B 333 66.38 22.83 -9.46
C ASP B 333 67.90 23.03 -9.50
N GLY B 334 68.36 24.19 -9.95
CA GLY B 334 69.77 24.53 -9.92
C GLY B 334 70.28 24.99 -8.58
N LEU B 335 69.39 25.10 -7.59
CA LEU B 335 69.78 25.44 -6.23
C LEU B 335 70.27 24.24 -5.44
N LYS B 336 70.46 23.09 -6.10
CA LYS B 336 71.03 21.93 -5.44
C LYS B 336 72.47 22.15 -5.03
N GLN B 337 73.11 23.21 -5.54
CA GLN B 337 74.51 23.48 -5.25
C GLN B 337 74.64 24.30 -3.95
N ARG B 338 75.89 24.54 -3.57
CA ARG B 338 76.33 25.35 -2.44
C ARG B 338 76.07 24.68 -1.09
N ALA B 339 75.24 23.64 -1.09
CA ALA B 339 75.04 22.76 0.06
C ALA B 339 74.70 23.47 1.38
N HIS B 340 74.39 24.78 1.33
CA HIS B 340 74.16 25.49 2.58
C HIS B 340 73.06 26.55 2.51
N VAL B 341 72.26 26.60 1.45
CA VAL B 341 71.25 27.64 1.28
C VAL B 341 69.88 27.00 1.41
N ILE B 342 69.13 27.39 2.44
CA ILE B 342 67.75 26.95 2.60
C ILE B 342 66.83 27.95 1.93
N VAL B 343 65.74 27.46 1.37
CA VAL B 343 64.79 28.29 0.63
C VAL B 343 63.41 28.03 1.22
N MET B 344 62.98 28.89 2.16
CA MET B 344 61.66 28.77 2.73
C MET B 344 60.63 29.44 1.83
N ALA B 345 59.44 28.86 1.76
CA ALA B 345 58.35 29.39 0.95
C ALA B 345 57.07 29.40 1.77
N ALA B 346 56.32 30.49 1.68
CA ALA B 346 55.08 30.66 2.41
C ALA B 346 53.90 30.69 1.45
N THR B 347 52.79 30.07 1.86
CA THR B 347 51.58 30.02 1.06
C THR B 347 50.41 29.73 1.99
N ASN B 348 49.20 29.76 1.43
CA ASN B 348 48.00 29.53 2.22
C ASN B 348 47.57 28.06 2.22
N ARG B 349 47.92 27.30 1.19
CA ARG B 349 47.53 25.90 1.08
C ARG B 349 48.42 25.22 0.06
N PRO B 350 48.67 23.92 0.18
CA PRO B 350 49.56 23.26 -0.77
C PRO B 350 48.88 22.85 -2.08
N ASN B 351 47.56 22.74 -2.09
CA ASN B 351 46.83 22.36 -3.29
C ASN B 351 46.53 23.55 -4.20
N SER B 352 47.15 24.70 -3.96
CA SER B 352 47.01 25.86 -4.83
C SER B 352 48.27 26.16 -5.63
N ILE B 353 49.42 25.68 -5.20
CA ILE B 353 50.66 25.82 -5.96
C ILE B 353 50.65 24.80 -7.10
N ASP B 354 51.27 25.17 -8.22
CA ASP B 354 51.40 24.26 -9.35
C ASP B 354 52.09 22.97 -8.90
N PRO B 355 51.61 21.80 -9.32
CA PRO B 355 52.23 20.55 -8.87
C PRO B 355 53.60 20.29 -9.49
N ALA B 356 54.48 21.28 -9.40
CA ALA B 356 55.87 21.15 -9.79
C ALA B 356 56.84 21.72 -8.77
N LEU B 357 56.39 22.62 -7.89
CA LEU B 357 57.17 23.09 -6.76
C LEU B 357 57.11 22.15 -5.57
N ARG B 358 56.64 20.92 -5.77
CA ARG B 358 56.64 19.90 -4.73
C ARG B 358 57.53 18.72 -5.08
N ARG B 359 58.33 18.84 -6.13
CA ARG B 359 59.21 17.77 -6.57
C ARG B 359 60.41 17.66 -5.62
N PHE B 360 61.21 16.60 -5.83
CA PHE B 360 62.38 16.39 -4.99
C PHE B 360 63.38 17.52 -5.15
N GLY B 361 63.87 18.03 -4.02
CA GLY B 361 64.82 19.12 -4.01
C GLY B 361 64.21 20.49 -4.14
N ARG B 362 62.90 20.60 -4.34
CA ARG B 362 62.19 21.87 -4.49
C ARG B 362 60.97 21.84 -3.58
N PHE B 363 61.11 22.35 -2.36
CA PHE B 363 60.04 22.43 -1.37
C PHE B 363 59.38 21.06 -1.16
N ASP B 364 60.22 20.04 -1.05
CA ASP B 364 59.70 18.68 -0.87
C ASP B 364 59.16 18.46 0.54
N ARG B 365 59.47 19.33 1.48
CA ARG B 365 59.06 19.18 2.88
C ARG B 365 57.98 20.20 3.21
N GLU B 366 56.84 19.72 3.66
CA GLU B 366 55.74 20.56 4.10
C GLU B 366 55.63 20.51 5.62
N VAL B 367 55.63 21.69 6.24
CA VAL B 367 55.76 21.82 7.69
C VAL B 367 54.55 22.59 8.24
N ASP B 368 53.38 22.32 7.67
CA ASP B 368 52.13 23.05 7.86
C ASP B 368 51.95 23.65 9.25
N ILE B 369 51.64 24.94 9.30
CA ILE B 369 51.56 25.67 10.57
C ILE B 369 50.19 25.53 11.20
N GLY B 370 49.13 25.82 10.46
CA GLY B 370 47.78 25.69 10.97
C GLY B 370 47.38 26.78 11.94
N ILE B 371 46.08 26.90 12.19
CA ILE B 371 45.58 27.93 13.11
C ILE B 371 46.09 27.62 14.52
N PRO B 372 46.52 28.63 15.29
CA PRO B 372 46.88 28.37 16.68
C PRO B 372 45.70 27.80 17.45
N ASP B 373 45.99 26.84 18.33
CA ASP B 373 44.97 26.02 18.96
C ASP B 373 45.03 26.15 20.47
N ALA B 374 43.90 26.51 21.08
CA ALA B 374 43.71 26.53 22.52
C ALA B 374 44.83 27.26 23.25
N THR B 375 45.56 26.53 24.10
CA THR B 375 46.64 27.14 24.88
C THR B 375 47.69 27.77 23.99
N GLY B 376 47.84 27.27 22.76
CA GLY B 376 48.76 27.90 21.83
C GLY B 376 48.43 29.36 21.58
N ARG B 377 47.14 29.67 21.43
CA ARG B 377 46.73 31.07 21.35
C ARG B 377 47.13 31.81 22.62
N LEU B 378 46.91 31.18 23.79
CA LEU B 378 47.45 31.70 25.03
C LEU B 378 48.96 31.89 24.93
N GLU B 379 49.66 30.89 24.40
CA GLU B 379 51.11 30.99 24.25
C GLU B 379 51.50 32.08 23.27
N ILE B 380 50.56 32.58 22.47
CA ILE B 380 50.86 33.74 21.63
C ILE B 380 50.66 35.03 22.42
N LEU B 381 49.60 35.09 23.25
CA LEU B 381 49.24 36.32 23.93
C LEU B 381 50.36 36.79 24.84
N GLN B 382 50.95 35.87 25.61
CA GLN B 382 52.05 36.22 26.49
C GLN B 382 53.25 36.77 25.74
N ILE B 383 53.40 36.44 24.45
CA ILE B 383 54.48 37.03 23.67
C ILE B 383 54.19 38.49 23.35
N HIS B 384 52.93 38.84 23.11
CA HIS B 384 52.55 40.21 22.80
C HIS B 384 52.15 40.99 24.04
N THR B 385 52.24 40.40 25.23
CA THR B 385 51.88 41.04 26.48
C THR B 385 53.06 41.22 27.41
N LYS B 386 54.14 40.45 27.23
CA LYS B 386 55.29 40.53 28.13
C LYS B 386 55.89 41.92 28.15
N ASN B 387 56.05 42.53 26.97
CA ASN B 387 56.50 43.93 26.93
C ASN B 387 55.43 44.87 27.48
N MET B 388 54.16 44.53 27.30
CA MET B 388 53.05 45.33 27.78
C MET B 388 52.83 45.05 29.27
N LYS B 389 51.72 45.54 29.81
CA LYS B 389 51.27 45.21 31.15
C LYS B 389 49.92 44.50 31.06
N LEU B 390 49.54 43.85 32.17
CA LEU B 390 48.32 43.07 32.18
C LEU B 390 47.50 43.27 33.45
N ALA B 391 47.90 44.17 34.34
CA ALA B 391 47.21 44.45 35.61
C ALA B 391 47.16 43.14 36.41
N ASP B 392 46.05 42.83 37.07
CA ASP B 392 45.95 41.60 37.84
C ASP B 392 44.61 40.88 37.68
N ASP B 393 43.65 41.43 36.94
CA ASP B 393 42.33 40.84 36.80
C ASP B 393 42.10 40.17 35.47
N VAL B 394 43.09 40.15 34.57
CA VAL B 394 42.89 39.56 33.25
C VAL B 394 42.89 38.05 33.36
N ASP B 395 41.96 37.42 32.66
CA ASP B 395 41.88 35.96 32.56
C ASP B 395 42.42 35.59 31.18
N LEU B 396 43.74 35.43 31.09
CA LEU B 396 44.37 35.13 29.81
C LEU B 396 43.91 33.79 29.25
N GLU B 397 43.65 32.81 30.12
CA GLU B 397 43.13 31.53 29.64
C GLU B 397 41.72 31.69 29.08
N GLN B 398 40.90 32.56 29.68
CA GLN B 398 39.54 32.77 29.19
C GLN B 398 39.55 33.47 27.84
N VAL B 399 40.34 34.54 27.70
CA VAL B 399 40.43 35.21 26.41
C VAL B 399 41.11 34.32 25.37
N ALA B 400 41.95 33.38 25.80
CA ALA B 400 42.51 32.40 24.86
C ALA B 400 41.43 31.43 24.39
N ASN B 401 40.55 31.00 25.29
CA ASN B 401 39.40 30.22 24.88
C ASN B 401 38.36 31.07 24.16
N GLU B 402 38.46 32.39 24.28
CA GLU B 402 37.51 33.29 23.62
C GLU B 402 37.90 33.59 22.18
N THR B 403 39.19 33.53 21.88
CA THR B 403 39.71 33.96 20.57
C THR B 403 39.76 32.80 19.57
N HIS B 404 38.65 32.08 19.46
CA HIS B 404 38.61 30.92 18.57
C HIS B 404 38.55 31.37 17.12
N GLY B 405 39.41 30.78 16.29
CA GLY B 405 39.47 31.12 14.89
C GLY B 405 40.37 32.29 14.55
N HIS B 406 41.28 32.67 15.44
CA HIS B 406 42.18 33.80 15.22
C HIS B 406 43.58 33.28 14.96
N VAL B 407 44.19 33.76 13.88
CA VAL B 407 45.60 33.50 13.61
C VAL B 407 46.44 34.39 14.52
N GLY B 408 47.75 34.15 14.56
CA GLY B 408 48.63 34.92 15.43
C GLY B 408 48.65 36.40 15.13
N ALA B 409 48.31 36.80 13.90
CA ALA B 409 48.22 38.22 13.58
C ALA B 409 47.05 38.87 14.31
N ASP B 410 45.92 38.18 14.38
CA ASP B 410 44.77 38.71 15.12
C ASP B 410 45.08 38.86 16.60
N LEU B 411 45.77 37.88 17.18
CA LEU B 411 46.18 37.99 18.58
C LEU B 411 47.17 39.12 18.79
N ALA B 412 48.05 39.36 17.80
CA ALA B 412 48.92 40.53 17.87
C ALA B 412 48.12 41.82 17.78
N ALA B 413 47.08 41.84 16.94
CA ALA B 413 46.19 43.00 16.86
C ALA B 413 45.28 43.07 18.10
N LEU B 414 44.84 41.91 18.61
CA LEU B 414 44.03 41.91 19.82
C LEU B 414 44.81 42.46 21.00
N CYS B 415 46.08 42.08 21.14
CA CYS B 415 46.93 42.63 22.17
C CYS B 415 47.29 44.10 21.92
N SER B 416 47.22 44.55 20.67
CA SER B 416 47.48 45.93 20.33
C SER B 416 46.23 46.80 20.41
N GLU B 417 45.05 46.23 20.13
CA GLU B 417 43.83 47.01 20.22
C GLU B 417 43.41 47.22 21.67
N ALA B 418 43.67 46.26 22.55
CA ALA B 418 43.38 46.46 23.97
C ALA B 418 44.33 47.47 24.59
N ALA B 419 45.62 47.39 24.21
CA ALA B 419 46.58 48.39 24.68
C ALA B 419 46.23 49.77 24.19
N LEU B 420 45.81 49.89 22.93
CA LEU B 420 45.39 51.17 22.40
C LEU B 420 44.10 51.67 23.06
N GLN B 421 43.21 50.75 23.42
CA GLN B 421 42.01 51.13 24.17
C GLN B 421 42.38 51.71 25.52
N ALA B 422 43.30 51.06 26.23
CA ALA B 422 43.75 51.59 27.52
C ALA B 422 44.43 52.94 27.35
N ILE B 423 45.27 53.08 26.31
CA ILE B 423 45.95 54.35 26.08
C ILE B 423 44.95 55.45 25.78
N ARG B 424 43.95 55.16 24.95
CA ARG B 424 42.96 56.17 24.57
C ARG B 424 42.02 56.51 25.72
N LYS B 425 41.79 55.56 26.64
CA LYS B 425 41.04 55.90 27.84
C LYS B 425 41.88 56.73 28.81
N LYS B 426 43.19 56.55 28.81
CA LYS B 426 44.07 57.40 29.60
C LYS B 426 44.36 58.74 28.94
N MET B 427 44.04 58.89 27.65
CA MET B 427 44.23 60.18 26.99
C MET B 427 43.33 61.25 27.59
N ASP B 428 42.10 60.88 27.94
CA ASP B 428 41.20 61.84 28.58
C ASP B 428 41.68 62.19 29.98
N LEU B 429 42.29 61.24 30.68
CA LEU B 429 42.82 61.52 32.03
C LEU B 429 44.01 62.46 31.96
N ILE B 430 44.95 62.21 31.06
CA ILE B 430 46.14 63.03 30.89
C ILE B 430 45.91 63.88 29.64
N ASP B 431 45.39 65.09 29.84
CA ASP B 431 45.08 65.97 28.73
C ASP B 431 46.32 66.73 28.28
N LEU B 432 46.24 67.28 27.06
CA LEU B 432 47.21 68.18 26.45
C LEU B 432 48.54 67.49 26.13
N GLU B 433 48.68 66.19 26.41
CA GLU B 433 49.94 65.50 26.23
C GLU B 433 50.36 65.41 24.77
N ASP B 434 51.38 66.19 24.38
CA ASP B 434 52.04 66.01 23.08
C ASP B 434 53.56 66.09 23.36
N GLU B 435 54.12 64.97 23.78
CA GLU B 435 55.54 64.84 24.10
C GLU B 435 55.96 63.40 23.79
N THR B 436 57.10 62.98 24.34
CA THR B 436 57.45 61.57 24.35
C THR B 436 56.60 60.76 25.32
N ILE B 437 55.78 61.44 26.14
CA ILE B 437 54.86 60.84 27.11
C ILE B 437 55.66 60.00 28.12
N ASP B 438 56.93 60.33 28.28
CA ASP B 438 57.81 59.78 29.32
C ASP B 438 57.78 58.25 29.26
N ALA B 439 58.02 57.60 30.40
CA ALA B 439 57.86 56.15 30.52
C ALA B 439 57.24 55.75 31.85
N GLU B 440 56.85 56.71 32.70
CA GLU B 440 56.29 56.43 34.01
C GLU B 440 54.78 56.23 33.95
N VAL B 441 54.08 57.05 33.16
CA VAL B 441 52.64 56.85 32.99
C VAL B 441 52.37 55.53 32.25
N MET B 442 53.24 55.16 31.32
CA MET B 442 53.12 53.87 30.65
C MET B 442 53.33 52.72 31.63
N ASN B 443 54.24 52.89 32.58
CA ASN B 443 54.39 51.92 33.66
C ASN B 443 53.12 51.87 34.50
N SER B 444 52.51 53.03 34.76
CA SER B 444 51.25 53.07 35.50
C SER B 444 50.08 52.52 34.70
N LEU B 445 50.24 52.36 33.39
CA LEU B 445 49.17 51.80 32.56
C LEU B 445 48.94 50.35 32.93
N ALA B 446 47.69 49.98 33.17
CA ALA B 446 47.31 48.63 33.57
C ALA B 446 46.12 48.19 32.71
N VAL B 447 46.40 47.41 31.67
CA VAL B 447 45.34 46.90 30.80
C VAL B 447 44.53 45.87 31.56
N THR B 448 43.23 46.11 31.67
CA THR B 448 42.31 45.27 32.41
C THR B 448 41.45 44.45 31.46
N MET B 449 40.51 43.70 32.03
CA MET B 449 39.60 42.88 31.24
C MET B 449 38.68 43.73 30.35
N ASP B 450 38.43 45.00 30.71
CA ASP B 450 37.59 45.85 29.88
C ASP B 450 38.21 46.07 28.52
N ASP B 451 39.51 46.42 28.49
CA ASP B 451 40.18 46.67 27.21
C ASP B 451 40.25 45.41 26.36
N PHE B 452 40.61 44.28 26.97
CA PHE B 452 40.69 43.02 26.24
C PHE B 452 39.34 42.56 25.72
N ARG B 453 38.26 42.70 26.51
CA ARG B 453 36.92 42.37 26.06
C ARG B 453 36.47 43.27 24.91
N TRP B 454 36.74 44.57 25.01
CA TRP B 454 36.39 45.49 23.94
C TRP B 454 37.14 45.15 22.65
N ALA B 455 38.44 44.85 22.77
CA ALA B 455 39.23 44.48 21.60
C ALA B 455 38.76 43.16 21.00
N LEU B 456 38.42 42.19 21.84
CA LEU B 456 37.93 40.90 21.35
C LEU B 456 36.60 41.07 20.63
N SER B 457 35.73 41.94 21.15
CA SER B 457 34.48 42.24 20.45
C SER B 457 34.76 42.93 19.12
N GLN B 458 35.74 43.83 19.10
CA GLN B 458 36.07 44.54 17.87
C GLN B 458 36.83 43.65 16.89
N SER B 459 37.72 42.80 17.40
CA SER B 459 38.56 41.97 16.54
C SER B 459 37.70 40.96 15.78
N ASN B 460 38.09 40.71 14.53
CA ASN B 460 37.40 39.77 13.67
C ASN B 460 38.32 38.59 13.34
N PRO B 461 37.84 37.36 13.46
CA PRO B 461 38.67 36.20 13.07
C PRO B 461 39.01 36.25 11.59
N SER B 462 40.25 35.89 11.27
CA SER B 462 40.69 35.82 9.89
C SER B 462 40.62 34.40 9.33
N ALA B 463 40.92 33.40 10.16
CA ALA B 463 40.89 32.00 9.76
C ALA B 463 39.97 31.25 10.72
N LEU B 464 38.67 31.25 10.40
CA LEU B 464 37.68 30.56 11.21
C LEU B 464 37.09 29.33 10.54
N ARG B 465 36.89 29.38 9.22
CA ARG B 465 36.31 28.25 8.51
C ARG B 465 37.29 27.11 8.29
N GLU B 466 38.60 27.37 8.40
CA GLU B 466 39.58 26.30 8.29
C GLU B 466 39.48 25.37 9.49
N THR B 467 39.66 24.08 9.24
CA THR B 467 39.58 23.09 10.32
C THR B 467 40.70 23.31 11.32
N VAL B 468 40.35 23.27 12.61
CA VAL B 468 41.30 23.54 13.68
C VAL B 468 41.96 22.23 14.09
N VAL B 469 43.28 22.26 14.17
CA VAL B 469 44.09 21.13 14.63
C VAL B 469 44.55 21.47 16.04
N GLU B 470 44.06 20.72 17.02
CA GLU B 470 44.22 21.09 18.41
C GLU B 470 44.82 19.96 19.23
N VAL B 471 45.45 20.35 20.34
CA VAL B 471 45.80 19.42 21.41
C VAL B 471 44.86 19.71 22.56
N PRO B 472 43.86 18.87 22.81
CA PRO B 472 42.79 19.24 23.75
C PRO B 472 43.30 19.35 25.19
N GLN B 473 42.60 20.19 25.95
CA GLN B 473 42.88 20.34 27.38
C GLN B 473 42.10 19.35 28.23
N VAL B 474 41.29 18.50 27.60
CA VAL B 474 40.51 17.50 28.34
C VAL B 474 41.45 16.36 28.73
N THR B 475 41.56 16.12 30.03
CA THR B 475 42.42 15.06 30.56
C THR B 475 41.56 13.94 31.14
N TRP B 476 42.24 12.92 31.68
CA TRP B 476 41.51 11.81 32.29
C TRP B 476 40.75 12.26 33.54
N GLU B 477 41.21 13.32 34.20
CA GLU B 477 40.49 13.87 35.34
C GLU B 477 39.15 14.45 34.92
N ASP B 478 39.07 15.02 33.72
CA ASP B 478 37.81 15.56 33.22
C ASP B 478 36.84 14.48 32.80
N ILE B 479 37.27 13.22 32.73
CA ILE B 479 36.41 12.12 32.33
C ILE B 479 35.90 11.44 33.59
N GLY B 480 34.59 11.48 33.81
CA GLY B 480 34.00 10.81 34.95
C GLY B 480 33.55 9.40 34.66
N GLY B 481 34.03 8.44 35.47
CA GLY B 481 33.68 7.06 35.23
C GLY B 481 34.40 6.49 34.02
N LEU B 482 33.80 5.43 33.46
CA LEU B 482 34.33 4.74 32.29
C LEU B 482 35.76 4.27 32.52
N GLU B 483 36.02 3.74 33.72
CA GLU B 483 37.36 3.28 34.05
C GLU B 483 37.79 2.10 33.17
N ASP B 484 36.88 1.16 32.92
CA ASP B 484 37.19 0.05 32.03
C ASP B 484 37.46 0.54 30.61
N VAL B 485 36.65 1.50 30.13
CA VAL B 485 36.88 2.06 28.81
C VAL B 485 38.20 2.81 28.76
N LYS B 486 38.52 3.54 29.84
CA LYS B 486 39.80 4.24 29.91
C LYS B 486 40.96 3.26 29.86
N ARG B 487 40.86 2.15 30.58
CA ARG B 487 41.91 1.14 30.55
C ARG B 487 42.06 0.52 29.17
N GLU B 488 40.93 0.20 28.53
CA GLU B 488 40.99 -0.36 27.18
C GLU B 488 41.63 0.62 26.20
N LEU B 489 41.27 1.90 26.30
CA LEU B 489 41.84 2.91 25.41
C LEU B 489 43.35 3.06 25.65
N GLN B 490 43.75 3.20 26.91
CA GLN B 490 45.15 3.38 27.23
C GLN B 490 45.99 2.13 26.98
N GLU B 491 45.38 0.96 26.89
CA GLU B 491 46.07 -0.25 26.51
C GLU B 491 45.96 -0.56 25.02
N LEU B 492 45.16 0.21 24.28
CA LEU B 492 44.98 -0.04 22.86
C LEU B 492 45.71 0.96 21.97
N VAL B 493 45.84 2.22 22.39
CA VAL B 493 46.53 3.22 21.61
C VAL B 493 47.85 3.65 22.23
N GLN B 494 47.95 3.73 23.56
CA GLN B 494 49.20 4.09 24.20
C GLN B 494 50.20 2.95 24.21
N TYR B 495 49.72 1.71 24.23
CA TYR B 495 50.62 0.56 24.21
C TYR B 495 51.47 0.48 22.94
N PRO B 496 50.91 0.58 21.73
CA PRO B 496 51.78 0.43 20.54
C PRO B 496 52.78 1.56 20.36
N VAL B 497 52.45 2.78 20.80
CA VAL B 497 53.33 3.91 20.52
C VAL B 497 54.57 3.90 21.41
N GLU B 498 54.57 3.12 22.48
CA GLU B 498 55.72 3.03 23.38
C GLU B 498 56.36 1.65 23.42
N HIS B 499 55.69 0.61 22.93
CA HIS B 499 56.25 -0.74 22.85
C HIS B 499 56.03 -1.29 21.44
N PRO B 500 56.80 -0.81 20.46
CA PRO B 500 56.64 -1.32 19.10
C PRO B 500 57.32 -2.66 18.88
N ASP B 501 58.40 -2.91 19.63
CA ASP B 501 59.15 -4.16 19.46
C ASP B 501 58.31 -5.37 19.85
N LYS B 502 57.56 -5.28 20.95
CA LYS B 502 56.75 -6.41 21.37
C LYS B 502 55.57 -6.63 20.44
N PHE B 503 55.03 -5.56 19.85
CA PHE B 503 53.99 -5.72 18.84
C PHE B 503 54.55 -6.35 17.57
N LEU B 504 55.78 -6.01 17.20
CA LEU B 504 56.38 -6.57 16.00
C LEU B 504 56.77 -8.03 16.19
N LYS B 505 57.16 -8.40 17.42
CA LYS B 505 57.61 -9.76 17.68
C LYS B 505 56.50 -10.78 17.46
N PHE B 506 55.29 -10.48 17.94
CA PHE B 506 54.17 -11.40 17.82
C PHE B 506 53.50 -11.36 16.45
N GLY B 507 53.91 -10.44 15.59
CA GLY B 507 53.37 -10.35 14.25
C GLY B 507 51.91 -9.94 14.20
N MET B 508 51.61 -8.72 14.65
CA MET B 508 50.25 -8.21 14.61
C MET B 508 50.30 -6.71 14.43
N THR B 509 49.62 -6.22 13.40
CA THR B 509 49.47 -4.77 13.23
C THR B 509 48.50 -4.24 14.28
N PRO B 510 48.90 -3.24 15.08
CA PRO B 510 47.98 -2.74 16.11
C PRO B 510 46.74 -2.12 15.51
N SER B 511 45.63 -2.25 16.23
CA SER B 511 44.34 -1.78 15.73
C SER B 511 44.33 -0.26 15.70
N LYS B 512 44.00 0.30 14.54
CA LYS B 512 43.91 1.74 14.34
C LYS B 512 42.46 2.09 14.02
N GLY B 513 41.84 2.86 14.90
CA GLY B 513 40.46 3.26 14.66
C GLY B 513 39.53 2.56 15.63
N VAL B 514 38.74 3.35 16.35
CA VAL B 514 37.81 2.84 17.34
C VAL B 514 36.46 3.53 17.13
N LEU B 515 35.39 2.74 17.03
CA LEU B 515 34.04 3.25 16.85
C LEU B 515 33.36 3.29 18.21
N PHE B 516 33.29 4.48 18.80
CA PHE B 516 32.59 4.64 20.08
C PHE B 516 31.10 4.68 19.84
N TYR B 517 30.39 3.65 20.27
CA TYR B 517 28.94 3.61 20.15
C TYR B 517 28.30 3.61 21.54
N GLY B 518 27.17 4.29 21.65
CA GLY B 518 26.49 4.42 22.91
C GLY B 518 25.44 5.51 22.89
N PRO B 519 24.85 5.80 24.05
CA PRO B 519 23.85 6.86 24.10
C PRO B 519 24.50 8.20 23.81
N PRO B 520 23.76 9.11 23.18
CA PRO B 520 24.31 10.43 22.89
C PRO B 520 24.56 11.24 24.15
N GLY B 521 25.57 12.10 24.09
CA GLY B 521 25.92 12.91 25.25
C GLY B 521 26.43 12.10 26.41
N CYS B 522 27.27 11.10 26.16
CA CYS B 522 27.77 10.22 27.21
C CYS B 522 29.28 10.27 27.38
N GLY B 523 30.01 10.97 26.52
CA GLY B 523 31.44 11.14 26.72
C GLY B 523 32.32 10.50 25.68
N LYS B 524 31.84 10.42 24.44
CA LYS B 524 32.67 9.86 23.37
C LYS B 524 33.68 10.89 22.86
N THR B 525 33.22 12.11 22.56
CA THR B 525 34.14 13.18 22.19
C THR B 525 35.08 13.51 23.34
N LEU B 526 34.57 13.49 24.57
CA LEU B 526 35.41 13.73 25.73
C LEU B 526 36.50 12.67 25.86
N LEU B 527 36.14 11.40 25.63
CA LEU B 527 37.12 10.33 25.70
C LEU B 527 38.16 10.46 24.59
N ALA B 528 37.73 10.83 23.38
CA ALA B 528 38.68 11.03 22.28
C ALA B 528 39.64 12.18 22.60
N LYS B 529 39.11 13.28 23.15
CA LYS B 529 39.97 14.40 23.51
C LYS B 529 40.94 14.04 24.62
N ALA B 530 40.48 13.23 25.59
CA ALA B 530 41.37 12.77 26.65
C ALA B 530 42.48 11.88 26.11
N ILE B 531 42.14 11.00 25.15
CA ILE B 531 43.15 10.17 24.50
C ILE B 531 44.16 11.04 23.77
N ALA B 532 43.67 12.07 23.07
CA ALA B 532 44.56 12.98 22.36
C ALA B 532 45.49 13.71 23.32
N ASN B 533 44.96 14.15 24.47
CA ASN B 533 45.77 14.91 25.41
C ASN B 533 46.78 14.03 26.14
N GLU B 534 46.39 12.81 26.48
CA GLU B 534 47.28 11.92 27.23
C GLU B 534 48.52 11.57 26.41
N CYS B 535 48.35 11.30 25.12
CA CYS B 535 49.47 11.00 24.24
C CYS B 535 50.11 12.26 23.66
N GLN B 536 49.58 13.44 23.98
CA GLN B 536 50.10 14.71 23.49
C GLN B 536 50.15 14.74 21.96
N ALA B 537 49.05 14.31 21.34
CA ALA B 537 48.92 14.26 19.90
C ALA B 537 47.84 15.22 19.44
N ASN B 538 47.96 15.67 18.19
CA ASN B 538 46.99 16.59 17.63
C ASN B 538 45.63 15.93 17.47
N PHE B 539 44.58 16.73 17.59
CA PHE B 539 43.20 16.23 17.56
C PHE B 539 42.43 16.95 16.47
N ILE B 540 41.84 16.19 15.55
CA ILE B 540 41.02 16.72 14.48
C ILE B 540 39.62 16.14 14.66
N SER B 541 38.66 17.01 14.97
CA SER B 541 37.29 16.60 15.18
C SER B 541 36.46 16.94 13.94
N ILE B 542 35.98 15.91 13.26
CA ILE B 542 35.09 16.09 12.11
C ILE B 542 33.68 15.80 12.57
N LYS B 543 32.95 16.85 12.96
CA LYS B 543 31.63 16.68 13.51
C LYS B 543 30.62 16.32 12.43
N GLY B 544 29.41 15.95 12.87
CA GLY B 544 28.32 15.65 11.97
C GLY B 544 27.93 16.76 11.03
N PRO B 545 27.89 18.02 11.47
CA PRO B 545 27.65 19.12 10.53
C PRO B 545 28.61 19.15 9.34
N GLU B 546 29.90 18.89 9.57
CA GLU B 546 30.86 18.91 8.46
C GLU B 546 30.59 17.79 7.47
N LEU B 547 30.34 16.58 7.97
CA LEU B 547 30.04 15.45 7.10
C LEU B 547 28.76 15.69 6.31
N LEU B 548 27.73 16.23 6.96
CA LEU B 548 26.47 16.49 6.27
C LEU B 548 26.63 17.59 5.23
N THR B 549 27.45 18.61 5.53
CA THR B 549 27.72 19.65 4.55
C THR B 549 28.45 19.09 3.34
N MET B 550 29.43 18.22 3.57
CA MET B 550 30.16 17.61 2.46
C MET B 550 29.28 16.67 1.65
N TRP B 551 28.32 16.01 2.31
CA TRP B 551 27.41 15.12 1.60
C TRP B 551 26.38 15.88 0.77
N PHE B 552 25.80 16.94 1.34
CA PHE B 552 24.72 17.66 0.66
C PHE B 552 25.22 18.38 -0.58
N GLY B 553 26.35 19.08 -0.46
CA GLY B 553 26.91 19.81 -1.57
C GLY B 553 27.71 18.95 -2.53
N GLU B 554 27.71 17.64 -2.36
CA GLU B 554 28.51 16.72 -3.16
C GLU B 554 29.99 17.09 -3.09
N SER B 555 30.43 17.49 -1.91
CA SER B 555 31.80 17.93 -1.65
C SER B 555 32.62 16.86 -0.96
N GLU B 556 32.44 15.60 -1.37
CA GLU B 556 33.24 14.51 -0.79
C GLU B 556 34.72 14.65 -1.10
N ALA B 557 35.08 15.38 -2.17
CA ALA B 557 36.48 15.63 -2.46
C ALA B 557 37.16 16.43 -1.35
N ASN B 558 36.40 17.15 -0.54
CA ASN B 558 36.97 17.83 0.62
C ASN B 558 37.38 16.86 1.71
N VAL B 559 36.76 15.68 1.77
CA VAL B 559 37.12 14.68 2.77
C VAL B 559 38.61 14.36 2.68
N ARG B 560 39.09 14.16 1.45
CA ARG B 560 40.52 13.97 1.20
C ARG B 560 41.35 15.03 1.90
N GLU B 561 40.97 16.30 1.72
CA GLU B 561 41.70 17.41 2.34
C GLU B 561 41.81 17.21 3.84
N ILE B 562 40.71 16.81 4.48
CA ILE B 562 40.72 16.59 5.92
C ILE B 562 41.79 15.57 6.28
N PHE B 563 41.80 14.43 5.57
CA PHE B 563 42.80 13.42 5.84
C PHE B 563 44.19 13.96 5.53
N ASP B 564 44.32 14.75 4.47
CA ASP B 564 45.59 15.39 4.17
C ASP B 564 46.04 16.26 5.33
N LYS B 565 45.09 16.98 5.95
CA LYS B 565 45.41 17.76 7.12
C LYS B 565 45.96 16.86 8.22
N ALA B 566 45.31 15.72 8.44
CA ALA B 566 45.79 14.78 9.44
C ALA B 566 47.14 14.20 9.05
N ARG B 567 47.43 14.16 7.74
CA ARG B 567 48.75 13.70 7.31
C ARG B 567 49.81 14.77 7.57
N GLN B 568 49.41 16.04 7.63
CA GLN B 568 50.34 17.13 7.87
C GLN B 568 50.36 17.58 9.32
N ALA B 569 49.59 16.94 10.19
CA ALA B 569 49.56 17.25 11.61
C ALA B 569 49.79 16.00 12.45
N ALA B 570 50.51 15.04 11.90
CA ALA B 570 50.76 13.79 12.60
C ALA B 570 51.64 14.03 13.83
N PRO B 571 51.39 13.31 14.94
CA PRO B 571 50.35 12.29 15.14
C PRO B 571 48.96 12.90 15.32
N CYS B 572 47.92 12.25 14.81
CA CYS B 572 46.56 12.75 14.90
C CYS B 572 45.65 11.71 15.52
N VAL B 573 44.56 12.20 16.11
CA VAL B 573 43.59 11.37 16.83
C VAL B 573 42.21 11.56 16.19
N LEU B 574 42.19 11.63 14.85
CA LEU B 574 41.01 11.93 14.04
C LEU B 574 39.71 11.40 14.62
N PHE B 575 38.71 12.25 14.76
CA PHE B 575 37.47 11.91 15.43
C PHE B 575 36.31 12.28 14.52
N PHE B 576 35.54 11.28 14.09
CA PHE B 576 34.38 11.50 13.23
C PHE B 576 33.12 11.46 14.09
N ASP B 577 32.83 12.59 14.72
CA ASP B 577 31.64 12.69 15.55
C ASP B 577 30.38 12.54 14.69
N GLU B 578 29.41 11.80 15.20
CA GLU B 578 28.16 11.49 14.50
C GLU B 578 28.44 10.87 13.14
N LEU B 579 29.09 9.70 13.17
CA LEU B 579 29.36 8.96 11.95
C LEU B 579 28.07 8.45 11.29
N ASP B 580 26.98 8.40 12.04
CA ASP B 580 25.67 8.01 11.51
C ASP B 580 24.82 9.21 11.14
N SER B 581 25.37 10.43 11.18
CA SER B 581 24.59 11.62 10.84
C SER B 581 24.14 11.58 9.38
N ILE B 582 25.03 11.13 8.48
CA ILE B 582 24.65 10.99 7.08
C ILE B 582 23.57 9.92 6.92
N ALA B 583 23.65 8.84 7.68
CA ALA B 583 22.60 7.83 7.64
C ALA B 583 21.31 8.33 8.27
N LYS B 584 21.41 9.15 9.31
CA LYS B 584 20.21 9.72 9.93
C LYS B 584 19.51 10.67 8.97
N ALA B 585 20.28 11.47 8.22
CA ALA B 585 19.69 12.42 7.29
C ALA B 585 19.01 11.75 6.10
N ARG B 586 19.28 10.47 5.87
CA ARG B 586 18.66 9.72 4.79
C ARG B 586 17.45 8.91 5.24
N GLY B 587 17.06 9.03 6.51
CA GLY B 587 15.91 8.30 7.02
C GLY B 587 16.25 7.42 8.20
N GLY B 588 17.43 6.82 8.18
CA GLY B 588 17.88 5.94 9.25
C GLY B 588 17.43 4.50 9.04
N GLY B 594 18.61 2.83 -0.24
CA GLY B 594 19.02 2.19 1.00
C GLY B 594 20.40 1.55 0.92
N GLY B 595 20.67 0.60 1.82
CA GLY B 595 21.93 -0.09 1.84
C GLY B 595 23.09 0.69 2.44
N ALA B 596 22.82 1.84 3.02
CA ALA B 596 23.84 2.73 3.65
C ALA B 596 24.88 3.07 2.58
N ALA B 597 26.16 3.17 2.95
CA ALA B 597 27.26 3.41 2.01
C ALA B 597 27.04 4.70 1.21
N ASP B 598 27.06 5.81 1.95
CA ASP B 598 26.84 7.13 1.35
C ASP B 598 28.13 7.64 0.73
N ARG B 599 28.03 8.80 0.05
CA ARG B 599 29.17 9.34 -0.68
C ARG B 599 30.32 9.70 0.26
N VAL B 600 30.02 10.50 1.29
CA VAL B 600 31.07 10.95 2.21
C VAL B 600 31.59 9.78 3.03
N ILE B 601 30.71 8.86 3.42
CA ILE B 601 31.15 7.68 4.17
C ILE B 601 32.01 6.79 3.27
N ASN B 602 31.69 6.70 1.98
CA ASN B 602 32.52 5.89 1.08
C ASN B 602 33.90 6.52 0.90
N GLN B 603 33.96 7.84 0.74
CA GLN B 603 35.26 8.50 0.66
C GLN B 603 36.03 8.36 1.97
N ILE B 604 35.33 8.37 3.10
CA ILE B 604 35.96 8.14 4.40
C ILE B 604 36.54 6.73 4.45
N LEU B 605 35.82 5.75 3.90
CA LEU B 605 36.33 4.38 3.83
C LEU B 605 37.58 4.30 2.97
N THR B 606 37.58 4.97 1.83
CA THR B 606 38.75 4.98 0.96
C THR B 606 39.95 5.61 1.65
N GLU B 607 39.73 6.73 2.35
CA GLU B 607 40.83 7.38 3.04
C GLU B 607 41.28 6.58 4.26
N MET B 608 40.38 5.83 4.89
CA MET B 608 40.78 4.93 5.97
C MET B 608 41.67 3.81 5.43
N ASP B 609 41.32 3.26 4.27
CA ASP B 609 42.17 2.26 3.64
C ASP B 609 43.53 2.85 3.28
N GLY B 610 43.55 4.12 2.84
CA GLY B 610 44.81 4.77 2.54
C GLY B 610 45.66 5.01 3.79
N MET B 611 45.02 5.41 4.89
CA MET B 611 45.72 5.77 6.11
C MET B 611 45.97 4.59 7.04
N SER B 612 45.49 3.40 6.70
CA SER B 612 45.78 2.23 7.52
C SER B 612 47.27 1.93 7.58
N THR B 613 48.02 2.36 6.58
CA THR B 613 49.47 2.17 6.55
C THR B 613 50.23 3.33 7.19
N LYS B 614 49.53 4.37 7.64
CA LYS B 614 50.20 5.49 8.30
C LYS B 614 50.79 5.05 9.64
N LYS B 615 49.99 4.40 10.48
CA LYS B 615 50.39 3.98 11.83
C LYS B 615 50.95 5.13 12.64
N ASN B 616 50.47 6.35 12.36
CA ASN B 616 50.78 7.52 13.15
C ASN B 616 49.55 8.34 13.48
N VAL B 617 48.40 8.05 12.88
CA VAL B 617 47.16 8.77 13.11
C VAL B 617 46.09 7.77 13.52
N PHE B 618 45.30 8.13 14.52
CA PHE B 618 44.19 7.30 14.98
C PHE B 618 42.88 7.90 14.48
N ILE B 619 41.95 7.02 14.12
CA ILE B 619 40.83 7.41 13.27
C ILE B 619 39.55 7.15 14.06
N ILE B 620 39.60 7.42 15.36
CA ILE B 620 38.46 7.22 16.28
C ILE B 620 37.15 7.72 15.69
N GLY B 621 36.09 6.94 15.82
CA GLY B 621 34.78 7.36 15.35
C GLY B 621 33.78 7.47 16.48
N ALA B 622 32.52 7.79 16.14
CA ALA B 622 31.48 7.92 17.14
C ALA B 622 30.12 7.76 16.47
N THR B 623 29.24 7.00 17.12
CA THR B 623 27.90 6.74 16.60
C THR B 623 26.92 6.74 17.76
N ASN B 624 25.98 7.68 17.76
CA ASN B 624 24.89 7.66 18.72
C ASN B 624 23.74 6.77 18.26
N ARG B 625 23.83 6.21 17.07
CA ARG B 625 22.88 5.22 16.57
C ARG B 625 23.65 4.22 15.72
N PRO B 626 24.37 3.30 16.36
CA PRO B 626 25.28 2.42 15.60
C PRO B 626 24.57 1.38 14.75
N ASP B 627 23.28 1.15 14.95
CA ASP B 627 22.57 0.15 14.15
C ASP B 627 22.51 0.56 12.69
N ILE B 628 22.19 1.83 12.42
CA ILE B 628 22.14 2.34 11.05
C ILE B 628 23.52 2.92 10.76
N ILE B 629 24.42 2.05 10.33
CA ILE B 629 25.76 2.45 9.93
C ILE B 629 26.21 1.54 8.80
N ASP B 630 27.19 2.00 8.04
CA ASP B 630 27.73 1.21 6.94
C ASP B 630 28.53 0.05 7.50
N PRO B 631 28.19 -1.20 7.17
CA PRO B 631 28.99 -2.34 7.67
C PRO B 631 30.42 -2.33 7.17
N ALA B 632 30.71 -1.60 6.09
CA ALA B 632 32.09 -1.52 5.61
C ALA B 632 32.98 -0.80 6.60
N ILE B 633 32.41 0.07 7.44
CA ILE B 633 33.19 0.75 8.47
C ILE B 633 33.71 -0.19 9.53
N LEU B 634 33.16 -1.41 9.61
CA LEU B 634 33.57 -2.42 10.58
C LEU B 634 34.36 -3.47 9.82
N ARG B 635 35.67 -3.24 9.70
CA ARG B 635 36.54 -4.11 8.91
C ARG B 635 37.99 -3.87 9.30
N PRO B 636 38.85 -4.89 9.25
CA PRO B 636 40.27 -4.67 9.54
C PRO B 636 40.88 -3.62 8.63
N GLY B 637 41.75 -2.80 9.20
CA GLY B 637 42.27 -1.61 8.54
C GLY B 637 41.40 -0.40 8.80
N ARG B 638 40.07 -0.60 8.73
CA ARG B 638 39.10 0.41 9.10
C ARG B 638 38.76 0.22 10.59
N LEU B 639 37.68 0.83 11.06
CA LEU B 639 37.32 0.79 12.48
C LEU B 639 36.89 -0.62 12.87
N ASP B 640 37.86 -1.45 13.27
CA ASP B 640 37.60 -2.82 13.68
C ASP B 640 37.21 -2.93 15.15
N GLN B 641 38.02 -2.36 16.04
CA GLN B 641 37.72 -2.40 17.45
C GLN B 641 36.49 -1.56 17.77
N LEU B 642 35.59 -2.09 18.58
CA LEU B 642 34.38 -1.39 19.00
C LEU B 642 34.35 -1.30 20.51
N ILE B 643 34.23 -0.09 21.03
CA ILE B 643 34.16 0.18 22.46
C ILE B 643 32.80 0.79 22.76
N TYR B 644 32.06 0.16 23.66
CA TYR B 644 30.74 0.63 24.05
C TYR B 644 30.85 1.60 25.20
N ILE B 645 30.25 2.78 25.04
CA ILE B 645 30.25 3.80 26.09
C ILE B 645 28.90 3.76 26.79
N PRO B 646 28.77 3.04 27.90
CA PRO B 646 27.47 2.85 28.53
C PRO B 646 27.06 4.08 29.33
N LEU B 647 25.77 4.11 29.67
CA LEU B 647 25.27 5.15 30.56
C LEU B 647 25.96 5.04 31.93
N PRO B 648 26.33 6.16 32.55
CA PRO B 648 27.04 6.08 33.82
C PRO B 648 26.20 5.42 34.89
N ASP B 649 26.85 4.62 35.73
CA ASP B 649 26.18 3.95 36.84
C ASP B 649 26.19 4.87 38.06
N GLU B 650 25.84 4.31 39.22
CA GLU B 650 25.78 5.13 40.43
C GLU B 650 27.15 5.69 40.79
N LYS B 651 28.21 4.88 40.65
CA LYS B 651 29.54 5.35 40.99
C LYS B 651 30.09 6.30 39.95
N SER B 652 29.80 6.05 38.67
CA SER B 652 30.33 6.90 37.60
C SER B 652 29.69 8.27 37.60
N ARG B 653 28.42 8.38 38.02
CA ARG B 653 27.75 9.67 38.02
C ARG B 653 28.35 10.61 39.06
N VAL B 654 28.86 10.08 40.17
CA VAL B 654 29.55 10.92 41.14
C VAL B 654 30.77 11.57 40.51
N ALA B 655 31.57 10.79 39.79
CA ALA B 655 32.75 11.33 39.12
C ALA B 655 32.37 12.30 38.02
N ILE B 656 31.28 12.01 37.30
CA ILE B 656 30.83 12.92 36.24
C ILE B 656 30.42 14.26 36.83
N LEU B 657 29.66 14.23 37.92
CA LEU B 657 29.22 15.48 38.55
C LEU B 657 30.40 16.23 39.16
N LYS B 658 31.36 15.51 39.75
CA LYS B 658 32.53 16.18 40.32
C LYS B 658 33.39 16.81 39.24
N ALA B 659 33.55 16.15 38.10
CA ALA B 659 34.35 16.70 37.02
C ALA B 659 33.66 17.90 36.36
N ASN B 660 32.33 17.90 36.32
CA ASN B 660 31.58 19.01 35.77
C ASN B 660 31.38 20.14 36.76
N LEU B 661 31.84 19.99 38.00
CA LEU B 661 31.70 21.01 39.02
C LEU B 661 33.02 21.39 39.67
N ARG B 662 34.15 20.96 39.10
CA ARG B 662 35.45 21.33 39.65
C ARG B 662 35.69 22.84 39.52
N LYS B 663 35.36 23.40 38.36
CA LYS B 663 35.52 24.85 38.18
C LYS B 663 34.48 25.62 38.97
N SER B 664 33.27 25.09 39.08
CA SER B 664 32.21 25.79 39.78
C SER B 664 32.45 25.74 41.29
N PRO B 665 32.22 26.85 42.00
CA PRO B 665 32.38 26.85 43.45
C PRO B 665 31.17 26.25 44.16
N VAL B 666 31.14 24.93 44.29
CA VAL B 666 30.01 24.24 44.90
C VAL B 666 30.25 24.14 46.41
N ALA B 667 29.23 24.47 47.19
CA ALA B 667 29.33 24.37 48.64
C ALA B 667 29.40 22.91 49.07
N LYS B 668 30.10 22.67 50.17
CA LYS B 668 30.31 21.30 50.65
C LYS B 668 29.03 20.67 51.19
N ASP B 669 28.02 21.46 51.55
CA ASP B 669 26.80 20.92 52.12
C ASP B 669 25.94 20.17 51.11
N VAL B 670 26.24 20.31 49.81
CA VAL B 670 25.47 19.57 48.81
C VAL B 670 25.84 18.09 48.86
N ASP B 671 24.99 17.27 48.25
CA ASP B 671 25.14 15.81 48.26
C ASP B 671 25.17 15.32 46.81
N LEU B 672 26.36 15.32 46.22
CA LEU B 672 26.49 14.87 44.83
C LEU B 672 26.36 13.36 44.71
N GLU B 673 26.87 12.60 45.70
CA GLU B 673 26.73 11.15 45.65
C GLU B 673 25.30 10.69 45.86
N PHE B 674 24.41 11.56 46.35
CA PHE B 674 22.98 11.28 46.39
C PHE B 674 22.29 11.68 45.10
N LEU B 675 22.73 12.78 44.48
CA LEU B 675 22.24 13.15 43.16
C LEU B 675 22.58 12.07 42.14
N ALA B 676 23.72 11.40 42.30
CA ALA B 676 24.04 10.25 41.46
C ALA B 676 23.05 9.12 41.68
N LYS B 677 22.66 8.88 42.93
CA LYS B 677 21.69 7.82 43.22
C LYS B 677 20.33 8.13 42.60
N MET B 678 19.88 9.38 42.71
CA MET B 678 18.55 9.71 42.25
C MET B 678 18.43 9.61 40.73
N THR B 679 19.38 10.20 40.01
CA THR B 679 19.38 10.11 38.55
C THR B 679 19.84 8.73 38.12
N ASN B 680 18.97 8.01 37.41
CA ASN B 680 19.24 6.63 37.02
C ASN B 680 19.70 6.52 35.57
N GLY B 681 18.88 6.99 34.63
CA GLY B 681 19.21 6.87 33.22
C GLY B 681 19.85 8.11 32.65
N PHE B 682 20.43 8.94 33.51
CA PHE B 682 20.99 10.21 33.08
C PHE B 682 22.37 10.00 32.48
N SER B 683 22.58 10.57 31.30
CA SER B 683 23.88 10.51 30.65
C SER B 683 24.80 11.59 31.23
N GLY B 684 26.02 11.68 30.70
CA GLY B 684 26.91 12.75 31.09
C GLY B 684 26.39 14.11 30.69
N ALA B 685 25.75 14.19 29.51
CA ALA B 685 25.16 15.45 29.07
C ALA B 685 24.02 15.88 29.98
N ASP B 686 23.21 14.92 30.44
CA ASP B 686 22.10 15.28 31.33
C ASP B 686 22.59 15.83 32.66
N LEU B 687 23.61 15.19 33.25
CA LEU B 687 24.17 15.69 34.49
C LEU B 687 24.88 17.03 34.28
N THR B 688 25.52 17.21 33.12
CA THR B 688 26.14 18.49 32.81
C THR B 688 25.08 19.59 32.69
N GLU B 689 23.94 19.27 32.07
CA GLU B 689 22.85 20.23 32.02
C GLU B 689 22.31 20.54 33.41
N ILE B 690 22.25 19.52 34.27
CA ILE B 690 21.77 19.74 35.64
C ILE B 690 22.70 20.69 36.39
N CYS B 691 24.01 20.45 36.31
CA CYS B 691 24.94 21.32 37.02
C CYS B 691 25.02 22.71 36.39
N GLN B 692 24.87 22.79 35.06
CA GLN B 692 24.85 24.10 34.41
C GLN B 692 23.61 24.89 34.80
N ARG B 693 22.46 24.21 34.93
CA ARG B 693 21.26 24.90 35.39
C ARG B 693 21.36 25.32 36.85
N ALA B 694 22.02 24.50 37.68
CA ALA B 694 22.27 24.92 39.05
C ALA B 694 23.16 26.16 39.09
N CYS B 695 24.20 26.18 38.25
CA CYS B 695 25.06 27.36 38.15
C CYS B 695 24.26 28.57 37.64
N LYS B 696 23.37 28.35 36.68
CA LYS B 696 22.55 29.44 36.15
C LYS B 696 21.65 30.02 37.24
N LEU B 697 21.02 29.15 38.04
CA LEU B 697 20.19 29.65 39.13
C LEU B 697 21.02 30.38 40.18
N ALA B 698 22.23 29.87 40.47
CA ALA B 698 23.10 30.55 41.43
C ALA B 698 23.48 31.94 40.94
N ILE B 699 23.86 32.05 39.66
CA ILE B 699 24.21 33.35 39.09
C ILE B 699 23.00 34.27 39.05
N ARG B 700 21.82 33.72 38.74
CA ARG B 700 20.61 34.54 38.72
C ARG B 700 20.29 35.09 40.10
N GLU B 701 20.41 34.26 41.14
CA GLU B 701 20.17 34.72 42.50
C GLU B 701 21.20 35.77 42.91
N SER B 702 22.48 35.55 42.55
CA SER B 702 23.51 36.52 42.90
C SER B 702 23.27 37.85 42.20
N ILE B 703 22.89 37.83 40.92
CA ILE B 703 22.63 39.06 40.19
C ILE B 703 21.40 39.76 40.74
N GLU B 704 20.35 39.00 41.07
CA GLU B 704 19.16 39.60 41.67
C GLU B 704 19.49 40.27 42.99
N SER B 705 20.27 39.60 43.84
CA SER B 705 20.66 40.19 45.12
C SER B 705 21.50 41.45 44.92
N GLU B 706 22.43 41.41 43.97
CA GLU B 706 23.30 42.57 43.74
C GLU B 706 22.51 43.76 43.22
N ILE B 707 21.62 43.54 42.25
CA ILE B 707 20.84 44.65 41.71
C ILE B 707 19.82 45.15 42.72
N ARG B 708 19.30 44.26 43.58
CA ARG B 708 18.40 44.69 44.64
C ARG B 708 19.15 45.55 45.66
N ARG B 709 20.37 45.16 46.01
CA ARG B 709 21.17 45.95 46.94
C ARG B 709 21.53 47.31 46.32
N GLU B 710 21.86 47.32 45.03
CA GLU B 710 22.15 48.59 44.36
C GLU B 710 20.92 49.49 44.32
N ARG B 711 19.74 48.91 44.10
CA ARG B 711 18.50 49.67 44.15
C ARG B 711 18.02 49.95 45.57
N GLU B 712 18.66 49.36 46.58
CA GLU B 712 18.34 49.63 47.98
C GLU B 712 19.40 50.45 48.69
N ARG B 713 20.66 50.36 48.26
CA ARG B 713 21.74 51.11 48.88
C ARG B 713 22.38 52.08 47.89
N PRO B 727 26.91 38.86 48.91
CA PRO B 727 25.72 38.03 48.73
C PRO B 727 26.02 36.54 48.89
N VAL B 728 25.74 35.76 47.86
CA VAL B 728 25.96 34.31 47.89
C VAL B 728 27.37 34.03 47.34
N PRO B 729 28.20 33.26 48.06
CA PRO B 729 29.55 32.99 47.56
C PRO B 729 29.72 31.66 46.84
N GLU B 730 28.71 30.79 46.84
CA GLU B 730 28.85 29.45 46.28
C GLU B 730 27.47 28.92 45.90
N ILE B 731 27.48 27.87 45.10
CA ILE B 731 26.23 27.24 44.67
C ILE B 731 25.61 26.57 45.90
N ARG B 732 24.53 27.15 46.41
CA ARG B 732 23.90 26.61 47.61
C ARG B 732 23.09 25.36 47.28
N ARG B 733 22.51 24.76 48.32
CA ARG B 733 21.71 23.56 48.14
C ARG B 733 20.45 23.87 47.34
N ASP B 734 19.78 24.99 47.64
CA ASP B 734 18.51 25.30 47.00
C ASP B 734 18.65 25.48 45.50
N HIS B 735 19.83 25.92 45.03
CA HIS B 735 20.06 26.04 43.59
C HIS B 735 19.96 24.69 42.91
N PHE B 736 20.63 23.67 43.47
CA PHE B 736 20.51 22.33 42.92
C PHE B 736 19.10 21.79 43.10
N GLU B 737 18.45 22.12 44.21
CA GLU B 737 17.07 21.71 44.44
C GLU B 737 16.16 22.19 43.32
N GLU B 738 16.30 23.47 42.94
CA GLU B 738 15.48 24.01 41.87
C GLU B 738 15.91 23.50 40.50
N ALA B 739 17.21 23.27 40.30
CA ALA B 739 17.69 22.79 39.01
C ALA B 739 17.20 21.37 38.73
N MET B 740 17.12 20.54 39.76
CA MET B 740 16.68 19.16 39.57
C MET B 740 15.20 19.05 39.21
N ARG B 741 14.42 20.12 39.33
CA ARG B 741 13.03 20.09 38.93
C ARG B 741 12.87 19.98 37.41
N PHE B 742 13.88 20.38 36.65
CA PHE B 742 13.89 20.27 35.20
C PHE B 742 14.88 19.21 34.73
N ALA B 743 14.93 18.09 35.47
CA ALA B 743 15.93 17.06 35.22
C ALA B 743 15.64 16.33 33.91
N ARG B 744 16.51 16.52 32.93
CA ARG B 744 16.34 15.93 31.61
C ARG B 744 16.93 14.52 31.57
N ARG B 745 16.19 13.60 30.95
CA ARG B 745 16.68 12.25 30.65
C ARG B 745 16.52 12.05 29.15
N SER B 746 17.56 12.41 28.40
CA SER B 746 17.48 12.39 26.93
C SER B 746 17.28 10.98 26.40
N VAL B 747 18.03 10.02 26.93
CA VAL B 747 17.97 8.63 26.49
C VAL B 747 17.43 7.77 27.63
N SER B 748 16.40 6.99 27.35
CA SER B 748 15.79 6.15 28.37
C SER B 748 15.03 5.02 27.71
N ASP B 749 14.91 3.91 28.45
CA ASP B 749 14.07 2.76 28.08
C ASP B 749 14.58 2.15 26.78
N ASN B 750 13.76 2.00 25.75
CA ASN B 750 14.10 1.16 24.59
C ASN B 750 15.34 1.66 23.86
N ASP B 751 15.63 2.96 23.90
CA ASP B 751 16.85 3.47 23.27
C ASP B 751 18.08 2.81 23.87
N ILE B 752 18.14 2.73 25.21
CA ILE B 752 19.26 2.05 25.86
C ILE B 752 19.29 0.59 25.45
N ARG B 753 18.13 0.01 25.14
CA ARG B 753 18.10 -1.35 24.64
C ARG B 753 18.83 -1.48 23.31
N LYS B 754 18.62 -0.51 22.41
CA LYS B 754 19.12 -0.64 21.04
C LYS B 754 20.64 -0.83 21.03
N TYR B 755 21.37 0.03 21.74
CA TYR B 755 22.81 -0.12 21.85
C TYR B 755 23.17 -1.49 22.40
N GLU B 756 22.47 -1.92 23.47
CA GLU B 756 22.70 -3.25 24.01
C GLU B 756 22.44 -4.30 22.95
N MET B 757 21.37 -4.14 22.17
CA MET B 757 21.15 -5.02 21.02
C MET B 757 22.35 -4.98 20.09
N PHE B 758 22.77 -3.76 19.70
CA PHE B 758 23.95 -3.64 18.86
C PHE B 758 25.19 -4.16 19.59
N ALA B 759 25.18 -4.14 20.92
CA ALA B 759 26.24 -4.79 21.66
C ALA B 759 26.23 -6.29 21.41
N GLN B 760 25.07 -6.93 21.61
CA GLN B 760 24.98 -8.38 21.47
C GLN B 760 25.33 -8.81 20.05
N THR B 761 24.69 -8.18 19.06
CA THR B 761 24.98 -8.48 17.66
C THR B 761 26.44 -8.23 17.31
N LEU B 762 27.14 -7.41 18.10
CA LEU B 762 28.57 -7.19 17.88
C LEU B 762 29.44 -7.83 18.95
N GLN B 763 28.86 -8.37 20.04
CA GLN B 763 29.69 -9.10 20.98
C GLN B 763 30.02 -10.49 20.45
N GLN B 764 29.07 -11.10 19.73
CA GLN B 764 29.27 -12.34 18.98
C GLN B 764 29.89 -13.43 19.84
N SER B 765 29.29 -13.65 21.03
CA SER B 765 29.69 -14.79 21.84
C SER B 765 29.41 -16.09 21.11
N ARG B 766 28.22 -16.19 20.48
CA ARG B 766 27.84 -17.26 19.57
C ARG B 766 27.92 -18.65 20.21
N GLY B 767 27.82 -18.72 21.53
CA GLY B 767 27.91 -19.98 22.24
C GLY B 767 29.32 -20.49 22.45
N PHE B 768 30.34 -19.73 22.05
CA PHE B 768 31.73 -20.13 22.21
C PHE B 768 32.32 -19.72 23.56
N GLY B 769 31.52 -19.10 24.43
CA GLY B 769 32.01 -18.75 25.74
C GLY B 769 32.29 -19.99 26.59
N SER B 770 33.26 -19.84 27.50
CA SER B 770 33.69 -20.94 28.38
C SER B 770 34.10 -22.17 27.60
N PHE B 771 34.80 -21.95 26.49
CA PHE B 771 35.32 -23.03 25.66
C PHE B 771 36.74 -23.36 26.12
N ARG B 772 37.00 -24.63 26.40
CA ARG B 772 38.27 -25.07 26.95
C ARG B 772 38.93 -26.09 26.02
N PHE B 773 40.26 -25.95 25.87
CA PHE B 773 41.01 -26.92 25.10
C PHE B 773 41.20 -28.22 25.90
N PRO B 774 41.39 -29.34 25.22
CA PRO B 774 41.77 -30.57 25.92
C PRO B 774 43.24 -30.55 26.31
N SER B 775 43.56 -31.28 27.37
CA SER B 775 44.93 -31.36 27.86
C SER B 775 45.74 -32.35 27.04
N ARG C 22 87.78 -18.05 -29.00
CA ARG C 22 87.55 -19.22 -28.16
C ARG C 22 86.08 -19.28 -27.72
N PRO C 23 85.58 -20.49 -27.48
CA PRO C 23 84.21 -20.63 -26.96
C PRO C 23 84.02 -20.05 -25.57
N ASN C 24 85.11 -19.81 -24.83
CA ASN C 24 85.02 -19.26 -23.48
C ASN C 24 84.89 -17.75 -23.50
N ARG C 25 83.93 -17.24 -24.27
CA ARG C 25 83.63 -15.81 -24.31
C ARG C 25 82.11 -15.65 -24.23
N LEU C 26 81.66 -14.74 -23.38
CA LEU C 26 80.23 -14.66 -23.08
C LEU C 26 79.69 -13.24 -23.20
N ILE C 27 78.43 -13.03 -22.81
CA ILE C 27 77.79 -11.74 -22.86
C ILE C 27 77.46 -11.29 -21.44
N VAL C 28 77.72 -10.02 -21.15
CA VAL C 28 77.61 -9.47 -19.81
C VAL C 28 76.15 -9.19 -19.49
N ASP C 29 75.79 -9.41 -18.22
CA ASP C 29 74.46 -9.12 -17.72
C ASP C 29 74.58 -8.43 -16.37
N GLU C 30 73.53 -7.70 -15.99
CA GLU C 30 73.52 -7.04 -14.69
C GLU C 30 73.46 -8.09 -13.59
N ALA C 31 74.34 -7.94 -12.60
CA ALA C 31 74.46 -8.93 -11.54
C ALA C 31 73.36 -8.73 -10.50
N ILE C 32 72.80 -9.85 -10.03
CA ILE C 32 71.76 -9.80 -9.01
C ILE C 32 72.33 -9.64 -7.61
N ASN C 33 73.63 -9.82 -7.43
CA ASN C 33 74.28 -9.66 -6.14
C ASN C 33 74.92 -8.28 -6.03
N GLU C 34 75.38 -7.97 -4.82
CA GLU C 34 76.01 -6.68 -4.54
C GLU C 34 77.50 -6.77 -4.28
N ASP C 35 78.06 -7.97 -4.19
CA ASP C 35 79.48 -8.12 -3.89
C ASP C 35 80.33 -7.65 -5.07
N ASN C 36 81.42 -6.96 -4.77
CA ASN C 36 82.32 -6.46 -5.78
C ASN C 36 83.36 -7.52 -6.13
N SER C 37 83.85 -7.46 -7.37
CA SER C 37 84.84 -8.41 -7.90
C SER C 37 84.35 -9.85 -7.76
N VAL C 38 83.06 -10.05 -8.01
CA VAL C 38 82.43 -11.37 -7.93
C VAL C 38 81.66 -11.59 -9.23
N VAL C 39 81.91 -12.72 -9.88
CA VAL C 39 81.26 -13.08 -11.14
C VAL C 39 80.28 -14.20 -10.86
N SER C 40 79.03 -14.02 -11.28
CA SER C 40 78.00 -15.04 -11.12
C SER C 40 77.75 -15.71 -12.47
N LEU C 41 77.94 -17.02 -12.54
CA LEU C 41 77.84 -17.77 -13.78
C LEU C 41 77.03 -19.04 -13.56
N SER C 42 76.46 -19.55 -14.65
CA SER C 42 75.67 -20.78 -14.59
C SER C 42 76.58 -21.99 -14.38
N GLN C 43 76.06 -22.97 -13.66
CA GLN C 43 76.86 -24.16 -13.35
C GLN C 43 77.31 -24.95 -14.57
N PRO C 44 76.45 -25.27 -15.56
CA PRO C 44 76.97 -25.95 -16.75
C PRO C 44 78.04 -25.15 -17.48
N LYS C 45 77.87 -23.82 -17.56
CA LYS C 45 78.93 -22.99 -18.13
C LYS C 45 80.15 -22.96 -17.23
N MET C 46 79.96 -23.03 -15.91
CA MET C 46 81.08 -23.03 -14.99
C MET C 46 81.95 -24.26 -15.19
N ASP C 47 81.34 -25.44 -15.30
CA ASP C 47 82.13 -26.64 -15.53
C ASP C 47 82.66 -26.70 -16.97
N GLU C 48 81.93 -26.09 -17.91
CA GLU C 48 82.47 -25.96 -19.26
C GLU C 48 83.64 -25.00 -19.30
N LEU C 49 83.68 -24.04 -18.38
CA LEU C 49 84.77 -23.08 -18.26
C LEU C 49 85.85 -23.54 -17.28
N GLN C 50 85.73 -24.77 -16.76
CA GLN C 50 86.64 -25.32 -15.77
C GLN C 50 86.70 -24.42 -14.52
N LEU C 51 85.54 -24.29 -13.89
CA LEU C 51 85.39 -23.47 -12.69
C LEU C 51 84.84 -24.33 -11.57
N PHE C 52 85.44 -24.22 -10.39
CA PHE C 52 84.98 -24.93 -9.20
C PHE C 52 83.93 -24.10 -8.47
N ARG C 53 83.61 -24.50 -7.24
CA ARG C 53 82.61 -23.76 -6.46
C ARG C 53 83.06 -22.34 -6.17
N GLY C 54 84.34 -22.16 -5.83
CA GLY C 54 84.85 -20.84 -5.54
C GLY C 54 86.11 -20.51 -6.32
N ASP C 55 86.20 -21.03 -7.54
CA ASP C 55 87.38 -20.78 -8.36
C ASP C 55 87.41 -19.32 -8.81
N THR C 56 88.61 -18.78 -8.95
CA THR C 56 88.80 -17.41 -9.42
C THR C 56 88.75 -17.40 -10.94
N VAL C 57 87.91 -16.52 -11.50
CA VAL C 57 87.71 -16.42 -12.95
C VAL C 57 88.32 -15.11 -13.42
N LEU C 58 89.16 -15.19 -14.46
CA LEU C 58 89.83 -14.02 -15.02
C LEU C 58 89.15 -13.60 -16.31
N LEU C 59 89.03 -12.29 -16.50
CA LEU C 59 88.28 -11.72 -17.61
C LEU C 59 89.16 -10.75 -18.38
N LYS C 60 88.88 -10.63 -19.68
CA LYS C 60 89.56 -9.69 -20.56
C LYS C 60 88.51 -8.82 -21.23
N GLY C 61 88.61 -7.51 -21.05
CA GLY C 61 87.63 -6.57 -21.58
C GLY C 61 87.98 -6.09 -22.97
N LYS C 62 87.19 -5.11 -23.43
CA LYS C 62 87.41 -4.53 -24.75
C LYS C 62 88.69 -3.71 -24.82
N LYS C 63 89.19 -3.21 -23.69
CA LYS C 63 90.39 -2.40 -23.65
C LYS C 63 91.46 -3.15 -22.84
N ARG C 64 92.58 -2.47 -22.61
CA ARG C 64 93.75 -3.07 -21.96
C ARG C 64 93.56 -3.03 -20.46
N ARG C 65 92.72 -3.93 -19.96
CA ARG C 65 92.51 -4.07 -18.53
C ARG C 65 91.91 -5.44 -18.25
N GLU C 66 92.31 -6.03 -17.12
CA GLU C 66 91.81 -7.34 -16.70
C GLU C 66 91.47 -7.27 -15.21
N ALA C 67 90.60 -8.17 -14.77
CA ALA C 67 90.19 -8.22 -13.37
C ALA C 67 89.80 -9.64 -13.02
N VAL C 68 90.57 -10.25 -12.12
CA VAL C 68 90.25 -11.58 -11.61
C VAL C 68 89.14 -11.46 -10.56
N CYS C 69 88.15 -12.34 -10.64
CA CYS C 69 86.98 -12.26 -9.78
C CYS C 69 86.62 -13.65 -9.27
N ILE C 70 85.88 -13.67 -8.16
CA ILE C 70 85.37 -14.91 -7.59
C ILE C 70 84.16 -15.37 -8.39
N VAL C 71 84.16 -16.64 -8.79
CA VAL C 71 83.01 -17.20 -9.50
C VAL C 71 81.88 -17.45 -8.50
N LEU C 72 80.65 -17.42 -9.01
CA LEU C 72 79.47 -17.65 -8.18
C LEU C 72 78.47 -18.49 -8.98
N SER C 73 77.80 -19.40 -8.30
CA SER C 73 76.85 -20.32 -8.92
C SER C 73 75.44 -19.79 -8.70
N ASP C 74 74.90 -19.10 -9.71
CA ASP C 74 73.53 -18.61 -9.67
C ASP C 74 72.70 -19.35 -10.72
N ASP C 75 71.49 -19.72 -10.33
CA ASP C 75 70.58 -20.44 -11.21
C ASP C 75 69.62 -19.51 -11.95
N THR C 76 69.77 -18.19 -11.79
CA THR C 76 68.88 -17.23 -12.43
C THR C 76 69.38 -16.74 -13.78
N CYS C 77 70.52 -17.25 -14.26
CA CYS C 77 71.09 -16.84 -15.53
C CYS C 77 71.48 -18.07 -16.35
N SER C 78 71.52 -17.87 -17.66
CA SER C 78 71.87 -18.95 -18.58
C SER C 78 73.39 -19.04 -18.72
N ASP C 79 73.86 -19.86 -19.66
CA ASP C 79 75.29 -20.04 -19.85
C ASP C 79 75.93 -18.79 -20.45
N GLU C 80 75.30 -18.22 -21.49
CA GLU C 80 75.87 -17.05 -22.15
C GLU C 80 75.83 -15.83 -21.24
N LYS C 81 74.77 -15.69 -20.45
CA LYS C 81 74.64 -14.55 -19.54
C LYS C 81 75.60 -14.72 -18.37
N ILE C 82 76.65 -13.90 -18.32
CA ILE C 82 77.57 -13.87 -17.18
C ILE C 82 77.29 -12.59 -16.41
N ARG C 83 76.98 -12.73 -15.12
CA ARG C 83 76.58 -11.59 -14.31
C ARG C 83 77.82 -10.82 -13.85
N MET C 84 77.75 -9.49 -13.96
CA MET C 84 78.87 -8.65 -13.55
C MET C 84 78.33 -7.32 -13.05
N ASN C 85 78.97 -6.80 -11.99
CA ASN C 85 78.60 -5.51 -11.43
C ASN C 85 79.15 -4.38 -12.28
N ARG C 86 78.72 -3.15 -11.96
CA ARG C 86 79.31 -1.98 -12.60
C ARG C 86 80.77 -1.81 -12.20
N VAL C 87 81.16 -2.35 -11.04
CA VAL C 87 82.55 -2.26 -10.59
C VAL C 87 83.47 -2.99 -11.55
N VAL C 88 83.07 -4.19 -11.99
CA VAL C 88 83.86 -4.99 -12.90
C VAL C 88 83.40 -4.75 -14.33
N ARG C 89 82.69 -3.66 -14.56
CA ARG C 89 82.29 -3.23 -15.89
C ARG C 89 82.96 -1.94 -16.32
N ASN C 90 83.08 -0.96 -15.43
CA ASN C 90 83.75 0.29 -15.77
C ASN C 90 85.25 0.13 -15.90
N ASN C 91 85.85 -0.79 -15.13
CA ASN C 91 87.27 -1.05 -15.27
C ASN C 91 87.58 -1.90 -16.50
N LEU C 92 86.66 -2.79 -16.88
CA LEU C 92 86.84 -3.60 -18.07
C LEU C 92 86.44 -2.88 -19.35
N ARG C 93 85.96 -1.64 -19.25
CA ARG C 93 85.52 -0.83 -20.39
C ARG C 93 84.43 -1.53 -21.19
N VAL C 94 83.58 -2.28 -20.50
CA VAL C 94 82.53 -3.09 -21.12
C VAL C 94 81.18 -2.57 -20.62
N ARG C 95 80.34 -2.14 -21.54
CA ARG C 95 79.00 -1.70 -21.20
C ARG C 95 78.05 -2.89 -21.11
N LEU C 96 76.85 -2.63 -20.60
CA LEU C 96 75.86 -3.70 -20.42
C LEU C 96 75.35 -4.16 -21.78
N GLY C 97 75.60 -5.43 -22.10
CA GLY C 97 75.22 -5.98 -23.39
C GLY C 97 76.38 -6.08 -24.37
N ASP C 98 77.57 -6.39 -23.86
CA ASP C 98 78.76 -6.49 -24.67
C ASP C 98 79.42 -7.85 -24.46
N VAL C 99 80.44 -8.13 -25.26
CA VAL C 99 81.11 -9.43 -25.26
C VAL C 99 82.32 -9.34 -24.33
N ILE C 100 82.44 -10.31 -23.43
CA ILE C 100 83.54 -10.39 -22.48
C ILE C 100 84.34 -11.66 -22.75
N SER C 101 85.66 -11.52 -22.76
CA SER C 101 86.57 -12.63 -23.00
C SER C 101 87.06 -13.19 -21.68
N ILE C 102 87.04 -14.51 -21.54
CA ILE C 102 87.35 -15.19 -20.29
C ILE C 102 88.45 -16.21 -20.54
N GLN C 103 89.46 -16.23 -19.67
CA GLN C 103 90.49 -17.25 -19.68
C GLN C 103 91.07 -17.43 -18.28
N PRO C 104 90.92 -18.62 -17.69
CA PRO C 104 91.48 -18.85 -16.35
C PRO C 104 93.00 -18.93 -16.36
N CYS C 105 93.59 -18.57 -15.23
CA CYS C 105 95.03 -18.66 -15.04
C CYS C 105 95.35 -18.69 -13.54
N PRO C 106 95.30 -19.85 -12.91
CA PRO C 106 95.47 -19.91 -11.44
C PRO C 106 96.92 -19.93 -10.99
N ASP C 107 97.30 -18.93 -10.18
CA ASP C 107 98.58 -18.88 -9.50
C ASP C 107 98.32 -18.48 -8.06
N VAL C 108 99.17 -18.92 -7.14
CA VAL C 108 98.98 -18.61 -5.72
C VAL C 108 99.07 -17.10 -5.49
N LYS C 109 100.26 -16.53 -5.67
CA LYS C 109 100.52 -15.09 -5.69
C LYS C 109 99.74 -14.33 -4.61
N TYR C 110 100.01 -14.67 -3.35
CA TYR C 110 99.44 -13.93 -2.24
C TYR C 110 100.08 -12.54 -2.19
N GLY C 111 99.24 -11.51 -2.15
CA GLY C 111 99.68 -10.13 -2.27
C GLY C 111 100.72 -9.69 -1.25
N LYS C 112 101.77 -9.03 -1.72
CA LYS C 112 102.85 -8.53 -0.87
C LYS C 112 102.91 -7.01 -1.02
N ARG C 113 102.37 -6.31 -0.03
CA ARG C 113 102.41 -4.85 0.04
C ARG C 113 101.74 -4.22 -1.19
N ILE C 114 100.44 -4.48 -1.31
CA ILE C 114 99.65 -3.92 -2.41
C ILE C 114 99.54 -2.41 -2.23
N HIS C 115 99.15 -1.71 -3.29
CA HIS C 115 99.19 -0.26 -3.34
C HIS C 115 97.82 0.30 -3.71
N VAL C 116 96.78 -0.17 -3.02
CA VAL C 116 95.45 0.41 -3.18
C VAL C 116 95.50 1.87 -2.76
N LEU C 117 94.90 2.74 -3.57
CA LEU C 117 94.93 4.18 -3.37
C LEU C 117 93.54 4.77 -3.53
N PRO C 118 93.23 5.86 -2.82
CA PRO C 118 91.93 6.51 -2.97
C PRO C 118 91.92 7.55 -4.08
N ILE C 119 92.88 7.46 -5.00
CA ILE C 119 93.12 8.53 -5.97
C ILE C 119 91.89 8.62 -6.88
N ASP C 120 91.10 9.68 -6.68
CA ASP C 120 89.86 9.90 -7.42
C ASP C 120 89.27 11.26 -7.04
N ASP C 121 88.15 11.63 -7.65
CA ASP C 121 87.43 12.84 -7.28
C ASP C 121 86.37 12.58 -6.22
N THR C 122 86.17 11.33 -5.80
CA THR C 122 85.19 11.02 -4.77
C THR C 122 85.70 11.34 -3.37
N VAL C 123 87.00 11.45 -3.18
CA VAL C 123 87.57 11.75 -1.86
C VAL C 123 87.69 13.26 -1.78
N GLU C 124 86.58 13.90 -1.40
CA GLU C 124 86.52 15.33 -1.19
C GLU C 124 85.91 15.61 0.17
N GLY C 125 86.67 16.27 1.03
CA GLY C 125 86.18 16.57 2.37
C GLY C 125 86.07 15.37 3.29
N ILE C 126 86.76 14.27 2.97
CA ILE C 126 86.76 13.08 3.81
C ILE C 126 88.22 12.74 4.10
N THR C 127 88.65 13.01 5.32
CA THR C 127 90.04 12.79 5.74
C THR C 127 90.07 11.79 6.88
N GLY C 128 91.26 11.63 7.48
CA GLY C 128 91.42 10.75 8.62
C GLY C 128 91.96 9.38 8.24
N ASN C 129 91.43 8.34 8.90
CA ASN C 129 91.84 6.97 8.64
C ASN C 129 90.94 6.27 7.64
N LEU C 130 90.38 7.01 6.67
CA LEU C 130 89.52 6.41 5.67
C LEU C 130 90.24 5.36 4.83
N PHE C 131 91.58 5.37 4.85
CA PHE C 131 92.36 4.37 4.12
C PHE C 131 92.20 2.97 4.68
N GLU C 132 91.78 2.83 5.95
CA GLU C 132 91.70 1.51 6.58
C GLU C 132 90.45 1.26 7.39
N VAL C 133 89.61 2.25 7.69
CA VAL C 133 88.49 2.02 8.61
C VAL C 133 87.44 1.14 7.96
N TYR C 134 87.07 1.42 6.71
CA TYR C 134 86.10 0.60 6.00
C TYR C 134 86.74 -0.35 4.99
N LEU C 135 88.07 -0.38 4.91
CA LEU C 135 88.75 -1.35 4.06
C LEU C 135 89.05 -2.64 4.79
N LYS C 136 89.29 -2.58 6.10
CA LYS C 136 89.48 -3.81 6.87
C LYS C 136 88.29 -4.75 6.83
N PRO C 137 87.03 -4.29 7.05
CA PRO C 137 85.91 -5.24 6.99
C PRO C 137 85.65 -5.81 5.60
N TYR C 138 86.04 -5.10 4.53
CA TYR C 138 85.72 -5.54 3.18
C TYR C 138 86.96 -5.90 2.38
N PHE C 139 87.91 -4.98 2.23
CA PHE C 139 89.08 -5.22 1.38
C PHE C 139 90.09 -6.16 2.01
N LEU C 140 90.00 -6.39 3.32
CA LEU C 140 90.90 -7.30 4.03
C LEU C 140 90.14 -8.51 4.57
N GLU C 141 89.13 -8.97 3.84
CA GLU C 141 88.30 -10.07 4.27
C GLU C 141 87.90 -10.92 3.08
N ALA C 142 87.51 -12.17 3.37
CA ALA C 142 86.99 -13.14 2.41
C ALA C 142 87.99 -13.53 1.34
N TYR C 143 89.25 -13.10 1.46
CA TYR C 143 90.32 -13.43 0.50
C TYR C 143 89.90 -13.10 -0.93
N ARG C 144 89.34 -11.90 -1.11
CA ARG C 144 88.90 -11.47 -2.42
C ARG C 144 90.10 -11.20 -3.32
N PRO C 145 89.98 -11.43 -4.62
CA PRO C 145 91.10 -11.21 -5.53
C PRO C 145 91.32 -9.73 -5.81
N ILE C 146 92.58 -9.38 -6.09
CA ILE C 146 92.98 -8.00 -6.31
C ILE C 146 93.67 -7.91 -7.66
N ARG C 147 93.66 -6.70 -8.22
CA ARG C 147 94.34 -6.40 -9.48
C ARG C 147 94.75 -4.94 -9.46
N LYS C 148 95.78 -4.62 -10.23
CA LYS C 148 96.28 -3.26 -10.33
C LYS C 148 95.76 -2.60 -11.60
N GLY C 149 95.63 -1.27 -11.55
CA GLY C 149 95.15 -0.50 -12.67
C GLY C 149 93.64 -0.35 -12.76
N ASP C 150 92.89 -1.14 -12.00
CA ASP C 150 91.44 -1.06 -11.99
C ASP C 150 90.96 -0.42 -10.69
N ILE C 151 89.67 -0.10 -10.64
CA ILE C 151 89.06 0.60 -9.52
C ILE C 151 87.93 -0.26 -8.98
N PHE C 152 87.94 -0.49 -7.66
CA PHE C 152 86.83 -1.11 -6.97
C PHE C 152 86.12 -0.06 -6.12
N LEU C 153 85.03 -0.47 -5.48
CA LEU C 153 84.19 0.44 -4.74
C LEU C 153 83.94 -0.11 -3.33
N VAL C 154 83.97 0.79 -2.34
CA VAL C 154 83.70 0.44 -0.96
C VAL C 154 82.62 1.38 -0.42
N ARG C 155 81.59 0.82 0.19
CA ARG C 155 80.47 1.58 0.73
C ARG C 155 80.53 1.51 2.25
N GLY C 156 80.84 2.63 2.88
CA GLY C 156 80.90 2.69 4.33
C GLY C 156 80.86 4.13 4.81
N GLY C 157 80.35 4.32 6.03
CA GLY C 157 80.28 5.64 6.62
C GLY C 157 79.49 6.63 5.81
N MET C 158 78.37 6.19 5.23
CA MET C 158 77.53 7.00 4.33
C MET C 158 78.31 7.51 3.13
N ARG C 159 79.37 6.82 2.73
CA ARG C 159 80.21 7.24 1.62
C ARG C 159 80.52 6.06 0.71
N ALA C 160 80.34 6.24 -0.59
CA ALA C 160 80.74 5.26 -1.59
C ALA C 160 82.01 5.77 -2.24
N VAL C 161 83.13 5.13 -1.92
CA VAL C 161 84.45 5.59 -2.33
C VAL C 161 85.02 4.64 -3.37
N GLU C 162 85.54 5.20 -4.45
CA GLU C 162 86.18 4.44 -5.52
C GLU C 162 87.67 4.39 -5.24
N PHE C 163 88.20 3.19 -4.99
CA PHE C 163 89.60 2.98 -4.67
C PHE C 163 90.30 2.32 -5.84
N LYS C 164 91.40 2.90 -6.29
CA LYS C 164 92.25 2.33 -7.31
C LYS C 164 93.47 1.66 -6.67
N VAL C 165 93.97 0.61 -7.32
CA VAL C 165 95.14 -0.12 -6.84
C VAL C 165 96.23 -0.01 -7.90
N VAL C 166 97.43 0.34 -7.46
CA VAL C 166 98.53 0.63 -8.37
C VAL C 166 99.47 -0.55 -8.54
N GLU C 167 99.85 -1.21 -7.45
CA GLU C 167 100.76 -2.35 -7.48
C GLU C 167 100.16 -3.51 -6.71
N THR C 168 100.10 -4.68 -7.36
CA THR C 168 99.64 -5.93 -6.75
C THR C 168 100.60 -7.07 -7.09
N ASP C 169 101.90 -6.81 -6.92
CA ASP C 169 103.01 -7.71 -7.22
C ASP C 169 103.13 -7.90 -8.73
N PRO C 170 104.30 -8.30 -9.25
CA PRO C 170 104.44 -8.47 -10.72
C PRO C 170 103.70 -9.68 -11.24
N SER C 171 102.37 -9.60 -11.26
CA SER C 171 101.51 -10.64 -11.76
C SER C 171 100.14 -10.05 -12.07
N PRO C 172 99.47 -10.51 -13.13
CA PRO C 172 98.09 -10.08 -13.40
C PRO C 172 97.04 -10.78 -12.55
N TYR C 173 97.46 -11.55 -11.55
CA TYR C 173 96.57 -12.31 -10.69
C TYR C 173 97.04 -12.11 -9.26
N CYS C 174 96.20 -11.50 -8.43
CA CYS C 174 96.56 -11.23 -7.04
C CYS C 174 95.38 -11.52 -6.13
N ILE C 175 95.68 -12.08 -4.95
CA ILE C 175 94.70 -12.34 -3.91
C ILE C 175 95.13 -11.60 -2.66
N VAL C 176 94.16 -11.00 -1.96
CA VAL C 176 94.48 -10.26 -0.74
C VAL C 176 94.96 -11.23 0.34
N ALA C 177 95.82 -10.71 1.21
CA ALA C 177 96.47 -11.52 2.24
C ALA C 177 96.79 -10.60 3.42
N PRO C 178 97.04 -11.17 4.61
CA PRO C 178 97.39 -10.32 5.75
C PRO C 178 98.65 -9.50 5.56
N ASP C 179 99.56 -9.91 4.68
CA ASP C 179 100.78 -9.16 4.43
C ASP C 179 100.62 -8.15 3.29
N THR C 180 99.41 -7.92 2.81
CA THR C 180 99.18 -6.91 1.78
C THR C 180 99.39 -5.49 2.29
N VAL C 181 99.35 -5.29 3.61
CA VAL C 181 99.75 -4.05 4.28
C VAL C 181 98.83 -2.88 3.94
N ILE C 182 98.47 -2.73 2.67
CA ILE C 182 97.66 -1.64 2.13
C ILE C 182 98.17 -0.28 2.61
N HIS C 183 99.50 -0.15 2.64
CA HIS C 183 100.19 1.05 3.12
C HIS C 183 99.61 2.31 2.50
N CYS C 184 99.60 3.39 3.29
CA CYS C 184 98.89 4.61 2.93
C CYS C 184 99.76 5.51 2.06
N GLU C 185 99.31 5.75 0.83
CA GLU C 185 99.94 6.69 -0.07
C GLU C 185 98.88 7.48 -0.82
N GLY C 186 97.87 7.96 -0.07
CA GLY C 186 96.75 8.64 -0.71
C GLY C 186 97.16 9.94 -1.37
N GLU C 187 96.49 10.24 -2.48
CA GLU C 187 96.79 11.42 -3.27
C GLU C 187 95.50 11.92 -3.91
N PRO C 188 95.43 13.21 -4.27
CA PRO C 188 94.23 13.72 -4.95
C PRO C 188 94.29 13.56 -6.46
N ILE C 189 95.14 12.63 -6.93
CA ILE C 189 95.36 12.43 -8.37
C ILE C 189 94.03 12.24 -9.08
N LYS C 190 93.84 12.98 -10.17
CA LYS C 190 92.58 12.97 -10.91
C LYS C 190 92.39 11.64 -11.64
N ARG C 191 91.13 11.31 -11.89
CA ARG C 191 90.79 10.12 -12.65
C ARG C 191 90.95 10.36 -14.15
N GLU C 192 90.95 9.26 -14.90
CA GLU C 192 91.03 9.33 -16.36
C GLU C 192 89.64 9.21 -16.97
N ASP C 193 89.52 9.71 -18.20
CA ASP C 193 88.22 9.69 -18.89
C ASP C 193 87.78 8.28 -19.28
N GLU C 194 88.72 7.33 -19.37
CA GLU C 194 88.34 5.97 -19.73
C GLU C 194 87.47 5.34 -18.65
N GLU C 195 87.80 5.57 -17.38
CA GLU C 195 87.01 5.02 -16.28
C GLU C 195 85.71 5.79 -16.13
N GLU C 196 84.65 5.06 -15.76
CA GLU C 196 83.34 5.64 -15.54
C GLU C 196 83.10 5.83 -14.05
N SER C 197 82.54 6.98 -13.68
CA SER C 197 82.30 7.29 -12.28
C SER C 197 81.20 6.40 -11.72
N LEU C 198 81.55 5.61 -10.70
CA LEU C 198 80.56 4.77 -10.05
C LEU C 198 79.55 5.57 -9.25
N ASN C 199 79.89 6.80 -8.86
CA ASN C 199 78.90 7.68 -8.23
C ASN C 199 77.81 8.06 -9.21
N GLU C 200 78.14 8.13 -10.50
CA GLU C 200 77.13 8.39 -11.51
C GLU C 200 76.15 7.22 -11.59
N VAL C 201 74.91 7.52 -11.97
CA VAL C 201 73.83 6.54 -11.89
C VAL C 201 74.02 5.45 -12.94
N GLY C 202 73.34 4.34 -12.72
CA GLY C 202 73.38 3.20 -13.61
C GLY C 202 72.21 2.28 -13.37
N TYR C 203 72.30 1.07 -13.93
CA TYR C 203 71.22 0.09 -13.78
C TYR C 203 70.99 -0.27 -12.33
N ASP C 204 72.06 -0.36 -11.54
CA ASP C 204 71.94 -0.75 -10.14
C ASP C 204 71.28 0.32 -9.28
N ASP C 205 71.09 1.53 -9.80
CA ASP C 205 70.53 2.63 -9.02
C ASP C 205 69.00 2.70 -9.10
N ILE C 206 68.36 1.78 -9.80
CA ILE C 206 66.90 1.64 -9.79
C ILE C 206 66.57 0.25 -9.29
N GLY C 207 65.72 0.18 -8.28
CA GLY C 207 65.31 -1.09 -7.73
C GLY C 207 63.81 -1.30 -7.79
N GLY C 208 63.05 -0.21 -7.77
CA GLY C 208 61.60 -0.33 -7.73
C GLY C 208 60.96 -0.73 -9.03
N CYS C 209 61.73 -0.77 -10.12
CA CYS C 209 61.19 -1.11 -11.44
C CYS C 209 62.06 -2.19 -12.07
N ARG C 210 61.46 -3.36 -12.28
CA ARG C 210 62.14 -4.47 -12.94
C ARG C 210 61.64 -4.71 -14.35
N LYS C 211 60.33 -4.91 -14.51
CA LYS C 211 59.76 -5.08 -15.85
C LYS C 211 59.86 -3.79 -16.65
N GLN C 212 59.57 -2.65 -16.02
CA GLN C 212 59.59 -1.37 -16.73
C GLN C 212 61.00 -0.95 -17.12
N LEU C 213 62.02 -1.31 -16.33
CA LEU C 213 63.40 -1.05 -16.70
C LEU C 213 63.86 -1.97 -17.82
N ALA C 214 63.47 -3.24 -17.76
CA ALA C 214 63.82 -4.18 -18.82
C ALA C 214 63.14 -3.81 -20.14
N GLN C 215 61.95 -3.19 -20.06
CA GLN C 215 61.29 -2.74 -21.28
C GLN C 215 62.12 -1.67 -21.99
N ILE C 216 62.61 -0.68 -21.24
CA ILE C 216 63.47 0.35 -21.82
C ILE C 216 64.78 -0.25 -22.29
N LYS C 217 65.30 -1.24 -21.55
CA LYS C 217 66.54 -1.90 -21.94
C LYS C 217 66.38 -2.54 -23.32
N GLU C 218 65.33 -3.36 -23.50
CA GLU C 218 65.09 -3.97 -24.79
C GLU C 218 64.76 -2.93 -25.86
N MET C 219 64.14 -1.83 -25.46
CA MET C 219 63.76 -0.79 -26.42
C MET C 219 64.98 -0.09 -27.00
N VAL C 220 65.97 0.26 -26.16
CA VAL C 220 67.02 1.18 -26.56
C VAL C 220 68.40 0.54 -26.58
N GLU C 221 68.54 -0.75 -26.24
CA GLU C 221 69.86 -1.36 -26.29
C GLU C 221 70.33 -1.56 -27.73
N LEU C 222 69.46 -2.12 -28.57
CA LEU C 222 69.84 -2.36 -29.97
C LEU C 222 70.08 -1.06 -30.74
N PRO C 223 69.19 -0.05 -30.70
CA PRO C 223 69.46 1.18 -31.47
C PRO C 223 70.71 1.93 -31.02
N LEU C 224 71.09 1.86 -29.74
CA LEU C 224 72.22 2.61 -29.22
C LEU C 224 73.54 1.86 -29.36
N ARG C 225 73.59 0.60 -28.92
CA ARG C 225 74.83 -0.15 -28.97
C ARG C 225 75.25 -0.45 -30.40
N HIS C 226 74.29 -0.77 -31.27
CA HIS C 226 74.57 -1.13 -32.66
C HIS C 226 73.71 -0.31 -33.59
N PRO C 227 74.05 0.97 -33.81
CA PRO C 227 73.34 1.76 -34.82
C PRO C 227 73.63 1.33 -36.24
N ALA C 228 74.75 0.64 -36.47
CA ALA C 228 75.08 0.18 -37.81
C ALA C 228 74.08 -0.86 -38.31
N LEU C 229 73.55 -1.70 -37.42
CA LEU C 229 72.54 -2.66 -37.82
C LEU C 229 71.27 -1.95 -38.28
N PHE C 230 70.86 -0.89 -37.58
CA PHE C 230 69.68 -0.14 -37.98
C PHE C 230 69.92 0.62 -39.28
N LYS C 231 71.13 1.15 -39.46
CA LYS C 231 71.46 1.81 -40.73
C LYS C 231 71.48 0.80 -41.87
N ALA C 232 71.82 -0.45 -41.58
CA ALA C 232 71.89 -1.48 -42.61
C ALA C 232 70.50 -2.05 -42.90
N ILE C 233 69.86 -2.62 -41.90
CA ILE C 233 68.57 -3.29 -42.08
C ILE C 233 67.47 -2.23 -42.03
N GLY C 234 66.58 -2.27 -43.02
CA GLY C 234 65.48 -1.32 -43.03
C GLY C 234 64.49 -1.62 -41.91
N VAL C 235 64.55 -0.80 -40.85
CA VAL C 235 63.70 -0.94 -39.68
C VAL C 235 63.29 0.47 -39.27
N LYS C 236 62.23 0.55 -38.45
CA LYS C 236 61.84 1.82 -37.86
C LYS C 236 62.35 1.87 -36.42
N PRO C 237 63.50 2.50 -36.18
CA PRO C 237 64.08 2.49 -34.84
C PRO C 237 63.22 3.25 -33.85
N PRO C 238 63.20 2.83 -32.58
CA PRO C 238 62.47 3.60 -31.57
C PRO C 238 63.10 4.96 -31.34
N ARG C 239 62.41 6.01 -31.78
CA ARG C 239 62.87 7.39 -31.60
C ARG C 239 61.77 8.14 -30.88
N GLY C 240 61.78 8.06 -29.56
CA GLY C 240 60.77 8.68 -28.73
C GLY C 240 60.25 7.76 -27.67
N ILE C 241 60.38 8.17 -26.41
CA ILE C 241 59.89 7.41 -25.26
C ILE C 241 59.04 8.33 -24.41
N LEU C 242 58.00 7.77 -23.80
CA LEU C 242 57.00 8.53 -23.06
C LEU C 242 56.87 8.01 -21.64
N LEU C 243 58.01 7.89 -20.96
CA LEU C 243 58.02 7.49 -19.55
C LEU C 243 57.12 8.40 -18.74
N TYR C 244 56.01 7.88 -18.23
CA TYR C 244 55.08 8.68 -17.45
C TYR C 244 54.83 8.02 -16.10
N GLY C 245 54.58 8.85 -15.10
CA GLY C 245 54.36 8.39 -13.76
C GLY C 245 54.35 9.56 -12.80
N PRO C 246 54.04 9.31 -11.53
CA PRO C 246 54.01 10.39 -10.56
C PRO C 246 55.40 10.99 -10.40
N PRO C 247 55.48 12.28 -10.06
CA PRO C 247 56.79 12.91 -9.92
C PRO C 247 57.61 12.29 -8.80
N GLY C 248 58.92 12.24 -9.01
CA GLY C 248 59.81 11.63 -8.04
C GLY C 248 59.91 10.13 -8.12
N THR C 249 59.49 9.52 -9.22
CA THR C 249 59.51 8.07 -9.36
C THR C 249 60.78 7.57 -10.03
N GLY C 250 61.68 8.46 -10.43
CA GLY C 250 62.94 8.06 -11.03
C GLY C 250 62.98 8.03 -12.54
N LYS C 251 62.06 8.73 -13.21
CA LYS C 251 62.09 8.78 -14.67
C LYS C 251 63.37 9.43 -15.17
N THR C 252 63.75 10.56 -14.56
CA THR C 252 65.03 11.18 -14.89
C THR C 252 66.19 10.28 -14.50
N LEU C 253 66.10 9.62 -13.34
CA LEU C 253 67.13 8.67 -12.93
C LEU C 253 67.25 7.53 -13.92
N ILE C 254 66.12 6.99 -14.38
CA ILE C 254 66.13 5.88 -15.33
C ILE C 254 66.72 6.34 -16.66
N ALA C 255 66.36 7.55 -17.11
CA ALA C 255 66.89 8.07 -18.36
C ALA C 255 68.40 8.24 -18.29
N ARG C 256 68.90 8.83 -17.20
CA ARG C 256 70.34 8.98 -17.05
C ARG C 256 71.02 7.61 -16.96
N ALA C 257 70.41 6.67 -16.25
CA ALA C 257 70.95 5.33 -16.06
C ALA C 257 71.09 4.62 -17.39
N VAL C 258 69.98 4.31 -18.07
CA VAL C 258 70.15 3.78 -19.42
C VAL C 258 70.07 4.97 -20.39
N ALA C 259 71.02 5.88 -20.23
CA ALA C 259 71.60 6.67 -21.31
C ALA C 259 73.10 6.83 -21.17
N ASN C 260 73.66 6.68 -19.96
CA ASN C 260 75.10 6.71 -19.75
C ASN C 260 75.71 5.31 -19.70
N GLU C 261 75.02 4.35 -19.10
CA GLU C 261 75.53 2.98 -19.05
C GLU C 261 75.45 2.32 -20.43
N THR C 262 74.35 2.52 -21.13
CA THR C 262 74.17 1.95 -22.47
C THR C 262 74.78 2.86 -23.54
N GLY C 263 74.38 4.12 -23.57
CA GLY C 263 74.91 5.08 -24.50
C GLY C 263 76.16 5.77 -23.97
N ALA C 264 76.46 6.93 -24.57
CA ALA C 264 77.62 7.70 -24.18
C ALA C 264 77.33 9.17 -23.91
N PHE C 265 76.26 9.74 -24.46
CA PHE C 265 75.90 11.14 -24.23
C PHE C 265 74.44 11.20 -23.82
N PHE C 266 74.16 11.96 -22.76
CA PHE C 266 72.82 12.10 -22.22
C PHE C 266 72.51 13.58 -22.04
N PHE C 267 71.49 14.06 -22.75
CA PHE C 267 71.08 15.46 -22.68
C PHE C 267 69.88 15.58 -21.74
N LEU C 268 69.91 16.61 -20.89
CA LEU C 268 68.94 16.76 -19.82
C LEU C 268 68.36 18.18 -19.84
N ILE C 269 67.82 18.58 -21.00
CA ILE C 269 67.08 19.83 -21.06
C ILE C 269 65.94 19.77 -20.04
N ASN C 270 65.80 20.85 -19.26
CA ASN C 270 64.97 20.79 -18.05
C ASN C 270 63.49 20.68 -18.37
N GLY C 271 63.04 21.27 -19.47
CA GLY C 271 61.63 21.48 -19.72
C GLY C 271 61.16 22.87 -19.35
N PRO C 272 61.11 23.20 -18.04
CA PRO C 272 60.88 24.60 -17.67
C PRO C 272 61.94 25.54 -18.19
N GLU C 273 63.17 25.07 -18.43
CA GLU C 273 64.20 25.92 -19.01
C GLU C 273 63.80 26.41 -20.39
N ILE C 274 63.24 25.52 -21.22
CA ILE C 274 62.82 25.91 -22.55
C ILE C 274 61.49 26.66 -22.53
N MET C 275 60.66 26.45 -21.51
CA MET C 275 59.43 27.22 -21.36
C MET C 275 59.67 28.58 -20.72
N SER C 276 60.86 28.83 -20.19
CA SER C 276 61.15 30.02 -19.41
C SER C 276 61.93 31.08 -20.19
N LYS C 277 62.77 30.69 -21.13
CA LYS C 277 63.63 31.64 -21.81
C LYS C 277 62.81 32.53 -22.75
N LEU C 278 63.48 33.49 -23.37
CA LEU C 278 62.83 34.55 -24.13
C LEU C 278 62.47 34.08 -25.54
N ALA C 279 61.55 33.11 -25.59
CA ALA C 279 60.95 32.64 -26.83
C ALA C 279 61.98 32.19 -27.86
N GLY C 280 62.54 33.15 -28.60
CA GLY C 280 63.48 32.82 -29.66
C GLY C 280 64.73 32.13 -29.13
N GLU C 281 65.27 32.61 -28.00
CA GLU C 281 66.43 31.95 -27.41
C GLU C 281 66.07 30.56 -26.89
N SER C 282 64.86 30.40 -26.36
CA SER C 282 64.41 29.08 -25.91
C SER C 282 64.34 28.10 -27.07
N GLU C 283 63.78 28.53 -28.20
CA GLU C 283 63.71 27.65 -29.37
C GLU C 283 65.08 27.40 -29.95
N SER C 284 65.98 28.38 -29.86
CA SER C 284 67.36 28.16 -30.28
C SER C 284 68.03 27.09 -29.43
N ASN C 285 67.80 27.12 -28.11
CA ASN C 285 68.33 26.08 -27.24
C ASN C 285 67.71 24.72 -27.55
N LEU C 286 66.41 24.70 -27.86
CA LEU C 286 65.75 23.46 -28.24
C LEU C 286 66.36 22.87 -29.49
N ARG C 287 66.62 23.71 -30.50
CA ARG C 287 67.28 23.23 -31.71
C ARG C 287 68.71 22.78 -31.43
N LYS C 288 69.43 23.53 -30.60
CA LYS C 288 70.85 23.27 -30.37
C LYS C 288 71.06 21.99 -29.55
N ALA C 289 70.15 21.69 -28.62
CA ALA C 289 70.26 20.43 -27.89
C ALA C 289 70.14 19.24 -28.83
N PHE C 290 69.15 19.29 -29.73
CA PHE C 290 68.99 18.22 -30.72
C PHE C 290 70.19 18.14 -31.64
N GLU C 291 70.73 19.29 -32.05
CA GLU C 291 71.90 19.31 -32.92
C GLU C 291 73.11 18.67 -32.24
N GLU C 292 73.40 19.10 -31.00
CA GLU C 292 74.54 18.53 -30.28
C GLU C 292 74.34 17.05 -29.98
N ALA C 293 73.08 16.63 -29.80
CA ALA C 293 72.82 15.20 -29.66
C ALA C 293 73.14 14.45 -30.94
N GLU C 294 72.78 15.02 -32.10
CA GLU C 294 73.04 14.36 -33.37
C GLU C 294 74.43 14.69 -33.93
N LYS C 295 75.16 15.61 -33.29
CA LYS C 295 76.50 15.96 -33.78
C LYS C 295 77.58 15.18 -33.07
N ASN C 296 77.41 14.93 -31.77
CA ASN C 296 78.48 14.32 -30.98
C ASN C 296 78.55 12.82 -31.21
N ALA C 297 77.48 12.10 -30.87
CA ALA C 297 77.45 10.64 -30.94
C ALA C 297 76.00 10.17 -30.76
N PRO C 298 75.70 8.88 -31.00
CA PRO C 298 74.37 8.37 -30.62
C PRO C 298 74.05 8.67 -29.17
N ALA C 299 73.07 9.54 -28.95
CA ALA C 299 72.78 10.09 -27.63
C ALA C 299 71.29 9.93 -27.32
N ILE C 300 70.92 10.37 -26.12
CA ILE C 300 69.55 10.32 -25.64
C ILE C 300 69.15 11.71 -25.18
N ILE C 301 68.11 12.27 -25.79
CA ILE C 301 67.56 13.55 -25.38
C ILE C 301 66.42 13.29 -24.40
N PHE C 302 66.51 13.91 -23.22
CA PHE C 302 65.52 13.71 -22.17
C PHE C 302 64.74 15.00 -21.96
N ILE C 303 63.43 14.93 -22.11
CA ILE C 303 62.53 16.05 -21.85
C ILE C 303 61.84 15.76 -20.52
N ASP C 304 62.36 16.35 -19.45
CA ASP C 304 61.87 16.04 -18.11
C ASP C 304 60.45 16.54 -17.87
N GLU C 305 60.01 17.55 -18.61
CA GLU C 305 58.70 18.16 -18.39
C GLU C 305 57.98 18.35 -19.72
N LEU C 306 57.90 17.28 -20.51
CA LEU C 306 57.16 17.33 -21.77
C LEU C 306 55.70 17.74 -21.54
N ASP C 307 55.16 17.45 -20.36
CA ASP C 307 53.83 17.96 -20.02
C ASP C 307 53.82 19.47 -19.91
N ALA C 308 54.94 20.07 -19.50
CA ALA C 308 55.02 21.53 -19.39
C ALA C 308 55.34 22.17 -20.73
N ILE C 309 56.29 21.59 -21.48
CA ILE C 309 56.64 22.13 -22.80
C ILE C 309 55.46 22.00 -23.75
N ALA C 310 54.82 20.83 -23.76
CA ALA C 310 53.73 20.54 -24.71
C ALA C 310 52.51 20.06 -23.94
N PRO C 311 51.75 20.99 -23.34
CA PRO C 311 50.46 20.61 -22.76
C PRO C 311 49.39 20.48 -23.84
N LYS C 312 48.14 20.28 -23.43
CA LYS C 312 47.04 20.23 -24.38
C LYS C 312 46.94 21.52 -25.17
N ARG C 313 47.22 21.46 -26.48
CA ARG C 313 47.20 22.66 -27.30
C ARG C 313 45.81 23.26 -27.41
N GLU C 314 44.77 22.42 -27.30
CA GLU C 314 43.40 22.92 -27.41
C GLU C 314 43.05 23.87 -26.27
N LYS C 315 43.51 23.58 -25.07
CA LYS C 315 43.20 24.38 -23.90
C LYS C 315 44.18 25.53 -23.65
N THR C 316 45.24 25.63 -24.45
CA THR C 316 46.19 26.71 -24.29
C THR C 316 45.57 28.04 -24.73
N HIS C 317 45.99 29.11 -24.07
CA HIS C 317 45.49 30.45 -24.36
C HIS C 317 46.43 31.23 -25.26
N GLY C 318 47.70 31.35 -24.86
CA GLY C 318 48.67 32.04 -25.68
C GLY C 318 49.01 31.26 -26.94
N GLU C 319 49.60 31.97 -27.91
CA GLU C 319 49.99 31.36 -29.17
C GLU C 319 51.48 31.08 -29.26
N VAL C 320 52.31 31.81 -28.52
CA VAL C 320 53.73 31.51 -28.50
C VAL C 320 53.97 30.15 -27.85
N GLU C 321 53.15 29.78 -26.87
CA GLU C 321 53.21 28.40 -26.37
C GLU C 321 52.69 27.41 -27.41
N ARG C 322 51.70 27.80 -28.21
CA ARG C 322 51.30 26.97 -29.34
C ARG C 322 52.43 26.85 -30.35
N ARG C 323 53.18 27.94 -30.56
CA ARG C 323 54.35 27.86 -31.41
C ARG C 323 55.39 26.90 -30.85
N ILE C 324 55.58 26.92 -29.52
CA ILE C 324 56.53 25.99 -28.89
C ILE C 324 56.08 24.55 -29.10
N VAL C 325 54.79 24.28 -28.89
CA VAL C 325 54.28 22.92 -29.04
C VAL C 325 54.44 22.45 -30.48
N SER C 326 54.10 23.32 -31.44
CA SER C 326 54.18 22.92 -32.84
C SER C 326 55.63 22.77 -33.29
N GLN C 327 56.54 23.61 -32.77
CA GLN C 327 57.95 23.47 -33.12
C GLN C 327 58.51 22.18 -32.55
N LEU C 328 58.11 21.81 -31.33
CA LEU C 328 58.51 20.52 -30.78
C LEU C 328 57.97 19.37 -31.62
N LEU C 329 56.72 19.48 -32.06
CA LEU C 329 56.13 18.45 -32.91
C LEU C 329 56.89 18.29 -34.22
N THR C 330 57.22 19.42 -34.85
CA THR C 330 57.96 19.36 -36.11
C THR C 330 59.39 18.87 -35.92
N LEU C 331 60.02 19.22 -34.80
CA LEU C 331 61.35 18.71 -34.51
C LEU C 331 61.32 17.20 -34.31
N MET C 332 60.30 16.69 -33.61
CA MET C 332 60.19 15.25 -33.40
C MET C 332 59.87 14.53 -34.71
N ASP C 333 59.02 15.12 -35.55
CA ASP C 333 58.73 14.52 -36.85
C ASP C 333 59.96 14.51 -37.75
N GLY C 334 60.77 15.57 -37.71
CA GLY C 334 62.02 15.61 -38.44
C GLY C 334 63.16 14.89 -37.77
N LEU C 335 62.93 14.34 -36.58
CA LEU C 335 63.92 13.53 -35.87
C LEU C 335 63.93 12.10 -36.35
N LYS C 336 63.21 11.78 -37.44
CA LYS C 336 63.26 10.44 -38.01
C LYS C 336 64.62 10.13 -38.60
N GLN C 337 65.48 11.14 -38.77
CA GLN C 337 66.80 10.95 -39.37
C GLN C 337 67.81 10.54 -38.30
N ARG C 338 69.04 10.27 -38.77
CA ARG C 338 70.23 9.95 -37.99
C ARG C 338 70.19 8.55 -37.40
N ALA C 339 69.01 7.93 -37.39
CA ALA C 339 68.81 6.53 -37.04
C ALA C 339 69.43 6.08 -35.72
N HIS C 340 69.88 7.04 -34.88
CA HIS C 340 70.57 6.65 -33.66
C HIS C 340 70.28 7.53 -32.46
N VAL C 341 69.30 8.44 -32.51
CA VAL C 341 69.05 9.38 -31.43
C VAL C 341 67.71 9.01 -30.79
N ILE C 342 67.74 8.61 -29.52
CA ILE C 342 66.53 8.35 -28.77
C ILE C 342 66.12 9.63 -28.05
N VAL C 343 64.82 9.84 -27.90
CA VAL C 343 64.28 11.05 -27.29
C VAL C 343 63.32 10.61 -26.19
N MET C 344 63.81 10.55 -24.96
CA MET C 344 62.97 10.21 -23.82
C MET C 344 62.22 11.44 -23.33
N ALA C 345 60.98 11.24 -22.90
CA ALA C 345 60.14 12.30 -22.39
C ALA C 345 59.49 11.87 -21.09
N ALA C 346 59.49 12.76 -20.10
CA ALA C 346 58.91 12.48 -18.79
C ALA C 346 57.68 13.35 -18.57
N THR C 347 56.67 12.76 -17.92
CA THR C 347 55.42 13.45 -17.63
C THR C 347 54.73 12.72 -16.48
N ASN C 348 53.63 13.28 -16.00
CA ASN C 348 52.90 12.69 -14.90
C ASN C 348 51.79 11.76 -15.35
N ARG C 349 51.25 11.95 -16.56
CA ARG C 349 50.16 11.13 -17.07
C ARG C 349 50.07 11.32 -18.57
N PRO C 350 49.62 10.31 -19.32
CA PRO C 350 49.56 10.45 -20.78
C PRO C 350 48.35 11.21 -21.28
N ASN C 351 47.28 11.30 -20.49
CA ASN C 351 46.07 12.01 -20.90
C ASN C 351 46.14 13.51 -20.64
N SER C 352 47.32 14.03 -20.30
CA SER C 352 47.52 15.46 -20.13
C SER C 352 48.32 16.11 -21.26
N ILE C 353 49.09 15.33 -22.00
CA ILE C 353 49.81 15.84 -23.16
C ILE C 353 48.82 15.98 -24.31
N ASP C 354 49.08 16.96 -25.17
CA ASP C 354 48.25 17.16 -26.36
C ASP C 354 48.25 15.89 -27.21
N PRO C 355 47.09 15.46 -27.72
CA PRO C 355 47.06 14.21 -28.50
C PRO C 355 47.72 14.33 -29.87
N ALA C 356 48.94 14.84 -29.89
CA ALA C 356 49.78 14.87 -31.08
C ALA C 356 51.20 14.39 -30.82
N LEU C 357 51.68 14.42 -29.59
CA LEU C 357 52.95 13.82 -29.21
C LEU C 357 52.85 12.32 -28.96
N ARG C 358 51.76 11.69 -29.40
CA ARG C 358 51.60 10.24 -29.31
C ARG C 358 51.50 9.60 -30.69
N ARG C 359 51.77 10.35 -31.75
CA ARG C 359 51.70 9.84 -33.11
C ARG C 359 52.89 8.94 -33.39
N PHE C 360 52.85 8.29 -34.55
CA PHE C 360 53.93 7.39 -34.96
C PHE C 360 55.24 8.15 -35.12
N GLY C 361 56.31 7.61 -34.53
CA GLY C 361 57.61 8.24 -34.59
C GLY C 361 57.84 9.34 -33.57
N ARG C 362 56.84 9.69 -32.79
CA ARG C 362 56.93 10.75 -31.78
C ARG C 362 56.34 10.21 -30.48
N PHE C 363 57.18 9.64 -29.62
CA PHE C 363 56.79 9.11 -28.32
C PHE C 363 55.64 8.10 -28.46
N ASP C 364 55.76 7.24 -29.46
CA ASP C 364 54.71 6.25 -29.70
C ASP C 364 54.71 5.13 -28.66
N ARG C 365 55.78 5.00 -27.88
CA ARG C 365 55.91 3.93 -26.90
C ARG C 365 55.77 4.50 -25.49
N GLU C 366 54.82 3.98 -24.73
CA GLU C 366 54.61 4.36 -23.35
C GLU C 366 55.08 3.23 -22.44
N VAL C 367 55.94 3.58 -21.49
CA VAL C 367 56.66 2.60 -20.67
C VAL C 367 56.37 2.86 -19.19
N ASP C 368 55.13 3.23 -18.90
CA ASP C 368 54.65 3.73 -17.60
C ASP C 368 55.36 3.14 -16.40
N ILE C 369 55.85 4.01 -15.52
CA ILE C 369 56.65 3.59 -14.37
C ILE C 369 55.79 3.19 -13.19
N GLY C 370 54.86 4.06 -12.78
CA GLY C 370 53.97 3.75 -11.69
C GLY C 370 54.62 3.82 -10.32
N ILE C 371 53.80 3.89 -9.28
CA ILE C 371 54.33 3.96 -7.91
C ILE C 371 55.08 2.67 -7.59
N PRO C 372 56.23 2.74 -6.92
CA PRO C 372 56.89 1.50 -6.48
C PRO C 372 55.98 0.69 -5.57
N ASP C 373 56.02 -0.62 -5.74
CA ASP C 373 55.05 -1.52 -5.13
C ASP C 373 55.74 -2.54 -4.25
N ALA C 374 55.30 -2.60 -2.98
CA ALA C 374 55.72 -3.62 -2.03
C ALA C 374 57.23 -3.78 -1.96
N THR C 375 57.71 -4.98 -2.32
CA THR C 375 59.14 -5.26 -2.26
C THR C 375 59.94 -4.31 -3.13
N GLY C 376 59.33 -3.78 -4.19
CA GLY C 376 60.00 -2.77 -5.00
C GLY C 376 60.45 -1.58 -4.19
N ARG C 377 59.58 -1.10 -3.29
CA ARG C 377 60.00 -0.06 -2.35
C ARG C 377 61.18 -0.53 -1.52
N LEU C 378 61.11 -1.77 -1.04
CA LEU C 378 62.27 -2.39 -0.40
C LEU C 378 63.47 -2.36 -1.35
N GLU C 379 63.26 -2.74 -2.60
CA GLU C 379 64.35 -2.73 -3.58
C GLU C 379 64.87 -1.33 -3.84
N ILE C 380 64.13 -0.30 -3.44
CA ILE C 380 64.65 1.06 -3.51
C ILE C 380 65.50 1.38 -2.29
N LEU C 381 65.03 0.95 -1.11
CA LEU C 381 65.69 1.32 0.14
C LEU C 381 67.13 0.84 0.17
N GLN C 382 67.36 -0.41 -0.24
CA GLN C 382 68.73 -0.95 -0.26
C GLN C 382 69.63 -0.17 -1.20
N ILE C 383 69.08 0.53 -2.19
CA ILE C 383 69.92 1.36 -3.04
C ILE C 383 70.37 2.62 -2.30
N HIS C 384 69.51 3.18 -1.45
CA HIS C 384 69.85 4.37 -0.69
C HIS C 384 70.43 4.05 0.68
N THR C 385 70.63 2.77 0.99
CA THR C 385 71.18 2.34 2.28
C THR C 385 72.52 1.65 2.13
N LYS C 386 72.85 1.13 0.94
CA LYS C 386 74.10 0.39 0.75
C LYS C 386 75.31 1.25 1.07
N ASN C 387 75.32 2.50 0.61
CA ASN C 387 76.38 3.42 0.99
C ASN C 387 76.30 3.78 2.47
N MET C 388 75.08 3.83 3.02
CA MET C 388 74.86 4.15 4.42
C MET C 388 75.11 2.89 5.27
N LYS C 389 74.74 2.97 6.54
CA LYS C 389 74.73 1.82 7.44
C LYS C 389 73.30 1.56 7.90
N LEU C 390 73.08 0.37 8.45
CA LEU C 390 71.74 -0.02 8.86
C LEU C 390 71.71 -0.72 10.22
N ALA C 391 72.84 -0.81 10.92
CA ALA C 391 72.95 -1.46 12.24
C ALA C 391 72.51 -2.92 12.06
N ASP C 392 71.75 -3.49 13.00
CA ASP C 392 71.30 -4.86 12.89
C ASP C 392 69.85 -5.08 13.30
N ASP C 393 69.14 -4.05 13.77
CA ASP C 393 67.78 -4.20 14.25
C ASP C 393 66.73 -3.65 13.30
N VAL C 394 67.14 -3.12 12.14
CA VAL C 394 66.18 -2.54 11.21
C VAL C 394 65.40 -3.65 10.51
N ASP C 395 64.09 -3.44 10.40
CA ASP C 395 63.21 -4.35 9.66
C ASP C 395 62.89 -3.66 8.33
N LEU C 396 63.77 -3.86 7.35
CA LEU C 396 63.60 -3.20 6.05
C LEU C 396 62.32 -3.64 5.35
N GLU C 397 61.93 -4.90 5.52
CA GLU C 397 60.66 -5.35 4.95
C GLU C 397 59.47 -4.68 5.62
N GLN C 398 59.56 -4.43 6.93
CA GLN C 398 58.46 -3.77 7.63
C GLN C 398 58.33 -2.32 7.21
N VAL C 399 59.45 -1.59 7.15
CA VAL C 399 59.40 -0.21 6.70
C VAL C 399 59.03 -0.13 5.21
N ALA C 400 59.32 -1.18 4.44
CA ALA C 400 58.87 -1.22 3.06
C ALA C 400 57.35 -1.41 2.99
N ASN C 401 56.80 -2.25 3.86
CA ASN C 401 55.35 -2.34 3.97
C ASN C 401 54.75 -1.12 4.65
N GLU C 402 55.59 -0.33 5.34
CA GLU C 402 55.11 0.86 6.03
C GLU C 402 55.02 2.07 5.10
N THR C 403 55.84 2.11 4.06
CA THR C 403 55.97 3.28 3.20
C THR C 403 55.01 3.22 2.01
N HIS C 404 53.74 2.95 2.29
CA HIS C 404 52.75 2.82 1.23
C HIS C 404 52.40 4.19 0.67
N GLY C 405 52.41 4.29 -0.66
CA GLY C 405 52.12 5.54 -1.33
C GLY C 405 53.30 6.47 -1.52
N HIS C 406 54.52 5.97 -1.40
CA HIS C 406 55.72 6.78 -1.54
C HIS C 406 56.40 6.46 -2.86
N VAL C 407 56.71 7.50 -3.64
CA VAL C 407 57.53 7.36 -4.83
C VAL C 407 58.98 7.20 -4.40
N GLY C 408 59.86 6.84 -5.34
CA GLY C 408 61.26 6.64 -5.03
C GLY C 408 61.96 7.85 -4.46
N ALA C 409 61.45 9.06 -4.75
CA ALA C 409 62.03 10.26 -4.16
C ALA C 409 61.77 10.31 -2.66
N ASP C 410 60.58 9.91 -2.22
CA ASP C 410 60.27 9.88 -0.80
C ASP C 410 61.15 8.86 -0.08
N LEU C 411 61.36 7.69 -0.68
CA LEU C 411 62.26 6.70 -0.10
C LEU C 411 63.70 7.20 -0.04
N ALA C 412 64.12 7.97 -1.05
CA ALA C 412 65.43 8.61 -0.98
C ALA C 412 65.48 9.65 0.12
N ALA C 413 64.39 10.39 0.33
CA ALA C 413 64.32 11.32 1.44
C ALA C 413 64.14 10.58 2.77
N LEU C 414 63.38 9.48 2.77
CA LEU C 414 63.22 8.69 3.98
C LEU C 414 64.55 8.11 4.43
N CYS C 415 65.35 7.61 3.49
CA CYS C 415 66.69 7.13 3.83
C CYS C 415 67.64 8.26 4.17
N SER C 416 67.36 9.48 3.73
CA SER C 416 68.18 10.63 4.07
C SER C 416 67.74 11.31 5.36
N GLU C 417 66.43 11.27 5.68
CA GLU C 417 65.97 11.87 6.92
C GLU C 417 66.31 11.01 8.13
N ALA C 418 66.31 9.69 7.97
CA ALA C 418 66.75 8.82 9.07
C ALA C 418 68.24 8.94 9.31
N ALA C 419 69.03 9.01 8.23
CA ALA C 419 70.47 9.22 8.37
C ALA C 419 70.76 10.56 9.03
N LEU C 420 70.03 11.61 8.63
CA LEU C 420 70.21 12.91 9.25
C LEU C 420 69.76 12.91 10.71
N GLN C 421 68.72 12.13 11.03
CA GLN C 421 68.30 11.99 12.43
C GLN C 421 69.40 11.35 13.26
N ALA C 422 70.02 10.29 12.73
CA ALA C 422 71.13 9.65 13.44
C ALA C 422 72.30 10.61 13.59
N ILE C 423 72.62 11.35 12.53
CA ILE C 423 73.73 12.31 12.60
C ILE C 423 73.45 13.39 13.63
N ARG C 424 72.23 13.91 13.65
CA ARG C 424 71.89 14.98 14.59
C ARG C 424 71.79 14.48 16.02
N LYS C 425 71.46 13.20 16.22
CA LYS C 425 71.54 12.65 17.56
C LYS C 425 72.98 12.41 17.99
N LYS C 426 73.87 12.12 17.05
CA LYS C 426 75.29 12.02 17.36
C LYS C 426 75.98 13.37 17.47
N MET C 427 75.33 14.45 17.02
CA MET C 427 75.92 15.78 17.16
C MET C 427 76.05 16.17 18.63
N ASP C 428 75.04 15.82 19.44
CA ASP C 428 75.13 16.09 20.87
C ASP C 428 76.21 15.26 21.55
N LEU C 429 76.43 14.03 21.07
CA LEU C 429 77.47 13.19 21.64
C LEU C 429 78.86 13.73 21.31
N ILE C 430 79.09 14.10 20.05
CA ILE C 430 80.36 14.64 19.60
C ILE C 430 80.17 16.15 19.47
N ASP C 431 80.51 16.88 20.52
CA ASP C 431 80.33 18.32 20.53
C ASP C 431 81.51 19.02 19.85
N LEU C 432 81.27 20.28 19.49
CA LEU C 432 82.26 21.23 18.96
C LEU C 432 82.77 20.84 17.58
N GLU C 433 82.28 19.74 16.99
CA GLU C 433 82.80 19.25 15.72
C GLU C 433 82.51 20.21 14.56
N ASP C 434 83.55 20.90 14.08
CA ASP C 434 83.47 21.64 12.82
C ASP C 434 84.75 21.33 12.04
N GLU C 435 84.73 20.19 11.35
CA GLU C 435 85.85 19.71 10.55
C GLU C 435 85.27 18.92 9.38
N THR C 436 86.12 18.10 8.74
CA THR C 436 85.62 17.09 7.81
C THR C 436 84.92 15.94 8.50
N ILE C 437 84.97 15.90 9.83
CA ILE C 437 84.32 14.89 10.69
C ILE C 437 84.85 13.50 10.32
N ASP C 438 86.06 13.45 9.77
CA ASP C 438 86.81 12.22 9.52
C ASP C 438 85.94 11.24 8.72
N ALA C 439 86.21 9.93 8.88
CA ALA C 439 85.34 8.90 8.34
C ALA C 439 85.16 7.73 9.30
N GLU C 440 85.71 7.80 10.51
CA GLU C 440 85.63 6.73 11.49
C GLU C 440 84.37 6.81 12.33
N VAL C 441 83.97 8.02 12.74
CA VAL C 441 82.72 8.18 13.48
C VAL C 441 81.54 7.86 12.57
N MET C 442 81.64 8.19 11.27
CA MET C 442 80.60 7.82 10.33
C MET C 442 80.51 6.31 10.17
N ASN C 443 81.65 5.62 10.21
CA ASN C 443 81.64 4.16 10.24
C ASN C 443 80.98 3.65 11.52
N SER C 444 81.24 4.32 12.65
CA SER C 444 80.59 3.95 13.89
C SER C 444 79.11 4.30 13.92
N LEU C 445 78.65 5.14 12.99
CA LEU C 445 77.23 5.49 12.93
C LEU C 445 76.42 4.26 12.54
N ALA C 446 75.36 3.99 13.32
CA ALA C 446 74.50 2.83 13.10
C ALA C 446 73.05 3.30 13.16
N VAL C 447 72.45 3.49 11.99
CA VAL C 447 71.05 3.91 11.94
C VAL C 447 70.16 2.76 12.37
N THR C 448 69.35 3.00 13.40
CA THR C 448 68.49 1.99 13.98
C THR C 448 67.04 2.23 13.58
N MET C 449 66.14 1.42 14.15
CA MET C 449 64.72 1.56 13.87
C MET C 449 64.15 2.88 14.39
N ASP C 450 64.78 3.49 15.39
CA ASP C 450 64.30 4.78 15.89
C ASP C 450 64.36 5.85 14.82
N ASP C 451 65.52 5.96 14.14
CA ASP C 451 65.68 6.97 13.10
C ASP C 451 64.73 6.73 11.93
N PHE C 452 64.62 5.48 11.47
CA PHE C 452 63.73 5.16 10.38
C PHE C 452 62.26 5.39 10.73
N ARG C 453 61.83 5.03 11.93
CA ARG C 453 60.47 5.29 12.38
C ARG C 453 60.18 6.79 12.47
N TRP C 454 61.12 7.57 13.02
CA TRP C 454 60.94 9.01 13.08
C TRP C 454 60.84 9.62 11.69
N ALA C 455 61.70 9.18 10.76
CA ALA C 455 61.66 9.70 9.40
C ALA C 455 60.37 9.30 8.70
N LEU C 456 59.92 8.06 8.90
CA LEU C 456 58.66 7.61 8.30
C LEU C 456 57.48 8.41 8.83
N SER C 457 57.48 8.71 10.13
CA SER C 457 56.44 9.57 10.68
C SER C 457 56.52 10.98 10.10
N GLN C 458 57.74 11.49 9.90
CA GLN C 458 57.90 12.83 9.34
C GLN C 458 57.63 12.84 7.84
N SER C 459 58.03 11.79 7.13
CA SER C 459 57.89 11.76 5.68
C SER C 459 56.41 11.74 5.29
N ASN C 460 56.10 12.43 4.20
CA ASN C 460 54.75 12.51 3.68
C ASN C 460 54.68 11.85 2.31
N PRO C 461 53.71 10.98 2.05
CA PRO C 461 53.56 10.39 0.72
C PRO C 461 53.28 11.45 -0.33
N SER C 462 53.91 11.29 -1.50
CA SER C 462 53.68 12.21 -2.61
C SER C 462 52.65 11.66 -3.60
N ALA C 463 52.65 10.36 -3.82
CA ALA C 463 51.72 9.70 -4.74
C ALA C 463 50.99 8.61 -3.97
N LEU C 464 49.89 8.99 -3.31
CA LEU C 464 49.07 8.05 -2.55
C LEU C 464 47.72 7.77 -3.18
N ARG C 465 47.09 8.79 -3.77
CA ARG C 465 45.77 8.62 -4.38
C ARG C 465 45.83 7.89 -5.71
N GLU C 466 46.98 7.84 -6.37
CA GLU C 466 47.11 7.08 -7.60
C GLU C 466 46.98 5.59 -7.32
N THR C 467 46.33 4.88 -8.23
CA THR C 467 46.14 3.44 -8.07
C THR C 467 47.49 2.72 -8.10
N VAL C 468 47.68 1.80 -7.16
CA VAL C 468 48.95 1.09 -7.03
C VAL C 468 48.91 -0.17 -7.88
N VAL C 469 49.94 -0.36 -8.68
CA VAL C 469 50.11 -1.55 -9.50
C VAL C 469 51.18 -2.41 -8.83
N GLU C 470 50.78 -3.58 -8.33
CA GLU C 470 51.63 -4.36 -7.45
C GLU C 470 51.78 -5.79 -7.94
N VAL C 471 52.88 -6.41 -7.52
CA VAL C 471 53.04 -7.85 -7.61
C VAL C 471 52.93 -8.38 -6.19
N PRO C 472 51.82 -9.02 -5.82
CA PRO C 472 51.57 -9.33 -4.41
C PRO C 472 52.55 -10.35 -3.86
N GLN C 473 52.77 -10.28 -2.55
CA GLN C 473 53.60 -11.23 -1.83
C GLN C 473 52.80 -12.43 -1.35
N VAL C 474 51.49 -12.46 -1.60
CA VAL C 474 50.65 -13.58 -1.19
C VAL C 474 50.89 -14.74 -2.14
N THR C 475 51.33 -15.86 -1.61
CA THR C 475 51.61 -17.06 -2.38
C THR C 475 50.57 -18.14 -2.07
N TRP C 476 50.74 -19.30 -2.70
CA TRP C 476 49.84 -20.41 -2.44
C TRP C 476 49.97 -20.92 -1.01
N GLU C 477 51.14 -20.74 -0.40
CA GLU C 477 51.32 -21.13 0.99
C GLU C 477 50.46 -20.27 1.92
N ASP C 478 50.26 -19.00 1.57
CA ASP C 478 49.42 -18.13 2.37
C ASP C 478 47.94 -18.43 2.22
N ILE C 479 47.57 -19.28 1.27
CA ILE C 479 46.17 -19.64 1.04
C ILE C 479 45.90 -20.96 1.74
N GLY C 480 45.01 -20.94 2.73
CA GLY C 480 44.64 -22.14 3.44
C GLY C 480 43.43 -22.84 2.84
N GLY C 481 43.58 -24.12 2.51
CA GLY C 481 42.49 -24.85 1.91
C GLY C 481 42.26 -24.43 0.46
N LEU C 482 41.03 -24.67 0.00
CA LEU C 482 40.61 -24.34 -1.36
C LEU C 482 41.53 -24.99 -2.40
N GLU C 483 41.88 -26.26 -2.15
CA GLU C 483 42.78 -26.97 -3.06
C GLU C 483 42.14 -27.18 -4.43
N ASP C 484 40.85 -27.52 -4.45
CA ASP C 484 40.14 -27.65 -5.73
C ASP C 484 40.07 -26.32 -6.47
N VAL C 485 39.80 -25.23 -5.74
CA VAL C 485 39.78 -23.91 -6.36
C VAL C 485 41.16 -23.53 -6.85
N LYS C 486 42.20 -23.86 -6.08
CA LYS C 486 43.57 -23.59 -6.51
C LYS C 486 43.89 -24.34 -7.79
N ARG C 487 43.49 -25.61 -7.87
CA ARG C 487 43.74 -26.40 -9.08
C ARG C 487 42.99 -25.82 -10.28
N GLU C 488 41.72 -25.44 -10.08
CA GLU C 488 40.95 -24.84 -11.17
C GLU C 488 41.60 -23.54 -11.65
N LEU C 489 42.05 -22.70 -10.71
CA LEU C 489 42.69 -21.45 -11.08
C LEU C 489 44.00 -21.70 -11.84
N GLN C 490 44.85 -22.58 -11.31
CA GLN C 490 46.13 -22.84 -11.95
C GLN C 490 45.99 -23.60 -13.27
N GLU C 491 44.86 -24.26 -13.50
CA GLU C 491 44.59 -24.88 -14.79
C GLU C 491 43.78 -23.99 -15.72
N LEU C 492 43.30 -22.83 -15.24
CA LEU C 492 42.50 -21.95 -16.06
C LEU C 492 43.25 -20.71 -16.54
N VAL C 493 44.19 -20.18 -15.74
CA VAL C 493 44.95 -19.01 -16.14
C VAL C 493 46.41 -19.33 -16.41
N GLN C 494 47.03 -20.26 -15.68
CA GLN C 494 48.41 -20.62 -15.94
C GLN C 494 48.55 -21.52 -17.16
N TYR C 495 47.53 -22.32 -17.46
CA TYR C 495 47.58 -23.19 -18.64
C TYR C 495 47.70 -22.42 -19.95
N PRO C 496 46.87 -21.40 -20.24
CA PRO C 496 47.00 -20.74 -21.55
C PRO C 496 48.29 -19.96 -21.73
N VAL C 497 48.87 -19.41 -20.64
CA VAL C 497 50.04 -18.56 -20.80
C VAL C 497 51.30 -19.36 -21.11
N GLU C 498 51.28 -20.66 -20.88
CA GLU C 498 52.44 -21.51 -21.16
C GLU C 498 52.20 -22.55 -22.24
N HIS C 499 50.95 -22.81 -22.62
CA HIS C 499 50.61 -23.73 -23.71
C HIS C 499 49.62 -23.05 -24.65
N PRO C 500 50.09 -22.11 -25.47
CA PRO C 500 49.17 -21.43 -26.40
C PRO C 500 48.89 -22.27 -27.63
N ASP C 501 49.85 -23.11 -28.04
CA ASP C 501 49.68 -23.91 -29.24
C ASP C 501 48.54 -24.91 -29.09
N LYS C 502 48.44 -25.57 -27.93
CA LYS C 502 47.37 -26.55 -27.74
C LYS C 502 46.02 -25.87 -27.62
N PHE C 503 45.96 -24.66 -27.07
CA PHE C 503 44.71 -23.91 -27.06
C PHE C 503 44.31 -23.47 -28.45
N LEU C 504 45.29 -23.13 -29.30
CA LEU C 504 44.98 -22.70 -30.66
C LEU C 504 44.57 -23.87 -31.53
N LYS C 505 45.12 -25.06 -31.26
CA LYS C 505 44.82 -26.22 -32.10
C LYS C 505 43.36 -26.61 -32.01
N PHE C 506 42.79 -26.61 -30.81
CA PHE C 506 41.41 -27.03 -30.62
C PHE C 506 40.41 -25.92 -30.95
N GLY C 507 40.88 -24.71 -31.24
CA GLY C 507 40.01 -23.62 -31.61
C GLY C 507 39.12 -23.14 -30.49
N MET C 508 39.72 -22.61 -29.42
CA MET C 508 38.96 -22.07 -28.31
C MET C 508 39.73 -20.92 -27.69
N THR C 509 39.10 -19.77 -27.58
CA THR C 509 39.69 -18.65 -26.86
C THR C 509 39.65 -18.95 -25.37
N PRO C 510 40.79 -18.90 -24.66
CA PRO C 510 40.77 -19.21 -23.22
C PRO C 510 39.93 -18.20 -22.45
N SER C 511 39.29 -18.68 -21.39
CA SER C 511 38.39 -17.86 -20.60
C SER C 511 39.18 -16.79 -19.83
N LYS C 512 38.80 -15.54 -20.02
CA LYS C 512 39.43 -14.41 -19.34
C LYS C 512 38.42 -13.78 -18.40
N GLY C 513 38.69 -13.82 -17.11
CA GLY C 513 37.78 -13.22 -16.15
C GLY C 513 37.07 -14.29 -15.36
N VAL C 514 37.17 -14.19 -14.03
CA VAL C 514 36.56 -15.14 -13.12
C VAL C 514 35.84 -14.36 -12.02
N LEU C 515 34.57 -14.70 -11.78
CA LEU C 515 33.76 -14.06 -10.76
C LEU C 515 33.78 -14.96 -9.51
N PHE C 516 34.60 -14.58 -8.53
CA PHE C 516 34.64 -15.31 -7.27
C PHE C 516 33.44 -14.93 -6.41
N TYR C 517 32.52 -15.86 -6.23
CA TYR C 517 31.36 -15.64 -5.39
C TYR C 517 31.40 -16.57 -4.19
N GLY C 518 30.96 -16.06 -3.04
CA GLY C 518 30.99 -16.81 -1.81
C GLY C 518 30.79 -15.94 -0.60
N PRO C 519 30.93 -16.51 0.59
CA PRO C 519 30.78 -15.73 1.81
C PRO C 519 31.87 -14.68 1.90
N PRO C 520 31.56 -13.52 2.47
CA PRO C 520 32.58 -12.48 2.62
C PRO C 520 33.68 -12.89 3.59
N GLY C 521 34.88 -12.38 3.33
CA GLY C 521 36.01 -12.71 4.16
C GLY C 521 36.41 -14.17 4.11
N CYS C 522 36.40 -14.76 2.90
CA CYS C 522 36.71 -16.17 2.75
C CYS C 522 37.94 -16.45 1.89
N GLY C 523 38.54 -15.43 1.27
CA GLY C 523 39.78 -15.63 0.56
C GLY C 523 39.70 -15.41 -0.93
N LYS C 524 38.83 -14.51 -1.38
CA LYS C 524 38.76 -14.20 -2.80
C LYS C 524 39.88 -13.25 -3.23
N THR C 525 40.07 -12.16 -2.49
CA THR C 525 41.19 -11.27 -2.76
C THR C 525 42.51 -11.99 -2.54
N LEU C 526 42.59 -12.84 -1.52
CA LEU C 526 43.79 -13.63 -1.28
C LEU C 526 44.08 -14.56 -2.45
N LEU C 527 43.04 -15.20 -2.98
CA LEU C 527 43.23 -16.10 -4.13
C LEU C 527 43.67 -15.32 -5.36
N ALA C 528 43.09 -14.14 -5.59
CA ALA C 528 43.51 -13.32 -6.72
C ALA C 528 44.96 -12.88 -6.58
N LYS C 529 45.36 -12.48 -5.38
CA LYS C 529 46.75 -12.08 -5.16
C LYS C 529 47.70 -13.26 -5.34
N ALA C 530 47.28 -14.45 -4.90
CA ALA C 530 48.11 -15.64 -5.09
C ALA C 530 48.26 -15.98 -6.57
N ILE C 531 47.17 -15.83 -7.34
CA ILE C 531 47.24 -16.03 -8.78
C ILE C 531 48.19 -15.03 -9.42
N ALA C 532 48.12 -13.77 -8.98
CA ALA C 532 49.01 -12.75 -9.51
C ALA C 532 50.46 -13.06 -9.19
N ASN C 533 50.73 -13.54 -7.98
CA ASN C 533 52.11 -13.81 -7.57
C ASN C 533 52.67 -15.05 -8.25
N GLU C 534 51.85 -16.08 -8.43
CA GLU C 534 52.33 -17.33 -9.02
C GLU C 534 52.76 -17.12 -10.47
N CYS C 535 52.00 -16.33 -11.23
CA CYS C 535 52.34 -16.02 -12.61
C CYS C 535 53.28 -14.82 -12.72
N GLN C 536 53.64 -14.20 -11.60
CA GLN C 536 54.54 -13.04 -11.56
C GLN C 536 54.01 -11.92 -12.46
N ALA C 537 52.72 -11.64 -12.31
CA ALA C 537 52.05 -10.60 -13.09
C ALA C 537 51.57 -9.49 -12.17
N ASN C 538 51.44 -8.29 -12.73
CA ASN C 538 50.99 -7.14 -11.95
C ASN C 538 49.54 -7.32 -11.51
N PHE C 539 49.23 -6.74 -10.36
CA PHE C 539 47.92 -6.90 -9.73
C PHE C 539 47.31 -5.53 -9.49
N ILE C 540 46.12 -5.30 -10.02
CA ILE C 540 45.37 -4.07 -9.83
C ILE C 540 44.08 -4.42 -9.11
N SER C 541 43.94 -3.96 -7.88
CA SER C 541 42.76 -4.22 -7.07
C SER C 541 41.85 -2.99 -7.08
N ILE C 542 40.68 -3.13 -7.69
CA ILE C 542 39.68 -2.07 -7.67
C ILE C 542 38.63 -2.43 -6.64
N LYS C 543 38.79 -1.93 -5.41
CA LYS C 543 37.91 -2.29 -4.33
C LYS C 543 36.54 -1.62 -4.48
N GLY C 544 35.60 -2.06 -3.63
CA GLY C 544 34.28 -1.47 -3.59
C GLY C 544 34.22 0.01 -3.32
N PRO C 545 35.04 0.54 -2.39
CA PRO C 545 35.10 2.00 -2.23
C PRO C 545 35.39 2.77 -3.51
N GLU C 546 36.31 2.28 -4.35
CA GLU C 546 36.62 2.99 -5.58
C GLU C 546 35.44 2.98 -6.55
N LEU C 547 34.80 1.83 -6.71
CA LEU C 547 33.63 1.74 -7.59
C LEU C 547 32.50 2.63 -7.09
N LEU C 548 32.26 2.64 -5.77
CA LEU C 548 31.20 3.46 -5.22
C LEU C 548 31.52 4.94 -5.37
N THR C 549 32.79 5.32 -5.21
CA THR C 549 33.19 6.71 -5.42
C THR C 549 32.97 7.12 -6.87
N MET C 550 33.33 6.25 -7.81
CA MET C 550 33.13 6.57 -9.22
C MET C 550 31.66 6.62 -9.59
N TRP C 551 30.83 5.81 -8.92
CA TRP C 551 29.39 5.83 -9.19
C TRP C 551 28.71 7.07 -8.61
N PHE C 552 29.06 7.44 -7.37
CA PHE C 552 28.38 8.54 -6.71
C PHE C 552 28.68 9.87 -7.38
N GLY C 553 29.95 10.13 -7.68
CA GLY C 553 30.34 11.36 -8.32
C GLY C 553 30.13 11.39 -9.81
N GLU C 554 29.48 10.38 -10.38
CA GLU C 554 29.28 10.25 -11.82
C GLU C 554 30.62 10.28 -12.55
N SER C 555 31.62 9.63 -11.95
CA SER C 555 32.98 9.59 -12.47
C SER C 555 33.29 8.25 -13.15
N GLU C 556 32.33 7.71 -13.91
CA GLU C 556 32.55 6.47 -14.64
C GLU C 556 33.63 6.63 -15.71
N ALA C 557 33.89 7.85 -16.18
CA ALA C 557 34.97 8.07 -17.12
C ALA C 557 36.32 7.72 -16.53
N ASN C 558 36.45 7.70 -15.21
CA ASN C 558 37.68 7.26 -14.57
C ASN C 558 37.89 5.76 -14.71
N VAL C 559 36.80 4.98 -14.86
CA VAL C 559 36.92 3.54 -15.03
C VAL C 559 37.83 3.22 -16.21
N ARG C 560 37.62 3.93 -17.33
CA ARG C 560 38.50 3.82 -18.49
C ARG C 560 39.96 3.92 -18.09
N GLU C 561 40.29 4.96 -17.30
CA GLU C 561 41.68 5.16 -16.86
C GLU C 561 42.22 3.91 -16.18
N ILE C 562 41.41 3.32 -15.30
CA ILE C 562 41.85 2.11 -14.59
C ILE C 562 42.23 1.04 -15.60
N PHE C 563 41.36 0.78 -16.58
CA PHE C 563 41.68 -0.21 -17.59
C PHE C 563 42.90 0.21 -18.39
N ASP C 564 43.01 1.51 -18.68
CA ASP C 564 44.21 2.00 -19.36
C ASP C 564 45.45 1.71 -18.54
N LYS C 565 45.35 1.85 -17.21
CA LYS C 565 46.47 1.48 -16.35
C LYS C 565 46.81 0.01 -16.53
N ALA C 566 45.79 -0.85 -16.56
CA ALA C 566 46.03 -2.27 -16.78
C ALA C 566 46.57 -2.53 -18.16
N ARG C 567 46.28 -1.64 -19.12
CA ARG C 567 46.87 -1.79 -20.45
C ARG C 567 48.34 -1.38 -20.45
N GLN C 568 48.74 -0.52 -19.52
CA GLN C 568 50.12 -0.07 -19.44
C GLN C 568 50.92 -0.82 -18.39
N ALA C 569 50.33 -1.81 -17.72
CA ALA C 569 51.01 -2.62 -16.73
C ALA C 569 50.84 -4.10 -17.02
N ALA C 570 50.65 -4.44 -18.30
CA ALA C 570 50.43 -5.82 -18.68
C ALA C 570 51.68 -6.66 -18.42
N PRO C 571 51.52 -7.92 -17.99
CA PRO C 571 50.27 -8.63 -17.72
C PRO C 571 49.62 -8.20 -16.42
N CYS C 572 48.29 -8.13 -16.36
CA CYS C 572 47.57 -7.70 -15.17
C CYS C 572 46.56 -8.75 -14.76
N VAL C 573 46.22 -8.72 -13.47
CA VAL C 573 45.32 -9.68 -12.85
C VAL C 573 44.14 -8.94 -12.23
N LEU C 574 43.65 -7.92 -12.95
CA LEU C 574 42.63 -6.98 -12.49
C LEU C 574 41.57 -7.61 -11.60
N PHE C 575 41.34 -7.02 -10.43
CA PHE C 575 40.46 -7.58 -9.42
C PHE C 575 39.45 -6.53 -8.99
N PHE C 576 38.17 -6.81 -9.25
CA PHE C 576 37.09 -5.91 -8.89
C PHE C 576 36.44 -6.42 -7.60
N ASP C 577 37.07 -6.07 -6.48
CA ASP C 577 36.53 -6.47 -5.18
C ASP C 577 35.19 -5.79 -4.94
N GLU C 578 34.25 -6.56 -4.39
CA GLU C 578 32.88 -6.11 -4.14
C GLU C 578 32.25 -5.57 -5.42
N LEU C 579 32.11 -6.46 -6.40
CA LEU C 579 31.46 -6.10 -7.65
C LEU C 579 29.97 -5.81 -7.45
N ASP C 580 29.40 -6.26 -6.33
CA ASP C 580 28.01 -5.99 -5.99
C ASP C 580 27.86 -4.80 -5.04
N SER C 581 28.96 -4.08 -4.76
CA SER C 581 28.88 -2.93 -3.86
C SER C 581 27.97 -1.85 -4.42
N ILE C 582 28.05 -1.60 -5.73
CA ILE C 582 27.16 -0.62 -6.35
C ILE C 582 25.71 -1.10 -6.29
N ALA C 583 25.48 -2.40 -6.45
CA ALA C 583 24.13 -2.93 -6.31
C ALA C 583 23.66 -2.89 -4.86
N LYS C 584 24.58 -3.12 -3.92
CA LYS C 584 24.21 -3.04 -2.50
C LYS C 584 23.83 -1.61 -2.11
N ALA C 585 24.56 -0.62 -2.64
CA ALA C 585 24.28 0.77 -2.31
C ALA C 585 22.96 1.26 -2.88
N ARG C 586 22.38 0.53 -3.84
CA ARG C 586 21.09 0.89 -4.43
C ARG C 586 19.93 0.15 -3.80
N GLY C 587 20.17 -0.65 -2.76
CA GLY C 587 19.10 -1.37 -2.10
C GLY C 587 19.33 -2.88 -2.09
N GLY C 588 19.90 -3.40 -3.16
CA GLY C 588 20.15 -4.82 -3.28
C GLY C 588 18.98 -5.60 -3.84
N GLY C 594 15.45 -0.10 -10.75
CA GLY C 594 15.89 -1.48 -10.63
C GLY C 594 16.55 -2.01 -11.89
N GLY C 595 16.58 -3.34 -12.03
CA GLY C 595 17.17 -3.98 -13.18
C GLY C 595 18.69 -4.02 -13.20
N ALA C 596 19.33 -3.63 -12.10
CA ALA C 596 20.80 -3.61 -11.96
C ALA C 596 21.37 -2.72 -13.08
N ALA C 597 22.53 -3.07 -13.64
CA ALA C 597 23.14 -2.36 -14.77
C ALA C 597 23.37 -0.88 -14.42
N ASP C 598 24.25 -0.66 -13.45
CA ASP C 598 24.57 0.68 -13.00
C ASP C 598 25.58 1.33 -13.94
N ARG C 599 25.88 2.62 -13.67
CA ARG C 599 26.75 3.38 -14.55
C ARG C 599 28.17 2.80 -14.57
N VAL C 600 28.77 2.63 -13.39
CA VAL C 600 30.14 2.14 -13.32
C VAL C 600 30.21 0.69 -13.78
N ILE C 601 29.20 -0.11 -13.44
CA ILE C 601 29.17 -1.50 -13.90
C ILE C 601 29.01 -1.55 -15.42
N ASN C 602 28.23 -0.64 -16.00
CA ASN C 602 28.08 -0.62 -17.45
C ASN C 602 29.39 -0.23 -18.14
N GLN C 603 30.08 0.78 -17.59
CA GLN C 603 31.40 1.12 -18.15
C GLN C 603 32.40 -0.02 -17.97
N ILE C 604 32.30 -0.75 -16.87
CA ILE C 604 33.14 -1.93 -16.65
C ILE C 604 32.84 -2.98 -17.71
N LEU C 605 31.56 -3.16 -18.04
CA LEU C 605 31.17 -4.09 -19.11
C LEU C 605 31.76 -3.67 -20.45
N THR C 606 31.67 -2.37 -20.77
CA THR C 606 32.23 -1.87 -22.02
C THR C 606 33.74 -2.10 -22.08
N GLU C 607 34.44 -1.83 -20.97
CA GLU C 607 35.88 -2.02 -20.96
C GLU C 607 36.26 -3.50 -20.96
N MET C 608 35.41 -4.36 -20.39
CA MET C 608 35.63 -5.80 -20.50
C MET C 608 35.50 -6.27 -21.93
N ASP C 609 34.50 -5.74 -22.65
CA ASP C 609 34.36 -6.06 -24.06
C ASP C 609 35.56 -5.56 -24.85
N GLY C 610 36.09 -4.38 -24.48
CA GLY C 610 37.29 -3.88 -25.14
C GLY C 610 38.52 -4.73 -24.85
N MET C 611 38.68 -5.18 -23.62
CA MET C 611 39.87 -5.91 -23.18
C MET C 611 39.77 -7.42 -23.41
N SER C 612 38.63 -7.91 -23.89
CA SER C 612 38.53 -9.34 -24.20
C SER C 612 39.51 -9.76 -25.28
N THR C 613 39.93 -8.83 -26.13
CA THR C 613 40.91 -9.10 -27.17
C THR C 613 42.35 -8.88 -26.71
N LYS C 614 42.55 -8.42 -25.47
CA LYS C 614 43.91 -8.22 -24.97
C LYS C 614 44.63 -9.56 -24.81
N LYS C 615 43.99 -10.51 -24.13
CA LYS C 615 44.57 -11.83 -23.84
C LYS C 615 45.93 -11.72 -23.15
N ASN C 616 46.11 -10.63 -22.40
CA ASN C 616 47.28 -10.45 -21.54
C ASN C 616 46.92 -9.99 -20.14
N VAL C 617 45.66 -9.62 -19.90
CA VAL C 617 45.20 -9.15 -18.60
C VAL C 617 44.02 -10.01 -18.18
N PHE C 618 43.99 -10.39 -16.90
CA PHE C 618 42.88 -11.16 -16.35
C PHE C 618 42.02 -10.24 -15.50
N ILE C 619 40.71 -10.46 -15.53
CA ILE C 619 39.76 -9.44 -15.10
C ILE C 619 38.95 -10.04 -13.94
N ILE C 620 39.63 -10.82 -13.09
CA ILE C 620 39.02 -11.49 -11.94
C ILE C 620 38.07 -10.56 -11.17
N GLY C 621 36.90 -11.07 -10.81
CA GLY C 621 35.97 -10.30 -10.02
C GLY C 621 35.69 -10.91 -8.66
N ALA C 622 34.79 -10.31 -7.89
CA ALA C 622 34.46 -10.83 -6.58
C ALA C 622 33.10 -10.29 -6.16
N THR C 623 32.26 -11.16 -5.60
CA THR C 623 30.92 -10.81 -5.16
C THR C 623 30.62 -11.54 -3.87
N ASN C 624 30.42 -10.80 -2.79
CA ASN C 624 29.95 -11.37 -1.54
C ASN C 624 28.43 -11.52 -1.50
N ARG C 625 27.74 -11.03 -2.53
CA ARG C 625 26.30 -11.23 -2.70
C ARG C 625 26.03 -11.38 -4.18
N PRO C 626 26.32 -12.55 -4.76
CA PRO C 626 26.24 -12.70 -6.21
C PRO C 626 24.83 -12.69 -6.77
N ASP C 627 23.80 -12.85 -5.94
CA ASP C 627 22.43 -12.85 -6.44
C ASP C 627 22.05 -11.50 -7.03
N ILE C 628 22.40 -10.41 -6.34
CA ILE C 628 22.11 -9.06 -6.83
C ILE C 628 23.35 -8.62 -7.60
N ILE C 629 23.40 -9.00 -8.87
CA ILE C 629 24.49 -8.61 -9.75
C ILE C 629 23.90 -8.45 -11.16
N ASP C 630 24.60 -7.68 -11.99
CA ASP C 630 24.16 -7.49 -13.37
C ASP C 630 24.36 -8.78 -14.16
N PRO C 631 23.30 -9.34 -14.75
CA PRO C 631 23.48 -10.56 -15.55
C PRO C 631 24.38 -10.37 -16.76
N ALA C 632 24.57 -9.12 -17.21
CA ALA C 632 25.47 -8.87 -18.33
C ALA C 632 26.91 -9.21 -17.97
N ILE C 633 27.27 -9.17 -16.68
CA ILE C 633 28.61 -9.54 -16.26
C ILE C 633 28.89 -11.03 -16.47
N LEU C 634 27.86 -11.84 -16.66
CA LEU C 634 27.99 -13.27 -16.89
C LEU C 634 27.73 -13.53 -18.38
N ARG C 635 28.80 -13.43 -19.17
CA ARG C 635 28.68 -13.54 -20.63
C ARG C 635 30.05 -13.83 -21.22
N PRO C 636 30.13 -14.60 -22.32
CA PRO C 636 31.43 -14.82 -22.95
C PRO C 636 32.10 -13.51 -23.34
N GLY C 637 33.42 -13.48 -23.17
CA GLY C 637 34.21 -12.26 -23.29
C GLY C 637 34.29 -11.53 -21.96
N ARG C 638 33.17 -11.46 -21.25
CA ARG C 638 33.12 -10.94 -19.89
C ARG C 638 33.32 -12.11 -18.91
N LEU C 639 33.02 -11.91 -17.64
CA LEU C 639 33.25 -12.94 -16.63
C LEU C 639 32.33 -14.13 -16.83
N ASP C 640 32.76 -15.08 -17.64
CA ASP C 640 31.97 -16.27 -17.94
C ASP C 640 32.17 -17.36 -16.89
N GLN C 641 33.44 -17.73 -16.63
CA GLN C 641 33.72 -18.76 -15.64
C GLN C 641 33.37 -18.27 -14.23
N LEU C 642 32.72 -19.12 -13.46
CA LEU C 642 32.33 -18.80 -12.09
C LEU C 642 32.93 -19.85 -11.16
N ILE C 643 33.69 -19.39 -10.18
CA ILE C 643 34.31 -20.25 -9.18
C ILE C 643 33.73 -19.89 -7.82
N TYR C 644 33.18 -20.89 -7.14
CA TYR C 644 32.57 -20.69 -5.83
C TYR C 644 33.62 -20.89 -4.75
N ILE C 645 33.75 -19.91 -3.85
CA ILE C 645 34.69 -19.98 -2.75
C ILE C 645 33.92 -20.36 -1.49
N PRO C 646 33.85 -21.64 -1.14
CA PRO C 646 33.01 -22.08 -0.02
C PRO C 646 33.66 -21.78 1.31
N LEU C 647 32.84 -21.86 2.36
CA LEU C 647 33.36 -21.74 3.72
C LEU C 647 34.33 -22.90 3.99
N PRO C 648 35.45 -22.64 4.67
CA PRO C 648 36.43 -23.70 4.91
C PRO C 648 35.84 -24.83 5.74
N ASP C 649 36.21 -26.06 5.39
CA ASP C 649 35.77 -27.24 6.10
C ASP C 649 36.73 -27.50 7.26
N GLU C 650 36.60 -28.69 7.88
CA GLU C 650 37.46 -29.01 9.01
C GLU C 650 38.93 -29.05 8.62
N LYS C 651 39.23 -29.62 7.45
CA LYS C 651 40.62 -29.72 7.01
C LYS C 651 41.15 -28.37 6.54
N SER C 652 40.31 -27.57 5.87
CA SER C 652 40.77 -26.29 5.35
C SER C 652 41.02 -25.28 6.46
N ARG C 653 40.28 -25.37 7.56
CA ARG C 653 40.48 -24.43 8.65
C ARG C 653 41.83 -24.61 9.34
N VAL C 654 42.35 -25.84 9.36
CA VAL C 654 43.68 -26.06 9.90
C VAL C 654 44.71 -25.30 9.08
N ALA C 655 44.62 -25.40 7.75
CA ALA C 655 45.55 -24.69 6.88
C ALA C 655 45.37 -23.19 6.99
N ILE C 656 44.13 -22.73 7.14
CA ILE C 656 43.87 -21.29 7.29
C ILE C 656 44.50 -20.76 8.57
N LEU C 657 44.33 -21.49 9.67
CA LEU C 657 44.91 -21.06 10.94
C LEU C 657 46.43 -21.13 10.91
N LYS C 658 46.99 -22.16 10.25
CA LYS C 658 48.45 -22.26 10.16
C LYS C 658 49.03 -21.15 9.30
N ALA C 659 48.36 -20.78 8.21
CA ALA C 659 48.85 -19.70 7.36
C ALA C 659 48.73 -18.35 8.03
N ASN C 660 47.71 -18.16 8.87
CA ASN C 660 47.53 -16.92 9.60
C ASN C 660 48.38 -16.85 10.87
N LEU C 661 49.10 -17.92 11.20
CA LEU C 661 49.93 -17.95 12.40
C LEU C 661 51.38 -18.32 12.10
N ARG C 662 51.78 -18.34 10.83
CA ARG C 662 53.17 -18.64 10.50
C ARG C 662 54.11 -17.55 11.02
N LYS C 663 53.73 -16.29 10.86
CA LYS C 663 54.56 -15.20 11.37
C LYS C 663 54.49 -15.13 12.89
N SER C 664 53.33 -15.43 13.46
CA SER C 664 53.18 -15.35 14.91
C SER C 664 53.90 -16.50 15.60
N PRO C 665 54.60 -16.24 16.71
CA PRO C 665 55.27 -17.33 17.44
C PRO C 665 54.29 -18.09 18.32
N VAL C 666 53.62 -19.08 17.75
CA VAL C 666 52.63 -19.87 18.48
C VAL C 666 53.32 -21.05 19.13
N ALA C 667 53.02 -21.28 20.40
CA ALA C 667 53.58 -22.41 21.11
C ALA C 667 53.01 -23.72 20.59
N LYS C 668 53.83 -24.77 20.64
CA LYS C 668 53.43 -26.06 20.09
C LYS C 668 52.33 -26.74 20.90
N ASP C 669 52.14 -26.34 22.17
CA ASP C 669 51.14 -26.99 23.00
C ASP C 669 49.71 -26.66 22.60
N VAL C 670 49.51 -25.65 21.74
CA VAL C 670 48.16 -25.33 21.29
C VAL C 670 47.67 -26.40 20.34
N ASP C 671 46.35 -26.41 20.12
CA ASP C 671 45.69 -27.43 19.29
C ASP C 671 44.90 -26.70 18.20
N LEU C 672 45.56 -26.42 17.08
CA LEU C 672 44.90 -25.73 15.99
C LEU C 672 43.94 -26.64 15.24
N GLU C 673 44.29 -27.92 15.09
CA GLU C 673 43.40 -28.86 14.43
C GLU C 673 42.14 -29.15 15.24
N PHE C 674 42.12 -28.81 16.53
CA PHE C 674 40.91 -28.87 17.33
C PHE C 674 40.11 -27.57 17.25
N LEU C 675 40.81 -26.44 17.17
CA LEU C 675 40.14 -25.17 16.90
C LEU C 675 39.43 -25.19 15.57
N ALA C 676 39.99 -25.90 14.59
CA ALA C 676 39.30 -26.10 13.32
C ALA C 676 38.02 -26.91 13.51
N LYS C 677 38.07 -27.94 14.36
CA LYS C 677 36.88 -28.75 14.62
C LYS C 677 35.79 -27.93 15.30
N MET C 678 36.17 -27.12 16.28
CA MET C 678 35.16 -26.39 17.06
C MET C 678 34.45 -25.35 16.21
N THR C 679 35.21 -24.54 15.47
CA THR C 679 34.61 -23.53 14.60
C THR C 679 34.04 -24.19 13.36
N ASN C 680 32.74 -24.06 13.15
CA ASN C 680 32.05 -24.75 12.05
C ASN C 680 31.78 -23.82 10.87
N GLY C 681 31.07 -22.72 11.10
CA GLY C 681 30.72 -21.81 10.02
C GLY C 681 31.65 -20.64 9.91
N PHE C 682 32.87 -20.77 10.45
CA PHE C 682 33.81 -19.67 10.48
C PHE C 682 34.51 -19.53 9.14
N SER C 683 34.52 -18.31 8.61
CA SER C 683 35.23 -18.03 7.37
C SER C 683 36.72 -17.83 7.66
N GLY C 684 37.48 -17.53 6.60
CA GLY C 684 38.88 -17.20 6.79
C GLY C 684 39.07 -15.92 7.58
N ALA C 685 38.19 -14.94 7.36
CA ALA C 685 38.25 -13.69 8.13
C ALA C 685 37.97 -13.93 9.60
N ASP C 686 37.02 -14.82 9.92
CA ASP C 686 36.71 -15.09 11.32
C ASP C 686 37.89 -15.76 12.03
N LEU C 687 38.52 -16.73 11.39
CA LEU C 687 39.69 -17.36 11.99
C LEU C 687 40.86 -16.40 12.09
N THR C 688 41.00 -15.51 11.10
CA THR C 688 42.04 -14.48 11.18
C THR C 688 41.79 -13.53 12.34
N GLU C 689 40.53 -13.16 12.57
CA GLU C 689 40.20 -12.34 13.73
C GLU C 689 40.49 -13.09 15.02
N ILE C 690 40.22 -14.39 15.04
CA ILE C 690 40.50 -15.19 16.24
C ILE C 690 41.98 -15.20 16.56
N CYS C 691 42.81 -15.46 15.54
CA CYS C 691 44.25 -15.50 15.77
C CYS C 691 44.81 -14.11 16.06
N GLN C 692 44.26 -13.08 15.45
CA GLN C 692 44.70 -11.71 15.75
C GLN C 692 44.33 -11.32 17.17
N ARG C 693 43.16 -11.74 17.65
CA ARG C 693 42.79 -11.47 19.03
C ARG C 693 43.64 -12.26 20.01
N ALA C 694 44.01 -13.48 19.66
CA ALA C 694 44.95 -14.24 20.49
C ALA C 694 46.30 -13.53 20.56
N CYS C 695 46.77 -13.03 19.42
CA CYS C 695 48.01 -12.25 19.40
C CYS C 695 47.88 -10.98 20.23
N LYS C 696 46.73 -10.32 20.15
CA LYS C 696 46.49 -9.10 20.93
C LYS C 696 46.53 -9.40 22.42
N LEU C 697 45.91 -10.49 22.86
CA LEU C 697 45.96 -10.86 24.26
C LEU C 697 47.37 -11.23 24.69
N ALA C 698 48.12 -11.92 23.83
CA ALA C 698 49.50 -12.26 24.15
C ALA C 698 50.34 -11.01 24.32
N ILE C 699 50.21 -10.04 23.40
CA ILE C 699 50.96 -8.80 23.51
C ILE C 699 50.53 -8.01 24.73
N ARG C 700 49.23 -8.02 25.04
CA ARG C 700 48.75 -7.31 26.22
C ARG C 700 49.33 -7.90 27.50
N GLU C 701 49.36 -9.23 27.60
CA GLU C 701 49.94 -9.88 28.77
C GLU C 701 51.44 -9.60 28.85
N SER C 702 52.14 -9.63 27.71
CA SER C 702 53.57 -9.35 27.73
C SER C 702 53.85 -7.91 28.17
N ILE C 703 53.06 -6.95 27.67
CA ILE C 703 53.26 -5.56 28.04
C ILE C 703 52.92 -5.34 29.51
N GLU C 704 51.84 -5.97 29.99
CA GLU C 704 51.49 -5.87 31.40
C GLU C 704 52.60 -6.42 32.28
N SER C 705 53.15 -7.58 31.92
CA SER C 705 54.24 -8.16 32.70
C SER C 705 55.47 -7.26 32.67
N GLU C 706 55.80 -6.71 31.51
CA GLU C 706 56.99 -5.86 31.41
C GLU C 706 56.84 -4.58 32.22
N ILE C 707 55.68 -3.92 32.12
CA ILE C 707 55.50 -2.68 32.89
C ILE C 707 55.37 -2.97 34.38
N ARG C 708 54.83 -4.13 34.74
CA ARG C 708 54.79 -4.51 36.15
C ARG C 708 56.20 -4.76 36.69
N ARG C 709 57.04 -5.42 35.90
CA ARG C 709 58.42 -5.65 36.32
C ARG C 709 59.19 -4.33 36.42
N GLU C 710 58.95 -3.42 35.47
CA GLU C 710 59.60 -2.11 35.54
C GLU C 710 59.14 -1.33 36.77
N ARG C 711 57.87 -1.43 37.12
CA ARG C 711 57.35 -0.79 38.33
C ARG C 711 57.68 -1.58 39.59
N GLU C 712 58.22 -2.80 39.45
CA GLU C 712 58.66 -3.60 40.60
C GLU C 712 60.17 -3.68 40.73
N ARG C 713 60.90 -3.58 39.63
CA ARG C 713 62.36 -3.65 39.66
C ARG C 713 62.98 -2.35 39.17
N PRO C 727 59.67 -12.55 30.16
CA PRO C 727 58.26 -12.84 30.40
C PRO C 727 57.74 -14.00 29.54
N VAL C 728 56.72 -13.75 28.74
CA VAL C 728 56.13 -14.77 27.88
C VAL C 728 56.82 -14.72 26.52
N PRO C 729 57.30 -15.85 26.00
CA PRO C 729 57.99 -15.84 24.70
C PRO C 729 57.12 -16.23 23.51
N GLU C 730 55.90 -16.70 23.73
CA GLU C 730 55.07 -17.21 22.64
C GLU C 730 53.61 -17.13 23.05
N ILE C 731 52.74 -17.26 22.06
CA ILE C 731 51.30 -17.23 22.31
C ILE C 731 50.93 -18.50 23.06
N ARG C 732 50.63 -18.36 24.35
CA ARG C 732 50.32 -19.52 25.18
C ARG C 732 48.90 -20.02 24.88
N ARG C 733 48.55 -21.13 25.55
CA ARG C 733 47.23 -21.70 25.36
C ARG C 733 46.14 -20.77 25.87
N ASP C 734 46.36 -20.15 27.04
CA ASP C 734 45.32 -19.33 27.65
C ASP C 734 44.96 -18.12 26.79
N HIS C 735 45.91 -17.63 25.99
CA HIS C 735 45.60 -16.52 25.08
C HIS C 735 44.54 -16.93 24.06
N PHE C 736 44.71 -18.10 23.44
CA PHE C 736 43.69 -18.60 22.52
C PHE C 736 42.40 -18.92 23.26
N GLU C 737 42.51 -19.43 24.49
CA GLU C 737 41.33 -19.72 25.30
C GLU C 737 40.49 -18.47 25.51
N GLU C 738 41.13 -17.35 25.83
CA GLU C 738 40.41 -16.11 26.04
C GLU C 738 39.94 -15.51 24.72
N ALA C 739 40.72 -15.66 23.64
CA ALA C 739 40.33 -15.11 22.36
C ALA C 739 39.09 -15.80 21.80
N MET C 740 38.97 -17.10 22.02
CA MET C 740 37.83 -17.84 21.49
C MET C 740 36.51 -17.49 22.18
N ARG C 741 36.56 -16.75 23.31
CA ARG C 741 35.33 -16.31 23.96
C ARG C 741 34.59 -15.27 23.14
N PHE C 742 35.27 -14.56 22.25
CA PHE C 742 34.67 -13.58 21.36
C PHE C 742 34.67 -14.08 19.92
N ALA C 743 34.38 -15.37 19.74
CA ALA C 743 34.49 -16.00 18.43
C ALA C 743 33.38 -15.50 17.51
N ARG C 744 33.77 -14.77 16.47
CA ARG C 744 32.83 -14.19 15.53
C ARG C 744 32.50 -15.19 14.42
N ARG C 745 31.21 -15.26 14.07
CA ARG C 745 30.74 -16.01 12.91
C ARG C 745 29.95 -15.03 12.06
N SER C 746 30.64 -14.36 11.13
CA SER C 746 30.01 -13.30 10.35
C SER C 746 28.91 -13.85 9.44
N VAL C 747 29.15 -14.97 8.78
CA VAL C 747 28.19 -15.58 7.87
C VAL C 747 27.75 -16.92 8.44
N SER C 748 26.45 -17.12 8.55
CA SER C 748 25.93 -18.37 9.11
C SER C 748 24.49 -18.56 8.65
N ASP C 749 24.09 -19.84 8.58
CA ASP C 749 22.69 -20.24 8.34
C ASP C 749 22.27 -19.77 6.96
N ASN C 750 21.17 -19.02 6.82
CA ASN C 750 20.54 -18.78 5.53
C ASN C 750 21.46 -18.06 4.55
N ASP C 751 22.40 -17.25 5.05
CA ASP C 751 23.36 -16.59 4.15
C ASP C 751 24.16 -17.61 3.37
N ILE C 752 24.67 -18.65 4.05
CA ILE C 752 25.39 -19.71 3.36
C ILE C 752 24.47 -20.40 2.36
N ARG C 753 23.16 -20.43 2.64
CA ARG C 753 22.22 -20.99 1.69
C ARG C 753 22.19 -20.19 0.40
N LYS C 754 22.22 -18.86 0.51
CA LYS C 754 22.01 -18.00 -0.67
C LYS C 754 23.05 -18.30 -1.75
N TYR C 755 24.33 -18.32 -1.38
CA TYR C 755 25.38 -18.67 -2.34
C TYR C 755 25.11 -20.04 -2.94
N GLU C 756 24.77 -21.02 -2.09
CA GLU C 756 24.42 -22.34 -2.59
C GLU C 756 23.26 -22.25 -3.57
N MET C 757 22.25 -21.45 -3.24
CA MET C 757 21.18 -21.19 -4.20
C MET C 757 21.75 -20.61 -5.48
N PHE C 758 22.58 -19.56 -5.37
CA PHE C 758 23.21 -19.01 -6.56
C PHE C 758 24.14 -20.03 -7.20
N ALA C 759 24.65 -20.98 -6.42
CA ALA C 759 25.38 -22.09 -7.02
C ALA C 759 24.46 -22.91 -7.91
N GLN C 760 23.32 -23.35 -7.36
CA GLN C 760 22.42 -24.22 -8.11
C GLN C 760 21.92 -23.52 -9.37
N THR C 761 21.40 -22.30 -9.20
CA THR C 761 20.93 -21.52 -10.35
C THR C 761 22.03 -21.27 -11.37
N LEU C 762 23.30 -21.36 -10.95
CA LEU C 762 24.41 -21.23 -11.89
C LEU C 762 25.12 -22.54 -12.17
N GLN C 763 24.81 -23.62 -11.44
CA GLN C 763 25.39 -24.90 -11.81
C GLN C 763 24.69 -25.49 -13.03
N GLN C 764 23.38 -25.27 -13.13
CA GLN C 764 22.58 -25.59 -14.31
C GLN C 764 22.79 -27.03 -14.77
N SER C 765 22.67 -27.97 -13.82
CA SER C 765 22.66 -29.37 -14.19
C SER C 765 21.46 -29.68 -15.08
N ARG C 766 20.29 -29.16 -14.72
CA ARG C 766 19.08 -29.17 -15.54
C ARG C 766 18.63 -30.58 -15.92
N GLY C 767 19.02 -31.59 -15.14
CA GLY C 767 18.67 -32.96 -15.43
C GLY C 767 19.54 -33.62 -16.47
N PHE C 768 20.57 -32.93 -16.98
CA PHE C 768 21.46 -33.49 -17.99
C PHE C 768 22.63 -34.26 -17.39
N GLY C 769 22.69 -34.38 -16.07
CA GLY C 769 23.75 -35.17 -15.47
C GLY C 769 23.61 -36.64 -15.78
N SER C 770 24.76 -37.32 -15.82
CA SER C 770 24.83 -38.76 -16.13
C SER C 770 24.18 -39.06 -17.47
N PHE C 771 24.41 -38.19 -18.45
CA PHE C 771 23.91 -38.38 -19.81
C PHE C 771 24.97 -39.09 -20.63
N ARG C 772 24.58 -40.19 -21.28
CA ARG C 772 25.52 -41.04 -22.01
C ARG C 772 25.12 -41.13 -23.48
N PHE C 773 26.13 -41.08 -24.35
CA PHE C 773 25.90 -41.26 -25.77
C PHE C 773 25.63 -42.74 -26.09
N PRO C 774 24.92 -43.03 -27.17
CA PRO C 774 24.81 -44.41 -27.63
C PRO C 774 26.07 -44.85 -28.35
N SER C 775 26.32 -46.15 -28.32
CA SER C 775 27.49 -46.73 -28.96
C SER C 775 27.26 -46.89 -30.46
N ARG D 22 45.46 -1.35 -82.49
CA ARG D 22 44.97 -2.71 -82.45
C ARG D 22 44.01 -2.91 -81.27
N PRO D 23 43.06 -3.84 -81.43
CA PRO D 23 42.15 -4.15 -80.31
C PRO D 23 42.85 -4.76 -79.11
N ASN D 24 44.08 -5.25 -79.26
CA ASN D 24 44.82 -5.86 -78.15
C ASN D 24 45.53 -4.81 -77.31
N ARG D 25 44.79 -3.79 -76.88
CA ARG D 25 45.31 -2.77 -75.99
C ARG D 25 44.28 -2.53 -74.89
N LEU D 26 44.76 -2.48 -73.64
CA LEU D 26 43.83 -2.48 -72.50
C LEU D 26 44.14 -1.38 -71.52
N ILE D 27 43.45 -1.37 -70.38
CA ILE D 27 43.65 -0.38 -69.33
C ILE D 27 44.18 -1.08 -68.07
N VAL D 28 45.17 -0.46 -67.44
CA VAL D 28 45.89 -1.06 -66.33
C VAL D 28 45.06 -0.93 -65.05
N ASP D 29 45.15 -1.95 -64.21
CA ASP D 29 44.49 -1.97 -62.92
C ASP D 29 45.46 -2.51 -61.87
N GLU D 30 45.21 -2.16 -60.61
CA GLU D 30 46.05 -2.66 -59.53
C GLU D 30 45.86 -4.17 -59.38
N ALA D 31 46.98 -4.89 -59.32
CA ALA D 31 46.94 -6.35 -59.28
C ALA D 31 46.60 -6.84 -57.88
N ILE D 32 45.75 -7.87 -57.82
CA ILE D 32 45.38 -8.46 -56.53
C ILE D 32 46.42 -9.44 -56.02
N ASN D 33 47.37 -9.84 -56.85
CA ASN D 33 48.44 -10.75 -56.45
C ASN D 33 49.70 -9.97 -56.11
N GLU D 34 50.68 -10.70 -55.56
CA GLU D 34 51.95 -10.11 -55.15
C GLU D 34 53.13 -10.54 -56.01
N ASP D 35 52.93 -11.48 -56.93
CA ASP D 35 54.03 -11.96 -57.75
C ASP D 35 54.48 -10.89 -58.74
N ASN D 36 55.79 -10.77 -58.92
CA ASN D 36 56.35 -9.80 -59.84
C ASN D 36 56.43 -10.38 -61.25
N SER D 37 56.37 -9.49 -62.24
CA SER D 37 56.40 -9.87 -63.65
C SER D 37 55.31 -10.88 -63.99
N VAL D 38 54.14 -10.68 -63.40
CA VAL D 38 52.98 -11.55 -63.61
C VAL D 38 51.79 -10.67 -63.97
N VAL D 39 51.13 -10.99 -65.07
CA VAL D 39 49.97 -10.24 -65.55
C VAL D 39 48.73 -11.08 -65.32
N SER D 40 47.73 -10.51 -64.67
CA SER D 40 46.46 -11.19 -64.42
C SER D 40 45.41 -10.63 -65.36
N LEU D 41 44.82 -11.49 -66.19
CA LEU D 41 43.87 -11.07 -67.21
C LEU D 41 42.66 -12.00 -67.21
N SER D 42 41.54 -11.48 -67.72
CA SER D 42 40.32 -12.27 -67.79
C SER D 42 40.42 -13.34 -68.87
N GLN D 43 39.78 -14.47 -68.63
CA GLN D 43 39.86 -15.59 -69.56
C GLN D 43 39.30 -15.29 -70.95
N PRO D 44 38.12 -14.68 -71.11
CA PRO D 44 37.69 -14.33 -72.48
C PRO D 44 38.66 -13.39 -73.18
N LYS D 45 39.21 -12.42 -72.45
CA LYS D 45 40.23 -11.56 -73.03
C LYS D 45 41.51 -12.33 -73.30
N MET D 46 41.83 -13.32 -72.45
CA MET D 46 43.02 -14.13 -72.66
C MET D 46 42.94 -14.92 -73.96
N ASP D 47 41.80 -15.56 -74.21
CA ASP D 47 41.67 -16.30 -75.48
C ASP D 47 41.48 -15.34 -76.65
N GLU D 48 40.91 -14.16 -76.43
CA GLU D 48 40.88 -13.16 -77.47
C GLU D 48 42.27 -12.62 -77.77
N LEU D 49 43.16 -12.64 -76.78
CA LEU D 49 44.54 -12.20 -76.94
C LEU D 49 45.48 -13.36 -77.30
N GLN D 50 44.92 -14.55 -77.55
CA GLN D 50 45.69 -15.75 -77.85
C GLN D 50 46.68 -16.07 -76.73
N LEU D 51 46.12 -16.30 -75.55
CA LEU D 51 46.90 -16.61 -74.36
C LEU D 51 46.45 -17.94 -73.79
N PHE D 52 47.40 -18.79 -73.45
CA PHE D 52 47.12 -20.09 -72.84
C PHE D 52 47.05 -19.93 -71.32
N ARG D 53 47.07 -21.06 -70.60
CA ARG D 53 47.00 -21.01 -69.15
C ARG D 53 48.21 -20.31 -68.54
N GLY D 54 49.40 -20.59 -69.09
CA GLY D 54 50.61 -19.96 -68.59
C GLY D 54 51.44 -19.33 -69.68
N ASP D 55 50.77 -18.81 -70.71
CA ASP D 55 51.47 -18.16 -71.81
C ASP D 55 52.12 -16.87 -71.35
N THR D 56 53.27 -16.54 -71.93
CA THR D 56 53.97 -15.30 -71.63
C THR D 56 53.36 -14.17 -72.46
N VAL D 57 52.98 -13.08 -71.80
CA VAL D 57 52.35 -11.93 -72.45
C VAL D 57 53.34 -10.77 -72.45
N LEU D 58 53.53 -10.16 -73.62
CA LEU D 58 54.45 -9.05 -73.79
C LEU D 58 53.68 -7.75 -73.87
N LEU D 59 54.22 -6.71 -73.24
CA LEU D 59 53.54 -5.42 -73.11
C LEU D 59 54.43 -4.31 -73.62
N LYS D 60 53.80 -3.25 -74.12
CA LYS D 60 54.49 -2.05 -74.59
C LYS D 60 53.91 -0.86 -73.86
N GLY D 61 54.76 -0.11 -73.16
CA GLY D 61 54.33 1.02 -72.36
C GLY D 61 54.33 2.32 -73.14
N LYS D 62 54.08 3.40 -72.40
CA LYS D 62 54.06 4.73 -73.00
C LYS D 62 55.44 5.19 -73.45
N LYS D 63 56.51 4.64 -72.88
CA LYS D 63 57.87 5.01 -73.23
C LYS D 63 58.58 3.80 -73.84
N ARG D 64 59.88 3.96 -74.09
CA ARG D 64 60.68 2.95 -74.77
C ARG D 64 61.13 1.89 -73.77
N ARG D 65 60.20 1.02 -73.40
CA ARG D 65 60.50 -0.09 -72.50
C ARG D 65 59.42 -1.15 -72.65
N GLU D 66 59.83 -2.41 -72.57
CA GLU D 66 58.91 -3.55 -72.65
C GLU D 66 59.26 -4.54 -71.55
N ALA D 67 58.27 -5.36 -71.19
CA ALA D 67 58.47 -6.37 -70.15
C ALA D 67 57.55 -7.55 -70.41
N VAL D 68 58.13 -8.70 -70.71
CA VAL D 68 57.37 -9.93 -70.88
C VAL D 68 56.99 -10.48 -69.50
N CYS D 69 55.74 -10.90 -69.35
CA CYS D 69 55.23 -11.34 -68.06
C CYS D 69 54.41 -12.61 -68.24
N ILE D 70 54.26 -13.35 -67.13
CA ILE D 70 53.42 -14.53 -67.11
C ILE D 70 51.96 -14.12 -67.01
N VAL D 71 51.13 -14.69 -67.89
CA VAL D 71 49.70 -14.42 -67.82
C VAL D 71 49.09 -15.18 -66.64
N LEU D 72 47.98 -14.65 -66.12
CA LEU D 72 47.27 -15.26 -65.01
C LEU D 72 45.77 -15.13 -65.25
N SER D 73 45.03 -16.17 -64.88
CA SER D 73 43.58 -16.22 -65.09
C SER D 73 42.89 -15.86 -63.78
N ASP D 74 42.48 -14.61 -63.66
CA ASP D 74 41.72 -14.13 -62.51
C ASP D 74 40.31 -13.78 -62.94
N ASP D 75 39.34 -14.17 -62.12
CA ASP D 75 37.93 -13.89 -62.39
C ASP D 75 37.43 -12.62 -61.72
N THR D 76 38.30 -11.86 -61.07
CA THR D 76 37.92 -10.65 -60.37
C THR D 76 38.05 -9.39 -61.23
N CYS D 77 38.46 -9.52 -62.49
CA CYS D 77 38.63 -8.38 -63.38
C CYS D 77 37.95 -8.66 -64.71
N SER D 78 37.58 -7.58 -65.40
CA SER D 78 36.92 -7.67 -66.69
C SER D 78 37.97 -7.81 -67.80
N ASP D 79 37.53 -7.75 -69.05
CA ASP D 79 38.44 -7.89 -70.18
C ASP D 79 39.36 -6.68 -70.30
N GLU D 80 38.80 -5.47 -70.21
CA GLU D 80 39.61 -4.26 -70.36
C GLU D 80 40.59 -4.10 -69.20
N LYS D 81 40.16 -4.45 -67.99
CA LYS D 81 41.02 -4.33 -66.81
C LYS D 81 42.09 -5.41 -66.86
N ILE D 82 43.35 -5.02 -67.08
CA ILE D 82 44.48 -5.94 -67.02
C ILE D 82 45.26 -5.61 -65.75
N ARG D 83 45.43 -6.59 -64.88
CA ARG D 83 46.05 -6.37 -63.59
C ARG D 83 47.56 -6.33 -63.74
N MET D 84 48.19 -5.35 -63.09
CA MET D 84 49.64 -5.21 -63.15
C MET D 84 50.15 -4.61 -61.84
N ASN D 85 51.30 -5.10 -61.39
CA ASN D 85 51.93 -4.60 -60.17
C ASN D 85 52.63 -3.28 -60.45
N ARG D 86 53.09 -2.63 -59.38
CA ARG D 86 53.93 -1.46 -59.52
C ARG D 86 55.27 -1.80 -60.16
N VAL D 87 55.71 -3.05 -60.02
CA VAL D 87 56.97 -3.48 -60.62
C VAL D 87 56.91 -3.38 -62.13
N VAL D 88 55.79 -3.82 -62.72
CA VAL D 88 55.61 -3.80 -64.16
C VAL D 88 54.86 -2.54 -64.56
N ARG D 89 54.82 -1.55 -63.67
CA ARG D 89 54.25 -0.25 -63.97
C ARG D 89 55.28 0.87 -63.99
N ASN D 90 56.25 0.85 -63.06
CA ASN D 90 57.29 1.87 -63.06
C ASN D 90 58.28 1.69 -64.20
N ASN D 91 58.54 0.43 -64.60
CA ASN D 91 59.41 0.19 -65.74
C ASN D 91 58.72 0.49 -67.06
N LEU D 92 57.41 0.26 -67.14
CA LEU D 92 56.65 0.56 -68.35
C LEU D 92 56.26 2.03 -68.45
N ARG D 93 56.60 2.85 -67.45
CA ARG D 93 56.28 4.27 -67.42
C ARG D 93 54.77 4.51 -67.52
N VAL D 94 53.99 3.60 -66.96
CA VAL D 94 52.53 3.64 -67.03
C VAL D 94 51.99 3.77 -65.62
N ARG D 95 51.22 4.84 -65.39
CA ARG D 95 50.59 5.05 -64.09
C ARG D 95 49.27 4.27 -64.03
N LEU D 96 48.69 4.22 -62.84
CA LEU D 96 47.45 3.49 -62.63
C LEU D 96 46.29 4.22 -63.31
N GLY D 97 45.68 3.58 -64.30
CA GLY D 97 44.61 4.19 -65.06
C GLY D 97 45.06 4.70 -66.41
N ASP D 98 45.98 3.98 -67.06
CA ASP D 98 46.52 4.36 -68.35
C ASP D 98 46.36 3.21 -69.34
N VAL D 99 46.68 3.50 -70.60
CA VAL D 99 46.50 2.53 -71.68
C VAL D 99 47.80 1.77 -71.89
N ILE D 100 47.71 0.45 -71.94
CA ILE D 100 48.85 -0.43 -72.15
C ILE D 100 48.67 -1.19 -73.46
N SER D 101 49.73 -1.24 -74.26
CA SER D 101 49.73 -1.92 -75.54
C SER D 101 50.30 -3.31 -75.38
N ILE D 102 49.62 -4.30 -75.96
CA ILE D 102 49.96 -5.70 -75.79
C ILE D 102 50.15 -6.34 -77.16
N GLN D 103 51.23 -7.10 -77.32
CA GLN D 103 51.44 -7.91 -78.51
C GLN D 103 52.32 -9.12 -78.18
N PRO D 104 51.80 -10.34 -78.34
CA PRO D 104 52.59 -11.53 -78.05
C PRO D 104 53.68 -11.75 -79.08
N CYS D 105 54.76 -12.40 -78.64
CA CYS D 105 55.88 -12.78 -79.50
C CYS D 105 56.65 -13.91 -78.87
N PRO D 106 56.23 -15.16 -79.07
CA PRO D 106 56.88 -16.29 -78.37
C PRO D 106 58.14 -16.80 -79.06
N ASP D 107 59.25 -16.76 -78.34
CA ASP D 107 60.51 -17.37 -78.75
C ASP D 107 61.08 -18.12 -77.55
N VAL D 108 61.83 -19.19 -77.80
CA VAL D 108 62.39 -19.98 -76.70
C VAL D 108 63.35 -19.14 -75.87
N LYS D 109 64.49 -18.77 -76.46
CA LYS D 109 65.46 -17.81 -75.91
C LYS D 109 65.68 -18.00 -74.41
N TYR D 110 66.18 -19.18 -74.04
CA TYR D 110 66.57 -19.42 -72.66
C TYR D 110 67.82 -18.59 -72.34
N GLY D 111 67.76 -17.84 -71.25
CA GLY D 111 68.78 -16.87 -70.92
C GLY D 111 70.19 -17.44 -70.78
N LYS D 112 71.16 -16.76 -71.39
CA LYS D 112 72.55 -17.17 -71.36
C LYS D 112 73.37 -16.04 -70.71
N ARG D 113 73.72 -16.23 -69.45
CA ARG D 113 74.56 -15.30 -68.69
C ARG D 113 73.93 -13.90 -68.66
N ILE D 114 72.76 -13.83 -68.00
CA ILE D 114 72.06 -12.57 -67.84
C ILE D 114 72.85 -11.67 -66.91
N HIS D 115 72.53 -10.37 -66.91
CA HIS D 115 73.32 -9.35 -66.22
C HIS D 115 72.45 -8.55 -65.27
N VAL D 116 71.68 -9.26 -64.44
CA VAL D 116 70.93 -8.59 -63.38
C VAL D 116 71.91 -7.91 -62.43
N LEU D 117 71.61 -6.67 -62.07
CA LEU D 117 72.49 -5.85 -61.24
C LEU D 117 71.70 -5.17 -60.14
N PRO D 118 72.33 -4.92 -58.99
CA PRO D 118 71.63 -4.21 -57.90
C PRO D 118 71.77 -2.70 -58.01
N ILE D 119 72.10 -2.20 -59.19
CA ILE D 119 72.48 -0.80 -59.37
C ILE D 119 71.27 0.07 -59.06
N ASP D 120 71.31 0.73 -57.89
CA ASP D 120 70.22 1.56 -57.40
C ASP D 120 70.65 2.27 -56.11
N ASP D 121 69.78 3.10 -55.56
CA ASP D 121 70.03 3.73 -54.27
C ASP D 121 69.50 2.90 -53.10
N THR D 122 68.82 1.78 -53.37
CA THR D 122 68.31 0.94 -52.30
C THR D 122 69.39 0.08 -51.66
N VAL D 123 70.51 -0.15 -52.35
CA VAL D 123 71.59 -0.98 -51.81
C VAL D 123 72.53 -0.02 -51.07
N GLU D 124 72.18 0.25 -49.82
CA GLU D 124 72.98 1.09 -48.93
C GLU D 124 73.18 0.35 -47.62
N GLY D 125 74.44 0.08 -47.28
CA GLY D 125 74.74 -0.64 -46.05
C GLY D 125 74.36 -2.10 -46.06
N ILE D 126 74.17 -2.69 -47.24
CA ILE D 126 73.84 -4.10 -47.36
C ILE D 126 74.86 -4.72 -48.32
N THR D 127 75.80 -5.48 -47.77
CA THR D 127 76.88 -6.09 -48.53
C THR D 127 76.81 -7.61 -48.41
N GLY D 128 77.84 -8.29 -48.91
CA GLY D 128 77.91 -9.72 -48.81
C GLY D 128 77.44 -10.44 -50.06
N ASN D 129 76.74 -11.56 -49.87
CA ASN D 129 76.20 -12.35 -50.98
C ASN D 129 74.77 -11.99 -51.32
N LEU D 130 74.39 -10.72 -51.14
CA LEU D 130 73.02 -10.28 -51.46
C LEU D 130 72.69 -10.47 -52.93
N PHE D 131 73.71 -10.64 -53.79
CA PHE D 131 73.49 -10.87 -55.20
C PHE D 131 72.83 -12.21 -55.48
N GLU D 132 72.92 -13.17 -54.56
CA GLU D 132 72.38 -14.51 -54.82
C GLU D 132 71.60 -15.13 -53.67
N VAL D 133 71.63 -14.58 -52.45
CA VAL D 133 71.01 -15.28 -51.33
C VAL D 133 69.49 -15.27 -51.46
N TYR D 134 68.89 -14.13 -51.80
CA TYR D 134 67.45 -14.05 -51.98
C TYR D 134 67.04 -14.02 -53.44
N LEU D 135 68.00 -14.14 -54.37
CA LEU D 135 67.67 -14.26 -55.79
C LEU D 135 67.47 -15.70 -56.22
N LYS D 136 68.17 -16.65 -55.60
CA LYS D 136 67.95 -18.07 -55.91
C LYS D 136 66.53 -18.52 -55.62
N PRO D 137 65.92 -18.22 -54.46
CA PRO D 137 64.54 -18.69 -54.24
C PRO D 137 63.51 -18.04 -55.16
N TYR D 138 63.78 -16.82 -55.65
CA TYR D 138 62.79 -16.09 -56.45
C TYR D 138 63.24 -15.90 -57.89
N PHE D 139 64.39 -15.28 -58.13
CA PHE D 139 64.82 -14.96 -59.48
C PHE D 139 65.31 -16.18 -60.26
N LEU D 140 65.62 -17.27 -59.57
CA LEU D 140 66.07 -18.51 -60.20
C LEU D 140 65.06 -19.63 -60.01
N GLU D 141 63.77 -19.29 -60.01
CA GLU D 141 62.72 -20.25 -59.77
C GLU D 141 61.50 -19.91 -60.62
N ALA D 142 60.65 -20.92 -60.84
CA ALA D 142 59.38 -20.81 -61.54
C ALA D 142 59.51 -20.42 -63.00
N TYR D 143 60.74 -20.36 -63.53
CA TYR D 143 60.99 -20.01 -64.94
C TYR D 143 60.33 -18.69 -65.32
N ARG D 144 60.48 -17.69 -64.45
CA ARG D 144 59.88 -16.40 -64.71
C ARG D 144 60.60 -15.70 -65.86
N PRO D 145 59.89 -14.88 -66.64
CA PRO D 145 60.51 -14.21 -67.77
C PRO D 145 61.36 -13.02 -67.33
N ILE D 146 62.39 -12.75 -68.12
CA ILE D 146 63.36 -11.70 -67.82
C ILE D 146 63.42 -10.73 -68.99
N ARG D 147 63.85 -9.50 -68.69
CA ARG D 147 64.04 -8.47 -69.69
C ARG D 147 65.15 -7.55 -69.21
N LYS D 148 65.81 -6.89 -70.16
CA LYS D 148 66.88 -5.95 -69.86
C LYS D 148 66.36 -4.52 -69.91
N GLY D 149 67.00 -3.65 -69.13
CA GLY D 149 66.63 -2.25 -69.06
C GLY D 149 65.54 -1.91 -68.07
N ASP D 150 64.83 -2.91 -67.54
CA ASP D 150 63.79 -2.69 -66.55
C ASP D 150 64.26 -3.16 -65.19
N ILE D 151 63.48 -2.82 -64.17
CA ILE D 151 63.82 -3.10 -62.78
C ILE D 151 62.71 -3.94 -62.15
N PHE D 152 63.09 -5.05 -61.53
CA PHE D 152 62.18 -5.84 -60.74
C PHE D 152 62.53 -5.67 -59.26
N LEU D 153 61.73 -6.29 -58.39
CA LEU D 153 61.88 -6.12 -56.96
C LEU D 153 61.92 -7.48 -56.28
N VAL D 154 62.80 -7.59 -55.28
CA VAL D 154 62.93 -8.81 -54.48
C VAL D 154 62.83 -8.44 -53.01
N ARG D 155 61.98 -9.15 -52.28
CA ARG D 155 61.75 -8.89 -50.86
C ARG D 155 62.32 -10.05 -50.07
N GLY D 156 63.41 -9.79 -49.34
CA GLY D 156 64.03 -10.81 -48.51
C GLY D 156 64.95 -10.18 -47.49
N GLY D 157 65.14 -10.90 -46.38
CA GLY D 157 66.02 -10.42 -45.32
C GLY D 157 65.65 -9.06 -44.77
N MET D 158 64.35 -8.81 -44.60
CA MET D 158 63.82 -7.52 -44.16
C MET D 158 64.22 -6.38 -45.10
N ARG D 159 64.49 -6.68 -46.36
CA ARG D 159 64.94 -5.68 -47.33
C ARG D 159 64.19 -5.87 -48.64
N ALA D 160 63.66 -4.77 -49.17
CA ALA D 160 63.05 -4.75 -50.50
C ALA D 160 64.04 -4.08 -51.45
N VAL D 161 64.66 -4.88 -52.31
CA VAL D 161 65.76 -4.42 -53.16
C VAL D 161 65.27 -4.37 -54.60
N GLU D 162 65.55 -3.26 -55.28
CA GLU D 162 65.23 -3.08 -56.68
C GLU D 162 66.43 -3.49 -57.52
N PHE D 163 66.28 -4.54 -58.32
CA PHE D 163 67.34 -5.08 -59.14
C PHE D 163 67.07 -4.76 -60.61
N LYS D 164 68.04 -4.17 -61.28
CA LYS D 164 67.98 -3.91 -62.71
C LYS D 164 68.79 -4.97 -63.46
N VAL D 165 68.35 -5.26 -64.69
CA VAL D 165 69.03 -6.25 -65.54
C VAL D 165 69.51 -5.53 -66.78
N VAL D 166 70.77 -5.75 -67.14
CA VAL D 166 71.41 -5.02 -68.23
C VAL D 166 71.41 -5.81 -69.53
N GLU D 167 71.76 -7.09 -69.48
CA GLU D 167 71.82 -7.93 -70.67
C GLU D 167 71.03 -9.21 -70.42
N THR D 168 70.11 -9.52 -71.34
CA THR D 168 69.32 -10.75 -71.33
C THR D 168 69.30 -11.39 -72.71
N ASP D 169 70.49 -11.50 -73.33
CA ASP D 169 70.71 -12.01 -74.67
C ASP D 169 70.14 -11.05 -75.71
N PRO D 170 70.61 -11.08 -76.97
CA PRO D 170 70.08 -10.15 -77.98
C PRO D 170 68.66 -10.50 -78.42
N SER D 171 67.70 -10.27 -77.52
CA SER D 171 66.29 -10.51 -77.79
C SER D 171 65.47 -9.72 -76.77
N PRO D 172 64.32 -9.18 -77.18
CA PRO D 172 63.41 -8.54 -76.22
C PRO D 172 62.56 -9.50 -75.42
N TYR D 173 62.84 -10.80 -75.50
CA TYR D 173 62.08 -11.84 -74.82
C TYR D 173 63.09 -12.80 -74.20
N CYS D 174 63.10 -12.89 -72.87
CA CYS D 174 64.04 -13.76 -72.17
C CYS D 174 63.34 -14.48 -71.03
N ILE D 175 63.72 -15.76 -70.84
CA ILE D 175 63.23 -16.57 -69.74
C ILE D 175 64.42 -17.04 -68.93
N VAL D 176 64.28 -17.03 -67.60
CA VAL D 176 65.37 -17.45 -66.73
C VAL D 176 65.62 -18.95 -66.91
N ALA D 177 66.88 -19.34 -66.72
CA ALA D 177 67.32 -20.70 -66.96
C ALA D 177 68.50 -20.99 -66.03
N PRO D 178 68.83 -22.27 -65.80
CA PRO D 178 69.99 -22.57 -64.94
C PRO D 178 71.30 -22.02 -65.45
N ASP D 179 71.43 -21.76 -66.75
CA ASP D 179 72.66 -21.21 -67.30
C ASP D 179 72.66 -19.68 -67.34
N THR D 180 71.69 -19.04 -66.72
CA THR D 180 71.67 -17.58 -66.66
C THR D 180 72.78 -17.02 -65.78
N VAL D 181 73.36 -17.84 -64.90
CA VAL D 181 74.58 -17.53 -64.15
C VAL D 181 74.40 -16.40 -63.16
N ILE D 182 73.72 -15.31 -63.58
CA ILE D 182 73.49 -14.09 -62.81
C ILE D 182 74.79 -13.59 -62.18
N HIS D 183 75.88 -13.69 -62.96
CA HIS D 183 77.22 -13.30 -62.53
C HIS D 183 77.23 -11.92 -61.87
N CYS D 184 78.10 -11.77 -60.87
CA CYS D 184 78.09 -10.61 -60.00
C CYS D 184 78.90 -9.47 -60.60
N GLU D 185 78.22 -8.36 -60.89
CA GLU D 185 78.87 -7.14 -61.34
C GLU D 185 78.21 -5.93 -60.67
N GLY D 186 77.99 -6.03 -59.36
CA GLY D 186 77.27 -4.99 -58.66
C GLY D 186 78.03 -3.67 -58.64
N GLU D 187 77.27 -2.58 -58.68
CA GLU D 187 77.82 -1.24 -58.74
C GLU D 187 76.88 -0.29 -58.02
N PRO D 188 77.39 0.85 -57.53
CA PRO D 188 76.51 1.83 -56.88
C PRO D 188 75.89 2.81 -57.88
N ILE D 189 75.85 2.44 -59.16
CA ILE D 189 75.37 3.32 -60.22
C ILE D 189 73.99 3.86 -59.87
N LYS D 190 73.84 5.18 -59.99
CA LYS D 190 72.61 5.85 -59.60
C LYS D 190 71.47 5.51 -60.57
N ARG D 191 70.25 5.62 -60.06
CA ARG D 191 69.06 5.41 -60.87
C ARG D 191 68.75 6.64 -61.71
N GLU D 192 67.87 6.46 -62.70
CA GLU D 192 67.43 7.55 -63.54
C GLU D 192 66.08 8.07 -63.07
N ASP D 193 65.79 9.32 -63.44
CA ASP D 193 64.55 9.96 -63.00
C ASP D 193 63.31 9.35 -63.65
N GLU D 194 63.47 8.67 -64.78
CA GLU D 194 62.32 8.05 -65.43
C GLU D 194 61.73 6.94 -64.56
N GLU D 195 62.58 6.13 -63.94
CA GLU D 195 62.11 5.05 -63.08
C GLU D 195 61.59 5.62 -61.76
N GLU D 196 60.54 4.98 -61.24
CA GLU D 196 59.95 5.36 -59.97
C GLU D 196 60.44 4.43 -58.86
N SER D 197 60.77 5.01 -57.71
CA SER D 197 61.29 4.23 -56.60
C SER D 197 60.18 3.34 -56.02
N LEU D 198 60.41 2.03 -56.06
CA LEU D 198 59.46 1.10 -55.47
C LEU D 198 59.43 1.19 -53.95
N ASN D 199 60.50 1.68 -53.33
CA ASN D 199 60.47 1.93 -51.89
C ASN D 199 59.48 3.04 -51.54
N GLU D 200 59.28 3.98 -52.46
CA GLU D 200 58.27 5.02 -52.26
C GLU D 200 56.87 4.40 -52.26
N VAL D 201 55.96 5.02 -51.52
CA VAL D 201 54.65 4.43 -51.27
C VAL D 201 53.81 4.43 -52.55
N GLY D 202 52.78 3.60 -52.54
CA GLY D 202 51.87 3.48 -53.65
C GLY D 202 50.58 2.82 -53.22
N TYR D 203 49.78 2.40 -54.21
CA TYR D 203 48.50 1.77 -53.92
C TYR D 203 48.68 0.48 -53.13
N ASP D 204 49.74 -0.28 -53.41
CA ASP D 204 49.95 -1.54 -52.73
C ASP D 204 50.37 -1.37 -51.26
N ASP D 205 50.68 -0.16 -50.83
CA ASP D 205 51.14 0.08 -49.47
C ASP D 205 49.99 0.38 -48.49
N ILE D 206 48.75 0.33 -48.94
CA ILE D 206 47.59 0.40 -48.07
C ILE D 206 46.77 -0.85 -48.26
N GLY D 207 46.48 -1.55 -47.17
CA GLY D 207 45.70 -2.76 -47.24
C GLY D 207 44.43 -2.69 -46.41
N GLY D 208 44.46 -1.87 -45.35
CA GLY D 208 43.32 -1.81 -44.44
C GLY D 208 42.12 -1.06 -44.98
N CYS D 209 42.26 -0.38 -46.12
CA CYS D 209 41.18 0.42 -46.69
C CYS D 209 41.02 0.05 -48.16
N ARG D 210 39.86 -0.53 -48.49
CA ARG D 210 39.52 -0.87 -49.87
C ARG D 210 38.47 0.06 -50.46
N LYS D 211 37.32 0.20 -49.81
CA LYS D 211 36.30 1.11 -50.30
C LYS D 211 36.76 2.56 -50.17
N GLN D 212 37.40 2.91 -49.04
CA GLN D 212 37.84 4.28 -48.82
C GLN D 212 38.98 4.68 -49.74
N LEU D 213 39.85 3.75 -50.12
CA LEU D 213 40.88 4.04 -51.10
C LEU D 213 40.32 4.18 -52.50
N ALA D 214 39.36 3.31 -52.87
CA ALA D 214 38.72 3.41 -54.17
C ALA D 214 37.91 4.70 -54.28
N GLN D 215 37.37 5.20 -53.18
CA GLN D 215 36.66 6.48 -53.20
C GLN D 215 37.60 7.61 -53.61
N ILE D 216 38.78 7.67 -53.00
CA ILE D 216 39.75 8.70 -53.37
C ILE D 216 40.25 8.47 -54.79
N LYS D 217 40.39 7.20 -55.19
CA LYS D 217 40.81 6.91 -56.56
C LYS D 217 39.83 7.49 -57.57
N GLU D 218 38.54 7.19 -57.41
CA GLU D 218 37.52 7.75 -58.30
C GLU D 218 37.44 9.27 -58.17
N MET D 219 37.72 9.80 -56.98
CA MET D 219 37.64 11.24 -56.76
C MET D 219 38.71 11.99 -57.53
N VAL D 220 39.95 11.51 -57.51
CA VAL D 220 41.09 12.29 -57.96
C VAL D 220 41.78 11.72 -59.19
N GLU D 221 41.33 10.58 -59.73
CA GLU D 221 41.96 10.05 -60.93
C GLU D 221 41.67 10.91 -62.14
N LEU D 222 40.39 11.24 -62.35
CA LEU D 222 40.03 12.05 -63.51
C LEU D 222 40.61 13.47 -63.45
N PRO D 223 40.50 14.22 -62.35
CA PRO D 223 41.09 15.57 -62.34
C PRO D 223 42.59 15.61 -62.52
N LEU D 224 43.32 14.59 -62.07
CA LEU D 224 44.77 14.59 -62.12
C LEU D 224 45.32 14.03 -63.43
N ARG D 225 44.83 12.85 -63.84
CA ARG D 225 45.35 12.23 -65.06
C ARG D 225 44.96 13.03 -66.30
N HIS D 226 43.74 13.56 -66.34
CA HIS D 226 43.23 14.29 -67.50
C HIS D 226 42.67 15.63 -67.05
N PRO D 227 43.54 16.61 -66.76
CA PRO D 227 43.05 17.96 -66.47
C PRO D 227 42.49 18.67 -67.69
N ALA D 228 42.88 18.24 -68.90
CA ALA D 228 42.38 18.87 -70.12
C ALA D 228 40.87 18.65 -70.27
N LEU D 229 40.36 17.49 -69.84
CA LEU D 229 38.92 17.26 -69.90
C LEU D 229 38.18 18.22 -68.98
N PHE D 230 38.72 18.47 -67.78
CA PHE D 230 38.07 19.41 -66.87
C PHE D 230 38.17 20.84 -67.39
N LYS D 231 39.30 21.20 -68.00
CA LYS D 231 39.43 22.51 -68.61
C LYS D 231 38.47 22.66 -69.79
N ALA D 232 38.16 21.56 -70.47
CA ALA D 232 37.27 21.62 -71.62
C ALA D 232 35.80 21.61 -71.18
N ILE D 233 35.39 20.56 -70.48
CA ILE D 233 33.99 20.40 -70.09
C ILE D 233 33.75 21.20 -68.82
N GLY D 234 32.68 22.01 -68.82
CA GLY D 234 32.37 22.77 -67.64
C GLY D 234 31.88 21.88 -66.51
N VAL D 235 32.76 21.65 -65.53
CA VAL D 235 32.48 20.81 -64.38
C VAL D 235 33.09 21.51 -63.17
N LYS D 236 32.65 21.10 -61.98
CA LYS D 236 33.27 21.56 -60.73
C LYS D 236 34.22 20.49 -60.22
N PRO D 237 35.52 20.60 -60.51
CA PRO D 237 36.46 19.54 -60.13
C PRO D 237 36.59 19.44 -58.62
N PRO D 238 36.82 18.24 -58.10
CA PRO D 238 37.07 18.10 -56.65
C PRO D 238 38.37 18.79 -56.24
N ARG D 239 38.25 19.90 -55.52
CA ARG D 239 39.40 20.65 -55.03
C ARG D 239 39.24 20.76 -53.52
N GLY D 240 39.72 19.73 -52.81
CA GLY D 240 39.60 19.68 -51.37
C GLY D 240 39.12 18.33 -50.89
N ILE D 241 39.92 17.68 -50.04
CA ILE D 241 39.57 16.39 -49.46
C ILE D 241 39.74 16.49 -47.96
N LEU D 242 38.89 15.79 -47.21
CA LEU D 242 38.82 15.89 -45.76
C LEU D 242 38.98 14.51 -45.13
N LEU D 243 40.03 13.80 -45.54
CA LEU D 243 40.36 12.50 -44.95
C LEU D 243 40.47 12.63 -43.44
N TYR D 244 39.56 12.03 -42.70
CA TYR D 244 39.58 12.12 -41.24
C TYR D 244 39.54 10.71 -40.65
N GLY D 245 40.18 10.57 -39.49
CA GLY D 245 40.27 9.31 -38.81
C GLY D 245 41.26 9.41 -37.67
N PRO D 246 41.37 8.35 -36.86
CA PRO D 246 42.29 8.38 -35.75
C PRO D 246 43.73 8.50 -36.24
N PRO D 247 44.60 9.12 -35.46
CA PRO D 247 45.99 9.29 -35.90
C PRO D 247 46.69 7.96 -36.11
N GLY D 248 47.57 7.92 -37.10
CA GLY D 248 48.28 6.70 -37.43
C GLY D 248 47.52 5.73 -38.30
N THR D 249 46.46 6.17 -38.97
CA THR D 249 45.64 5.30 -39.79
C THR D 249 46.07 5.30 -41.25
N GLY D 250 47.08 6.08 -41.62
CA GLY D 250 47.58 6.10 -42.97
C GLY D 250 47.04 7.18 -43.87
N LYS D 251 46.46 8.24 -43.31
CA LYS D 251 45.96 9.33 -44.14
C LYS D 251 47.09 9.99 -44.92
N THR D 252 48.22 10.26 -44.25
CA THR D 252 49.39 10.77 -44.95
C THR D 252 49.92 9.75 -45.93
N LEU D 253 49.93 8.47 -45.55
CA LEU D 253 50.36 7.41 -46.45
C LEU D 253 49.45 7.34 -47.68
N ILE D 254 48.14 7.45 -47.47
CA ILE D 254 47.20 7.39 -48.59
C ILE D 254 47.38 8.61 -49.50
N ALA D 255 47.60 9.79 -48.91
CA ALA D 255 47.80 10.99 -49.71
C ALA D 255 49.06 10.87 -50.56
N ARG D 256 50.17 10.42 -49.96
CA ARG D 256 51.39 10.24 -50.74
C ARG D 256 51.20 9.18 -51.81
N ALA D 257 50.49 8.09 -51.48
CA ALA D 257 50.26 6.98 -52.41
C ALA D 257 49.47 7.45 -53.62
N VAL D 258 48.22 7.87 -53.44
CA VAL D 258 47.55 8.48 -54.58
C VAL D 258 47.76 9.99 -54.49
N ALA D 259 49.02 10.39 -54.56
CA ALA D 259 49.48 11.64 -55.16
C ALA D 259 50.75 11.47 -55.97
N ASN D 260 51.54 10.43 -55.71
CA ASN D 260 52.73 10.11 -56.50
C ASN D 260 52.45 9.07 -57.58
N GLU D 261 51.64 8.06 -57.27
CA GLU D 261 51.31 7.04 -58.26
C GLU D 261 50.37 7.61 -59.33
N THR D 262 49.38 8.39 -58.92
CA THR D 262 48.44 8.99 -59.86
C THR D 262 48.98 10.32 -60.41
N GLY D 263 49.35 11.23 -59.52
CA GLY D 263 49.91 12.50 -59.91
C GLY D 263 51.43 12.44 -60.07
N ALA D 264 52.04 13.62 -60.03
CA ALA D 264 53.49 13.72 -60.16
C ALA D 264 54.16 14.55 -59.08
N PHE D 265 53.45 15.45 -58.42
CA PHE D 265 54.02 16.28 -57.35
C PHE D 265 53.11 16.19 -56.14
N PHE D 266 53.71 15.97 -54.97
CA PHE D 266 52.98 15.82 -53.72
C PHE D 266 53.61 16.73 -52.67
N PHE D 267 52.84 17.69 -52.18
CA PHE D 267 53.30 18.62 -51.16
C PHE D 267 52.82 18.16 -49.79
N LEU D 268 53.71 18.25 -48.80
CA LEU D 268 53.48 17.68 -47.48
C LEU D 268 53.80 18.72 -46.41
N ILE D 269 53.17 19.90 -46.52
CA ILE D 269 53.25 20.87 -45.44
C ILE D 269 52.75 20.21 -44.15
N ASN D 270 53.52 20.39 -43.07
CA ASN D 270 53.32 19.57 -41.88
C ASN D 270 52.02 19.90 -41.16
N GLY D 271 51.59 21.16 -41.19
CA GLY D 271 50.55 21.64 -40.31
C GLY D 271 51.08 22.37 -39.10
N PRO D 272 51.70 21.64 -38.16
CA PRO D 272 52.43 22.34 -37.09
C PRO D 272 53.54 23.24 -37.59
N GLU D 273 54.12 22.94 -38.77
CA GLU D 273 55.14 23.82 -39.33
C GLU D 273 54.58 25.20 -39.62
N ILE D 274 53.37 25.27 -40.18
CA ILE D 274 52.75 26.56 -40.47
C ILE D 274 52.16 27.21 -39.22
N MET D 275 51.81 26.42 -38.20
CA MET D 275 51.35 26.97 -36.94
C MET D 275 52.51 27.39 -36.03
N SER D 276 53.74 27.03 -36.39
CA SER D 276 54.90 27.24 -35.53
C SER D 276 55.76 28.44 -35.93
N LYS D 277 55.83 28.76 -37.22
CA LYS D 277 56.73 29.80 -37.68
C LYS D 277 56.23 31.17 -37.24
N LEU D 278 57.03 32.19 -37.54
CA LEU D 278 56.82 33.54 -37.01
C LEU D 278 55.76 34.30 -37.83
N ALA D 279 54.53 33.78 -37.76
CA ALA D 279 53.35 34.44 -38.31
C ALA D 279 53.50 34.76 -39.79
N GLY D 280 54.16 35.89 -40.10
CA GLY D 280 54.29 36.32 -41.48
C GLY D 280 55.05 35.32 -42.34
N GLU D 281 56.14 34.77 -41.80
CA GLU D 281 56.89 33.75 -42.54
C GLU D 281 56.07 32.48 -42.71
N SER D 282 55.27 32.13 -41.70
CA SER D 282 54.39 30.96 -41.82
C SER D 282 53.37 31.15 -42.94
N GLU D 283 52.75 32.33 -43.00
CA GLU D 283 51.78 32.60 -44.06
C GLU D 283 52.46 32.69 -45.41
N SER D 284 53.70 33.18 -45.45
CA SER D 284 54.47 33.17 -46.69
C SER D 284 54.72 31.75 -47.18
N ASN D 285 55.06 30.85 -46.26
CA ASN D 285 55.23 29.44 -46.63
C ASN D 285 53.91 28.83 -47.09
N LEU D 286 52.80 29.20 -46.43
CA LEU D 286 51.49 28.70 -46.86
C LEU D 286 51.16 29.15 -48.27
N ARG D 287 51.43 30.41 -48.59
CA ARG D 287 51.21 30.90 -49.95
C ARG D 287 52.16 30.22 -50.93
N LYS D 288 53.42 30.04 -50.55
CA LYS D 288 54.42 29.53 -51.48
C LYS D 288 54.21 28.06 -51.78
N ALA D 289 53.71 27.28 -50.82
CA ALA D 289 53.39 25.88 -51.11
C ALA D 289 52.31 25.77 -52.16
N PHE D 290 51.25 26.58 -52.02
CA PHE D 290 50.18 26.59 -53.01
C PHE D 290 50.69 27.07 -54.36
N GLU D 291 51.57 28.08 -54.36
CA GLU D 291 52.12 28.59 -55.60
C GLU D 291 52.95 27.53 -56.31
N GLU D 292 53.86 26.88 -55.59
CA GLU D 292 54.69 25.84 -56.19
C GLU D 292 53.86 24.64 -56.63
N ALA D 293 52.75 24.37 -55.94
CA ALA D 293 51.83 23.34 -56.41
C ALA D 293 51.19 23.72 -57.73
N GLU D 294 50.79 25.00 -57.87
CA GLU D 294 50.15 25.44 -59.10
C GLU D 294 51.16 25.91 -60.15
N LYS D 295 52.45 25.98 -59.80
CA LYS D 295 53.46 26.42 -60.76
C LYS D 295 54.13 25.24 -61.45
N ASN D 296 54.36 24.15 -60.72
CA ASN D 296 55.13 23.04 -61.26
C ASN D 296 54.29 22.18 -62.21
N ALA D 297 53.22 21.57 -61.69
CA ALA D 297 52.38 20.65 -62.43
C ALA D 297 51.11 20.37 -61.64
N PRO D 298 50.09 19.72 -62.22
CA PRO D 298 48.96 19.25 -61.40
C PRO D 298 49.43 18.43 -60.22
N ALA D 299 49.24 18.98 -59.01
CA ALA D 299 49.82 18.41 -57.80
C ALA D 299 48.73 18.25 -56.74
N ILE D 300 49.14 17.72 -55.59
CA ILE D 300 48.26 17.50 -54.46
C ILE D 300 48.89 18.14 -53.24
N ILE D 301 48.17 19.09 -52.63
CA ILE D 301 48.60 19.72 -51.39
C ILE D 301 47.98 18.96 -50.22
N PHE D 302 48.82 18.52 -49.29
CA PHE D 302 48.36 17.73 -48.16
C PHE D 302 48.55 18.54 -46.88
N ILE D 303 47.46 18.76 -46.16
CA ILE D 303 47.49 19.43 -44.86
C ILE D 303 47.31 18.34 -43.81
N ASP D 304 48.43 17.89 -43.23
CA ASP D 304 48.41 16.77 -42.30
C ASP D 304 47.69 17.10 -40.99
N GLU D 305 47.62 18.37 -40.62
CA GLU D 305 47.05 18.78 -39.34
C GLU D 305 46.11 19.96 -39.53
N LEU D 306 45.17 19.83 -40.48
CA LEU D 306 44.17 20.86 -40.69
C LEU D 306 43.37 21.14 -39.41
N ASP D 307 43.25 20.15 -38.53
CA ASP D 307 42.66 20.40 -37.23
C ASP D 307 43.50 21.35 -36.39
N ALA D 308 44.83 21.31 -36.57
CA ALA D 308 45.71 22.22 -35.83
C ALA D 308 45.79 23.58 -36.49
N ILE D 309 45.91 23.63 -37.81
CA ILE D 309 45.98 24.91 -38.52
C ILE D 309 44.66 25.66 -38.38
N ALA D 310 43.53 24.96 -38.55
CA ALA D 310 42.20 25.56 -38.54
C ALA D 310 41.31 24.84 -37.54
N PRO D 311 41.47 25.10 -36.25
CA PRO D 311 40.51 24.58 -35.26
C PRO D 311 39.24 25.40 -35.26
N LYS D 312 38.33 25.11 -34.32
CA LYS D 312 37.11 25.91 -34.18
C LYS D 312 37.44 27.36 -33.91
N ARG D 313 37.12 28.24 -34.87
CA ARG D 313 37.44 29.66 -34.72
C ARG D 313 36.68 30.29 -33.57
N GLU D 314 35.48 29.78 -33.27
CA GLU D 314 34.68 30.35 -32.20
C GLU D 314 35.35 30.21 -30.84
N LYS D 315 36.01 29.07 -30.59
CA LYS D 315 36.64 28.81 -29.31
C LYS D 315 38.08 29.28 -29.24
N THR D 316 38.64 29.81 -30.33
CA THR D 316 40.00 30.32 -30.30
C THR D 316 40.08 31.60 -29.49
N HIS D 317 41.22 31.80 -28.84
CA HIS D 317 41.46 32.98 -28.00
C HIS D 317 42.25 34.04 -28.73
N GLY D 318 43.42 33.69 -29.26
CA GLY D 318 44.21 34.64 -30.01
C GLY D 318 43.58 34.98 -31.34
N GLU D 319 44.03 36.10 -31.92
CA GLU D 319 43.52 36.56 -33.20
C GLU D 319 44.47 36.26 -34.36
N VAL D 320 45.76 36.13 -34.10
CA VAL D 320 46.68 35.74 -35.17
C VAL D 320 46.37 34.32 -35.64
N GLU D 321 45.92 33.44 -34.73
CA GLU D 321 45.41 32.15 -35.17
C GLU D 321 44.10 32.29 -35.94
N ARG D 322 43.26 33.26 -35.55
CA ARG D 322 42.09 33.57 -36.36
C ARG D 322 42.49 34.08 -37.73
N ARG D 323 43.56 34.89 -37.79
CA ARG D 323 44.08 35.32 -39.07
C ARG D 323 44.56 34.14 -39.90
N ILE D 324 45.21 33.16 -39.26
CA ILE D 324 45.66 31.97 -39.98
C ILE D 324 44.48 31.20 -40.54
N VAL D 325 43.44 31.01 -39.72
CA VAL D 325 42.26 30.27 -40.16
C VAL D 325 41.58 30.98 -41.33
N SER D 326 41.42 32.31 -41.22
CA SER D 326 40.75 33.06 -42.27
C SER D 326 41.59 33.11 -43.53
N GLN D 327 42.92 33.20 -43.41
CA GLN D 327 43.78 33.17 -44.59
C GLN D 327 43.72 31.83 -45.28
N LEU D 328 43.68 30.73 -44.51
CA LEU D 328 43.50 29.42 -45.11
C LEU D 328 42.15 29.31 -45.82
N LEU D 329 41.10 29.86 -45.20
CA LEU D 329 39.78 29.85 -45.83
C LEU D 329 39.78 30.61 -47.14
N THR D 330 40.40 31.79 -47.15
CA THR D 330 40.44 32.59 -48.38
C THR D 330 41.33 31.95 -49.44
N LEU D 331 42.42 31.29 -49.03
CA LEU D 331 43.25 30.58 -50.00
C LEU D 331 42.49 29.42 -50.62
N MET D 332 41.72 28.68 -49.82
CA MET D 332 40.94 27.57 -50.36
C MET D 332 39.81 28.08 -51.26
N ASP D 333 39.17 29.19 -50.88
CA ASP D 333 38.14 29.77 -51.74
C ASP D 333 38.72 30.27 -53.06
N GLY D 334 39.91 30.87 -53.02
CA GLY D 334 40.61 31.28 -54.22
C GLY D 334 41.32 30.17 -54.95
N LEU D 335 41.31 28.95 -54.40
CA LEU D 335 41.88 27.78 -55.04
C LEU D 335 40.94 27.16 -56.05
N LYS D 336 39.82 27.81 -56.36
CA LYS D 336 38.92 27.32 -57.39
C LYS D 336 39.56 27.38 -58.77
N GLN D 337 40.67 28.09 -58.92
CA GLN D 337 41.34 28.24 -60.20
C GLN D 337 42.29 27.07 -60.46
N ARG D 338 42.89 27.09 -61.65
CA ARG D 338 43.91 26.17 -62.15
C ARG D 338 43.35 24.79 -62.48
N ALA D 339 42.13 24.50 -62.02
CA ALA D 339 41.36 23.33 -62.41
C ALA D 339 42.09 21.99 -62.28
N HIS D 340 43.26 21.98 -61.61
CA HIS D 340 44.03 20.73 -61.55
C HIS D 340 44.74 20.50 -60.23
N VAL D 341 44.48 21.26 -59.17
CA VAL D 341 45.20 21.13 -57.91
C VAL D 341 44.22 20.58 -56.87
N ILE D 342 44.51 19.39 -56.37
CA ILE D 342 43.75 18.80 -55.28
C ILE D 342 44.40 19.18 -53.97
N VAL D 343 43.58 19.38 -52.93
CA VAL D 343 44.06 19.81 -51.62
C VAL D 343 43.52 18.82 -50.59
N MET D 344 44.32 17.82 -50.25
CA MET D 344 43.94 16.87 -49.21
C MET D 344 44.22 17.43 -47.83
N ALA D 345 43.34 17.12 -46.89
CA ALA D 345 43.47 17.57 -45.51
C ALA D 345 43.25 16.39 -44.57
N ALA D 346 44.09 16.29 -43.55
CA ALA D 346 44.00 15.21 -42.57
C ALA D 346 43.62 15.78 -41.21
N THR D 347 42.79 15.03 -40.49
CA THR D 347 42.34 15.42 -39.16
C THR D 347 41.85 14.17 -38.43
N ASN D 348 41.50 14.35 -37.15
CA ASN D 348 41.05 13.23 -36.35
C ASN D 348 39.54 13.05 -36.36
N ARG D 349 38.79 14.12 -36.60
CA ARG D 349 37.33 14.07 -36.60
C ARG D 349 36.80 15.30 -37.31
N PRO D 350 35.63 15.22 -37.95
CA PRO D 350 35.12 16.39 -38.68
C PRO D 350 34.41 17.41 -37.80
N ASN D 351 33.96 17.02 -36.61
CA ASN D 351 33.28 17.93 -35.71
C ASN D 351 34.24 18.74 -34.85
N SER D 352 35.54 18.72 -35.14
CA SER D 352 36.52 19.53 -34.45
C SER D 352 37.04 20.70 -35.29
N ILE D 353 36.93 20.62 -36.61
CA ILE D 353 37.30 21.73 -37.48
C ILE D 353 36.20 22.78 -37.44
N ASP D 354 36.60 24.04 -37.59
CA ASP D 354 35.63 25.13 -37.64
C ASP D 354 34.62 24.89 -38.76
N PRO D 355 33.33 25.11 -38.52
CA PRO D 355 32.33 24.84 -39.58
C PRO D 355 32.38 25.84 -40.72
N ALA D 356 33.58 26.05 -41.27
CA ALA D 356 33.76 26.84 -42.48
C ALA D 356 34.67 26.17 -43.49
N LEU D 357 35.52 25.23 -43.08
CA LEU D 357 36.30 24.39 -43.99
C LEU D 357 35.51 23.22 -44.54
N ARG D 358 34.18 23.23 -44.40
CA ARG D 358 33.31 22.22 -44.98
C ARG D 358 32.37 22.80 -46.02
N ARG D 359 32.58 24.05 -46.43
CA ARG D 359 31.74 24.70 -47.41
C ARG D 359 32.05 24.17 -48.81
N PHE D 360 31.23 24.57 -49.77
CA PHE D 360 31.40 24.13 -51.15
C PHE D 360 32.73 24.61 -51.71
N GLY D 361 33.47 23.69 -52.34
CA GLY D 361 34.77 24.00 -52.90
C GLY D 361 35.91 23.98 -51.92
N ARG D 362 35.66 23.76 -50.62
CA ARG D 362 36.67 23.73 -49.58
C ARG D 362 36.42 22.50 -48.73
N PHE D 363 37.09 21.38 -49.07
CA PHE D 363 36.99 20.12 -48.34
C PHE D 363 35.53 19.68 -48.18
N ASP D 364 34.77 19.82 -49.27
CA ASP D 364 33.35 19.44 -49.24
C ASP D 364 33.15 17.94 -49.20
N ARG D 365 34.18 17.15 -49.51
CA ARG D 365 34.07 15.70 -49.57
C ARG D 365 34.81 15.07 -48.39
N GLU D 366 34.10 14.28 -47.60
CA GLU D 366 34.67 13.55 -46.48
C GLU D 366 34.76 12.07 -46.83
N VAL D 367 35.95 11.51 -46.68
CA VAL D 367 36.27 10.18 -47.17
C VAL D 367 36.76 9.31 -46.00
N ASP D 368 36.13 9.49 -44.85
CA ASP D 368 36.52 8.94 -43.55
C ASP D 368 37.21 7.58 -43.61
N ILE D 369 38.37 7.47 -42.99
CA ILE D 369 39.18 6.25 -43.07
C ILE D 369 38.76 5.23 -42.03
N GLY D 370 38.69 5.63 -40.76
CA GLY D 370 38.26 4.73 -39.72
C GLY D 370 39.31 3.70 -39.32
N ILE D 371 39.12 3.08 -38.16
CA ILE D 371 40.07 2.07 -37.68
C ILE D 371 40.06 0.89 -38.63
N PRO D 372 41.22 0.31 -38.97
CA PRO D 372 41.22 -0.93 -39.77
C PRO D 372 40.44 -2.03 -39.06
N ASP D 373 39.70 -2.80 -39.85
CA ASP D 373 38.71 -3.73 -39.32
C ASP D 373 39.02 -5.15 -39.78
N ALA D 374 39.14 -6.06 -38.81
CA ALA D 374 39.27 -7.50 -39.05
C ALA D 374 40.34 -7.84 -40.07
N THR D 375 39.92 -8.44 -41.19
CA THR D 375 40.87 -8.84 -42.22
C THR D 375 41.65 -7.65 -42.75
N GLY D 376 41.08 -6.45 -42.69
CA GLY D 376 41.82 -5.26 -43.08
C GLY D 376 43.11 -5.09 -42.30
N ARG D 377 43.05 -5.33 -40.99
CA ARG D 377 44.28 -5.35 -40.21
C ARG D 377 45.23 -6.42 -40.73
N LEU D 378 44.69 -7.60 -41.03
CA LEU D 378 45.47 -8.62 -41.73
C LEU D 378 46.04 -8.05 -43.03
N GLU D 379 45.19 -7.36 -43.81
CA GLU D 379 45.65 -6.78 -45.06
C GLU D 379 46.70 -5.70 -44.84
N ILE D 380 46.85 -5.21 -43.61
CA ILE D 380 47.95 -4.29 -43.31
C ILE D 380 49.22 -5.07 -42.99
N LEU D 381 49.08 -6.17 -42.25
CA LEU D 381 50.25 -6.91 -41.77
C LEU D 381 51.09 -7.42 -42.92
N GLN D 382 50.44 -8.00 -43.93
CA GLN D 382 51.16 -8.50 -45.10
C GLN D 382 51.92 -7.41 -45.83
N ILE D 383 51.51 -6.14 -45.68
CA ILE D 383 52.26 -5.05 -46.30
C ILE D 383 53.55 -4.80 -45.53
N HIS D 384 53.53 -4.94 -44.21
CA HIS D 384 54.71 -4.73 -43.39
C HIS D 384 55.50 -6.00 -43.14
N THR D 385 55.08 -7.13 -43.74
CA THR D 385 55.73 -8.41 -43.59
C THR D 385 56.32 -8.94 -44.89
N LYS D 386 55.84 -8.45 -46.04
CA LYS D 386 56.31 -8.96 -47.33
C LYS D 386 57.81 -8.76 -47.49
N ASN D 387 58.32 -7.58 -47.13
CA ASN D 387 59.76 -7.36 -47.14
C ASN D 387 60.45 -8.19 -46.05
N MET D 388 59.77 -8.41 -44.93
CA MET D 388 60.30 -9.19 -43.82
C MET D 388 60.13 -10.68 -44.13
N LYS D 389 60.37 -11.52 -43.13
CA LYS D 389 60.09 -12.94 -43.19
C LYS D 389 59.05 -13.29 -42.14
N LEU D 390 58.44 -14.47 -42.28
CA LEU D 390 57.38 -14.87 -41.37
C LEU D 390 57.49 -16.33 -40.93
N ALA D 391 58.56 -17.03 -41.30
CA ALA D 391 58.79 -18.45 -40.95
C ALA D 391 57.61 -19.25 -41.50
N ASP D 392 57.09 -20.23 -40.75
CA ASP D 392 55.97 -21.02 -41.23
C ASP D 392 54.91 -21.30 -40.16
N ASP D 393 55.11 -20.87 -38.92
CA ASP D 393 54.19 -21.16 -37.83
C ASP D 393 53.33 -19.96 -37.43
N VAL D 394 53.48 -18.82 -38.09
CA VAL D 394 52.72 -17.63 -37.70
C VAL D 394 51.28 -17.78 -38.15
N ASP D 395 50.36 -17.40 -37.26
CA ASP D 395 48.93 -17.37 -37.58
C ASP D 395 48.55 -15.91 -37.79
N LEU D 396 48.73 -15.42 -39.02
CA LEU D 396 48.48 -14.02 -39.31
C LEU D 396 47.01 -13.66 -39.10
N GLU D 397 46.10 -14.58 -39.39
CA GLU D 397 44.69 -14.33 -39.13
C GLU D 397 44.41 -14.22 -37.63
N GLN D 398 45.10 -15.02 -36.82
CA GLN D 398 44.89 -14.96 -35.37
C GLN D 398 45.42 -13.65 -34.80
N VAL D 399 46.63 -13.25 -35.19
CA VAL D 399 47.16 -11.98 -34.71
C VAL D 399 46.37 -10.80 -35.29
N ALA D 400 45.73 -10.98 -36.45
CA ALA D 400 44.84 -9.95 -36.96
C ALA D 400 43.58 -9.85 -36.12
N ASN D 401 43.03 -10.98 -35.69
CA ASN D 401 41.94 -10.96 -34.73
C ASN D 401 42.40 -10.56 -33.34
N GLU D 402 43.72 -10.62 -33.08
CA GLU D 402 44.26 -10.26 -31.78
C GLU D 402 44.49 -8.76 -31.65
N THR D 403 44.73 -8.08 -32.75
CA THR D 403 45.13 -6.67 -32.73
C THR D 403 43.93 -5.73 -32.82
N HIS D 404 42.94 -5.98 -31.98
CA HIS D 404 41.72 -5.17 -32.01
C HIS D 404 41.97 -3.80 -31.41
N GLY D 405 41.54 -2.76 -32.13
CA GLY D 405 41.74 -1.40 -31.69
C GLY D 405 43.06 -0.77 -32.09
N HIS D 406 43.76 -1.34 -33.07
CA HIS D 406 45.05 -0.83 -33.52
C HIS D 406 44.89 -0.17 -34.87
N VAL D 407 45.38 1.07 -35.00
CA VAL D 407 45.47 1.75 -36.28
C VAL D 407 46.65 1.15 -37.06
N GLY D 408 46.76 1.50 -38.33
CA GLY D 408 47.82 0.97 -39.17
C GLY D 408 49.21 1.30 -38.69
N ALA D 409 49.37 2.37 -37.92
CA ALA D 409 50.68 2.69 -37.35
C ALA D 409 51.09 1.66 -36.29
N ASP D 410 50.13 1.22 -35.48
CA ASP D 410 50.42 0.18 -34.48
C ASP D 410 50.81 -1.13 -35.15
N LEU D 411 50.11 -1.50 -36.22
CA LEU D 411 50.47 -2.70 -36.97
C LEU D 411 51.84 -2.56 -37.61
N ALA D 412 52.20 -1.36 -38.08
CA ALA D 412 53.55 -1.14 -38.56
C ALA D 412 54.57 -1.25 -37.43
N ALA D 413 54.22 -0.76 -36.24
CA ALA D 413 55.10 -0.94 -35.08
C ALA D 413 55.06 -2.38 -34.58
N LEU D 414 53.89 -3.04 -34.65
CA LEU D 414 53.81 -4.43 -34.25
C LEU D 414 54.67 -5.32 -35.15
N CYS D 415 54.65 -5.07 -36.46
CA CYS D 415 55.52 -5.78 -37.37
C CYS D 415 56.99 -5.39 -37.21
N SER D 416 57.26 -4.21 -36.68
CA SER D 416 58.63 -3.78 -36.42
C SER D 416 59.14 -4.20 -35.07
N GLU D 417 58.26 -4.31 -34.06
CA GLU D 417 58.70 -4.76 -32.75
C GLU D 417 58.95 -6.26 -32.71
N ALA D 418 58.19 -7.04 -33.48
CA ALA D 418 58.46 -8.47 -33.55
C ALA D 418 59.73 -8.74 -34.33
N ALA D 419 59.96 -8.00 -35.42
CA ALA D 419 61.21 -8.13 -36.16
C ALA D 419 62.40 -7.73 -35.29
N LEU D 420 62.26 -6.65 -34.53
CA LEU D 420 63.34 -6.25 -33.63
C LEU D 420 63.54 -7.25 -32.50
N GLN D 421 62.46 -7.89 -32.04
CA GLN D 421 62.60 -8.96 -31.05
C GLN D 421 63.40 -10.12 -31.60
N ALA D 422 63.10 -10.53 -32.84
CA ALA D 422 63.86 -11.61 -33.48
C ALA D 422 65.31 -11.21 -33.67
N ILE D 423 65.56 -9.97 -34.10
CA ILE D 423 66.93 -9.51 -34.31
C ILE D 423 67.69 -9.49 -32.99
N ARG D 424 67.06 -9.02 -31.92
CA ARG D 424 67.73 -8.93 -30.63
C ARG D 424 67.93 -10.30 -29.99
N LYS D 425 67.07 -11.27 -30.31
CA LYS D 425 67.33 -12.63 -29.87
C LYS D 425 68.45 -13.28 -30.67
N LYS D 426 68.61 -12.89 -31.94
CA LYS D 426 69.74 -13.35 -32.74
C LYS D 426 71.04 -12.60 -32.43
N MET D 427 70.96 -11.47 -31.73
CA MET D 427 72.17 -10.75 -31.35
C MET D 427 73.03 -11.56 -30.40
N ASP D 428 72.39 -12.28 -29.47
CA ASP D 428 73.14 -13.14 -28.56
C ASP D 428 73.77 -14.33 -29.30
N LEU D 429 73.09 -14.83 -30.34
CA LEU D 429 73.64 -15.94 -31.11
C LEU D 429 74.85 -15.50 -31.92
N ILE D 430 74.74 -14.35 -32.60
CA ILE D 430 75.83 -13.81 -33.41
C ILE D 430 76.45 -12.67 -32.61
N ASP D 431 77.49 -12.98 -31.86
CA ASP D 431 78.13 -12.00 -31.00
C ASP D 431 79.14 -11.16 -31.80
N LEU D 432 79.51 -10.02 -31.22
CA LEU D 432 80.57 -9.12 -31.68
C LEU D 432 80.22 -8.44 -33.00
N GLU D 433 79.03 -8.69 -33.57
CA GLU D 433 78.68 -8.15 -34.88
C GLU D 433 78.54 -6.63 -34.87
N ASP D 434 79.51 -5.93 -35.47
CA ASP D 434 79.37 -4.51 -35.77
C ASP D 434 79.87 -4.30 -37.21
N GLU D 435 78.99 -4.56 -38.16
CA GLU D 435 79.27 -4.43 -39.58
C GLU D 435 77.96 -4.05 -40.28
N THR D 436 77.92 -4.24 -41.60
CA THR D 436 76.66 -4.18 -42.33
C THR D 436 75.77 -5.38 -42.04
N ILE D 437 76.29 -6.39 -41.34
CA ILE D 437 75.58 -7.61 -40.95
C ILE D 437 75.09 -8.35 -42.19
N ASP D 438 75.76 -8.12 -43.32
CA ASP D 438 75.57 -8.86 -44.57
C ASP D 438 74.09 -8.84 -44.96
N ALA D 439 73.64 -9.86 -45.70
CA ALA D 439 72.24 -10.07 -45.97
C ALA D 439 71.83 -11.53 -45.90
N GLU D 440 72.74 -12.43 -45.52
CA GLU D 440 72.47 -13.86 -45.45
C GLU D 440 71.88 -14.27 -44.11
N VAL D 441 72.39 -13.71 -43.02
CA VAL D 441 71.80 -13.98 -41.70
C VAL D 441 70.40 -13.40 -41.62
N MET D 442 70.17 -12.25 -42.26
CA MET D 442 68.82 -11.69 -42.32
C MET D 442 67.89 -12.59 -43.11
N ASN D 443 68.39 -13.21 -44.17
CA ASN D 443 67.61 -14.21 -44.88
C ASN D 443 67.32 -15.41 -43.98
N SER D 444 68.30 -15.80 -43.16
CA SER D 444 68.10 -16.90 -42.22
C SER D 444 67.17 -16.50 -41.06
N LEU D 445 66.92 -15.20 -40.88
CA LEU D 445 66.02 -14.76 -39.82
C LEU D 445 64.60 -15.22 -40.13
N ALA D 446 63.96 -15.83 -39.14
CA ALA D 446 62.60 -16.36 -39.29
C ALA D 446 61.78 -15.92 -38.08
N VAL D 447 60.99 -14.86 -38.26
CA VAL D 447 60.13 -14.37 -37.18
C VAL D 447 59.01 -15.37 -36.94
N THR D 448 58.92 -15.86 -35.71
CA THR D 448 57.95 -16.87 -35.32
C THR D 448 56.84 -16.25 -34.49
N MET D 449 55.93 -17.10 -34.01
CA MET D 449 54.83 -16.64 -33.17
C MET D 449 55.31 -16.05 -31.84
N ASP D 450 56.50 -16.43 -31.36
CA ASP D 450 57.01 -15.88 -30.11
C ASP D 450 57.23 -14.38 -30.23
N ASP D 451 57.91 -13.95 -31.30
CA ASP D 451 58.18 -12.53 -31.50
C ASP D 451 56.89 -11.73 -31.67
N PHE D 452 55.97 -12.23 -32.49
CA PHE D 452 54.71 -11.54 -32.71
C PHE D 452 53.86 -11.47 -31.45
N ARG D 453 53.79 -12.54 -30.66
CA ARG D 453 53.07 -12.53 -29.39
C ARG D 453 53.71 -11.55 -28.40
N TRP D 454 55.03 -11.53 -28.31
CA TRP D 454 55.70 -10.59 -27.41
C TRP D 454 55.43 -9.15 -27.84
N ALA D 455 55.50 -8.88 -29.15
CA ALA D 455 55.22 -7.53 -29.64
C ALA D 455 53.77 -7.14 -29.40
N LEU D 456 52.84 -8.07 -29.61
CA LEU D 456 51.43 -7.78 -29.38
C LEU D 456 51.17 -7.49 -27.90
N SER D 457 51.82 -8.23 -27.01
CA SER D 457 51.71 -7.93 -25.59
C SER D 457 52.31 -6.57 -25.26
N GLN D 458 53.43 -6.23 -25.91
CA GLN D 458 54.06 -4.93 -25.66
C GLN D 458 53.29 -3.79 -26.33
N SER D 459 52.77 -4.03 -27.53
CA SER D 459 52.09 -2.98 -28.29
C SER D 459 50.81 -2.54 -27.56
N ASN D 460 50.53 -1.24 -27.64
CA ASN D 460 49.36 -0.65 -27.02
C ASN D 460 48.44 -0.09 -28.10
N PRO D 461 47.15 -0.37 -28.04
CA PRO D 461 46.21 0.21 -29.01
C PRO D 461 46.18 1.73 -28.89
N SER D 462 46.12 2.40 -30.04
CA SER D 462 46.02 3.86 -30.07
C SER D 462 44.59 4.32 -30.24
N ALA D 463 43.79 3.61 -31.03
CA ALA D 463 42.40 3.94 -31.29
C ALA D 463 41.54 2.74 -30.92
N LEU D 464 41.16 2.64 -29.64
CA LEU D 464 40.34 1.54 -29.16
C LEU D 464 38.93 1.98 -28.78
N ARG D 465 38.78 3.17 -28.20
CA ARG D 465 37.47 3.65 -27.78
C ARG D 465 36.61 4.12 -28.94
N GLU D 466 37.21 4.42 -30.10
CA GLU D 466 36.43 4.80 -31.26
C GLU D 466 35.64 3.60 -31.77
N THR D 467 34.42 3.86 -32.23
CA THR D 467 33.56 2.79 -32.74
C THR D 467 34.19 2.17 -33.98
N VAL D 468 34.19 0.85 -34.04
CA VAL D 468 34.82 0.12 -35.14
C VAL D 468 33.78 -0.11 -36.24
N VAL D 469 34.15 0.22 -37.47
CA VAL D 469 33.33 0.00 -38.65
C VAL D 469 33.93 -1.19 -39.38
N GLU D 470 33.18 -2.30 -39.43
CA GLU D 470 33.73 -3.56 -39.86
C GLU D 470 32.89 -4.18 -40.97
N VAL D 471 33.54 -5.05 -41.75
CA VAL D 471 32.85 -5.97 -42.64
C VAL D 471 33.03 -7.36 -42.02
N PRO D 472 31.98 -7.92 -41.41
CA PRO D 472 32.16 -9.13 -40.60
C PRO D 472 32.55 -10.33 -41.44
N GLN D 473 33.26 -11.26 -40.79
CA GLN D 473 33.64 -12.52 -41.40
C GLN D 473 32.58 -13.60 -41.21
N VAL D 474 31.48 -13.28 -40.52
CA VAL D 474 30.40 -14.23 -40.30
C VAL D 474 29.59 -14.35 -41.59
N THR D 475 29.52 -15.55 -42.14
CA THR D 475 28.79 -15.83 -43.37
C THR D 475 27.55 -16.66 -43.07
N TRP D 476 26.82 -17.01 -44.12
CA TRP D 476 25.63 -17.84 -43.95
C TRP D 476 26.00 -19.24 -43.47
N GLU D 477 27.21 -19.70 -43.79
CA GLU D 477 27.66 -21.00 -43.30
C GLU D 477 27.83 -21.00 -41.79
N ASP D 478 28.23 -19.86 -41.21
CA ASP D 478 28.37 -19.76 -39.77
C ASP D 478 27.03 -19.67 -39.05
N ILE D 479 25.93 -19.51 -39.79
CA ILE D 479 24.60 -19.42 -39.19
C ILE D 479 23.95 -20.79 -39.29
N GLY D 480 23.67 -21.39 -38.13
CA GLY D 480 23.01 -22.68 -38.09
C GLY D 480 21.50 -22.57 -38.01
N GLY D 481 20.80 -23.22 -38.94
CA GLY D 481 19.35 -23.13 -38.94
C GLY D 481 18.85 -21.77 -39.41
N LEU D 482 17.63 -21.46 -39.00
CA LEU D 482 16.97 -20.19 -39.34
C LEU D 482 16.93 -19.99 -40.85
N GLU D 483 16.60 -21.06 -41.58
CA GLU D 483 16.55 -20.99 -43.04
C GLU D 483 15.44 -20.06 -43.51
N ASP D 484 14.27 -20.11 -42.86
CA ASP D 484 13.19 -19.20 -43.20
C ASP D 484 13.58 -17.75 -42.91
N VAL D 485 14.23 -17.51 -41.77
CA VAL D 485 14.69 -16.17 -41.44
C VAL D 485 15.75 -15.71 -42.43
N LYS D 486 16.65 -16.62 -42.82
CA LYS D 486 17.67 -16.28 -43.81
C LYS D 486 17.02 -15.90 -45.14
N ARG D 487 16.00 -16.65 -45.57
CA ARG D 487 15.31 -16.33 -46.81
C ARG D 487 14.60 -14.98 -46.73
N GLU D 488 13.93 -14.72 -45.60
CA GLU D 488 13.26 -13.43 -45.42
C GLU D 488 14.26 -12.28 -45.46
N LEU D 489 15.41 -12.46 -44.79
CA LEU D 489 16.43 -11.41 -44.78
C LEU D 489 16.99 -11.18 -46.18
N GLN D 490 17.36 -12.25 -46.88
CA GLN D 490 17.94 -12.12 -48.21
C GLN D 490 16.93 -11.66 -49.25
N GLU D 491 15.64 -11.79 -48.98
CA GLU D 491 14.61 -11.24 -49.86
C GLU D 491 14.13 -9.87 -49.42
N LEU D 492 14.57 -9.39 -48.25
CA LEU D 492 14.13 -8.10 -47.76
C LEU D 492 15.19 -7.00 -47.89
N VAL D 493 16.47 -7.33 -47.79
CA VAL D 493 17.53 -6.35 -47.90
C VAL D 493 18.36 -6.54 -49.17
N GLN D 494 18.60 -7.77 -49.61
CA GLN D 494 19.35 -7.98 -50.84
C GLN D 494 18.51 -7.72 -52.09
N TYR D 495 17.19 -7.92 -52.00
CA TYR D 495 16.32 -7.65 -53.15
C TYR D 495 16.33 -6.19 -53.58
N PRO D 496 16.14 -5.19 -52.70
CA PRO D 496 16.11 -3.81 -53.19
C PRO D 496 17.43 -3.31 -53.74
N VAL D 497 18.56 -3.79 -53.22
CA VAL D 497 19.85 -3.24 -53.64
C VAL D 497 20.25 -3.70 -55.03
N GLU D 498 19.62 -4.75 -55.56
CA GLU D 498 19.93 -5.25 -56.89
C GLU D 498 18.78 -5.13 -57.87
N HIS D 499 17.56 -4.89 -57.40
CA HIS D 499 16.40 -4.68 -58.27
C HIS D 499 15.66 -3.42 -57.84
N PRO D 500 16.21 -2.24 -58.12
CA PRO D 500 15.53 -1.00 -57.72
C PRO D 500 14.40 -0.63 -58.67
N ASP D 501 14.52 -1.02 -59.94
CA ASP D 501 13.51 -0.66 -60.93
C ASP D 501 12.16 -1.31 -60.61
N LYS D 502 12.17 -2.59 -60.21
CA LYS D 502 10.92 -3.27 -59.90
C LYS D 502 10.31 -2.74 -58.61
N PHE D 503 11.13 -2.32 -57.66
CA PHE D 503 10.59 -1.67 -56.47
C PHE D 503 10.00 -0.31 -56.78
N LEU D 504 10.60 0.42 -57.72
CA LEU D 504 10.09 1.74 -58.09
C LEU D 504 8.81 1.63 -58.91
N LYS D 505 8.69 0.57 -59.71
CA LYS D 505 7.52 0.43 -60.59
C LYS D 505 6.25 0.27 -59.78
N PHE D 506 6.27 -0.54 -58.73
CA PHE D 506 5.08 -0.79 -57.93
C PHE D 506 4.80 0.31 -56.92
N GLY D 507 5.70 1.28 -56.78
CA GLY D 507 5.49 2.39 -55.88
C GLY D 507 5.49 2.01 -54.42
N MET D 508 6.63 1.52 -53.93
CA MET D 508 6.77 1.16 -52.53
C MET D 508 8.21 1.39 -52.10
N THR D 509 8.40 2.16 -51.04
CA THR D 509 9.72 2.32 -50.45
C THR D 509 10.09 1.04 -49.72
N PRO D 510 11.23 0.43 -50.02
CA PRO D 510 11.60 -0.83 -49.34
C PRO D 510 11.80 -0.61 -47.85
N SER D 511 11.47 -1.64 -47.08
CA SER D 511 11.53 -1.54 -45.63
C SER D 511 12.98 -1.48 -45.18
N LYS D 512 13.30 -0.46 -44.39
CA LYS D 512 14.65 -0.27 -43.85
C LYS D 512 14.57 -0.39 -42.34
N GLY D 513 15.25 -1.40 -41.79
CA GLY D 513 15.25 -1.58 -40.34
C GLY D 513 14.43 -2.81 -39.98
N VAL D 514 15.06 -3.72 -39.24
CA VAL D 514 14.44 -4.95 -38.79
C VAL D 514 14.72 -5.14 -37.31
N LEU D 515 13.68 -5.39 -36.53
CA LEU D 515 13.80 -5.62 -35.09
C LEU D 515 13.80 -7.12 -34.85
N PHE D 516 14.99 -7.68 -34.62
CA PHE D 516 15.11 -9.10 -34.31
C PHE D 516 14.73 -9.32 -32.84
N TYR D 517 13.61 -9.98 -32.61
CA TYR D 517 13.18 -10.31 -31.26
C TYR D 517 13.15 -11.82 -31.08
N GLY D 518 13.54 -12.26 -29.88
CA GLY D 518 13.61 -13.66 -29.58
C GLY D 518 14.39 -13.93 -28.30
N PRO D 519 14.63 -15.20 -28.02
CA PRO D 519 15.41 -15.54 -26.82
C PRO D 519 16.82 -15.03 -26.94
N PRO D 520 17.43 -14.62 -25.83
CA PRO D 520 18.81 -14.14 -25.88
C PRO D 520 19.79 -15.25 -26.24
N GLY D 521 20.87 -14.87 -26.91
CA GLY D 521 21.86 -15.83 -27.34
C GLY D 521 21.35 -16.82 -28.37
N CYS D 522 20.58 -16.34 -29.34
CA CYS D 522 19.98 -17.21 -30.35
C CYS D 522 20.44 -16.92 -31.77
N GLY D 523 21.21 -15.86 -32.00
CA GLY D 523 21.77 -15.61 -33.31
C GLY D 523 21.27 -14.38 -34.00
N LYS D 524 20.92 -13.34 -33.24
CA LYS D 524 20.50 -12.08 -33.85
C LYS D 524 21.69 -11.26 -34.34
N THR D 525 22.70 -11.09 -33.49
CA THR D 525 23.92 -10.42 -33.92
C THR D 525 24.61 -11.23 -35.02
N LEU D 526 24.60 -12.55 -34.90
CA LEU D 526 25.17 -13.40 -35.95
C LEU D 526 24.45 -13.21 -37.27
N LEU D 527 23.12 -13.14 -37.23
CA LEU D 527 22.34 -12.92 -38.46
C LEU D 527 22.63 -11.55 -39.06
N ALA D 528 22.74 -10.52 -38.21
CA ALA D 528 23.06 -9.19 -38.72
C ALA D 528 24.44 -9.17 -39.36
N LYS D 529 25.42 -9.83 -38.73
CA LYS D 529 26.76 -9.87 -39.30
C LYS D 529 26.78 -10.65 -40.61
N ALA D 530 25.99 -11.73 -40.69
CA ALA D 530 25.90 -12.49 -41.94
C ALA D 530 25.27 -11.66 -43.05
N ILE D 531 24.25 -10.87 -42.71
CA ILE D 531 23.64 -9.97 -43.68
C ILE D 531 24.65 -8.93 -44.15
N ALA D 532 25.44 -8.39 -43.22
CA ALA D 532 26.46 -7.42 -43.59
C ALA D 532 27.51 -8.04 -44.50
N ASN D 533 27.92 -9.27 -44.22
CA ASN D 533 28.97 -9.91 -45.01
C ASN D 533 28.46 -10.32 -46.39
N GLU D 534 27.22 -10.79 -46.48
CA GLU D 534 26.68 -11.26 -47.76
C GLU D 534 26.58 -10.11 -48.76
N CYS D 535 26.14 -8.94 -48.31
CA CYS D 535 26.05 -7.77 -49.16
C CYS D 535 27.35 -6.98 -49.23
N GLN D 536 28.39 -7.42 -48.50
CA GLN D 536 29.69 -6.76 -48.48
C GLN D 536 29.56 -5.29 -48.09
N ALA D 537 28.80 -5.06 -47.02
CA ALA D 537 28.56 -3.72 -46.51
C ALA D 537 29.15 -3.58 -45.11
N ASN D 538 29.48 -2.35 -44.75
CA ASN D 538 30.05 -2.09 -43.44
C ASN D 538 29.04 -2.37 -42.34
N PHE D 539 29.55 -2.78 -41.18
CA PHE D 539 28.71 -3.18 -40.05
C PHE D 539 29.08 -2.36 -38.83
N ILE D 540 28.10 -1.68 -38.25
CA ILE D 540 28.28 -0.90 -37.04
C ILE D 540 27.38 -1.51 -35.97
N SER D 541 28.00 -2.08 -34.93
CA SER D 541 27.27 -2.70 -33.84
C SER D 541 27.25 -1.77 -32.65
N ILE D 542 26.06 -1.29 -32.30
CA ILE D 542 25.88 -0.46 -31.11
C ILE D 542 25.28 -1.33 -30.01
N LYS D 543 26.14 -1.90 -29.17
CA LYS D 543 25.70 -2.84 -28.16
C LYS D 543 24.97 -2.12 -27.03
N GLY D 544 24.34 -2.91 -26.15
CA GLY D 544 23.68 -2.40 -24.98
C GLY D 544 24.53 -1.59 -24.04
N PRO D 545 25.79 -2.00 -23.77
CA PRO D 545 26.67 -1.13 -22.98
C PRO D 545 26.83 0.28 -23.51
N GLU D 546 26.94 0.45 -24.84
CA GLU D 546 27.09 1.79 -25.39
C GLU D 546 25.83 2.63 -25.18
N LEU D 547 24.66 2.04 -25.43
CA LEU D 547 23.41 2.76 -25.23
C LEU D 547 23.22 3.13 -23.76
N LEU D 548 23.54 2.20 -22.85
CA LEU D 548 23.39 2.48 -21.43
C LEU D 548 24.37 3.55 -20.97
N THR D 549 25.60 3.54 -21.52
CA THR D 549 26.56 4.59 -21.19
C THR D 549 26.08 5.94 -21.67
N MET D 550 25.52 6.01 -22.88
CA MET D 550 25.01 7.27 -23.40
C MET D 550 23.79 7.74 -22.63
N TRP D 551 22.98 6.81 -22.12
CA TRP D 551 21.81 7.19 -21.33
C TRP D 551 22.18 7.68 -19.94
N PHE D 552 23.11 6.99 -19.27
CA PHE D 552 23.44 7.33 -17.89
C PHE D 552 24.14 8.68 -17.79
N GLY D 553 25.12 8.92 -18.66
CA GLY D 553 25.83 10.18 -18.66
C GLY D 553 25.13 11.31 -19.36
N GLU D 554 23.87 11.10 -19.77
CA GLU D 554 23.11 12.09 -20.54
C GLU D 554 23.87 12.49 -21.80
N SER D 555 24.49 11.50 -22.44
CA SER D 555 25.30 11.69 -23.64
C SER D 555 24.56 11.26 -24.89
N GLU D 556 23.26 11.55 -24.97
CA GLU D 556 22.48 11.22 -26.16
C GLU D 556 22.96 11.97 -27.40
N ALA D 557 23.65 13.11 -27.22
CA ALA D 557 24.22 13.82 -28.35
C ALA D 557 25.27 13.00 -29.06
N ASN D 558 25.86 12.01 -28.40
CA ASN D 558 26.78 11.10 -29.06
C ASN D 558 26.09 10.16 -30.02
N VAL D 559 24.80 9.87 -29.80
CA VAL D 559 24.04 9.01 -30.71
C VAL D 559 24.11 9.55 -32.12
N ARG D 560 23.91 10.86 -32.27
CA ARG D 560 24.07 11.53 -33.56
C ARG D 560 25.39 11.13 -34.23
N GLU D 561 26.48 11.23 -33.47
CA GLU D 561 27.80 10.89 -34.01
C GLU D 561 27.80 9.48 -34.59
N ILE D 562 27.21 8.53 -33.87
CA ILE D 562 27.15 7.15 -34.36
C ILE D 562 26.49 7.11 -35.72
N PHE D 563 25.32 7.76 -35.84
CA PHE D 563 24.64 7.79 -37.13
C PHE D 563 25.48 8.52 -38.17
N ASP D 564 26.15 9.59 -37.75
CA ASP D 564 27.07 10.28 -38.66
C ASP D 564 28.16 9.33 -39.15
N LYS D 565 28.66 8.47 -38.25
CA LYS D 565 29.63 7.47 -38.67
C LYS D 565 29.03 6.56 -39.73
N ALA D 566 27.78 6.13 -39.52
CA ALA D 566 27.11 5.30 -40.51
C ALA D 566 26.86 6.07 -41.79
N ARG D 567 26.76 7.40 -41.71
CA ARG D 567 26.62 8.19 -42.93
C ARG D 567 27.95 8.30 -43.67
N GLN D 568 29.06 8.15 -42.96
CA GLN D 568 30.38 8.24 -43.57
C GLN D 568 30.98 6.87 -43.88
N ALA D 569 30.25 5.80 -43.60
CA ALA D 569 30.70 4.44 -43.90
C ALA D 569 29.66 3.68 -44.70
N ALA D 570 28.85 4.40 -45.48
CA ALA D 570 27.79 3.78 -46.25
C ALA D 570 28.38 2.87 -47.34
N PRO D 571 27.75 1.73 -47.63
CA PRO D 571 26.52 1.20 -47.02
C PRO D 571 26.77 0.61 -45.63
N CYS D 572 25.81 0.78 -44.70
CA CYS D 572 25.96 0.28 -43.34
C CYS D 572 24.79 -0.61 -42.98
N VAL D 573 25.04 -1.49 -42.01
CA VAL D 573 24.07 -2.48 -41.56
C VAL D 573 23.82 -2.30 -40.07
N LEU D 574 23.73 -1.03 -39.64
CA LEU D 574 23.64 -0.61 -38.24
C LEU D 574 22.84 -1.56 -37.38
N PHE D 575 23.42 -1.98 -36.25
CA PHE D 575 22.84 -3.00 -35.40
C PHE D 575 22.81 -2.48 -33.97
N PHE D 576 21.59 -2.33 -33.43
CA PHE D 576 21.41 -1.86 -32.06
C PHE D 576 21.13 -3.07 -31.16
N ASP D 577 22.21 -3.72 -30.75
CA ASP D 577 22.08 -4.87 -29.87
C ASP D 577 21.53 -4.44 -28.51
N GLU D 578 20.61 -5.24 -27.99
CA GLU D 578 19.92 -4.96 -26.72
C GLU D 578 19.25 -3.59 -26.77
N LEU D 579 18.30 -3.46 -27.70
CA LEU D 579 17.53 -2.23 -27.80
C LEU D 579 16.63 -2.01 -26.58
N ASP D 580 16.38 -3.05 -25.80
CA ASP D 580 15.61 -2.95 -24.56
C ASP D 580 16.50 -2.83 -23.34
N SER D 581 17.82 -2.67 -23.52
CA SER D 581 18.71 -2.55 -22.38
C SER D 581 18.41 -1.31 -21.56
N ILE D 582 18.11 -0.20 -22.23
CA ILE D 582 17.73 1.02 -21.52
C ILE D 582 16.40 0.83 -20.79
N ALA D 583 15.47 0.09 -21.39
CA ALA D 583 14.21 -0.20 -20.70
C ALA D 583 14.43 -1.18 -19.56
N LYS D 584 15.36 -2.13 -19.71
CA LYS D 584 15.66 -3.07 -18.63
C LYS D 584 16.29 -2.35 -17.45
N ALA D 585 17.16 -1.37 -17.72
CA ALA D 585 17.83 -0.64 -16.64
C ALA D 585 16.88 0.26 -15.87
N ARG D 586 15.70 0.53 -16.41
CA ARG D 586 14.70 1.36 -15.73
C ARG D 586 13.66 0.53 -14.99
N GLY D 587 13.80 -0.79 -14.96
CA GLY D 587 12.86 -1.64 -14.26
C GLY D 587 12.23 -2.68 -15.15
N GLY D 588 11.96 -2.32 -16.40
CA GLY D 588 11.35 -3.22 -17.35
C GLY D 588 9.84 -3.21 -17.30
N GLY D 594 7.53 5.95 -16.20
CA GLY D 594 7.15 4.89 -17.11
C GLY D 594 6.89 5.37 -18.52
N GLY D 595 6.16 4.56 -19.29
CA GLY D 595 5.81 4.91 -20.65
C GLY D 595 6.93 4.71 -21.66
N ALA D 596 8.04 4.10 -21.26
CA ALA D 596 9.21 3.84 -22.12
C ALA D 596 9.70 5.18 -22.68
N ALA D 597 10.17 5.22 -23.93
CA ALA D 597 10.58 6.46 -24.60
C ALA D 597 11.68 7.18 -23.81
N ASP D 598 12.83 6.51 -23.72
CA ASP D 598 13.96 7.05 -22.99
C ASP D 598 14.72 8.05 -23.85
N ARG D 599 15.74 8.69 -23.24
CA ARG D 599 16.48 9.75 -23.93
C ARG D 599 17.22 9.20 -25.14
N VAL D 600 18.03 8.16 -24.94
CA VAL D 600 18.82 7.62 -26.04
C VAL D 600 17.93 6.97 -27.07
N ILE D 601 16.86 6.30 -26.63
CA ILE D 601 15.92 5.70 -27.57
C ILE D 601 15.20 6.78 -28.37
N ASN D 602 14.88 7.92 -27.74
CA ASN D 602 14.24 9.00 -28.46
C ASN D 602 15.16 9.62 -29.50
N GLN D 603 16.43 9.81 -29.14
CA GLN D 603 17.40 10.30 -30.12
C GLN D 603 17.61 9.29 -31.24
N ILE D 604 17.56 8.00 -30.92
CA ILE D 604 17.63 6.95 -31.93
C ILE D 604 16.44 7.04 -32.88
N LEU D 605 15.25 7.31 -32.33
CA LEU D 605 14.07 7.50 -33.16
C LEU D 605 14.22 8.70 -34.09
N THR D 606 14.74 9.81 -33.57
CA THR D 606 14.96 10.99 -34.39
C THR D 606 15.95 10.71 -35.51
N GLU D 607 17.04 10.01 -35.20
CA GLU D 607 18.03 9.70 -36.22
C GLU D 607 17.51 8.66 -37.21
N MET D 608 16.63 7.76 -36.77
CA MET D 608 15.98 6.84 -37.70
C MET D 608 15.08 7.59 -38.68
N ASP D 609 14.35 8.57 -38.17
CA ASP D 609 13.53 9.41 -39.05
C ASP D 609 14.41 10.18 -40.03
N GLY D 610 15.58 10.65 -39.56
CA GLY D 610 16.51 11.32 -40.46
C GLY D 610 17.09 10.40 -41.52
N MET D 611 17.43 9.16 -41.15
CA MET D 611 18.09 8.23 -42.03
C MET D 611 17.13 7.38 -42.85
N SER D 612 15.82 7.53 -42.65
CA SER D 612 14.86 6.81 -43.47
C SER D 612 14.97 7.19 -44.95
N THR D 613 15.46 8.40 -45.23
CA THR D 613 15.66 8.86 -46.60
C THR D 613 17.03 8.51 -47.15
N LYS D 614 17.90 7.89 -46.35
CA LYS D 614 19.22 7.49 -46.84
C LYS D 614 19.10 6.39 -47.88
N LYS D 615 18.36 5.32 -47.57
CA LYS D 615 18.21 4.15 -48.44
C LYS D 615 19.54 3.58 -48.86
N ASN D 616 20.56 3.74 -48.01
CA ASN D 616 21.85 3.10 -48.18
C ASN D 616 22.36 2.44 -46.92
N VAL D 617 21.70 2.65 -45.78
CA VAL D 617 22.10 2.07 -44.50
C VAL D 617 20.91 1.32 -43.93
N PHE D 618 21.16 0.14 -43.37
CA PHE D 618 20.12 -0.65 -42.73
C PHE D 618 20.30 -0.55 -41.22
N ILE D 619 19.17 -0.52 -40.51
CA ILE D 619 19.17 -0.03 -39.13
C ILE D 619 18.67 -1.19 -38.25
N ILE D 620 19.08 -2.41 -38.58
CA ILE D 620 18.70 -3.63 -37.87
C ILE D 620 18.77 -3.45 -36.35
N GLY D 621 17.76 -3.92 -35.64
CA GLY D 621 17.77 -3.87 -34.20
C GLY D 621 17.74 -5.24 -33.55
N ALA D 622 17.68 -5.29 -32.22
CA ALA D 622 17.65 -6.56 -31.52
C ALA D 622 17.07 -6.34 -30.13
N THR D 623 16.18 -7.24 -29.72
CA THR D 623 15.53 -7.16 -28.42
C THR D 623 15.39 -8.56 -27.85
N ASN D 624 16.05 -8.82 -26.73
CA ASN D 624 15.86 -10.07 -26.00
C ASN D 624 14.65 -10.01 -25.07
N ARG D 625 14.00 -8.85 -24.97
CA ARG D 625 12.75 -8.70 -24.23
C ARG D 625 11.91 -7.68 -24.97
N PRO D 626 11.28 -8.09 -26.08
CA PRO D 626 10.58 -7.12 -26.95
C PRO D 626 9.32 -6.54 -26.34
N ASP D 627 8.78 -7.14 -25.28
CA ASP D 627 7.55 -6.61 -24.68
C ASP D 627 7.77 -5.24 -24.09
N ILE D 628 8.88 -5.04 -23.37
CA ILE D 628 9.19 -3.73 -22.78
C ILE D 628 10.09 -3.02 -23.81
N ILE D 629 9.44 -2.36 -24.76
CA ILE D 629 10.13 -1.57 -25.77
C ILE D 629 9.24 -0.37 -26.11
N ASP D 630 9.87 0.66 -26.65
CA ASP D 630 9.12 1.85 -27.05
C ASP D 630 8.28 1.53 -28.28
N PRO D 631 6.95 1.71 -28.22
CA PRO D 631 6.13 1.44 -29.41
C PRO D 631 6.45 2.36 -30.58
N ALA D 632 7.10 3.50 -30.34
CA ALA D 632 7.49 4.37 -31.44
C ALA D 632 8.53 3.72 -32.33
N ILE D 633 9.30 2.77 -31.81
CA ILE D 633 10.27 2.05 -32.62
C ILE D 633 9.61 1.16 -33.67
N LEU D 634 8.32 0.88 -33.53
CA LEU D 634 7.56 0.06 -34.46
C LEU D 634 6.67 1.00 -35.28
N ARG D 635 7.22 1.53 -36.37
CA ARG D 635 6.53 2.52 -37.18
C ARG D 635 7.18 2.60 -38.56
N PRO D 636 6.42 2.87 -39.62
CA PRO D 636 7.03 3.03 -40.94
C PRO D 636 8.09 4.12 -40.94
N GLY D 637 9.17 3.86 -41.67
CA GLY D 637 10.38 4.68 -41.63
C GLY D 637 11.33 4.19 -40.56
N ARG D 638 10.79 3.85 -39.39
CA ARG D 638 11.55 3.23 -38.32
C ARG D 638 11.44 1.70 -38.49
N LEU D 639 11.80 0.95 -37.45
CA LEU D 639 11.81 -0.52 -37.56
C LEU D 639 10.39 -1.06 -37.66
N ASP D 640 9.90 -1.17 -38.89
CA ASP D 640 8.55 -1.66 -39.15
C ASP D 640 8.51 -3.19 -39.24
N GLN D 641 9.36 -3.77 -40.09
CA GLN D 641 9.40 -5.23 -40.23
C GLN D 641 9.92 -5.87 -38.95
N LEU D 642 9.27 -6.94 -38.51
CA LEU D 642 9.67 -7.68 -37.31
C LEU D 642 9.91 -9.13 -37.70
N ILE D 643 11.10 -9.62 -37.39
CA ILE D 643 11.48 -11.00 -37.67
C ILE D 643 11.75 -11.69 -36.33
N TYR D 644 11.05 -12.79 -36.09
CA TYR D 644 11.20 -13.54 -34.85
C TYR D 644 12.29 -14.59 -35.02
N ILE D 645 13.25 -14.58 -34.09
CA ILE D 645 14.34 -15.55 -34.10
C ILE D 645 14.03 -16.63 -33.08
N PRO D 646 13.42 -17.75 -33.48
CA PRO D 646 12.97 -18.75 -32.50
C PRO D 646 14.13 -19.60 -32.02
N LEU D 647 13.87 -20.33 -30.93
CA LEU D 647 14.82 -21.30 -30.44
C LEU D 647 15.05 -22.39 -31.48
N PRO D 648 16.28 -22.83 -31.69
CA PRO D 648 16.54 -23.84 -32.73
C PRO D 648 15.79 -25.13 -32.44
N ASP D 649 15.29 -25.76 -33.50
CA ASP D 649 14.59 -27.02 -33.40
C ASP D 649 15.60 -28.16 -33.50
N GLU D 650 15.11 -29.40 -33.66
CA GLU D 650 16.01 -30.54 -33.73
C GLU D 650 16.94 -30.45 -34.93
N LYS D 651 16.42 -30.01 -36.07
CA LYS D 651 17.26 -29.93 -37.27
C LYS D 651 18.20 -28.74 -37.20
N SER D 652 17.75 -27.61 -36.64
CA SER D 652 18.58 -26.42 -36.59
C SER D 652 19.74 -26.58 -35.61
N ARG D 653 19.54 -27.35 -34.54
CA ARG D 653 20.62 -27.53 -33.56
C ARG D 653 21.79 -28.31 -34.15
N VAL D 654 21.53 -29.22 -35.08
CA VAL D 654 22.63 -29.93 -35.76
C VAL D 654 23.50 -28.94 -36.51
N ALA D 655 22.87 -28.02 -37.26
CA ALA D 655 23.63 -27.02 -38.00
C ALA D 655 24.34 -26.06 -37.06
N ILE D 656 23.71 -25.71 -35.93
CA ILE D 656 24.33 -24.82 -34.96
C ILE D 656 25.58 -25.46 -34.37
N LEU D 657 25.48 -26.74 -34.00
CA LEU D 657 26.63 -27.44 -33.44
C LEU D 657 27.72 -27.65 -34.47
N LYS D 658 27.34 -27.92 -35.73
CA LYS D 658 28.35 -28.10 -36.77
C LYS D 658 29.07 -26.80 -37.08
N ALA D 659 28.35 -25.68 -37.09
CA ALA D 659 28.97 -24.39 -37.36
C ALA D 659 29.87 -23.95 -36.21
N ASN D 660 29.52 -24.32 -34.97
CA ASN D 660 30.33 -23.98 -33.81
C ASN D 660 31.48 -24.97 -33.59
N LEU D 661 31.57 -26.01 -34.42
CA LEU D 661 32.63 -27.00 -34.29
C LEU D 661 33.41 -27.20 -35.58
N ARG D 662 33.22 -26.33 -36.57
CA ARG D 662 33.99 -26.45 -37.81
C ARG D 662 35.48 -26.22 -37.57
N LYS D 663 35.81 -25.20 -36.78
CA LYS D 663 37.21 -24.93 -36.47
C LYS D 663 37.78 -25.99 -35.53
N SER D 664 36.96 -26.48 -34.60
CA SER D 664 37.43 -27.45 -33.63
C SER D 664 37.62 -28.82 -34.29
N PRO D 665 38.69 -29.53 -33.97
CA PRO D 665 38.89 -30.87 -34.53
C PRO D 665 38.08 -31.92 -33.79
N VAL D 666 36.83 -32.09 -34.17
CA VAL D 666 35.93 -33.04 -33.52
C VAL D 666 36.06 -34.39 -34.19
N ALA D 667 36.20 -35.44 -33.38
CA ALA D 667 36.28 -36.79 -33.91
C ALA D 667 34.94 -37.21 -34.50
N LYS D 668 35.01 -38.06 -35.54
CA LYS D 668 33.81 -38.49 -36.25
C LYS D 668 32.93 -39.41 -35.41
N ASP D 669 33.47 -40.04 -34.37
CA ASP D 669 32.69 -40.97 -33.56
C ASP D 669 31.63 -40.28 -32.71
N VAL D 670 31.71 -38.95 -32.55
CA VAL D 670 30.69 -38.25 -31.77
C VAL D 670 29.38 -38.22 -32.54
N ASP D 671 28.30 -37.92 -31.82
CA ASP D 671 26.94 -37.92 -32.37
C ASP D 671 26.32 -36.55 -32.13
N LEU D 672 26.56 -35.62 -33.05
CA LEU D 672 26.01 -34.27 -32.90
C LEU D 672 24.52 -34.24 -33.17
N GLU D 673 24.03 -35.03 -34.12
CA GLU D 673 22.61 -35.08 -34.39
C GLU D 673 21.81 -35.71 -33.26
N PHE D 674 22.47 -36.43 -32.35
CA PHE D 674 21.83 -36.91 -31.13
C PHE D 674 21.89 -35.88 -30.01
N LEU D 675 23.00 -35.14 -29.94
CA LEU D 675 23.07 -34.01 -29.01
C LEU D 675 22.02 -32.96 -29.33
N ALA D 676 21.69 -32.79 -30.61
CA ALA D 676 20.58 -31.92 -30.99
C ALA D 676 19.26 -32.46 -30.46
N LYS D 677 19.07 -33.78 -30.53
CA LYS D 677 17.83 -34.37 -30.02
C LYS D 677 17.70 -34.19 -28.52
N MET D 678 18.80 -34.40 -27.78
CA MET D 678 18.73 -34.36 -26.32
C MET D 678 18.43 -32.95 -25.81
N THR D 679 19.16 -31.96 -26.32
CA THR D 679 18.93 -30.57 -25.92
C THR D 679 17.67 -30.06 -26.60
N ASN D 680 16.68 -29.66 -25.81
CA ASN D 680 15.38 -29.24 -26.33
C ASN D 680 15.23 -27.72 -26.37
N GLY D 681 15.37 -27.07 -25.22
CA GLY D 681 15.19 -25.62 -25.15
C GLY D 681 16.48 -24.86 -25.23
N PHE D 682 17.52 -25.48 -25.77
CA PHE D 682 18.84 -24.87 -25.81
C PHE D 682 18.94 -23.88 -26.96
N SER D 683 19.40 -22.68 -26.65
CA SER D 683 19.62 -21.67 -27.68
C SER D 683 20.95 -21.91 -28.38
N GLY D 684 21.30 -21.03 -29.33
CA GLY D 684 22.59 -21.11 -29.96
C GLY D 684 23.73 -20.85 -28.98
N ALA D 685 23.51 -19.92 -28.04
CA ALA D 685 24.52 -19.65 -27.02
C ALA D 685 24.73 -20.85 -26.11
N ASP D 686 23.66 -21.57 -25.77
CA ASP D 686 23.80 -22.73 -24.91
C ASP D 686 24.60 -23.84 -25.58
N LEU D 687 24.32 -24.11 -26.86
CA LEU D 687 25.08 -25.11 -27.59
C LEU D 687 26.52 -24.66 -27.81
N THR D 688 26.74 -23.36 -28.01
CA THR D 688 28.10 -22.84 -28.13
C THR D 688 28.86 -23.02 -26.82
N GLU D 689 28.19 -22.78 -25.68
CA GLU D 689 28.83 -23.04 -24.39
C GLU D 689 29.13 -24.52 -24.21
N ILE D 690 28.23 -25.38 -24.69
CA ILE D 690 28.46 -26.83 -24.59
C ILE D 690 29.70 -27.23 -25.37
N CYS D 691 29.80 -26.76 -26.62
CA CYS D 691 30.95 -27.13 -27.44
C CYS D 691 32.23 -26.48 -26.94
N GLN D 692 32.14 -25.27 -26.40
CA GLN D 692 33.31 -24.61 -25.84
C GLN D 692 33.79 -25.34 -24.58
N ARG D 693 32.86 -25.84 -23.76
CA ARG D 693 33.25 -26.62 -22.59
C ARG D 693 33.84 -27.96 -22.98
N ALA D 694 33.32 -28.58 -24.05
CA ALA D 694 33.94 -29.80 -24.56
C ALA D 694 35.36 -29.53 -25.04
N CYS D 695 35.56 -28.41 -25.74
CA CYS D 695 36.90 -28.02 -26.17
C CYS D 695 37.80 -27.76 -24.96
N LYS D 696 37.25 -27.11 -23.93
CA LYS D 696 38.03 -26.84 -22.72
C LYS D 696 38.47 -28.12 -22.04
N LEU D 697 37.56 -29.11 -21.94
CA LEU D 697 37.94 -30.39 -21.35
C LEU D 697 38.97 -31.12 -22.21
N ALA D 698 38.83 -31.04 -23.53
CA ALA D 698 39.81 -31.67 -24.42
C ALA D 698 41.19 -31.04 -24.23
N ILE D 699 41.26 -29.71 -24.18
CA ILE D 699 42.53 -29.03 -23.98
C ILE D 699 43.10 -29.34 -22.60
N ARG D 700 42.23 -29.42 -21.59
CA ARG D 700 42.69 -29.74 -20.24
C ARG D 700 43.29 -31.15 -20.19
N GLU D 701 42.64 -32.12 -20.83
CA GLU D 701 43.17 -33.47 -20.87
C GLU D 701 44.48 -33.52 -21.64
N SER D 702 44.57 -32.80 -22.76
CA SER D 702 45.80 -32.79 -23.54
C SER D 702 46.95 -32.17 -22.74
N ILE D 703 46.69 -31.07 -22.04
CA ILE D 703 47.72 -30.41 -21.24
C ILE D 703 48.14 -31.30 -20.08
N GLU D 704 47.17 -31.95 -19.43
CA GLU D 704 47.50 -32.87 -18.33
C GLU D 704 48.37 -34.01 -18.82
N SER D 705 48.02 -34.60 -19.98
CA SER D 705 48.82 -35.68 -20.52
C SER D 705 50.23 -35.20 -20.89
N GLU D 706 50.33 -34.01 -21.48
CA GLU D 706 51.64 -33.50 -21.89
C GLU D 706 52.53 -33.22 -20.68
N ILE D 707 51.98 -32.57 -19.65
CA ILE D 707 52.78 -32.27 -18.47
C ILE D 707 53.10 -33.53 -17.68
N ARG D 708 52.21 -34.52 -17.71
CA ARG D 708 52.51 -35.80 -17.06
C ARG D 708 53.63 -36.53 -17.80
N ARG D 709 53.61 -36.49 -19.13
CA ARG D 709 54.68 -37.11 -19.90
C ARG D 709 56.01 -36.39 -19.68
N GLU D 710 55.98 -35.05 -19.60
CA GLU D 710 57.19 -34.29 -19.32
C GLU D 710 57.73 -34.60 -17.93
N ARG D 711 56.84 -34.78 -16.95
CA ARG D 711 57.26 -35.17 -15.61
C ARG D 711 57.55 -36.67 -15.50
N GLU D 712 57.26 -37.45 -16.53
CA GLU D 712 57.58 -38.87 -16.57
C GLU D 712 58.73 -39.20 -17.51
N ARG D 713 58.93 -38.42 -18.56
CA ARG D 713 59.99 -38.66 -19.53
C ARG D 713 60.98 -37.50 -19.55
N PRO D 727 49.59 -37.43 -27.71
CA PRO D 727 48.46 -37.63 -26.80
C PRO D 727 47.13 -37.74 -27.55
N VAL D 728 46.19 -36.86 -27.22
CA VAL D 728 44.86 -36.85 -27.83
C VAL D 728 44.90 -35.91 -29.04
N PRO D 729 44.46 -36.35 -30.22
CA PRO D 729 44.49 -35.48 -31.40
C PRO D 729 43.18 -34.78 -31.71
N GLU D 730 42.08 -35.11 -31.04
CA GLU D 730 40.78 -34.57 -31.38
C GLU D 730 39.87 -34.64 -30.16
N ILE D 731 38.77 -33.89 -30.23
CA ILE D 731 37.80 -33.89 -29.14
C ILE D 731 37.13 -35.26 -29.11
N ARG D 732 37.46 -36.06 -28.10
CA ARG D 732 36.91 -37.41 -28.01
C ARG D 732 35.46 -37.37 -27.53
N ARG D 733 34.85 -38.55 -27.47
CA ARG D 733 33.47 -38.66 -27.02
C ARG D 733 33.34 -38.27 -25.55
N ASP D 734 34.28 -38.73 -24.71
CA ASP D 734 34.18 -38.50 -23.27
C ASP D 734 34.23 -37.02 -22.92
N HIS D 735 34.91 -36.21 -23.74
CA HIS D 735 34.93 -34.76 -23.50
C HIS D 735 33.53 -34.17 -23.61
N PHE D 736 32.79 -34.54 -24.66
CA PHE D 736 31.41 -34.08 -24.78
C PHE D 736 30.54 -34.69 -23.69
N GLU D 737 30.81 -35.94 -23.31
CA GLU D 737 30.08 -36.58 -22.23
C GLU D 737 30.19 -35.78 -20.94
N GLU D 738 31.41 -35.35 -20.61
CA GLU D 738 31.61 -34.58 -19.39
C GLU D 738 31.08 -33.15 -19.54
N ALA D 739 31.17 -32.56 -20.74
CA ALA D 739 30.69 -31.20 -20.94
C ALA D 739 29.18 -31.12 -20.81
N MET D 740 28.47 -32.15 -21.26
CA MET D 740 27.01 -32.13 -21.20
C MET D 740 26.48 -32.24 -19.77
N ARG D 741 27.33 -32.57 -18.79
CA ARG D 741 26.88 -32.61 -17.40
C ARG D 741 26.57 -31.21 -16.86
N PHE D 742 27.13 -30.17 -17.46
CA PHE D 742 26.87 -28.79 -17.08
C PHE D 742 26.06 -28.08 -18.16
N ALA D 743 25.08 -28.78 -18.72
CA ALA D 743 24.33 -28.26 -19.86
C ALA D 743 23.41 -27.13 -19.42
N ARG D 744 23.71 -25.93 -19.90
CA ARG D 744 22.96 -24.73 -19.53
C ARG D 744 21.75 -24.56 -20.44
N ARG D 745 20.61 -24.21 -19.85
CA ARG D 745 19.41 -23.81 -20.59
C ARG D 745 19.03 -22.44 -20.06
N SER D 746 19.56 -21.39 -20.71
CA SER D 746 19.36 -20.03 -20.22
C SER D 746 17.89 -19.61 -20.29
N VAL D 747 17.22 -19.92 -21.40
CA VAL D 747 15.82 -19.55 -21.60
C VAL D 747 14.98 -20.82 -21.68
N SER D 748 13.94 -20.88 -20.86
CA SER D 748 13.09 -22.07 -20.83
C SER D 748 11.73 -21.69 -20.27
N ASP D 749 10.71 -22.46 -20.68
CA ASP D 749 9.35 -22.40 -20.14
C ASP D 749 8.76 -21.02 -20.41
N ASN D 750 8.28 -20.29 -19.40
CA ASN D 750 7.45 -19.10 -19.61
C ASN D 750 8.17 -18.03 -20.41
N ASP D 751 9.50 -17.94 -20.31
CA ASP D 751 10.23 -16.96 -21.11
C ASP D 751 9.99 -17.17 -22.59
N ILE D 752 10.07 -18.43 -23.05
CA ILE D 752 9.78 -18.72 -24.45
C ILE D 752 8.35 -18.37 -24.78
N ARG D 753 7.45 -18.44 -23.79
CA ARG D 753 6.08 -18.00 -24.00
C ARG D 753 6.00 -16.52 -24.33
N LYS D 754 6.78 -15.70 -23.60
CA LYS D 754 6.64 -14.25 -23.71
C LYS D 754 6.85 -13.78 -25.15
N TYR D 755 7.94 -14.21 -25.77
CA TYR D 755 8.18 -13.87 -27.18
C TYR D 755 7.02 -14.34 -28.04
N GLU D 756 6.55 -15.57 -27.83
CA GLU D 756 5.39 -16.05 -28.56
C GLU D 756 4.20 -15.15 -28.32
N MET D 757 3.99 -14.73 -27.07
CA MET D 757 2.97 -13.72 -26.79
C MET D 757 3.22 -12.47 -27.61
N PHE D 758 4.45 -11.94 -27.55
CA PHE D 758 4.78 -10.77 -28.36
C PHE D 758 4.69 -11.10 -29.84
N ALA D 759 4.85 -12.38 -30.21
CA ALA D 759 4.57 -12.77 -31.58
C ALA D 759 3.11 -12.57 -31.91
N GLN D 760 2.21 -13.13 -31.08
CA GLN D 760 0.79 -13.07 -31.37
C GLN D 760 0.31 -11.62 -31.40
N THR D 761 0.64 -10.85 -30.36
CA THR D 761 0.28 -9.44 -30.31
C THR D 761 0.86 -8.66 -31.48
N LEU D 762 1.92 -9.17 -32.11
CA LEU D 762 2.46 -8.53 -33.30
C LEU D 762 2.20 -9.30 -34.59
N GLN D 763 1.65 -10.51 -34.51
CA GLN D 763 1.26 -11.19 -35.75
C GLN D 763 -0.05 -10.61 -36.29
N GLN D 764 -0.95 -10.23 -35.38
CA GLN D 764 -2.17 -9.49 -35.70
C GLN D 764 -2.96 -10.16 -36.83
N SER D 765 -3.20 -11.46 -36.68
CA SER D 765 -4.10 -12.15 -37.59
C SER D 765 -5.51 -11.57 -37.48
N ARG D 766 -5.97 -11.34 -36.25
CA ARG D 766 -7.20 -10.60 -35.95
C ARG D 766 -8.44 -11.23 -36.58
N GLY D 767 -8.39 -12.53 -36.89
CA GLY D 767 -9.51 -13.19 -37.54
C GLY D 767 -9.60 -12.99 -39.03
N PHE D 768 -8.65 -12.28 -39.64
CA PHE D 768 -8.66 -12.01 -41.07
C PHE D 768 -7.96 -13.11 -41.87
N GLY D 769 -7.48 -14.17 -41.22
CA GLY D 769 -6.88 -15.26 -41.95
C GLY D 769 -7.90 -16.01 -42.79
N SER D 770 -7.41 -16.58 -43.90
CA SER D 770 -8.25 -17.32 -44.84
C SER D 770 -9.41 -16.48 -45.34
N PHE D 771 -9.14 -15.20 -45.61
CA PHE D 771 -10.14 -14.28 -46.16
C PHE D 771 -10.03 -14.29 -47.67
N ARG D 772 -11.15 -14.51 -48.35
CA ARG D 772 -11.19 -14.66 -49.80
C ARG D 772 -12.08 -13.61 -50.43
N PHE D 773 -11.63 -13.06 -51.56
CA PHE D 773 -12.44 -12.11 -52.30
C PHE D 773 -13.55 -12.85 -53.06
N PRO D 774 -14.65 -12.17 -53.36
CA PRO D 774 -15.65 -12.76 -54.25
C PRO D 774 -15.21 -12.68 -55.70
N SER D 775 -15.72 -13.61 -56.51
CA SER D 775 -15.38 -13.67 -57.92
C SER D 775 -16.21 -12.66 -58.72
N ARG E 22 2.37 53.85 -77.24
CA ARG E 22 1.28 52.96 -77.60
C ARG E 22 0.88 52.10 -76.40
N PRO E 23 -0.39 51.68 -76.34
CA PRO E 23 -0.81 50.76 -75.26
C PRO E 23 -0.17 49.40 -75.34
N ASN E 24 0.43 49.03 -76.47
CA ASN E 24 1.08 47.73 -76.63
C ASN E 24 2.51 47.74 -76.08
N ARG E 25 2.65 48.20 -74.84
CA ARG E 25 3.94 48.18 -74.14
C ARG E 25 3.71 47.66 -72.73
N LEU E 26 4.56 46.73 -72.31
CA LEU E 26 4.30 46.01 -71.06
C LEU E 26 5.50 46.00 -70.13
N ILE E 27 5.41 45.25 -69.04
CA ILE E 27 6.49 45.13 -68.07
C ILE E 27 6.98 43.68 -68.05
N VAL E 28 8.30 43.53 -68.01
CA VAL E 28 8.94 42.23 -68.14
C VAL E 28 8.87 41.48 -66.81
N ASP E 29 8.71 40.16 -66.90
CA ASP E 29 8.68 39.29 -65.74
C ASP E 29 9.52 38.06 -66.05
N GLU E 30 9.99 37.40 -64.99
CA GLU E 30 10.77 36.18 -65.16
C GLU E 30 9.87 35.07 -65.72
N ALA E 31 10.34 34.41 -66.77
CA ALA E 31 9.55 33.41 -67.46
C ALA E 31 9.56 32.09 -66.69
N ILE E 32 8.39 31.45 -66.62
CA ILE E 32 8.27 30.16 -65.94
C ILE E 32 8.73 29.00 -66.82
N ASN E 33 8.91 29.22 -68.12
CA ASN E 33 9.38 28.19 -69.04
C ASN E 33 10.88 28.31 -69.26
N GLU E 34 11.43 27.32 -69.95
CA GLU E 34 12.86 27.27 -70.23
C GLU E 34 13.19 27.47 -71.71
N ASP E 35 12.19 27.52 -72.59
CA ASP E 35 12.45 27.67 -74.01
C ASP E 35 12.99 29.07 -74.32
N ASN E 36 13.98 29.12 -75.21
CA ASN E 36 14.57 30.38 -75.61
C ASN E 36 13.79 31.00 -76.77
N SER E 37 13.84 32.33 -76.84
CA SER E 37 13.13 33.11 -77.86
C SER E 37 11.64 32.79 -77.85
N VAL E 38 11.09 32.64 -76.66
CA VAL E 38 9.66 32.34 -76.47
C VAL E 38 9.11 33.33 -75.46
N VAL E 39 8.02 34.00 -75.82
CA VAL E 39 7.37 34.99 -74.98
C VAL E 39 6.07 34.39 -74.47
N SER E 40 5.87 34.42 -73.16
CA SER E 40 4.64 33.93 -72.54
C SER E 40 3.79 35.12 -72.11
N LEU E 41 2.57 35.21 -72.63
CA LEU E 41 1.70 36.34 -72.39
C LEU E 41 0.29 35.86 -72.08
N SER E 42 -0.47 36.71 -71.38
CA SER E 42 -1.84 36.38 -71.02
C SER E 42 -2.75 36.43 -72.25
N GLN E 43 -3.75 35.56 -72.27
CA GLN E 43 -4.64 35.47 -73.42
C GLN E 43 -5.42 36.76 -73.70
N PRO E 44 -6.05 37.43 -72.72
CA PRO E 44 -6.70 38.72 -73.05
C PRO E 44 -5.73 39.74 -73.60
N LYS E 45 -4.51 39.80 -73.05
CA LYS E 45 -3.50 40.69 -73.62
C LYS E 45 -3.06 40.20 -74.99
N MET E 46 -3.03 38.89 -75.20
CA MET E 46 -2.64 38.35 -76.50
C MET E 46 -3.62 38.78 -77.58
N ASP E 47 -4.93 38.66 -77.33
CA ASP E 47 -5.89 39.10 -78.33
C ASP E 47 -5.97 40.62 -78.41
N GLU E 48 -5.67 41.31 -77.30
CA GLU E 48 -5.56 42.77 -77.37
C GLU E 48 -4.33 43.18 -78.17
N LEU E 49 -3.30 42.34 -78.20
CA LEU E 49 -2.08 42.59 -78.96
C LEU E 49 -2.14 41.97 -80.35
N GLN E 50 -3.29 41.41 -80.73
CA GLN E 50 -3.48 40.73 -82.02
C GLN E 50 -2.47 39.59 -82.17
N LEU E 51 -2.57 38.63 -81.24
CA LEU E 51 -1.69 37.46 -81.23
C LEU E 51 -2.54 36.20 -81.27
N PHE E 52 -2.15 35.27 -82.13
CA PHE E 52 -2.83 33.98 -82.26
C PHE E 52 -2.22 32.99 -81.27
N ARG E 53 -2.55 31.71 -81.43
CA ARG E 53 -2.02 30.68 -80.54
C ARG E 53 -0.51 30.57 -80.63
N GLY E 54 0.04 30.65 -81.84
CA GLY E 54 1.47 30.56 -82.03
C GLY E 54 2.03 31.69 -82.86
N ASP E 55 1.41 32.87 -82.76
CA ASP E 55 1.88 34.02 -83.52
C ASP E 55 3.23 34.48 -83.02
N THR E 56 4.05 34.99 -83.93
CA THR E 56 5.36 35.54 -83.58
C THR E 56 5.20 36.97 -83.10
N VAL E 57 5.75 37.27 -81.92
CA VAL E 57 5.64 38.59 -81.31
C VAL E 57 7.01 39.26 -81.37
N LEU E 58 7.04 40.50 -81.85
CA LEU E 58 8.28 41.26 -81.99
C LEU E 58 8.36 42.29 -80.87
N LEU E 59 9.57 42.47 -80.33
CA LEU E 59 9.80 43.32 -79.18
C LEU E 59 10.88 44.35 -79.48
N LYS E 60 10.78 45.50 -78.82
CA LYS E 60 11.76 46.57 -78.93
C LYS E 60 12.25 46.91 -77.53
N GLY E 61 13.56 46.80 -77.31
CA GLY E 61 14.14 47.03 -76.01
C GLY E 61 14.55 48.47 -75.79
N LYS E 62 15.23 48.70 -74.66
CA LYS E 62 15.70 50.04 -74.32
C LYS E 62 16.81 50.52 -75.24
N LYS E 63 17.54 49.61 -75.88
CA LYS E 63 18.63 49.95 -76.77
C LYS E 63 18.29 49.49 -78.19
N ARG E 64 19.25 49.63 -79.10
CA ARG E 64 19.05 49.35 -80.52
C ARG E 64 19.21 47.86 -80.76
N ARG E 65 18.18 47.10 -80.39
CA ARG E 65 18.14 45.67 -80.63
C ARG E 65 16.70 45.19 -80.55
N GLU E 66 16.36 44.23 -81.41
CA GLU E 66 15.03 43.63 -81.44
C GLU E 66 15.16 42.12 -81.54
N ALA E 67 14.12 41.41 -81.12
CA ALA E 67 14.12 39.95 -81.15
C ALA E 67 12.68 39.46 -81.29
N VAL E 68 12.40 38.82 -82.43
CA VAL E 68 11.09 38.21 -82.65
C VAL E 68 11.04 36.88 -81.89
N CYS E 69 9.92 36.63 -81.21
CA CYS E 69 9.79 35.45 -80.36
C CYS E 69 8.42 34.82 -80.58
N ILE E 70 8.33 33.54 -80.22
CA ILE E 70 7.07 32.81 -80.27
C ILE E 70 6.23 33.20 -79.05
N VAL E 71 4.96 33.55 -79.30
CA VAL E 71 4.06 33.85 -78.20
C VAL E 71 3.63 32.56 -77.51
N LEU E 72 3.28 32.66 -76.23
CA LEU E 72 2.84 31.52 -75.44
C LEU E 72 1.69 31.95 -74.55
N SER E 73 0.71 31.07 -74.38
CA SER E 73 -0.48 31.36 -73.59
C SER E 73 -0.32 30.72 -72.21
N ASP E 74 0.10 31.54 -71.24
CA ASP E 74 0.21 31.11 -69.86
C ASP E 74 -0.82 31.83 -69.00
N ASP E 75 -1.45 31.08 -68.11
CA ASP E 75 -2.47 31.62 -67.21
C ASP E 75 -1.92 32.06 -65.87
N THR E 76 -0.60 31.99 -65.68
CA THR E 76 0.03 32.35 -64.42
C THR E 76 0.48 33.81 -64.36
N CYS E 77 0.24 34.60 -65.41
CA CYS E 77 0.65 35.98 -65.44
C CYS E 77 -0.52 36.85 -65.92
N SER E 78 -0.47 38.12 -65.53
CA SER E 78 -1.51 39.07 -65.89
C SER E 78 -1.21 39.66 -67.27
N ASP E 79 -1.98 40.68 -67.65
CA ASP E 79 -1.80 41.30 -68.97
C ASP E 79 -0.50 42.09 -69.03
N GLU E 80 -0.23 42.90 -68.00
CA GLU E 80 0.96 43.74 -68.00
C GLU E 80 2.23 42.89 -67.88
N LYS E 81 2.18 41.81 -67.10
CA LYS E 81 3.33 40.94 -66.93
C LYS E 81 3.54 40.11 -68.19
N ILE E 82 4.61 40.40 -68.93
CA ILE E 82 5.00 39.60 -70.09
C ILE E 82 6.24 38.82 -69.69
N ARG E 83 6.16 37.50 -69.81
CA ARG E 83 7.24 36.63 -69.36
C ARG E 83 8.35 36.58 -70.41
N MET E 84 9.59 36.70 -69.94
CA MET E 84 10.73 36.67 -70.85
C MET E 84 11.94 36.06 -70.13
N ASN E 85 12.71 35.27 -70.86
CA ASN E 85 13.90 34.65 -70.32
C ASN E 85 15.05 35.66 -70.27
N ARG E 86 16.15 35.25 -69.62
CA ARG E 86 17.36 36.06 -69.65
C ARG E 86 17.94 36.13 -71.06
N VAL E 87 17.65 35.13 -71.89
CA VAL E 87 18.14 35.13 -73.27
C VAL E 87 17.58 36.31 -74.05
N VAL E 88 16.28 36.57 -73.89
CA VAL E 88 15.61 37.66 -74.58
C VAL E 88 15.57 38.89 -73.69
N ARG E 89 16.41 38.92 -72.65
CA ARG E 89 16.57 40.08 -71.79
C ARG E 89 17.94 40.72 -71.92
N ASN E 90 19.01 39.93 -72.02
CA ASN E 90 20.34 40.49 -72.17
C ASN E 90 20.56 41.08 -73.56
N ASN E 91 19.92 40.50 -74.59
CA ASN E 91 20.03 41.05 -75.93
C ASN E 91 19.16 42.29 -76.09
N LEU E 92 18.03 42.36 -75.39
CA LEU E 92 17.16 43.53 -75.44
C LEU E 92 17.61 44.65 -74.51
N ARG E 93 18.69 44.43 -73.74
CA ARG E 93 19.23 45.40 -72.80
C ARG E 93 18.18 45.82 -71.76
N VAL E 94 17.31 44.89 -71.39
CA VAL E 94 16.20 45.13 -70.48
C VAL E 94 16.41 44.26 -69.24
N ARG E 95 16.50 44.89 -68.08
CA ARG E 95 16.61 44.17 -66.83
C ARG E 95 15.23 43.76 -66.32
N LEU E 96 15.22 42.92 -65.29
CA LEU E 96 13.96 42.42 -64.74
C LEU E 96 13.23 43.55 -64.01
N GLY E 97 12.05 43.91 -64.51
CA GLY E 97 11.28 44.99 -63.95
C GLY E 97 11.39 46.28 -64.75
N ASP E 98 11.45 46.15 -66.07
CA ASP E 98 11.58 47.28 -66.97
C ASP E 98 10.47 47.24 -68.01
N VAL E 99 10.38 48.32 -68.80
CA VAL E 99 9.32 48.47 -69.78
C VAL E 99 9.81 47.97 -71.13
N ILE E 100 9.01 47.12 -71.77
CA ILE E 100 9.31 46.54 -73.07
C ILE E 100 8.27 47.02 -74.07
N SER E 101 8.75 47.43 -75.25
CA SER E 101 7.89 47.92 -76.32
C SER E 101 7.63 46.79 -77.31
N ILE E 102 6.37 46.62 -77.70
CA ILE E 102 5.94 45.50 -78.53
C ILE E 102 5.21 46.05 -79.75
N GLN E 103 5.56 45.52 -80.93
CA GLN E 103 4.83 45.83 -82.17
C GLN E 103 4.97 44.67 -83.14
N PRO E 104 3.86 44.03 -83.51
CA PRO E 104 3.93 42.91 -84.47
C PRO E 104 4.24 43.39 -85.87
N CYS E 105 4.87 42.50 -86.65
CA CYS E 105 5.18 42.75 -88.04
C CYS E 105 5.40 41.42 -88.76
N PRO E 106 4.33 40.78 -89.24
CA PRO E 106 4.48 39.43 -89.82
C PRO E 106 4.88 39.44 -91.29
N ASP E 107 6.03 38.81 -91.58
CA ASP E 107 6.48 38.55 -92.93
C ASP E 107 6.97 37.10 -92.99
N VAL E 108 6.86 36.48 -94.16
CA VAL E 108 7.27 35.08 -94.29
C VAL E 108 8.76 34.93 -94.02
N LYS E 109 9.59 35.47 -94.91
CA LYS E 109 11.05 35.60 -94.73
C LYS E 109 11.68 34.36 -94.12
N TYR E 110 11.56 33.24 -94.82
CA TYR E 110 12.25 32.02 -94.40
C TYR E 110 13.75 32.21 -94.61
N GLY E 111 14.53 31.93 -93.57
CA GLY E 111 15.95 32.22 -93.56
C GLY E 111 16.75 31.57 -94.66
N LYS E 112 17.61 32.36 -95.31
CA LYS E 112 18.46 31.89 -96.41
C LYS E 112 19.92 32.09 -95.99
N ARG E 113 20.56 30.99 -95.59
CA ARG E 113 21.98 30.97 -95.23
C ARG E 113 22.27 31.97 -94.10
N ILE E 114 21.68 31.67 -92.93
CA ILE E 114 21.89 32.50 -91.75
C ILE E 114 23.32 32.33 -91.27
N HIS E 115 23.77 33.25 -90.42
CA HIS E 115 25.18 33.34 -90.03
C HIS E 115 25.32 33.28 -88.50
N VAL E 116 24.67 32.30 -87.88
CA VAL E 116 24.86 32.07 -86.46
C VAL E 116 26.33 31.72 -86.21
N LEU E 117 26.91 32.32 -85.18
CA LEU E 117 28.33 32.18 -84.87
C LEU E 117 28.51 31.92 -83.38
N PRO E 118 29.56 31.18 -83.00
CA PRO E 118 29.83 30.94 -81.58
C PRO E 118 30.69 32.03 -80.96
N ILE E 119 30.77 33.19 -81.61
CA ILE E 119 31.75 34.22 -81.24
C ILE E 119 31.42 34.72 -79.84
N ASP E 120 32.24 34.32 -78.86
CA ASP E 120 32.06 34.64 -77.45
C ASP E 120 33.25 34.13 -76.65
N ASP E 121 33.25 34.39 -75.35
CA ASP E 121 34.26 33.85 -74.46
C ASP E 121 33.86 32.50 -73.86
N THR E 122 32.65 32.02 -74.14
CA THR E 122 32.21 30.73 -73.62
C THR E 122 32.80 29.55 -74.39
N VAL E 123 33.26 29.78 -75.62
CA VAL E 123 33.84 28.69 -76.43
C VAL E 123 35.34 28.69 -76.13
N GLU E 124 35.70 28.01 -75.05
CA GLU E 124 37.08 27.83 -74.64
C GLU E 124 37.33 26.35 -74.40
N GLY E 125 38.26 25.78 -75.16
CA GLY E 125 38.56 24.37 -75.01
C GLY E 125 37.49 23.43 -75.51
N ILE E 126 36.57 23.92 -76.35
CA ILE E 126 35.52 23.09 -76.93
C ILE E 126 35.60 23.24 -78.44
N THR E 127 36.11 22.22 -79.12
CA THR E 127 36.31 22.24 -80.56
C THR E 127 35.48 21.13 -81.21
N GLY E 128 35.70 20.92 -82.51
CA GLY E 128 35.03 19.86 -83.23
C GLY E 128 33.81 20.34 -84.00
N ASN E 129 32.74 19.54 -84.00
CA ASN E 129 31.50 19.88 -84.69
C ASN E 129 30.48 20.54 -83.76
N LEU E 130 30.95 21.30 -82.78
CA LEU E 130 30.04 21.99 -81.86
C LEU E 130 29.13 22.98 -82.58
N PHE E 131 29.49 23.36 -83.80
CA PHE E 131 28.66 24.27 -84.59
C PHE E 131 27.33 23.65 -85.00
N GLU E 132 27.23 22.31 -85.02
CA GLU E 132 26.00 21.67 -85.49
C GLU E 132 25.52 20.50 -84.65
N VAL E 133 26.30 19.98 -83.69
CA VAL E 133 25.88 18.76 -83.00
C VAL E 133 24.69 19.04 -82.08
N TYR E 134 24.72 20.12 -81.32
CA TYR E 134 23.61 20.48 -80.45
C TYR E 134 22.76 21.62 -81.01
N LEU E 135 23.07 22.10 -82.21
CA LEU E 135 22.22 23.09 -82.88
C LEU E 135 21.14 22.45 -83.72
N LYS E 136 21.39 21.28 -84.30
CA LYS E 136 20.35 20.57 -85.05
C LYS E 136 19.14 20.22 -84.18
N PRO E 137 19.28 19.65 -82.98
CA PRO E 137 18.07 19.34 -82.20
C PRO E 137 17.30 20.56 -81.72
N TYR E 138 17.97 21.72 -81.57
CA TYR E 138 17.32 22.90 -81.02
C TYR E 138 17.20 24.03 -82.03
N PHE E 139 18.33 24.48 -82.60
CA PHE E 139 18.31 25.64 -83.50
C PHE E 139 17.73 25.32 -84.87
N LEU E 140 17.63 24.05 -85.22
CA LEU E 140 17.07 23.61 -86.50
C LEU E 140 15.77 22.84 -86.31
N GLU E 141 14.99 23.22 -85.30
CA GLU E 141 13.76 22.53 -84.97
C GLU E 141 12.71 23.52 -84.50
N ALA E 142 11.45 23.09 -84.58
CA ALA E 142 10.28 23.82 -84.10
C ALA E 142 10.04 25.14 -84.82
N TYR E 143 10.79 25.42 -85.89
CA TYR E 143 10.65 26.65 -86.68
C TYR E 143 10.71 27.89 -85.81
N ARG E 144 11.69 27.92 -84.91
CA ARG E 144 11.85 29.05 -84.00
C ARG E 144 12.32 30.28 -84.77
N PRO E 145 11.93 31.48 -84.36
CA PRO E 145 12.33 32.69 -85.06
C PRO E 145 13.78 33.06 -84.76
N ILE E 146 14.41 33.71 -85.75
CA ILE E 146 15.81 34.08 -85.66
C ILE E 146 15.93 35.59 -85.88
N ARG E 147 17.04 36.14 -85.38
CA ARG E 147 17.36 37.55 -85.55
C ARG E 147 18.87 37.69 -85.53
N LYS E 148 19.36 38.76 -86.16
CA LYS E 148 20.79 39.04 -86.22
C LYS E 148 21.15 40.10 -85.19
N GLY E 149 22.39 40.05 -84.71
CA GLY E 149 22.89 40.99 -83.73
C GLY E 149 22.63 40.62 -82.29
N ASP E 150 21.76 39.65 -82.02
CA ASP E 150 21.47 39.19 -80.67
C ASP E 150 22.08 37.83 -80.43
N ILE E 151 22.07 37.41 -79.17
CA ILE E 151 22.70 36.17 -78.74
C ILE E 151 21.64 35.28 -78.09
N PHE E 152 21.57 34.02 -78.55
CA PHE E 152 20.76 33.02 -77.90
C PHE E 152 21.67 32.01 -77.20
N LEU E 153 21.06 31.07 -76.50
CA LEU E 153 21.80 30.12 -75.68
C LEU E 153 21.36 28.69 -76.01
N VAL E 154 22.34 27.79 -76.07
CA VAL E 154 22.08 26.37 -76.31
C VAL E 154 22.76 25.56 -75.21
N ARG E 155 22.02 24.64 -74.61
CA ARG E 155 22.52 23.82 -73.51
C ARG E 155 22.63 22.38 -74.02
N GLY E 156 23.86 21.90 -74.17
CA GLY E 156 24.09 20.54 -74.62
C GLY E 156 25.50 20.12 -74.32
N GLY E 157 25.68 18.81 -74.16
CA GLY E 157 27.01 18.25 -73.89
C GLY E 157 27.66 18.81 -72.65
N MET E 158 26.89 19.00 -71.58
CA MET E 158 27.35 19.62 -70.33
C MET E 158 27.90 21.03 -70.55
N ARG E 159 27.48 21.71 -71.61
CA ARG E 159 27.98 23.03 -71.93
C ARG E 159 26.82 23.96 -72.30
N ALA E 160 26.82 25.14 -71.71
CA ALA E 160 25.87 26.19 -72.06
C ALA E 160 26.61 27.22 -72.91
N VAL E 161 26.32 27.24 -74.21
CA VAL E 161 27.08 28.04 -75.16
C VAL E 161 26.19 29.18 -75.65
N GLU E 162 26.75 30.38 -75.66
CA GLU E 162 26.07 31.57 -76.16
C GLU E 162 26.44 31.76 -77.62
N PHE E 163 25.46 31.65 -78.51
CA PHE E 163 25.65 31.77 -79.94
C PHE E 163 25.07 33.08 -80.45
N LYS E 164 25.87 33.85 -81.16
CA LYS E 164 25.42 35.07 -81.81
C LYS E 164 25.17 34.82 -83.29
N VAL E 165 24.23 35.56 -83.86
CA VAL E 165 23.89 35.44 -85.27
C VAL E 165 24.16 36.78 -85.94
N VAL E 166 24.85 36.74 -87.07
CA VAL E 166 25.32 37.95 -87.74
C VAL E 166 24.41 38.36 -88.88
N GLU E 167 24.00 37.42 -89.73
CA GLU E 167 23.13 37.71 -90.87
C GLU E 167 21.95 36.76 -90.87
N THR E 168 20.74 37.33 -90.95
CA THR E 168 19.49 36.58 -91.05
C THR E 168 18.61 37.16 -92.15
N ASP E 169 19.21 37.40 -93.32
CA ASP E 169 18.60 38.01 -94.50
C ASP E 169 18.29 39.48 -94.24
N PRO E 170 18.15 40.31 -95.28
CA PRO E 170 17.87 41.75 -95.04
C PRO E 170 16.45 42.00 -94.55
N SER E 171 16.19 41.61 -93.30
CA SER E 171 14.91 41.80 -92.66
C SER E 171 15.08 41.69 -91.16
N PRO E 172 14.36 42.49 -90.37
CA PRO E 172 14.38 42.33 -88.91
C PRO E 172 13.53 41.19 -88.39
N TYR E 173 13.00 40.35 -89.26
CA TYR E 173 12.14 39.24 -88.91
C TYR E 173 12.60 38.02 -89.69
N CYS E 174 13.06 36.99 -88.99
CA CYS E 174 13.57 35.79 -89.64
C CYS E 174 13.09 34.55 -88.90
N ILE E 175 12.76 33.51 -89.66
CA ILE E 175 12.36 32.21 -89.14
C ILE E 175 13.32 31.16 -89.68
N VAL E 176 13.72 30.22 -88.82
CA VAL E 176 14.64 29.17 -89.26
C VAL E 176 13.95 28.27 -90.27
N ALA E 177 14.76 27.71 -91.17
CA ALA E 177 14.27 26.91 -92.29
C ALA E 177 15.36 25.91 -92.66
N PRO E 178 15.01 24.84 -93.38
CA PRO E 178 16.04 23.87 -93.79
C PRO E 178 17.13 24.46 -94.66
N ASP E 179 16.89 25.56 -95.35
CA ASP E 179 17.89 26.20 -96.19
C ASP E 179 18.70 27.26 -95.44
N THR E 180 18.55 27.35 -94.12
CA THR E 180 19.35 28.30 -93.35
C THR E 180 20.82 27.90 -93.29
N VAL E 181 21.14 26.64 -93.57
CA VAL E 181 22.51 26.15 -93.78
C VAL E 181 23.37 26.22 -92.51
N ILE E 182 23.27 27.34 -91.77
CA ILE E 182 24.05 27.63 -90.56
C ILE E 182 25.54 27.36 -90.80
N HIS E 183 26.01 27.74 -91.99
CA HIS E 183 27.39 27.53 -92.42
C HIS E 183 28.39 27.97 -91.35
N CYS E 184 29.51 27.24 -91.27
CA CYS E 184 30.45 27.39 -90.17
C CYS E 184 31.44 28.51 -90.47
N GLU E 185 31.43 29.55 -89.65
CA GLU E 185 32.40 30.63 -89.70
C GLU E 185 32.81 31.03 -88.28
N GLY E 186 33.08 30.04 -87.44
CA GLY E 186 33.37 30.31 -86.04
C GLY E 186 34.65 31.10 -85.86
N GLU E 187 34.65 31.96 -84.85
CA GLU E 187 35.77 32.83 -84.56
C GLU E 187 35.84 33.07 -83.06
N PRO E 188 37.03 33.42 -82.53
CA PRO E 188 37.13 33.72 -81.10
C PRO E 188 36.83 35.17 -80.77
N ILE E 189 36.11 35.85 -81.67
CA ILE E 189 35.82 37.28 -81.52
C ILE E 189 35.21 37.55 -80.15
N LYS E 190 35.76 38.55 -79.46
CA LYS E 190 35.33 38.86 -78.10
C LYS E 190 33.93 39.47 -78.09
N ARG E 191 33.26 39.32 -76.95
CA ARG E 191 31.94 39.91 -76.75
C ARG E 191 32.05 41.39 -76.41
N GLU E 192 30.92 42.08 -76.50
CA GLU E 192 30.86 43.49 -76.14
C GLU E 192 30.30 43.65 -74.73
N ASP E 193 30.61 44.80 -74.13
CA ASP E 193 30.19 45.06 -72.75
C ASP E 193 28.69 45.26 -72.62
N GLU E 194 28.00 45.61 -73.72
CA GLU E 194 26.56 45.80 -73.66
C GLU E 194 25.85 44.49 -73.35
N GLU E 195 26.29 43.40 -73.95
CA GLU E 195 25.68 42.09 -73.69
C GLU E 195 26.09 41.58 -72.32
N GLU E 196 25.16 40.88 -71.67
CA GLU E 196 25.39 40.28 -70.37
C GLU E 196 25.67 38.80 -70.53
N SER E 197 26.67 38.31 -69.78
CA SER E 197 27.07 36.91 -69.87
C SER E 197 25.97 36.02 -69.28
N LEU E 198 25.43 35.13 -70.11
CA LEU E 198 24.43 34.19 -69.63
C LEU E 198 25.03 33.14 -68.70
N ASN E 199 26.33 32.90 -68.79
CA ASN E 199 26.99 32.02 -67.81
C ASN E 199 26.97 32.63 -66.42
N GLU E 200 26.98 33.96 -66.33
CA GLU E 200 26.86 34.63 -65.04
C GLU E 200 25.47 34.37 -64.46
N VAL E 201 25.39 34.37 -63.13
CA VAL E 201 24.18 33.94 -62.44
C VAL E 201 23.07 34.97 -62.62
N GLY E 202 21.85 34.52 -62.37
CA GLY E 202 20.68 35.36 -62.48
C GLY E 202 19.52 34.74 -61.73
N TYR E 203 18.32 35.28 -61.99
CA TYR E 203 17.12 34.79 -61.32
C TYR E 203 16.87 33.32 -61.62
N ASP E 204 17.14 32.89 -62.86
CA ASP E 204 16.88 31.52 -63.24
C ASP E 204 17.84 30.52 -62.59
N ASP E 205 18.90 30.99 -61.93
CA ASP E 205 19.88 30.10 -61.33
C ASP E 205 19.54 29.73 -59.88
N ILE E 206 18.42 30.17 -59.35
CA ILE E 206 17.91 29.71 -58.06
C ILE E 206 16.54 29.10 -58.28
N GLY E 207 16.37 27.87 -57.82
CA GLY E 207 15.09 27.20 -57.96
C GLY E 207 14.50 26.79 -56.63
N GLY E 208 15.35 26.57 -55.63
CA GLY E 208 14.87 26.08 -54.35
C GLY E 208 14.17 27.12 -53.50
N CYS E 209 14.21 28.40 -53.90
CA CYS E 209 13.61 29.47 -53.13
C CYS E 209 12.73 30.31 -54.05
N ARG E 210 11.42 30.31 -53.78
CA ARG E 210 10.46 31.12 -54.52
C ARG E 210 9.95 32.30 -53.71
N LYS E 211 9.40 32.05 -52.53
CA LYS E 211 8.95 33.14 -51.67
C LYS E 211 10.13 33.97 -51.17
N GLN E 212 11.21 33.31 -50.77
CA GLN E 212 12.37 34.01 -50.24
C GLN E 212 13.09 34.83 -51.30
N LEU E 213 13.10 34.38 -52.55
CA LEU E 213 13.67 35.17 -53.63
C LEU E 213 12.78 36.35 -54.00
N ALA E 214 11.46 36.14 -54.01
CA ALA E 214 10.54 37.24 -54.29
C ALA E 214 10.58 38.28 -53.19
N GLN E 215 10.87 37.87 -51.96
CA GLN E 215 11.01 38.83 -50.86
C GLN E 215 12.17 39.79 -51.13
N ILE E 216 13.32 39.25 -51.52
CA ILE E 216 14.47 40.09 -51.85
C ILE E 216 14.19 40.92 -53.09
N LYS E 217 13.46 40.34 -54.05
CA LYS E 217 13.09 41.09 -55.25
C LYS E 217 12.29 42.33 -54.90
N GLU E 218 11.21 42.16 -54.12
CA GLU E 218 10.42 43.31 -53.70
C GLU E 218 11.23 44.24 -52.81
N MET E 219 12.17 43.70 -52.04
CA MET E 219 12.95 44.53 -51.13
C MET E 219 13.88 45.47 -51.88
N VAL E 220 14.56 44.99 -52.93
CA VAL E 220 15.68 45.71 -53.52
C VAL E 220 15.42 46.13 -54.96
N GLU E 221 14.26 45.81 -55.55
CA GLU E 221 14.01 46.25 -56.91
C GLU E 221 13.78 47.75 -56.98
N LEU E 222 12.92 48.28 -56.11
CA LEU E 222 12.65 49.72 -56.12
C LEU E 222 13.87 50.56 -55.76
N PRO E 223 14.62 50.27 -54.67
CA PRO E 223 15.79 51.11 -54.36
C PRO E 223 16.87 51.09 -55.42
N LEU E 224 17.05 49.99 -56.15
CA LEU E 224 18.11 49.86 -57.12
C LEU E 224 17.72 50.37 -58.51
N ARG E 225 16.58 49.93 -59.02
CA ARG E 225 16.17 50.34 -60.36
C ARG E 225 15.84 51.82 -60.42
N HIS E 226 15.19 52.35 -59.39
CA HIS E 226 14.76 53.75 -59.35
C HIS E 226 15.23 54.40 -58.06
N PRO E 227 16.52 54.74 -57.96
CA PRO E 227 16.98 55.50 -56.79
C PRO E 227 16.49 56.94 -56.77
N ALA E 228 16.09 57.48 -57.94
CA ALA E 228 15.59 58.85 -57.98
C ALA E 228 14.28 58.99 -57.21
N LEU E 229 13.44 57.95 -57.22
CA LEU E 229 12.21 58.00 -56.44
C LEU E 229 12.51 58.07 -54.94
N PHE E 230 13.50 57.32 -54.48
CA PHE E 230 13.87 57.35 -53.07
C PHE E 230 14.51 58.69 -52.70
N LYS E 231 15.33 59.24 -53.61
CA LYS E 231 15.90 60.56 -53.38
C LYS E 231 14.82 61.63 -53.35
N ALA E 232 13.73 61.42 -54.10
CA ALA E 232 12.65 62.40 -54.15
C ALA E 232 11.71 62.25 -52.96
N ILE E 233 11.11 61.08 -52.81
CA ILE E 233 10.12 60.84 -51.77
C ILE E 233 10.84 60.49 -50.48
N GLY E 234 10.47 61.16 -49.39
CA GLY E 234 11.09 60.86 -48.11
C GLY E 234 10.67 59.48 -47.60
N VAL E 235 11.58 58.52 -47.74
CA VAL E 235 11.36 57.14 -47.31
C VAL E 235 12.65 56.66 -46.67
N LYS E 236 12.54 55.56 -45.91
CA LYS E 236 13.72 54.90 -45.37
C LYS E 236 14.06 53.69 -46.23
N PRO E 237 14.99 53.82 -47.18
CA PRO E 237 15.27 52.72 -48.10
C PRO E 237 15.89 51.54 -47.38
N PRO E 238 15.61 50.33 -47.83
CA PRO E 238 16.27 49.15 -47.24
C PRO E 238 17.77 49.16 -47.50
N ARG E 239 18.55 49.40 -46.45
CA ARG E 239 20.01 49.41 -46.54
C ARG E 239 20.52 48.40 -45.52
N GLY E 240 20.59 47.14 -45.93
CA GLY E 240 21.02 46.06 -45.07
C GLY E 240 20.11 44.86 -45.16
N ILE E 241 20.68 43.72 -45.51
CA ILE E 241 19.94 42.46 -45.61
C ILE E 241 20.70 41.41 -44.80
N LEU E 242 19.96 40.50 -44.19
CA LEU E 242 20.51 39.51 -43.26
C LEU E 242 20.12 38.11 -43.70
N LEU E 243 20.38 37.80 -44.98
CA LEU E 243 20.15 36.45 -45.50
C LEU E 243 20.88 35.43 -44.64
N TYR E 244 20.15 34.59 -43.93
CA TYR E 244 20.76 33.59 -43.08
C TYR E 244 20.20 32.21 -43.42
N GLY E 245 21.04 31.20 -43.24
CA GLY E 245 20.69 29.84 -43.54
C GLY E 245 21.91 28.96 -43.49
N PRO E 246 21.73 27.65 -43.63
CA PRO E 246 22.87 26.74 -43.57
C PRO E 246 23.82 27.02 -44.72
N PRO E 247 25.11 26.76 -44.53
CA PRO E 247 26.09 27.04 -45.59
C PRO E 247 25.82 26.21 -46.84
N GLY E 248 26.08 26.81 -47.99
CA GLY E 248 25.84 26.14 -49.25
C GLY E 248 24.42 26.20 -49.75
N THR E 249 23.61 27.11 -49.21
CA THR E 249 22.20 27.22 -49.60
C THR E 249 21.98 28.23 -50.72
N GLY E 250 23.02 28.91 -51.18
CA GLY E 250 22.90 29.84 -52.28
C GLY E 250 22.72 31.30 -51.89
N LYS E 251 23.08 31.68 -50.66
CA LYS E 251 22.97 33.07 -50.26
C LYS E 251 23.89 33.96 -51.09
N THR E 252 25.13 33.52 -51.32
CA THR E 252 26.02 34.23 -52.22
C THR E 252 25.50 34.19 -53.64
N LEU E 253 24.96 33.06 -54.07
CA LEU E 253 24.37 32.95 -55.40
C LEU E 253 23.20 33.90 -55.55
N ILE E 254 22.34 33.97 -54.53
CA ILE E 254 21.18 34.86 -54.59
C ILE E 254 21.63 36.32 -54.61
N ALA E 255 22.65 36.66 -53.82
CA ALA E 255 23.15 38.03 -53.80
C ALA E 255 23.71 38.43 -55.16
N ARG E 256 24.52 37.56 -55.76
CA ARG E 256 25.06 37.85 -57.09
C ARG E 256 23.93 37.94 -58.12
N ALA E 257 22.95 37.04 -58.02
CA ALA E 257 21.82 37.01 -58.94
C ALA E 257 21.03 38.30 -58.90
N VAL E 258 20.37 38.59 -57.78
CA VAL E 258 19.77 39.92 -57.69
C VAL E 258 20.78 40.85 -57.01
N ALA E 259 21.91 41.01 -57.67
CA ALA E 259 22.71 42.24 -57.67
C ALA E 259 23.26 42.57 -59.05
N ASN E 260 23.39 41.59 -59.94
CA ASN E 260 23.82 41.81 -61.32
C ASN E 260 22.65 41.92 -62.27
N GLU E 261 21.60 41.11 -62.09
CA GLU E 261 20.43 41.19 -62.96
C GLU E 261 19.63 42.46 -62.67
N THR E 262 19.46 42.80 -61.40
CA THR E 262 18.72 44.00 -61.02
C THR E 262 19.63 45.23 -61.02
N GLY E 263 20.74 45.16 -60.29
CA GLY E 263 21.70 46.24 -60.23
C GLY E 263 22.74 46.14 -61.33
N ALA E 264 23.86 46.82 -61.13
CA ALA E 264 24.95 46.82 -62.08
C ALA E 264 26.31 46.52 -61.48
N PHE E 265 26.52 46.73 -60.18
CA PHE E 265 27.79 46.44 -59.53
C PHE E 265 27.52 45.61 -58.29
N PHE E 266 28.29 44.53 -58.11
CA PHE E 266 28.13 43.61 -57.01
C PHE E 266 29.49 43.39 -56.36
N PHE E 267 29.61 43.76 -55.09
CA PHE E 267 30.85 43.60 -54.34
C PHE E 267 30.76 42.35 -53.48
N LEU E 268 31.85 41.58 -53.44
CA LEU E 268 31.86 40.26 -52.83
C LEU E 268 33.07 40.15 -51.89
N ILE E 269 33.19 41.09 -50.96
CA ILE E 269 34.19 40.95 -49.90
C ILE E 269 33.95 39.63 -49.17
N ASN E 270 35.02 38.87 -48.96
CA ASN E 270 34.88 37.48 -48.57
C ASN E 270 34.35 37.33 -47.15
N GLY E 271 34.69 38.25 -46.25
CA GLY E 271 34.50 38.06 -44.83
C GLY E 271 35.75 37.60 -44.12
N PRO E 272 36.19 36.35 -44.35
CA PRO E 272 37.52 35.96 -43.86
C PRO E 272 38.64 36.81 -44.41
N GLU E 273 38.47 37.39 -45.60
CA GLU E 273 39.51 38.27 -46.15
C GLU E 273 39.72 39.48 -45.24
N ILE E 274 38.63 40.08 -44.75
CA ILE E 274 38.75 41.23 -43.86
C ILE E 274 39.12 40.83 -42.45
N MET E 275 38.82 39.59 -42.04
CA MET E 275 39.25 39.10 -40.74
C MET E 275 40.69 38.60 -40.75
N SER E 276 41.29 38.46 -41.93
CA SER E 276 42.60 37.84 -42.10
C SER E 276 43.74 38.84 -42.27
N LYS E 277 43.48 39.99 -42.89
CA LYS E 277 44.54 40.92 -43.22
C LYS E 277 45.07 41.58 -41.95
N LEU E 278 46.11 42.40 -42.12
CA LEU E 278 46.88 42.95 -41.01
C LEU E 278 46.18 44.18 -40.40
N ALA E 279 44.99 43.93 -39.83
CA ALA E 279 44.25 44.91 -39.05
C ALA E 279 43.98 46.19 -39.83
N GLY E 280 44.97 47.09 -39.86
CA GLY E 280 44.78 48.38 -40.52
C GLY E 280 44.50 48.24 -42.00
N GLU E 281 45.22 47.34 -42.68
CA GLU E 281 44.95 47.11 -44.10
C GLU E 281 43.59 46.47 -44.31
N SER E 282 43.17 45.60 -43.40
CA SER E 282 41.84 45.00 -43.48
C SER E 282 40.75 46.06 -43.36
N GLU E 283 40.90 46.97 -42.40
CA GLU E 283 39.91 48.04 -42.25
C GLU E 283 39.96 49.00 -43.41
N SER E 284 41.15 49.22 -43.99
CA SER E 284 41.25 50.03 -45.20
C SER E 284 40.49 49.39 -46.35
N ASN E 285 40.60 48.08 -46.51
CA ASN E 285 39.84 47.38 -47.54
C ASN E 285 38.34 47.45 -47.26
N LEU E 286 37.95 47.35 -45.98
CA LEU E 286 36.54 47.48 -45.62
C LEU E 286 36.00 48.84 -45.99
N ARG E 287 36.76 49.91 -45.70
CA ARG E 287 36.34 51.25 -46.10
C ARG E 287 36.32 51.40 -47.61
N LYS E 288 37.32 50.85 -48.30
CA LYS E 288 37.45 51.06 -49.75
C LYS E 288 36.38 50.31 -50.53
N ALA E 289 35.94 49.14 -50.05
CA ALA E 289 34.85 48.45 -50.70
C ALA E 289 33.57 49.27 -50.66
N PHE E 290 33.26 49.83 -49.49
CA PHE E 290 32.09 50.69 -49.35
C PHE E 290 32.22 51.93 -50.23
N GLU E 291 33.43 52.52 -50.27
CA GLU E 291 33.65 53.70 -51.09
C GLU E 291 33.43 53.41 -52.57
N GLU E 292 34.05 52.33 -53.07
CA GLU E 292 33.88 51.97 -54.47
C GLU E 292 32.44 51.58 -54.79
N ALA E 293 31.73 51.03 -53.81
CA ALA E 293 30.30 50.77 -54.01
C ALA E 293 29.53 52.07 -54.15
N GLU E 294 29.86 53.08 -53.33
CA GLU E 294 29.15 54.35 -53.40
C GLU E 294 29.77 55.31 -54.41
N LYS E 295 30.91 54.96 -55.01
CA LYS E 295 31.55 55.83 -55.99
C LYS E 295 31.15 55.46 -57.42
N ASN E 296 31.01 54.17 -57.70
CA ASN E 296 30.79 53.72 -59.07
C ASN E 296 29.34 53.93 -59.50
N ALA E 297 28.40 53.26 -58.81
CA ALA E 297 26.99 53.28 -59.17
C ALA E 297 26.18 52.67 -58.03
N PRO E 298 24.84 52.77 -58.03
CA PRO E 298 24.05 51.99 -57.08
C PRO E 298 24.42 50.51 -57.11
N ALA E 299 25.01 50.03 -56.02
CA ALA E 299 25.60 48.70 -55.99
C ALA E 299 25.10 47.94 -54.76
N ILE E 300 25.55 46.70 -54.65
CA ILE E 300 25.19 45.83 -53.53
C ILE E 300 26.48 45.31 -52.91
N ILE E 301 26.68 45.59 -51.62
CA ILE E 301 27.81 45.05 -50.88
C ILE E 301 27.38 43.77 -50.19
N PHE E 302 28.12 42.69 -50.42
CA PHE E 302 27.78 41.39 -49.87
C PHE E 302 28.84 40.98 -48.87
N ILE E 303 28.42 40.72 -47.63
CA ILE E 303 29.29 40.23 -46.57
C ILE E 303 28.97 38.76 -46.40
N ASP E 304 29.79 37.90 -47.02
CA ASP E 304 29.52 36.47 -47.05
C ASP E 304 29.64 35.82 -45.67
N GLU E 305 30.43 36.41 -44.77
CA GLU E 305 30.69 35.83 -43.46
C GLU E 305 30.54 36.87 -42.36
N LEU E 306 29.41 37.57 -42.37
CA LEU E 306 29.14 38.55 -41.31
C LEU E 306 29.17 37.90 -39.93
N ASP E 307 28.87 36.61 -39.84
CA ASP E 307 29.06 35.88 -38.59
C ASP E 307 30.52 35.83 -38.18
N ALA E 308 31.43 35.78 -39.15
CA ALA E 308 32.86 35.74 -38.85
C ALA E 308 33.41 37.14 -38.59
N ILE E 309 33.02 38.12 -39.41
CA ILE E 309 33.49 39.49 -39.19
C ILE E 309 32.96 40.04 -37.89
N ALA E 310 31.67 39.83 -37.61
CA ALA E 310 31.00 40.39 -36.44
C ALA E 310 30.31 39.28 -35.66
N PRO E 311 31.06 38.49 -34.89
CA PRO E 311 30.43 37.54 -33.97
C PRO E 311 29.91 38.24 -32.73
N LYS E 312 29.43 37.46 -31.75
CA LYS E 312 28.99 38.04 -30.49
C LYS E 312 30.12 38.79 -29.81
N ARG E 313 30.00 40.12 -29.70
CA ARG E 313 31.05 40.93 -29.12
C ARG E 313 31.26 40.61 -27.64
N GLU E 314 30.20 40.18 -26.95
CA GLU E 314 30.30 39.89 -25.53
C GLU E 314 31.25 38.71 -25.26
N LYS E 315 31.22 37.70 -26.12
CA LYS E 315 32.04 36.51 -25.93
C LYS E 315 33.41 36.60 -26.58
N THR E 316 33.70 37.69 -27.30
CA THR E 316 35.01 37.86 -27.91
C THR E 316 36.07 38.12 -26.85
N HIS E 317 37.28 37.64 -27.12
CA HIS E 317 38.41 37.80 -26.19
C HIS E 317 39.30 38.97 -26.58
N GLY E 318 39.79 38.97 -27.83
CA GLY E 318 40.62 40.06 -28.28
C GLY E 318 39.82 41.35 -28.47
N GLU E 319 40.55 42.46 -28.52
CA GLU E 319 39.93 43.77 -28.70
C GLU E 319 40.04 44.30 -30.12
N VAL E 320 41.04 43.86 -30.88
CA VAL E 320 41.11 44.28 -32.28
C VAL E 320 39.94 43.70 -33.06
N GLU E 321 39.48 42.50 -32.69
CA GLU E 321 38.23 42.01 -33.28
C GLU E 321 37.03 42.81 -32.79
N ARG E 322 37.07 43.29 -31.53
CA ARG E 322 36.04 44.22 -31.08
C ARG E 322 36.11 45.52 -31.86
N ARG E 323 37.32 45.98 -32.19
CA ARG E 323 37.46 47.15 -33.04
C ARG E 323 36.87 46.89 -34.42
N ILE E 324 37.08 45.69 -34.97
CA ILE E 324 36.51 45.36 -36.27
C ILE E 324 34.98 45.38 -36.22
N VAL E 325 34.41 44.78 -35.17
CA VAL E 325 32.96 44.74 -35.03
C VAL E 325 32.39 46.15 -34.90
N SER E 326 33.03 46.98 -34.07
CA SER E 326 32.52 48.33 -33.85
C SER E 326 32.71 49.20 -35.10
N GLN E 327 33.81 49.00 -35.83
CA GLN E 327 34.00 49.75 -37.08
C GLN E 327 32.96 49.35 -38.12
N LEU E 328 32.63 48.06 -38.20
CA LEU E 328 31.56 47.62 -39.10
C LEU E 328 30.23 48.22 -38.68
N LEU E 329 29.96 48.27 -37.37
CA LEU E 329 28.72 48.87 -36.88
C LEU E 329 28.64 50.35 -37.25
N THR E 330 29.73 51.08 -37.06
CA THR E 330 29.73 52.50 -37.39
C THR E 330 29.65 52.74 -38.89
N LEU E 331 30.28 51.88 -39.69
CA LEU E 331 30.16 52.00 -41.14
C LEU E 331 28.72 51.76 -41.59
N MET E 332 28.05 50.77 -41.00
CA MET E 332 26.66 50.50 -41.36
C MET E 332 25.75 51.62 -40.90
N ASP E 333 26.00 52.18 -39.71
CA ASP E 333 25.21 53.31 -39.24
C ASP E 333 25.42 54.54 -40.12
N GLY E 334 26.65 54.79 -40.57
CA GLY E 334 26.94 55.86 -41.49
C GLY E 334 26.61 55.56 -42.93
N LEU E 335 26.15 54.33 -43.22
CA LEU E 335 25.72 53.94 -44.55
C LEU E 335 24.29 54.37 -44.83
N LYS E 336 23.68 55.17 -43.95
CA LYS E 336 22.35 55.70 -44.20
C LYS E 336 22.34 56.66 -45.38
N GLN E 337 23.50 57.12 -45.83
CA GLN E 337 23.61 58.07 -46.92
C GLN E 337 23.59 57.36 -48.27
N ARG E 338 23.60 58.18 -49.33
CA ARG E 338 23.69 57.79 -50.74
C ARG E 338 22.40 57.18 -51.26
N ALA E 339 21.50 56.79 -50.36
CA ALA E 339 20.14 56.37 -50.66
C ALA E 339 20.02 55.28 -51.74
N HIS E 340 21.14 54.65 -52.12
CA HIS E 340 21.08 53.68 -53.21
C HIS E 340 21.99 52.47 -53.04
N VAL E 341 22.59 52.25 -51.89
CA VAL E 341 23.55 51.16 -51.68
C VAL E 341 22.91 50.14 -50.75
N ILE E 342 22.67 48.94 -51.25
CA ILE E 342 22.20 47.84 -50.43
C ILE E 342 23.39 47.06 -49.90
N VAL E 343 23.27 46.54 -48.68
CA VAL E 343 24.36 45.82 -48.02
C VAL E 343 23.80 44.46 -47.58
N MET E 344 24.00 43.44 -48.41
CA MET E 344 23.59 42.09 -48.05
C MET E 344 24.63 41.43 -47.17
N ALA E 345 24.15 40.63 -46.21
CA ALA E 345 25.02 39.92 -45.27
C ALA E 345 24.57 38.47 -45.19
N ALA E 346 25.53 37.55 -45.21
CA ALA E 346 25.26 36.12 -45.13
C ALA E 346 25.79 35.56 -43.82
N THR E 347 25.03 34.62 -43.25
CA THR E 347 25.41 33.98 -42.00
C THR E 347 24.64 32.66 -41.90
N ASN E 348 24.95 31.89 -40.85
CA ASN E 348 24.32 30.60 -40.66
C ASN E 348 23.08 30.67 -39.78
N ARG E 349 23.00 31.66 -38.89
CA ARG E 349 21.87 31.79 -37.98
C ARG E 349 21.86 33.20 -37.42
N PRO E 350 20.70 33.75 -37.07
CA PRO E 350 20.66 35.13 -36.56
C PRO E 350 21.02 35.25 -35.09
N ASN E 351 20.92 34.18 -34.32
CA ASN E 351 21.23 34.22 -32.89
C ASN E 351 22.72 34.03 -32.61
N SER E 352 23.56 34.08 -33.64
CA SER E 352 25.01 34.01 -33.47
C SER E 352 25.72 35.34 -33.71
N ILE E 353 25.08 36.27 -34.42
CA ILE E 353 25.63 37.60 -34.60
C ILE E 353 25.39 38.41 -33.33
N ASP E 354 26.31 39.33 -33.03
CA ASP E 354 26.15 40.22 -31.89
C ASP E 354 24.83 40.99 -32.00
N PRO E 355 24.08 41.12 -30.91
CA PRO E 355 22.78 41.81 -31.01
C PRO E 355 22.92 43.32 -31.19
N ALA E 356 23.72 43.72 -32.18
CA ALA E 356 23.83 45.11 -32.59
C ALA E 356 23.78 45.29 -34.10
N LEU E 357 24.06 44.25 -34.88
CA LEU E 357 23.86 44.26 -36.32
C LEU E 357 22.42 43.96 -36.72
N ARG E 358 21.48 44.02 -35.78
CA ARG E 358 20.06 43.86 -36.06
C ARG E 358 19.28 45.13 -35.75
N ARG E 359 19.95 46.24 -35.49
CA ARG E 359 19.29 47.50 -35.17
C ARG E 359 18.71 48.12 -36.44
N PHE E 360 17.94 49.19 -36.26
CA PHE E 360 17.32 49.88 -37.38
C PHE E 360 18.38 50.45 -38.32
N GLY E 361 18.20 50.19 -39.62
CA GLY E 361 19.13 50.66 -40.63
C GLY E 361 20.35 49.80 -40.82
N ARG E 362 20.53 48.75 -40.02
CA ARG E 362 21.67 47.84 -40.11
C ARG E 362 21.14 46.42 -40.07
N PHE E 363 20.91 45.84 -41.26
CA PHE E 363 20.44 44.47 -41.41
C PHE E 363 19.16 44.22 -40.61
N ASP E 364 18.25 45.19 -40.66
CA ASP E 364 17.00 45.08 -39.92
C ASP E 364 16.05 44.06 -40.53
N ARG E 365 16.28 43.63 -41.76
CA ARG E 365 15.39 42.72 -42.46
C ARG E 365 16.06 41.35 -42.58
N GLU E 366 15.39 40.33 -42.07
CA GLU E 366 15.86 38.95 -42.17
C GLU E 366 14.99 38.20 -43.17
N VAL E 367 15.65 37.57 -44.14
CA VAL E 367 14.98 36.98 -45.31
C VAL E 367 15.32 35.49 -45.39
N ASP E 368 15.38 34.84 -44.22
CA ASP E 368 15.88 33.48 -44.02
C ASP E 368 15.63 32.53 -45.18
N ILE E 369 16.68 31.86 -45.64
CA ILE E 369 16.62 31.01 -46.81
C ILE E 369 16.14 29.61 -46.47
N GLY E 370 16.77 28.96 -45.49
CA GLY E 370 16.36 27.64 -45.08
C GLY E 370 16.75 26.54 -46.05
N ILE E 371 16.71 25.30 -45.58
CA ILE E 371 17.07 24.16 -46.42
C ILE E 371 16.06 24.05 -47.56
N PRO E 372 16.49 23.77 -48.79
CA PRO E 372 15.53 23.51 -49.87
C PRO E 372 14.62 22.34 -49.52
N ASP E 373 13.34 22.49 -49.88
CA ASP E 373 12.30 21.60 -49.41
C ASP E 373 11.60 20.93 -50.58
N ALA E 374 11.56 19.59 -50.57
CA ALA E 374 10.80 18.78 -51.51
C ALA E 374 11.04 19.17 -52.96
N THR E 375 9.97 19.63 -53.63
CA THR E 375 10.08 20.01 -55.04
C THR E 375 11.10 21.11 -55.25
N GLY E 376 11.35 21.93 -54.24
CA GLY E 376 12.39 22.94 -54.34
C GLY E 376 13.75 22.33 -54.65
N ARG E 377 14.08 21.22 -53.98
CA ARG E 377 15.29 20.49 -54.33
C ARG E 377 15.24 20.04 -55.78
N LEU E 378 14.07 19.53 -56.21
CA LEU E 378 13.85 19.26 -57.62
C LEU E 378 14.09 20.52 -58.45
N GLU E 379 13.53 21.65 -58.00
CA GLU E 379 13.72 22.90 -58.72
C GLU E 379 15.17 23.35 -58.73
N ILE E 380 16.02 22.76 -57.87
CA ILE E 380 17.45 23.03 -57.95
C ILE E 380 18.10 22.13 -58.98
N LEU E 381 17.70 20.85 -59.02
CA LEU E 381 18.36 19.88 -59.88
C LEU E 381 18.28 20.27 -61.33
N GLN E 382 17.10 20.70 -61.78
CA GLN E 382 16.93 21.12 -63.18
C GLN E 382 17.82 22.30 -63.53
N ILE E 383 18.24 23.10 -62.54
CA ILE E 383 19.16 24.19 -62.82
C ILE E 383 20.56 23.65 -63.10
N HIS E 384 20.96 22.60 -62.41
CA HIS E 384 22.28 22.01 -62.60
C HIS E 384 22.27 20.88 -63.61
N THR E 385 21.13 20.61 -64.24
CA THR E 385 20.99 19.54 -65.23
C THR E 385 20.66 20.07 -66.62
N LYS E 386 20.13 21.29 -66.72
CA LYS E 386 19.72 21.83 -68.01
C LYS E 386 20.89 21.91 -68.97
N ASN E 387 22.05 22.39 -68.50
CA ASN E 387 23.25 22.37 -69.33
C ASN E 387 23.73 20.94 -69.57
N MET E 388 23.52 20.05 -68.60
CA MET E 388 23.92 18.66 -68.71
C MET E 388 22.88 17.89 -69.52
N LYS E 389 22.99 16.57 -69.54
CA LYS E 389 21.98 15.69 -70.10
C LYS E 389 21.41 14.80 -69.00
N LEU E 390 20.26 14.19 -69.29
CA LEU E 390 19.59 13.38 -68.29
C LEU E 390 19.06 12.05 -68.84
N ALA E 391 19.35 11.73 -70.10
CA ALA E 391 18.89 10.49 -70.75
C ALA E 391 17.35 10.49 -70.71
N ASP E 392 16.72 9.35 -70.44
CA ASP E 392 15.27 9.29 -70.39
C ASP E 392 14.73 8.44 -69.24
N ASP E 393 15.58 7.81 -68.43
CA ASP E 393 15.14 6.93 -67.36
C ASP E 393 15.29 7.54 -65.97
N VAL E 394 15.77 8.78 -65.88
CA VAL E 394 15.98 9.38 -64.56
C VAL E 394 14.65 9.78 -63.96
N ASP E 395 14.49 9.51 -62.66
CA ASP E 395 13.31 9.92 -61.90
C ASP E 395 13.74 11.10 -61.04
N LEU E 396 13.67 12.31 -61.62
CA LEU E 396 14.12 13.50 -60.91
C LEU E 396 13.29 13.76 -59.66
N GLU E 397 12.00 13.45 -59.70
CA GLU E 397 11.17 13.60 -58.51
C GLU E 397 11.58 12.62 -57.42
N GLN E 398 11.98 11.40 -57.80
CA GLN E 398 12.40 10.41 -56.81
C GLN E 398 13.72 10.81 -56.17
N VAL E 399 14.71 11.23 -56.97
CA VAL E 399 15.96 11.69 -56.40
C VAL E 399 15.78 12.98 -55.63
N ALA E 400 14.77 13.79 -55.96
CA ALA E 400 14.46 14.96 -55.16
C ALA E 400 13.88 14.56 -53.81
N ASN E 401 13.03 13.54 -53.79
CA ASN E 401 12.57 12.99 -52.52
C ASN E 401 13.66 12.19 -51.82
N GLU E 402 14.71 11.81 -52.56
CA GLU E 402 15.81 11.04 -51.98
C GLU E 402 16.84 11.93 -51.30
N THR E 403 16.97 13.17 -51.75
CA THR E 403 18.04 14.06 -51.29
C THR E 403 17.60 14.90 -50.08
N HIS E 404 17.05 14.23 -49.07
CA HIS E 404 16.56 14.94 -47.90
C HIS E 404 17.71 15.41 -47.03
N GLY E 405 17.67 16.68 -46.64
CA GLY E 405 18.72 17.26 -45.83
C GLY E 405 19.90 17.81 -46.60
N HIS E 406 19.75 18.06 -47.89
CA HIS E 406 20.83 18.58 -48.72
C HIS E 406 20.55 20.04 -49.06
N VAL E 407 21.54 20.90 -48.83
CA VAL E 407 21.49 22.28 -49.29
C VAL E 407 21.76 22.31 -50.79
N GLY E 408 21.55 23.47 -51.42
CA GLY E 408 21.75 23.59 -52.85
C GLY E 408 23.16 23.29 -53.31
N ALA E 409 24.15 23.44 -52.43
CA ALA E 409 25.52 23.08 -52.79
C ALA E 409 25.67 21.58 -52.96
N ASP E 410 25.01 20.80 -52.11
CA ASP E 410 25.06 19.34 -52.25
C ASP E 410 24.39 18.90 -53.54
N LEU E 411 23.25 19.51 -53.89
CA LEU E 411 22.61 19.19 -55.15
C LEU E 411 23.46 19.60 -56.34
N ALA E 412 24.20 20.71 -56.23
CA ALA E 412 25.17 21.06 -57.26
C ALA E 412 26.29 20.03 -57.34
N ALA E 413 26.75 19.53 -56.19
CA ALA E 413 27.74 18.47 -56.19
C ALA E 413 27.13 17.13 -56.60
N LEU E 414 25.88 16.88 -56.21
CA LEU E 414 25.21 15.65 -56.64
C LEU E 414 25.05 15.61 -58.15
N CYS E 415 24.67 16.74 -58.76
CA CYS E 415 24.59 16.82 -60.20
C CYS E 415 25.97 16.80 -60.87
N SER E 416 27.02 17.17 -60.14
CA SER E 416 28.37 17.12 -60.66
C SER E 416 29.04 15.78 -60.43
N GLU E 417 28.70 15.08 -59.35
CA GLU E 417 29.29 13.77 -59.10
C GLU E 417 28.68 12.70 -60.00
N ALA E 418 27.40 12.82 -60.33
CA ALA E 418 26.80 11.88 -61.28
C ALA E 418 27.33 12.11 -62.68
N ALA E 419 27.49 13.37 -63.08
CA ALA E 419 28.08 13.69 -64.38
C ALA E 419 29.51 13.18 -64.46
N LEU E 420 30.28 13.37 -63.38
CA LEU E 420 31.64 12.86 -63.36
C LEU E 420 31.68 11.34 -63.36
N GLN E 421 30.71 10.70 -62.72
CA GLN E 421 30.61 9.24 -62.78
C GLN E 421 30.37 8.77 -64.20
N ALA E 422 29.46 9.42 -64.92
CA ALA E 422 29.22 9.07 -66.31
C ALA E 422 30.45 9.31 -67.17
N ILE E 423 31.14 10.43 -66.94
CA ILE E 423 32.35 10.73 -67.71
C ILE E 423 33.42 9.69 -67.45
N ARG E 424 33.61 9.31 -66.18
CA ARG E 424 34.65 8.35 -65.84
C ARG E 424 34.30 6.94 -66.30
N LYS E 425 33.01 6.61 -66.41
CA LYS E 425 32.64 5.35 -67.02
C LYS E 425 32.83 5.38 -68.52
N LYS E 426 32.69 6.53 -69.15
CA LYS E 426 32.98 6.66 -70.58
C LYS E 426 34.48 6.80 -70.86
N MET E 427 35.29 7.06 -69.84
CA MET E 427 36.74 7.13 -70.04
C MET E 427 37.31 5.79 -70.47
N ASP E 428 36.80 4.70 -69.89
CA ASP E 428 37.24 3.37 -70.29
C ASP E 428 36.79 3.04 -71.71
N LEU E 429 35.61 3.53 -72.12
CA LEU E 429 35.14 3.28 -73.47
C LEU E 429 35.98 4.03 -74.50
N ILE E 430 36.26 5.31 -74.24
CA ILE E 430 37.07 6.13 -75.13
C ILE E 430 38.45 6.25 -74.50
N ASP E 431 39.35 5.37 -74.90
CA ASP E 431 40.69 5.33 -74.34
C ASP E 431 41.60 6.36 -75.02
N LEU E 432 42.70 6.67 -74.36
CA LEU E 432 43.81 7.49 -74.84
C LEU E 432 43.42 8.95 -75.03
N GLU E 433 42.18 9.33 -74.72
CA GLU E 433 41.70 10.69 -74.97
C GLU E 433 42.42 11.73 -74.10
N ASP E 434 43.31 12.52 -74.72
CA ASP E 434 43.86 13.72 -74.08
C ASP E 434 43.80 14.84 -75.13
N GLU E 435 42.63 15.48 -75.22
CA GLU E 435 42.37 16.56 -76.15
C GLU E 435 41.33 17.47 -75.52
N THR E 436 40.71 18.31 -76.34
CA THR E 436 39.50 19.04 -75.91
C THR E 436 38.30 18.12 -75.77
N ILE E 437 38.42 16.87 -76.21
CA ILE E 437 37.37 15.84 -76.15
C ILE E 437 36.14 16.31 -76.92
N ASP E 438 36.34 17.21 -77.88
CA ASP E 438 35.33 17.64 -78.84
C ASP E 438 34.07 18.11 -78.09
N ALA E 439 32.91 18.01 -78.75
CA ALA E 439 31.63 18.23 -78.10
C ALA E 439 30.57 17.24 -78.54
N GLU E 440 30.91 16.25 -79.36
CA GLU E 440 29.97 15.27 -79.87
C GLU E 440 29.81 14.09 -78.92
N VAL E 441 30.91 13.60 -78.34
CA VAL E 441 30.81 12.53 -77.36
C VAL E 441 30.10 13.02 -76.10
N MET E 442 30.30 14.29 -75.74
CA MET E 442 29.57 14.87 -74.62
C MET E 442 28.08 14.95 -74.92
N ASN E 443 27.73 15.24 -76.17
CA ASN E 443 26.33 15.18 -76.57
C ASN E 443 25.81 13.76 -76.48
N SER E 444 26.64 12.77 -76.84
CA SER E 444 26.25 11.37 -76.72
C SER E 444 26.21 10.91 -75.27
N LEU E 445 26.79 11.67 -74.34
CA LEU E 445 26.75 11.31 -72.93
C LEU E 445 25.32 11.40 -72.41
N ALA E 446 24.87 10.33 -71.75
CA ALA E 446 23.51 10.25 -71.22
C ALA E 446 23.58 9.77 -69.77
N VAL E 447 23.49 10.70 -68.83
CA VAL E 447 23.52 10.34 -67.42
C VAL E 447 22.23 9.63 -67.05
N THR E 448 22.36 8.41 -66.53
CA THR E 448 21.24 7.56 -66.20
C THR E 448 21.04 7.50 -64.69
N MET E 449 20.10 6.67 -64.26
CA MET E 449 19.82 6.51 -62.83
C MET E 449 21.00 5.88 -62.09
N ASP E 450 21.86 5.14 -62.78
CA ASP E 450 23.02 4.54 -62.12
C ASP E 450 23.95 5.62 -61.57
N ASP E 451 24.28 6.61 -62.40
CA ASP E 451 25.18 7.68 -61.98
C ASP E 451 24.58 8.48 -60.84
N PHE E 452 23.30 8.86 -60.96
CA PHE E 452 22.64 9.63 -59.92
C PHE E 452 22.52 8.86 -58.61
N ARG E 453 22.19 7.57 -58.66
CA ARG E 453 22.14 6.74 -57.46
C ARG E 453 23.51 6.60 -56.80
N TRP E 454 24.56 6.39 -57.60
CA TRP E 454 25.91 6.30 -57.05
C TRP E 454 26.32 7.62 -56.40
N ALA E 455 26.01 8.75 -57.05
CA ALA E 455 26.35 10.04 -56.47
C ALA E 455 25.56 10.31 -55.20
N LEU E 456 24.28 9.95 -55.19
CA LEU E 456 23.46 10.12 -54.00
C LEU E 456 23.97 9.29 -52.83
N SER E 457 24.41 8.05 -53.12
CA SER E 457 25.02 7.23 -52.10
C SER E 457 26.32 7.85 -51.61
N GLN E 458 27.10 8.42 -52.52
CA GLN E 458 28.38 9.03 -52.13
C GLN E 458 28.16 10.38 -51.45
N SER E 459 27.17 11.16 -51.92
CA SER E 459 26.95 12.49 -51.38
C SER E 459 26.50 12.42 -49.92
N ASN E 460 26.96 13.38 -49.13
CA ASN E 460 26.63 13.46 -47.71
C ASN E 460 25.83 14.73 -47.45
N PRO E 461 24.72 14.65 -46.73
CA PRO E 461 23.97 15.87 -46.38
C PRO E 461 24.81 16.81 -45.52
N SER E 462 24.69 18.10 -45.81
CA SER E 462 25.38 19.12 -45.03
C SER E 462 24.49 19.73 -43.95
N ALA E 463 23.21 19.91 -44.26
CA ALA E 463 22.24 20.49 -43.32
C ALA E 463 21.09 19.51 -43.17
N LEU E 464 21.23 18.55 -42.25
CA LEU E 464 20.20 17.56 -41.99
C LEU E 464 19.52 17.74 -40.64
N ARG E 465 20.27 18.13 -39.61
CA ARG E 465 19.70 18.31 -38.28
C ARG E 465 18.86 19.58 -38.16
N GLU E 466 19.04 20.55 -39.05
CA GLU E 466 18.21 21.74 -39.03
C GLU E 466 16.78 21.40 -39.41
N THR E 467 15.83 22.05 -38.75
CA THR E 467 14.42 21.80 -39.02
C THR E 467 14.08 22.22 -40.45
N VAL E 468 13.35 21.37 -41.15
CA VAL E 468 13.01 21.60 -42.56
C VAL E 468 11.69 22.37 -42.63
N VAL E 469 11.69 23.45 -43.41
CA VAL E 469 10.51 24.25 -43.66
C VAL E 469 10.04 23.91 -45.06
N GLU E 470 8.87 23.29 -45.16
CA GLU E 470 8.43 22.68 -46.42
C GLU E 470 7.05 23.17 -46.81
N VAL E 471 6.78 23.08 -48.11
CA VAL E 471 5.42 23.19 -48.65
C VAL E 471 5.05 21.78 -49.10
N PRO E 472 4.19 21.07 -48.36
CA PRO E 472 3.98 19.65 -48.62
C PRO E 472 3.31 19.40 -49.96
N GLN E 473 3.58 18.22 -50.52
CA GLN E 473 2.96 17.76 -51.75
C GLN E 473 1.66 17.03 -51.49
N VAL E 474 1.26 16.87 -50.23
CA VAL E 474 0.01 16.19 -49.89
C VAL E 474 -1.15 17.14 -50.16
N THR E 475 -2.05 16.75 -51.04
CA THR E 475 -3.22 17.53 -51.41
C THR E 475 -4.48 16.90 -50.85
N TRP E 476 -5.62 17.52 -51.15
CA TRP E 476 -6.90 16.97 -50.71
C TRP E 476 -7.20 15.63 -51.38
N GLU E 477 -6.65 15.41 -52.58
CA GLU E 477 -6.83 14.13 -53.24
C GLU E 477 -6.12 13.01 -52.49
N ASP E 478 -5.00 13.32 -51.84
CA ASP E 478 -4.29 12.31 -51.05
C ASP E 478 -4.98 12.01 -49.73
N ILE E 479 -6.00 12.77 -49.36
CA ILE E 479 -6.73 12.56 -48.11
C ILE E 479 -7.99 11.78 -48.44
N GLY E 480 -8.09 10.56 -47.90
CA GLY E 480 -9.27 9.74 -48.10
C GLY E 480 -10.32 9.93 -47.03
N GLY E 481 -11.54 10.26 -47.42
CA GLY E 481 -12.59 10.48 -46.45
C GLY E 481 -12.40 11.80 -45.72
N LEU E 482 -13.01 11.86 -44.53
CA LEU E 482 -12.95 13.05 -43.66
C LEU E 482 -13.45 14.29 -44.39
N GLU E 483 -14.54 14.13 -45.14
CA GLU E 483 -15.09 15.24 -45.90
C GLU E 483 -15.60 16.35 -44.98
N ASP E 484 -16.26 15.97 -43.88
CA ASP E 484 -16.72 16.97 -42.92
C ASP E 484 -15.54 17.69 -42.27
N VAL E 485 -14.49 16.94 -41.92
CA VAL E 485 -13.29 17.55 -41.35
C VAL E 485 -12.62 18.45 -42.37
N LYS E 486 -12.58 18.02 -43.63
CA LYS E 486 -12.01 18.86 -44.69
C LYS E 486 -12.79 20.16 -44.84
N ARG E 487 -14.12 20.08 -44.80
CA ARG E 487 -14.95 21.29 -44.90
C ARG E 487 -14.72 22.21 -43.72
N GLU E 488 -14.66 21.65 -42.50
CA GLU E 488 -14.40 22.47 -41.32
C GLU E 488 -13.03 23.15 -41.41
N LEU E 489 -12.02 22.43 -41.85
CA LEU E 489 -10.68 22.99 -41.99
C LEU E 489 -10.66 24.11 -43.03
N GLN E 490 -11.22 23.84 -44.21
CA GLN E 490 -11.23 24.83 -45.28
C GLN E 490 -12.13 26.02 -44.99
N GLU E 491 -13.08 25.89 -44.07
CA GLU E 491 -13.88 27.03 -43.63
C GLU E 491 -13.34 27.68 -42.37
N LEU E 492 -12.31 27.11 -41.75
CA LEU E 492 -11.75 27.67 -40.52
C LEU E 492 -10.42 28.38 -40.73
N VAL E 493 -9.59 27.92 -41.67
CA VAL E 493 -8.31 28.56 -41.92
C VAL E 493 -8.26 29.26 -43.28
N GLN E 494 -8.91 28.73 -44.31
CA GLN E 494 -8.93 29.38 -45.61
C GLN E 494 -9.89 30.57 -45.64
N TYR E 495 -10.95 30.52 -44.84
CA TYR E 495 -11.91 31.64 -44.80
C TYR E 495 -11.27 32.95 -44.32
N PRO E 496 -10.55 33.00 -43.19
CA PRO E 496 -10.02 34.29 -42.75
C PRO E 496 -8.95 34.88 -43.66
N VAL E 497 -8.16 34.04 -44.34
CA VAL E 497 -7.06 34.56 -45.14
C VAL E 497 -7.53 35.22 -46.42
N GLU E 498 -8.76 34.96 -46.85
CA GLU E 498 -9.29 35.56 -48.06
C GLU E 498 -10.48 36.50 -47.82
N HIS E 499 -11.09 36.47 -46.64
CA HIS E 499 -12.18 37.37 -46.29
C HIS E 499 -11.89 37.98 -44.92
N PRO E 500 -10.95 38.93 -44.85
CA PRO E 500 -10.64 39.56 -43.55
C PRO E 500 -11.65 40.63 -43.17
N ASP E 501 -12.25 41.28 -44.18
CA ASP E 501 -13.20 42.35 -43.90
C ASP E 501 -14.43 41.84 -43.17
N LYS E 502 -14.97 40.69 -43.60
CA LYS E 502 -16.16 40.15 -42.96
C LYS E 502 -15.85 39.65 -41.56
N PHE E 503 -14.64 39.13 -41.32
CA PHE E 503 -14.25 38.76 -39.97
C PHE E 503 -14.09 39.99 -39.08
N LEU E 504 -13.59 41.09 -39.64
CA LEU E 504 -13.41 42.31 -38.85
C LEU E 504 -14.74 42.98 -38.55
N LYS E 505 -15.70 42.86 -39.47
CA LYS E 505 -16.99 43.55 -39.29
C LYS E 505 -17.73 43.01 -38.07
N PHE E 506 -17.75 41.68 -37.91
CA PHE E 506 -18.48 41.07 -36.80
C PHE E 506 -17.72 41.10 -35.49
N GLY E 507 -16.47 41.56 -35.50
CA GLY E 507 -15.69 41.68 -34.28
C GLY E 507 -15.33 40.35 -33.64
N MET E 508 -14.56 39.54 -34.35
CA MET E 508 -14.12 38.25 -33.82
C MET E 508 -12.75 37.93 -34.39
N THR E 509 -11.79 37.66 -33.52
CA THR E 509 -10.49 37.18 -33.95
C THR E 509 -10.63 35.74 -34.43
N PRO E 510 -10.20 35.41 -35.65
CA PRO E 510 -10.35 34.02 -36.13
C PRO E 510 -9.51 33.06 -35.30
N SER E 511 -10.04 31.86 -35.16
CA SER E 511 -9.39 30.85 -34.33
C SER E 511 -8.08 30.39 -34.97
N LYS E 512 -6.99 30.47 -34.21
CA LYS E 512 -5.67 30.05 -34.67
C LYS E 512 -5.23 28.87 -33.82
N GLY E 513 -5.05 27.71 -34.46
CA GLY E 513 -4.61 26.54 -33.72
C GLY E 513 -5.74 25.54 -33.60
N VAL E 514 -5.47 24.31 -34.05
CA VAL E 514 -6.45 23.23 -34.01
C VAL E 514 -5.77 21.99 -33.44
N LEU E 515 -6.40 21.37 -32.45
CA LEU E 515 -5.88 20.16 -31.82
C LEU E 515 -6.60 18.96 -32.44
N PHE E 516 -5.92 18.29 -33.37
CA PHE E 516 -6.47 17.07 -33.98
C PHE E 516 -6.33 15.91 -33.01
N TYR E 517 -7.44 15.43 -32.48
CA TYR E 517 -7.43 14.27 -31.59
C TYR E 517 -8.20 13.12 -32.24
N GLY E 518 -7.69 11.91 -32.02
CA GLY E 518 -8.27 10.73 -32.61
C GLY E 518 -7.36 9.53 -32.52
N PRO E 519 -7.75 8.43 -33.15
CA PRO E 519 -6.89 7.25 -33.14
C PRO E 519 -5.59 7.52 -33.86
N PRO E 520 -4.50 6.91 -33.43
CA PRO E 520 -3.23 7.11 -34.10
C PRO E 520 -3.22 6.51 -35.50
N GLY E 521 -2.45 7.13 -36.38
CA GLY E 521 -2.38 6.67 -37.76
C GLY E 521 -3.69 6.81 -38.52
N CYS E 522 -4.38 7.93 -38.33
CA CYS E 522 -5.68 8.14 -38.96
C CYS E 522 -5.71 9.32 -39.92
N GLY E 523 -4.64 10.11 -40.01
CA GLY E 523 -4.59 11.17 -41.00
C GLY E 523 -4.56 12.58 -40.45
N LYS E 524 -3.98 12.76 -39.26
CA LYS E 524 -3.85 14.10 -38.70
C LYS E 524 -2.70 14.87 -39.35
N THR E 525 -1.52 14.26 -39.42
CA THR E 525 -0.41 14.88 -40.13
C THR E 525 -0.73 15.05 -41.60
N LEU E 526 -1.42 14.08 -42.20
CA LEU E 526 -1.83 14.19 -43.59
C LEU E 526 -2.78 15.37 -43.79
N LEU E 527 -3.73 15.55 -42.87
CA LEU E 527 -4.65 16.67 -42.96
C LEU E 527 -3.93 18.00 -42.79
N ALA E 528 -2.97 18.07 -41.86
CA ALA E 528 -2.20 19.30 -41.69
C ALA E 528 -1.39 19.62 -42.93
N LYS E 529 -0.76 18.60 -43.54
CA LYS E 529 0.00 18.83 -44.76
C LYS E 529 -0.90 19.26 -45.92
N ALA E 530 -2.10 18.68 -45.99
CA ALA E 530 -3.05 19.09 -47.03
C ALA E 530 -3.50 20.53 -46.84
N ILE E 531 -3.72 20.93 -45.59
CA ILE E 531 -4.06 22.33 -45.30
C ILE E 531 -2.92 23.25 -45.69
N ALA E 532 -1.68 22.84 -45.40
CA ALA E 532 -0.53 23.64 -45.78
C ALA E 532 -0.41 23.77 -47.29
N ASN E 533 -0.66 22.68 -48.02
CA ASN E 533 -0.52 22.71 -49.48
C ASN E 533 -1.64 23.50 -50.15
N GLU E 534 -2.86 23.39 -49.63
CA GLU E 534 -3.99 24.06 -50.25
C GLU E 534 -3.84 25.58 -50.17
N CYS E 535 -3.37 26.09 -49.04
CA CYS E 535 -3.13 27.52 -48.87
C CYS E 535 -1.75 27.95 -49.36
N GLN E 536 -0.94 27.00 -49.84
CA GLN E 536 0.41 27.28 -50.34
C GLN E 536 1.25 28.00 -49.29
N ALA E 537 1.21 27.47 -48.06
CA ALA E 537 1.94 28.02 -46.94
C ALA E 537 2.98 27.04 -46.46
N ASN E 538 4.04 27.56 -45.84
CA ASN E 538 5.10 26.71 -45.33
C ASN E 538 4.61 25.84 -44.18
N PHE E 539 5.21 24.66 -44.06
CA PHE E 539 4.79 23.66 -43.08
C PHE E 539 5.97 23.28 -42.21
N ILE E 540 5.81 23.44 -40.90
CA ILE E 540 6.83 23.06 -39.92
C ILE E 540 6.23 21.97 -39.04
N SER E 541 6.78 20.77 -39.13
CA SER E 541 6.30 19.64 -38.36
C SER E 541 7.24 19.39 -37.18
N ILE E 542 6.74 19.61 -35.97
CA ILE E 542 7.49 19.32 -34.77
C ILE E 542 6.99 18.01 -34.19
N LYS E 543 7.64 16.91 -34.54
CA LYS E 543 7.19 15.59 -34.16
C LYS E 543 7.46 15.34 -32.67
N GLY E 544 6.89 14.24 -32.17
CA GLY E 544 7.11 13.81 -30.82
C GLY E 544 8.54 13.57 -30.42
N PRO E 545 9.37 12.95 -31.28
CA PRO E 545 10.80 12.85 -30.97
C PRO E 545 11.48 14.18 -30.66
N GLU E 546 11.15 15.24 -31.40
CA GLU E 546 11.78 16.54 -31.14
C GLU E 546 11.36 17.09 -29.78
N LEU E 547 10.07 17.02 -29.46
CA LEU E 547 9.59 17.50 -28.17
C LEU E 547 10.20 16.70 -27.03
N LEU E 548 10.29 15.38 -27.18
CA LEU E 548 10.86 14.55 -26.13
C LEU E 548 12.35 14.83 -25.96
N THR E 549 13.07 15.06 -27.08
CA THR E 549 14.47 15.43 -26.98
C THR E 549 14.66 16.75 -26.26
N MET E 550 13.81 17.73 -26.57
CA MET E 550 13.91 19.02 -25.90
C MET E 550 13.53 18.93 -24.43
N TRP E 551 12.62 18.02 -24.08
CA TRP E 551 12.24 17.85 -22.67
C TRP E 551 13.31 17.11 -21.88
N PHE E 552 13.89 16.06 -22.44
CA PHE E 552 14.84 15.24 -21.70
C PHE E 552 16.13 16.00 -21.42
N GLY E 553 16.67 16.68 -22.42
CA GLY E 553 17.88 17.45 -22.24
C GLY E 553 17.70 18.79 -21.62
N GLU E 554 16.49 19.11 -21.14
CA GLU E 554 16.16 20.42 -20.59
C GLU E 554 16.46 21.52 -21.61
N SER E 555 16.16 21.25 -22.87
CA SER E 555 16.42 22.15 -23.98
C SER E 555 15.15 22.86 -24.44
N GLU E 556 14.31 23.27 -23.50
CA GLU E 556 13.09 24.01 -23.84
C GLU E 556 13.39 25.36 -24.48
N ALA E 557 14.59 25.91 -24.24
CA ALA E 557 14.98 27.15 -24.90
C ALA E 557 15.05 26.99 -26.41
N ASN E 558 15.22 25.76 -26.91
CA ASN E 558 15.17 25.53 -28.34
C ASN E 558 13.78 25.67 -28.91
N VAL E 559 12.74 25.47 -28.09
CA VAL E 559 11.36 25.63 -28.56
C VAL E 559 11.17 27.02 -29.15
N ARG E 560 11.67 28.04 -28.44
CA ARG E 560 11.66 29.42 -28.94
C ARG E 560 12.19 29.47 -30.37
N GLU E 561 13.35 28.86 -30.61
CA GLU E 561 13.96 28.87 -31.93
C GLU E 561 12.98 28.35 -32.98
N ILE E 562 12.29 27.24 -32.67
CA ILE E 562 11.33 26.68 -33.59
C ILE E 562 10.29 27.73 -33.96
N PHE E 563 9.71 28.38 -32.96
CA PHE E 563 8.72 29.42 -33.25
C PHE E 563 9.36 30.56 -34.01
N ASP E 564 10.61 30.91 -33.66
CA ASP E 564 11.32 31.94 -34.43
C ASP E 564 11.44 31.53 -35.89
N LYS E 565 11.70 30.23 -36.14
CA LYS E 565 11.73 29.74 -37.51
C LYS E 565 10.39 29.97 -38.19
N ALA E 566 9.30 29.67 -37.48
CA ALA E 566 7.97 29.92 -38.03
C ALA E 566 7.71 31.40 -38.21
N ARG E 567 8.38 32.25 -37.43
CA ARG E 567 8.25 33.68 -37.63
C ARG E 567 9.03 34.14 -38.86
N GLN E 568 10.05 33.39 -39.25
CA GLN E 568 10.86 33.75 -40.41
C GLN E 568 10.46 32.97 -41.66
N ALA E 569 9.44 32.13 -41.57
CA ALA E 569 8.93 31.38 -42.72
C ALA E 569 7.43 31.57 -42.89
N ALA E 570 6.93 32.72 -42.44
CA ALA E 570 5.50 32.98 -42.52
C ALA E 570 5.05 33.10 -43.97
N PRO E 571 3.85 32.61 -44.30
CA PRO E 571 2.87 31.95 -43.44
C PRO E 571 3.26 30.51 -43.09
N CYS E 572 2.97 30.07 -41.87
CA CYS E 572 3.33 28.72 -41.44
C CYS E 572 2.11 27.99 -40.91
N VAL E 573 2.19 26.67 -40.96
CA VAL E 573 1.09 25.78 -40.59
C VAL E 573 1.57 24.85 -39.48
N LEU E 574 2.35 25.41 -38.54
CA LEU E 574 3.03 24.68 -37.46
C LEU E 574 2.25 23.50 -36.93
N PHE E 575 2.88 22.33 -36.89
CA PHE E 575 2.22 21.09 -36.53
C PHE E 575 3.01 20.40 -35.43
N PHE E 576 2.39 20.24 -34.26
CA PHE E 576 3.01 19.60 -33.11
C PHE E 576 2.49 18.16 -33.04
N ASP E 577 3.11 17.29 -33.83
CA ASP E 577 2.73 15.89 -33.82
C ASP E 577 3.06 15.26 -32.46
N GLU E 578 2.14 14.43 -31.98
CA GLU E 578 2.25 13.78 -30.67
C GLU E 578 2.45 14.83 -29.57
N LEU E 579 1.46 15.70 -29.42
CA LEU E 579 1.50 16.70 -28.35
C LEU E 579 1.40 16.06 -26.98
N ASP E 580 0.95 14.82 -26.89
CA ASP E 580 0.89 14.07 -25.64
C ASP E 580 2.09 13.16 -25.45
N SER E 581 3.10 13.24 -26.32
CA SER E 581 4.27 12.39 -26.19
C SER E 581 5.02 12.67 -24.89
N ILE E 582 5.14 13.95 -24.52
CA ILE E 582 5.77 14.30 -23.26
C ILE E 582 4.94 13.78 -22.09
N ALA E 583 3.62 13.84 -22.19
CA ALA E 583 2.78 13.27 -21.14
C ALA E 583 2.84 11.76 -21.11
N LYS E 584 2.97 11.13 -22.29
CA LYS E 584 3.11 9.67 -22.32
C LYS E 584 4.42 9.22 -21.70
N ALA E 585 5.49 9.98 -21.92
CA ALA E 585 6.80 9.60 -21.38
C ALA E 585 6.86 9.77 -19.87
N ARG E 586 5.91 10.48 -19.27
CA ARG E 586 5.86 10.66 -17.83
C ARG E 586 4.91 9.68 -17.14
N GLY E 587 4.32 8.75 -17.88
CA GLY E 587 3.42 7.77 -17.30
C GLY E 587 2.04 7.79 -17.93
N GLY E 588 1.57 8.98 -18.28
CA GLY E 588 0.26 9.14 -18.89
C GLY E 588 -0.86 9.29 -17.87
N GLY E 594 2.76 14.94 -11.12
CA GLY E 594 1.55 14.93 -11.94
C GLY E 594 1.08 16.32 -12.34
N GLY E 595 -0.20 16.42 -12.71
CA GLY E 595 -0.78 17.68 -13.09
C GLY E 595 -0.43 18.16 -14.49
N ALA E 596 0.23 17.32 -15.28
CA ALA E 596 0.65 17.63 -16.67
C ALA E 596 1.53 18.89 -16.61
N ALA E 597 1.43 19.76 -17.62
CA ALA E 597 2.15 21.04 -17.65
C ALA E 597 3.66 20.83 -17.55
N ASP E 598 4.20 20.18 -18.57
CA ASP E 598 5.63 19.87 -18.62
C ASP E 598 6.42 21.09 -19.09
N ARG E 599 7.75 20.96 -19.09
CA ARG E 599 8.62 22.08 -19.43
C ARG E 599 8.43 22.51 -20.87
N VAL E 600 8.55 21.56 -21.81
CA VAL E 600 8.44 21.91 -23.22
C VAL E 600 7.03 22.33 -23.57
N ILE E 601 6.03 21.68 -22.96
CA ILE E 601 4.64 22.07 -23.19
C ILE E 601 4.39 23.47 -22.63
N ASN E 602 4.99 23.81 -21.49
CA ASN E 602 4.81 25.15 -20.94
C ASN E 602 5.46 26.21 -21.82
N GLN E 603 6.66 25.93 -22.33
CA GLN E 603 7.27 26.86 -23.28
C GLN E 603 6.46 26.97 -24.57
N ILE E 604 5.85 25.87 -25.00
CA ILE E 604 4.96 25.90 -26.16
C ILE E 604 3.76 26.78 -25.87
N LEU E 605 3.22 26.70 -24.66
CA LEU E 605 2.11 27.58 -24.27
C LEU E 605 2.51 29.04 -24.30
N THR E 606 3.71 29.35 -23.77
CA THR E 606 4.20 30.72 -23.79
C THR E 606 4.37 31.23 -25.22
N GLU E 607 4.93 30.40 -26.10
CA GLU E 607 5.12 30.82 -27.48
C GLU E 607 3.79 30.90 -28.24
N MET E 608 2.81 30.07 -27.86
CA MET E 608 1.48 30.21 -28.44
C MET E 608 0.84 31.53 -28.04
N ASP E 609 1.00 31.92 -26.78
CA ASP E 609 0.51 33.22 -26.33
C ASP E 609 1.22 34.34 -27.07
N GLY E 610 2.52 34.18 -27.33
CA GLY E 610 3.24 35.19 -28.10
C GLY E 610 2.79 35.27 -29.55
N MET E 611 2.52 34.12 -30.17
CA MET E 611 2.18 34.05 -31.58
C MET E 611 0.68 34.20 -31.86
N SER E 612 -0.14 34.30 -30.82
CA SER E 612 -1.56 34.53 -31.03
C SER E 612 -1.83 35.85 -31.74
N THR E 613 -0.91 36.80 -31.62
CA THR E 613 -1.04 38.09 -32.30
C THR E 613 -0.41 38.10 -33.69
N LYS E 614 0.22 37.00 -34.09
CA LYS E 614 0.82 36.93 -35.43
C LYS E 614 -0.26 36.96 -36.51
N LYS E 615 -1.27 36.09 -36.39
CA LYS E 615 -2.35 35.96 -37.37
C LYS E 615 -1.81 35.72 -38.78
N ASN E 616 -0.64 35.09 -38.86
CA ASN E 616 -0.08 34.64 -40.12
C ASN E 616 0.43 33.20 -40.06
N VAL E 617 0.48 32.60 -38.87
CA VAL E 617 0.96 31.23 -38.69
C VAL E 617 -0.13 30.45 -37.97
N PHE E 618 -0.37 29.21 -38.42
CA PHE E 618 -1.33 28.33 -37.77
C PHE E 618 -0.58 27.29 -36.97
N ILE E 619 -1.14 26.91 -35.83
CA ILE E 619 -0.36 26.24 -34.78
C ILE E 619 -1.03 24.88 -34.54
N ILE E 620 -1.50 24.25 -35.62
CA ILE E 620 -2.18 22.94 -35.58
C ILE E 620 -1.45 21.96 -34.67
N GLY E 621 -2.20 21.24 -33.84
CA GLY E 621 -1.62 20.23 -32.99
C GLY E 621 -2.13 18.83 -33.31
N ALA E 622 -1.70 17.84 -32.52
CA ALA E 622 -2.14 16.47 -32.74
C ALA E 622 -1.94 15.67 -31.46
N THR E 623 -2.94 14.87 -31.11
CA THR E 623 -2.89 14.05 -29.90
C THR E 623 -3.54 12.71 -30.20
N ASN E 624 -2.76 11.64 -30.12
CA ASN E 624 -3.30 10.29 -30.20
C ASN E 624 -3.83 9.79 -28.86
N ARG E 625 -3.65 10.58 -27.80
CA ARG E 625 -4.23 10.29 -26.49
C ARG E 625 -4.61 11.62 -25.85
N PRO E 626 -5.72 12.22 -26.29
CA PRO E 626 -6.03 13.58 -25.84
C PRO E 626 -6.45 13.68 -24.39
N ASP E 627 -6.78 12.57 -23.73
CA ASP E 627 -7.20 12.63 -22.33
C ASP E 627 -6.07 13.11 -21.43
N ILE E 628 -4.86 12.58 -21.65
CA ILE E 628 -3.69 13.00 -20.85
C ILE E 628 -3.02 14.12 -21.65
N ILE E 629 -3.51 15.34 -21.44
CA ILE E 629 -2.95 16.53 -22.07
C ILE E 629 -3.10 17.68 -21.10
N ASP E 630 -2.28 18.71 -21.28
CA ASP E 630 -2.35 19.89 -20.44
C ASP E 630 -3.63 20.67 -20.75
N PRO E 631 -4.50 20.89 -19.77
CA PRO E 631 -5.71 21.68 -20.05
C PRO E 631 -5.42 23.12 -20.46
N ALA E 632 -4.23 23.64 -20.17
CA ALA E 632 -3.88 24.98 -20.61
C ALA E 632 -3.79 25.07 -22.13
N ILE E 633 -3.52 23.95 -22.81
CA ILE E 633 -3.49 23.94 -24.27
C ILE E 633 -4.86 24.19 -24.88
N LEU E 634 -5.93 24.05 -24.10
CA LEU E 634 -7.29 24.27 -24.56
C LEU E 634 -7.76 25.60 -23.96
N ARG E 635 -7.48 26.69 -24.69
CA ARG E 635 -7.77 28.02 -24.21
C ARG E 635 -7.76 29.00 -25.38
N PRO E 636 -8.59 30.05 -25.35
CA PRO E 636 -8.54 31.05 -26.42
C PRO E 636 -7.16 31.66 -26.56
N GLY E 637 -6.76 31.89 -27.81
CA GLY E 637 -5.39 32.27 -28.14
C GLY E 637 -4.53 31.06 -28.40
N ARG E 638 -4.68 30.04 -27.55
CA ARG E 638 -4.05 28.74 -27.75
C ARG E 638 -5.01 27.84 -28.54
N LEU E 639 -4.75 26.54 -28.57
CA LEU E 639 -5.57 25.63 -29.37
C LEU E 639 -6.98 25.50 -28.79
N ASP E 640 -7.87 26.39 -29.22
CA ASP E 640 -9.24 26.40 -28.75
C ASP E 640 -10.13 25.44 -29.54
N GLN E 641 -10.12 25.56 -30.88
CA GLN E 641 -10.93 24.68 -31.71
C GLN E 641 -10.40 23.25 -31.65
N LEU E 642 -11.30 22.29 -31.51
CA LEU E 642 -10.95 20.87 -31.45
C LEU E 642 -11.69 20.15 -32.56
N ILE E 643 -10.95 19.45 -33.41
CA ILE E 643 -11.50 18.67 -34.51
C ILE E 643 -11.17 17.20 -34.27
N TYR E 644 -12.19 16.37 -34.23
CA TYR E 644 -12.02 14.94 -34.00
C TYR E 644 -11.82 14.22 -35.33
N ILE E 645 -10.75 13.44 -35.42
CA ILE E 645 -10.45 12.66 -36.61
C ILE E 645 -10.88 11.22 -36.38
N PRO E 646 -12.10 10.84 -36.78
CA PRO E 646 -12.61 9.50 -36.44
C PRO E 646 -12.00 8.44 -37.34
N LEU E 647 -12.18 7.19 -36.91
CA LEU E 647 -11.80 6.06 -37.74
C LEU E 647 -12.61 6.07 -39.02
N PRO E 648 -12.00 5.76 -40.17
CA PRO E 648 -12.75 5.82 -41.43
C PRO E 648 -13.89 4.82 -41.45
N ASP E 649 -15.01 5.23 -42.04
CA ASP E 649 -16.18 4.38 -42.16
C ASP E 649 -16.06 3.57 -43.45
N GLU E 650 -17.16 2.91 -43.85
CA GLU E 650 -17.12 2.07 -45.05
C GLU E 650 -16.82 2.90 -46.29
N LYS E 651 -17.42 4.10 -46.39
CA LYS E 651 -17.20 4.93 -47.57
C LYS E 651 -15.81 5.57 -47.54
N SER E 652 -15.34 5.98 -46.36
CA SER E 652 -14.05 6.65 -46.26
C SER E 652 -12.89 5.70 -46.53
N ARG E 653 -13.05 4.41 -46.19
CA ARG E 653 -11.97 3.46 -46.41
C ARG E 653 -11.73 3.21 -47.90
N VAL E 654 -12.77 3.31 -48.73
CA VAL E 654 -12.58 3.20 -50.18
C VAL E 654 -11.67 4.31 -50.67
N ALA E 655 -11.93 5.55 -50.23
CA ALA E 655 -11.10 6.67 -50.64
C ALA E 655 -9.69 6.55 -50.08
N ILE E 656 -9.56 6.05 -48.85
CA ILE E 656 -8.24 5.87 -48.25
C ILE E 656 -7.43 4.85 -49.06
N LEU E 657 -8.05 3.73 -49.42
CA LEU E 657 -7.34 2.71 -50.18
C LEU E 657 -7.03 3.20 -51.59
N LYS E 658 -7.93 3.97 -52.20
CA LYS E 658 -7.66 4.50 -53.54
C LYS E 658 -6.53 5.52 -53.52
N ALA E 659 -6.48 6.37 -52.49
CA ALA E 659 -5.41 7.36 -52.40
C ALA E 659 -4.07 6.71 -52.10
N ASN E 660 -4.06 5.61 -51.36
CA ASN E 660 -2.84 4.88 -51.05
C ASN E 660 -2.42 3.94 -52.16
N LEU E 661 -3.21 3.82 -53.22
CA LEU E 661 -2.90 2.93 -54.34
C LEU E 661 -2.91 3.64 -55.68
N ARG E 662 -2.96 4.97 -55.69
CA ARG E 662 -2.92 5.71 -56.95
C ARG E 662 -1.58 5.52 -57.66
N LYS E 663 -0.48 5.59 -56.91
CA LYS E 663 0.84 5.38 -57.51
C LYS E 663 1.05 3.91 -57.87
N SER E 664 0.52 3.01 -57.05
CA SER E 664 0.72 1.58 -57.30
C SER E 664 -0.13 1.12 -58.48
N PRO E 665 0.42 0.29 -59.35
CA PRO E 665 -0.36 -0.24 -60.48
C PRO E 665 -1.26 -1.39 -60.06
N VAL E 666 -2.44 -1.07 -59.55
CA VAL E 666 -3.38 -2.09 -59.07
C VAL E 666 -4.27 -2.52 -60.23
N ALA E 667 -4.42 -3.84 -60.38
CA ALA E 667 -5.28 -4.38 -61.42
C ALA E 667 -6.75 -4.07 -61.11
N LYS E 668 -7.54 -3.90 -62.17
CA LYS E 668 -8.94 -3.54 -62.01
C LYS E 668 -9.78 -4.67 -61.43
N ASP E 669 -9.32 -5.92 -61.50
CA ASP E 669 -10.11 -7.03 -61.00
C ASP E 669 -10.20 -7.08 -59.48
N VAL E 670 -9.38 -6.30 -58.78
CA VAL E 670 -9.47 -6.27 -57.32
C VAL E 670 -10.74 -5.53 -56.90
N ASP E 671 -11.11 -5.73 -55.62
CA ASP E 671 -12.35 -5.17 -55.07
C ASP E 671 -11.98 -4.35 -53.83
N LEU E 672 -11.65 -3.07 -54.04
CA LEU E 672 -11.28 -2.22 -52.93
C LEU E 672 -12.48 -1.82 -52.09
N GLU E 673 -13.65 -1.60 -52.72
CA GLU E 673 -14.85 -1.27 -51.98
C GLU E 673 -15.36 -2.43 -51.14
N PHE E 674 -14.91 -3.66 -51.41
CA PHE E 674 -15.19 -4.80 -50.54
C PHE E 674 -14.16 -4.92 -49.42
N LEU E 675 -12.90 -4.60 -49.72
CA LEU E 675 -11.89 -4.53 -48.68
C LEU E 675 -12.24 -3.46 -47.64
N ALA E 676 -12.87 -2.38 -48.08
CA ALA E 676 -13.38 -1.39 -47.14
C ALA E 676 -14.47 -1.97 -46.24
N LYS E 677 -15.35 -2.79 -46.83
CA LYS E 677 -16.41 -3.42 -46.03
C LYS E 677 -15.85 -4.38 -45.00
N MET E 678 -14.85 -5.19 -45.40
CA MET E 678 -14.33 -6.21 -44.50
C MET E 678 -13.61 -5.60 -43.30
N THR E 679 -12.71 -4.65 -43.57
CA THR E 679 -11.99 -3.97 -42.49
C THR E 679 -12.92 -2.98 -41.80
N ASN E 680 -13.15 -3.17 -40.50
CA ASN E 680 -14.10 -2.36 -39.75
C ASN E 680 -13.41 -1.28 -38.91
N GLY E 681 -12.52 -1.69 -38.01
CA GLY E 681 -11.86 -0.75 -37.13
C GLY E 681 -10.50 -0.34 -37.63
N PHE E 682 -10.26 -0.47 -38.93
CA PHE E 682 -8.95 -0.19 -39.50
C PHE E 682 -8.78 1.30 -39.71
N SER E 683 -7.66 1.84 -39.23
CA SER E 683 -7.34 3.24 -39.46
C SER E 683 -6.73 3.43 -40.84
N GLY E 684 -6.36 4.67 -41.15
CA GLY E 684 -5.66 4.93 -42.39
C GLY E 684 -4.30 4.26 -42.43
N ALA E 685 -3.60 4.22 -41.29
CA ALA E 685 -2.32 3.55 -41.22
C ALA E 685 -2.46 2.05 -41.45
N ASP E 686 -3.52 1.44 -40.92
CA ASP E 686 -3.71 0.01 -41.10
C ASP E 686 -3.97 -0.33 -42.57
N LEU E 687 -4.81 0.45 -43.25
CA LEU E 687 -5.04 0.21 -44.67
C LEU E 687 -3.80 0.51 -45.50
N THR E 688 -3.02 1.51 -45.09
CA THR E 688 -1.75 1.78 -45.78
C THR E 688 -0.78 0.62 -45.61
N GLU E 689 -0.72 0.03 -44.42
CA GLU E 689 0.10 -1.16 -44.22
C GLU E 689 -0.41 -2.32 -45.06
N ILE E 690 -1.72 -2.46 -45.19
CA ILE E 690 -2.29 -3.53 -46.00
C ILE E 690 -1.87 -3.38 -47.46
N CYS E 691 -2.01 -2.16 -48.00
CA CYS E 691 -1.66 -1.96 -49.40
C CYS E 691 -0.15 -2.03 -49.61
N GLN E 692 0.64 -1.59 -48.63
CA GLN E 692 2.09 -1.69 -48.75
C GLN E 692 2.53 -3.15 -48.69
N ARG E 693 1.86 -3.98 -47.88
CA ARG E 693 2.19 -5.40 -47.85
C ARG E 693 1.75 -6.09 -49.15
N ALA E 694 0.63 -5.68 -49.73
CA ALA E 694 0.24 -6.20 -51.04
C ALA E 694 1.28 -5.83 -52.09
N CYS E 695 1.76 -4.59 -52.07
CA CYS E 695 2.83 -4.18 -52.97
C CYS E 695 4.10 -4.98 -52.74
N LYS E 696 4.43 -5.24 -51.47
CA LYS E 696 5.62 -6.02 -51.14
C LYS E 696 5.51 -7.44 -51.68
N LEU E 697 4.34 -8.07 -51.54
CA LEU E 697 4.16 -9.41 -52.09
C LEU E 697 4.21 -9.39 -53.61
N ALA E 698 3.65 -8.36 -54.23
CA ALA E 698 3.72 -8.25 -55.69
C ALA E 698 5.16 -8.13 -56.17
N ILE E 699 5.95 -7.27 -55.51
CA ILE E 699 7.35 -7.11 -55.88
C ILE E 699 8.13 -8.39 -55.61
N ARG E 700 7.82 -9.08 -54.51
CA ARG E 700 8.50 -10.33 -54.20
C ARG E 700 8.22 -11.38 -55.27
N GLU E 701 6.96 -11.49 -55.69
CA GLU E 701 6.62 -12.45 -56.75
C GLU E 701 7.29 -12.08 -58.06
N SER E 702 7.32 -10.78 -58.40
CA SER E 702 7.96 -10.35 -59.63
C SER E 702 9.46 -10.65 -59.61
N ILE E 703 10.12 -10.38 -58.48
CA ILE E 703 11.55 -10.64 -58.36
C ILE E 703 11.83 -12.14 -58.41
N GLU E 704 10.99 -12.94 -57.75
CA GLU E 704 11.16 -14.39 -57.79
C GLU E 704 11.02 -14.91 -59.22
N SER E 705 10.01 -14.43 -59.95
CA SER E 705 9.82 -14.85 -61.33
C SER E 705 11.00 -14.43 -62.19
N GLU E 706 11.49 -13.21 -62.00
CA GLU E 706 12.60 -12.72 -62.83
C GLU E 706 13.88 -13.51 -62.57
N ILE E 707 14.20 -13.76 -61.30
CA ILE E 707 15.42 -14.51 -60.99
C ILE E 707 15.27 -15.97 -61.38
N ARG E 708 14.06 -16.52 -61.32
CA ARG E 708 13.84 -17.88 -61.79
C ARG E 708 14.02 -17.98 -63.30
N ARG E 709 13.51 -16.97 -64.04
CA ARG E 709 13.70 -16.96 -65.49
C ARG E 709 15.18 -16.79 -65.85
N GLU E 710 15.89 -15.94 -65.11
CA GLU E 710 17.33 -15.77 -65.34
C GLU E 710 18.09 -17.06 -65.05
N ARG E 711 17.70 -17.79 -64.02
CA ARG E 711 18.30 -19.08 -63.72
C ARG E 711 17.76 -20.20 -64.60
N GLU E 712 16.73 -19.94 -65.39
CA GLU E 712 16.20 -20.91 -66.34
C GLU E 712 16.52 -20.57 -67.79
N ARG E 713 16.70 -19.31 -68.12
CA ARG E 713 17.00 -18.90 -69.49
C ARG E 713 18.37 -18.21 -69.56
N PRO E 727 6.74 -10.88 -66.81
CA PRO E 727 6.12 -11.55 -65.66
C PRO E 727 4.78 -10.93 -65.27
N VAL E 728 4.67 -10.46 -64.04
CA VAL E 728 3.44 -9.86 -63.53
C VAL E 728 3.52 -8.34 -63.76
N PRO E 729 2.50 -7.73 -64.38
CA PRO E 729 2.56 -6.29 -64.63
C PRO E 729 1.83 -5.43 -63.61
N GLU E 730 1.08 -6.02 -62.68
CA GLU E 730 0.26 -5.25 -61.76
C GLU E 730 0.00 -6.08 -60.51
N ILE E 731 -0.46 -5.40 -59.46
CA ILE E 731 -0.78 -6.08 -58.22
C ILE E 731 -2.01 -6.94 -58.45
N ARG E 732 -1.81 -8.26 -58.50
CA ARG E 732 -2.92 -9.17 -58.77
C ARG E 732 -3.80 -9.32 -57.54
N ARG E 733 -4.88 -10.09 -57.70
CA ARG E 733 -5.80 -10.33 -56.61
C ARG E 733 -5.13 -11.13 -55.49
N ASP E 734 -4.35 -12.16 -55.84
CA ASP E 734 -3.76 -13.04 -54.84
C ASP E 734 -2.80 -12.30 -53.93
N HIS E 735 -2.16 -11.24 -54.43
CA HIS E 735 -1.28 -10.44 -53.58
C HIS E 735 -2.06 -9.80 -52.43
N PHE E 736 -3.21 -9.18 -52.73
CA PHE E 736 -4.05 -8.63 -51.68
C PHE E 736 -4.62 -9.73 -50.81
N GLU E 737 -4.95 -10.89 -51.40
CA GLU E 737 -5.44 -12.02 -50.63
C GLU E 737 -4.43 -12.43 -49.56
N GLU E 738 -3.15 -12.53 -49.93
CA GLU E 738 -2.13 -12.91 -48.98
C GLU E 738 -1.82 -11.78 -48.00
N ALA E 739 -1.88 -10.52 -48.46
CA ALA E 739 -1.59 -9.40 -47.57
C ALA E 739 -2.64 -9.27 -46.48
N MET E 740 -3.89 -9.54 -46.79
CA MET E 740 -4.95 -9.41 -45.80
C MET E 740 -4.88 -10.46 -44.69
N ARG E 741 -4.05 -11.50 -44.85
CA ARG E 741 -3.87 -12.48 -43.79
C ARG E 741 -3.15 -11.90 -42.58
N PHE E 742 -2.39 -10.83 -42.76
CA PHE E 742 -1.70 -10.14 -41.67
C PHE E 742 -2.34 -8.78 -41.41
N ALA E 743 -3.67 -8.72 -41.45
CA ALA E 743 -4.39 -7.46 -41.35
C ALA E 743 -4.31 -6.91 -39.94
N ARG E 744 -3.60 -5.78 -39.79
CA ARG E 744 -3.40 -5.15 -38.50
C ARG E 744 -4.56 -4.23 -38.15
N ARG E 745 -5.01 -4.30 -36.90
CA ARG E 745 -5.97 -3.35 -36.35
C ARG E 745 -5.33 -2.75 -35.10
N SER E 746 -4.61 -1.64 -35.28
CA SER E 746 -3.84 -1.06 -34.19
C SER E 746 -4.74 -0.55 -33.07
N VAL E 747 -5.84 0.13 -33.42
CA VAL E 747 -6.77 0.69 -32.45
C VAL E 747 -8.11 -0.02 -32.60
N SER E 748 -8.63 -0.53 -31.48
CA SER E 748 -9.90 -1.25 -31.51
C SER E 748 -10.51 -1.25 -30.12
N ASP E 749 -11.84 -1.34 -30.08
CA ASP E 749 -12.63 -1.54 -28.86
C ASP E 749 -12.42 -0.35 -27.94
N ASN E 750 -12.02 -0.53 -26.68
CA ASN E 750 -12.08 0.52 -25.67
C ASN E 750 -11.26 1.75 -26.04
N ASP E 751 -10.18 1.58 -26.81
CA ASP E 751 -9.39 2.73 -27.24
C ASP E 751 -10.26 3.70 -28.04
N ILE E 752 -11.04 3.17 -28.99
CA ILE E 752 -11.95 4.03 -29.75
C ILE E 752 -12.97 4.68 -28.83
N ARG E 753 -13.29 4.01 -27.71
CA ARG E 753 -14.18 4.62 -26.74
C ARG E 753 -13.56 5.86 -26.12
N LYS E 754 -12.26 5.80 -25.80
CA LYS E 754 -11.63 6.88 -25.04
C LYS E 754 -11.76 8.22 -25.76
N TYR E 755 -11.40 8.25 -27.05
CA TYR E 755 -11.57 9.48 -27.83
C TYR E 755 -13.02 9.93 -27.80
N GLU E 756 -13.96 8.99 -28.00
CA GLU E 756 -15.37 9.34 -27.91
C GLU E 756 -15.70 9.92 -26.55
N MET E 757 -15.15 9.32 -25.48
CA MET E 757 -15.28 9.91 -24.16
C MET E 757 -14.72 11.32 -24.15
N PHE E 758 -13.49 11.50 -24.65
CA PHE E 758 -12.92 12.83 -24.74
C PHE E 758 -13.72 13.70 -25.69
N ALA E 759 -14.42 13.09 -26.65
CA ALA E 759 -15.36 13.85 -27.46
C ALA E 759 -16.48 14.40 -26.59
N GLN E 760 -17.14 13.52 -25.82
CA GLN E 760 -18.29 13.94 -25.03
C GLN E 760 -17.89 15.00 -24.01
N THR E 761 -16.83 14.72 -23.24
CA THR E 761 -16.33 15.67 -22.27
C THR E 761 -15.91 16.98 -22.92
N LEU E 762 -15.63 16.98 -24.23
CA LEU E 762 -15.32 18.21 -24.94
C LEU E 762 -16.42 18.67 -25.88
N GLN E 763 -17.46 17.85 -26.10
CA GLN E 763 -18.58 18.35 -26.90
C GLN E 763 -19.46 19.28 -26.06
N GLN E 764 -19.59 18.99 -24.77
CA GLN E 764 -20.23 19.86 -23.79
C GLN E 764 -21.61 20.32 -24.26
N SER E 765 -22.43 19.36 -24.67
CA SER E 765 -23.83 19.67 -24.96
C SER E 765 -24.54 20.14 -23.70
N ARG E 766 -24.30 19.46 -22.58
CA ARG E 766 -24.72 19.87 -21.24
C ARG E 766 -26.23 20.05 -21.12
N GLY E 767 -27.00 19.41 -21.98
CA GLY E 767 -28.44 19.55 -21.96
C GLY E 767 -28.97 20.79 -22.65
N PHE E 768 -28.09 21.60 -23.25
CA PHE E 768 -28.50 22.82 -23.93
C PHE E 768 -28.87 22.59 -25.39
N GLY E 769 -28.83 21.34 -25.87
CA GLY E 769 -29.25 21.07 -27.23
C GLY E 769 -30.73 21.29 -27.43
N SER E 770 -31.09 21.66 -28.66
CA SER E 770 -32.48 21.94 -29.03
C SER E 770 -33.09 23.01 -28.13
N PHE E 771 -32.30 24.04 -27.83
CA PHE E 771 -32.76 25.17 -27.04
C PHE E 771 -33.26 26.26 -27.97
N ARG E 772 -34.48 26.73 -27.73
CA ARG E 772 -35.13 27.69 -28.63
C ARG E 772 -35.48 28.97 -27.87
N PHE E 773 -35.26 30.10 -28.53
CA PHE E 773 -35.66 31.39 -27.96
C PHE E 773 -37.17 31.56 -28.04
N PRO E 774 -37.75 32.37 -27.16
CA PRO E 774 -39.16 32.75 -27.32
C PRO E 774 -39.33 33.80 -28.39
N SER E 775 -40.51 33.82 -28.99
CA SER E 775 -40.83 34.77 -30.05
C SER E 775 -41.21 36.13 -29.46
N ARG F 22 1.60 92.34 -18.51
CA ARG F 22 0.16 92.12 -18.46
C ARG F 22 -0.16 90.72 -17.96
N PRO F 23 -1.31 90.54 -17.30
CA PRO F 23 -1.72 89.19 -16.88
C PRO F 23 -2.00 88.25 -18.04
N ASN F 24 -2.16 88.75 -19.26
CA ASN F 24 -2.43 87.91 -20.42
C ASN F 24 -1.15 87.35 -21.02
N ARG F 25 -0.32 86.74 -20.17
CA ARG F 25 0.90 86.07 -20.61
C ARG F 25 0.97 84.72 -19.93
N LEU F 26 1.28 83.68 -20.70
CA LEU F 26 1.16 82.32 -20.18
C LEU F 26 2.42 81.49 -20.43
N ILE F 27 2.36 80.20 -20.13
CA ILE F 27 3.48 79.28 -20.33
C ILE F 27 3.08 78.24 -21.36
N VAL F 28 4.00 77.95 -22.28
CA VAL F 28 3.73 77.10 -23.43
C VAL F 28 3.77 75.63 -23.00
N ASP F 29 2.91 74.82 -23.61
CA ASP F 29 2.86 73.39 -23.38
C ASP F 29 2.71 72.69 -24.71
N GLU F 30 3.11 71.42 -24.74
CA GLU F 30 2.97 70.63 -25.96
C GLU F 30 1.50 70.39 -26.25
N ALA F 31 1.10 70.65 -27.50
CA ALA F 31 -0.30 70.57 -27.88
C ALA F 31 -0.72 69.12 -28.11
N ILE F 32 -1.92 68.77 -27.64
CA ILE F 32 -2.44 67.43 -27.83
C ILE F 32 -3.05 67.23 -29.21
N ASN F 33 -3.28 68.29 -29.96
CA ASN F 33 -3.83 68.21 -31.30
C ASN F 33 -2.72 68.29 -32.34
N GLU F 34 -3.11 68.05 -33.60
CA GLU F 34 -2.16 68.06 -34.71
C GLU F 34 -2.36 69.23 -35.66
N ASP F 35 -3.42 70.03 -35.48
CA ASP F 35 -3.68 71.13 -36.39
C ASP F 35 -2.64 72.24 -36.23
N ASN F 36 -2.21 72.81 -37.34
CA ASN F 36 -1.23 73.88 -37.31
C ASN F 36 -1.91 75.23 -37.15
N SER F 37 -1.19 76.18 -36.56
CA SER F 37 -1.69 77.52 -36.30
C SER F 37 -2.98 77.48 -35.48
N VAL F 38 -3.04 76.57 -34.53
CA VAL F 38 -4.19 76.40 -33.65
C VAL F 38 -3.70 76.40 -32.20
N VAL F 39 -4.29 77.24 -31.37
CA VAL F 39 -3.93 77.37 -29.97
C VAL F 39 -5.04 76.75 -29.14
N SER F 40 -4.68 75.84 -28.24
CA SER F 40 -5.64 75.20 -27.34
C SER F 40 -5.47 75.79 -25.95
N LEU F 41 -6.54 76.37 -25.41
CA LEU F 41 -6.49 77.06 -24.14
C LEU F 41 -7.70 76.68 -23.29
N SER F 42 -7.55 76.83 -21.98
CA SER F 42 -8.63 76.50 -21.05
C SER F 42 -9.75 77.54 -21.14
N GLN F 43 -10.98 77.09 -20.94
CA GLN F 43 -12.13 77.97 -21.06
C GLN F 43 -12.13 79.13 -20.07
N PRO F 44 -11.87 78.95 -18.76
CA PRO F 44 -11.80 80.13 -17.88
C PRO F 44 -10.72 81.11 -18.31
N LYS F 45 -9.56 80.61 -18.74
CA LYS F 45 -8.54 81.50 -19.27
C LYS F 45 -8.98 82.12 -20.60
N MET F 46 -9.75 81.38 -21.40
CA MET F 46 -10.24 81.91 -22.67
C MET F 46 -11.16 83.12 -22.45
N ASP F 47 -12.10 82.99 -21.50
CA ASP F 47 -12.98 84.14 -21.23
C ASP F 47 -12.24 85.23 -20.46
N GLU F 48 -11.23 84.86 -19.66
CA GLU F 48 -10.38 85.88 -19.05
C GLU F 48 -9.54 86.60 -20.08
N LEU F 49 -9.22 85.93 -21.20
CA LEU F 49 -8.46 86.51 -22.29
C LEU F 49 -9.36 87.11 -23.37
N GLN F 50 -10.68 87.15 -23.12
CA GLN F 50 -11.67 87.64 -24.07
C GLN F 50 -11.59 86.87 -25.40
N LEU F 51 -11.83 85.56 -25.29
CA LEU F 51 -11.79 84.66 -26.43
C LEU F 51 -13.12 83.94 -26.55
N PHE F 52 -13.66 83.89 -27.77
CA PHE F 52 -14.91 83.19 -28.04
C PHE F 52 -14.61 81.72 -28.37
N ARG F 53 -15.61 81.02 -28.90
CA ARG F 53 -15.43 79.61 -29.24
C ARG F 53 -14.38 79.43 -30.33
N GLY F 54 -14.39 80.30 -31.34
CA GLY F 54 -13.43 80.21 -32.42
C GLY F 54 -12.71 81.51 -32.68
N ASP F 55 -12.50 82.30 -31.64
CA ASP F 55 -11.82 83.58 -31.79
C ASP F 55 -10.35 83.37 -32.14
N THR F 56 -9.82 84.29 -32.94
CA THR F 56 -8.40 84.24 -33.31
C THR F 56 -7.57 84.88 -32.20
N VAL F 57 -6.55 84.17 -31.74
CA VAL F 57 -5.69 84.61 -30.66
C VAL F 57 -4.31 84.94 -31.23
N LEU F 58 -3.81 86.13 -30.91
CA LEU F 58 -2.52 86.61 -31.40
C LEU F 58 -1.48 86.47 -30.29
N LEU F 59 -0.27 86.07 -30.68
CA LEU F 59 0.80 85.76 -29.74
C LEU F 59 2.04 86.56 -30.09
N LYS F 60 2.84 86.87 -29.07
CA LYS F 60 4.12 87.55 -29.24
C LYS F 60 5.20 86.71 -28.57
N GLY F 61 6.21 86.32 -29.35
CA GLY F 61 7.26 85.46 -28.87
C GLY F 61 8.43 86.23 -28.28
N LYS F 62 9.49 85.48 -27.96
CA LYS F 62 10.69 86.08 -27.40
C LYS F 62 11.44 86.94 -28.40
N LYS F 63 11.26 86.70 -29.69
CA LYS F 63 11.92 87.46 -30.74
C LYS F 63 10.89 88.22 -31.55
N ARG F 64 11.35 88.86 -32.63
CA ARG F 64 10.51 89.73 -33.44
C ARG F 64 9.73 88.88 -34.45
N ARG F 65 8.68 88.23 -33.95
CA ARG F 65 7.79 87.44 -34.79
C ARG F 65 6.48 87.23 -34.05
N GLU F 66 5.38 87.24 -34.80
CA GLU F 66 4.05 87.01 -34.26
C GLU F 66 3.29 86.05 -35.16
N ALA F 67 2.29 85.39 -34.61
CA ALA F 67 1.49 84.43 -35.36
C ALA F 67 0.09 84.37 -34.77
N VAL F 68 -0.89 84.79 -35.55
CA VAL F 68 -2.29 84.69 -35.14
C VAL F 68 -2.77 83.26 -35.34
N CYS F 69 -3.48 82.72 -34.36
CA CYS F 69 -3.90 81.33 -34.38
C CYS F 69 -5.34 81.21 -33.94
N ILE F 70 -5.97 80.09 -34.32
CA ILE F 70 -7.33 79.79 -33.90
C ILE F 70 -7.30 79.26 -32.46
N VAL F 71 -8.15 79.82 -31.60
CA VAL F 71 -8.25 79.33 -30.24
C VAL F 71 -9.01 78.01 -30.22
N LEU F 72 -8.74 77.19 -29.22
CA LEU F 72 -9.39 75.90 -29.05
C LEU F 72 -9.68 75.67 -27.57
N SER F 73 -10.83 75.07 -27.30
CA SER F 73 -11.28 74.83 -25.93
C SER F 73 -10.97 73.38 -25.56
N ASP F 74 -9.86 73.18 -24.87
CA ASP F 74 -9.48 71.86 -24.36
C ASP F 74 -9.55 71.84 -22.85
N ASP F 75 -10.09 70.76 -22.30
CA ASP F 75 -10.22 70.60 -20.86
C ASP F 75 -9.06 69.85 -20.23
N THR F 76 -8.03 69.51 -21.01
CA THR F 76 -6.89 68.75 -20.51
C THR F 76 -5.74 69.64 -20.03
N CYS F 77 -5.90 70.97 -20.08
CA CYS F 77 -4.86 71.89 -19.67
C CYS F 77 -5.45 72.95 -18.75
N SER F 78 -4.58 73.52 -17.92
CA SER F 78 -4.98 74.54 -16.97
C SER F 78 -4.97 75.91 -17.65
N ASP F 79 -5.15 76.97 -16.86
CA ASP F 79 -5.17 78.32 -17.42
C ASP F 79 -3.79 78.75 -17.89
N GLU F 80 -2.76 78.52 -17.06
CA GLU F 80 -1.42 78.95 -17.43
C GLU F 80 -0.87 78.14 -18.60
N LYS F 81 -1.20 76.84 -18.66
CA LYS F 81 -0.73 75.99 -19.75
C LYS F 81 -1.49 76.33 -21.02
N ILE F 82 -0.81 76.94 -21.99
CA ILE F 82 -1.39 77.20 -23.31
C ILE F 82 -0.73 76.24 -24.29
N ARG F 83 -1.54 75.44 -24.97
CA ARG F 83 -1.03 74.40 -25.85
C ARG F 83 -0.61 75.00 -27.18
N MET F 84 0.56 74.60 -27.67
CA MET F 84 1.07 75.10 -28.94
C MET F 84 1.91 74.03 -29.61
N ASN F 85 1.80 73.93 -30.93
CA ASN F 85 2.57 72.98 -31.71
C ASN F 85 3.99 73.49 -31.91
N ARG F 86 4.85 72.61 -32.46
CA ARG F 86 6.18 73.04 -32.85
C ARG F 86 6.12 74.06 -33.99
N VAL F 87 5.05 74.02 -34.79
CA VAL F 87 4.91 74.96 -35.90
C VAL F 87 4.83 76.39 -35.37
N VAL F 88 4.05 76.60 -34.31
CA VAL F 88 3.87 77.92 -33.73
C VAL F 88 4.84 78.10 -32.56
N ARG F 89 5.87 77.27 -32.51
CA ARG F 89 6.95 77.41 -31.54
C ARG F 89 8.27 77.77 -32.17
N ASN F 90 8.62 77.18 -33.32
CA ASN F 90 9.86 77.52 -33.98
C ASN F 90 9.82 78.90 -34.62
N ASN F 91 8.64 79.33 -35.10
CA ASN F 91 8.51 80.67 -35.64
C ASN F 91 8.47 81.73 -34.54
N LEU F 92 7.91 81.40 -33.39
CA LEU F 92 7.87 82.33 -32.26
C LEU F 92 9.16 82.35 -31.46
N ARG F 93 10.14 81.52 -31.83
CA ARG F 93 11.43 81.43 -31.14
C ARG F 93 11.25 81.08 -29.68
N VAL F 94 10.24 80.27 -29.36
CA VAL F 94 9.88 79.90 -28.00
C VAL F 94 10.03 78.40 -27.86
N ARG F 95 10.88 77.97 -26.93
CA ARG F 95 11.05 76.55 -26.66
C ARG F 95 9.98 76.06 -25.68
N LEU F 96 9.91 74.75 -25.51
CA LEU F 96 8.90 74.17 -24.63
C LEU F 96 9.23 74.48 -23.18
N GLY F 97 8.35 75.22 -22.52
CA GLY F 97 8.57 75.63 -21.15
C GLY F 97 9.03 77.07 -21.03
N ASP F 98 8.51 77.94 -21.89
CA ASP F 98 8.88 79.35 -21.91
C ASP F 98 7.63 80.20 -21.81
N VAL F 99 7.84 81.51 -21.66
CA VAL F 99 6.76 82.46 -21.45
C VAL F 99 6.34 83.04 -22.80
N ILE F 100 5.04 83.03 -23.07
CA ILE F 100 4.48 83.55 -24.31
C ILE F 100 3.56 84.72 -23.97
N SER F 101 3.71 85.81 -24.73
CA SER F 101 2.91 87.02 -24.55
C SER F 101 1.74 87.00 -25.52
N ILE F 102 0.55 87.32 -25.01
CA ILE F 102 -0.69 87.23 -25.77
C ILE F 102 -1.40 88.56 -25.73
N GLN F 103 -1.87 89.03 -26.89
CA GLN F 103 -2.72 90.22 -26.97
C GLN F 103 -3.61 90.13 -28.20
N PRO F 104 -4.93 90.09 -28.02
CA PRO F 104 -5.84 90.03 -29.17
C PRO F 104 -5.88 91.34 -29.94
N CYS F 105 -6.18 91.23 -31.23
CA CYS F 105 -6.34 92.38 -32.11
C CYS F 105 -7.16 91.98 -33.33
N PRO F 106 -8.49 92.01 -33.24
CA PRO F 106 -9.32 91.52 -34.34
C PRO F 106 -9.56 92.54 -35.44
N ASP F 107 -9.15 92.20 -36.66
CA ASP F 107 -9.47 92.95 -37.87
C ASP F 107 -9.90 91.96 -38.94
N VAL F 108 -10.76 92.41 -39.86
CA VAL F 108 -11.26 91.51 -40.90
C VAL F 108 -10.11 91.03 -41.79
N LYS F 109 -9.52 91.95 -42.56
CA LYS F 109 -8.30 91.75 -43.34
C LYS F 109 -8.25 90.38 -44.02
N TYR F 110 -9.22 90.16 -44.91
CA TYR F 110 -9.19 88.94 -45.73
C TYR F 110 -8.04 89.05 -46.73
N GLY F 111 -7.21 88.01 -46.77
CA GLY F 111 -5.98 88.03 -47.54
C GLY F 111 -6.15 88.31 -49.02
N LYS F 112 -5.31 89.20 -49.55
CA LYS F 112 -5.34 89.59 -50.96
C LYS F 112 -3.97 89.24 -51.57
N ARG F 113 -3.92 88.14 -52.30
CA ARG F 113 -2.73 87.70 -53.02
C ARG F 113 -1.54 87.51 -52.06
N ILE F 114 -1.72 86.54 -51.17
CA ILE F 114 -0.67 86.21 -50.21
C ILE F 114 0.50 85.58 -50.95
N HIS F 115 1.66 85.51 -50.29
CA HIS F 115 2.92 85.13 -50.93
C HIS F 115 3.56 83.97 -50.17
N VAL F 116 2.78 82.93 -49.90
CA VAL F 116 3.34 81.71 -49.33
C VAL F 116 4.35 81.12 -50.31
N LEU F 117 5.50 80.72 -49.79
CA LEU F 117 6.61 80.22 -50.61
C LEU F 117 7.17 78.94 -50.01
N PRO F 118 7.71 78.04 -50.84
CA PRO F 118 8.31 76.82 -50.32
C PRO F 118 9.79 77.00 -49.97
N ILE F 119 10.22 78.24 -49.81
CA ILE F 119 11.65 78.56 -49.71
C ILE F 119 12.21 77.91 -48.44
N ASP F 120 12.98 76.83 -48.63
CA ASP F 120 13.55 76.05 -47.54
C ASP F 120 14.47 74.98 -48.11
N ASP F 121 15.10 74.20 -47.24
CA ASP F 121 15.91 73.06 -47.65
C ASP F 121 15.11 71.77 -47.73
N THR F 122 13.83 71.80 -47.35
CA THR F 122 13.00 70.59 -47.42
C THR F 122 12.52 70.30 -48.84
N VAL F 123 12.53 71.28 -49.72
CA VAL F 123 12.07 71.08 -51.11
C VAL F 123 13.31 70.68 -51.90
N GLU F 124 13.62 69.39 -51.86
CA GLU F 124 14.72 68.81 -52.62
C GLU F 124 14.21 67.61 -53.38
N GLY F 125 14.32 67.66 -54.71
CA GLY F 125 13.84 66.57 -55.53
C GLY F 125 12.33 66.43 -55.59
N ILE F 126 11.59 67.47 -55.24
CA ILE F 126 10.13 67.46 -55.31
C ILE F 126 9.71 68.66 -56.15
N THR F 127 9.28 68.41 -57.37
CA THR F 127 8.90 69.44 -58.31
C THR F 127 7.44 69.26 -58.71
N GLY F 128 6.99 70.04 -59.70
CA GLY F 128 5.64 69.93 -60.20
C GLY F 128 4.70 70.96 -59.62
N ASN F 129 3.46 70.54 -59.33
CA ASN F 129 2.44 71.41 -58.76
C ASN F 129 2.38 71.31 -57.24
N LEU F 130 3.52 71.05 -56.58
CA LEU F 130 3.55 70.96 -55.13
C LEU F 130 3.12 72.26 -54.46
N PHE F 131 3.14 73.36 -55.19
CA PHE F 131 2.70 74.64 -54.65
C PHE F 131 1.21 74.67 -54.34
N GLU F 132 0.42 73.80 -54.95
CA GLU F 132 -1.04 73.85 -54.76
C GLU F 132 -1.71 72.51 -54.55
N VAL F 133 -1.04 71.36 -54.77
CA VAL F 133 -1.75 70.09 -54.71
C VAL F 133 -2.15 69.75 -53.29
N TYR F 134 -1.26 69.92 -52.33
CA TYR F 134 -1.57 69.66 -50.92
C TYR F 134 -1.81 70.93 -50.13
N LEU F 135 -1.78 72.10 -50.77
CA LEU F 135 -2.13 73.34 -50.10
C LEU F 135 -3.61 73.66 -50.20
N LYS F 136 -4.27 73.27 -51.29
CA LYS F 136 -5.72 73.46 -51.39
C LYS F 136 -6.49 72.74 -50.30
N PRO F 137 -6.24 71.45 -49.98
CA PRO F 137 -7.03 70.81 -48.92
C PRO F 137 -6.77 71.38 -47.54
N TYR F 138 -5.58 71.98 -47.30
CA TYR F 138 -5.22 72.45 -45.96
C TYR F 138 -5.09 73.96 -45.90
N PHE F 139 -4.21 74.55 -46.71
CA PHE F 139 -3.94 75.99 -46.63
C PHE F 139 -5.07 76.84 -47.20
N LEU F 140 -5.96 76.25 -47.98
CA LEU F 140 -7.10 76.95 -48.57
C LEU F 140 -8.42 76.43 -48.01
N GLU F 141 -8.42 76.06 -46.73
CA GLU F 141 -9.60 75.49 -46.10
C GLU F 141 -9.68 75.94 -44.65
N ALA F 142 -10.89 75.86 -44.10
CA ALA F 142 -11.20 76.14 -42.70
C ALA F 142 -10.94 77.58 -42.29
N TYR F 143 -10.62 78.46 -43.24
CA TYR F 143 -10.37 79.88 -42.99
C TYR F 143 -9.33 80.08 -41.90
N ARG F 144 -8.23 79.32 -42.01
CA ARG F 144 -7.17 79.41 -41.02
C ARG F 144 -6.43 80.74 -41.15
N PRO F 145 -5.93 81.30 -40.05
CA PRO F 145 -5.24 82.58 -40.11
C PRO F 145 -3.83 82.45 -40.68
N ILE F 146 -3.38 83.52 -41.32
CA ILE F 146 -2.10 83.56 -41.99
C ILE F 146 -1.28 84.71 -41.45
N ARG F 147 0.05 84.58 -41.59
CA ARG F 147 0.98 85.63 -41.19
C ARG F 147 2.20 85.53 -42.08
N LYS F 148 2.91 86.65 -42.22
CA LYS F 148 4.12 86.71 -43.03
C LYS F 148 5.35 86.64 -42.14
N GLY F 149 6.43 86.11 -42.70
CA GLY F 149 7.68 85.98 -41.98
C GLY F 149 7.84 84.70 -41.18
N ASP F 150 6.76 83.96 -40.96
CA ASP F 150 6.80 82.71 -40.23
C ASP F 150 6.62 81.54 -41.18
N ILE F 151 6.86 80.33 -40.66
CA ILE F 151 6.83 79.10 -41.44
C ILE F 151 5.80 78.16 -40.84
N PHE F 152 4.90 77.66 -41.69
CA PHE F 152 3.99 76.60 -41.30
C PHE F 152 4.40 75.30 -41.99
N LEU F 153 3.70 74.22 -41.68
CA LEU F 153 4.06 72.90 -42.17
C LEU F 153 2.84 72.23 -42.79
N VAL F 154 3.05 71.55 -43.92
CA VAL F 154 2.01 70.80 -44.60
C VAL F 154 2.49 69.38 -44.82
N ARG F 155 1.67 68.41 -44.46
CA ARG F 155 2.02 66.99 -44.57
C ARG F 155 1.14 66.37 -45.66
N GLY F 156 1.75 66.01 -46.78
CA GLY F 156 1.02 65.40 -47.87
C GLY F 156 1.98 64.72 -48.83
N GLY F 157 1.46 63.70 -49.52
CA GLY F 157 2.26 62.98 -50.50
C GLY F 157 3.52 62.37 -49.93
N MET F 158 3.45 61.82 -48.72
CA MET F 158 4.60 61.28 -47.99
C MET F 158 5.69 62.31 -47.77
N ARG F 159 5.34 63.60 -47.75
CA ARG F 159 6.31 64.67 -47.60
C ARG F 159 5.80 65.69 -46.60
N ALA F 160 6.65 66.07 -45.65
CA ALA F 160 6.37 67.15 -44.70
C ALA F 160 7.17 68.37 -45.15
N VAL F 161 6.47 69.36 -45.70
CA VAL F 161 7.10 70.51 -46.33
C VAL F 161 6.87 71.74 -45.46
N GLU F 162 7.93 72.49 -45.22
CA GLU F 162 7.87 73.74 -44.47
C GLU F 162 7.70 74.89 -45.45
N PHE F 163 6.56 75.58 -45.37
CA PHE F 163 6.23 76.67 -46.27
C PHE F 163 6.31 77.99 -45.50
N LYS F 164 7.06 78.94 -46.05
CA LYS F 164 7.13 80.30 -45.51
C LYS F 164 6.25 81.22 -46.33
N VAL F 165 5.72 82.25 -45.67
CA VAL F 165 4.86 83.24 -46.31
C VAL F 165 5.54 84.60 -46.20
N VAL F 166 5.61 85.32 -47.31
CA VAL F 166 6.36 86.57 -47.38
C VAL F 166 5.47 87.79 -47.24
N GLU F 167 4.33 87.81 -47.93
CA GLU F 167 3.41 88.94 -47.88
C GLU F 167 2.01 88.43 -47.59
N THR F 168 1.37 89.02 -46.57
CA THR F 168 -0.02 88.73 -46.19
C THR F 168 -0.78 90.03 -45.96
N ASP F 169 -0.64 90.97 -46.90
CA ASP F 169 -1.23 92.32 -46.87
C ASP F 169 -0.57 93.16 -45.78
N PRO F 170 -0.61 94.49 -45.86
CA PRO F 170 0.04 95.31 -44.82
C PRO F 170 -0.71 95.30 -43.49
N SER F 171 -0.65 94.15 -42.81
CA SER F 171 -1.26 93.97 -41.51
C SER F 171 -0.62 92.77 -40.83
N PRO F 172 -0.45 92.83 -39.51
CA PRO F 172 0.04 91.66 -38.76
C PRO F 172 -1.01 90.60 -38.49
N TYR F 173 -2.21 90.74 -39.08
CA TYR F 173 -3.32 89.83 -38.87
C TYR F 173 -3.91 89.52 -40.24
N CYS F 174 -3.86 88.26 -40.66
CA CYS F 174 -4.37 87.86 -41.96
C CYS F 174 -5.12 86.55 -41.84
N ILE F 175 -6.22 86.44 -42.60
CA ILE F 175 -7.01 85.23 -42.69
C ILE F 175 -7.06 84.80 -44.16
N VAL F 176 -6.94 83.49 -44.39
CA VAL F 176 -6.98 82.99 -45.77
C VAL F 176 -8.37 83.20 -46.37
N ALA F 177 -8.39 83.39 -47.68
CA ALA F 177 -9.61 83.71 -48.40
C ALA F 177 -9.48 83.19 -49.83
N PRO F 178 -10.59 83.03 -50.55
CA PRO F 178 -10.49 82.55 -51.95
C PRO F 178 -9.68 83.45 -52.85
N ASP F 179 -9.53 84.74 -52.53
CA ASP F 179 -8.75 85.65 -53.34
C ASP F 179 -7.29 85.73 -52.90
N THR F 180 -6.85 84.85 -52.01
CA THR F 180 -5.45 84.83 -51.60
C THR F 180 -4.53 84.34 -52.71
N VAL F 181 -5.07 83.66 -53.73
CA VAL F 181 -4.38 83.33 -54.97
C VAL F 181 -3.23 82.36 -54.76
N ILE F 182 -2.41 82.58 -53.72
CA ILE F 182 -1.22 81.80 -53.39
C ILE F 182 -0.32 81.61 -54.62
N HIS F 183 -0.21 82.68 -55.42
CA HIS F 183 0.55 82.69 -56.66
C HIS F 183 1.94 82.10 -56.48
N CYS F 184 2.42 81.42 -57.52
CA CYS F 184 3.63 80.61 -57.43
C CYS F 184 4.87 81.46 -57.68
N GLU F 185 5.72 81.57 -56.67
CA GLU F 185 7.02 82.21 -56.78
C GLU F 185 8.07 81.41 -56.03
N GLY F 186 8.06 80.10 -56.23
CA GLY F 186 8.95 79.23 -55.49
C GLY F 186 10.41 79.48 -55.81
N GLU F 187 11.26 79.32 -54.79
CA GLU F 187 12.68 79.57 -54.92
C GLU F 187 13.43 78.63 -53.98
N PRO F 188 14.70 78.34 -54.27
CA PRO F 188 15.49 77.48 -53.37
C PRO F 188 16.17 78.27 -52.25
N ILE F 189 15.65 79.46 -51.95
CA ILE F 189 16.26 80.35 -50.96
C ILE F 189 16.46 79.61 -49.64
N LYS F 190 17.68 79.71 -49.10
CA LYS F 190 18.04 78.98 -47.89
C LYS F 190 17.32 79.55 -46.67
N ARG F 191 17.15 78.71 -45.66
CA ARG F 191 16.56 79.11 -44.41
C ARG F 191 17.57 79.84 -43.53
N GLU F 192 17.05 80.51 -42.50
CA GLU F 192 17.90 81.20 -41.55
C GLU F 192 18.10 80.36 -40.30
N ASP F 193 19.18 80.65 -39.57
CA ASP F 193 19.53 79.87 -38.38
C ASP F 193 18.54 80.10 -37.23
N GLU F 194 17.80 81.21 -37.25
CA GLU F 194 16.84 81.46 -36.18
C GLU F 194 15.72 80.43 -36.20
N GLU F 195 15.23 80.08 -37.38
CA GLU F 195 14.17 79.08 -37.50
C GLU F 195 14.72 77.69 -37.24
N GLU F 196 13.89 76.85 -36.61
CA GLU F 196 14.24 75.47 -36.33
C GLU F 196 13.59 74.55 -37.36
N SER F 197 14.36 73.57 -37.81
CA SER F 197 13.87 72.64 -38.84
C SER F 197 12.79 71.74 -38.24
N LEU F 198 11.59 71.80 -38.81
CA LEU F 198 10.51 70.94 -38.36
C LEU F 198 10.75 69.48 -38.74
N ASN F 199 11.56 69.23 -39.76
CA ASN F 199 11.95 67.85 -40.07
C ASN F 199 12.80 67.25 -38.95
N GLU F 200 13.55 68.08 -38.24
CA GLU F 200 14.31 67.61 -37.08
C GLU F 200 13.35 67.17 -35.98
N VAL F 201 13.79 66.21 -35.17
CA VAL F 201 12.90 65.56 -34.21
C VAL F 201 12.55 66.51 -33.08
N GLY F 202 11.49 66.18 -32.36
CA GLY F 202 11.02 66.96 -31.24
C GLY F 202 10.09 66.13 -30.38
N TYR F 203 9.38 66.82 -29.48
CA TYR F 203 8.46 66.14 -28.57
C TYR F 203 7.37 65.40 -29.32
N ASP F 204 6.88 65.98 -30.42
CA ASP F 204 5.80 65.36 -31.18
C ASP F 204 6.22 64.10 -31.92
N ASP F 205 7.52 63.81 -31.99
CA ASP F 205 8.02 62.66 -32.73
C ASP F 205 8.10 61.40 -31.88
N ILE F 206 7.70 61.44 -30.62
CA ILE F 206 7.56 60.25 -29.78
C ILE F 206 6.11 60.16 -29.33
N GLY F 207 5.49 59.01 -29.58
CA GLY F 207 4.12 58.81 -29.17
C GLY F 207 3.96 57.63 -28.23
N GLY F 208 4.86 56.66 -28.32
CA GLY F 208 4.71 55.45 -27.52
C GLY F 208 5.07 55.62 -26.06
N CYS F 209 5.63 56.76 -25.67
CA CYS F 209 6.05 57.00 -24.30
C CYS F 209 5.50 58.34 -23.84
N ARG F 210 4.61 58.29 -22.83
CA ARG F 210 4.04 59.49 -22.24
C ARG F 210 4.60 59.76 -20.84
N LYS F 211 4.49 58.79 -19.93
CA LYS F 211 5.07 58.96 -18.60
C LYS F 211 6.59 59.02 -18.66
N GLN F 212 7.20 58.15 -19.47
CA GLN F 212 8.65 58.11 -19.55
C GLN F 212 9.24 59.34 -20.21
N LEU F 213 8.53 59.94 -21.17
CA LEU F 213 8.97 61.20 -21.76
C LEU F 213 8.80 62.37 -20.79
N ALA F 214 7.68 62.40 -20.06
CA ALA F 214 7.48 63.45 -19.06
C ALA F 214 8.49 63.34 -17.93
N GLN F 215 8.95 62.13 -17.61
CA GLN F 215 9.98 61.98 -16.60
C GLN F 215 11.27 62.68 -17.03
N ILE F 216 11.70 62.46 -18.27
CA ILE F 216 12.90 63.13 -18.76
C ILE F 216 12.67 64.63 -18.87
N LYS F 217 11.44 65.02 -19.24
CA LYS F 217 11.11 66.45 -19.32
C LYS F 217 11.30 67.13 -17.97
N GLU F 218 10.70 66.57 -16.92
CA GLU F 218 10.88 67.13 -15.58
C GLU F 218 12.33 67.01 -15.12
N MET F 219 13.04 65.98 -15.57
CA MET F 219 14.42 65.79 -15.14
C MET F 219 15.34 66.86 -15.70
N VAL F 220 15.20 67.21 -16.97
CA VAL F 220 16.21 68.01 -17.67
C VAL F 220 15.70 69.36 -18.12
N GLU F 221 14.43 69.71 -17.86
CA GLU F 221 13.95 71.03 -18.26
C GLU F 221 14.57 72.12 -17.40
N LEU F 222 14.54 71.95 -16.07
CA LEU F 222 15.09 72.96 -15.18
C LEU F 222 16.61 73.12 -15.34
N PRO F 223 17.43 72.05 -15.34
CA PRO F 223 18.88 72.25 -15.49
C PRO F 223 19.28 72.88 -16.81
N LEU F 224 18.54 72.65 -17.90
CA LEU F 224 18.91 73.14 -19.21
C LEU F 224 18.37 74.54 -19.50
N ARG F 225 17.07 74.76 -19.27
CA ARG F 225 16.48 76.06 -19.57
C ARG F 225 17.01 77.14 -18.63
N HIS F 226 17.20 76.82 -17.35
CA HIS F 226 17.64 77.79 -16.36
C HIS F 226 18.83 77.22 -15.60
N PRO F 227 20.02 77.23 -16.19
CA PRO F 227 21.23 76.84 -15.44
C PRO F 227 21.63 77.86 -14.40
N ALA F 228 21.19 79.11 -14.53
CA ALA F 228 21.53 80.13 -13.53
C ALA F 228 20.91 79.82 -12.18
N LEU F 229 19.71 79.23 -12.16
CA LEU F 229 19.11 78.83 -10.90
C LEU F 229 19.93 77.76 -10.20
N PHE F 230 20.45 76.79 -10.95
CA PHE F 230 21.28 75.75 -10.36
C PHE F 230 22.62 76.30 -9.91
N LYS F 231 23.19 77.25 -10.67
CA LYS F 231 24.42 77.90 -10.24
C LYS F 231 24.19 78.72 -8.98
N ALA F 232 22.98 79.25 -8.82
CA ALA F 232 22.67 80.08 -7.66
C ALA F 232 22.34 79.22 -6.44
N ILE F 233 21.30 78.40 -6.56
CA ILE F 233 20.83 77.59 -5.43
C ILE F 233 21.67 76.33 -5.34
N GLY F 234 22.16 76.03 -4.14
CA GLY F 234 22.94 74.83 -3.97
C GLY F 234 22.08 73.58 -4.10
N VAL F 235 22.19 72.92 -5.25
CA VAL F 235 21.44 71.71 -5.56
C VAL F 235 22.41 70.76 -6.27
N LYS F 236 22.02 69.48 -6.32
CA LYS F 236 22.76 68.50 -7.11
C LYS F 236 22.04 68.27 -8.43
N PRO F 237 22.45 68.94 -9.51
CA PRO F 237 21.72 68.83 -10.77
C PRO F 237 21.82 67.44 -11.35
N PRO F 238 20.79 66.98 -12.06
CA PRO F 238 20.87 65.68 -12.73
C PRO F 238 21.91 65.70 -13.84
N ARG F 239 23.03 65.00 -13.63
CA ARG F 239 24.09 64.91 -14.62
C ARG F 239 24.32 63.42 -14.87
N GLY F 240 23.54 62.87 -15.79
CA GLY F 240 23.61 61.46 -16.12
C GLY F 240 22.24 60.82 -16.19
N ILE F 241 21.93 60.24 -17.34
CA ILE F 241 20.65 59.55 -17.56
C ILE F 241 20.96 58.17 -18.10
N LEU F 242 20.15 57.18 -17.73
CA LEU F 242 20.38 55.78 -18.07
C LEU F 242 19.17 55.20 -18.77
N LEU F 243 18.71 55.89 -19.82
CA LEU F 243 17.62 55.39 -20.65
C LEU F 243 17.94 53.99 -21.15
N TYR F 244 17.20 52.99 -20.70
CA TYR F 244 17.45 51.61 -21.10
C TYR F 244 16.16 51.01 -21.63
N GLY F 245 16.32 50.09 -22.59
CA GLY F 245 15.21 49.43 -23.22
C GLY F 245 15.67 48.66 -24.43
N PRO F 246 14.78 47.89 -25.05
CA PRO F 246 15.16 47.12 -26.21
C PRO F 246 15.60 48.02 -27.34
N PRO F 247 16.50 47.56 -28.20
CA PRO F 247 16.98 48.41 -29.30
C PRO F 247 15.87 48.78 -30.26
N GLY F 248 15.95 50.00 -30.78
CA GLY F 248 14.94 50.49 -31.69
C GLY F 248 13.71 51.06 -31.01
N THR F 249 13.79 51.39 -29.72
CA THR F 249 12.65 51.90 -28.99
C THR F 249 12.59 53.43 -28.96
N GLY F 250 13.57 54.10 -29.57
CA GLY F 250 13.57 55.54 -29.63
C GLY F 250 14.37 56.26 -28.57
N LYS F 251 15.30 55.58 -27.90
CA LYS F 251 16.12 56.25 -26.90
C LYS F 251 16.97 57.34 -27.53
N THR F 252 17.60 57.06 -28.68
CA THR F 252 18.31 58.09 -29.41
C THR F 252 17.35 59.18 -29.90
N LEU F 253 16.18 58.77 -30.38
CA LEU F 253 15.17 59.74 -30.81
C LEU F 253 14.74 60.62 -29.66
N ILE F 254 14.52 60.04 -28.48
CA ILE F 254 14.11 60.82 -27.31
C ILE F 254 15.22 61.76 -26.88
N ALA F 255 16.47 61.30 -26.92
CA ALA F 255 17.59 62.15 -26.54
C ALA F 255 17.72 63.34 -27.48
N ARG F 256 17.63 63.09 -28.80
CA ARG F 256 17.69 64.21 -29.74
C ARG F 256 16.51 65.14 -29.56
N ALA F 257 15.31 64.58 -29.32
CA ALA F 257 14.10 65.37 -29.14
C ALA F 257 14.21 66.30 -27.94
N VAL F 258 14.30 65.75 -26.73
CA VAL F 258 14.59 66.65 -25.62
C VAL F 258 16.11 66.66 -25.42
N ALA F 259 16.81 67.12 -26.45
CA ALA F 259 18.06 67.86 -26.35
C ALA F 259 18.14 69.02 -27.32
N ASN F 260 17.37 68.99 -28.41
CA ASN F 260 17.30 70.09 -29.36
C ASN F 260 16.11 71.00 -29.10
N GLU F 261 14.96 70.45 -28.73
CA GLU F 261 13.79 71.27 -28.43
C GLU F 261 13.97 72.01 -27.11
N THR F 262 14.51 71.34 -26.09
CA THR F 262 14.74 71.96 -24.79
C THR F 262 16.09 72.69 -24.76
N GLY F 263 17.16 71.97 -25.09
CA GLY F 263 18.49 72.55 -25.15
C GLY F 263 18.80 73.16 -26.49
N ALA F 264 20.10 73.33 -26.75
CA ALA F 264 20.56 73.91 -28.00
C ALA F 264 21.65 73.10 -28.70
N PHE F 265 22.40 72.27 -27.99
CA PHE F 265 23.45 71.46 -28.58
C PHE F 265 23.27 70.02 -28.11
N PHE F 266 23.33 69.08 -29.05
CA PHE F 266 23.14 67.66 -28.78
C PHE F 266 24.28 66.88 -29.41
N PHE F 267 25.06 66.20 -28.57
CA PHE F 267 26.18 65.40 -29.03
C PHE F 267 25.78 63.94 -29.10
N LEU F 268 26.19 63.27 -30.18
CA LEU F 268 25.72 61.92 -30.50
C LEU F 268 26.92 61.02 -30.81
N ILE F 269 27.87 60.97 -29.88
CA ILE F 269 28.95 59.99 -29.99
C ILE F 269 28.33 58.59 -30.08
N ASN F 270 28.82 57.81 -31.03
CA ASN F 270 28.11 56.59 -31.42
C ASN F 270 28.17 55.51 -30.34
N GLY F 271 29.26 55.44 -29.59
CA GLY F 271 29.54 54.31 -28.75
C GLY F 271 30.51 53.33 -29.38
N PRO F 272 30.08 52.61 -30.42
CA PRO F 272 31.06 51.83 -31.20
C PRO F 272 32.15 52.66 -31.83
N GLU F 273 31.89 53.95 -32.10
CA GLU F 273 32.93 54.82 -32.63
C GLU F 273 34.09 54.96 -31.65
N ILE F 274 33.77 55.13 -30.36
CA ILE F 274 34.82 55.25 -29.34
C ILE F 274 35.42 53.90 -28.98
N MET F 275 34.68 52.80 -29.17
CA MET F 275 35.23 51.48 -28.95
C MET F 275 36.04 50.97 -30.15
N SER F 276 35.98 51.67 -31.29
CA SER F 276 36.56 51.21 -32.53
C SER F 276 37.89 51.89 -32.87
N LYS F 277 38.07 53.15 -32.48
CA LYS F 277 39.26 53.88 -32.88
C LYS F 277 40.50 53.35 -32.15
N LEU F 278 41.65 53.91 -32.52
CA LEU F 278 42.95 53.37 -32.10
C LEU F 278 43.31 53.84 -30.69
N ALA F 279 42.50 53.39 -29.72
CA ALA F 279 42.76 53.58 -28.29
C ALA F 279 42.96 55.04 -27.92
N GLY F 280 44.18 55.56 -28.12
CA GLY F 280 44.47 56.93 -27.73
C GLY F 280 43.62 57.95 -28.47
N GLU F 281 43.43 57.75 -29.77
CA GLU F 281 42.57 58.66 -30.52
C GLU F 281 41.12 58.54 -30.08
N SER F 282 40.68 57.33 -29.74
CA SER F 282 39.32 57.15 -29.22
C SER F 282 39.12 57.90 -27.91
N GLU F 283 40.08 57.80 -27.00
CA GLU F 283 39.97 58.52 -25.74
C GLU F 283 40.09 60.02 -25.94
N SER F 284 40.88 60.45 -26.94
CA SER F 284 40.94 61.86 -27.29
C SER F 284 39.59 62.36 -27.78
N ASN F 285 38.90 61.57 -28.61
CA ASN F 285 37.56 61.95 -29.04
C ASN F 285 36.58 61.96 -27.88
N LEU F 286 36.71 61.01 -26.95
CA LEU F 286 35.86 60.99 -25.77
C LEU F 286 36.04 62.26 -24.93
N ARG F 287 37.30 62.67 -24.73
CA ARG F 287 37.56 63.92 -24.01
C ARG F 287 37.04 65.12 -24.79
N LYS F 288 37.24 65.14 -26.10
CA LYS F 288 36.91 66.32 -26.90
C LYS F 288 35.40 66.50 -27.03
N ALA F 289 34.63 65.42 -27.07
CA ALA F 289 33.18 65.56 -27.10
C ALA F 289 32.68 66.22 -25.82
N PHE F 290 33.20 65.79 -24.66
CA PHE F 290 32.82 66.41 -23.40
C PHE F 290 33.26 67.87 -23.35
N GLU F 291 34.47 68.15 -23.86
CA GLU F 291 34.97 69.52 -23.88
C GLU F 291 34.08 70.42 -24.73
N GLU F 292 33.77 70.00 -25.96
CA GLU F 292 32.93 70.79 -26.84
C GLU F 292 31.52 70.93 -26.29
N ALA F 293 31.04 69.93 -25.54
CA ALA F 293 29.76 70.07 -24.86
C ALA F 293 29.82 71.14 -23.78
N GLU F 294 30.93 71.17 -23.02
CA GLU F 294 31.05 72.17 -21.97
C GLU F 294 31.65 73.48 -22.46
N LYS F 295 32.10 73.55 -23.71
CA LYS F 295 32.67 74.78 -24.25
C LYS F 295 31.64 75.61 -24.99
N ASN F 296 30.73 74.96 -25.72
CA ASN F 296 29.81 75.69 -26.58
C ASN F 296 28.66 76.31 -25.79
N ALA F 297 27.86 75.47 -25.12
CA ALA F 297 26.67 75.91 -24.40
C ALA F 297 26.16 74.75 -23.54
N PRO F 298 25.20 74.99 -22.62
CA PRO F 298 24.55 73.85 -21.95
C PRO F 298 24.02 72.84 -22.95
N ALA F 299 24.61 71.65 -22.97
CA ALA F 299 24.36 70.66 -23.99
C ALA F 299 24.04 69.31 -23.35
N ILE F 300 23.76 68.33 -24.21
CA ILE F 300 23.44 66.98 -23.78
C ILE F 300 24.36 66.02 -24.52
N ILE F 301 25.14 65.25 -23.77
CA ILE F 301 25.99 64.21 -24.35
C ILE F 301 25.23 62.90 -24.32
N PHE F 302 25.12 62.25 -25.48
CA PHE F 302 24.38 61.01 -25.60
C PHE F 302 25.34 59.87 -25.92
N ILE F 303 25.34 58.86 -25.06
CA ILE F 303 26.14 57.65 -25.27
C ILE F 303 25.16 56.56 -25.71
N ASP F 304 25.09 56.34 -27.03
CA ASP F 304 24.10 55.42 -27.59
C ASP F 304 24.37 53.97 -27.21
N GLU F 305 25.61 53.63 -26.90
CA GLU F 305 25.99 52.24 -26.62
C GLU F 305 26.86 52.18 -25.37
N LEU F 306 26.38 52.78 -24.28
CA LEU F 306 27.10 52.71 -23.01
C LEU F 306 27.30 51.25 -22.57
N ASP F 307 26.41 50.35 -22.98
CA ASP F 307 26.63 48.93 -22.75
C ASP F 307 27.85 48.42 -23.49
N ALA F 308 28.15 48.99 -24.67
CA ALA F 308 29.33 48.58 -25.43
C ALA F 308 30.59 49.26 -24.94
N ILE F 309 30.51 50.56 -24.66
CA ILE F 309 31.69 51.28 -24.15
C ILE F 309 32.08 50.77 -22.77
N ALA F 310 31.09 50.57 -21.90
CA ALA F 310 31.33 50.18 -20.51
C ALA F 310 30.51 48.95 -20.17
N PRO F 311 30.95 47.76 -20.61
CA PRO F 311 30.30 46.52 -20.17
C PRO F 311 30.76 46.15 -18.77
N LYS F 312 30.35 44.97 -18.28
CA LYS F 312 30.80 44.49 -16.99
C LYS F 312 32.32 44.36 -16.96
N ARG F 313 32.98 45.20 -16.15
CA ARG F 313 34.43 45.20 -16.08
C ARG F 313 34.97 43.89 -15.53
N GLU F 314 34.20 43.22 -14.67
CA GLU F 314 34.66 41.97 -14.08
C GLU F 314 34.84 40.88 -15.12
N LYS F 315 33.94 40.82 -16.11
CA LYS F 315 34.00 39.78 -17.13
C LYS F 315 34.83 40.16 -18.34
N THR F 316 35.37 41.38 -18.39
CA THR F 316 36.21 41.78 -19.51
C THR F 316 37.55 41.07 -19.45
N HIS F 317 38.11 40.79 -20.62
CA HIS F 317 39.39 40.10 -20.75
C HIS F 317 40.54 41.07 -20.97
N GLY F 318 40.44 41.91 -21.99
CA GLY F 318 41.48 42.89 -22.24
C GLY F 318 41.51 43.98 -21.18
N GLU F 319 42.63 44.69 -21.12
CA GLU F 319 42.81 45.77 -20.16
C GLU F 319 42.64 47.15 -20.77
N VAL F 320 42.87 47.29 -22.07
CA VAL F 320 42.62 48.58 -22.71
C VAL F 320 41.13 48.90 -22.70
N GLU F 321 40.27 47.89 -22.79
CA GLU F 321 38.85 48.11 -22.56
C GLU F 321 38.57 48.45 -21.10
N ARG F 322 39.31 47.85 -20.17
CA ARG F 322 39.22 48.26 -18.78
C ARG F 322 39.67 49.71 -18.61
N ARG F 323 40.72 50.10 -19.35
CA ARG F 323 41.12 51.50 -19.33
C ARG F 323 40.03 52.40 -19.87
N ILE F 324 39.33 51.97 -20.92
CA ILE F 324 38.22 52.76 -21.47
C ILE F 324 37.11 52.92 -20.43
N VAL F 325 36.75 51.82 -19.77
CA VAL F 325 35.68 51.86 -18.77
C VAL F 325 36.07 52.78 -17.62
N SER F 326 37.31 52.66 -17.14
CA SER F 326 37.73 53.48 -16.01
C SER F 326 37.87 54.94 -16.40
N GLN F 327 38.31 55.23 -17.63
CA GLN F 327 38.39 56.61 -18.10
C GLN F 327 37.00 57.22 -18.22
N LEU F 328 36.03 56.44 -18.70
CA LEU F 328 34.65 56.92 -18.74
C LEU F 328 34.13 57.19 -17.33
N LEU F 329 34.44 56.30 -16.39
CA LEU F 329 34.02 56.49 -15.01
C LEU F 329 34.61 57.76 -14.42
N THR F 330 35.90 57.99 -14.64
CA THR F 330 36.54 59.19 -14.12
C THR F 330 36.04 60.45 -14.80
N LEU F 331 35.75 60.38 -16.11
CA LEU F 331 35.17 61.54 -16.79
C LEU F 331 33.80 61.87 -16.24
N MET F 332 32.98 60.85 -15.97
CA MET F 332 31.65 61.09 -15.41
C MET F 332 31.74 61.62 -13.99
N ASP F 333 32.68 61.10 -13.19
CA ASP F 333 32.87 61.62 -11.84
C ASP F 333 33.36 63.07 -11.86
N GLY F 334 34.25 63.41 -12.79
CA GLY F 334 34.70 64.77 -12.97
C GLY F 334 33.74 65.65 -13.73
N LEU F 335 32.63 65.09 -14.22
CA LEU F 335 31.59 65.85 -14.88
C LEU F 335 30.63 66.51 -13.91
N LYS F 336 30.94 66.48 -12.61
CA LYS F 336 30.13 67.17 -11.62
C LYS F 336 30.19 68.69 -11.81
N GLN F 337 31.14 69.19 -12.59
CA GLN F 337 31.33 70.61 -12.79
C GLN F 337 30.42 71.12 -13.91
N ARG F 338 30.47 72.44 -14.12
CA ARG F 338 29.80 73.20 -15.17
C ARG F 338 28.29 73.31 -14.95
N ALA F 339 27.75 72.49 -14.04
CA ALA F 339 26.37 72.60 -13.56
C ALA F 339 25.30 72.66 -14.64
N HIS F 340 25.66 72.38 -15.90
CA HIS F 340 24.67 72.53 -16.97
C HIS F 340 24.78 71.48 -18.07
N VAL F 341 25.55 70.42 -17.91
CA VAL F 341 25.76 69.42 -18.97
C VAL F 341 25.09 68.12 -18.53
N ILE F 342 24.07 67.71 -19.27
CA ILE F 342 23.43 66.42 -19.05
C ILE F 342 24.10 65.38 -19.92
N VAL F 343 24.20 64.15 -19.40
CA VAL F 343 24.88 63.05 -20.10
C VAL F 343 23.90 61.89 -20.17
N MET F 344 23.19 61.77 -21.29
CA MET F 344 22.27 60.66 -21.49
C MET F 344 23.04 59.43 -21.99
N ALA F 345 22.61 58.26 -21.54
CA ALA F 345 23.23 57.00 -21.92
C ALA F 345 22.15 56.01 -22.31
N ALA F 346 22.38 55.29 -23.41
CA ALA F 346 21.43 54.30 -23.91
C ALA F 346 22.02 52.90 -23.79
N THR F 347 21.16 51.94 -23.44
CA THR F 347 21.57 50.56 -23.29
C THR F 347 20.32 49.68 -23.41
N ASN F 348 20.54 48.36 -23.41
CA ASN F 348 19.43 47.43 -23.53
C ASN F 348 18.87 46.98 -22.20
N ARG F 349 19.68 47.00 -21.14
CA ARG F 349 19.24 46.56 -19.82
C ARG F 349 20.21 47.11 -18.79
N PRO F 350 19.76 47.36 -17.55
CA PRO F 350 20.67 47.93 -16.54
C PRO F 350 21.56 46.90 -15.87
N ASN F 351 21.20 45.62 -15.90
CA ASN F 351 21.99 44.57 -15.28
C ASN F 351 23.12 44.06 -16.18
N SER F 352 23.39 44.75 -17.29
CA SER F 352 24.51 44.41 -18.15
C SER F 352 25.67 45.39 -18.07
N ILE F 353 25.42 46.61 -17.61
CA ILE F 353 26.49 47.59 -17.39
C ILE F 353 27.21 47.23 -16.10
N ASP F 354 28.51 47.53 -16.06
CA ASP F 354 29.31 47.31 -14.86
C ASP F 354 28.69 48.06 -13.69
N PRO F 355 28.59 47.45 -12.50
CA PRO F 355 27.96 48.15 -11.36
C PRO F 355 28.81 49.28 -10.80
N ALA F 356 29.26 50.17 -11.69
CA ALA F 356 29.94 51.40 -11.28
C ALA F 356 29.42 52.63 -12.02
N LEU F 357 28.77 52.46 -13.18
CA LEU F 357 28.09 53.54 -13.87
C LEU F 357 26.69 53.80 -13.32
N ARG F 358 26.38 53.26 -12.13
CA ARG F 358 25.11 53.52 -11.47
C ARG F 358 25.31 54.25 -10.14
N ARG F 359 26.51 54.73 -9.87
CA ARG F 359 26.82 55.43 -8.63
C ARG F 359 26.24 56.83 -8.66
N PHE F 360 26.30 57.52 -7.52
CA PHE F 360 25.78 58.87 -7.41
C PHE F 360 26.53 59.81 -8.34
N GLY F 361 25.77 60.61 -9.09
CA GLY F 361 26.34 61.55 -10.04
C GLY F 361 26.72 60.97 -11.37
N ARG F 362 26.59 59.65 -11.56
CA ARG F 362 26.93 58.97 -12.81
C ARG F 362 25.78 58.05 -13.17
N PHE F 363 24.84 58.55 -13.99
CA PHE F 363 23.69 57.79 -14.46
C PHE F 363 22.90 57.18 -13.29
N ASP F 364 22.72 58.00 -12.25
CA ASP F 364 22.00 57.51 -11.07
C ASP F 364 20.50 57.39 -11.31
N ARG F 365 19.98 57.97 -12.39
CA ARG F 365 18.55 57.96 -12.67
C ARG F 365 18.28 57.05 -13.86
N GLU F 366 17.42 56.07 -13.66
CA GLU F 366 16.99 55.15 -14.71
C GLU F 366 15.55 55.47 -15.11
N VAL F 367 15.34 55.67 -16.40
CA VAL F 367 14.09 56.21 -16.92
C VAL F 367 13.51 55.23 -17.94
N ASP F 368 13.64 53.93 -17.65
CA ASP F 368 13.36 52.80 -18.55
C ASP F 368 12.22 53.04 -19.52
N ILE F 369 12.49 52.79 -20.80
CA ILE F 369 11.53 53.08 -21.86
C ILE F 369 10.55 51.94 -22.06
N GLY F 370 11.05 50.72 -22.24
CA GLY F 370 10.19 49.57 -22.40
C GLY F 370 9.52 49.49 -23.76
N ILE F 371 9.00 48.31 -24.10
CA ILE F 371 8.33 48.12 -25.39
C ILE F 371 7.08 48.99 -25.45
N PRO F 372 6.79 49.65 -26.57
CA PRO F 372 5.52 50.38 -26.68
C PRO F 372 4.34 49.44 -26.49
N ASP F 373 3.32 49.94 -25.80
CA ASP F 373 2.23 49.12 -25.31
C ASP F 373 0.90 49.61 -25.86
N ALA F 374 0.16 48.71 -26.50
CA ALA F 374 -1.21 48.94 -26.94
C ALA F 374 -1.37 50.23 -27.73
N THR F 375 -2.18 51.15 -27.20
CA THR F 375 -2.42 52.41 -27.88
C THR F 375 -1.15 53.19 -28.12
N GLY F 376 -0.13 52.98 -27.27
CA GLY F 376 1.16 53.61 -27.51
C GLY F 376 1.74 53.27 -28.87
N ARG F 377 1.64 51.99 -29.26
CA ARG F 377 2.03 51.62 -30.61
C ARG F 377 1.20 52.37 -31.63
N LEU F 378 -0.12 52.48 -31.38
CA LEU F 378 -0.97 53.36 -32.18
C LEU F 378 -0.42 54.78 -32.17
N GLU F 379 -0.06 55.28 -30.98
CA GLU F 379 0.49 56.62 -30.88
C GLU F 379 1.82 56.77 -31.60
N ILE F 380 2.46 55.65 -31.96
CA ILE F 380 3.66 55.72 -32.79
C ILE F 380 3.27 55.78 -34.26
N LEU F 381 2.27 55.00 -34.66
CA LEU F 381 1.92 54.88 -36.07
C LEU F 381 1.51 56.23 -36.66
N GLN F 382 0.68 56.98 -35.93
CA GLN F 382 0.27 58.30 -36.40
C GLN F 382 1.43 59.25 -36.58
N ILE F 383 2.56 59.01 -35.89
CA ILE F 383 3.73 59.85 -36.10
C ILE F 383 4.39 59.52 -37.44
N HIS F 384 4.39 58.25 -37.83
CA HIS F 384 4.99 57.84 -39.09
C HIS F 384 3.99 57.82 -40.24
N THR F 385 2.75 58.23 -39.99
CA THR F 385 1.70 58.24 -41.00
C THR F 385 1.20 59.65 -41.32
N LYS F 386 1.42 60.61 -40.42
CA LYS F 386 0.92 61.97 -40.62
C LYS F 386 1.49 62.58 -41.89
N ASN F 387 2.79 62.42 -42.12
CA ASN F 387 3.37 62.87 -43.39
C ASN F 387 2.87 62.04 -44.55
N MET F 388 2.61 60.75 -44.31
CA MET F 388 2.11 59.85 -45.33
C MET F 388 0.61 60.04 -45.51
N LYS F 389 -0.03 59.14 -46.26
CA LYS F 389 -1.47 59.08 -46.38
C LYS F 389 -1.96 57.74 -45.82
N LEU F 390 -3.26 57.67 -45.55
CA LEU F 390 -3.83 56.47 -44.96
C LEU F 390 -5.16 56.05 -45.60
N ALA F 391 -5.58 56.71 -46.67
CA ALA F 391 -6.85 56.41 -47.36
C ALA F 391 -7.98 56.55 -46.35
N ASP F 392 -8.98 55.66 -46.36
CA ASP F 392 -10.09 55.75 -45.43
C ASP F 392 -10.51 54.41 -44.83
N ASP F 393 -9.90 53.29 -45.26
CA ASP F 393 -10.31 51.98 -44.80
C ASP F 393 -9.34 51.36 -43.79
N VAL F 394 -8.27 52.06 -43.43
CA VAL F 394 -7.29 51.49 -42.51
C VAL F 394 -7.85 51.48 -41.10
N ASP F 395 -7.64 50.37 -40.39
CA ASP F 395 -8.02 50.23 -38.99
C ASP F 395 -6.73 50.34 -38.18
N LEU F 396 -6.35 51.59 -37.85
CA LEU F 396 -5.10 51.83 -37.14
C LEU F 396 -5.11 51.19 -35.76
N GLU F 397 -6.27 51.17 -35.09
CA GLU F 397 -6.36 50.49 -33.80
C GLU F 397 -6.17 48.98 -33.95
N GLN F 398 -6.66 48.40 -35.03
CA GLN F 398 -6.50 46.96 -35.24
C GLN F 398 -5.05 46.60 -35.52
N VAL F 399 -4.39 47.36 -36.41
CA VAL F 399 -2.99 47.10 -36.68
C VAL F 399 -2.12 47.43 -35.46
N ALA F 400 -2.59 48.34 -34.59
CA ALA F 400 -1.89 48.59 -33.34
C ALA F 400 -2.03 47.40 -32.39
N ASN F 401 -3.21 46.79 -32.34
CA ASN F 401 -3.37 45.55 -31.60
C ASN F 401 -2.72 44.37 -32.31
N GLU F 402 -2.41 44.53 -33.60
CA GLU F 402 -1.78 43.46 -34.37
C GLU F 402 -0.27 43.45 -34.20
N THR F 403 0.34 44.59 -33.91
CA THR F 403 1.79 44.73 -33.90
C THR F 403 2.37 44.47 -32.50
N HIS F 404 1.97 43.36 -31.90
CA HIS F 404 2.42 43.03 -30.55
C HIS F 404 3.87 42.59 -30.57
N GLY F 405 4.67 43.17 -29.68
CA GLY F 405 6.09 42.84 -29.60
C GLY F 405 6.99 43.63 -30.52
N HIS F 406 6.51 44.77 -31.04
CA HIS F 406 7.29 45.59 -31.95
C HIS F 406 7.74 46.86 -31.23
N VAL F 407 9.03 47.16 -31.31
CA VAL F 407 9.57 48.42 -30.83
C VAL F 407 9.23 49.50 -31.85
N GLY F 408 9.45 50.77 -31.49
CA GLY F 408 9.13 51.87 -32.38
C GLY F 408 9.85 51.84 -33.70
N ALA F 409 11.01 51.19 -33.76
CA ALA F 409 11.72 51.04 -35.03
C ALA F 409 10.94 50.14 -35.99
N ASP F 410 10.36 49.06 -35.47
CA ASP F 410 9.56 48.17 -36.31
C ASP F 410 8.32 48.89 -36.85
N LEU F 411 7.67 49.70 -36.01
CA LEU F 411 6.53 50.48 -36.47
C LEU F 411 6.95 51.52 -37.50
N ALA F 412 8.14 52.10 -37.35
CA ALA F 412 8.66 52.97 -38.39
C ALA F 412 8.94 52.21 -39.68
N ALA F 413 9.44 50.98 -39.57
CA ALA F 413 9.63 50.14 -40.75
C ALA F 413 8.28 49.62 -41.26
N LEU F 414 7.35 49.31 -40.36
CA LEU F 414 6.03 48.87 -40.79
C LEU F 414 5.31 49.96 -41.57
N CYS F 415 5.40 51.21 -41.10
CA CYS F 415 4.84 52.33 -41.84
C CYS F 415 5.62 52.64 -43.11
N SER F 416 6.89 52.23 -43.19
CA SER F 416 7.68 52.42 -44.39
C SER F 416 7.55 51.27 -45.38
N GLU F 417 7.33 50.04 -44.88
CA GLU F 417 7.15 48.91 -45.79
C GLU F 417 5.78 48.92 -46.45
N ALA F 418 4.75 49.39 -45.75
CA ALA F 418 3.44 49.52 -46.37
C ALA F 418 3.43 50.63 -47.40
N ALA F 419 4.08 51.76 -47.09
CA ALA F 419 4.21 52.84 -48.06
C ALA F 419 4.98 52.40 -49.28
N LEU F 420 6.07 51.64 -49.08
CA LEU F 420 6.83 51.12 -50.20
C LEU F 420 6.04 50.10 -50.99
N GLN F 421 5.20 49.31 -50.32
CA GLN F 421 4.33 48.37 -51.02
C GLN F 421 3.35 49.12 -51.93
N ALA F 422 2.74 50.20 -51.41
CA ALA F 422 1.85 51.01 -52.23
C ALA F 422 2.59 51.64 -53.39
N ILE F 423 3.79 52.16 -53.15
CA ILE F 423 4.58 52.78 -54.21
C ILE F 423 4.92 51.76 -55.29
N ARG F 424 5.34 50.56 -54.88
CA ARG F 424 5.73 49.54 -55.84
C ARG F 424 4.53 48.96 -56.59
N LYS F 425 3.34 48.97 -55.97
CA LYS F 425 2.15 48.61 -56.73
C LYS F 425 1.74 49.70 -57.70
N LYS F 426 2.02 50.96 -57.38
CA LYS F 426 1.78 52.04 -58.32
C LYS F 426 2.87 52.17 -59.38
N MET F 427 4.01 51.50 -59.20
CA MET F 427 5.06 51.54 -60.21
C MET F 427 4.61 50.87 -61.50
N ASP F 428 3.85 49.77 -61.39
CA ASP F 428 3.32 49.11 -62.57
C ASP F 428 2.27 49.97 -63.25
N LEU F 429 1.49 50.74 -62.49
CA LEU F 429 0.49 51.62 -63.07
C LEU F 429 1.14 52.77 -63.82
N ILE F 430 2.14 53.41 -63.22
CA ILE F 430 2.85 54.53 -63.83
C ILE F 430 4.19 53.98 -64.31
N ASP F 431 4.24 53.57 -65.57
CA ASP F 431 5.45 52.98 -66.13
C ASP F 431 6.42 54.07 -66.59
N LEU F 432 7.68 53.65 -66.77
CA LEU F 432 8.77 54.44 -67.35
C LEU F 432 9.20 55.61 -66.46
N GLU F 433 8.57 55.79 -65.29
CA GLU F 433 8.86 56.94 -64.44
C GLU F 433 10.29 56.92 -63.89
N ASP F 434 11.14 57.81 -64.41
CA ASP F 434 12.45 58.08 -63.80
C ASP F 434 12.61 59.61 -63.79
N GLU F 435 12.04 60.24 -62.78
CA GLU F 435 12.07 61.69 -62.59
C GLU F 435 12.02 61.96 -61.09
N THR F 436 11.69 63.20 -60.72
CA THR F 436 11.34 63.52 -59.34
C THR F 436 9.99 62.94 -58.95
N ILE F 437 9.24 62.40 -59.91
CA ILE F 437 7.92 61.79 -59.71
C ILE F 437 6.95 62.80 -59.12
N ASP F 438 7.22 64.09 -59.34
CA ASP F 438 6.33 65.21 -59.02
C ASP F 438 5.91 65.12 -57.55
N ALA F 439 4.74 65.66 -57.23
CA ALA F 439 4.15 65.49 -55.90
C ALA F 439 2.64 65.27 -55.97
N GLU F 440 2.06 65.16 -57.16
CA GLU F 440 0.63 64.97 -57.34
C GLU F 440 0.23 63.51 -57.29
N VAL F 441 1.01 62.63 -57.92
CA VAL F 441 0.74 61.20 -57.83
C VAL F 441 0.94 60.70 -56.40
N MET F 442 1.92 61.26 -55.69
CA MET F 442 2.10 60.93 -54.28
C MET F 442 0.91 61.38 -53.45
N ASN F 443 0.32 62.53 -53.79
CA ASN F 443 -0.92 62.95 -53.14
C ASN F 443 -2.04 61.97 -53.47
N SER F 444 -2.08 61.48 -54.71
CA SER F 444 -3.08 60.49 -55.10
C SER F 444 -2.81 59.11 -54.48
N LEU F 445 -1.61 58.90 -53.94
CA LEU F 445 -1.31 57.62 -53.28
C LEU F 445 -2.14 57.48 -52.02
N ALA F 446 -2.80 56.32 -51.89
CA ALA F 446 -3.68 56.04 -50.75
C ALA F 446 -3.33 54.65 -50.22
N VAL F 447 -2.54 54.61 -49.14
CA VAL F 447 -2.18 53.33 -48.53
C VAL F 447 -3.40 52.73 -47.85
N THR F 448 -3.76 51.52 -48.25
CA THR F 448 -4.94 50.84 -47.76
C THR F 448 -4.54 49.72 -46.80
N MET F 449 -5.54 48.96 -46.36
CA MET F 449 -5.29 47.84 -45.45
C MET F 449 -4.47 46.74 -46.10
N ASP F 450 -4.47 46.63 -47.44
CA ASP F 450 -3.67 45.61 -48.11
C ASP F 450 -2.19 45.83 -47.85
N ASP F 451 -1.72 47.07 -48.04
CA ASP F 451 -0.30 47.37 -47.85
C ASP F 451 0.11 47.16 -46.39
N PHE F 452 -0.70 47.66 -45.45
CA PHE F 452 -0.39 47.49 -44.04
C PHE F 452 -0.40 46.03 -43.60
N ARG F 453 -1.36 45.23 -44.07
CA ARG F 453 -1.40 43.81 -43.77
C ARG F 453 -0.19 43.08 -44.35
N TRP F 454 0.18 43.40 -45.59
CA TRP F 454 1.36 42.78 -46.20
C TRP F 454 2.62 43.14 -45.43
N ALA F 455 2.76 44.41 -45.03
CA ALA F 455 3.93 44.82 -44.27
C ALA F 455 3.96 44.17 -42.89
N LEU F 456 2.80 44.07 -42.24
CA LEU F 456 2.73 43.42 -40.93
C LEU F 456 3.10 41.95 -41.02
N SER F 457 2.65 41.28 -42.09
CA SER F 457 3.07 39.89 -42.31
C SER F 457 4.57 39.80 -42.57
N GLN F 458 5.11 40.76 -43.31
CA GLN F 458 6.55 40.74 -43.60
C GLN F 458 7.37 41.18 -42.39
N SER F 459 6.87 42.16 -41.63
CA SER F 459 7.63 42.70 -40.50
C SER F 459 7.79 41.64 -39.41
N ASN F 460 8.96 41.66 -38.77
CA ASN F 460 9.29 40.73 -37.71
C ASN F 460 9.47 41.49 -36.40
N PRO F 461 8.86 41.03 -35.31
CA PRO F 461 9.08 41.69 -34.01
C PRO F 461 10.54 41.60 -33.60
N SER F 462 11.04 42.69 -33.03
CA SER F 462 12.41 42.73 -32.52
C SER F 462 12.47 42.47 -31.02
N ALA F 463 11.49 42.96 -30.27
CA ALA F 463 11.42 42.78 -28.82
C ALA F 463 10.08 42.15 -28.48
N LEU F 464 10.02 40.82 -28.52
CA LEU F 464 8.81 40.08 -28.21
C LEU F 464 8.90 39.29 -26.91
N ARG F 465 10.07 38.72 -26.60
CA ARG F 465 10.24 37.94 -25.38
C ARG F 465 10.34 38.80 -24.14
N GLU F 466 10.66 40.08 -24.27
CA GLU F 466 10.69 40.97 -23.12
C GLU F 466 9.28 41.18 -22.59
N THR F 467 9.17 41.26 -21.25
CA THR F 467 7.86 41.45 -20.64
C THR F 467 7.30 42.81 -21.02
N VAL F 468 6.02 42.84 -21.37
CA VAL F 468 5.36 44.06 -21.84
C VAL F 468 4.76 44.77 -20.64
N VAL F 469 5.04 46.08 -20.54
CA VAL F 469 4.49 46.94 -19.52
C VAL F 469 3.42 47.79 -20.18
N GLU F 470 2.16 47.58 -19.80
CA GLU F 470 1.03 48.13 -20.54
C GLU F 470 0.10 48.91 -19.62
N VAL F 471 -0.64 49.83 -20.24
CA VAL F 471 -1.80 50.44 -19.62
C VAL F 471 -3.02 49.88 -20.34
N PRO F 472 -3.77 48.97 -19.71
CA PRO F 472 -4.79 48.22 -20.45
C PRO F 472 -5.93 49.10 -20.91
N GLN F 473 -6.57 48.68 -22.00
CA GLN F 473 -7.75 49.34 -22.53
C GLN F 473 -9.04 48.81 -21.91
N VAL F 474 -8.94 47.83 -21.02
CA VAL F 474 -10.12 47.27 -20.35
C VAL F 474 -10.58 48.24 -19.28
N THR F 475 -11.81 48.72 -19.39
CA THR F 475 -12.40 49.66 -18.45
C THR F 475 -13.49 48.97 -17.64
N TRP F 476 -14.12 49.74 -16.75
CA TRP F 476 -15.21 49.20 -15.95
C TRP F 476 -16.41 48.82 -16.82
N GLU F 477 -16.57 49.48 -17.97
CA GLU F 477 -17.64 49.12 -18.89
C GLU F 477 -17.44 47.74 -19.47
N ASP F 478 -16.17 47.33 -19.68
CA ASP F 478 -15.88 46.00 -20.19
C ASP F 478 -16.07 44.91 -19.14
N ILE F 479 -16.29 45.28 -17.88
CA ILE F 479 -16.48 44.31 -16.81
C ILE F 479 -17.98 44.17 -16.58
N GLY F 480 -18.50 42.97 -16.81
CA GLY F 480 -19.90 42.70 -16.58
C GLY F 480 -20.18 42.17 -15.19
N GLY F 481 -21.08 42.82 -14.46
CA GLY F 481 -21.38 42.39 -13.11
C GLY F 481 -20.26 42.72 -12.14
N LEU F 482 -20.23 41.96 -11.05
CA LEU F 482 -19.22 42.12 -9.99
C LEU F 482 -19.20 43.55 -9.46
N GLU F 483 -20.39 44.12 -9.26
CA GLU F 483 -20.49 45.49 -8.78
C GLU F 483 -19.94 45.63 -7.37
N ASP F 484 -20.23 44.65 -6.50
CA ASP F 484 -19.67 44.67 -5.14
C ASP F 484 -18.15 44.55 -5.18
N VAL F 485 -17.63 43.66 -6.04
CA VAL F 485 -16.18 43.52 -6.18
C VAL F 485 -15.57 44.80 -6.74
N LYS F 486 -16.26 45.42 -7.70
CA LYS F 486 -15.78 46.69 -8.26
C LYS F 486 -15.72 47.76 -7.18
N ARG F 487 -16.75 47.84 -6.33
CA ARG F 487 -16.76 48.82 -5.26
C ARG F 487 -15.64 48.56 -4.25
N GLU F 488 -15.44 47.29 -3.88
CA GLU F 488 -14.36 46.95 -2.95
C GLU F 488 -12.99 47.32 -3.54
N LEU F 489 -12.79 47.03 -4.83
CA LEU F 489 -11.53 47.36 -5.48
C LEU F 489 -11.30 48.87 -5.53
N GLN F 490 -12.32 49.62 -5.97
CA GLN F 490 -12.19 51.06 -6.09
C GLN F 490 -12.12 51.76 -4.74
N GLU F 491 -12.55 51.11 -3.66
CA GLU F 491 -12.39 51.65 -2.32
C GLU F 491 -11.15 51.11 -1.62
N LEU F 492 -10.45 50.16 -2.22
CA LEU F 492 -9.27 49.57 -1.60
C LEU F 492 -7.96 50.05 -2.22
N VAL F 493 -7.93 50.33 -3.52
CA VAL F 493 -6.72 50.79 -4.17
C VAL F 493 -6.82 52.25 -4.62
N GLN F 494 -7.99 52.71 -5.06
CA GLN F 494 -8.13 54.11 -5.46
C GLN F 494 -8.24 55.04 -4.27
N TYR F 495 -8.76 54.55 -3.14
CA TYR F 495 -8.85 55.38 -1.94
C TYR F 495 -7.49 55.84 -1.41
N PRO F 496 -6.50 54.97 -1.21
CA PRO F 496 -5.23 55.46 -0.65
C PRO F 496 -4.45 56.39 -1.57
N VAL F 497 -4.57 56.23 -2.89
CA VAL F 497 -3.75 57.03 -3.79
C VAL F 497 -4.24 58.47 -3.89
N GLU F 498 -5.47 58.76 -3.46
CA GLU F 498 -6.01 60.10 -3.51
C GLU F 498 -6.31 60.69 -2.14
N HIS F 499 -6.34 59.88 -1.09
CA HIS F 499 -6.53 60.37 0.29
C HIS F 499 -5.47 59.76 1.19
N PRO F 500 -4.23 60.22 1.10
CA PRO F 500 -3.17 59.67 1.96
C PRO F 500 -3.21 60.23 3.37
N ASP F 501 -3.69 61.47 3.51
CA ASP F 501 -3.72 62.11 4.82
C ASP F 501 -4.66 61.39 5.77
N LYS F 502 -5.84 60.98 5.30
CA LYS F 502 -6.78 60.28 6.16
C LYS F 502 -6.29 58.89 6.51
N PHE F 503 -5.57 58.23 5.60
CA PHE F 503 -4.97 56.95 5.93
C PHE F 503 -3.85 57.11 6.95
N LEU F 504 -3.09 58.20 6.87
CA LEU F 504 -2.00 58.43 7.81
C LEU F 504 -2.52 58.82 9.19
N LYS F 505 -3.66 59.52 9.23
CA LYS F 505 -4.19 60.00 10.51
C LYS F 505 -4.59 58.84 11.41
N PHE F 506 -5.25 57.83 10.85
CA PHE F 506 -5.71 56.70 11.65
C PHE F 506 -4.62 55.68 11.92
N GLY F 507 -3.44 55.83 11.34
CA GLY F 507 -2.33 54.94 11.58
C GLY F 507 -2.54 53.54 11.05
N MET F 508 -2.66 53.42 9.74
CA MET F 508 -2.82 52.11 9.10
C MET F 508 -2.17 52.14 7.73
N THR F 509 -1.27 51.21 7.47
CA THR F 509 -0.71 51.05 6.14
C THR F 509 -1.77 50.44 5.23
N PRO F 510 -2.09 51.07 4.10
CA PRO F 510 -3.12 50.50 3.21
C PRO F 510 -2.70 49.15 2.67
N SER F 511 -3.69 48.29 2.47
CA SER F 511 -3.42 46.92 2.02
C SER F 511 -2.94 46.93 0.58
N LYS F 512 -1.79 46.31 0.34
CA LYS F 512 -1.20 46.21 -0.98
C LYS F 512 -1.17 44.74 -1.38
N GLY F 513 -1.90 44.40 -2.44
CA GLY F 513 -1.92 43.02 -2.90
C GLY F 513 -3.26 42.38 -2.61
N VAL F 514 -3.90 41.85 -3.65
CA VAL F 514 -5.19 41.21 -3.55
C VAL F 514 -5.14 39.88 -4.29
N LEU F 515 -5.57 38.81 -3.62
CA LEU F 515 -5.60 37.47 -4.21
C LEU F 515 -7.02 37.21 -4.70
N PHE F 516 -7.22 37.34 -6.01
CA PHE F 516 -8.52 37.03 -6.61
C PHE F 516 -8.67 35.52 -6.74
N TYR F 517 -9.57 34.94 -5.96
CA TYR F 517 -9.85 33.52 -6.04
C TYR F 517 -11.28 33.29 -6.50
N GLY F 518 -11.48 32.26 -7.32
CA GLY F 518 -12.77 31.96 -7.86
C GLY F 518 -12.69 30.98 -9.02
N PRO F 519 -13.81 30.74 -9.68
CA PRO F 519 -13.81 29.84 -10.82
C PRO F 519 -12.96 30.40 -11.94
N PRO F 520 -12.30 29.53 -12.71
CA PRO F 520 -11.48 30.02 -13.82
C PRO F 520 -12.33 30.63 -14.92
N GLY F 521 -11.75 31.60 -15.61
CA GLY F 521 -12.47 32.29 -16.68
C GLY F 521 -13.66 33.09 -16.19
N CYS F 522 -13.51 33.79 -15.07
CA CYS F 522 -14.61 34.54 -14.48
C CYS F 522 -14.36 36.04 -14.42
N GLY F 523 -13.17 36.52 -14.76
CA GLY F 523 -12.93 37.95 -14.82
C GLY F 523 -11.94 38.48 -13.82
N LYS F 524 -10.95 37.68 -13.43
CA LYS F 524 -9.93 38.17 -12.51
C LYS F 524 -8.89 39.02 -13.23
N THR F 525 -8.36 38.51 -14.35
CA THR F 525 -7.45 39.32 -15.17
C THR F 525 -8.16 40.55 -15.71
N LEU F 526 -9.43 40.41 -16.10
CA LEU F 526 -10.20 41.55 -16.57
C LEU F 526 -10.35 42.59 -15.48
N LEU F 527 -10.62 42.15 -14.24
CA LEU F 527 -10.75 43.09 -13.13
C LEU F 527 -9.43 43.78 -12.84
N ALA F 528 -8.32 43.04 -12.89
CA ALA F 528 -7.01 43.65 -12.67
C ALA F 528 -6.70 44.69 -13.74
N LYS F 529 -7.00 44.36 -15.00
CA LYS F 529 -6.77 45.31 -16.08
C LYS F 529 -7.65 46.55 -15.95
N ALA F 530 -8.90 46.36 -15.50
CA ALA F 530 -9.78 47.49 -15.28
C ALA F 530 -9.27 48.38 -14.15
N ILE F 531 -8.75 47.77 -13.09
CA ILE F 531 -8.15 48.54 -12.00
C ILE F 531 -6.94 49.31 -12.50
N ALA F 532 -6.12 48.68 -13.34
CA ALA F 532 -4.96 49.37 -13.89
C ALA F 532 -5.38 50.54 -14.78
N ASN F 533 -6.43 50.37 -15.57
CA ASN F 533 -6.85 51.42 -16.48
C ASN F 533 -7.52 52.57 -15.74
N GLU F 534 -8.31 52.27 -14.72
CA GLU F 534 -9.03 53.31 -13.99
C GLU F 534 -8.07 54.26 -13.29
N CYS F 535 -7.01 53.73 -12.68
CA CYS F 535 -6.00 54.54 -12.02
C CYS F 535 -4.92 55.03 -12.98
N GLN F 536 -4.99 54.64 -14.25
CA GLN F 536 -4.02 55.03 -15.27
C GLN F 536 -2.60 54.65 -14.86
N ALA F 537 -2.46 53.41 -14.40
CA ALA F 537 -1.18 52.89 -13.95
C ALA F 537 -0.74 51.73 -14.84
N ASN F 538 0.57 51.52 -14.91
CA ASN F 538 1.11 50.45 -15.73
C ASN F 538 0.69 49.09 -15.19
N PHE F 539 0.56 48.13 -16.11
CA PHE F 539 0.08 46.79 -15.78
C PHE F 539 1.09 45.76 -16.24
N ILE F 540 1.55 44.93 -15.31
CA ILE F 540 2.48 43.84 -15.60
C ILE F 540 1.78 42.54 -15.25
N SER F 541 1.50 41.73 -16.27
CA SER F 541 0.83 40.46 -16.09
C SER F 541 1.86 39.33 -16.14
N ILE F 542 2.04 38.65 -15.03
CA ILE F 542 2.92 37.48 -14.97
C ILE F 542 2.05 36.24 -14.98
N LYS F 543 1.81 35.68 -16.16
CA LYS F 543 0.91 34.56 -16.31
C LYS F 543 1.54 33.28 -15.76
N GLY F 544 0.70 32.23 -15.66
CA GLY F 544 1.15 30.94 -15.24
C GLY F 544 2.25 30.32 -16.07
N PRO F 545 2.22 30.43 -17.41
CA PRO F 545 3.36 29.96 -18.21
C PRO F 545 4.70 30.56 -17.79
N GLU F 546 4.75 31.86 -17.47
CA GLU F 546 6.02 32.46 -17.07
C GLU F 546 6.52 31.90 -15.75
N LEU F 547 5.62 31.77 -14.77
CA LEU F 547 6.00 31.21 -13.48
C LEU F 547 6.46 29.77 -13.62
N LEU F 548 5.76 28.98 -14.43
CA LEU F 548 6.15 27.58 -14.62
C LEU F 548 7.48 27.47 -15.35
N THR F 549 7.73 28.36 -16.32
CA THR F 549 9.02 28.37 -17.01
C THR F 549 10.14 28.71 -16.05
N MET F 550 9.92 29.70 -15.18
CA MET F 550 10.95 30.07 -14.20
C MET F 550 11.16 28.99 -13.17
N TRP F 551 10.12 28.22 -12.84
CA TRP F 551 10.26 27.13 -11.87
C TRP F 551 10.98 25.93 -12.48
N PHE F 552 10.63 25.56 -13.71
CA PHE F 552 11.19 24.35 -14.32
C PHE F 552 12.68 24.51 -14.60
N GLY F 553 13.07 25.63 -15.19
CA GLY F 553 14.46 25.88 -15.48
C GLY F 553 15.29 26.36 -14.32
N GLU F 554 14.73 26.37 -13.12
CA GLU F 554 15.40 26.89 -11.92
C GLU F 554 15.83 28.33 -12.14
N SER F 555 14.97 29.11 -12.81
CA SER F 555 15.23 30.50 -13.15
C SER F 555 14.49 31.46 -12.24
N GLU F 556 14.43 31.15 -10.94
CA GLU F 556 13.78 32.03 -9.98
C GLU F 556 14.50 33.37 -9.87
N ALA F 557 15.79 33.44 -10.22
CA ALA F 557 16.50 34.71 -10.22
C ALA F 557 15.89 35.70 -11.22
N ASN F 558 15.17 35.21 -12.23
CA ASN F 558 14.47 36.10 -13.14
C ASN F 558 13.28 36.77 -12.49
N VAL F 559 12.70 36.17 -11.44
CA VAL F 559 11.57 36.78 -10.75
C VAL F 559 11.96 38.16 -10.25
N ARG F 560 13.15 38.27 -9.66
CA ARG F 560 13.69 39.57 -9.25
C ARG F 560 13.58 40.59 -10.38
N GLU F 561 14.03 40.21 -11.57
CA GLU F 561 13.99 41.11 -12.72
C GLU F 561 12.58 41.63 -12.95
N ILE F 562 11.59 40.74 -12.88
CA ILE F 562 10.21 41.15 -13.07
C ILE F 562 9.84 42.26 -12.08
N PHE F 563 10.15 42.03 -10.80
CA PHE F 563 9.86 43.05 -9.80
C PHE F 563 10.66 44.31 -10.08
N ASP F 564 11.92 44.15 -10.50
CA ASP F 564 12.71 45.31 -10.89
C ASP F 564 12.04 46.08 -12.01
N LYS F 565 11.44 45.36 -12.97
CA LYS F 565 10.68 46.02 -14.02
C LYS F 565 9.54 46.83 -13.42
N ALA F 566 8.83 46.24 -12.46
CA ALA F 566 7.75 46.96 -11.80
C ALA F 566 8.28 48.13 -10.98
N ARG F 567 9.54 48.05 -10.54
CA ARG F 567 10.14 49.17 -9.85
C ARG F 567 10.50 50.29 -10.82
N GLN F 568 10.73 49.95 -12.09
CA GLN F 568 11.09 50.94 -13.10
C GLN F 568 9.90 51.37 -13.94
N ALA F 569 8.70 50.87 -13.66
CA ALA F 569 7.49 51.24 -14.37
C ALA F 569 6.40 51.68 -13.39
N ALA F 570 6.80 52.19 -12.23
CA ALA F 570 5.84 52.59 -11.22
C ALA F 570 5.01 53.79 -11.70
N PRO F 571 3.72 53.84 -11.36
CA PRO F 571 2.95 52.87 -10.56
C PRO F 571 2.61 51.60 -11.34
N CYS F 572 2.61 50.44 -10.69
CA CYS F 572 2.33 49.18 -11.35
C CYS F 572 1.21 48.45 -10.63
N VAL F 573 0.53 47.59 -11.37
CA VAL F 573 -0.63 46.84 -10.90
C VAL F 573 -0.35 45.34 -11.04
N LEU F 574 0.90 44.94 -10.73
CA LEU F 574 1.42 43.59 -10.92
C LEU F 574 0.40 42.50 -10.71
N PHE F 575 0.26 41.60 -11.68
CA PHE F 575 -0.77 40.59 -11.67
C PHE F 575 -0.13 39.22 -11.90
N PHE F 576 -0.24 38.34 -10.90
CA PHE F 576 0.31 36.99 -10.99
C PHE F 576 -0.82 36.02 -11.33
N ASP F 577 -1.12 35.95 -12.63
CA ASP F 577 -2.17 35.04 -13.08
C ASP F 577 -1.74 33.59 -12.83
N GLU F 578 -2.70 32.78 -12.38
CA GLU F 578 -2.47 31.38 -12.02
C GLU F 578 -1.33 31.26 -11.01
N LEU F 579 -1.56 31.85 -9.84
CA LEU F 579 -0.59 31.75 -8.75
C LEU F 579 -0.48 30.32 -8.22
N ASP F 580 -1.46 29.48 -8.50
CA ASP F 580 -1.44 28.07 -8.12
C ASP F 580 -0.95 27.17 -9.25
N SER F 581 -0.48 27.75 -10.36
CA SER F 581 -0.01 26.94 -11.49
C SER F 581 1.20 26.10 -11.08
N ILE F 582 2.12 26.67 -10.31
CA ILE F 582 3.26 25.92 -9.81
C ILE F 582 2.81 24.80 -8.87
N ALA F 583 1.80 25.08 -8.04
CA ALA F 583 1.26 24.03 -7.18
C ALA F 583 0.50 22.98 -7.98
N LYS F 584 -0.19 23.39 -9.04
CA LYS F 584 -0.88 22.42 -9.89
C LYS F 584 0.09 21.51 -10.60
N ALA F 585 1.23 22.06 -11.06
CA ALA F 585 2.22 21.26 -11.77
C ALA F 585 2.93 20.26 -10.86
N ARG F 586 2.82 20.42 -9.55
CA ARG F 586 3.42 19.49 -8.60
C ARG F 586 2.44 18.44 -8.09
N GLY F 587 1.21 18.42 -8.60
CA GLY F 587 0.23 17.45 -8.18
C GLY F 587 -1.04 18.08 -7.63
N GLY F 588 -0.89 19.20 -6.93
CA GLY F 588 -2.02 19.90 -6.36
C GLY F 588 -2.39 19.39 -4.97
N GLY F 594 5.92 17.87 -0.59
CA GLY F 594 4.70 18.60 -0.30
C GLY F 594 4.94 19.87 0.48
N GLY F 595 3.89 20.36 1.15
CA GLY F 595 3.99 21.56 1.94
C GLY F 595 3.98 22.86 1.16
N ALA F 596 3.72 22.79 -0.14
CA ALA F 596 3.68 23.97 -1.04
C ALA F 596 5.04 24.67 -0.95
N ALA F 597 5.07 26.01 -1.02
CA ALA F 597 6.28 26.81 -0.86
C ALA F 597 7.35 26.41 -1.89
N ASP F 598 7.02 26.66 -3.15
CA ASP F 598 7.91 26.32 -4.25
C ASP F 598 8.97 27.39 -4.43
N ARG F 599 9.92 27.14 -5.34
CA ARG F 599 11.05 28.04 -5.54
C ARG F 599 10.59 29.41 -6.02
N VAL F 600 9.82 29.44 -7.11
CA VAL F 600 9.39 30.71 -7.68
C VAL F 600 8.41 31.42 -6.75
N ILE F 601 7.54 30.66 -6.09
CA ILE F 601 6.62 31.25 -5.12
C ILE F 601 7.39 31.81 -3.93
N ASN F 602 8.46 31.13 -3.50
CA ASN F 602 9.26 31.66 -2.39
C ASN F 602 9.98 32.95 -2.78
N GLN F 603 10.54 32.99 -3.99
CA GLN F 603 11.15 34.24 -4.46
C GLN F 603 10.10 35.34 -4.61
N ILE F 604 8.89 34.99 -5.02
CA ILE F 604 7.80 35.95 -5.09
C ILE F 604 7.47 36.48 -3.71
N LEU F 605 7.48 35.62 -2.70
CA LEU F 605 7.26 36.05 -1.32
C LEU F 605 8.35 37.01 -0.87
N THR F 606 9.61 36.69 -1.18
CA THR F 606 10.71 37.58 -0.82
C THR F 606 10.58 38.94 -1.48
N GLU F 607 10.22 38.95 -2.76
CA GLU F 607 10.07 40.22 -3.47
C GLU F 607 8.83 40.98 -3.00
N MET F 608 7.79 40.27 -2.57
CA MET F 608 6.64 40.93 -1.97
C MET F 608 7.01 41.60 -0.66
N ASP F 609 7.83 40.93 0.16
CA ASP F 609 8.32 41.54 1.39
C ASP F 609 9.18 42.75 1.07
N GLY F 610 9.98 42.69 0.00
CA GLY F 610 10.78 43.84 -0.40
C GLY F 610 9.93 45.00 -0.90
N MET F 611 8.88 44.71 -1.66
CA MET F 611 8.04 45.74 -2.28
C MET F 611 6.90 46.21 -1.39
N SER F 612 6.72 45.62 -0.22
CA SER F 612 5.69 46.09 0.70
C SER F 612 5.93 47.54 1.14
N THR F 613 7.18 47.98 1.09
CA THR F 613 7.52 49.36 1.43
C THR F 613 7.48 50.30 0.23
N LYS F 614 7.21 49.78 -0.96
CA LYS F 614 7.11 50.64 -2.15
C LYS F 614 5.91 51.57 -2.05
N LYS F 615 4.73 51.02 -1.76
CA LYS F 615 3.48 51.77 -1.69
C LYS F 615 3.22 52.57 -2.97
N ASN F 616 3.73 52.06 -4.09
CA ASN F 616 3.44 52.61 -5.40
C ASN F 616 3.07 51.54 -6.41
N VAL F 617 3.23 50.26 -6.09
CA VAL F 617 2.92 49.15 -6.97
C VAL F 617 1.95 48.22 -6.26
N PHE F 618 0.94 47.74 -6.97
CA PHE F 618 -0.02 46.80 -6.43
C PHE F 618 0.29 45.41 -6.98
N ILE F 619 0.10 44.39 -6.16
CA ILE F 619 0.72 43.09 -6.41
C ILE F 619 -0.42 42.07 -6.52
N ILE F 620 -1.53 42.49 -7.15
CA ILE F 620 -2.72 41.66 -7.35
C ILE F 620 -2.37 40.25 -7.79
N GLY F 621 -3.00 39.25 -7.20
CA GLY F 621 -2.79 37.87 -7.61
C GLY F 621 -4.04 37.22 -8.16
N ALA F 622 -3.97 35.94 -8.48
CA ALA F 622 -5.11 35.22 -9.01
C ALA F 622 -4.90 33.72 -8.82
N THR F 623 -5.96 33.04 -8.37
CA THR F 623 -5.91 31.60 -8.13
C THR F 623 -7.23 30.99 -8.56
N ASN F 624 -7.18 30.11 -9.56
CA ASN F 624 -8.35 29.33 -9.93
C ASN F 624 -8.51 28.08 -9.08
N ARG F 625 -7.55 27.82 -8.19
CA ARG F 625 -7.65 26.73 -7.21
C ARG F 625 -6.98 27.21 -5.94
N PRO F 626 -7.65 28.06 -5.16
CA PRO F 626 -6.99 28.70 -4.01
C PRO F 626 -6.70 27.75 -2.85
N ASP F 627 -7.31 26.57 -2.83
CA ASP F 627 -7.05 25.63 -1.73
C ASP F 627 -5.61 25.17 -1.71
N ILE F 628 -5.06 24.83 -2.88
CA ILE F 628 -3.66 24.40 -2.97
C ILE F 628 -2.85 25.66 -3.30
N ILE F 629 -2.49 26.39 -2.24
CA ILE F 629 -1.66 27.58 -2.36
C ILE F 629 -0.78 27.66 -1.13
N ASP F 630 0.32 28.39 -1.25
CA ASP F 630 1.22 28.59 -0.12
C ASP F 630 0.56 29.49 0.92
N PRO F 631 0.39 29.03 2.16
CA PRO F 631 -0.21 29.92 3.18
C PRO F 631 0.63 31.15 3.48
N ALA F 632 1.92 31.14 3.13
CA ALA F 632 2.75 32.32 3.33
C ALA F 632 2.28 33.48 2.45
N ILE F 633 1.63 33.19 1.33
CA ILE F 633 1.10 34.25 0.46
C ILE F 633 -0.04 35.02 1.13
N LEU F 634 -0.62 34.48 2.20
CA LEU F 634 -1.70 35.12 2.93
C LEU F 634 -1.12 35.65 4.24
N ARG F 635 -0.60 36.87 4.19
CA ARG F 635 0.09 37.46 5.34
C ARG F 635 0.18 38.97 5.16
N PRO F 636 0.14 39.76 6.24
CA PRO F 636 0.30 41.21 6.10
C PRO F 636 1.63 41.55 5.43
N GLY F 637 1.58 42.57 4.57
CA GLY F 637 2.68 42.92 3.68
C GLY F 637 2.58 42.18 2.36
N ARG F 638 2.24 40.89 2.43
CA ARG F 638 1.95 40.09 1.26
C ARG F 638 0.44 40.17 0.98
N LEU F 639 -0.08 39.28 0.14
CA LEU F 639 -1.49 39.34 -0.25
C LEU F 639 -2.40 39.00 0.93
N ASP F 640 -2.76 40.02 1.71
CA ASP F 640 -3.61 39.85 2.87
C ASP F 640 -5.10 39.88 2.51
N GLN F 641 -5.53 40.93 1.80
CA GLN F 641 -6.93 41.03 1.40
C GLN F 641 -7.27 39.96 0.38
N LEU F 642 -8.41 39.32 0.55
CA LEU F 642 -8.90 38.29 -0.36
C LEU F 642 -10.26 38.69 -0.88
N ILE F 643 -10.39 38.75 -2.20
CA ILE F 643 -11.65 39.09 -2.86
C ILE F 643 -12.09 37.88 -3.67
N TYR F 644 -13.30 37.41 -3.42
CA TYR F 644 -13.85 36.26 -4.11
C TYR F 644 -14.59 36.72 -5.36
N ILE F 645 -14.24 36.13 -6.50
CA ILE F 645 -14.89 36.45 -7.77
C ILE F 645 -15.89 35.35 -8.08
N PRO F 646 -17.17 35.52 -7.72
CA PRO F 646 -18.14 34.43 -7.87
C PRO F 646 -18.60 34.30 -9.32
N LEU F 647 -19.25 33.17 -9.58
CA LEU F 647 -19.88 32.96 -10.88
C LEU F 647 -20.98 34.00 -11.08
N PRO F 648 -21.11 34.56 -12.28
CA PRO F 648 -22.12 35.60 -12.50
C PRO F 648 -23.52 35.07 -12.27
N ASP F 649 -24.37 35.91 -11.67
CA ASP F 649 -25.75 35.56 -11.42
C ASP F 649 -26.59 35.93 -12.64
N GLU F 650 -27.92 35.91 -12.49
CA GLU F 650 -28.79 36.22 -13.62
C GLU F 650 -28.59 37.65 -14.10
N LYS F 651 -28.44 38.60 -13.18
CA LYS F 651 -28.26 39.99 -13.57
C LYS F 651 -26.87 40.24 -14.12
N SER F 652 -25.85 39.60 -13.55
CA SER F 652 -24.48 39.83 -13.99
C SER F 652 -24.22 39.24 -15.38
N ARG F 653 -24.90 38.15 -15.73
CA ARG F 653 -24.69 37.55 -17.04
C ARG F 653 -25.20 38.43 -18.17
N VAL F 654 -26.24 39.23 -17.91
CA VAL F 654 -26.70 40.18 -18.93
C VAL F 654 -25.60 41.18 -19.23
N ALA F 655 -24.97 41.73 -18.19
CA ALA F 655 -23.89 42.69 -18.39
C ALA F 655 -22.69 42.04 -19.05
N ILE F 656 -22.40 40.78 -18.69
CA ILE F 656 -21.27 40.08 -19.29
C ILE F 656 -21.50 39.88 -20.77
N LEU F 657 -22.72 39.46 -21.15
CA LEU F 657 -23.03 39.25 -22.56
C LEU F 657 -23.05 40.57 -23.32
N LYS F 658 -23.55 41.64 -22.70
CA LYS F 658 -23.57 42.94 -23.37
C LYS F 658 -22.17 43.48 -23.58
N ALA F 659 -21.28 43.29 -22.60
CA ALA F 659 -19.91 43.77 -22.74
C ALA F 659 -19.14 42.96 -23.76
N ASN F 660 -19.44 41.67 -23.90
CA ASN F 660 -18.79 40.81 -24.88
C ASN F 660 -19.40 40.94 -26.26
N LEU F 661 -20.47 41.72 -26.41
CA LEU F 661 -21.13 41.89 -27.69
C LEU F 661 -21.27 43.36 -28.10
N ARG F 662 -20.58 44.27 -27.40
CA ARG F 662 -20.64 45.68 -27.78
C ARG F 662 -20.00 45.91 -29.15
N LYS F 663 -18.85 45.28 -29.39
CA LYS F 663 -18.20 45.42 -30.69
C LYS F 663 -18.96 44.67 -31.77
N SER F 664 -19.53 43.52 -31.43
CA SER F 664 -20.24 42.72 -32.41
C SER F 664 -21.58 43.37 -32.77
N PRO F 665 -21.95 43.38 -34.05
CA PRO F 665 -23.24 43.94 -34.45
C PRO F 665 -24.38 42.96 -34.22
N VAL F 666 -24.91 42.94 -32.99
CA VAL F 666 -25.99 42.01 -32.63
C VAL F 666 -27.32 42.67 -32.94
N ALA F 667 -28.21 41.91 -33.59
CA ALA F 667 -29.54 42.40 -33.90
C ALA F 667 -30.36 42.55 -32.62
N LYS F 668 -31.26 43.53 -32.62
CA LYS F 668 -32.06 43.83 -31.44
C LYS F 668 -33.09 42.74 -31.13
N ASP F 669 -33.44 41.90 -32.10
CA ASP F 669 -34.44 40.88 -31.88
C ASP F 669 -33.96 39.74 -30.96
N VAL F 670 -32.65 39.66 -30.70
CA VAL F 670 -32.16 38.63 -29.80
C VAL F 670 -32.56 38.97 -28.36
N ASP F 671 -32.46 37.95 -27.49
CA ASP F 671 -32.88 38.07 -26.09
C ASP F 671 -31.70 37.68 -25.20
N LEU F 672 -30.85 38.66 -24.90
CA LEU F 672 -29.68 38.38 -24.06
C LEU F 672 -30.06 38.18 -22.61
N GLU F 673 -31.06 38.92 -22.12
CA GLU F 673 -31.50 38.75 -20.74
C GLU F 673 -32.20 37.41 -20.52
N PHE F 674 -32.62 36.72 -21.58
CA PHE F 674 -33.11 35.36 -21.47
C PHE F 674 -31.99 34.34 -21.56
N LEU F 675 -30.97 34.62 -22.38
CA LEU F 675 -29.77 33.79 -22.41
C LEU F 675 -29.07 33.80 -21.05
N ALA F 676 -29.14 34.92 -20.34
CA ALA F 676 -28.63 34.97 -18.97
C ALA F 676 -29.43 34.05 -18.06
N LYS F 677 -30.75 34.02 -18.23
CA LYS F 677 -31.60 33.15 -17.41
C LYS F 677 -31.29 31.68 -17.67
N MET F 678 -31.13 31.31 -18.95
CA MET F 678 -30.94 29.90 -19.28
C MET F 678 -29.62 29.36 -18.77
N THR F 679 -28.53 30.09 -19.01
CA THR F 679 -27.22 29.67 -18.53
C THR F 679 -27.12 29.95 -17.03
N ASN F 680 -26.91 28.90 -16.24
CA ASN F 680 -26.91 29.02 -14.78
C ASN F 680 -25.49 29.05 -14.21
N GLY F 681 -24.70 28.01 -14.48
CA GLY F 681 -23.36 27.93 -13.93
C GLY F 681 -22.30 28.41 -14.88
N PHE F 682 -22.68 29.24 -15.84
CA PHE F 682 -21.76 29.68 -16.88
C PHE F 682 -20.91 30.83 -16.35
N SER F 683 -19.60 30.72 -16.54
CA SER F 683 -18.69 31.79 -16.16
C SER F 683 -18.65 32.85 -17.25
N GLY F 684 -17.81 33.87 -17.05
CA GLY F 684 -17.62 34.87 -18.08
C GLY F 684 -16.97 34.29 -19.32
N ALA F 685 -16.03 33.35 -19.13
CA ALA F 685 -15.41 32.70 -20.27
C ALA F 685 -16.40 31.86 -21.06
N ASP F 686 -17.33 31.18 -20.38
CA ASP F 686 -18.31 30.38 -21.08
C ASP F 686 -19.25 31.25 -21.93
N LEU F 687 -19.71 32.37 -21.38
CA LEU F 687 -20.55 33.27 -22.15
C LEU F 687 -19.77 33.93 -23.28
N THR F 688 -18.49 34.22 -23.06
CA THR F 688 -17.65 34.75 -24.13
C THR F 688 -17.48 33.73 -25.25
N GLU F 689 -17.30 32.46 -24.90
CA GLU F 689 -17.24 31.41 -25.92
C GLU F 689 -18.58 31.30 -26.67
N ILE F 690 -19.69 31.46 -25.95
CA ILE F 690 -21.00 31.39 -26.59
C ILE F 690 -21.15 32.51 -27.61
N CYS F 691 -20.81 33.74 -27.22
CA CYS F 691 -20.96 34.86 -28.15
C CYS F 691 -19.95 34.79 -29.28
N GLN F 692 -18.74 34.28 -29.00
CA GLN F 692 -17.75 34.11 -30.07
C GLN F 692 -18.19 33.04 -31.06
N ARG F 693 -18.82 31.97 -30.58
CA ARG F 693 -19.33 30.96 -31.49
C ARG F 693 -20.52 31.48 -32.30
N ALA F 694 -21.36 32.32 -31.69
CA ALA F 694 -22.43 32.96 -32.45
C ALA F 694 -21.86 33.86 -33.54
N CYS F 695 -20.81 34.62 -33.21
CA CYS F 695 -20.13 35.44 -34.22
C CYS F 695 -19.51 34.57 -35.30
N LYS F 696 -18.92 33.43 -34.92
CA LYS F 696 -18.32 32.53 -35.90
C LYS F 696 -19.37 31.98 -36.85
N LEU F 697 -20.54 31.59 -36.33
CA LEU F 697 -21.60 31.11 -37.21
C LEU F 697 -22.13 32.21 -38.10
N ALA F 698 -22.23 33.44 -37.57
CA ALA F 698 -22.67 34.56 -38.40
C ALA F 698 -21.70 34.82 -39.55
N ILE F 699 -20.40 34.83 -39.25
CA ILE F 699 -19.39 35.04 -40.28
C ILE F 699 -19.39 33.89 -41.28
N ARG F 700 -19.58 32.66 -40.79
CA ARG F 700 -19.63 31.51 -41.69
C ARG F 700 -20.81 31.61 -42.65
N GLU F 701 -21.98 31.99 -42.14
CA GLU F 701 -23.15 32.16 -43.00
C GLU F 701 -22.94 33.29 -44.00
N SER F 702 -22.35 34.41 -43.55
CA SER F 702 -22.09 35.51 -44.46
C SER F 702 -21.12 35.12 -45.56
N ILE F 703 -20.05 34.40 -45.21
CA ILE F 703 -19.07 33.98 -46.20
C ILE F 703 -19.69 32.97 -47.16
N GLU F 704 -20.49 32.03 -46.64
CA GLU F 704 -21.17 31.07 -47.51
C GLU F 704 -22.09 31.78 -48.50
N SER F 705 -22.87 32.75 -48.01
CA SER F 705 -23.76 33.50 -48.90
C SER F 705 -22.98 34.28 -49.94
N GLU F 706 -21.87 34.91 -49.54
CA GLU F 706 -21.09 35.71 -50.48
C GLU F 706 -20.45 34.83 -51.55
N ILE F 707 -19.86 33.70 -51.16
CA ILE F 707 -19.23 32.82 -52.16
C ILE F 707 -20.27 32.14 -53.02
N ARG F 708 -21.46 31.87 -52.48
CA ARG F 708 -22.55 31.32 -53.30
C ARG F 708 -23.02 32.33 -54.32
N ARG F 709 -23.14 33.60 -53.91
CA ARG F 709 -23.54 34.65 -54.85
C ARG F 709 -22.47 34.85 -55.92
N GLU F 710 -21.20 34.80 -55.54
CA GLU F 710 -20.12 34.92 -56.52
C GLU F 710 -20.13 33.75 -57.50
N ARG F 711 -20.42 32.55 -57.01
CA ARG F 711 -20.55 31.39 -57.88
C ARG F 711 -21.89 31.34 -58.60
N GLU F 712 -22.83 32.22 -58.26
CA GLU F 712 -24.11 32.31 -58.94
C GLU F 712 -24.24 33.56 -59.82
N ARG F 713 -23.54 34.63 -59.48
CA ARG F 713 -23.61 35.87 -60.25
C ARG F 713 -22.23 36.22 -60.82
N PRO F 727 -26.02 40.53 -48.03
CA PRO F 727 -26.41 39.32 -47.31
C PRO F 727 -26.93 39.61 -45.91
N VAL F 728 -26.30 39.03 -44.90
CA VAL F 728 -26.71 39.22 -43.51
C VAL F 728 -25.93 40.41 -42.93
N PRO F 729 -26.59 41.38 -42.31
CA PRO F 729 -25.87 42.53 -41.77
C PRO F 729 -25.58 42.46 -40.28
N GLU F 730 -26.10 41.47 -39.56
CA GLU F 730 -25.96 41.41 -38.12
C GLU F 730 -26.13 39.97 -37.65
N ILE F 731 -25.71 39.72 -36.42
CA ILE F 731 -25.84 38.39 -35.83
C ILE F 731 -27.33 38.12 -35.61
N ARG F 732 -27.91 37.25 -36.43
CA ARG F 732 -29.33 36.96 -36.33
C ARG F 732 -29.62 36.06 -35.12
N ARG F 733 -30.91 35.79 -34.91
CA ARG F 733 -31.31 34.94 -33.81
C ARG F 733 -30.81 33.51 -34.00
N ASP F 734 -30.92 32.99 -35.23
CA ASP F 734 -30.57 31.59 -35.49
C ASP F 734 -29.09 31.31 -35.22
N HIS F 735 -28.23 32.31 -35.38
CA HIS F 735 -26.82 32.13 -35.06
C HIS F 735 -26.63 31.82 -33.57
N PHE F 736 -27.28 32.59 -32.70
CA PHE F 736 -27.22 32.29 -31.28
C PHE F 736 -27.91 30.98 -30.96
N GLU F 737 -29.00 30.67 -31.68
CA GLU F 737 -29.69 29.40 -31.48
C GLU F 737 -28.75 28.23 -31.73
N GLU F 738 -27.98 28.29 -32.81
CA GLU F 738 -27.05 27.21 -33.12
C GLU F 738 -25.84 27.23 -32.20
N ALA F 739 -25.39 28.41 -31.79
CA ALA F 739 -24.23 28.50 -30.90
C ALA F 739 -24.53 27.91 -29.53
N MET F 740 -25.75 28.10 -29.04
CA MET F 740 -26.09 27.59 -27.72
C MET F 740 -26.19 26.06 -27.67
N ARG F 741 -26.18 25.39 -28.81
CA ARG F 741 -26.18 23.93 -28.82
C ARG F 741 -24.86 23.35 -28.30
N PHE F 742 -23.78 24.12 -28.35
CA PHE F 742 -22.48 23.71 -27.83
C PHE F 742 -22.13 24.51 -26.58
N ALA F 743 -23.12 24.74 -25.72
CA ALA F 743 -22.94 25.60 -24.56
C ALA F 743 -22.05 24.93 -23.52
N ARG F 744 -20.86 25.51 -23.33
CA ARG F 744 -19.87 24.96 -22.40
C ARG F 744 -20.12 25.47 -20.99
N ARG F 745 -20.02 24.57 -20.01
CA ARG F 745 -20.03 24.91 -18.59
C ARG F 745 -18.75 24.33 -18.00
N SER F 746 -17.68 25.14 -18.00
CA SER F 746 -16.37 24.64 -17.58
C SER F 746 -16.36 24.27 -16.11
N VAL F 747 -16.95 25.11 -15.26
CA VAL F 747 -16.98 24.89 -13.82
C VAL F 747 -18.43 24.68 -13.39
N SER F 748 -18.67 23.59 -12.68
CA SER F 748 -20.03 23.26 -12.24
C SER F 748 -19.96 22.32 -11.05
N ASP F 749 -21.01 22.39 -10.21
CA ASP F 749 -21.24 21.45 -9.10
C ASP F 749 -20.10 21.57 -8.10
N ASN F 750 -19.41 20.48 -7.74
CA ASN F 750 -18.51 20.46 -6.59
C ASN F 750 -17.38 21.46 -6.72
N ASP F 751 -16.94 21.78 -7.93
CA ASP F 751 -15.89 22.79 -8.11
C ASP F 751 -16.32 24.12 -7.52
N ILE F 752 -17.56 24.56 -7.82
CA ILE F 752 -18.07 25.80 -7.23
C ILE F 752 -18.14 25.68 -5.73
N ARG F 753 -18.32 24.45 -5.21
CA ARG F 753 -18.29 24.25 -3.77
C ARG F 753 -16.93 24.57 -3.20
N LYS F 754 -15.86 24.15 -3.88
CA LYS F 754 -14.51 24.24 -3.32
C LYS F 754 -14.16 25.69 -2.96
N TYR F 755 -14.36 26.61 -3.91
CA TYR F 755 -14.13 28.02 -3.64
C TYR F 755 -14.97 28.49 -2.45
N GLU F 756 -16.25 28.10 -2.43
CA GLU F 756 -17.09 28.44 -1.29
C GLU F 756 -16.51 27.87 0.00
N MET F 757 -16.02 26.63 -0.06
CA MET F 757 -15.30 26.07 1.08
C MET F 757 -14.12 26.96 1.44
N PHE F 758 -13.28 27.29 0.44
CA PHE F 758 -12.17 28.19 0.69
C PHE F 758 -12.66 29.56 1.11
N ALA F 759 -13.88 29.93 0.71
CA ALA F 759 -14.48 31.14 1.24
C ALA F 759 -14.71 31.02 2.73
N GLN F 760 -15.39 29.95 3.16
CA GLN F 760 -15.73 29.79 4.57
C GLN F 760 -14.47 29.71 5.42
N THR F 761 -13.53 28.83 5.04
CA THR F 761 -12.27 28.72 5.75
C THR F 761 -11.49 30.02 5.77
N LEU F 762 -11.78 30.94 4.84
CA LEU F 762 -11.15 32.25 4.85
C LEU F 762 -12.09 33.37 5.25
N GLN F 763 -13.40 33.11 5.39
CA GLN F 763 -14.28 34.15 5.90
C GLN F 763 -14.13 34.28 7.42
N GLN F 764 -13.89 33.15 8.10
CA GLN F 764 -13.54 33.11 9.52
C GLN F 764 -14.50 33.92 10.38
N SER F 765 -15.80 33.67 10.18
CA SER F 765 -16.79 34.25 11.09
C SER F 765 -16.59 33.73 12.50
N ARG F 766 -16.36 32.43 12.63
CA ARG F 766 -15.95 31.78 13.88
C ARG F 766 -16.94 31.99 15.02
N GLY F 767 -18.19 32.27 14.70
CA GLY F 767 -19.20 32.52 15.71
C GLY F 767 -19.18 33.92 16.30
N PHE F 768 -18.32 34.81 15.79
CA PHE F 768 -18.23 36.17 16.28
C PHE F 768 -19.18 37.13 15.57
N GLY F 769 -20.00 36.62 14.64
CA GLY F 769 -20.97 37.48 14.00
C GLY F 769 -22.04 37.95 14.96
N SER F 770 -22.58 39.13 14.67
CA SER F 770 -23.62 39.76 15.50
C SER F 770 -23.17 39.91 16.95
N PHE F 771 -21.90 40.28 17.13
CA PHE F 771 -21.34 40.51 18.45
C PHE F 771 -21.48 42.00 18.78
N ARG F 772 -22.06 42.29 19.95
CA ARG F 772 -22.37 43.65 20.34
C ARG F 772 -21.66 44.01 21.64
N PHE F 773 -21.13 45.24 21.71
CA PHE F 773 -20.53 45.73 22.93
C PHE F 773 -21.60 46.09 23.95
N PRO F 774 -21.27 46.06 25.24
CA PRO F 774 -22.19 46.59 26.25
C PRO F 774 -22.15 48.11 26.28
N SER F 775 -23.26 48.69 26.71
CA SER F 775 -23.39 50.14 26.79
C SER F 775 -22.72 50.67 28.06
N ARG G 22 -44.88 -74.82 -35.51
CA ARG G 22 -44.38 -74.22 -36.73
C ARG G 22 -43.42 -73.07 -36.43
N PRO G 23 -42.47 -72.81 -37.33
CA PRO G 23 -41.57 -71.66 -37.14
C PRO G 23 -42.27 -70.32 -37.21
N ASN G 24 -43.50 -70.26 -37.73
CA ASN G 24 -44.25 -69.01 -37.84
C ASN G 24 -44.97 -68.68 -36.53
N ARG G 25 -44.23 -68.70 -35.42
CA ARG G 25 -44.76 -68.31 -34.13
C ARG G 25 -43.75 -67.40 -33.45
N LEU G 26 -44.23 -66.29 -32.89
CA LEU G 26 -43.32 -65.24 -32.42
C LEU G 26 -43.64 -64.80 -31.01
N ILE G 27 -42.96 -63.76 -30.53
CA ILE G 27 -43.16 -63.21 -29.20
C ILE G 27 -43.70 -61.79 -29.32
N VAL G 28 -44.70 -61.48 -28.50
CA VAL G 28 -45.42 -60.22 -28.59
C VAL G 28 -44.60 -59.10 -27.94
N ASP G 29 -44.69 -57.91 -28.53
CA ASP G 29 -44.04 -56.72 -28.01
C ASP G 29 -45.02 -55.55 -28.08
N GLU G 30 -44.79 -54.55 -27.24
CA GLU G 30 -45.62 -53.36 -27.25
C GLU G 30 -45.43 -52.60 -28.57
N ALA G 31 -46.53 -52.25 -29.20
CA ALA G 31 -46.49 -51.63 -30.51
C ALA G 31 -46.16 -50.14 -30.39
N ILE G 32 -45.32 -49.65 -31.30
CA ILE G 32 -44.95 -48.23 -31.30
C ILE G 32 -45.99 -47.37 -31.99
N ASN G 33 -46.93 -47.96 -32.70
CA ASN G 33 -47.99 -47.23 -33.37
C ASN G 33 -49.27 -47.24 -32.53
N GLU G 34 -50.24 -46.45 -32.98
CA GLU G 34 -51.52 -46.33 -32.28
C GLU G 34 -52.69 -46.94 -33.03
N ASP G 35 -52.48 -47.39 -34.26
CA ASP G 35 -53.57 -47.95 -35.05
C ASP G 35 -54.02 -49.30 -34.48
N ASN G 36 -55.33 -49.51 -34.46
CA ASN G 36 -55.89 -50.75 -33.96
C ASN G 36 -55.96 -51.80 -35.07
N SER G 37 -55.89 -53.06 -34.67
CA SER G 37 -55.91 -54.20 -35.59
C SER G 37 -54.82 -54.08 -36.65
N VAL G 38 -53.64 -53.62 -36.21
CA VAL G 38 -52.49 -53.44 -37.08
C VAL G 38 -51.30 -54.13 -36.42
N VAL G 39 -50.63 -55.00 -37.16
CA VAL G 39 -49.47 -55.74 -36.67
C VAL G 39 -48.23 -55.19 -37.34
N SER G 40 -47.23 -54.82 -36.54
CA SER G 40 -45.96 -54.30 -37.04
C SER G 40 -44.91 -55.39 -36.91
N LEU G 41 -44.31 -55.78 -38.03
CA LEU G 41 -43.35 -56.88 -38.07
C LEU G 41 -42.14 -56.50 -38.91
N SER G 42 -41.02 -57.16 -38.64
CA SER G 42 -39.79 -56.90 -39.37
C SER G 42 -39.88 -57.45 -40.79
N GLN G 43 -39.23 -56.76 -41.72
CA GLN G 43 -39.30 -57.15 -43.13
C GLN G 43 -38.74 -58.53 -43.42
N PRO G 44 -37.56 -58.93 -42.93
CA PRO G 44 -37.12 -60.32 -43.16
C PRO G 44 -38.09 -61.35 -42.60
N LYS G 45 -38.65 -61.08 -41.42
CA LYS G 45 -39.67 -61.98 -40.89
C LYS G 45 -40.95 -61.90 -41.71
N MET G 46 -41.27 -60.73 -42.27
CA MET G 46 -42.45 -60.58 -43.09
C MET G 46 -42.36 -61.44 -44.34
N ASP G 47 -41.21 -61.41 -45.03
CA ASP G 47 -41.07 -62.25 -46.22
C ASP G 47 -40.88 -63.72 -45.83
N GLU G 48 -40.31 -64.00 -44.66
CA GLU G 48 -40.28 -65.36 -44.17
C GLU G 48 -41.67 -65.86 -43.82
N LEU G 49 -42.57 -64.96 -43.43
CA LEU G 49 -43.95 -65.29 -43.11
C LEU G 49 -44.87 -65.15 -44.32
N GLN G 50 -44.31 -64.88 -45.50
CA GLN G 50 -45.07 -64.67 -46.74
C GLN G 50 -46.07 -63.52 -46.56
N LEU G 51 -45.52 -62.33 -46.28
CA LEU G 51 -46.31 -61.13 -46.08
C LEU G 51 -45.85 -60.06 -47.05
N PHE G 52 -46.81 -59.40 -47.69
CA PHE G 52 -46.52 -58.31 -48.62
C PHE G 52 -46.47 -56.99 -47.85
N ARG G 53 -46.48 -55.88 -48.59
CA ARG G 53 -46.42 -54.57 -47.94
C ARG G 53 -47.64 -54.31 -47.07
N GLY G 54 -48.83 -54.70 -47.55
CA GLY G 54 -50.04 -54.51 -46.79
C GLY G 54 -50.87 -55.77 -46.66
N ASP G 55 -50.20 -56.91 -46.60
CA ASP G 55 -50.89 -58.19 -46.47
C ASP G 55 -51.55 -58.31 -45.10
N THR G 56 -52.70 -58.97 -45.06
CA THR G 56 -53.39 -59.22 -43.81
C THR G 56 -52.79 -60.43 -43.12
N VAL G 57 -52.43 -60.28 -41.85
CA VAL G 57 -51.79 -61.34 -41.06
C VAL G 57 -52.78 -61.82 -40.02
N LEU G 58 -52.97 -63.14 -39.95
CA LEU G 58 -53.90 -63.76 -39.01
C LEU G 58 -53.13 -64.37 -37.84
N LEU G 59 -53.68 -64.22 -36.64
CA LEU G 59 -53.01 -64.63 -35.42
C LEU G 59 -53.90 -65.56 -34.62
N LYS G 60 -53.27 -66.45 -33.86
CA LYS G 60 -53.96 -67.37 -32.96
C LYS G 60 -53.39 -67.20 -31.57
N GLY G 61 -54.25 -66.87 -30.61
CA GLY G 61 -53.83 -66.61 -29.25
C GLY G 61 -53.83 -67.85 -28.38
N LYS G 62 -53.59 -67.62 -27.08
CA LYS G 62 -53.58 -68.72 -26.12
C LYS G 62 -54.95 -69.32 -25.90
N LYS G 63 -56.02 -68.57 -26.17
CA LYS G 63 -57.38 -69.05 -25.99
C LYS G 63 -58.08 -69.11 -27.34
N ARG G 64 -59.38 -69.41 -27.31
CA ARG G 64 -60.17 -69.63 -28.53
C ARG G 64 -60.63 -68.27 -29.07
N ARG G 65 -59.69 -67.57 -29.71
CA ARG G 65 -59.99 -66.30 -30.35
C ARG G 65 -58.90 -66.00 -31.38
N GLU G 66 -59.31 -65.41 -32.50
CA GLU G 66 -58.39 -65.01 -33.55
C GLU G 66 -58.74 -63.60 -34.01
N ALA G 67 -57.75 -62.93 -34.60
CA ALA G 67 -57.95 -61.57 -35.09
C ALA G 67 -57.02 -61.32 -36.27
N VAL G 68 -57.60 -61.11 -37.44
CA VAL G 68 -56.83 -60.76 -38.63
C VAL G 68 -56.46 -59.27 -38.56
N CYS G 69 -55.21 -58.96 -38.88
CA CYS G 69 -54.70 -57.60 -38.74
C CYS G 69 -53.88 -57.23 -39.97
N ILE G 70 -53.73 -55.92 -40.18
CA ILE G 70 -52.89 -55.40 -41.25
C ILE G 70 -51.43 -55.48 -40.82
N VAL G 71 -50.59 -56.04 -41.69
CA VAL G 71 -49.15 -56.09 -41.40
C VAL G 71 -48.55 -54.70 -41.62
N LEU G 72 -47.46 -54.44 -40.90
CA LEU G 72 -46.75 -53.17 -41.01
C LEU G 72 -45.25 -53.43 -40.97
N SER G 73 -44.51 -52.66 -41.76
CA SER G 73 -43.06 -52.83 -41.88
C SER G 73 -42.38 -51.78 -41.01
N ASP G 74 -41.98 -52.19 -39.82
CA ASP G 74 -41.22 -51.33 -38.91
C ASP G 74 -39.81 -51.86 -38.75
N ASP G 75 -38.84 -50.95 -38.75
CA ASP G 75 -37.43 -51.31 -38.62
C ASP G 75 -36.94 -51.21 -37.17
N THR G 76 -37.82 -50.94 -36.22
CA THR G 76 -37.45 -50.80 -34.82
C THR G 76 -37.58 -52.10 -34.03
N CYS G 77 -37.98 -53.20 -34.67
CA CYS G 77 -38.15 -54.47 -34.00
C CYS G 77 -37.46 -55.58 -34.80
N SER G 78 -37.10 -56.64 -34.10
CA SER G 78 -36.42 -57.78 -34.71
C SER G 78 -37.46 -58.74 -35.31
N ASP G 79 -37.01 -59.91 -35.75
CA ASP G 79 -37.91 -60.88 -36.36
C ASP G 79 -38.84 -61.49 -35.31
N GLU G 80 -38.29 -61.90 -34.16
CA GLU G 80 -39.09 -62.53 -33.14
C GLU G 80 -40.09 -61.55 -32.51
N LYS G 81 -39.67 -60.30 -32.34
CA LYS G 81 -40.54 -59.28 -31.74
C LYS G 81 -41.60 -58.89 -32.76
N ILE G 82 -42.85 -59.26 -32.49
CA ILE G 82 -43.98 -58.83 -33.31
C ILE G 82 -44.77 -57.82 -32.50
N ARG G 83 -44.94 -56.61 -33.05
CA ARG G 83 -45.58 -55.53 -32.31
C ARG G 83 -47.09 -55.69 -32.35
N MET G 84 -47.73 -55.50 -31.19
CA MET G 84 -49.18 -55.62 -31.09
C MET G 84 -49.70 -54.68 -30.02
N ASN G 85 -50.85 -54.07 -30.28
CA ASN G 85 -51.49 -53.17 -29.33
C ASN G 85 -52.20 -53.97 -28.24
N ARG G 86 -52.66 -53.26 -27.22
CA ARG G 86 -53.51 -53.89 -26.21
C ARG G 86 -54.84 -54.33 -26.80
N VAL G 87 -55.27 -53.69 -27.88
CA VAL G 87 -56.53 -54.06 -28.53
C VAL G 87 -56.45 -55.49 -29.06
N VAL G 88 -55.34 -55.83 -29.69
CA VAL G 88 -55.15 -57.15 -30.26
C VAL G 88 -54.40 -58.04 -29.28
N ARG G 89 -54.37 -57.63 -28.01
CA ARG G 89 -53.80 -58.43 -26.94
C ARG G 89 -54.84 -58.92 -25.94
N ASN G 90 -55.81 -58.07 -25.58
CA ASN G 90 -56.85 -58.49 -24.66
C ASN G 90 -57.84 -59.46 -25.30
N ASN G 91 -58.09 -59.31 -26.61
CA ASN G 91 -58.96 -60.25 -27.31
C ASN G 91 -58.26 -61.58 -27.58
N LEU G 92 -56.94 -61.55 -27.80
CA LEU G 92 -56.18 -62.77 -28.02
C LEU G 92 -55.79 -63.47 -26.73
N ARG G 93 -56.14 -62.89 -25.57
CA ARG G 93 -55.83 -63.45 -24.26
C ARG G 93 -54.32 -63.63 -24.08
N VAL G 94 -53.54 -62.74 -24.67
CA VAL G 94 -52.08 -62.82 -24.66
C VAL G 94 -51.55 -61.59 -23.94
N ARG G 95 -50.79 -61.81 -22.87
CA ARG G 95 -50.16 -60.71 -22.14
C ARG G 95 -48.85 -60.34 -22.81
N LEU G 96 -48.27 -59.22 -22.36
CA LEU G 96 -47.02 -58.72 -22.94
C LEU G 96 -45.87 -59.64 -22.54
N GLY G 97 -45.25 -60.28 -23.53
CA GLY G 97 -44.17 -61.21 -23.29
C GLY G 97 -44.62 -62.66 -23.37
N ASP G 98 -45.53 -62.95 -24.31
CA ASP G 98 -46.06 -64.29 -24.49
C ASP G 98 -45.89 -64.71 -25.94
N VAL G 99 -46.20 -65.98 -26.21
CA VAL G 99 -46.01 -66.57 -27.53
C VAL G 99 -47.31 -66.45 -28.32
N ILE G 100 -47.21 -65.96 -29.54
CA ILE G 100 -48.35 -65.79 -30.44
C ILE G 100 -48.14 -66.68 -31.66
N SER G 101 -49.20 -67.39 -32.04
CA SER G 101 -49.19 -68.27 -33.20
C SER G 101 -49.76 -67.55 -34.40
N ILE G 102 -49.07 -67.67 -35.54
CA ILE G 102 -49.41 -66.94 -36.76
C ILE G 102 -49.58 -67.92 -37.90
N GLN G 103 -50.66 -67.76 -38.66
CA GLN G 103 -50.86 -68.52 -39.90
C GLN G 103 -51.73 -67.72 -40.86
N PRO G 104 -51.20 -67.37 -42.04
CA PRO G 104 -51.99 -66.61 -43.01
C PRO G 104 -53.08 -67.47 -43.65
N CYS G 105 -54.16 -66.80 -44.06
CA CYS G 105 -55.26 -67.44 -44.76
C CYS G 105 -56.04 -66.39 -45.55
N PRO G 106 -55.61 -66.06 -46.76
CA PRO G 106 -56.26 -64.96 -47.51
C PRO G 106 -57.51 -65.38 -48.27
N ASP G 107 -58.63 -64.75 -47.94
CA ASP G 107 -59.88 -64.87 -48.68
C ASP G 107 -60.46 -63.48 -48.87
N VAL G 108 -61.20 -63.27 -49.95
CA VAL G 108 -61.76 -61.95 -50.23
C VAL G 108 -62.74 -61.54 -49.12
N LYS G 109 -63.87 -62.23 -49.04
CA LYS G 109 -64.85 -62.13 -47.94
C LYS G 109 -65.08 -60.68 -47.49
N TYR G 110 -65.58 -59.87 -48.42
CA TYR G 110 -65.97 -58.51 -48.08
C TYR G 110 -67.22 -58.58 -47.20
N GLY G 111 -67.18 -57.88 -46.06
CA GLY G 111 -68.21 -57.99 -45.05
C GLY G 111 -69.61 -57.64 -45.52
N LYS G 112 -70.58 -58.48 -45.17
CA LYS G 112 -71.98 -58.28 -45.53
C LYS G 112 -72.80 -58.16 -44.25
N ARG G 113 -73.16 -56.93 -43.90
CA ARG G 113 -74.01 -56.62 -42.74
C ARG G 113 -73.38 -57.17 -41.44
N ILE G 114 -72.22 -56.59 -41.11
CA ILE G 114 -71.53 -56.97 -39.89
C ILE G 114 -72.33 -56.49 -38.69
N HIS G 115 -72.01 -57.03 -37.51
CA HIS G 115 -72.82 -56.82 -36.30
C HIS G 115 -71.95 -56.28 -35.17
N VAL G 116 -71.19 -55.23 -35.46
CA VAL G 116 -70.45 -54.54 -34.42
C VAL G 116 -71.44 -53.96 -33.42
N LEU G 117 -71.15 -54.14 -32.13
CA LEU G 117 -72.04 -53.73 -31.05
C LEU G 117 -71.25 -52.99 -29.98
N PRO G 118 -71.89 -52.06 -29.27
CA PRO G 118 -71.21 -51.35 -28.18
C PRO G 118 -71.35 -52.07 -26.85
N ILE G 119 -71.68 -53.35 -26.88
CA ILE G 119 -72.06 -54.10 -25.68
C ILE G 119 -70.85 -54.16 -24.75
N ASP G 120 -70.91 -53.38 -23.67
CA ASP G 120 -69.83 -53.26 -22.69
C ASP G 120 -70.27 -52.38 -21.52
N ASP G 121 -69.41 -52.21 -20.53
CA ASP G 121 -69.67 -51.30 -19.43
C ASP G 121 -69.14 -49.89 -19.70
N THR G 122 -68.46 -49.68 -20.83
CA THR G 122 -67.95 -48.35 -21.15
C THR G 122 -69.03 -47.42 -21.68
N VAL G 123 -70.14 -47.96 -22.18
CA VAL G 123 -71.23 -47.13 -22.72
C VAL G 123 -72.17 -46.85 -21.54
N GLU G 124 -71.82 -45.83 -20.78
CA GLU G 124 -72.64 -45.36 -19.66
C GLU G 124 -72.85 -43.87 -19.80
N GLY G 125 -74.11 -43.45 -19.91
CA GLY G 125 -74.41 -42.04 -20.07
C GLY G 125 -74.02 -41.44 -21.39
N ILE G 126 -73.82 -42.27 -22.41
CA ILE G 126 -73.49 -41.81 -23.76
C ILE G 126 -74.50 -42.42 -24.71
N THR G 127 -75.44 -41.61 -25.19
CA THR G 127 -76.51 -42.07 -26.06
C THR G 127 -76.43 -41.32 -27.40
N GLY G 128 -77.45 -41.51 -28.23
CA GLY G 128 -77.53 -40.83 -29.50
C GLY G 128 -77.04 -41.67 -30.66
N ASN G 129 -76.33 -41.03 -31.60
CA ASN G 129 -75.79 -41.71 -32.77
C ASN G 129 -74.36 -42.16 -32.57
N LEU G 130 -73.98 -42.52 -31.34
CA LEU G 130 -72.62 -42.99 -31.06
C LEU G 130 -72.28 -44.25 -31.84
N PHE G 131 -73.29 -44.96 -32.35
CA PHE G 131 -73.05 -46.16 -33.14
C PHE G 131 -72.38 -45.86 -34.47
N GLU G 132 -72.48 -44.63 -34.98
CA GLU G 132 -71.93 -44.30 -36.29
C GLU G 132 -71.15 -43.00 -36.38
N VAL G 133 -71.20 -42.11 -35.38
CA VAL G 133 -70.58 -40.80 -35.55
C VAL G 133 -69.06 -40.92 -35.58
N TYR G 134 -68.46 -41.69 -34.68
CA TYR G 134 -67.02 -41.89 -34.68
C TYR G 134 -66.60 -43.23 -35.24
N LEU G 135 -67.55 -44.03 -35.75
CA LEU G 135 -67.21 -45.27 -36.43
C LEU G 135 -67.00 -45.07 -37.93
N LYS G 136 -67.71 -44.12 -38.53
CA LYS G 136 -67.48 -43.82 -39.95
C LYS G 136 -66.06 -43.35 -40.23
N PRO G 137 -65.46 -42.42 -39.49
CA PRO G 137 -64.07 -42.02 -39.81
C PRO G 137 -63.05 -43.12 -39.59
N TYR G 138 -63.32 -44.07 -38.68
CA TYR G 138 -62.33 -45.10 -38.34
C TYR G 138 -62.76 -46.49 -38.77
N PHE G 139 -63.92 -46.97 -38.31
CA PHE G 139 -64.34 -48.34 -38.58
C PHE G 139 -64.82 -48.54 -40.01
N LEU G 140 -65.12 -47.47 -40.72
CA LEU G 140 -65.57 -47.53 -42.11
C LEU G 140 -64.55 -46.89 -43.05
N GLU G 141 -63.26 -47.03 -42.73
CA GLU G 141 -62.21 -46.41 -43.50
C GLU G 141 -60.99 -47.32 -43.54
N ALA G 142 -60.13 -47.10 -44.53
CA ALA G 142 -58.85 -47.77 -44.72
C ALA G 142 -58.98 -49.27 -44.96
N TYR G 143 -60.20 -49.78 -45.14
CA TYR G 143 -60.45 -51.21 -45.40
C TYR G 143 -59.79 -52.09 -44.35
N ARG G 144 -59.95 -51.72 -43.08
CA ARG G 144 -59.36 -52.48 -42.00
C ARG G 144 -60.07 -53.82 -41.84
N PRO G 145 -59.35 -54.87 -41.42
CA PRO G 145 -59.97 -56.17 -41.27
C PRO G 145 -60.83 -56.26 -40.02
N ILE G 146 -61.86 -57.11 -40.10
CA ILE G 146 -62.83 -57.26 -39.02
C ILE G 146 -62.89 -58.73 -38.62
N ARG G 147 -63.33 -58.96 -37.38
CA ARG G 147 -63.52 -60.31 -36.86
C ARG G 147 -64.63 -60.26 -35.83
N LYS G 148 -65.29 -61.39 -35.62
CA LYS G 148 -66.36 -61.51 -34.65
C LYS G 148 -65.85 -62.15 -33.36
N GLY G 149 -66.49 -61.79 -32.25
CA GLY G 149 -66.13 -62.31 -30.95
C GLY G 149 -65.06 -61.53 -30.22
N ASP G 150 -64.35 -60.64 -30.91
CA ASP G 150 -63.31 -59.83 -30.30
C ASP G 150 -63.79 -58.39 -30.16
N ILE G 151 -63.02 -57.60 -29.43
CA ILE G 151 -63.36 -56.22 -29.11
C ILE G 151 -62.26 -55.30 -29.62
N PHE G 152 -62.65 -54.29 -30.38
CA PHE G 152 -61.73 -53.22 -30.76
C PHE G 152 -62.09 -51.95 -30.00
N LEU G 153 -61.29 -50.91 -30.21
CA LEU G 153 -61.45 -49.66 -29.45
C LEU G 153 -61.50 -48.48 -30.42
N VAL G 154 -62.38 -47.53 -30.12
CA VAL G 154 -62.50 -46.31 -30.90
C VAL G 154 -62.42 -45.12 -29.96
N ARG G 155 -61.57 -44.15 -30.29
CA ARG G 155 -61.35 -42.97 -29.47
C ARG G 155 -61.93 -41.76 -30.21
N GLY G 156 -63.02 -41.21 -29.68
CA GLY G 156 -63.64 -40.04 -30.27
C GLY G 156 -64.57 -39.38 -29.28
N GLY G 157 -64.76 -38.07 -29.48
CA GLY G 157 -65.66 -37.30 -28.62
C GLY G 157 -65.29 -37.36 -27.15
N MET G 158 -63.99 -37.30 -26.83
CA MET G 158 -63.47 -37.43 -25.48
C MET G 158 -63.87 -38.75 -24.83
N ARG G 159 -64.14 -39.79 -25.62
CA ARG G 159 -64.58 -41.08 -25.11
C ARG G 159 -63.83 -42.20 -25.82
N ALA G 160 -63.29 -43.13 -25.03
CA ALA G 160 -62.68 -44.34 -25.56
C ALA G 160 -63.66 -45.49 -25.34
N VAL G 161 -64.27 -45.95 -26.43
CA VAL G 161 -65.37 -46.92 -26.37
C VAL G 161 -64.87 -48.25 -26.92
N GLU G 162 -65.15 -49.32 -26.19
CA GLU G 162 -64.81 -50.68 -26.59
C GLU G 162 -66.01 -51.28 -27.32
N PHE G 163 -65.85 -51.57 -28.61
CA PHE G 163 -66.90 -52.10 -29.45
C PHE G 163 -66.62 -53.57 -29.76
N LYS G 164 -67.60 -54.43 -29.50
CA LYS G 164 -67.53 -55.84 -29.86
C LYS G 164 -68.32 -56.09 -31.13
N VAL G 165 -67.88 -57.08 -31.90
CA VAL G 165 -68.54 -57.46 -33.15
C VAL G 165 -69.02 -58.89 -33.02
N VAL G 166 -70.27 -59.13 -33.38
CA VAL G 166 -70.91 -60.43 -33.16
C VAL G 166 -70.90 -61.29 -34.42
N GLU G 167 -71.25 -60.71 -35.56
CA GLU G 167 -71.29 -61.45 -36.83
C GLU G 167 -70.49 -60.70 -37.89
N THR G 168 -69.57 -61.40 -38.54
CA THR G 168 -68.77 -60.88 -39.65
C THR G 168 -68.74 -61.88 -40.80
N ASP G 169 -69.93 -62.40 -41.16
CA ASP G 169 -70.14 -63.42 -42.18
C ASP G 169 -69.56 -64.76 -41.73
N PRO G 170 -70.02 -65.89 -42.28
CA PRO G 170 -69.49 -67.20 -41.85
C PRO G 170 -68.07 -67.45 -42.33
N SER G 171 -67.11 -66.71 -41.74
CA SER G 171 -65.71 -66.85 -42.06
C SER G 171 -64.89 -66.25 -40.93
N PRO G 172 -63.74 -66.84 -40.60
CA PRO G 172 -62.84 -66.23 -39.61
C PRO G 172 -61.99 -65.09 -40.15
N TYR G 173 -62.27 -64.63 -41.37
CA TYR G 173 -61.51 -63.58 -42.02
C TYR G 173 -62.51 -62.62 -42.66
N CYS G 174 -62.53 -61.37 -42.19
CA CYS G 174 -63.48 -60.39 -42.70
C CYS G 174 -62.78 -59.05 -42.89
N ILE G 175 -63.15 -58.35 -43.96
CA ILE G 175 -62.66 -57.01 -44.26
C ILE G 175 -63.86 -56.09 -44.36
N VAL G 176 -63.73 -54.88 -43.80
CA VAL G 176 -64.83 -53.92 -43.84
C VAL G 176 -65.07 -53.46 -45.27
N ALA G 177 -66.33 -53.13 -45.56
CA ALA G 177 -66.76 -52.79 -46.90
C ALA G 177 -67.95 -51.83 -46.79
N PRO G 178 -68.27 -51.10 -47.86
CA PRO G 178 -69.43 -50.19 -47.79
C PRO G 178 -70.75 -50.89 -47.51
N ASP G 179 -70.87 -52.18 -47.81
CA ASP G 179 -72.10 -52.92 -47.55
C ASP G 179 -72.10 -53.59 -46.18
N THR G 180 -71.13 -53.28 -45.31
CA THR G 180 -71.13 -53.82 -43.96
C THR G 180 -72.25 -53.25 -43.10
N VAL G 181 -72.82 -52.12 -43.49
CA VAL G 181 -74.05 -51.58 -42.92
C VAL G 181 -73.88 -51.14 -41.46
N ILE G 182 -73.20 -51.96 -40.65
CA ILE G 182 -72.99 -51.76 -39.21
C ILE G 182 -74.30 -51.40 -38.51
N HIS G 183 -75.38 -52.08 -38.92
CA HIS G 183 -76.73 -51.85 -38.40
C HIS G 183 -76.74 -51.81 -36.87
N CYS G 184 -77.62 -50.96 -36.33
CA CYS G 184 -77.62 -50.65 -34.91
C CYS G 184 -78.43 -51.67 -34.13
N GLU G 185 -77.76 -52.40 -33.23
CA GLU G 185 -78.41 -53.31 -32.31
C GLU G 185 -77.76 -53.19 -30.93
N GLY G 186 -77.55 -51.96 -30.47
CA GLY G 186 -76.84 -51.74 -29.23
C GLY G 186 -77.60 -52.28 -28.03
N GLU G 187 -76.84 -52.76 -27.05
CA GLU G 187 -77.41 -53.36 -25.85
C GLU G 187 -76.47 -53.10 -24.69
N PRO G 188 -76.99 -53.12 -23.45
CA PRO G 188 -76.11 -52.93 -22.28
C PRO G 188 -75.50 -54.24 -21.79
N ILE G 189 -75.45 -55.25 -22.66
CA ILE G 189 -74.96 -56.58 -22.29
C ILE G 189 -73.59 -56.48 -21.64
N LYS G 190 -73.45 -57.13 -20.49
CA LYS G 190 -72.22 -57.05 -19.71
C LYS G 190 -71.07 -57.79 -20.41
N ARG G 191 -69.85 -57.36 -20.09
CA ARG G 191 -68.66 -58.00 -20.61
C ARG G 191 -68.34 -59.28 -19.82
N GLU G 192 -67.46 -60.10 -20.40
CA GLU G 192 -67.02 -61.32 -19.75
C GLU G 192 -65.67 -61.09 -19.07
N ASP G 193 -65.38 -61.94 -18.08
CA ASP G 193 -64.14 -61.80 -17.31
C ASP G 193 -62.90 -62.13 -18.12
N GLU G 194 -63.05 -62.88 -19.21
CA GLU G 194 -61.90 -63.22 -20.04
C GLU G 194 -61.30 -61.98 -20.69
N GLU G 195 -62.16 -61.07 -21.17
CA GLU G 195 -61.68 -59.85 -21.79
C GLU G 195 -61.18 -58.87 -20.74
N GLU G 196 -60.14 -58.13 -21.10
CA GLU G 196 -59.55 -57.12 -20.22
C GLU G 196 -60.04 -55.74 -20.62
N SER G 197 -60.39 -54.93 -19.62
CA SER G 197 -60.91 -53.60 -19.87
C SER G 197 -59.81 -52.71 -20.43
N LEU G 198 -60.03 -52.19 -21.65
CA LEU G 198 -59.07 -51.27 -22.25
C LEU G 198 -59.05 -49.92 -21.55
N ASN G 199 -60.13 -49.56 -20.84
CA ASN G 199 -60.11 -48.35 -20.03
C ASN G 199 -59.13 -48.49 -18.88
N GLU G 200 -58.92 -49.71 -18.38
CA GLU G 200 -57.92 -49.95 -17.35
C GLU G 200 -56.53 -49.68 -17.90
N VAL G 201 -55.62 -49.27 -17.02
CA VAL G 201 -54.31 -48.79 -17.46
C VAL G 201 -53.46 -49.96 -17.97
N GLY G 202 -52.43 -49.60 -18.72
CA GLY G 202 -51.50 -50.56 -19.28
C GLY G 202 -50.22 -49.88 -19.70
N TYR G 203 -49.41 -50.61 -20.48
CA TYR G 203 -48.13 -50.08 -20.93
C TYR G 203 -48.31 -48.83 -21.77
N ASP G 204 -49.36 -48.78 -22.59
CA ASP G 204 -49.58 -47.64 -23.46
C ASP G 204 -50.00 -46.38 -22.71
N ASP G 205 -50.32 -46.49 -21.42
CA ASP G 205 -50.79 -45.34 -20.65
C ASP G 205 -49.66 -44.57 -19.97
N ILE G 206 -48.41 -44.96 -20.19
CA ILE G 206 -47.25 -44.18 -19.76
C ILE G 206 -46.43 -43.84 -20.97
N GLY G 207 -46.15 -42.55 -21.16
CA GLY G 207 -45.35 -42.11 -22.28
C GLY G 207 -44.09 -41.39 -21.86
N GLY G 208 -44.13 -40.76 -20.69
CA GLY G 208 -43.00 -39.95 -20.25
C GLY G 208 -41.80 -40.75 -19.78
N CYS G 209 -41.94 -42.06 -19.63
CA CYS G 209 -40.85 -42.91 -19.13
C CYS G 209 -40.68 -44.09 -20.07
N ARG G 210 -39.51 -44.16 -20.72
CA ARG G 210 -39.17 -45.27 -21.60
C ARG G 210 -38.12 -46.18 -20.99
N LYS G 211 -36.97 -45.64 -20.59
CA LYS G 211 -35.95 -46.45 -19.95
C LYS G 211 -36.42 -46.94 -18.58
N GLN G 212 -37.07 -46.06 -17.80
CA GLN G 212 -37.52 -46.42 -16.47
C GLN G 212 -38.65 -47.43 -16.48
N LEU G 213 -39.51 -47.40 -17.50
CA LEU G 213 -40.54 -48.42 -17.64
C LEU G 213 -39.97 -49.75 -18.10
N ALA G 214 -39.00 -49.71 -19.02
CA ALA G 214 -38.35 -50.95 -19.46
C ALA G 214 -37.55 -51.58 -18.34
N GLN G 215 -37.02 -50.77 -17.42
CA GLN G 215 -36.32 -51.31 -16.26
C GLN G 215 -37.25 -52.16 -15.40
N ILE G 216 -38.44 -51.63 -15.10
CA ILE G 216 -39.42 -52.40 -14.33
C ILE G 216 -39.91 -53.60 -15.12
N LYS G 217 -40.04 -53.46 -16.44
CA LYS G 217 -40.45 -54.57 -17.28
C LYS G 217 -39.46 -55.73 -17.16
N GLU G 218 -38.16 -55.45 -17.35
CA GLU G 218 -37.15 -56.49 -17.20
C GLU G 218 -37.08 -57.00 -15.77
N MET G 219 -37.36 -56.13 -14.79
CA MET G 219 -37.29 -56.52 -13.39
C MET G 219 -38.36 -57.54 -13.03
N VAL G 220 -39.60 -57.33 -13.47
CA VAL G 220 -40.74 -58.06 -12.95
C VAL G 220 -41.42 -58.95 -13.98
N GLU G 221 -40.96 -58.97 -15.24
CA GLU G 221 -41.58 -59.85 -16.22
C GLU G 221 -41.28 -61.31 -15.94
N LEU G 222 -40.01 -61.63 -15.71
CA LEU G 222 -39.64 -63.02 -15.45
C LEU G 222 -40.22 -63.56 -14.13
N PRO G 223 -40.13 -62.86 -13.00
CA PRO G 223 -40.71 -63.41 -11.76
C PRO G 223 -42.23 -63.60 -11.81
N LEU G 224 -42.95 -62.76 -12.56
CA LEU G 224 -44.40 -62.82 -12.59
C LEU G 224 -44.94 -63.78 -13.65
N ARG G 225 -44.45 -63.67 -14.89
CA ARG G 225 -44.95 -64.53 -15.95
C ARG G 225 -44.55 -65.99 -15.75
N HIS G 226 -43.34 -66.24 -15.27
CA HIS G 226 -42.83 -67.59 -15.08
C HIS G 226 -42.28 -67.74 -13.67
N PRO G 227 -43.15 -67.87 -12.67
CA PRO G 227 -42.66 -68.16 -11.31
C PRO G 227 -42.10 -69.56 -11.15
N ALA G 228 -42.48 -70.49 -12.05
CA ALA G 228 -41.97 -71.85 -11.97
C ALA G 228 -40.46 -71.90 -12.22
N LEU G 229 -39.95 -71.03 -13.10
CA LEU G 229 -38.51 -70.98 -13.33
C LEU G 229 -37.78 -70.53 -12.07
N PHE G 230 -38.33 -69.55 -11.35
CA PHE G 230 -37.69 -69.11 -10.12
C PHE G 230 -37.79 -70.16 -9.02
N LYS G 231 -38.92 -70.88 -8.96
CA LYS G 231 -39.05 -71.97 -8.01
C LYS G 231 -38.08 -73.10 -8.35
N ALA G 232 -37.76 -73.27 -9.63
CA ALA G 232 -36.87 -74.34 -10.06
C ALA G 232 -35.40 -73.93 -9.86
N ILE G 233 -34.99 -72.86 -10.53
CA ILE G 233 -33.60 -72.42 -10.51
C ILE G 233 -33.36 -71.60 -9.25
N GLY G 234 -32.30 -71.93 -8.51
CA GLY G 234 -32.00 -71.16 -7.32
C GLY G 234 -31.51 -69.76 -7.67
N VAL G 235 -32.40 -68.79 -7.48
CA VAL G 235 -32.13 -67.38 -7.77
C VAL G 235 -32.75 -66.57 -6.64
N LYS G 236 -32.32 -65.32 -6.51
CA LYS G 236 -32.94 -64.37 -5.59
C LYS G 236 -33.89 -63.47 -6.37
N PRO G 237 -35.19 -63.78 -6.39
CA PRO G 237 -36.13 -63.01 -7.20
C PRO G 237 -36.27 -61.59 -6.68
N PRO G 238 -36.50 -60.62 -7.56
CA PRO G 238 -36.76 -59.25 -7.09
C PRO G 238 -38.06 -59.16 -6.30
N ARG G 239 -37.95 -58.96 -4.99
CA ARG G 239 -39.11 -58.83 -4.12
C ARG G 239 -38.96 -57.50 -3.40
N GLY G 240 -39.44 -56.43 -4.04
CA GLY G 240 -39.34 -55.10 -3.49
C GLY G 240 -38.84 -54.10 -4.53
N ILE G 241 -39.65 -53.06 -4.77
CA ILE G 241 -39.30 -52.00 -5.71
C ILE G 241 -39.47 -50.67 -4.99
N LEU G 242 -38.63 -49.70 -5.32
CA LEU G 242 -38.57 -48.42 -4.63
C LEU G 242 -38.73 -47.28 -5.63
N LEU G 243 -39.77 -47.37 -6.46
CA LEU G 243 -40.09 -46.29 -7.40
C LEU G 243 -40.22 -44.97 -6.65
N TYR G 244 -39.31 -44.04 -6.89
CA TYR G 244 -39.35 -42.75 -6.21
C TYR G 244 -39.31 -41.63 -7.25
N GLY G 245 -39.95 -40.52 -6.91
CA GLY G 245 -40.04 -39.38 -7.77
C GLY G 245 -41.03 -38.39 -7.23
N PRO G 246 -41.15 -37.23 -7.86
CA PRO G 246 -42.08 -36.21 -7.38
C PRO G 246 -43.50 -36.73 -7.48
N PRO G 247 -44.39 -36.27 -6.60
CA PRO G 247 -45.78 -36.75 -6.64
C PRO G 247 -46.47 -36.39 -7.94
N GLY G 248 -47.34 -37.29 -8.39
CA GLY G 248 -48.05 -37.09 -9.64
C GLY G 248 -47.28 -37.47 -10.87
N THR G 249 -46.21 -38.26 -10.74
CA THR G 249 -45.38 -38.65 -11.87
C THR G 249 -45.80 -39.99 -12.48
N GLY G 250 -46.81 -40.64 -11.92
CA GLY G 250 -47.31 -41.88 -12.47
C GLY G 250 -46.76 -43.15 -11.85
N LYS G 251 -46.19 -43.08 -10.64
CA LYS G 251 -45.69 -44.28 -9.99
C LYS G 251 -46.81 -45.27 -9.71
N THR G 252 -47.95 -44.77 -9.20
CA THR G 252 -49.12 -45.62 -9.04
C THR G 252 -49.64 -46.11 -10.38
N LEU G 253 -49.65 -45.22 -11.38
CA LEU G 253 -50.06 -45.61 -12.72
C LEU G 253 -49.15 -46.70 -13.28
N ILE G 254 -47.84 -46.55 -13.10
CA ILE G 254 -46.89 -47.54 -13.60
C ILE G 254 -47.07 -48.86 -12.86
N ALA G 255 -47.30 -48.82 -11.55
CA ALA G 255 -47.50 -50.04 -10.78
C ALA G 255 -48.76 -50.78 -11.24
N ARG G 256 -49.86 -50.04 -11.43
CA ARG G 256 -51.08 -50.69 -11.92
C ARG G 256 -50.87 -51.23 -13.33
N ALA G 257 -50.17 -50.47 -14.18
CA ALA G 257 -49.92 -50.86 -15.56
C ALA G 257 -49.13 -52.16 -15.62
N VAL G 258 -47.88 -52.16 -15.17
CA VAL G 258 -47.20 -53.45 -15.07
C VAL G 258 -47.42 -53.99 -13.66
N ALA G 259 -48.69 -54.21 -13.33
CA ALA G 259 -49.14 -55.28 -12.45
C ALA G 259 -50.41 -55.95 -12.95
N ASN G 260 -51.20 -55.29 -13.79
CA ASN G 260 -52.38 -55.89 -14.41
C ASN G 260 -52.09 -56.44 -15.81
N GLU G 261 -51.27 -55.74 -16.60
CA GLU G 261 -50.93 -56.23 -17.93
C GLU G 261 -49.99 -57.43 -17.85
N THR G 262 -49.01 -57.37 -16.96
CA THR G 262 -48.06 -58.47 -16.79
C THR G 262 -48.61 -59.52 -15.81
N GLY G 263 -48.99 -59.09 -14.62
CA GLY G 263 -49.55 -59.97 -13.62
C GLY G 263 -51.06 -60.09 -13.75
N ALA G 264 -51.69 -60.54 -12.67
CA ALA G 264 -53.13 -60.72 -12.64
C ALA G 264 -53.81 -60.07 -11.45
N PHE G 265 -53.11 -59.84 -10.34
CA PHE G 265 -53.69 -59.21 -9.16
C PHE G 265 -52.79 -58.07 -8.73
N PHE G 266 -53.39 -56.91 -8.45
CA PHE G 266 -52.67 -55.71 -8.07
C PHE G 266 -53.31 -55.13 -6.82
N PHE G 267 -52.55 -55.07 -5.73
CA PHE G 267 -53.02 -54.53 -4.46
C PHE G 267 -52.55 -53.09 -4.32
N LEU G 268 -53.45 -52.23 -3.83
CA LEU G 268 -53.22 -50.79 -3.82
C LEU G 268 -53.55 -50.25 -2.42
N ILE G 269 -52.93 -50.82 -1.39
CA ILE G 269 -53.03 -50.24 -0.06
C ILE G 269 -52.53 -48.80 -0.13
N ASN G 270 -53.31 -47.89 0.47
CA ASN G 270 -53.11 -46.46 0.22
C ASN G 270 -51.82 -45.94 0.83
N GLY G 271 -51.39 -46.49 1.96
CA GLY G 271 -50.36 -45.88 2.77
C GLY G 271 -50.90 -45.07 3.93
N PRO G 272 -51.54 -43.92 3.66
CA PRO G 272 -52.27 -43.24 4.72
C PRO G 272 -53.38 -44.07 5.33
N GLU G 273 -53.95 -45.02 4.57
CA GLU G 273 -54.97 -45.90 5.13
C GLU G 273 -54.42 -46.73 6.28
N ILE G 274 -53.20 -47.26 6.12
CA ILE G 274 -52.58 -48.06 7.18
C ILE G 274 -52.01 -47.18 8.28
N MET G 275 -51.66 -45.93 7.99
CA MET G 275 -51.21 -45.01 9.01
C MET G 275 -52.37 -44.36 9.77
N SER G 276 -53.60 -44.54 9.28
CA SER G 276 -54.77 -43.84 9.81
C SER G 276 -55.63 -44.70 10.74
N LYS G 277 -55.70 -46.01 10.49
CA LYS G 277 -56.60 -46.86 11.25
C LYS G 277 -56.10 -47.03 12.68
N LEU G 278 -56.91 -47.73 13.48
CA LEU G 278 -56.71 -47.80 14.93
C LEU G 278 -55.65 -48.85 15.29
N ALA G 279 -54.41 -48.57 14.85
CA ALA G 279 -53.23 -49.34 15.24
C ALA G 279 -53.37 -50.83 14.93
N GLY G 280 -54.03 -51.57 15.82
CA GLY G 280 -54.16 -53.00 15.64
C GLY G 280 -54.91 -53.37 14.37
N GLU G 281 -55.99 -52.65 14.08
CA GLU G 281 -56.74 -52.92 12.84
C GLU G 281 -55.91 -52.55 11.62
N SER G 282 -55.12 -51.48 11.72
CA SER G 282 -54.23 -51.11 10.62
C SER G 282 -53.21 -52.20 10.34
N GLU G 283 -52.59 -52.74 11.39
CA GLU G 283 -51.62 -53.81 11.20
C GLU G 283 -52.29 -55.08 10.73
N SER G 284 -53.53 -55.32 11.15
CA SER G 284 -54.29 -56.45 10.63
C SER G 284 -54.53 -56.31 9.13
N ASN G 285 -54.87 -55.11 8.67
CA ASN G 285 -55.03 -54.87 7.24
C ASN G 285 -53.70 -55.03 6.51
N LEU G 286 -52.60 -54.57 7.12
CA LEU G 286 -51.29 -54.75 6.51
C LEU G 286 -50.95 -56.22 6.33
N ARG G 287 -51.22 -57.04 7.35
CA ARG G 287 -51.00 -58.48 7.23
C ARG G 287 -51.93 -59.10 6.20
N LYS G 288 -53.20 -58.68 6.19
CA LYS G 288 -54.19 -59.32 5.33
C LYS G 288 -53.97 -58.98 3.87
N ALA G 289 -53.47 -57.79 3.55
CA ALA G 289 -53.15 -57.47 2.17
C ALA G 289 -52.06 -58.38 1.65
N PHE G 290 -51.00 -58.58 2.45
CA PHE G 290 -49.93 -59.48 2.06
C PHE G 290 -50.43 -60.91 1.93
N GLU G 291 -51.31 -61.33 2.85
CA GLU G 291 -51.86 -62.68 2.79
C GLU G 291 -52.68 -62.89 1.53
N GLU G 292 -53.59 -61.97 1.23
CA GLU G 292 -54.41 -62.09 0.03
C GLU G 292 -53.57 -62.00 -1.24
N ALA G 293 -52.47 -61.25 -1.19
CA ALA G 293 -51.54 -61.25 -2.32
C ALA G 293 -50.89 -62.61 -2.51
N GLU G 294 -50.49 -63.25 -1.40
CA GLU G 294 -49.85 -64.56 -1.50
C GLU G 294 -50.86 -65.71 -1.51
N LYS G 295 -52.15 -65.43 -1.31
CA LYS G 295 -53.15 -66.49 -1.31
C LYS G 295 -53.81 -66.63 -2.68
N ASN G 296 -54.04 -65.52 -3.37
CA ASN G 296 -54.81 -65.57 -4.62
C ASN G 296 -53.95 -66.07 -5.78
N ALA G 297 -52.89 -65.34 -6.12
CA ALA G 297 -52.04 -65.64 -7.26
C ALA G 297 -50.77 -64.79 -7.17
N PRO G 298 -49.75 -65.05 -8.00
CA PRO G 298 -48.62 -64.11 -8.09
C PRO G 298 -49.09 -62.69 -8.34
N ALA G 299 -48.91 -61.82 -7.36
CA ALA G 299 -49.50 -60.48 -7.37
C ALA G 299 -48.43 -59.44 -7.06
N ILE G 300 -48.83 -58.18 -7.09
CA ILE G 300 -47.95 -57.05 -6.81
C ILE G 300 -48.59 -56.21 -5.73
N ILE G 301 -47.89 -56.04 -4.62
CA ILE G 301 -48.33 -55.17 -3.53
C ILE G 301 -47.71 -53.80 -3.73
N PHE G 302 -48.55 -52.76 -3.76
CA PHE G 302 -48.10 -51.40 -4.00
C PHE G 302 -48.31 -50.57 -2.75
N ILE G 303 -47.22 -50.00 -2.24
CA ILE G 303 -47.26 -49.10 -1.09
C ILE G 303 -47.09 -47.69 -1.65
N ASP G 304 -48.21 -46.98 -1.83
CA ASP G 304 -48.19 -45.67 -2.47
C ASP G 304 -47.48 -44.62 -1.63
N GLU G 305 -47.42 -44.80 -0.32
CA GLU G 305 -46.86 -43.79 0.59
C GLU G 305 -45.92 -44.45 1.59
N LEU G 306 -44.97 -45.26 1.08
CA LEU G 306 -43.97 -45.87 1.95
C LEU G 306 -43.19 -44.82 2.74
N ASP G 307 -43.07 -43.60 2.20
CA ASP G 307 -42.49 -42.52 2.96
C ASP G 307 -43.34 -42.15 4.17
N ALA G 308 -44.66 -42.31 4.05
CA ALA G 308 -45.55 -42.01 5.18
C ALA G 308 -45.64 -43.17 6.15
N ILE G 309 -45.75 -44.39 5.65
CA ILE G 309 -45.80 -45.56 6.52
C ILE G 309 -44.50 -45.74 7.27
N ALA G 310 -43.37 -45.60 6.57
CA ALA G 310 -42.05 -45.84 7.13
C ALA G 310 -41.16 -44.63 6.89
N PRO G 311 -41.32 -43.56 7.67
CA PRO G 311 -40.38 -42.44 7.60
C PRO G 311 -39.10 -42.77 8.35
N LYS G 312 -38.20 -41.79 8.49
CA LYS G 312 -36.98 -41.98 9.27
C LYS G 312 -37.32 -42.34 10.71
N ARG G 313 -37.00 -43.57 11.12
CA ARG G 313 -37.33 -44.02 12.47
C ARG G 313 -36.57 -43.24 13.53
N GLU G 314 -35.38 -42.74 13.20
CA GLU G 314 -34.59 -42.00 14.16
C GLU G 314 -35.27 -40.70 14.59
N LYS G 315 -35.92 -40.01 13.65
CA LYS G 315 -36.56 -38.74 13.93
C LYS G 315 -38.01 -38.88 14.38
N THR G 316 -38.56 -40.09 14.41
CA THR G 316 -39.92 -40.28 14.87
C THR G 316 -40.01 -40.07 16.38
N HIS G 317 -41.16 -39.56 16.82
CA HIS G 317 -41.41 -39.28 18.23
C HIS G 317 -42.20 -40.40 18.90
N GLY G 318 -43.36 -40.73 18.35
CA GLY G 318 -44.15 -41.81 18.90
C GLY G 318 -43.51 -43.17 18.67
N GLU G 319 -43.97 -44.15 19.45
CA GLU G 319 -43.45 -45.50 19.35
C GLU G 319 -44.38 -46.45 18.60
N VAL G 320 -45.68 -46.16 18.56
CA VAL G 320 -46.59 -46.98 17.76
C VAL G 320 -46.27 -46.82 16.28
N GLU G 321 -45.83 -45.63 15.86
CA GLU G 321 -45.31 -45.50 14.50
C GLU G 321 -43.99 -46.25 14.33
N ARG G 322 -43.16 -46.29 15.37
CA ARG G 322 -41.98 -47.14 15.33
C ARG G 322 -42.37 -48.61 15.23
N ARG G 323 -43.45 -49.00 15.93
CA ARG G 323 -43.96 -50.35 15.79
C ARG G 323 -44.43 -50.62 14.37
N ILE G 324 -45.08 -49.64 13.74
CA ILE G 324 -45.53 -49.80 12.35
C ILE G 324 -44.33 -49.99 11.42
N VAL G 325 -43.30 -49.17 11.61
CA VAL G 325 -42.11 -49.26 10.75
C VAL G 325 -41.43 -50.61 10.93
N SER G 326 -41.28 -51.05 12.18
CA SER G 326 -40.60 -52.31 12.44
C SER G 326 -41.43 -53.50 11.95
N GLN G 327 -42.76 -53.42 12.08
CA GLN G 327 -43.62 -54.49 11.57
C GLN G 327 -43.55 -54.57 10.06
N LEU G 328 -43.50 -53.42 9.37
CA LEU G 328 -43.31 -53.42 7.93
C LEU G 328 -41.96 -54.02 7.55
N LEU G 329 -40.92 -53.67 8.31
CA LEU G 329 -39.59 -54.23 8.05
C LEU G 329 -39.59 -55.74 8.21
N THR G 330 -40.21 -56.24 9.27
CA THR G 330 -40.25 -57.69 9.50
C THR G 330 -41.12 -58.40 8.46
N LEU G 331 -42.22 -57.76 8.03
CA LEU G 331 -43.03 -58.35 6.98
C LEU G 331 -42.27 -58.44 5.67
N MET G 332 -41.49 -57.40 5.34
CA MET G 332 -40.71 -57.43 4.11
C MET G 332 -39.58 -58.45 4.20
N ASP G 333 -38.94 -58.57 5.38
CA ASP G 333 -37.91 -59.58 5.56
C ASP G 333 -38.49 -60.99 5.47
N GLY G 334 -39.68 -61.21 6.02
CA GLY G 334 -40.37 -62.48 5.88
C GLY G 334 -41.07 -62.69 4.57
N LEU G 335 -41.06 -61.68 3.70
CA LEU G 335 -41.63 -61.79 2.36
C LEU G 335 -40.67 -62.44 1.38
N LYS G 336 -39.55 -62.99 1.86
CA LYS G 336 -38.64 -63.73 1.00
C LYS G 336 -39.26 -65.02 0.48
N GLN G 337 -40.39 -65.45 1.05
CA GLN G 337 -41.05 -66.68 0.65
C GLN G 337 -41.99 -66.43 -0.52
N ARG G 338 -42.58 -67.54 -1.00
CA ARG G 338 -43.60 -67.61 -2.05
C ARG G 338 -43.03 -67.34 -3.44
N ALA G 339 -41.81 -66.80 -3.50
CA ALA G 339 -41.03 -66.66 -4.73
C ALA G 339 -41.75 -66.00 -5.90
N HIS G 340 -42.93 -65.39 -5.64
CA HIS G 340 -43.69 -64.83 -6.76
C HIS G 340 -44.41 -63.53 -6.43
N VAL G 341 -44.15 -62.88 -5.30
CA VAL G 341 -44.88 -61.68 -4.90
C VAL G 341 -43.92 -60.50 -4.97
N ILE G 342 -44.21 -59.56 -5.85
CA ILE G 342 -43.45 -58.32 -5.94
C ILE G 342 -44.11 -57.28 -5.05
N VAL G 343 -43.30 -56.41 -4.44
CA VAL G 343 -43.79 -55.40 -3.51
C VAL G 343 -43.25 -54.05 -3.99
N MET G 344 -44.05 -53.33 -4.76
CA MET G 344 -43.67 -51.99 -5.20
C MET G 344 -43.96 -50.97 -4.12
N ALA G 345 -43.08 -49.97 -4.01
CA ALA G 345 -43.23 -48.90 -3.03
C ALA G 345 -43.00 -47.57 -3.71
N ALA G 346 -43.85 -46.59 -3.39
CA ALA G 346 -43.77 -45.25 -3.97
C ALA G 346 -43.40 -44.25 -2.89
N THR G 347 -42.57 -43.27 -3.27
CA THR G 347 -42.13 -42.23 -2.36
C THR G 347 -41.64 -41.04 -3.20
N ASN G 348 -41.31 -39.95 -2.52
CA ASN G 348 -40.85 -38.75 -3.20
C ASN G 348 -39.34 -38.69 -3.35
N ARG G 349 -38.59 -39.35 -2.47
CA ARG G 349 -37.14 -39.31 -2.51
C ARG G 349 -36.60 -40.47 -1.67
N PRO G 350 -35.43 -41.02 -2.01
CA PRO G 350 -34.92 -42.15 -1.23
C PRO G 350 -34.22 -41.77 0.06
N ASN G 351 -33.78 -40.53 0.20
CA ASN G 351 -33.10 -40.08 1.41
C ASN G 351 -34.08 -39.63 2.50
N SER G 352 -35.37 -39.89 2.34
CA SER G 352 -36.36 -39.61 3.36
C SER G 352 -36.89 -40.85 4.07
N ILE G 353 -36.76 -42.02 3.46
CA ILE G 353 -37.13 -43.28 4.11
C ILE G 353 -36.03 -43.66 5.09
N ASP G 354 -36.43 -44.32 6.18
CA ASP G 354 -35.48 -44.81 7.16
C ASP G 354 -34.46 -45.73 6.48
N PRO G 355 -33.17 -45.60 6.79
CA PRO G 355 -32.16 -46.44 6.12
C PRO G 355 -32.21 -47.90 6.56
N ALA G 356 -33.40 -48.49 6.52
CA ALA G 356 -33.59 -49.92 6.73
C ALA G 356 -34.49 -50.57 5.70
N LEU G 357 -35.33 -49.81 5.00
CA LEU G 357 -36.10 -50.30 3.86
C LEU G 357 -35.30 -50.31 2.58
N ARG G 358 -33.97 -50.18 2.65
CA ARG G 358 -33.10 -50.29 1.49
C ARG G 358 -32.15 -51.48 1.60
N ARG G 359 -32.36 -52.36 2.57
CA ARG G 359 -31.52 -53.52 2.76
C ARG G 359 -31.81 -54.57 1.70
N PHE G 360 -30.98 -55.62 1.68
CA PHE G 360 -31.15 -56.69 0.71
C PHE G 360 -32.48 -57.40 0.91
N GLY G 361 -33.21 -57.60 -0.19
CA GLY G 361 -34.51 -58.25 -0.15
C GLY G 361 -35.66 -57.35 0.23
N ARG G 362 -35.41 -56.08 0.56
CA ARG G 362 -36.43 -55.12 0.95
C ARG G 362 -36.18 -53.84 0.18
N PHE G 363 -36.83 -53.69 -0.97
CA PHE G 363 -36.74 -52.51 -1.82
C PHE G 363 -35.28 -52.17 -2.15
N ASP G 364 -34.51 -53.22 -2.47
CA ASP G 364 -33.10 -53.02 -2.79
C ASP G 364 -32.89 -52.37 -4.14
N ARG G 365 -33.91 -52.33 -4.99
CA ARG G 365 -33.80 -51.79 -6.34
C ARG G 365 -34.53 -50.46 -6.42
N GLU G 366 -33.82 -49.42 -6.82
CA GLU G 366 -34.41 -48.09 -7.03
C GLU G 366 -34.49 -47.80 -8.52
N VAL G 367 -35.68 -47.45 -8.99
CA VAL G 367 -35.99 -47.34 -10.40
C VAL G 367 -36.47 -45.93 -10.72
N ASP G 368 -35.85 -44.93 -10.07
CA ASP G 368 -36.26 -43.53 -10.04
C ASP G 368 -36.93 -43.04 -11.31
N ILE G 369 -38.10 -42.42 -11.16
CA ILE G 369 -38.90 -42.00 -12.30
C ILE G 369 -38.49 -40.63 -12.80
N GLY G 370 -38.42 -39.63 -11.92
CA GLY G 370 -38.00 -38.31 -12.31
C GLY G 370 -39.05 -37.54 -13.09
N ILE G 371 -38.86 -36.22 -13.18
CA ILE G 371 -39.82 -35.37 -13.91
C ILE G 371 -39.79 -35.75 -15.38
N PRO G 372 -40.95 -35.82 -16.05
CA PRO G 372 -40.93 -36.04 -17.50
C PRO G 372 -40.16 -34.94 -18.21
N ASP G 373 -39.40 -35.34 -19.23
CA ASP G 373 -38.42 -34.47 -19.86
C ASP G 373 -38.71 -34.30 -21.34
N ALA G 374 -38.84 -33.04 -21.77
CA ALA G 374 -38.96 -32.67 -23.18
C ALA G 374 -40.02 -33.47 -23.92
N THR G 375 -39.59 -34.24 -24.92
CA THR G 375 -40.53 -35.02 -25.72
C THR G 375 -41.32 -36.00 -24.87
N GLY G 376 -40.75 -36.43 -23.74
CA GLY G 376 -41.49 -37.28 -22.82
C GLY G 376 -42.78 -36.64 -22.36
N ARG G 377 -42.74 -35.35 -22.03
CA ARG G 377 -43.97 -34.63 -21.73
C ARG G 377 -44.91 -34.67 -22.93
N LEU G 378 -44.37 -34.46 -24.13
CA LEU G 378 -45.14 -34.69 -25.35
C LEU G 378 -45.70 -36.10 -25.38
N GLU G 379 -44.85 -37.10 -25.07
CA GLU G 379 -45.31 -38.48 -25.05
C GLU G 379 -46.36 -38.73 -23.97
N ILE G 380 -46.52 -37.81 -23.03
CA ILE G 380 -47.62 -37.91 -22.08
C ILE G 380 -48.89 -37.31 -22.67
N LEU G 381 -48.75 -36.18 -23.36
CA LEU G 381 -49.93 -35.44 -23.84
C LEU G 381 -50.76 -36.28 -24.79
N GLN G 382 -50.09 -36.98 -25.73
CA GLN G 382 -50.81 -37.83 -26.67
C GLN G 382 -51.57 -38.94 -25.98
N ILE G 383 -51.16 -39.33 -24.76
CA ILE G 383 -51.91 -40.34 -24.03
C ILE G 383 -53.21 -39.76 -23.50
N HIS G 384 -53.20 -38.49 -23.08
CA HIS G 384 -54.39 -37.84 -22.55
C HIS G 384 -55.17 -37.10 -23.63
N THR G 385 -54.74 -37.17 -24.89
CA THR G 385 -55.39 -36.50 -26.00
C THR G 385 -55.97 -37.48 -27.02
N LYS G 386 -55.48 -38.72 -27.05
CA LYS G 386 -55.94 -39.69 -28.04
C LYS G 386 -57.44 -39.93 -27.94
N ASN G 387 -57.95 -40.08 -26.71
CA ASN G 387 -59.40 -40.19 -26.53
C ASN G 387 -60.09 -38.86 -26.84
N MET G 388 -59.42 -37.75 -26.57
CA MET G 388 -59.95 -36.42 -26.84
C MET G 388 -59.78 -36.09 -28.32
N LYS G 389 -60.02 -34.83 -28.67
CA LYS G 389 -59.73 -34.30 -29.99
C LYS G 389 -58.69 -33.19 -29.87
N LEU G 390 -58.08 -32.83 -31.00
CA LEU G 390 -57.02 -31.83 -30.99
C LEU G 390 -57.13 -30.83 -32.13
N ALA G 391 -58.19 -30.89 -32.92
CA ALA G 391 -58.42 -29.99 -34.08
C ALA G 391 -57.22 -30.15 -35.02
N ASP G 392 -56.71 -29.06 -35.61
CA ASP G 392 -55.58 -29.16 -36.52
C ASP G 392 -54.53 -28.07 -36.33
N ASP G 393 -54.74 -27.12 -35.42
CA ASP G 393 -53.83 -26.01 -35.23
C ASP G 393 -52.97 -26.13 -33.97
N VAL G 394 -53.13 -27.20 -33.20
CA VAL G 394 -52.38 -27.33 -31.95
C VAL G 394 -50.93 -27.67 -32.26
N ASP G 395 -50.02 -27.02 -31.55
CA ASP G 395 -48.58 -27.31 -31.64
C ASP G 395 -48.22 -28.10 -30.39
N LEU G 396 -48.39 -29.42 -30.45
CA LEU G 396 -48.13 -30.27 -29.29
C LEU G 396 -46.67 -30.22 -28.87
N GLU G 397 -45.75 -30.10 -29.83
CA GLU G 397 -44.35 -29.96 -29.48
C GLU G 397 -44.08 -28.64 -28.76
N GLN G 398 -44.78 -27.57 -29.15
CA GLN G 398 -44.58 -26.27 -28.50
C GLN G 398 -45.11 -26.29 -27.08
N VAL G 399 -46.32 -26.82 -26.88
CA VAL G 399 -46.86 -26.91 -25.53
C VAL G 399 -46.07 -27.92 -24.69
N ALA G 400 -45.43 -28.90 -25.33
CA ALA G 400 -44.54 -29.79 -24.59
C ALA G 400 -43.28 -29.05 -24.15
N ASN G 401 -42.73 -28.19 -25.00
CA ASN G 401 -41.64 -27.33 -24.57
C ASN G 401 -42.12 -26.22 -23.65
N GLU G 402 -43.43 -25.97 -23.60
CA GLU G 402 -43.98 -24.93 -22.75
C GLU G 402 -44.23 -25.43 -21.32
N THR G 403 -44.47 -26.72 -21.15
CA THR G 403 -44.87 -27.29 -19.86
C THR G 403 -43.67 -27.75 -19.05
N HIS G 404 -42.69 -26.87 -18.91
CA HIS G 404 -41.47 -27.23 -18.18
C HIS G 404 -41.74 -27.26 -16.69
N GLY G 405 -41.31 -28.34 -16.04
CA GLY G 405 -41.51 -28.49 -14.61
C GLY G 405 -42.83 -29.12 -14.21
N HIS G 406 -43.52 -29.78 -15.14
CA HIS G 406 -44.81 -30.40 -14.86
C HIS G 406 -44.64 -31.92 -14.82
N VAL G 407 -45.14 -32.54 -13.75
CA VAL G 407 -45.22 -33.99 -13.67
C VAL G 407 -46.39 -34.45 -14.53
N GLY G 408 -46.50 -35.77 -14.74
CA GLY G 408 -47.55 -36.31 -15.58
C GLY G 408 -48.95 -36.01 -15.09
N ALA G 409 -49.12 -35.75 -13.79
CA ALA G 409 -50.43 -35.37 -13.28
C ALA G 409 -50.84 -33.99 -13.78
N ASP G 410 -49.89 -33.06 -13.84
CA ASP G 410 -50.18 -31.73 -14.38
C ASP G 410 -50.55 -31.80 -15.85
N LEU G 411 -49.85 -32.61 -16.63
CA LEU G 411 -50.20 -32.80 -18.03
C LEU G 411 -51.57 -33.46 -18.19
N ALA G 412 -51.92 -34.37 -17.28
CA ALA G 412 -53.27 -34.92 -17.28
C ALA G 412 -54.30 -33.84 -16.93
N ALA G 413 -53.97 -32.95 -15.99
CA ALA G 413 -54.85 -31.83 -15.68
C ALA G 413 -54.81 -30.78 -16.79
N LEU G 414 -53.64 -30.58 -17.40
CA LEU G 414 -53.55 -29.63 -18.51
C LEU G 414 -54.40 -30.09 -19.70
N CYS G 415 -54.37 -31.38 -20.00
CA CYS G 415 -55.23 -31.93 -21.04
C CYS G 415 -56.69 -31.96 -20.62
N SER G 416 -56.98 -31.95 -19.33
CA SER G 416 -58.35 -31.90 -18.85
C SER G 416 -58.87 -30.49 -18.68
N GLU G 417 -58.01 -29.53 -18.35
CA GLU G 417 -58.44 -28.15 -18.22
C GLU G 417 -58.69 -27.50 -19.58
N ALA G 418 -57.92 -27.87 -20.60
CA ALA G 418 -58.18 -27.36 -21.94
C ALA G 418 -59.45 -27.95 -22.52
N ALA G 419 -59.68 -29.25 -22.29
CA ALA G 419 -60.92 -29.88 -22.72
C ALA G 419 -62.12 -29.26 -22.02
N LEU G 420 -61.99 -29.01 -20.71
CA LEU G 420 -63.07 -28.35 -19.98
C LEU G 420 -63.28 -26.92 -20.44
N GLN G 421 -62.20 -26.23 -20.81
CA GLN G 421 -62.34 -24.88 -21.38
C GLN G 421 -63.13 -24.91 -22.68
N ALA G 422 -62.82 -25.87 -23.56
CA ALA G 422 -63.57 -26.01 -24.80
C ALA G 422 -65.03 -26.36 -24.53
N ILE G 423 -65.27 -27.26 -23.57
CA ILE G 423 -66.64 -27.65 -23.25
C ILE G 423 -67.42 -26.45 -22.70
N ARG G 424 -66.80 -25.67 -21.82
CA ARG G 424 -67.48 -24.53 -21.22
C ARG G 424 -67.67 -23.39 -22.20
N LYS G 425 -66.80 -23.28 -23.21
CA LYS G 425 -67.07 -22.33 -24.28
C LYS G 425 -68.17 -22.80 -25.20
N LYS G 426 -68.33 -24.10 -25.37
CA LYS G 426 -69.45 -24.64 -26.13
C LYS G 426 -70.75 -24.68 -25.33
N MET G 427 -70.68 -24.51 -24.01
CA MET G 427 -71.90 -24.47 -23.20
C MET G 427 -72.77 -23.27 -23.56
N ASP G 428 -72.13 -22.12 -23.82
CA ASP G 428 -72.88 -20.95 -24.24
C ASP G 428 -73.49 -21.14 -25.63
N LEU G 429 -72.80 -21.87 -26.51
CA LEU G 429 -73.35 -22.12 -27.84
C LEU G 429 -74.55 -23.05 -27.78
N ILE G 430 -74.45 -24.13 -27.02
CA ILE G 430 -75.53 -25.10 -26.86
C ILE G 430 -76.16 -24.84 -25.50
N ASP G 431 -77.20 -24.03 -25.48
CA ASP G 431 -77.86 -23.66 -24.24
C ASP G 431 -78.86 -24.74 -23.82
N LEU G 432 -79.24 -24.68 -22.54
CA LEU G 432 -80.30 -25.48 -21.92
C LEU G 432 -79.95 -26.96 -21.83
N GLU G 433 -78.76 -27.37 -22.29
CA GLU G 433 -78.39 -28.78 -22.34
C GLU G 433 -78.26 -29.40 -20.95
N ASP G 434 -79.23 -30.24 -20.57
CA ASP G 434 -79.10 -31.09 -19.38
C ASP G 434 -79.59 -32.49 -19.79
N GLU G 435 -78.70 -33.25 -20.41
CA GLU G 435 -78.97 -34.60 -20.89
C GLU G 435 -77.66 -35.39 -20.82
N THR G 436 -77.61 -36.52 -21.53
CA THR G 436 -76.33 -37.20 -21.76
C THR G 436 -75.44 -36.44 -22.73
N ILE G 437 -75.97 -35.39 -23.37
CA ILE G 437 -75.25 -34.52 -24.32
C ILE G 437 -74.76 -35.35 -25.51
N ASP G 438 -75.42 -36.48 -25.76
CA ASP G 438 -75.22 -37.31 -26.94
C ASP G 438 -73.73 -37.66 -27.08
N ALA G 439 -73.28 -37.91 -28.31
CA ALA G 439 -71.87 -38.07 -28.60
C ALA G 439 -71.45 -37.39 -29.91
N GLU G 440 -72.37 -36.69 -30.58
CA GLU G 440 -72.09 -36.04 -31.85
C GLU G 440 -71.50 -34.65 -31.66
N VAL G 441 -72.03 -33.88 -30.70
CA VAL G 441 -71.46 -32.57 -30.40
C VAL G 441 -70.05 -32.73 -29.83
N MET G 442 -69.81 -33.78 -29.04
CA MET G 442 -68.48 -34.06 -28.55
C MET G 442 -67.53 -34.40 -29.69
N ASN G 443 -68.03 -35.11 -30.70
CA ASN G 443 -67.23 -35.35 -31.90
C ASN G 443 -66.95 -34.03 -32.61
N SER G 444 -67.93 -33.13 -32.64
CA SER G 444 -67.73 -31.81 -33.25
C SER G 444 -66.82 -30.93 -32.40
N LEU G 445 -66.57 -31.29 -31.15
CA LEU G 445 -65.68 -30.50 -30.31
C LEU G 445 -64.25 -30.59 -30.83
N ALA G 446 -63.61 -29.44 -30.99
CA ALA G 446 -62.25 -29.35 -31.52
C ALA G 446 -61.44 -28.43 -30.61
N VAL G 447 -60.65 -29.03 -29.72
CA VAL G 447 -59.81 -28.24 -28.82
C VAL G 447 -58.68 -27.60 -29.62
N THR G 448 -58.60 -26.27 -29.56
CA THR G 448 -57.63 -25.50 -30.31
C THR G 448 -56.52 -25.00 -29.40
N MET G 449 -55.62 -24.20 -29.97
CA MET G 449 -54.53 -23.62 -29.19
C MET G 449 -55.01 -22.65 -28.12
N ASP G 450 -56.20 -22.06 -28.28
CA ASP G 450 -56.72 -21.16 -27.26
C ASP G 450 -56.95 -21.88 -25.95
N ASP G 451 -57.62 -23.04 -26.01
CA ASP G 451 -57.90 -23.81 -24.79
C ASP G 451 -56.61 -24.28 -24.12
N PHE G 452 -55.68 -24.83 -24.91
CA PHE G 452 -54.42 -25.30 -24.36
C PHE G 452 -53.58 -24.17 -23.77
N ARG G 453 -53.52 -23.01 -24.43
CA ARG G 453 -52.81 -21.86 -23.88
C ARG G 453 -53.45 -21.37 -22.59
N TRP G 454 -54.78 -21.30 -22.54
CA TRP G 454 -55.46 -20.87 -21.32
C TRP G 454 -55.19 -21.85 -20.18
N ALA G 455 -55.25 -23.15 -20.48
CA ALA G 455 -54.98 -24.16 -19.45
C ALA G 455 -53.53 -24.09 -18.98
N LEU G 456 -52.60 -23.90 -19.91
CA LEU G 456 -51.18 -23.80 -19.54
C LEU G 456 -50.93 -22.58 -18.67
N SER G 457 -51.59 -21.46 -18.98
CA SER G 457 -51.50 -20.28 -18.12
C SER G 457 -52.10 -20.55 -16.75
N GLN G 458 -53.21 -21.29 -16.71
CA GLN G 458 -53.85 -21.60 -15.43
C GLN G 458 -53.08 -22.67 -14.67
N SER G 459 -52.56 -23.67 -15.37
CA SER G 459 -51.87 -24.78 -14.72
C SER G 459 -50.61 -24.30 -14.01
N ASN G 460 -50.33 -24.91 -12.86
CA ASN G 460 -49.17 -24.58 -12.05
C ASN G 460 -48.24 -25.78 -11.98
N PRO G 461 -46.95 -25.62 -12.22
CA PRO G 461 -46.01 -26.73 -12.07
C PRO G 461 -45.99 -27.25 -10.64
N SER G 462 -45.92 -28.57 -10.50
CA SER G 462 -45.83 -29.20 -9.19
C SER G 462 -44.39 -29.54 -8.83
N ALA G 463 -43.59 -29.96 -9.79
CA ALA G 463 -42.19 -30.32 -9.58
C ALA G 463 -41.33 -29.49 -10.52
N LEU G 464 -40.97 -28.28 -10.08
CA LEU G 464 -40.14 -27.39 -10.88
C LEU G 464 -38.73 -27.21 -10.31
N ARG G 465 -38.59 -27.18 -8.99
CA ARG G 465 -37.29 -26.98 -8.37
C ARG G 465 -36.42 -28.24 -8.41
N GLU G 466 -37.01 -29.42 -8.62
CA GLU G 466 -36.23 -30.63 -8.75
C GLU G 466 -35.43 -30.60 -10.05
N THR G 467 -34.21 -31.12 -10.00
CA THR G 467 -33.34 -31.13 -11.17
C THR G 467 -33.96 -32.02 -12.25
N VAL G 468 -33.95 -31.53 -13.48
CA VAL G 468 -34.57 -32.23 -14.60
C VAL G 468 -33.52 -33.13 -15.25
N VAL G 469 -33.89 -34.39 -15.46
CA VAL G 469 -33.06 -35.37 -16.15
C VAL G 469 -33.65 -35.55 -17.53
N GLU G 470 -32.90 -35.14 -18.56
CA GLU G 470 -33.44 -35.02 -19.90
C GLU G 470 -32.58 -35.76 -20.91
N VAL G 471 -33.23 -36.12 -22.02
CA VAL G 471 -32.53 -36.55 -23.23
C VAL G 471 -32.70 -35.41 -24.24
N PRO G 472 -31.66 -34.62 -24.49
CA PRO G 472 -31.84 -33.39 -25.26
C PRO G 472 -32.22 -33.65 -26.70
N GLN G 473 -32.93 -32.68 -27.28
CA GLN G 473 -33.29 -32.72 -28.69
C GLN G 473 -32.22 -32.10 -29.59
N VAL G 474 -31.14 -31.60 -29.00
CA VAL G 474 -30.05 -31.00 -29.77
C VAL G 474 -29.23 -32.13 -30.41
N THR G 475 -29.16 -32.13 -31.73
CA THR G 475 -28.42 -33.13 -32.49
C THR G 475 -27.18 -32.51 -33.11
N TRP G 476 -26.42 -33.33 -33.85
CA TRP G 476 -25.24 -32.82 -34.53
C TRP G 476 -25.61 -31.80 -35.61
N GLU G 477 -26.81 -31.91 -36.17
CA GLU G 477 -27.26 -30.94 -37.16
C GLU G 477 -27.45 -29.56 -36.54
N ASP G 478 -27.85 -29.51 -35.26
CA ASP G 478 -28.00 -28.23 -34.58
C ASP G 478 -26.67 -27.61 -34.20
N ILE G 479 -25.56 -28.34 -34.34
CA ILE G 479 -24.23 -27.83 -34.00
C ILE G 479 -23.58 -27.35 -35.29
N GLY G 480 -23.31 -26.04 -35.36
CA GLY G 480 -22.64 -25.47 -36.51
C GLY G 480 -21.13 -25.44 -36.37
N GLY G 481 -20.42 -26.01 -37.34
CA GLY G 481 -18.97 -26.05 -37.25
C GLY G 481 -18.48 -27.03 -36.20
N LEU G 482 -17.26 -26.78 -35.73
CA LEU G 482 -16.61 -27.62 -34.72
C LEU G 482 -16.54 -29.08 -35.15
N GLU G 483 -16.22 -29.29 -36.43
CA GLU G 483 -16.15 -30.66 -36.96
C GLU G 483 -15.04 -31.46 -36.29
N ASP G 484 -13.88 -30.84 -36.07
CA ASP G 484 -12.80 -31.52 -35.37
C ASP G 484 -13.20 -31.85 -33.94
N VAL G 485 -13.85 -30.92 -33.26
CA VAL G 485 -14.33 -31.17 -31.90
C VAL G 485 -15.38 -32.26 -31.90
N LYS G 486 -16.27 -32.25 -32.90
CA LYS G 486 -17.29 -33.30 -33.00
C LYS G 486 -16.63 -34.67 -33.20
N ARG G 487 -15.61 -34.74 -34.05
CA ARG G 487 -14.91 -36.00 -34.27
C ARG G 487 -14.21 -36.48 -32.99
N GLU G 488 -13.55 -35.55 -32.29
CA GLU G 488 -12.88 -35.92 -31.04
C GLU G 488 -13.89 -36.44 -30.01
N LEU G 489 -15.03 -35.77 -29.90
CA LEU G 489 -16.07 -36.18 -28.95
C LEU G 489 -16.61 -37.55 -29.32
N GLN G 490 -16.98 -37.75 -30.59
CA GLN G 490 -17.55 -39.02 -31.02
C GLN G 490 -16.53 -40.16 -31.02
N GLU G 491 -15.24 -39.85 -31.02
CA GLU G 491 -14.22 -40.88 -30.88
C GLU G 491 -13.74 -41.04 -29.44
N LEU G 492 -14.19 -40.18 -28.52
CA LEU G 492 -13.76 -40.25 -27.14
C LEU G 492 -14.82 -40.82 -26.20
N VAL G 493 -16.11 -40.60 -26.47
CA VAL G 493 -17.17 -41.12 -25.63
C VAL G 493 -17.99 -42.20 -26.33
N GLN G 494 -18.22 -42.10 -27.64
CA GLN G 494 -18.96 -43.14 -28.35
C GLN G 494 -18.11 -44.37 -28.61
N TYR G 495 -16.79 -44.21 -28.74
CA TYR G 495 -15.91 -45.35 -28.97
C TYR G 495 -15.93 -46.36 -27.81
N PRO G 496 -15.75 -45.96 -26.55
CA PRO G 496 -15.72 -46.98 -25.49
C PRO G 496 -17.04 -47.69 -25.26
N VAL G 497 -18.17 -47.02 -25.49
CA VAL G 497 -19.46 -47.64 -25.17
C VAL G 497 -19.85 -48.71 -26.17
N GLU G 498 -19.21 -48.76 -27.34
CA GLU G 498 -19.51 -49.77 -28.34
C GLU G 498 -18.35 -50.71 -28.64
N HIS G 499 -17.13 -50.38 -28.21
CA HIS G 499 -15.97 -51.25 -28.37
C HIS G 499 -15.24 -51.37 -27.04
N PRO G 500 -15.80 -52.12 -26.08
CA PRO G 500 -15.13 -52.27 -24.78
C PRO G 500 -13.99 -53.27 -24.83
N ASP G 501 -14.10 -54.27 -25.71
CA ASP G 501 -13.08 -55.31 -25.78
C ASP G 501 -11.74 -54.75 -26.24
N LYS G 502 -11.74 -53.86 -27.24
CA LYS G 502 -10.49 -53.29 -27.72
C LYS G 502 -9.89 -52.33 -26.70
N PHE G 503 -10.72 -51.64 -25.93
CA PHE G 503 -10.19 -50.82 -24.85
C PHE G 503 -9.60 -51.66 -23.73
N LEU G 504 -10.20 -52.82 -23.46
CA LEU G 504 -9.69 -53.70 -22.40
C LEU G 504 -8.41 -54.39 -22.83
N LYS G 505 -8.27 -54.69 -24.12
CA LYS G 505 -7.11 -55.43 -24.61
C LYS G 505 -5.83 -54.62 -24.41
N PHE G 506 -5.86 -53.33 -24.72
CA PHE G 506 -4.67 -52.49 -24.61
C PHE G 506 -4.41 -52.02 -23.19
N GLY G 507 -5.31 -52.29 -22.25
CA GLY G 507 -5.10 -51.94 -20.86
C GLY G 507 -5.12 -50.44 -20.62
N MET G 508 -6.26 -49.80 -20.87
CA MET G 508 -6.41 -48.37 -20.62
C MET G 508 -7.85 -48.08 -20.25
N THR G 509 -8.05 -47.44 -19.10
CA THR G 509 -9.37 -46.98 -18.73
C THR G 509 -9.75 -45.79 -19.61
N PRO G 510 -10.89 -45.82 -20.29
CA PRO G 510 -11.25 -44.68 -21.15
C PRO G 510 -11.46 -43.41 -20.34
N SER G 511 -11.13 -42.28 -20.96
CA SER G 511 -11.21 -41.01 -20.27
C SER G 511 -12.66 -40.62 -20.04
N LYS G 512 -12.99 -40.33 -18.79
CA LYS G 512 -14.34 -39.91 -18.40
C LYS G 512 -14.27 -38.48 -17.89
N GLY G 513 -14.95 -37.57 -18.59
CA GLY G 513 -14.96 -36.18 -18.16
C GLY G 513 -14.14 -35.34 -19.12
N VAL G 514 -14.77 -34.29 -19.65
CA VAL G 514 -14.14 -33.38 -20.59
C VAL G 514 -14.44 -31.95 -20.14
N LEU G 515 -13.40 -31.13 -20.05
CA LEU G 515 -13.53 -29.73 -19.66
C LEU G 515 -13.53 -28.89 -20.93
N PHE G 516 -14.72 -28.45 -21.36
CA PHE G 516 -14.82 -27.58 -22.52
C PHE G 516 -14.46 -26.16 -22.12
N TYR G 517 -13.33 -25.67 -22.61
CA TYR G 517 -12.91 -24.31 -22.36
C TYR G 517 -12.88 -23.51 -23.65
N GLY G 518 -13.27 -22.24 -23.56
CA GLY G 518 -13.35 -21.39 -24.72
C GLY G 518 -14.13 -20.12 -24.45
N PRO G 519 -14.37 -19.34 -25.49
CA PRO G 519 -15.14 -18.12 -25.31
C PRO G 519 -16.57 -18.44 -24.90
N PRO G 520 -17.18 -17.59 -24.08
CA PRO G 520 -18.57 -17.85 -23.67
C PRO G 520 -19.53 -17.72 -24.84
N GLY G 521 -20.61 -18.50 -24.78
CA GLY G 521 -21.60 -18.49 -25.83
C GLY G 521 -21.08 -19.02 -27.16
N CYS G 522 -20.30 -20.10 -27.12
CA CYS G 522 -19.69 -20.66 -28.32
C CYS G 522 -20.14 -22.07 -28.64
N GLY G 523 -20.91 -22.73 -27.77
CA GLY G 523 -21.46 -24.02 -28.09
C GLY G 523 -20.96 -25.16 -27.25
N LYS G 524 -20.63 -24.89 -25.98
CA LYS G 524 -20.20 -25.96 -25.09
C LYS G 524 -21.39 -26.75 -24.56
N THR G 525 -22.42 -26.05 -24.05
CA THR G 525 -23.64 -26.73 -23.63
C THR G 525 -24.31 -27.41 -24.82
N LEU G 526 -24.29 -26.75 -25.98
CA LEU G 526 -24.86 -27.35 -27.19
C LEU G 526 -24.13 -28.64 -27.56
N LEU G 527 -22.80 -28.62 -27.46
CA LEU G 527 -22.01 -29.82 -27.77
C LEU G 527 -22.30 -30.94 -26.77
N ALA G 528 -22.42 -30.59 -25.48
CA ALA G 528 -22.75 -31.60 -24.48
C ALA G 528 -24.12 -32.21 -24.73
N LYS G 529 -25.11 -31.36 -25.08
CA LYS G 529 -26.44 -31.87 -25.36
C LYS G 529 -26.45 -32.74 -26.61
N ALA G 530 -25.65 -32.37 -27.62
CA ALA G 530 -25.55 -33.19 -28.83
C ALA G 530 -24.92 -34.54 -28.52
N ILE G 531 -23.90 -34.55 -27.65
CA ILE G 531 -23.29 -35.81 -27.23
C ILE G 531 -24.30 -36.67 -26.49
N ALA G 532 -25.10 -36.05 -25.62
CA ALA G 532 -26.13 -36.78 -24.89
C ALA G 532 -27.17 -37.37 -25.84
N ASN G 533 -27.57 -36.61 -26.86
CA ASN G 533 -28.61 -37.07 -27.77
C ASN G 533 -28.09 -38.16 -28.70
N GLU G 534 -26.85 -38.04 -29.17
CA GLU G 534 -26.30 -39.01 -30.11
C GLU G 534 -26.20 -40.39 -29.48
N CYS G 535 -25.76 -40.46 -28.22
CA CYS G 535 -25.67 -41.72 -27.50
C CYS G 535 -26.98 -42.11 -26.82
N GLN G 536 -28.01 -41.28 -26.94
CA GLN G 536 -29.32 -41.53 -26.33
C GLN G 536 -29.20 -41.77 -24.83
N ALA G 537 -28.45 -40.90 -24.18
CA ALA G 537 -28.22 -40.98 -22.74
C ALA G 537 -28.81 -39.77 -22.05
N ASN G 538 -29.16 -39.95 -20.77
CA ASN G 538 -29.74 -38.86 -20.00
C ASN G 538 -28.73 -37.73 -19.79
N PHE G 539 -29.24 -36.51 -19.69
CA PHE G 539 -28.41 -35.32 -19.59
C PHE G 539 -28.80 -34.54 -18.34
N ILE G 540 -27.82 -34.29 -17.48
CA ILE G 540 -28.01 -33.51 -16.27
C ILE G 540 -27.12 -32.28 -16.38
N SER G 541 -27.74 -31.11 -16.47
CA SER G 541 -27.02 -29.85 -16.59
C SER G 541 -27.01 -29.14 -15.25
N ILE G 542 -25.82 -29.02 -14.65
CA ILE G 542 -25.65 -28.28 -13.41
C ILE G 542 -25.07 -26.92 -13.75
N LYS G 543 -25.92 -25.92 -13.92
CA LYS G 543 -25.49 -24.61 -14.36
C LYS G 543 -24.77 -23.87 -13.23
N GLY G 544 -24.14 -22.74 -13.59
CA GLY G 544 -23.49 -21.89 -12.64
C GLY G 544 -24.36 -21.36 -11.52
N PRO G 545 -25.61 -20.96 -11.78
CA PRO G 545 -26.50 -20.60 -10.68
C PRO G 545 -26.66 -21.66 -9.61
N GLU G 546 -26.76 -22.94 -10.00
CA GLU G 546 -26.92 -24.00 -9.01
C GLU G 546 -25.66 -24.14 -8.15
N LEU G 547 -24.49 -24.13 -8.78
CA LEU G 547 -23.24 -24.23 -8.03
C LEU G 547 -23.06 -23.05 -7.09
N LEU G 548 -23.39 -21.84 -7.56
CA LEU G 548 -23.25 -20.66 -6.72
C LEU G 548 -24.24 -20.69 -5.56
N THR G 549 -25.46 -21.18 -5.81
CA THR G 549 -26.43 -21.32 -4.73
C THR G 549 -25.95 -22.31 -3.69
N MET G 550 -25.39 -23.44 -4.12
CA MET G 550 -24.88 -24.43 -3.19
C MET G 550 -23.67 -23.92 -2.44
N TRP G 551 -22.85 -23.07 -3.06
CA TRP G 551 -21.69 -22.50 -2.38
C TRP G 551 -22.07 -21.44 -1.37
N PHE G 552 -23.00 -20.55 -1.73
CA PHE G 552 -23.34 -19.43 -0.86
C PHE G 552 -24.05 -19.91 0.41
N GLY G 553 -25.03 -20.79 0.27
CA GLY G 553 -25.74 -21.31 1.42
C GLY G 553 -25.04 -22.41 2.16
N GLU G 554 -23.78 -22.69 1.82
CA GLU G 554 -23.02 -23.80 2.40
C GLU G 554 -23.77 -25.12 2.24
N SER G 555 -24.38 -25.30 1.07
CA SER G 555 -25.18 -26.47 0.74
C SER G 555 -24.43 -27.43 -0.16
N GLU G 556 -23.13 -27.62 0.08
CA GLU G 556 -22.34 -28.57 -0.71
C GLU G 556 -22.82 -30.01 -0.53
N ALA G 557 -23.51 -30.31 0.58
CA ALA G 557 -24.08 -31.64 0.76
C ALA G 557 -25.13 -31.96 -0.29
N ASN G 558 -25.72 -30.94 -0.93
CA ASN G 558 -26.63 -31.17 -2.03
C ASN G 558 -25.91 -31.66 -3.28
N VAL G 559 -24.63 -31.33 -3.44
CA VAL G 559 -23.86 -31.80 -4.60
C VAL G 559 -23.93 -33.32 -4.69
N ARG G 560 -23.74 -33.99 -3.56
CA ARG G 560 -23.89 -35.44 -3.48
C ARG G 560 -25.19 -35.89 -4.12
N GLU G 561 -26.30 -35.24 -3.73
CA GLU G 561 -27.61 -35.60 -4.27
C GLU G 561 -27.60 -35.55 -5.79
N ILE G 562 -27.01 -34.50 -6.36
CA ILE G 562 -26.94 -34.38 -7.82
C ILE G 562 -26.27 -35.60 -8.41
N PHE G 563 -25.10 -35.97 -7.86
CA PHE G 563 -24.41 -37.16 -8.36
C PHE G 563 -25.25 -38.40 -8.13
N ASP G 564 -25.93 -38.47 -6.98
CA ASP G 564 -26.84 -39.59 -6.74
C ASP G 564 -27.92 -39.65 -7.82
N LYS G 565 -28.43 -38.48 -8.23
CA LYS G 565 -29.39 -38.45 -9.32
C LYS G 565 -28.78 -39.04 -10.58
N ALA G 566 -27.53 -38.67 -10.88
CA ALA G 566 -26.85 -39.23 -12.04
C ALA G 566 -26.60 -40.71 -11.87
N ARG G 567 -26.50 -41.18 -10.62
CA ARG G 567 -26.35 -42.61 -10.39
C ARG G 567 -27.67 -43.33 -10.61
N GLN G 568 -28.80 -42.64 -10.46
CA GLN G 568 -30.11 -43.24 -10.64
C GLN G 568 -30.70 -42.95 -12.02
N ALA G 569 -29.97 -42.26 -12.89
CA ALA G 569 -30.41 -41.97 -14.24
C ALA G 569 -29.36 -42.38 -15.26
N ALA G 570 -28.55 -43.39 -14.92
CA ALA G 570 -27.49 -43.83 -15.79
C ALA G 570 -28.07 -44.45 -17.07
N PRO G 571 -27.43 -44.24 -18.23
CA PRO G 571 -26.20 -43.46 -18.45
C PRO G 571 -26.45 -41.95 -18.42
N CYS G 572 -25.50 -41.17 -17.88
CA CYS G 572 -25.66 -39.73 -17.77
C CYS G 572 -24.49 -39.03 -18.42
N VAL G 573 -24.74 -37.78 -18.82
CA VAL G 573 -23.77 -36.96 -19.54
C VAL G 573 -23.53 -35.68 -18.76
N LEU G 574 -23.45 -35.81 -17.42
CA LEU G 574 -23.37 -34.70 -16.46
C LEU G 574 -22.57 -33.52 -16.97
N PHE G 575 -23.16 -32.33 -16.90
CA PHE G 575 -22.58 -31.13 -17.47
C PHE G 575 -22.56 -30.04 -16.41
N PHE G 576 -21.35 -29.60 -16.04
CA PHE G 576 -21.17 -28.55 -15.04
C PHE G 576 -20.90 -27.23 -15.77
N ASP G 577 -21.98 -26.60 -16.21
CA ASP G 577 -21.85 -25.31 -16.89
C ASP G 577 -21.31 -24.25 -15.93
N GLU G 578 -20.39 -23.44 -16.44
CA GLU G 578 -19.71 -22.40 -15.66
C GLU G 578 -19.05 -23.00 -14.42
N LEU G 579 -18.09 -23.90 -14.68
CA LEU G 579 -17.32 -24.50 -13.60
C LEU G 579 -16.43 -23.47 -12.89
N ASP G 580 -16.19 -22.33 -13.52
CA ASP G 580 -15.42 -21.25 -12.92
C ASP G 580 -16.32 -20.18 -12.30
N SER G 581 -17.64 -20.41 -12.24
CA SER G 581 -18.54 -19.43 -11.67
C SER G 581 -18.24 -19.19 -10.20
N ILE G 582 -17.95 -20.27 -9.46
CA ILE G 582 -17.58 -20.12 -8.05
C ILE G 582 -16.26 -19.36 -7.92
N ALA G 583 -15.31 -19.60 -8.82
CA ALA G 583 -14.06 -18.85 -8.81
C ALA G 583 -14.28 -17.40 -9.23
N LYS G 584 -15.21 -17.16 -10.17
CA LYS G 584 -15.51 -15.79 -10.57
C LYS G 584 -16.15 -15.01 -9.44
N ALA G 585 -17.03 -15.66 -8.67
CA ALA G 585 -17.71 -14.98 -7.56
C ALA G 585 -16.77 -14.65 -6.41
N ARG G 586 -15.58 -15.25 -6.38
CA ARG G 586 -14.59 -14.96 -5.34
C ARG G 586 -13.55 -13.94 -5.78
N GLY G 587 -13.69 -13.37 -6.97
CA GLY G 587 -12.75 -12.38 -7.45
C GLY G 587 -12.11 -12.76 -8.76
N GLY G 588 -11.83 -14.05 -8.94
CA GLY G 588 -11.21 -14.54 -10.16
C GLY G 588 -9.70 -14.50 -10.10
N GLY G 594 -7.44 -17.25 -1.30
CA GLY G 594 -7.05 -17.64 -2.64
C GLY G 594 -6.78 -19.12 -2.78
N GLY G 595 -6.03 -19.49 -3.83
CA GLY G 595 -5.69 -20.87 -4.07
C GLY G 595 -6.80 -21.71 -4.67
N ALA G 596 -7.90 -21.10 -5.07
CA ALA G 596 -9.07 -21.79 -5.67
C ALA G 596 -9.55 -22.85 -4.68
N ALA G 597 -10.02 -24.00 -5.16
CA ALA G 597 -10.43 -25.13 -4.33
C ALA G 597 -11.54 -24.71 -3.34
N ASP G 598 -12.68 -24.36 -3.92
CA ASP G 598 -13.83 -23.92 -3.14
C ASP G 598 -14.59 -25.12 -2.58
N ARG G 599 -15.61 -24.84 -1.76
CA ARG G 599 -16.35 -25.89 -1.08
C ARG G 599 -17.09 -26.78 -2.08
N VAL G 600 -17.89 -26.17 -2.95
CA VAL G 600 -18.67 -26.95 -3.91
C VAL G 600 -17.77 -27.62 -4.92
N ILE G 601 -16.70 -26.94 -5.34
CA ILE G 601 -15.75 -27.55 -6.28
C ILE G 601 -15.03 -28.72 -5.60
N ASN G 602 -14.72 -28.60 -4.31
CA ASN G 602 -14.07 -29.72 -3.61
C ASN G 602 -15.00 -30.92 -3.49
N GLN G 603 -16.27 -30.67 -3.17
CA GLN G 603 -17.23 -31.77 -3.13
C GLN G 603 -17.43 -32.38 -4.53
N ILE G 604 -17.38 -31.55 -5.57
CA ILE G 604 -17.44 -32.04 -6.94
C ILE G 604 -16.24 -32.94 -7.23
N LEU G 605 -15.06 -32.55 -6.76
CA LEU G 605 -13.87 -33.37 -6.92
C LEU G 605 -14.02 -34.71 -6.21
N THR G 606 -14.55 -34.70 -4.98
CA THR G 606 -14.77 -35.93 -4.24
C THR G 606 -15.75 -36.84 -4.97
N GLU G 607 -16.83 -36.27 -5.49
CA GLU G 607 -17.82 -37.09 -6.20
C GLU G 607 -17.29 -37.56 -7.56
N MET G 608 -16.41 -36.78 -8.18
CA MET G 608 -15.75 -37.24 -9.40
C MET G 608 -14.84 -38.44 -9.12
N ASP G 609 -14.11 -38.39 -8.00
CA ASP G 609 -13.30 -39.52 -7.60
C ASP G 609 -14.19 -40.74 -7.30
N GLY G 610 -15.35 -40.51 -6.70
CA GLY G 610 -16.27 -41.61 -6.46
C GLY G 610 -16.85 -42.19 -7.74
N MET G 611 -17.18 -41.36 -8.71
CA MET G 611 -17.83 -41.77 -9.94
C MET G 611 -16.86 -42.18 -11.03
N SER G 612 -15.56 -42.04 -10.81
CA SER G 612 -14.59 -42.49 -11.81
C SER G 612 -14.69 -43.99 -12.05
N THR G 613 -15.18 -44.75 -11.08
CA THR G 613 -15.37 -46.18 -11.23
C THR G 613 -16.74 -46.55 -11.79
N LYS G 614 -17.61 -45.57 -12.02
CA LYS G 614 -18.92 -45.86 -12.59
C LYS G 614 -18.80 -46.35 -14.02
N LYS G 615 -18.05 -45.62 -14.86
CA LYS G 615 -17.89 -45.94 -16.29
C LYS G 615 -19.22 -46.09 -17.00
N ASN G 616 -20.24 -45.38 -16.51
CA ASN G 616 -21.53 -45.28 -17.17
C ASN G 616 -22.04 -43.86 -17.26
N VAL G 617 -21.40 -42.90 -16.58
CA VAL G 617 -21.79 -41.52 -16.59
C VAL G 617 -20.61 -40.67 -17.02
N PHE G 618 -20.86 -39.68 -17.88
CA PHE G 618 -19.82 -38.76 -18.32
C PHE G 618 -20.00 -37.43 -17.61
N ILE G 619 -18.89 -36.79 -17.28
CA ILE G 619 -18.89 -35.73 -16.28
C ILE G 619 -18.39 -34.45 -16.96
N ILE G 620 -18.80 -34.26 -18.21
CA ILE G 620 -18.42 -33.10 -19.03
C ILE G 620 -18.50 -31.79 -18.24
N GLY G 621 -17.49 -30.95 -18.38
CA GLY G 621 -17.51 -29.65 -17.73
C GLY G 621 -17.49 -28.50 -18.71
N ALA G 622 -17.43 -27.27 -18.21
CA ALA G 622 -17.40 -26.10 -19.08
C ALA G 622 -16.83 -24.93 -18.30
N THR G 623 -15.93 -24.18 -18.94
CA THR G 623 -15.30 -23.02 -18.33
C THR G 623 -15.15 -21.93 -19.37
N ASN G 624 -15.82 -20.80 -19.15
CA ASN G 624 -15.63 -19.62 -19.99
C ASN G 624 -14.43 -18.79 -19.55
N ARG G 625 -13.79 -19.17 -18.44
CA ARG G 625 -12.54 -18.56 -17.99
C ARG G 625 -11.69 -19.65 -17.37
N PRO G 626 -11.06 -20.49 -18.19
CA PRO G 626 -10.36 -21.67 -17.65
C PRO G 626 -9.10 -21.35 -16.87
N ASP G 627 -8.57 -20.14 -16.97
CA ASP G 627 -7.35 -19.80 -16.24
C ASP G 627 -7.58 -19.83 -14.74
N ILE G 628 -8.69 -19.26 -14.27
CA ILE G 628 -9.02 -19.27 -12.84
C ILE G 628 -9.91 -20.50 -12.63
N ILE G 629 -9.25 -21.64 -12.41
CA ILE G 629 -9.94 -22.88 -12.11
C ILE G 629 -9.06 -23.68 -11.15
N ASP G 630 -9.68 -24.60 -10.44
CA ASP G 630 -8.94 -25.46 -9.51
C ASP G 630 -8.08 -26.44 -10.30
N PRO G 631 -6.76 -26.46 -10.12
CA PRO G 631 -5.93 -27.43 -10.84
C PRO G 631 -6.24 -28.87 -10.49
N ALA G 632 -6.90 -29.13 -9.35
CA ALA G 632 -7.29 -30.49 -9.01
C ALA G 632 -8.32 -31.04 -9.99
N ILE G 633 -9.09 -30.17 -10.64
CA ILE G 633 -10.05 -30.62 -11.64
C ILE G 633 -9.38 -31.21 -12.87
N LEU G 634 -8.09 -30.95 -13.06
CA LEU G 634 -7.31 -31.46 -14.19
C LEU G 634 -6.43 -32.59 -13.66
N ARG G 635 -6.97 -33.81 -13.64
CA ARG G 635 -6.28 -34.96 -13.06
C ARG G 635 -6.92 -36.25 -13.56
N PRO G 636 -6.15 -37.32 -13.74
CA PRO G 636 -6.75 -38.59 -14.14
C PRO G 636 -7.82 -39.04 -13.16
N GLY G 637 -8.90 -39.60 -13.70
CA GLY G 637 -10.10 -39.91 -12.95
C GLY G 637 -11.07 -38.74 -12.96
N ARG G 638 -10.54 -37.54 -12.78
CA ARG G 638 -11.29 -36.30 -12.92
C ARG G 638 -11.17 -35.83 -14.38
N LEU G 639 -11.54 -34.57 -14.64
CA LEU G 639 -11.54 -34.06 -16.02
C LEU G 639 -10.12 -33.93 -16.55
N ASP G 640 -9.61 -35.01 -17.15
CA ASP G 640 -8.27 -35.03 -17.70
C ASP G 640 -8.22 -34.49 -19.12
N GLN G 641 -9.06 -35.02 -20.01
CA GLN G 641 -9.09 -34.55 -21.39
C GLN G 641 -9.63 -33.12 -21.46
N LEU G 642 -8.97 -32.28 -22.24
CA LEU G 642 -9.37 -30.89 -22.43
C LEU G 642 -9.61 -30.64 -23.91
N ILE G 643 -10.80 -30.16 -24.24
CA ILE G 643 -11.17 -29.85 -25.61
C ILE G 643 -11.45 -28.36 -25.70
N TYR G 644 -10.74 -27.67 -26.59
CA TYR G 644 -10.89 -26.24 -26.77
C TYR G 644 -11.98 -25.96 -27.80
N ILE G 645 -12.94 -25.12 -27.42
CA ILE G 645 -14.03 -24.74 -28.31
C ILE G 645 -13.72 -23.36 -28.88
N PRO G 646 -13.10 -23.27 -30.05
CA PRO G 646 -12.66 -21.96 -30.56
C PRO G 646 -13.82 -21.17 -31.15
N LEU G 647 -13.56 -19.88 -31.36
CA LEU G 647 -14.52 -19.03 -32.04
C LEU G 647 -14.72 -19.55 -33.46
N PRO G 648 -15.95 -19.55 -33.97
CA PRO G 648 -16.20 -20.08 -35.31
C PRO G 648 -15.46 -19.29 -36.37
N ASP G 649 -14.93 -20.00 -37.37
CA ASP G 649 -14.23 -19.37 -38.48
C ASP G 649 -15.24 -19.00 -39.56
N GLU G 650 -14.74 -18.64 -40.75
CA GLU G 650 -15.64 -18.23 -41.83
C GLU G 650 -16.56 -19.37 -42.25
N LYS G 651 -16.03 -20.59 -42.32
CA LYS G 651 -16.86 -21.72 -42.73
C LYS G 651 -17.81 -22.15 -41.63
N SER G 652 -17.37 -22.10 -40.37
CA SER G 652 -18.20 -22.55 -39.27
C SER G 652 -19.37 -21.60 -39.02
N ARG G 653 -19.18 -20.31 -39.29
CA ARG G 653 -20.26 -19.35 -39.05
C ARG G 653 -21.41 -19.55 -40.01
N VAL G 654 -21.15 -20.04 -41.23
CA VAL G 654 -22.23 -20.37 -42.14
C VAL G 654 -23.11 -21.46 -41.56
N ALA G 655 -22.48 -22.52 -41.03
CA ALA G 655 -23.24 -23.60 -40.43
C ALA G 655 -23.96 -23.15 -39.17
N ILE G 656 -23.34 -22.27 -38.39
CA ILE G 656 -23.98 -21.75 -37.18
C ILE G 656 -25.22 -20.96 -37.54
N LEU G 657 -25.12 -20.08 -38.54
CA LEU G 657 -26.27 -19.29 -38.96
C LEU G 657 -27.36 -20.15 -39.58
N LYS G 658 -26.97 -21.18 -40.35
CA LYS G 658 -27.97 -22.06 -40.95
C LYS G 658 -28.69 -22.88 -39.89
N ALA G 659 -27.97 -23.36 -38.86
CA ALA G 659 -28.60 -24.13 -37.81
C ALA G 659 -29.51 -23.26 -36.94
N ASN G 660 -29.17 -21.99 -36.76
CA ASN G 660 -29.98 -21.07 -35.98
C ASN G 660 -31.13 -20.48 -36.79
N LEU G 661 -31.22 -20.79 -38.09
CA LEU G 661 -32.27 -20.28 -38.94
C LEU G 661 -33.04 -21.37 -39.67
N ARG G 662 -32.85 -22.63 -39.28
CA ARG G 662 -33.60 -23.72 -39.91
C ARG G 662 -35.10 -23.60 -39.61
N LYS G 663 -35.44 -23.30 -38.35
CA LYS G 663 -36.85 -23.13 -37.99
C LYS G 663 -37.41 -21.85 -38.57
N SER G 664 -36.59 -20.79 -38.63
CA SER G 664 -37.07 -19.51 -39.12
C SER G 664 -37.25 -19.55 -40.64
N PRO G 665 -38.32 -18.97 -41.16
CA PRO G 665 -38.51 -18.93 -42.61
C PRO G 665 -37.70 -17.82 -43.27
N VAL G 666 -36.44 -18.10 -43.56
CA VAL G 666 -35.55 -17.10 -44.15
C VAL G 666 -35.67 -17.15 -45.66
N ALA G 667 -35.80 -15.99 -46.29
CA ALA G 667 -35.88 -15.92 -47.74
C ALA G 667 -34.53 -16.28 -48.37
N LYS G 668 -34.59 -16.87 -49.56
CA LYS G 668 -33.38 -17.33 -50.23
C LYS G 668 -32.50 -16.18 -50.72
N ASP G 669 -33.05 -14.98 -50.87
CA ASP G 669 -32.27 -13.87 -51.38
C ASP G 669 -31.22 -13.36 -50.39
N VAL G 670 -31.31 -13.76 -49.12
CA VAL G 670 -30.30 -13.34 -48.15
C VAL G 670 -28.98 -14.05 -48.43
N ASP G 671 -27.91 -13.51 -47.85
CA ASP G 671 -26.54 -14.01 -48.07
C ASP G 671 -25.93 -14.35 -46.71
N LEU G 672 -26.18 -15.58 -46.24
CA LEU G 672 -25.63 -15.98 -44.95
C LEU G 672 -24.13 -16.24 -45.02
N GLU G 673 -23.64 -16.77 -46.14
CA GLU G 673 -22.21 -17.00 -46.28
C GLU G 673 -21.42 -15.70 -46.39
N PHE G 674 -22.08 -14.58 -46.67
CA PHE G 674 -21.44 -13.27 -46.60
C PHE G 674 -21.52 -12.67 -45.20
N LEU G 675 -22.63 -12.92 -44.50
CA LEU G 675 -22.72 -12.54 -43.10
C LEU G 675 -21.66 -13.26 -42.27
N ALA G 676 -21.33 -14.49 -42.64
CA ALA G 676 -20.22 -15.19 -41.99
C ALA G 676 -18.90 -14.48 -42.25
N LYS G 677 -18.70 -13.99 -43.48
CA LYS G 677 -17.46 -13.28 -43.80
C LYS G 677 -17.35 -11.98 -43.02
N MET G 678 -18.45 -11.23 -42.92
CA MET G 678 -18.39 -9.92 -42.27
C MET G 678 -18.10 -10.04 -40.78
N THR G 679 -18.83 -10.91 -40.09
CA THR G 679 -18.61 -11.11 -38.66
C THR G 679 -17.35 -11.95 -38.46
N ASN G 680 -16.37 -11.38 -37.77
CA ASN G 680 -15.06 -12.02 -37.59
C ASN G 680 -14.92 -12.68 -36.23
N GLY G 681 -15.07 -11.91 -35.16
CA GLY G 681 -14.90 -12.44 -33.81
C GLY G 681 -16.19 -12.83 -33.15
N PHE G 682 -17.23 -13.08 -33.96
CA PHE G 682 -18.55 -13.36 -33.42
C PHE G 682 -18.64 -14.82 -33.00
N SER G 683 -19.11 -15.04 -31.78
CA SER G 683 -19.33 -16.39 -31.28
C SER G 683 -20.66 -16.93 -31.80
N GLY G 684 -20.99 -18.16 -31.39
CA GLY G 684 -22.29 -18.71 -31.73
C GLY G 684 -23.43 -17.93 -31.09
N ALA G 685 -23.22 -17.45 -29.85
CA ALA G 685 -24.24 -16.64 -29.19
C ALA G 685 -24.45 -15.32 -29.92
N ASP G 686 -23.38 -14.71 -30.43
CA ASP G 686 -23.53 -13.44 -31.13
C ASP G 686 -24.32 -13.61 -32.43
N LEU G 687 -24.02 -14.66 -33.20
CA LEU G 687 -24.77 -14.92 -34.41
C LEU G 687 -26.21 -15.30 -34.10
N THR G 688 -26.44 -16.03 -33.01
CA THR G 688 -27.80 -16.35 -32.59
C THR G 688 -28.57 -15.09 -32.22
N GLU G 689 -27.91 -14.15 -31.52
CA GLU G 689 -28.55 -12.87 -31.23
C GLU G 689 -28.85 -12.10 -32.52
N ILE G 690 -27.95 -12.17 -33.49
CA ILE G 690 -28.17 -11.49 -34.77
C ILE G 690 -29.40 -12.05 -35.47
N CYS G 691 -29.49 -13.37 -35.55
CA CYS G 691 -30.63 -13.97 -36.24
C CYS G 691 -31.93 -13.79 -35.44
N GLN G 692 -31.84 -13.80 -34.11
CA GLN G 692 -33.03 -13.55 -33.30
C GLN G 692 -33.50 -12.11 -33.45
N ARG G 693 -32.58 -11.16 -33.55
CA ARG G 693 -32.97 -9.78 -33.78
C ARG G 693 -33.55 -9.58 -35.18
N ALA G 694 -33.03 -10.30 -36.18
CA ALA G 694 -33.63 -10.26 -37.50
C ALA G 694 -35.05 -10.82 -37.47
N CYS G 695 -35.25 -11.92 -36.74
CA CYS G 695 -36.59 -12.47 -36.56
C CYS G 695 -37.50 -11.49 -35.83
N LYS G 696 -36.96 -10.81 -34.82
CA LYS G 696 -37.75 -9.83 -34.07
C LYS G 696 -38.18 -8.67 -34.96
N LEU G 697 -37.28 -8.18 -35.82
CA LEU G 697 -37.66 -7.11 -36.74
C LEU G 697 -38.67 -7.60 -37.77
N ALA G 698 -38.53 -8.84 -38.24
CA ALA G 698 -39.49 -9.39 -39.18
C ALA G 698 -40.88 -9.49 -38.55
N ILE G 699 -40.95 -9.99 -37.32
CA ILE G 699 -42.23 -10.09 -36.63
C ILE G 699 -42.81 -8.70 -36.34
N ARG G 700 -41.94 -7.74 -35.99
CA ARG G 700 -42.41 -6.39 -35.73
C ARG G 700 -43.01 -5.77 -36.99
N GLU G 701 -42.35 -5.95 -38.14
CA GLU G 701 -42.87 -5.42 -39.39
C GLU G 701 -44.18 -6.12 -39.76
N SER G 702 -44.26 -7.44 -39.57
CA SER G 702 -45.49 -8.15 -39.88
C SER G 702 -46.64 -7.68 -39.00
N ILE G 703 -46.38 -7.50 -37.70
CA ILE G 703 -47.43 -7.05 -36.79
C ILE G 703 -47.85 -5.62 -37.12
N GLU G 704 -46.89 -4.75 -37.44
CA GLU G 704 -47.22 -3.39 -37.83
C GLU G 704 -48.08 -3.37 -39.08
N SER G 705 -47.72 -4.17 -40.08
CA SER G 705 -48.52 -4.23 -41.30
C SER G 705 -49.92 -4.76 -41.02
N GLU G 706 -50.02 -5.80 -40.19
CA GLU G 706 -51.34 -6.38 -39.90
C GLU G 706 -52.23 -5.40 -39.14
N ILE G 707 -51.69 -4.72 -38.13
CA ILE G 707 -52.51 -3.78 -37.37
C ILE G 707 -52.82 -2.55 -38.20
N ARG G 708 -51.93 -2.15 -39.11
CA ARG G 708 -52.23 -1.05 -40.00
C ARG G 708 -53.34 -1.42 -40.98
N ARG G 709 -53.31 -2.64 -41.50
CA ARG G 709 -54.38 -3.10 -42.39
C ARG G 709 -55.71 -3.20 -41.64
N GLU G 710 -55.68 -3.67 -40.40
CA GLU G 710 -56.89 -3.74 -39.59
C GLU G 710 -57.44 -2.34 -39.31
N ARG G 711 -56.57 -1.38 -39.06
CA ARG G 711 -56.99 0.01 -38.87
C ARG G 711 -57.28 0.72 -40.19
N GLU G 712 -56.98 0.09 -41.33
CA GLU G 712 -57.29 0.65 -42.64
C GLU G 712 -58.43 -0.07 -43.34
N ARG G 713 -58.62 -1.37 -43.05
CA ARG G 713 -59.68 -2.14 -43.69
C ARG G 713 -60.67 -2.65 -42.64
N PRO G 727 -49.23 -10.06 -45.86
CA PRO G 727 -48.09 -9.15 -45.66
C PRO G 727 -46.76 -9.78 -46.05
N VAL G 728 -45.83 -9.83 -45.11
CA VAL G 728 -44.50 -10.38 -45.35
C VAL G 728 -44.53 -11.87 -44.99
N PRO G 729 -44.08 -12.76 -45.87
CA PRO G 729 -44.11 -14.20 -45.56
C PRO G 729 -42.80 -14.77 -45.05
N GLU G 730 -41.71 -14.02 -45.06
CA GLU G 730 -40.41 -14.54 -44.70
C GLU G 730 -39.51 -13.39 -44.25
N ILE G 731 -38.40 -13.76 -43.60
CA ILE G 731 -37.44 -12.77 -43.14
C ILE G 731 -36.76 -12.17 -44.37
N ARG G 732 -37.10 -10.93 -44.69
CA ARG G 732 -36.55 -10.28 -45.88
C ARG G 732 -35.10 -9.86 -45.63
N ARG G 733 -34.48 -9.31 -46.68
CA ARG G 733 -33.10 -8.85 -46.59
C ARG G 733 -32.99 -7.67 -45.62
N ASP G 734 -33.94 -6.72 -45.70
CA ASP G 734 -33.85 -5.51 -44.90
C ASP G 734 -33.91 -5.80 -43.41
N HIS G 735 -34.58 -6.89 -43.02
CA HIS G 735 -34.61 -7.26 -41.60
C HIS G 735 -33.21 -7.59 -41.09
N PHE G 736 -32.46 -8.40 -41.85
CA PHE G 736 -31.08 -8.69 -41.48
C PHE G 736 -30.21 -7.45 -41.57
N GLU G 737 -30.49 -6.58 -42.56
CA GLU G 737 -29.75 -5.32 -42.70
C GLU G 737 -29.88 -4.48 -41.44
N GLU G 738 -31.11 -4.36 -40.91
CA GLU G 738 -31.31 -3.58 -39.71
C GLU G 738 -30.79 -4.29 -38.47
N ALA G 739 -30.88 -5.63 -38.43
CA ALA G 739 -30.40 -6.37 -37.27
C ALA G 739 -28.89 -6.28 -37.13
N MET G 740 -28.18 -6.26 -38.24
CA MET G 740 -26.71 -6.20 -38.19
C MET G 740 -26.19 -4.85 -37.70
N ARG G 741 -27.05 -3.83 -37.61
CA ARG G 741 -26.62 -2.55 -37.06
C ARG G 741 -26.31 -2.63 -35.57
N PHE G 742 -26.87 -3.61 -34.87
CA PHE G 742 -26.62 -3.83 -33.45
C PHE G 742 -25.81 -5.10 -33.24
N ALA G 743 -24.82 -5.32 -34.11
CA ALA G 743 -24.06 -6.57 -34.10
C ALA G 743 -23.15 -6.63 -32.88
N ARG G 744 -23.46 -7.56 -31.98
CA ARG G 744 -22.71 -7.71 -30.73
C ARG G 744 -21.50 -8.62 -30.94
N ARG G 745 -20.36 -8.22 -30.37
CA ARG G 745 -19.16 -9.04 -30.31
C ARG G 745 -18.78 -9.14 -28.83
N SER G 746 -19.31 -10.15 -28.16
CA SER G 746 -19.12 -10.27 -26.71
C SER G 746 -17.66 -10.50 -26.35
N VAL G 747 -16.98 -11.38 -27.08
CA VAL G 747 -15.58 -11.71 -26.81
C VAL G 747 -14.74 -11.25 -28.01
N SER G 748 -13.70 -10.48 -27.73
CA SER G 748 -12.84 -9.96 -28.78
C SER G 748 -11.48 -9.59 -28.19
N ASP G 749 -10.46 -9.65 -29.06
CA ASP G 749 -9.10 -9.17 -28.76
C ASP G 749 -8.52 -9.98 -27.62
N ASN G 750 -8.05 -9.36 -26.53
CA ASN G 750 -7.23 -10.03 -25.53
C ASN G 750 -7.94 -11.21 -24.88
N ASP G 751 -9.27 -11.16 -24.78
CA ASP G 751 -10.00 -12.29 -24.22
C ASP G 751 -9.75 -13.57 -25.02
N ILE G 752 -9.83 -13.46 -26.35
CA ILE G 752 -9.53 -14.62 -27.20
C ILE G 752 -8.08 -15.06 -26.99
N ARG G 753 -7.20 -14.12 -26.64
CA ARG G 753 -5.83 -14.49 -26.33
C ARG G 753 -5.76 -15.39 -25.11
N LYS G 754 -6.55 -15.07 -24.07
CA LYS G 754 -6.41 -15.77 -22.79
C LYS G 754 -6.61 -17.28 -22.96
N TYR G 755 -7.70 -17.67 -23.61
CA TYR G 755 -7.93 -19.09 -23.89
C TYR G 755 -6.76 -19.69 -24.65
N GLU G 756 -6.29 -18.98 -25.69
CA GLU G 756 -5.12 -19.45 -26.42
C GLU G 756 -3.92 -19.60 -25.50
N MET G 757 -3.73 -18.63 -24.59
CA MET G 757 -2.72 -18.78 -23.56
C MET G 757 -2.97 -20.04 -22.75
N PHE G 758 -4.20 -20.21 -22.25
CA PHE G 758 -4.53 -21.43 -21.53
C PHE G 758 -4.43 -22.64 -22.44
N ALA G 759 -4.58 -22.46 -23.75
CA ALA G 759 -4.29 -23.54 -24.68
C ALA G 759 -2.83 -23.92 -24.62
N GLN G 760 -1.94 -22.93 -24.78
CA GLN G 760 -0.51 -23.21 -24.83
C GLN G 760 -0.04 -23.84 -23.53
N THR G 761 -0.37 -23.20 -22.39
CA THR G 761 -0.02 -23.74 -21.09
C THR G 761 -0.60 -25.13 -20.86
N LEU G 762 -1.65 -25.50 -21.59
CA LEU G 762 -2.19 -26.85 -21.50
C LEU G 762 -1.91 -27.70 -22.73
N GLN G 763 -1.36 -27.13 -23.81
CA GLN G 763 -0.96 -27.98 -24.93
C GLN G 763 0.35 -28.70 -24.61
N GLN G 764 1.24 -28.03 -23.89
CA GLN G 764 2.47 -28.63 -23.34
C GLN G 764 3.26 -29.37 -24.40
N SER G 765 3.51 -28.69 -25.53
CA SER G 765 4.42 -29.24 -26.52
C SER G 765 5.82 -29.37 -25.94
N ARG G 766 6.27 -28.34 -25.22
CA ARG G 766 7.50 -28.36 -24.41
C ARG G 766 8.75 -28.68 -25.24
N GLY G 767 8.70 -28.42 -26.55
CA GLY G 767 9.83 -28.73 -27.41
C GLY G 767 9.93 -30.18 -27.84
N PHE G 768 8.98 -31.03 -27.45
CA PHE G 768 9.00 -32.44 -27.80
C PHE G 768 8.31 -32.72 -29.13
N GLY G 769 7.83 -31.70 -29.83
CA GLY G 769 7.24 -31.92 -31.13
C GLY G 769 8.27 -32.37 -32.16
N SER G 770 7.80 -33.15 -33.13
CA SER G 770 8.64 -33.69 -34.19
C SER G 770 9.80 -34.50 -33.62
N PHE G 771 9.52 -35.27 -32.58
CA PHE G 771 10.52 -36.13 -31.95
C PHE G 771 10.42 -37.52 -32.58
N ARG G 772 11.55 -38.04 -33.06
CA ARG G 772 11.60 -39.30 -33.79
C ARG G 772 12.49 -40.30 -33.09
N PHE G 773 12.04 -41.56 -33.05
CA PHE G 773 12.86 -42.62 -32.49
C PHE G 773 13.98 -43.00 -33.46
N PRO G 774 15.08 -43.55 -32.96
CA PRO G 774 16.09 -44.12 -33.86
C PRO G 774 15.65 -45.47 -34.39
N SER G 775 16.17 -45.82 -35.56
CA SER G 775 15.85 -47.09 -36.20
C SER G 775 16.67 -48.22 -35.61
N ARG H 22 -2.08 -92.57 17.25
CA ARG H 22 -0.98 -92.53 16.29
C ARG H 22 -0.58 -91.08 16.00
N PRO H 23 0.68 -90.85 15.66
CA PRO H 23 1.11 -89.49 15.27
C PRO H 23 0.46 -88.99 13.98
N ASN H 24 -0.13 -89.88 13.18
CA ASN H 24 -0.77 -89.49 11.93
C ASN H 24 -2.19 -89.00 12.16
N ARG H 25 -2.36 -88.05 13.09
CA ARG H 25 -3.64 -87.42 13.35
C ARG H 25 -3.42 -85.92 13.44
N LEU H 26 -4.28 -85.15 12.78
CA LEU H 26 -4.01 -83.72 12.63
C LEU H 26 -5.22 -82.87 13.00
N ILE H 27 -5.14 -81.56 12.77
CA ILE H 27 -6.22 -80.64 13.06
C ILE H 27 -6.71 -80.02 11.74
N VAL H 28 -8.03 -79.94 11.60
CA VAL H 28 -8.67 -79.52 10.36
C VAL H 28 -8.60 -78.00 10.22
N ASP H 29 -8.42 -77.54 8.99
CA ASP H 29 -8.41 -76.13 8.67
C ASP H 29 -9.23 -75.90 7.42
N GLU H 30 -9.72 -74.68 7.25
CA GLU H 30 -10.48 -74.32 6.06
C GLU H 30 -9.58 -74.37 4.83
N ALA H 31 -10.04 -75.06 3.78
CA ALA H 31 -9.23 -75.27 2.60
C ALA H 31 -9.24 -74.03 1.72
N ILE H 32 -8.07 -73.69 1.16
CA ILE H 32 -7.95 -72.55 0.27
C ILE H 32 -8.41 -72.86 -1.15
N ASN H 33 -8.58 -74.14 -1.48
CA ASN H 33 -9.03 -74.55 -2.80
C ASN H 33 -10.53 -74.82 -2.80
N GLU H 34 -11.07 -75.04 -3.99
CA GLU H 34 -12.50 -75.29 -4.16
C GLU H 34 -12.82 -76.71 -4.59
N ASP H 35 -11.81 -77.53 -4.89
CA ASP H 35 -12.06 -78.89 -5.35
C ASP H 35 -12.61 -79.75 -4.21
N ASN H 36 -13.59 -80.58 -4.53
CA ASN H 36 -14.19 -81.47 -3.55
C ASN H 36 -13.40 -82.77 -3.45
N SER H 37 -13.45 -83.39 -2.27
CA SER H 37 -12.75 -84.64 -1.99
C SER H 37 -11.25 -84.50 -2.26
N VAL H 38 -10.71 -83.34 -1.91
CA VAL H 38 -9.28 -83.04 -2.09
C VAL H 38 -8.74 -82.53 -0.77
N VAL H 39 -7.65 -83.13 -0.30
CA VAL H 39 -7.01 -82.76 0.96
C VAL H 39 -5.71 -82.05 0.63
N SER H 40 -5.52 -80.86 1.20
CA SER H 40 -4.29 -80.09 1.02
C SER H 40 -3.46 -80.18 2.29
N LEU H 41 -2.23 -80.69 2.16
CA LEU H 41 -1.37 -80.94 3.30
C LEU H 41 0.05 -80.45 2.99
N SER H 42 0.80 -80.16 4.06
CA SER H 42 2.17 -79.69 3.92
C SER H 42 3.08 -80.82 3.46
N GLN H 43 4.09 -80.48 2.67
CA GLN H 43 4.99 -81.49 2.13
C GLN H 43 5.77 -82.27 3.18
N PRO H 44 6.38 -81.65 4.20
CA PRO H 44 7.03 -82.48 5.24
C PRO H 44 6.06 -83.41 5.95
N LYS H 45 4.84 -82.93 6.23
CA LYS H 45 3.83 -83.82 6.79
C LYS H 45 3.39 -84.87 5.78
N MET H 46 3.37 -84.53 4.49
CA MET H 46 3.00 -85.49 3.46
C MET H 46 3.97 -86.65 3.41
N ASP H 47 5.28 -86.35 3.42
CA ASP H 47 6.26 -87.44 3.42
C ASP H 47 6.32 -88.15 4.77
N GLU H 48 6.02 -87.42 5.86
CA GLU H 48 5.90 -88.09 7.15
C GLU H 48 4.68 -88.99 7.19
N LEU H 49 3.65 -88.68 6.41
CA LEU H 49 2.43 -89.48 6.31
C LEU H 49 2.50 -90.49 5.17
N GLN H 50 3.66 -90.61 4.51
CA GLN H 50 3.86 -91.49 3.36
C GLN H 50 2.86 -91.17 2.25
N LEU H 51 2.96 -89.93 1.76
CA LEU H 51 2.08 -89.44 0.70
C LEU H 51 2.94 -88.96 -0.46
N PHE H 52 2.55 -89.35 -1.67
CA PHE H 52 3.24 -88.93 -2.89
C PHE H 52 2.63 -87.63 -3.39
N ARG H 53 2.97 -87.25 -4.63
CA ARG H 53 2.44 -86.01 -5.19
C ARG H 53 0.93 -86.06 -5.33
N GLY H 54 0.39 -87.20 -5.78
CA GLY H 54 -1.05 -87.34 -5.95
C GLY H 54 -1.60 -88.57 -5.26
N ASP H 55 -0.99 -88.95 -4.14
CA ASP H 55 -1.45 -90.12 -3.41
C ASP H 55 -2.82 -89.86 -2.78
N THR H 56 -3.63 -90.91 -2.70
CA THR H 56 -4.95 -90.81 -2.07
C THR H 56 -4.79 -90.97 -0.56
N VAL H 57 -5.36 -90.03 0.19
CA VAL H 57 -5.26 -90.01 1.64
C VAL H 57 -6.63 -90.33 2.22
N LEU H 58 -6.66 -91.29 3.15
CA LEU H 58 -7.90 -91.73 3.78
C LEU H 58 -8.00 -91.14 5.19
N LEU H 59 -9.21 -90.73 5.55
CA LEU H 59 -9.45 -90.03 6.81
C LEU H 59 -10.53 -90.74 7.60
N LYS H 60 -10.43 -90.61 8.93
CA LYS H 60 -11.43 -91.16 9.85
C LYS H 60 -11.93 -90.02 10.74
N GLY H 61 -13.24 -89.78 10.72
CA GLY H 61 -13.83 -88.69 11.46
C GLY H 61 -14.25 -89.09 12.86
N LYS H 62 -14.93 -88.16 13.52
CA LYS H 62 -15.41 -88.40 14.88
C LYS H 62 -16.52 -89.44 14.93
N LYS H 63 -17.24 -89.65 13.83
CA LYS H 63 -18.33 -90.61 13.77
C LYS H 63 -17.97 -91.71 12.77
N ARG H 64 -18.93 -92.60 12.51
CA ARG H 64 -18.72 -93.78 11.68
C ARG H 64 -18.87 -93.39 10.21
N ARG H 65 -17.83 -92.74 9.69
CA ARG H 65 -17.79 -92.37 8.29
C ARG H 65 -16.35 -92.09 7.89
N GLU H 66 -16.00 -92.47 6.66
CA GLU H 66 -14.66 -92.24 6.12
C GLU H 66 -14.79 -91.71 4.70
N ALA H 67 -13.75 -91.03 4.24
CA ALA H 67 -13.74 -90.46 2.89
C ALA H 67 -12.30 -90.38 2.39
N VAL H 68 -12.01 -91.15 1.35
CA VAL H 68 -10.69 -91.10 0.71
C VAL H 68 -10.64 -89.86 -0.20
N CYS H 69 -9.53 -89.13 -0.13
CA CYS H 69 -9.39 -87.88 -0.85
C CYS H 69 -8.02 -87.80 -1.51
N ILE H 70 -7.93 -86.94 -2.52
CA ILE H 70 -6.66 -86.68 -3.20
C ILE H 70 -5.83 -85.73 -2.34
N VAL H 71 -4.57 -86.09 -2.11
CA VAL H 71 -3.67 -85.21 -1.38
C VAL H 71 -3.24 -84.06 -2.28
N LEU H 72 -2.90 -82.94 -1.65
CA LEU H 72 -2.46 -81.74 -2.36
C LEU H 72 -1.32 -81.09 -1.59
N SER H 73 -0.34 -80.57 -2.32
CA SER H 73 0.85 -79.97 -1.73
C SER H 73 0.68 -78.45 -1.73
N ASP H 74 0.26 -77.91 -0.60
CA ASP H 74 0.13 -76.47 -0.42
C ASP H 74 1.15 -75.98 0.59
N ASP H 75 1.78 -74.85 0.29
CA ASP H 75 2.80 -74.27 1.16
C ASP H 75 2.23 -73.21 2.10
N THR H 76 0.90 -73.02 2.12
CA THR H 76 0.27 -72.02 2.95
C THR H 76 -0.19 -72.56 4.30
N CYS H 77 0.06 -73.85 4.59
CA CYS H 77 -0.36 -74.46 5.84
C CYS H 77 0.80 -75.23 6.44
N SER H 78 0.75 -75.41 7.75
CA SER H 78 1.78 -76.12 8.49
C SER H 78 1.50 -77.63 8.45
N ASP H 79 2.27 -78.40 9.22
CA ASP H 79 2.09 -79.84 9.24
C ASP H 79 0.79 -80.23 9.94
N GLU H 80 0.51 -79.63 11.10
CA GLU H 80 -0.69 -79.98 11.84
C GLU H 80 -1.95 -79.53 11.11
N LYS H 81 -1.90 -78.37 10.46
CA LYS H 81 -3.05 -77.85 9.73
C LYS H 81 -3.25 -78.66 8.45
N ILE H 82 -4.31 -79.47 8.41
CA ILE H 82 -4.69 -80.19 7.19
C ILE H 82 -5.93 -79.52 6.62
N ARG H 83 -5.84 -79.07 5.37
CA ARG H 83 -6.92 -78.32 4.76
C ARG H 83 -8.03 -79.25 4.29
N MET H 84 -9.27 -78.89 4.57
CA MET H 84 -10.41 -79.70 4.17
C MET H 84 -11.62 -78.80 3.90
N ASN H 85 -12.38 -79.15 2.87
CA ASN H 85 -13.58 -78.40 2.52
C ASN H 85 -14.72 -78.78 3.45
N ARG H 86 -15.82 -78.03 3.34
CA ARG H 86 -17.05 -78.40 4.06
C ARG H 86 -17.61 -79.71 3.55
N VAL H 87 -17.31 -80.06 2.29
CA VAL H 87 -17.80 -81.32 1.71
C VAL H 87 -17.23 -82.50 2.48
N VAL H 88 -15.94 -82.45 2.79
CA VAL H 88 -15.27 -83.53 3.50
C VAL H 88 -15.24 -83.22 4.99
N ARG H 89 -16.09 -82.30 5.43
CA ARG H 89 -16.26 -81.99 6.85
C ARG H 89 -17.63 -82.38 7.37
N ASN H 90 -18.69 -82.15 6.60
CA ASN H 90 -20.03 -82.53 7.03
C ASN H 90 -20.24 -84.04 7.00
N ASN H 91 -19.59 -84.73 6.05
CA ASN H 91 -19.68 -86.18 6.01
C ASN H 91 -18.84 -86.84 7.08
N LEU H 92 -17.70 -86.23 7.43
CA LEU H 92 -16.84 -86.75 8.49
C LEU H 92 -17.30 -86.36 9.88
N ARG H 93 -18.39 -85.58 9.98
CA ARG H 93 -18.93 -85.11 11.27
C ARG H 93 -17.89 -84.34 12.07
N VAL H 94 -17.02 -83.62 11.38
CA VAL H 94 -15.92 -82.88 11.99
C VAL H 94 -16.13 -81.40 11.70
N ARG H 95 -16.22 -80.60 12.76
CA ARG H 95 -16.35 -79.16 12.61
C ARG H 95 -14.97 -78.53 12.46
N LEU H 96 -14.96 -77.24 12.12
CA LEU H 96 -13.71 -76.52 11.90
C LEU H 96 -12.99 -76.32 13.23
N GLY H 97 -11.80 -76.92 13.36
CA GLY H 97 -11.04 -76.85 14.59
C GLY H 97 -11.15 -78.11 15.42
N ASP H 98 -11.20 -79.27 14.77
CA ASP H 98 -11.32 -80.55 15.44
C ASP H 98 -10.21 -81.47 14.97
N VAL H 99 -10.12 -82.63 15.62
CA VAL H 99 -9.05 -83.59 15.38
C VAL H 99 -9.53 -84.61 14.36
N ILE H 100 -8.73 -84.84 13.32
CA ILE H 100 -9.02 -85.79 12.26
C ILE H 100 -7.98 -86.90 12.28
N SER H 101 -8.44 -88.14 12.18
CA SER H 101 -7.58 -89.31 12.18
C SER H 101 -7.31 -89.75 10.74
N ILE H 102 -6.04 -90.03 10.44
CA ILE H 102 -5.60 -90.32 9.09
C ILE H 102 -4.87 -91.66 9.08
N GLN H 103 -5.21 -92.51 8.12
CA GLN H 103 -4.47 -93.76 7.90
C GLN H 103 -4.60 -94.18 6.43
N PRO H 104 -3.49 -94.24 5.70
CA PRO H 104 -3.54 -94.65 4.30
C PRO H 104 -3.85 -96.13 4.15
N CYS H 105 -4.46 -96.47 3.02
CA CYS H 105 -4.77 -97.85 2.67
C CYS H 105 -4.97 -97.96 1.16
N PRO H 106 -3.90 -98.12 0.38
CA PRO H 106 -4.04 -98.10 -1.08
C PRO H 106 -4.43 -99.44 -1.68
N ASP H 107 -5.57 -99.46 -2.38
CA ASP H 107 -6.02 -100.58 -3.19
C ASP H 107 -6.49 -100.05 -4.53
N VAL H 108 -6.38 -100.86 -5.59
CA VAL H 108 -6.78 -100.40 -6.92
C VAL H 108 -8.27 -100.09 -6.95
N LYS H 109 -9.10 -101.13 -6.83
CA LYS H 109 -10.56 -101.04 -6.65
C LYS H 109 -11.19 -99.96 -7.53
N TYR H 110 -11.05 -100.15 -8.84
CA TYR H 110 -11.74 -99.26 -9.79
C TYR H 110 -13.24 -99.54 -9.71
N GLY H 111 -14.03 -98.47 -9.54
CA GLY H 111 -15.45 -98.59 -9.28
C GLY H 111 -16.24 -99.34 -10.33
N LYS H 112 -17.10 -100.25 -9.89
CA LYS H 112 -17.94 -101.06 -10.76
C LYS H 112 -19.40 -100.77 -10.43
N ARG H 113 -20.04 -99.96 -11.26
CA ARG H 113 -21.47 -99.62 -11.14
C ARG H 113 -21.77 -99.01 -9.77
N ILE H 114 -21.18 -97.82 -9.56
CA ILE H 114 -21.40 -97.08 -8.31
C ILE H 114 -22.84 -96.58 -8.29
N HIS H 115 -23.30 -96.19 -7.10
CA HIS H 115 -24.71 -95.87 -6.86
C HIS H 115 -24.86 -94.47 -6.29
N VAL H 116 -24.21 -93.49 -6.93
CA VAL H 116 -24.41 -92.10 -6.56
C VAL H 116 -25.87 -91.73 -6.78
N LEU H 117 -26.47 -91.05 -5.81
CA LEU H 117 -27.89 -90.71 -5.83
C LEU H 117 -28.08 -89.24 -5.44
N PRO H 118 -29.12 -88.61 -5.97
CA PRO H 118 -29.40 -87.21 -5.61
C PRO H 118 -30.28 -87.10 -4.36
N ILE H 119 -30.35 -88.17 -3.58
CA ILE H 119 -31.34 -88.27 -2.49
C ILE H 119 -31.02 -87.18 -1.45
N ASP H 120 -31.85 -86.14 -1.43
CA ASP H 120 -31.68 -84.99 -0.55
C ASP H 120 -32.88 -84.04 -0.69
N ASP H 121 -32.89 -82.97 0.08
CA ASP H 121 -33.90 -81.94 -0.06
C ASP H 121 -33.49 -80.83 -1.03
N THR H 122 -32.27 -80.89 -1.58
CA THR H 122 -31.84 -79.88 -2.54
C THR H 122 -32.42 -80.10 -3.93
N VAL H 123 -32.87 -81.32 -4.24
CA VAL H 123 -33.44 -81.61 -5.56
C VAL H 123 -34.94 -81.34 -5.45
N GLU H 124 -35.30 -80.08 -5.63
CA GLU H 124 -36.69 -79.65 -5.63
C GLU H 124 -36.93 -78.82 -6.88
N GLY H 125 -37.86 -79.27 -7.73
CA GLY H 125 -38.15 -78.55 -8.95
C GLY H 125 -37.07 -78.62 -10.00
N ILE H 126 -36.16 -79.58 -9.90
CA ILE H 126 -35.10 -79.77 -10.89
C ILE H 126 -35.17 -81.20 -11.37
N THR H 127 -35.66 -81.41 -12.58
CA THR H 127 -35.85 -82.73 -13.16
C THR H 127 -35.02 -82.85 -14.43
N GLY H 128 -35.22 -83.95 -15.15
CA GLY H 128 -34.54 -84.18 -16.41
C GLY H 128 -33.32 -85.06 -16.28
N ASN H 129 -32.25 -84.72 -17.01
CA ASN H 129 -31.01 -85.49 -16.98
C ASN H 129 -30.00 -84.92 -15.99
N LEU H 130 -30.47 -84.33 -14.88
CA LEU H 130 -29.57 -83.79 -13.88
C LEU H 130 -28.66 -84.84 -13.27
N PHE H 131 -29.01 -86.12 -13.42
CA PHE H 131 -28.18 -87.20 -12.92
C PHE H 131 -26.85 -87.31 -13.65
N GLU H 132 -26.74 -86.79 -14.87
CA GLU H 132 -25.51 -86.94 -15.64
C GLU H 132 -25.02 -85.68 -16.36
N VAL H 133 -25.81 -84.60 -16.44
CA VAL H 133 -25.39 -83.47 -17.26
C VAL H 133 -24.21 -82.74 -16.63
N TYR H 134 -24.26 -82.49 -15.32
CA TYR H 134 -23.15 -81.85 -14.63
C TYR H 134 -22.30 -82.82 -13.81
N LEU H 135 -22.60 -84.12 -13.88
CA LEU H 135 -21.75 -85.12 -13.24
C LEU H 135 -20.66 -85.62 -14.16
N LYS H 136 -20.91 -85.67 -15.47
CA LYS H 136 -19.85 -86.05 -16.41
C LYS H 136 -18.65 -85.13 -16.37
N PRO H 137 -18.79 -83.79 -16.39
CA PRO H 137 -17.59 -82.94 -16.35
C PRO H 137 -16.83 -83.01 -15.03
N TYR H 138 -17.50 -83.35 -13.92
CA TYR H 138 -16.87 -83.33 -12.62
C TYR H 138 -16.75 -84.72 -12.01
N PHE H 139 -17.86 -85.44 -11.83
CA PHE H 139 -17.85 -86.72 -11.14
C PHE H 139 -17.25 -87.84 -11.99
N LEU H 140 -17.15 -87.64 -13.30
CA LEU H 140 -16.58 -88.62 -14.22
C LEU H 140 -15.28 -88.12 -14.83
N GLU H 141 -14.51 -87.35 -14.07
CA GLU H 141 -13.28 -86.77 -14.56
C GLU H 141 -12.23 -86.73 -13.45
N ALA H 142 -10.97 -86.63 -13.87
CA ALA H 142 -9.80 -86.48 -12.99
C ALA H 142 -9.57 -87.69 -12.09
N TYR H 143 -10.32 -88.78 -12.27
CA TYR H 143 -10.17 -90.01 -11.49
C TYR H 143 -10.25 -89.72 -10.00
N ARG H 144 -11.23 -88.91 -9.60
CA ARG H 144 -11.39 -88.57 -8.20
C ARG H 144 -11.88 -89.77 -7.40
N PRO H 145 -11.49 -89.88 -6.13
CA PRO H 145 -11.90 -91.03 -5.33
C PRO H 145 -13.35 -90.91 -4.88
N ILE H 146 -13.97 -92.08 -4.69
CA ILE H 146 -15.37 -92.17 -4.33
C ILE H 146 -15.50 -92.98 -3.05
N ARG H 147 -16.61 -92.75 -2.34
CA ARG H 147 -16.94 -93.49 -1.13
C ARG H 147 -18.45 -93.54 -1.00
N LYS H 148 -18.94 -94.55 -0.29
CA LYS H 148 -20.37 -94.73 -0.07
C LYS H 148 -20.74 -94.23 1.32
N GLY H 149 -21.99 -93.78 1.45
CA GLY H 149 -22.50 -93.28 2.71
C GLY H 149 -22.25 -91.81 2.97
N ASP H 150 -21.38 -91.17 2.20
CA ASP H 150 -21.08 -89.75 2.35
C ASP H 150 -21.70 -88.97 1.19
N ILE H 151 -21.69 -87.64 1.33
CA ILE H 151 -22.32 -86.74 0.37
C ILE H 151 -21.26 -85.78 -0.17
N PHE H 152 -21.18 -85.69 -1.49
CA PHE H 152 -20.37 -84.67 -2.14
C PHE H 152 -21.28 -83.62 -2.76
N LEU H 153 -20.67 -82.59 -3.34
CA LEU H 153 -21.42 -81.45 -3.87
C LEU H 153 -20.97 -81.17 -5.30
N VAL H 154 -21.94 -80.86 -6.16
CA VAL H 154 -21.67 -80.49 -7.55
C VAL H 154 -22.36 -79.16 -7.84
N ARG H 155 -21.62 -78.23 -8.41
CA ARG H 155 -22.12 -76.90 -8.73
C ARG H 155 -22.22 -76.76 -10.24
N GLY H 156 -23.45 -76.71 -10.75
CA GLY H 156 -23.67 -76.55 -12.17
C GLY H 156 -25.08 -76.12 -12.45
N GLY H 157 -25.26 -75.43 -13.57
CA GLY H 157 -26.57 -74.97 -13.98
C GLY H 157 -27.24 -74.06 -12.96
N MET H 158 -26.48 -73.17 -12.35
CA MET H 158 -26.94 -72.29 -11.27
C MET H 158 -27.51 -73.06 -10.09
N ARG H 159 -27.08 -74.31 -9.89
CA ARG H 159 -27.59 -75.16 -8.82
C ARG H 159 -26.43 -75.87 -8.13
N ALA H 160 -26.43 -75.81 -6.79
CA ALA H 160 -25.48 -76.57 -5.98
C ALA H 160 -26.23 -77.76 -5.40
N VAL H 161 -25.94 -78.95 -5.91
CA VAL H 161 -26.69 -80.16 -5.59
C VAL H 161 -25.80 -81.07 -4.74
N GLU H 162 -26.36 -81.57 -3.65
CA GLU H 162 -25.68 -82.52 -2.77
C GLU H 162 -26.04 -83.93 -3.20
N PHE H 163 -25.06 -84.68 -3.66
CA PHE H 163 -25.24 -86.04 -4.15
C PHE H 163 -24.66 -87.03 -3.15
N LYS H 164 -25.46 -88.01 -2.75
CA LYS H 164 -25.01 -89.11 -1.90
C LYS H 164 -24.75 -90.35 -2.75
N VAL H 165 -23.81 -91.16 -2.30
CA VAL H 165 -23.45 -92.40 -2.99
C VAL H 165 -23.73 -93.56 -2.04
N VAL H 166 -24.42 -94.58 -2.55
CA VAL H 166 -24.88 -95.69 -1.72
C VAL H 166 -23.96 -96.90 -1.80
N GLU H 167 -23.54 -97.28 -3.02
CA GLU H 167 -22.68 -98.43 -3.21
C GLU H 167 -21.48 -98.04 -4.07
N THR H 168 -20.28 -98.34 -3.58
CA THR H 168 -19.02 -98.12 -4.30
C THR H 168 -18.14 -99.36 -4.21
N ASP H 169 -18.74 -100.52 -4.48
CA ASP H 169 -18.11 -101.85 -4.41
C ASP H 169 -17.81 -102.22 -2.96
N PRO H 170 -17.67 -103.51 -2.62
CA PRO H 170 -17.41 -103.87 -1.22
C PRO H 170 -15.99 -103.52 -0.77
N SER H 171 -15.74 -102.22 -0.62
CA SER H 171 -14.45 -101.72 -0.17
C SER H 171 -14.64 -100.30 0.34
N PRO H 172 -13.93 -99.91 1.40
CA PRO H 172 -13.95 -98.52 1.86
C PRO H 172 -13.10 -97.56 1.05
N TYR H 173 -12.56 -98.02 -0.08
CA TYR H 173 -11.70 -97.23 -0.95
C TYR H 173 -12.16 -97.44 -2.38
N CYS H 174 -12.62 -96.38 -3.03
CA CYS H 174 -13.12 -96.48 -4.39
C CYS H 174 -12.63 -95.30 -5.22
N ILE H 175 -12.29 -95.56 -6.48
CA ILE H 175 -11.89 -94.54 -7.44
C ILE H 175 -12.84 -94.62 -8.62
N VAL H 176 -13.24 -93.44 -9.13
CA VAL H 176 -14.15 -93.41 -10.27
C VAL H 176 -13.46 -93.96 -11.51
N ALA H 177 -14.26 -94.56 -12.40
CA ALA H 177 -13.76 -95.24 -13.57
C ALA H 177 -14.84 -95.18 -14.65
N PRO H 178 -14.48 -95.38 -15.92
CA PRO H 178 -15.50 -95.36 -16.99
C PRO H 178 -16.59 -96.41 -16.82
N ASP H 179 -16.35 -97.49 -16.09
CA ASP H 179 -17.35 -98.52 -15.86
C ASP H 179 -18.16 -98.28 -14.59
N THR H 180 -18.03 -97.11 -13.97
CA THR H 180 -18.83 -96.80 -12.79
C THR H 180 -20.30 -96.58 -13.13
N VAL H 181 -20.62 -96.32 -14.40
CA VAL H 181 -21.98 -96.33 -14.93
C VAL H 181 -22.84 -95.20 -14.35
N ILE H 182 -22.76 -94.99 -13.04
CA ILE H 182 -23.55 -94.01 -12.28
C ILE H 182 -25.04 -94.12 -12.63
N HIS H 183 -25.51 -95.36 -12.79
CA HIS H 183 -26.88 -95.67 -13.17
C HIS H 183 -27.89 -94.89 -12.33
N CYS H 184 -28.99 -94.52 -12.97
CA CYS H 184 -29.96 -93.58 -12.39
C CYS H 184 -30.95 -94.32 -11.49
N GLU H 185 -30.94 -93.99 -10.20
CA GLU H 185 -31.92 -94.49 -9.25
C GLU H 185 -32.33 -93.37 -8.30
N GLY H 186 -32.61 -92.19 -8.87
CA GLY H 186 -32.91 -91.04 -8.05
C GLY H 186 -34.20 -91.20 -7.26
N GLU H 187 -34.21 -90.63 -6.06
CA GLU H 187 -35.33 -90.74 -5.14
C GLU H 187 -35.42 -89.46 -4.32
N PRO H 188 -36.60 -89.14 -3.79
CA PRO H 188 -36.72 -87.95 -2.93
C PRO H 188 -36.43 -88.24 -1.46
N ILE H 189 -35.70 -89.35 -1.21
CA ILE H 189 -35.42 -89.79 0.15
C ILE H 189 -34.81 -88.66 0.97
N LYS H 190 -35.38 -88.44 2.16
CA LYS H 190 -34.97 -87.33 3.01
C LYS H 190 -33.57 -87.56 3.58
N ARG H 191 -32.90 -86.46 3.91
CA ARG H 191 -31.59 -86.51 4.54
C ARG H 191 -31.71 -86.81 6.03
N GLU H 192 -30.58 -87.18 6.63
CA GLU H 192 -30.52 -87.43 8.06
C GLU H 192 -29.98 -86.21 8.80
N ASP H 193 -30.30 -86.13 10.09
CA ASP H 193 -29.89 -84.98 10.90
C ASP H 193 -28.38 -84.95 11.14
N GLU H 194 -27.70 -86.09 11.01
CA GLU H 194 -26.26 -86.10 11.21
C GLU H 194 -25.53 -85.27 10.17
N GLU H 195 -25.97 -85.37 8.91
CA GLU H 195 -25.36 -84.60 7.83
C GLU H 195 -25.77 -83.13 7.92
N GLU H 196 -24.85 -82.25 7.57
CA GLU H 196 -25.09 -80.82 7.56
C GLU H 196 -25.36 -80.35 6.14
N SER H 197 -26.36 -79.48 5.99
CA SER H 197 -26.75 -78.99 4.67
C SER H 197 -25.67 -78.09 4.12
N LEU H 198 -25.11 -78.46 2.97
CA LEU H 198 -24.10 -77.64 2.31
C LEU H 198 -24.70 -76.35 1.74
N ASN H 199 -26.01 -76.34 1.47
CA ASN H 199 -26.67 -75.10 1.06
C ASN H 199 -26.66 -74.08 2.20
N GLU H 200 -26.67 -74.55 3.44
CA GLU H 200 -26.56 -73.65 4.59
C GLU H 200 -25.18 -73.00 4.61
N VAL H 201 -25.11 -71.78 5.15
CA VAL H 201 -23.90 -70.98 5.05
C VAL H 201 -22.79 -71.57 5.92
N GLY H 202 -21.57 -71.14 5.63
CA GLY H 202 -20.40 -71.58 6.35
C GLY H 202 -19.25 -70.64 6.11
N TYR H 203 -18.04 -71.10 6.50
CA TYR H 203 -16.85 -70.27 6.34
C TYR H 203 -16.59 -69.95 4.87
N ASP H 204 -16.86 -70.89 3.98
CA ASP H 204 -16.59 -70.68 2.56
C ASP H 204 -17.54 -69.68 1.92
N ASP H 205 -18.60 -69.28 2.61
CA ASP H 205 -19.59 -68.37 2.04
C ASP H 205 -19.26 -66.89 2.29
N ILE H 206 -18.14 -66.59 2.92
CA ILE H 206 -17.64 -65.22 3.05
C ILE H 206 -16.27 -65.17 2.41
N GLY H 207 -16.10 -64.23 1.47
CA GLY H 207 -14.82 -64.08 0.82
C GLY H 207 -14.23 -62.69 1.00
N GLY H 208 -15.09 -61.70 1.20
CA GLY H 208 -14.60 -60.33 1.29
C GLY H 208 -13.92 -59.98 2.59
N CYS H 209 -13.96 -60.87 3.58
CA CYS H 209 -13.37 -60.61 4.89
C CYS H 209 -12.49 -61.79 5.28
N ARG H 210 -11.19 -61.53 5.39
CA ARG H 210 -10.23 -62.54 5.83
C ARG H 210 -9.72 -62.29 7.24
N LYS H 211 -9.18 -61.10 7.51
CA LYS H 211 -8.74 -60.77 8.86
C LYS H 211 -9.92 -60.67 9.81
N GLN H 212 -11.01 -60.03 9.37
CA GLN H 212 -12.18 -59.83 10.23
C GLN H 212 -12.90 -61.14 10.53
N LEU H 213 -12.89 -62.09 9.60
CA LEU H 213 -13.46 -63.41 9.86
C LEU H 213 -12.58 -64.22 10.80
N ALA H 214 -11.25 -64.15 10.60
CA ALA H 214 -10.33 -64.85 11.50
C ALA H 214 -10.39 -64.28 12.91
N GLN H 215 -10.67 -62.98 13.04
CA GLN H 215 -10.83 -62.39 14.36
C GLN H 215 -11.99 -63.03 15.12
N ILE H 216 -13.14 -63.16 14.46
CA ILE H 216 -14.29 -63.82 15.09
C ILE H 216 -14.00 -65.29 15.32
N LYS H 217 -13.27 -65.93 14.42
CA LYS H 217 -12.90 -67.33 14.60
C LYS H 217 -12.10 -67.52 15.88
N GLU H 218 -11.03 -66.73 16.05
CA GLU H 218 -10.24 -66.81 17.28
C GLU H 218 -11.05 -66.39 18.50
N MET H 219 -12.00 -65.46 18.31
CA MET H 219 -12.80 -64.99 19.43
C MET H 219 -13.73 -66.06 19.98
N VAL H 220 -14.40 -66.81 19.10
CA VAL H 220 -15.51 -67.65 19.51
C VAL H 220 -15.25 -69.15 19.30
N GLU H 221 -14.09 -69.54 18.78
CA GLU H 221 -13.82 -70.97 18.61
C GLU H 221 -13.61 -71.65 19.95
N LEU H 222 -12.76 -71.06 20.81
CA LEU H 222 -12.48 -71.67 22.11
C LEU H 222 -13.71 -71.69 23.02
N PRO H 223 -14.46 -70.59 23.20
CA PRO H 223 -15.63 -70.65 24.09
C PRO H 223 -16.72 -71.62 23.62
N LEU H 224 -16.87 -71.82 22.31
CA LEU H 224 -17.94 -72.66 21.79
C LEU H 224 -17.55 -74.14 21.68
N ARG H 225 -16.39 -74.42 21.09
CA ARG H 225 -15.98 -75.81 20.90
C ARG H 225 -15.65 -76.47 22.24
N HIS H 226 -15.01 -75.74 23.15
CA HIS H 226 -14.59 -76.28 24.44
C HIS H 226 -15.07 -75.37 25.56
N PRO H 227 -16.36 -75.43 25.90
CA PRO H 227 -16.84 -74.68 27.07
C PRO H 227 -16.35 -75.26 28.39
N ALA H 228 -15.95 -76.53 28.41
CA ALA H 228 -15.45 -77.14 29.64
C ALA H 228 -14.15 -76.48 30.10
N LEU H 229 -13.30 -76.07 29.16
CA LEU H 229 -12.08 -75.37 29.53
C LEU H 229 -12.39 -74.04 30.22
N PHE H 230 -13.38 -73.30 29.70
CA PHE H 230 -13.75 -72.04 30.32
C PHE H 230 -14.41 -72.26 31.67
N LYS H 231 -15.22 -73.32 31.80
CA LYS H 231 -15.80 -73.65 33.10
C LYS H 231 -14.73 -74.05 34.09
N ALA H 232 -13.64 -74.65 33.60
CA ALA H 232 -12.56 -75.09 34.48
C ALA H 232 -11.63 -73.94 34.83
N ILE H 233 -11.02 -73.32 33.83
CA ILE H 233 -10.03 -72.27 34.06
C ILE H 233 -10.76 -70.95 34.26
N GLY H 234 -10.40 -70.23 35.33
CA GLY H 234 -11.03 -68.95 35.57
C GLY H 234 -10.61 -67.92 34.54
N VAL H 235 -11.51 -67.64 33.59
CA VAL H 235 -11.29 -66.70 32.50
C VAL H 235 -12.58 -65.92 32.33
N LYS H 236 -12.49 -64.78 31.64
CA LYS H 236 -13.65 -64.01 31.26
C LYS H 236 -13.98 -64.30 29.80
N PRO H 237 -14.90 -65.22 29.52
CA PRO H 237 -15.18 -65.61 28.13
C PRO H 237 -15.78 -64.47 27.35
N PRO H 238 -15.51 -64.38 26.05
CA PRO H 238 -16.16 -63.36 25.22
C PRO H 238 -17.66 -63.61 25.11
N ARG H 239 -18.45 -62.75 25.75
CA ARG H 239 -19.91 -62.84 25.72
C ARG H 239 -20.43 -61.49 25.22
N GLY H 240 -20.48 -61.36 23.90
CA GLY H 240 -20.92 -60.13 23.28
C GLY H 240 -20.00 -59.71 22.15
N ILE H 241 -20.56 -59.57 20.95
CA ILE H 241 -19.82 -59.13 19.77
C ILE H 241 -20.57 -57.97 19.15
N LEU H 242 -19.83 -57.02 18.58
CA LEU H 242 -20.39 -55.78 18.05
C LEU H 242 -19.99 -55.61 16.59
N LEU H 243 -20.24 -56.64 15.78
CA LEU H 243 -20.00 -56.56 14.34
C LEU H 243 -20.73 -55.36 13.76
N TYR H 244 -19.99 -54.37 13.29
CA TYR H 244 -20.61 -53.17 12.73
C TYR H 244 -20.04 -52.92 11.34
N GLY H 245 -20.88 -52.33 10.49
CA GLY H 245 -20.52 -52.06 9.12
C GLY H 245 -21.74 -51.65 8.33
N PRO H 246 -21.56 -51.23 7.08
CA PRO H 246 -22.69 -50.82 6.26
C PRO H 246 -23.63 -51.99 6.05
N PRO H 247 -24.92 -51.71 5.88
CA PRO H 247 -25.89 -52.80 5.68
C PRO H 247 -25.61 -53.59 4.42
N GLY H 248 -25.87 -54.89 4.48
CA GLY H 248 -25.62 -55.76 3.36
C GLY H 248 -24.19 -56.23 3.23
N THR H 249 -23.39 -56.12 4.28
CA THR H 249 -21.98 -56.51 4.23
C THR H 249 -21.75 -57.94 4.69
N GLY H 250 -22.80 -58.65 5.10
CA GLY H 250 -22.67 -60.02 5.51
C GLY H 250 -22.51 -60.27 7.00
N LYS H 251 -22.87 -59.31 7.85
CA LYS H 251 -22.77 -59.52 9.28
C LYS H 251 -23.69 -60.65 9.73
N THR H 252 -24.93 -60.67 9.24
CA THR H 252 -25.82 -61.79 9.51
C THR H 252 -25.28 -63.08 8.91
N LEU H 253 -24.74 -62.99 7.68
CA LEU H 253 -24.14 -64.16 7.05
C LEU H 253 -22.97 -64.68 7.85
N ILE H 254 -22.12 -63.78 8.35
CA ILE H 254 -20.96 -64.19 9.14
C ILE H 254 -21.41 -64.82 10.46
N ALA H 255 -22.44 -64.24 11.10
CA ALA H 255 -22.94 -64.80 12.34
C ALA H 255 -23.51 -66.20 12.14
N ARG H 256 -24.31 -66.38 11.09
CA ARG H 256 -24.84 -67.72 10.82
C ARG H 256 -23.71 -68.69 10.47
N ALA H 257 -22.71 -68.23 9.71
CA ALA H 257 -21.58 -69.05 9.30
C ALA H 257 -20.79 -69.54 10.50
N VAL H 258 -20.15 -68.63 11.24
CA VAL H 258 -19.55 -69.09 12.48
C VAL H 258 -20.56 -68.87 13.60
N ALA H 259 -21.70 -69.53 13.48
CA ALA H 259 -22.50 -70.05 14.58
C ALA H 259 -23.05 -71.43 14.32
N ASN H 260 -23.17 -71.85 13.05
CA ASN H 260 -23.59 -73.19 12.69
C ASN H 260 -22.40 -74.11 12.40
N GLU H 261 -21.36 -73.60 11.75
CA GLU H 261 -20.18 -74.42 11.47
C GLU H 261 -19.39 -74.68 12.74
N THR H 262 -19.23 -73.66 13.58
CA THR H 262 -18.49 -73.81 14.84
C THR H 262 -19.41 -74.32 15.95
N GLY H 263 -20.52 -73.63 16.19
CA GLY H 263 -21.49 -74.02 17.18
C GLY H 263 -22.53 -74.99 16.63
N ALA H 264 -23.65 -75.08 17.34
CA ALA H 264 -24.74 -75.96 16.93
C ALA H 264 -26.10 -75.29 16.89
N PHE H 265 -26.31 -74.20 17.61
CA PHE H 265 -27.59 -73.49 17.61
C PHE H 265 -27.32 -72.02 17.36
N PHE H 266 -28.08 -71.43 16.45
CA PHE H 266 -27.94 -70.02 16.07
C PHE H 266 -29.30 -69.35 16.12
N PHE H 267 -29.43 -68.35 16.99
CA PHE H 267 -30.67 -67.60 17.14
C PHE H 267 -30.58 -66.30 16.36
N LEU H 268 -31.67 -65.97 15.66
CA LEU H 268 -31.68 -64.86 14.71
C LEU H 268 -32.89 -63.96 14.98
N ILE H 269 -33.02 -63.50 16.23
CA ILE H 269 -34.02 -62.49 16.53
C ILE H 269 -33.78 -61.28 15.64
N ASN H 270 -34.85 -60.78 15.03
CA ASN H 270 -34.71 -59.84 13.91
C ASN H 270 -34.19 -58.49 14.36
N GLY H 271 -34.55 -58.05 15.57
CA GLY H 271 -34.35 -56.68 15.98
C GLY H 271 -35.61 -55.84 15.85
N PRO H 272 -36.05 -55.55 14.62
CA PRO H 272 -37.38 -54.93 14.45
C PRO H 272 -38.50 -55.80 14.98
N GLU H 273 -38.33 -57.12 15.03
CA GLU H 273 -39.36 -57.98 15.60
C GLU H 273 -39.58 -57.67 17.08
N ILE H 274 -38.51 -57.46 17.83
CA ILE H 274 -38.63 -57.13 19.24
C ILE H 274 -39.01 -55.67 19.45
N MET H 275 -38.71 -54.78 18.50
CA MET H 275 -39.14 -53.39 18.59
C MET H 275 -40.58 -53.21 18.11
N SER H 276 -41.17 -54.23 17.51
CA SER H 276 -42.48 -54.13 16.86
C SER H 276 -43.62 -54.71 17.68
N LYS H 277 -43.36 -55.75 18.47
CA LYS H 277 -44.42 -56.43 19.18
C LYS H 277 -44.97 -55.55 20.31
N LEU H 278 -46.01 -56.05 20.97
CA LEU H 278 -46.78 -55.26 21.94
C LEU H 278 -46.10 -55.21 23.30
N ALA H 279 -44.91 -54.58 23.32
CA ALA H 279 -44.18 -54.27 24.54
C ALA H 279 -43.91 -55.51 25.39
N GLY H 280 -44.91 -55.91 26.19
CA GLY H 280 -44.71 -57.04 27.09
C GLY H 280 -44.42 -58.34 26.35
N GLU H 281 -45.13 -58.58 25.24
CA GLU H 281 -44.86 -59.78 24.46
C GLU H 281 -43.48 -59.71 23.80
N SER H 282 -43.07 -58.51 23.39
CA SER H 282 -41.74 -58.34 22.81
C SER H 282 -40.66 -58.66 23.84
N GLU H 283 -40.81 -58.16 25.06
CA GLU H 283 -39.83 -58.45 26.11
C GLU H 283 -39.88 -59.92 26.50
N SER H 284 -41.07 -60.54 26.45
CA SER H 284 -41.16 -61.97 26.69
C SER H 284 -40.39 -62.76 25.64
N ASN H 285 -40.50 -62.36 24.37
CA ASN H 285 -39.72 -63.01 23.32
C ASN H 285 -38.22 -62.77 23.52
N LEU H 286 -37.85 -61.56 23.94
CA LEU H 286 -36.44 -61.29 24.22
C LEU H 286 -35.90 -62.18 25.33
N ARG H 287 -36.67 -62.36 26.40
CA ARG H 287 -36.25 -63.27 27.47
C ARG H 287 -36.21 -64.72 26.98
N LYS H 288 -37.21 -65.12 26.18
CA LYS H 288 -37.33 -66.52 25.79
C LYS H 288 -36.25 -66.92 24.79
N ALA H 289 -35.82 -66.00 23.92
CA ALA H 289 -34.72 -66.31 23.02
C ALA H 289 -33.44 -66.59 23.81
N PHE H 290 -33.14 -65.76 24.81
CA PHE H 290 -31.98 -65.98 25.65
C PHE H 290 -32.11 -67.29 26.42
N GLU H 291 -33.31 -67.58 26.92
CA GLU H 291 -33.54 -68.82 27.67
C GLU H 291 -33.31 -70.04 26.79
N GLU H 292 -33.91 -70.06 25.60
CA GLU H 292 -33.74 -71.19 24.69
C GLU H 292 -32.30 -71.31 24.22
N ALA H 293 -31.58 -70.20 24.12
CA ALA H 293 -30.16 -70.26 23.82
C ALA H 293 -29.38 -70.92 24.95
N GLU H 294 -29.73 -70.59 26.20
CA GLU H 294 -29.03 -71.17 27.34
C GLU H 294 -29.64 -72.50 27.79
N LYS H 295 -30.78 -72.89 27.22
CA LYS H 295 -31.40 -74.16 27.61
C LYS H 295 -31.01 -75.29 26.69
N ASN H 296 -30.85 -75.02 25.39
CA ASN H 296 -30.62 -76.09 24.42
C ASN H 296 -29.17 -76.56 24.44
N ALA H 297 -28.23 -75.66 24.12
CA ALA H 297 -26.82 -75.98 24.01
C ALA H 297 -26.02 -74.68 23.91
N PRO H 298 -24.68 -74.73 24.02
CA PRO H 298 -23.89 -73.53 23.71
C PRO H 298 -24.24 -72.95 22.35
N ALA H 299 -24.85 -71.77 22.34
CA ALA H 299 -25.44 -71.19 21.15
C ALA H 299 -24.95 -69.75 20.97
N ILE H 300 -25.39 -69.13 19.88
CA ILE H 300 -25.03 -67.76 19.55
C ILE H 300 -26.32 -66.99 19.31
N ILE H 301 -26.53 -65.93 20.09
CA ILE H 301 -27.66 -65.04 19.92
C ILE H 301 -27.23 -63.88 19.03
N PHE H 302 -27.96 -63.65 17.95
CA PHE H 302 -27.63 -62.61 16.99
C PHE H 302 -28.69 -61.53 17.02
N ILE H 303 -28.27 -60.30 17.30
CA ILE H 303 -29.15 -59.13 17.29
C ILE H 303 -28.82 -58.37 16.01
N ASP H 304 -29.63 -58.59 14.97
CA ASP H 304 -29.36 -58.01 13.66
C ASP H 304 -29.49 -56.50 13.63
N GLU H 305 -30.27 -55.92 14.54
CA GLU H 305 -30.55 -54.49 14.53
C GLU H 305 -30.41 -53.93 15.94
N LEU H 306 -29.28 -54.21 16.60
CA LEU H 306 -29.02 -53.65 17.92
C LEU H 306 -29.06 -52.12 17.89
N ASP H 307 -28.76 -51.51 16.75
CA ASP H 307 -28.95 -50.08 16.61
C ASP H 307 -30.42 -49.68 16.71
N ALA H 308 -31.32 -50.55 16.26
CA ALA H 308 -32.75 -50.26 16.35
C ALA H 308 -33.31 -50.60 17.72
N ILE H 309 -32.92 -51.75 18.29
CA ILE H 309 -33.39 -52.13 19.61
C ILE H 309 -32.87 -51.16 20.67
N ALA H 310 -31.59 -50.82 20.58
CA ALA H 310 -30.93 -49.98 21.58
C ALA H 310 -30.24 -48.80 20.90
N PRO H 311 -30.99 -47.78 20.51
CA PRO H 311 -30.37 -46.55 20.01
C PRO H 311 -29.85 -45.70 21.16
N LYS H 312 -29.38 -44.48 20.86
CA LYS H 312 -28.94 -43.57 21.91
C LYS H 312 -30.09 -43.26 22.87
N ARG H 313 -29.97 -43.72 24.12
CA ARG H 313 -31.03 -43.52 25.09
C ARG H 313 -31.24 -42.05 25.42
N GLU H 314 -30.19 -41.24 25.31
CA GLU H 314 -30.30 -39.82 25.62
C GLU H 314 -31.24 -39.11 24.66
N LYS H 315 -31.21 -39.46 23.38
CA LYS H 315 -32.02 -38.80 22.37
C LYS H 315 -33.39 -39.44 22.18
N THR H 316 -33.67 -40.55 22.87
CA THR H 316 -34.98 -41.18 22.76
C THR H 316 -36.05 -40.32 23.44
N HIS H 317 -37.26 -40.37 22.88
CA HIS H 317 -38.39 -39.61 23.40
C HIS H 317 -39.29 -40.44 24.29
N GLY H 318 -39.77 -41.58 23.78
CA GLY H 318 -40.59 -42.46 24.58
C GLY H 318 -39.81 -43.14 25.68
N GLU H 319 -40.54 -43.65 26.67
CA GLU H 319 -39.92 -44.35 27.79
C GLU H 319 -40.03 -45.86 27.70
N VAL H 320 -41.02 -46.38 26.97
CA VAL H 320 -41.09 -47.83 26.77
C VAL H 320 -39.91 -48.30 25.93
N GLU H 321 -39.44 -47.47 24.99
CA GLU H 321 -38.19 -47.79 24.31
C GLU H 321 -37.00 -47.67 25.26
N ARG H 322 -37.04 -46.73 26.20
CA ARG H 322 -36.02 -46.69 27.25
C ARG H 322 -36.08 -47.94 28.11
N ARG H 323 -37.30 -48.42 28.39
CA ARG H 323 -37.44 -49.68 29.10
C ARG H 323 -36.85 -50.84 28.31
N ILE H 324 -37.04 -50.84 26.99
CA ILE H 324 -36.46 -51.89 26.15
C ILE H 324 -34.93 -51.85 26.21
N VAL H 325 -34.38 -50.65 26.09
CA VAL H 325 -32.91 -50.50 26.12
C VAL H 325 -32.36 -50.95 27.46
N SER H 326 -33.00 -50.54 28.56
CA SER H 326 -32.51 -50.89 29.88
C SER H 326 -32.68 -52.38 30.15
N GLN H 327 -33.77 -52.99 29.67
CA GLN H 327 -33.96 -54.43 29.83
C GLN H 327 -32.92 -55.20 29.05
N LEU H 328 -32.58 -54.74 27.84
CA LEU H 328 -31.51 -55.37 27.08
C LEU H 328 -30.17 -55.24 27.81
N LEU H 329 -29.92 -54.06 28.39
CA LEU H 329 -28.69 -53.86 29.15
C LEU H 329 -28.61 -54.80 30.35
N THR H 330 -29.70 -54.94 31.08
CA THR H 330 -29.71 -55.82 32.25
C THR H 330 -29.62 -57.29 31.84
N LEU H 331 -30.24 -57.66 30.72
CA LEU H 331 -30.11 -59.03 30.24
C LEU H 331 -28.67 -59.34 29.84
N MET H 332 -28.00 -58.39 29.19
CA MET H 332 -26.60 -58.60 28.80
C MET H 332 -25.69 -58.64 30.03
N ASP H 333 -25.96 -57.79 31.03
CA ASP H 333 -25.18 -57.82 32.25
C ASP H 333 -25.39 -59.13 33.00
N GLY H 334 -26.62 -59.64 33.03
CA GLY H 334 -26.90 -60.93 33.63
C GLY H 334 -26.56 -62.12 32.76
N LEU H 335 -26.10 -61.87 31.53
CA LEU H 335 -25.65 -62.93 30.64
C LEU H 335 -24.22 -63.35 30.91
N LYS H 336 -23.63 -62.87 32.01
CA LYS H 336 -22.29 -63.32 32.40
C LYS H 336 -22.27 -64.79 32.80
N GLN H 337 -23.44 -65.39 33.02
CA GLN H 337 -23.54 -66.78 33.44
C GLN H 337 -23.52 -67.71 32.23
N ARG H 338 -23.52 -69.01 32.53
CA ARG H 338 -23.60 -70.14 31.61
C ARG H 338 -22.30 -70.35 30.84
N ALA H 339 -21.41 -69.36 30.87
CA ALA H 339 -20.04 -69.47 30.36
C ALA H 339 -19.92 -70.00 28.93
N HIS H 340 -21.03 -70.10 28.19
CA HIS H 340 -20.94 -70.69 26.86
C HIS H 340 -21.85 -70.04 25.82
N VAL H 341 -22.47 -68.89 26.09
CA VAL H 341 -23.42 -68.27 25.17
C VAL H 341 -22.79 -66.99 24.64
N ILE H 342 -22.55 -66.96 23.34
CA ILE H 342 -22.06 -65.75 22.68
C ILE H 342 -23.26 -64.96 22.17
N VAL H 343 -23.14 -63.63 22.19
CA VAL H 343 -24.23 -62.74 21.80
C VAL H 343 -23.68 -61.77 20.76
N MET H 344 -23.87 -62.11 19.48
CA MET H 344 -23.44 -61.23 18.41
C MET H 344 -24.49 -60.14 18.16
N ALA H 345 -24.01 -58.95 17.83
CA ALA H 345 -24.88 -57.81 17.56
C ALA H 345 -24.43 -57.12 16.29
N ALA H 346 -25.39 -56.76 15.43
CA ALA H 346 -25.11 -56.10 14.16
C ALA H 346 -25.64 -54.69 14.19
N THR H 347 -24.89 -53.78 13.57
CA THR H 347 -25.26 -52.37 13.50
C THR H 347 -24.50 -51.74 12.35
N ASN H 348 -24.81 -50.47 12.06
CA ASN H 348 -24.17 -49.77 10.97
C ASN H 348 -22.94 -48.98 11.41
N ARG H 349 -22.87 -48.58 12.67
CA ARG H 349 -21.75 -47.80 13.17
C ARG H 349 -21.75 -47.87 14.69
N PRO H 350 -20.59 -47.77 15.35
CA PRO H 350 -20.57 -47.88 16.81
C PRO H 350 -20.93 -46.59 17.53
N ASN H 351 -20.84 -45.44 16.87
CA ASN H 351 -21.16 -44.16 17.49
C ASN H 351 -22.65 -43.83 17.42
N SER H 352 -23.49 -44.80 17.04
CA SER H 352 -24.93 -44.61 17.04
C SER H 352 -25.64 -45.38 18.15
N ILE H 353 -25.01 -46.41 18.70
CA ILE H 353 -25.56 -47.13 19.84
C ILE H 353 -25.33 -46.30 21.10
N ASP H 354 -26.26 -46.42 22.05
CA ASP H 354 -26.12 -45.74 23.33
C ASP H 354 -24.80 -46.15 24.00
N PRO H 355 -24.04 -45.21 24.57
CA PRO H 355 -22.75 -45.58 25.17
C PRO H 355 -22.89 -46.36 26.48
N ALA H 356 -23.70 -47.42 26.43
CA ALA H 356 -23.81 -48.38 27.52
C ALA H 356 -23.74 -49.83 27.07
N LEU H 357 -24.01 -50.12 25.80
CA LEU H 357 -23.81 -51.43 25.21
C LEU H 357 -22.36 -51.67 24.79
N ARG H 358 -21.44 -50.82 25.24
CA ARG H 358 -20.01 -51.00 24.99
C ARG H 358 -19.23 -51.24 26.27
N ARG H 359 -19.91 -51.47 27.38
CA ARG H 359 -19.26 -51.70 28.66
C ARG H 359 -18.68 -53.11 28.71
N PHE H 360 -17.91 -53.38 29.77
CA PHE H 360 -17.29 -54.68 29.93
C PHE H 360 -18.33 -55.78 30.06
N GLY H 361 -18.15 -56.85 29.31
CA GLY H 361 -19.08 -57.97 29.31
C GLY H 361 -20.29 -57.79 28.43
N ARG H 362 -20.47 -56.63 27.80
CA ARG H 362 -21.61 -56.34 26.94
C ARG H 362 -21.07 -55.73 25.65
N PHE H 363 -20.83 -56.56 24.64
CA PHE H 363 -20.35 -56.14 23.32
C PHE H 363 -19.08 -55.29 23.45
N ASP H 364 -18.17 -55.75 24.31
CA ASP H 364 -16.92 -55.02 24.52
C ASP H 364 -15.96 -55.15 23.36
N ARG H 365 -16.19 -56.09 22.46
CA ARG H 365 -15.29 -56.35 21.33
C ARG H 365 -15.95 -55.90 20.04
N GLU H 366 -15.28 -55.01 19.31
CA GLU H 366 -15.74 -54.53 18.02
C GLU H 366 -14.87 -55.13 16.93
N VAL H 367 -15.51 -55.76 15.95
CA VAL H 367 -14.84 -56.57 14.94
C VAL H 367 -15.16 -56.04 13.55
N ASP H 368 -15.22 -54.71 13.43
CA ASP H 368 -15.73 -53.97 12.27
C ASP H 368 -15.46 -54.63 10.93
N ILE H 369 -16.51 -54.78 10.13
CA ILE H 369 -16.44 -55.50 8.86
C ILE H 369 -15.95 -54.60 7.74
N GLY H 370 -16.59 -53.45 7.54
CA GLY H 370 -16.18 -52.53 6.52
C GLY H 370 -16.55 -52.96 5.11
N ILE H 371 -16.51 -52.02 4.17
CA ILE H 371 -16.86 -52.33 2.78
C ILE H 371 -15.84 -53.31 2.22
N PRO H 372 -16.27 -54.32 1.45
CA PRO H 372 -15.29 -55.19 0.79
C PRO H 372 -14.38 -54.39 -0.13
N ASP H 373 -13.10 -54.77 -0.14
CA ASP H 373 -12.06 -53.97 -0.76
C ASP H 373 -11.34 -54.76 -1.84
N ALA H 374 -11.31 -54.19 -3.05
CA ALA H 374 -10.52 -54.72 -4.16
C ALA H 374 -10.75 -56.20 -4.40
N THR H 375 -9.69 -57.00 -4.26
CA THR H 375 -9.79 -58.44 -4.50
C THR H 375 -10.82 -59.09 -3.60
N GLY H 376 -11.07 -58.50 -2.42
CA GLY H 376 -12.12 -59.02 -1.56
C GLY H 376 -13.46 -59.05 -2.26
N ARG H 377 -13.80 -57.98 -2.99
CA ARG H 377 -15.01 -58.01 -3.80
C ARG H 377 -14.94 -59.15 -4.82
N LEU H 378 -13.77 -59.32 -5.45
CA LEU H 378 -13.54 -60.50 -6.27
C LEU H 378 -13.78 -61.77 -5.46
N GLU H 379 -13.23 -61.83 -4.25
CA GLU H 379 -13.42 -63.00 -3.40
C GLU H 379 -14.87 -63.19 -3.01
N ILE H 380 -15.72 -62.18 -3.20
CA ILE H 380 -17.15 -62.37 -2.99
C ILE H 380 -17.80 -62.94 -4.25
N LEU H 381 -17.38 -62.45 -5.42
CA LEU H 381 -18.04 -62.82 -6.67
C LEU H 381 -17.95 -64.32 -6.91
N GLN H 382 -16.76 -64.90 -6.70
CA GLN H 382 -16.59 -66.34 -6.88
C GLN H 382 -17.47 -67.15 -5.95
N ILE H 383 -17.91 -66.59 -4.83
CA ILE H 383 -18.84 -67.30 -3.96
C ILE H 383 -20.23 -67.33 -4.57
N HIS H 384 -20.64 -66.26 -5.24
CA HIS H 384 -21.95 -66.20 -5.87
C HIS H 384 -21.93 -66.66 -7.33
N THR H 385 -20.78 -67.11 -7.82
CA THR H 385 -20.63 -67.57 -9.19
C THR H 385 -20.29 -69.05 -9.28
N LYS H 386 -19.76 -69.65 -8.22
CA LYS H 386 -19.35 -71.05 -8.25
C LYS H 386 -20.52 -71.97 -8.58
N ASN H 387 -21.68 -71.73 -7.96
CA ASN H 387 -22.87 -72.49 -8.33
C ASN H 387 -23.34 -72.13 -9.73
N MET H 388 -23.14 -70.87 -10.14
CA MET H 388 -23.53 -70.40 -11.46
C MET H 388 -22.48 -70.82 -12.48
N LYS H 389 -22.58 -70.28 -13.69
CA LYS H 389 -21.57 -70.43 -14.72
C LYS H 389 -21.00 -69.06 -15.07
N LEU H 390 -19.85 -69.07 -15.74
CA LEU H 390 -19.18 -67.82 -16.06
C LEU H 390 -18.64 -67.77 -17.49
N ALA H 391 -18.92 -68.78 -18.30
CA ALA H 391 -18.44 -68.88 -19.70
C ALA H 391 -16.92 -68.83 -19.67
N ASP H 392 -16.28 -68.11 -20.61
CA ASP H 392 -14.83 -68.03 -20.63
C ASP H 392 -14.29 -66.63 -20.91
N ASP H 393 -15.15 -65.64 -21.17
CA ASP H 393 -14.71 -64.30 -21.52
C ASP H 393 -14.86 -63.29 -20.40
N VAL H 394 -15.36 -63.71 -19.23
CA VAL H 394 -15.58 -62.77 -18.15
C VAL H 394 -14.25 -62.37 -17.52
N ASP H 395 -14.10 -61.08 -17.24
CA ASP H 395 -12.93 -60.55 -16.54
C ASP H 395 -13.38 -60.25 -15.12
N LEU H 396 -13.30 -61.28 -14.26
CA LEU H 396 -13.76 -61.13 -12.88
C LEU H 396 -12.94 -60.09 -12.12
N GLU H 397 -11.64 -60.00 -12.41
CA GLU H 397 -10.83 -58.96 -11.77
C GLU H 397 -11.24 -57.57 -12.22
N GLN H 398 -11.65 -57.42 -13.49
CA GLN H 398 -12.05 -56.11 -13.99
C GLN H 398 -13.39 -55.69 -13.37
N VAL H 399 -14.36 -56.60 -13.33
CA VAL H 399 -15.63 -56.27 -12.69
C VAL H 399 -15.46 -56.11 -11.19
N ALA H 400 -14.45 -56.74 -10.59
CA ALA H 400 -14.15 -56.49 -9.18
C ALA H 400 -13.58 -55.08 -8.98
N ASN H 401 -12.72 -54.64 -9.89
CA ASN H 401 -12.27 -53.25 -9.87
C ASN H 401 -13.36 -52.30 -10.33
N GLU H 402 -14.41 -52.82 -10.98
CA GLU H 402 -15.50 -51.98 -11.45
C GLU H 402 -16.54 -51.73 -10.37
N THR H 403 -16.68 -52.65 -9.42
CA THR H 403 -17.75 -52.60 -8.43
C THR H 403 -17.33 -51.85 -7.17
N HIS H 404 -16.77 -50.66 -7.35
CA HIS H 404 -16.29 -49.88 -6.23
C HIS H 404 -17.45 -49.28 -5.45
N GLY H 405 -17.43 -49.45 -4.13
CA GLY H 405 -18.48 -48.95 -3.28
C GLY H 405 -19.66 -49.88 -3.10
N HIS H 406 -19.50 -51.17 -3.40
CA HIS H 406 -20.58 -52.14 -3.28
C HIS H 406 -20.30 -53.04 -2.08
N VAL H 407 -21.30 -53.20 -1.21
CA VAL H 407 -21.25 -54.18 -0.14
C VAL H 407 -21.52 -55.55 -0.73
N GLY H 408 -21.30 -56.61 0.07
CA GLY H 408 -21.49 -57.97 -0.41
C GLY H 408 -22.90 -58.27 -0.89
N ALA H 409 -23.89 -57.53 -0.40
CA ALA H 409 -25.26 -57.72 -0.87
C ALA H 409 -25.39 -57.27 -2.32
N ASP H 410 -24.75 -56.16 -2.68
CA ASP H 410 -24.78 -55.68 -4.06
C ASP H 410 -24.11 -56.67 -5.00
N LEU H 411 -22.97 -57.24 -4.58
CA LEU H 411 -22.31 -58.26 -5.38
C LEU H 411 -23.16 -59.51 -5.50
N ALA H 412 -23.91 -59.87 -4.45
CA ALA H 412 -24.87 -60.96 -4.57
C ALA H 412 -25.99 -60.61 -5.53
N ALA H 413 -26.45 -59.36 -5.52
CA ALA H 413 -27.44 -58.92 -6.49
C ALA H 413 -26.82 -58.75 -7.88
N LEU H 414 -25.58 -58.29 -7.95
CA LEU H 414 -24.89 -58.17 -9.23
C LEU H 414 -24.71 -59.53 -9.89
N CYS H 415 -24.34 -60.54 -9.11
CA CYS H 415 -24.25 -61.89 -9.64
C CYS H 415 -25.63 -62.50 -9.93
N SER H 416 -26.67 -61.99 -9.30
CA SER H 416 -28.03 -62.45 -9.57
C SER H 416 -28.70 -61.69 -10.71
N GLU H 417 -28.37 -60.41 -10.89
CA GLU H 417 -28.95 -59.65 -11.99
C GLU H 417 -28.33 -60.03 -13.34
N ALA H 418 -27.04 -60.38 -13.36
CA ALA H 418 -26.44 -60.85 -14.59
C ALA H 418 -26.95 -62.23 -14.97
N ALA H 419 -27.11 -63.11 -13.97
CA ALA H 419 -27.69 -64.43 -14.23
C ALA H 419 -29.13 -64.29 -14.73
N LEU H 420 -29.91 -63.39 -14.13
CA LEU H 420 -31.27 -63.17 -14.59
C LEU H 420 -31.30 -62.55 -15.98
N GLN H 421 -30.32 -61.69 -16.29
CA GLN H 421 -30.22 -61.14 -17.64
C GLN H 421 -29.97 -62.25 -18.66
N ALA H 422 -29.05 -63.16 -18.34
CA ALA H 422 -28.80 -64.29 -19.24
C ALA H 422 -30.03 -65.17 -19.38
N ILE H 423 -30.72 -65.43 -18.28
CA ILE H 423 -31.92 -66.26 -18.32
C ILE H 423 -33.00 -65.60 -19.17
N ARG H 424 -33.20 -64.29 -19.00
CA ARG H 424 -34.24 -63.59 -19.75
C ARG H 424 -33.87 -63.42 -21.21
N LYS H 425 -32.58 -63.38 -21.54
CA LYS H 425 -32.20 -63.42 -22.94
C LYS H 425 -32.38 -64.80 -23.55
N LYS H 426 -32.24 -65.85 -22.75
CA LYS H 426 -32.53 -67.20 -23.21
C LYS H 426 -34.02 -67.52 -23.22
N MET H 427 -34.84 -66.71 -22.57
CA MET H 427 -36.29 -66.93 -22.60
C MET H 427 -36.85 -66.76 -24.00
N ASP H 428 -36.34 -65.78 -24.75
CA ASP H 428 -36.76 -65.61 -26.13
C ASP H 428 -36.31 -66.75 -27.01
N LEU H 429 -35.13 -67.33 -26.73
CA LEU H 429 -34.65 -68.46 -27.51
C LEU H 429 -35.49 -69.70 -27.25
N ILE H 430 -35.78 -70.00 -25.98
CA ILE H 430 -36.58 -71.15 -25.60
C ILE H 430 -37.96 -70.63 -25.24
N ASP H 431 -38.86 -70.64 -26.23
CA ASP H 431 -40.20 -70.11 -26.03
C ASP H 431 -41.11 -71.16 -25.39
N LEU H 432 -42.22 -70.68 -24.83
CA LEU H 432 -43.33 -71.48 -24.30
C LEU H 432 -42.95 -72.24 -23.03
N GLU H 433 -41.71 -72.11 -22.55
CA GLU H 433 -41.24 -72.89 -21.41
C GLU H 433 -41.96 -72.54 -20.12
N ASP H 434 -42.84 -73.44 -19.66
CA ASP H 434 -43.41 -73.34 -18.30
C ASP H 434 -43.35 -74.76 -17.71
N GLU H 435 -42.19 -75.11 -17.17
CA GLU H 435 -41.92 -76.40 -16.56
C GLU H 435 -40.89 -76.19 -15.45
N THR H 436 -40.26 -77.28 -15.02
CA THR H 436 -39.07 -77.18 -14.18
C THR H 436 -37.85 -76.69 -14.95
N ILE H 437 -37.97 -76.57 -16.28
CA ILE H 437 -36.91 -76.08 -17.18
C ILE H 437 -35.68 -76.97 -17.07
N ASP H 438 -35.88 -78.21 -16.64
CA ASP H 438 -34.86 -79.26 -16.63
C ASP H 438 -33.61 -78.78 -15.89
N ALA H 439 -32.45 -79.32 -16.25
CA ALA H 439 -31.18 -78.81 -15.76
C ALA H 439 -30.10 -78.79 -16.85
N GLU H 440 -30.43 -79.15 -18.09
CA GLU H 440 -29.49 -79.20 -19.18
C GLU H 440 -29.33 -77.85 -19.87
N VAL H 441 -30.43 -77.13 -20.08
CA VAL H 441 -30.34 -75.79 -20.65
C VAL H 441 -29.64 -74.85 -19.68
N MET H 442 -29.84 -75.04 -18.37
CA MET H 442 -29.13 -74.25 -17.38
C MET H 442 -27.64 -74.55 -17.41
N ASN H 443 -27.27 -75.81 -17.67
CA ASN H 443 -25.87 -76.14 -17.89
C ASN H 443 -25.34 -75.47 -19.14
N SER H 444 -26.17 -75.40 -20.19
CA SER H 444 -25.78 -74.71 -21.41
C SER H 444 -25.74 -73.20 -21.24
N LEU H 445 -26.33 -72.66 -20.16
CA LEU H 445 -26.29 -71.23 -19.90
C LEU H 445 -24.87 -70.79 -19.61
N ALA H 446 -24.42 -69.74 -20.30
CA ALA H 446 -23.07 -69.22 -20.15
C ALA H 446 -23.15 -67.71 -20.00
N VAL H 447 -23.06 -67.23 -18.76
CA VAL H 447 -23.11 -65.80 -18.50
C VAL H 447 -21.81 -65.16 -18.99
N THR H 448 -21.94 -64.19 -19.89
CA THR H 448 -20.81 -63.54 -20.52
C THR H 448 -20.63 -62.13 -19.94
N MET H 449 -19.68 -61.39 -20.51
CA MET H 449 -19.42 -60.02 -20.07
C MET H 449 -20.60 -59.08 -20.35
N ASP H 450 -21.45 -59.42 -21.32
CA ASP H 450 -22.62 -58.57 -21.60
C ASP H 450 -23.55 -58.52 -20.40
N ASP H 451 -23.88 -59.69 -19.84
CA ASP H 451 -24.79 -59.75 -18.70
C ASP H 451 -24.20 -59.04 -17.49
N PHE H 452 -22.93 -59.30 -17.19
CA PHE H 452 -22.27 -58.66 -16.05
C PHE H 452 -22.15 -57.15 -16.21
N ARG H 453 -21.82 -56.66 -17.41
CA ARG H 453 -21.78 -55.23 -17.68
C ARG H 453 -23.15 -54.58 -17.54
N TRP H 454 -24.20 -55.23 -18.07
CA TRP H 454 -25.54 -54.70 -17.93
C TRP H 454 -25.96 -54.64 -16.47
N ALA H 455 -25.66 -55.70 -15.70
CA ALA H 455 -26.01 -55.71 -14.29
C ALA H 455 -25.23 -54.65 -13.52
N LEU H 456 -23.94 -54.49 -13.83
CA LEU H 456 -23.13 -53.47 -13.16
C LEU H 456 -23.65 -52.07 -13.46
N SER H 457 -24.08 -51.83 -14.71
CA SER H 457 -24.69 -50.55 -15.03
C SER H 457 -26.01 -50.37 -14.28
N GLN H 458 -26.78 -51.44 -14.15
CA GLN H 458 -28.05 -51.35 -13.43
C GLN H 458 -27.84 -51.28 -11.92
N SER H 459 -26.87 -52.02 -11.39
CA SER H 459 -26.65 -52.07 -9.96
C SER H 459 -26.21 -50.72 -9.42
N ASN H 460 -26.69 -50.39 -8.22
CA ASN H 460 -26.36 -49.14 -7.56
C ASN H 460 -25.57 -49.42 -6.30
N PRO H 461 -24.47 -48.72 -6.06
CA PRO H 461 -23.72 -48.90 -4.80
C PRO H 461 -24.57 -48.51 -3.60
N SER H 462 -24.46 -49.30 -2.54
CA SER H 462 -25.16 -49.01 -1.29
C SER H 462 -24.27 -48.29 -0.29
N ALA H 463 -23.00 -48.63 -0.24
CA ALA H 463 -22.04 -48.01 0.67
C ALA H 463 -20.88 -47.47 -0.15
N LEU H 464 -21.03 -46.23 -0.64
CA LEU H 464 -19.99 -45.58 -1.42
C LEU H 464 -19.32 -44.42 -0.71
N ARG H 465 -20.08 -43.65 0.08
CA ARG H 465 -19.52 -42.51 0.78
C ARG H 465 -18.69 -42.91 2.00
N GLU H 466 -18.86 -44.13 2.51
CA GLU H 466 -18.04 -44.59 3.62
C GLU H 466 -16.61 -44.80 3.16
N THR H 467 -15.66 -44.45 4.03
CA THR H 467 -14.25 -44.60 3.70
C THR H 467 -13.91 -46.07 3.49
N VAL H 468 -13.16 -46.36 2.43
CA VAL H 468 -12.82 -47.73 2.08
C VAL H 468 -11.50 -48.10 2.75
N VAL H 469 -11.50 -49.25 3.42
CA VAL H 469 -10.32 -49.82 4.05
C VAL H 469 -9.84 -50.95 3.16
N GLU H 470 -8.67 -50.79 2.56
CA GLU H 470 -8.22 -51.67 1.49
C GLU H 470 -6.83 -52.23 1.79
N VAL H 471 -6.55 -53.38 1.17
CA VAL H 471 -5.20 -53.90 1.05
C VAL H 471 -4.80 -53.74 -0.41
N PRO H 472 -3.94 -52.77 -0.73
CA PRO H 472 -3.73 -52.42 -2.15
C PRO H 472 -3.05 -53.53 -2.92
N GLN H 473 -3.32 -53.55 -4.22
CA GLN H 473 -2.69 -54.48 -5.14
C GLN H 473 -1.36 -53.94 -5.70
N VAL H 474 -1.00 -52.72 -5.32
CA VAL H 474 0.26 -52.13 -5.79
C VAL H 474 1.41 -52.76 -5.02
N THR H 475 2.33 -53.39 -5.75
CA THR H 475 3.49 -54.05 -5.17
C THR H 475 4.75 -53.27 -5.52
N TRP H 476 5.89 -53.79 -5.06
CA TRP H 476 7.17 -53.16 -5.36
C TRP H 476 7.48 -53.22 -6.86
N GLU H 477 6.94 -54.22 -7.56
CA GLU H 477 7.13 -54.30 -9.00
C GLU H 477 6.42 -53.15 -9.72
N ASP H 478 5.29 -52.70 -9.18
CA ASP H 478 4.58 -51.57 -9.77
C ASP H 478 5.27 -50.24 -9.51
N ILE H 479 6.28 -50.21 -8.64
CA ILE H 479 7.00 -48.98 -8.32
C ILE H 479 8.27 -48.96 -9.17
N GLY H 480 8.37 -47.97 -10.04
CA GLY H 480 9.55 -47.80 -10.87
C GLY H 480 10.59 -46.89 -10.24
N GLY H 481 11.82 -47.38 -10.10
CA GLY H 481 12.86 -46.59 -9.49
C GLY H 481 12.66 -46.45 -7.99
N LEU H 482 13.26 -45.40 -7.44
CA LEU H 482 13.19 -45.09 -6.00
C LEU H 482 13.68 -46.26 -5.16
N GLU H 483 14.79 -46.88 -5.61
CA GLU H 483 15.34 -48.04 -4.90
C GLU H 483 15.84 -47.65 -3.52
N ASP H 484 16.49 -46.49 -3.40
CA ASP H 484 16.94 -46.02 -2.09
C ASP H 484 15.75 -45.73 -1.18
N VAL H 485 14.70 -45.11 -1.73
CA VAL H 485 13.50 -44.84 -0.94
C VAL H 485 12.82 -46.15 -0.54
N LYS H 486 12.80 -47.12 -1.46
CA LYS H 486 12.23 -48.43 -1.13
C LYS H 486 13.01 -49.10 0.00
N ARG H 487 14.34 -49.02 -0.05
CA ARG H 487 15.16 -49.62 1.01
C ARG H 487 14.92 -48.92 2.34
N GLU H 488 14.85 -47.57 2.33
CA GLU H 488 14.58 -46.83 3.56
C GLU H 488 13.22 -47.21 4.14
N LEU H 489 12.21 -47.32 3.28
CA LEU H 489 10.87 -47.68 3.74
C LEU H 489 10.86 -49.08 4.32
N GLN H 490 11.42 -50.06 3.60
CA GLN H 490 11.42 -51.43 4.07
C GLN H 490 12.32 -51.65 5.27
N GLU H 491 13.26 -50.76 5.54
CA GLU H 491 14.06 -50.82 6.75
C GLU H 491 13.50 -49.94 7.87
N LEU H 492 12.47 -49.15 7.60
CA LEU H 492 11.90 -48.26 8.60
C LEU H 492 10.57 -48.75 9.16
N VAL H 493 9.75 -49.43 8.36
CA VAL H 493 8.47 -49.93 8.82
C VAL H 493 8.43 -51.46 8.90
N GLN H 494 9.09 -52.17 7.99
CA GLN H 494 9.11 -53.62 8.06
C GLN H 494 10.06 -54.13 9.12
N TYR H 495 11.12 -53.38 9.42
CA TYR H 495 12.07 -53.80 10.46
C TYR H 495 11.43 -53.90 11.85
N PRO H 496 10.69 -52.90 12.35
CA PRO H 496 10.15 -53.03 13.72
C PRO H 496 9.09 -54.11 13.86
N VAL H 497 8.32 -54.39 12.81
CA VAL H 497 7.21 -55.33 12.96
C VAL H 497 7.69 -56.77 13.03
N GLU H 498 8.92 -57.04 12.64
CA GLU H 498 9.47 -58.40 12.68
C GLU H 498 10.65 -58.56 13.63
N HIS H 499 11.25 -57.46 14.10
CA HIS H 499 12.33 -57.51 15.08
C HIS H 499 12.03 -56.51 16.20
N PRO H 500 11.09 -56.84 17.09
CA PRO H 500 10.76 -55.93 18.19
C PRO H 500 11.77 -56.01 19.33
N ASP H 501 12.37 -57.19 19.51
CA ASP H 501 13.31 -57.38 20.61
C ASP H 501 14.55 -56.51 20.45
N LYS H 502 15.09 -56.42 19.23
CA LYS H 502 16.27 -55.60 19.01
C LYS H 502 15.96 -54.12 19.13
N PHE H 503 14.76 -53.71 18.75
CA PHE H 503 14.35 -52.32 18.96
C PHE H 503 14.18 -52.01 20.44
N LEU H 504 13.68 -52.98 21.22
CA LEU H 504 13.49 -52.76 22.65
C LEU H 504 14.81 -52.77 23.39
N LYS H 505 15.79 -53.55 22.92
CA LYS H 505 17.06 -53.65 23.62
C LYS H 505 17.80 -52.32 23.63
N PHE H 506 17.83 -51.62 22.50
CA PHE H 506 18.55 -50.36 22.40
C PHE H 506 17.78 -49.19 22.97
N GLY H 507 16.53 -49.38 23.37
CA GLY H 507 15.73 -48.33 23.97
C GLY H 507 15.39 -47.21 23.02
N MET H 508 14.62 -47.52 21.98
CA MET H 508 14.18 -46.51 21.03
C MET H 508 12.81 -46.90 20.49
N THR H 509 11.85 -45.99 20.60
CA THR H 509 10.56 -46.20 19.97
C THR H 509 10.70 -46.04 18.46
N PRO H 510 10.30 -47.02 17.66
CA PRO H 510 10.45 -46.89 16.21
C PRO H 510 9.61 -45.74 15.66
N SER H 511 10.13 -45.11 14.62
CA SER H 511 9.48 -43.94 14.05
C SER H 511 8.19 -44.34 13.35
N LYS H 512 7.09 -43.69 13.72
CA LYS H 512 5.78 -43.94 13.14
C LYS H 512 5.33 -42.68 12.42
N GLY H 513 5.17 -42.78 11.10
CA GLY H 513 4.72 -41.63 10.32
C GLY H 513 5.85 -41.11 9.47
N VAL H 514 5.60 -41.01 8.18
CA VAL H 514 6.57 -40.53 7.21
C VAL H 514 5.90 -39.51 6.30
N LEU H 515 6.52 -38.34 6.16
CA LEU H 515 6.01 -37.27 5.31
C LEU H 515 6.73 -37.34 3.97
N PHE H 516 6.07 -37.91 2.96
CA PHE H 516 6.64 -37.96 1.62
C PHE H 516 6.48 -36.60 0.95
N TYR H 517 7.60 -35.91 0.74
CA TYR H 517 7.58 -34.63 0.05
C TYR H 517 8.36 -34.74 -1.26
N GLY H 518 7.86 -34.05 -2.28
CA GLY H 518 8.45 -34.09 -3.59
C GLY H 518 7.54 -33.52 -4.65
N PRO H 519 7.93 -33.64 -5.91
CA PRO H 519 7.09 -33.14 -6.99
C PRO H 519 5.79 -33.93 -7.06
N PRO H 520 4.70 -33.28 -7.44
CA PRO H 520 3.43 -33.99 -7.54
C PRO H 520 3.44 -35.01 -8.67
N GLY H 521 2.67 -36.08 -8.47
CA GLY H 521 2.61 -37.14 -9.46
C GLY H 521 3.92 -37.89 -9.63
N CYS H 522 4.61 -38.17 -8.53
CA CYS H 522 5.91 -38.82 -8.58
C CYS H 522 5.95 -40.20 -7.90
N GLY H 523 4.88 -40.61 -7.23
CA GLY H 523 4.83 -41.94 -6.66
C GLY H 523 4.79 -42.02 -5.16
N LYS H 524 4.19 -41.02 -4.52
CA LYS H 524 4.05 -41.05 -3.06
C LYS H 524 2.91 -41.96 -2.63
N THR H 525 1.73 -41.78 -3.23
CA THR H 525 0.61 -42.69 -2.96
C THR H 525 0.95 -44.10 -3.41
N LEU H 526 1.64 -44.24 -4.54
CA LEU H 526 2.07 -45.56 -5.01
C LEU H 526 3.01 -46.22 -4.01
N LEU H 527 3.95 -45.45 -3.45
CA LEU H 527 4.87 -45.99 -2.47
C LEU H 527 4.14 -46.39 -1.19
N ALA H 528 3.18 -45.58 -0.76
CA ALA H 528 2.40 -45.93 0.43
C ALA H 528 1.59 -47.19 0.21
N LYS H 529 0.99 -47.33 -0.96
CA LYS H 529 0.22 -48.54 -1.27
C LYS H 529 1.13 -49.76 -1.35
N ALA H 530 2.34 -49.59 -1.90
CA ALA H 530 3.29 -50.70 -1.95
C ALA H 530 3.73 -51.12 -0.56
N ILE H 531 3.94 -50.14 0.34
CA ILE H 531 4.27 -50.45 1.73
C ILE H 531 3.13 -51.20 2.39
N ALA H 532 1.89 -50.77 2.13
CA ALA H 532 0.73 -51.45 2.69
C ALA H 532 0.63 -52.89 2.19
N ASN H 533 0.90 -53.10 0.90
CA ASN H 533 0.75 -54.43 0.33
C ASN H 533 1.88 -55.36 0.78
N GLU H 534 3.10 -54.84 0.89
CA GLU H 534 4.24 -55.68 1.27
C GLU H 534 4.07 -56.23 2.68
N CYS H 535 3.59 -55.42 3.61
CA CYS H 535 3.34 -55.85 4.97
C CYS H 535 1.97 -56.48 5.15
N GLN H 536 1.16 -56.53 4.09
CA GLN H 536 -0.19 -57.10 4.12
C GLN H 536 -1.04 -56.45 5.21
N ALA H 537 -1.00 -55.11 5.23
CA ALA H 537 -1.75 -54.32 6.20
C ALA H 537 -2.79 -53.48 5.48
N ASN H 538 -3.85 -53.14 6.21
CA ASN H 538 -4.92 -52.33 5.65
C ASN H 538 -4.42 -50.92 5.33
N PHE H 539 -5.01 -50.33 4.30
CA PHE H 539 -4.59 -49.02 3.80
C PHE H 539 -5.78 -48.07 3.80
N ILE H 540 -5.63 -46.94 4.48
CA ILE H 540 -6.66 -45.90 4.52
C ILE H 540 -6.06 -44.65 3.91
N SER H 541 -6.60 -44.24 2.76
CA SER H 541 -6.13 -43.06 2.05
C SER H 541 -7.07 -41.89 2.32
N ILE H 542 -6.58 -40.88 3.01
CA ILE H 542 -7.34 -39.66 3.24
C ILE H 542 -6.84 -38.60 2.29
N LYS H 543 -7.48 -38.47 1.13
CA LYS H 543 -7.02 -37.58 0.10
C LYS H 543 -7.30 -36.12 0.47
N GLY H 544 -6.73 -35.21 -0.32
CA GLY H 544 -6.96 -33.79 -0.15
C GLY H 544 -8.40 -33.34 -0.22
N PRO H 545 -9.21 -33.88 -1.14
CA PRO H 545 -10.65 -33.55 -1.12
C PRO H 545 -11.33 -33.82 0.22
N GLU H 546 -11.01 -34.93 0.89
CA GLU H 546 -11.64 -35.23 2.16
C GLU H 546 -11.23 -34.22 3.24
N LEU H 547 -9.94 -33.90 3.31
CA LEU H 547 -9.47 -32.91 4.28
C LEU H 547 -10.09 -31.55 4.02
N LEU H 548 -10.17 -31.14 2.75
CA LEU H 548 -10.75 -29.85 2.43
C LEU H 548 -12.24 -29.82 2.73
N THR H 549 -12.95 -30.93 2.49
CA THR H 549 -14.36 -31.00 2.84
C THR H 549 -14.55 -30.89 4.34
N MET H 550 -13.71 -31.57 5.12
CA MET H 550 -13.82 -31.49 6.58
C MET H 550 -13.45 -30.11 7.11
N TRP H 551 -12.54 -29.41 6.42
CA TRP H 551 -12.16 -28.07 6.84
C TRP H 551 -13.23 -27.04 6.50
N PHE H 552 -13.80 -27.13 5.30
CA PHE H 552 -14.76 -26.11 4.85
C PHE H 552 -16.05 -26.17 5.65
N GLY H 553 -16.59 -27.37 5.85
CA GLY H 553 -17.81 -27.53 6.61
C GLY H 553 -17.64 -27.51 8.11
N GLU H 554 -16.43 -27.20 8.59
CA GLU H 554 -16.11 -27.25 10.02
C GLU H 554 -16.41 -28.62 10.60
N SER H 555 -16.10 -29.66 9.83
CA SER H 555 -16.36 -31.05 10.20
C SER H 555 -15.09 -31.75 10.66
N GLU H 556 -14.24 -31.05 11.44
CA GLU H 556 -13.03 -31.66 11.97
C GLU H 556 -13.34 -32.81 12.93
N ALA H 557 -14.54 -32.82 13.53
CA ALA H 557 -14.93 -33.93 14.39
C ALA H 557 -15.00 -35.25 13.62
N ASN H 558 -15.15 -35.20 12.30
CA ASN H 558 -15.10 -36.40 11.48
C ASN H 558 -13.69 -36.98 11.40
N VAL H 559 -12.66 -36.15 11.55
CA VAL H 559 -11.28 -36.63 11.52
C VAL H 559 -11.09 -37.73 12.55
N ARG H 560 -11.60 -37.51 13.76
CA ARG H 560 -11.60 -38.54 14.80
C ARG H 560 -12.11 -39.87 14.27
N GLU H 561 -13.27 -39.83 13.61
CA GLU H 561 -13.86 -41.05 13.06
C GLU H 561 -12.88 -41.78 12.16
N ILE H 562 -12.19 -41.03 11.29
CA ILE H 562 -11.21 -41.65 10.40
C ILE H 562 -10.18 -42.41 11.21
N PHE H 563 -9.61 -41.76 12.23
CA PHE H 563 -8.63 -42.44 13.07
C PHE H 563 -9.27 -43.62 13.78
N ASP H 564 -10.51 -43.46 14.24
CA ASP H 564 -11.22 -44.57 14.85
C ASP H 564 -11.34 -45.73 13.87
N LYS H 565 -11.58 -45.43 12.59
CA LYS H 565 -11.60 -46.48 11.57
C LYS H 565 -10.26 -47.18 11.52
N ALA H 566 -9.18 -46.41 11.54
CA ALA H 566 -7.85 -47.00 11.55
C ALA H 566 -7.59 -47.78 12.83
N ARG H 567 -8.27 -47.42 13.92
CA ARG H 567 -8.14 -48.20 15.14
C ARG H 567 -8.90 -49.50 15.05
N GLN H 568 -9.93 -49.56 14.20
CA GLN H 568 -10.74 -50.76 14.03
C GLN H 568 -10.32 -51.58 12.83
N ALA H 569 -9.29 -51.16 12.10
CA ALA H 569 -8.78 -51.89 10.94
C ALA H 569 -7.28 -52.11 11.05
N ALA H 570 -6.78 -52.18 12.29
CA ALA H 570 -5.36 -52.35 12.50
C ALA H 570 -4.90 -53.72 12.02
N PRO H 571 -3.69 -53.82 11.45
CA PRO H 571 -2.71 -52.74 11.21
C PRO H 571 -3.10 -51.84 10.04
N CYS H 572 -2.82 -50.54 10.13
CA CYS H 572 -3.18 -49.60 9.09
C CYS H 572 -1.96 -48.82 8.64
N VAL H 573 -2.03 -48.32 7.42
CA VAL H 573 -0.93 -47.60 6.77
C VAL H 573 -1.41 -46.21 6.38
N LEU H 574 -2.20 -45.59 7.27
CA LEU H 574 -2.89 -44.31 7.04
C LEU H 574 -2.10 -43.34 6.19
N PHE H 575 -2.73 -42.81 5.15
CA PHE H 575 -2.06 -41.98 4.16
C PHE H 575 -2.86 -40.69 3.98
N PHE H 576 -2.24 -39.56 4.33
CA PHE H 576 -2.87 -38.25 4.20
C PHE H 576 -2.35 -37.59 2.93
N ASP H 577 -2.96 -37.96 1.81
CA ASP H 577 -2.57 -37.37 0.53
C ASP H 577 -2.90 -35.88 0.52
N GLU H 578 -1.98 -35.09 -0.03
CA GLU H 578 -2.09 -33.64 -0.08
C GLU H 578 -2.32 -33.06 1.32
N LEU H 579 -1.33 -33.27 2.18
CA LEU H 579 -1.38 -32.72 3.53
C LEU H 579 -1.29 -31.20 3.52
N ASP H 580 -0.83 -30.60 2.43
CA ASP H 580 -0.77 -29.16 2.27
C ASP H 580 -1.97 -28.61 1.50
N SER H 581 -2.97 -29.45 1.21
CA SER H 581 -4.14 -28.98 0.47
C SER H 581 -4.90 -27.92 1.26
N ILE H 582 -5.03 -28.11 2.57
CA ILE H 582 -5.68 -27.10 3.41
C ILE H 582 -4.86 -25.81 3.43
N ALA H 583 -3.53 -25.93 3.44
CA ALA H 583 -2.69 -24.73 3.38
C ALA H 583 -2.75 -24.09 2.00
N LYS H 584 -2.87 -24.89 0.95
CA LYS H 584 -2.99 -24.34 -0.40
C LYS H 584 -4.31 -23.58 -0.56
N ALA H 585 -5.39 -24.11 0.02
CA ALA H 585 -6.70 -23.46 -0.09
C ALA H 585 -6.77 -22.15 0.68
N ARG H 586 -5.83 -21.90 1.58
CA ARG H 586 -5.78 -20.65 2.34
C ARG H 586 -4.84 -19.62 1.74
N GLY H 587 -4.24 -19.92 0.58
CA GLY H 587 -3.34 -18.98 -0.06
C GLY H 587 -1.95 -19.56 -0.29
N GLY H 588 -1.48 -20.37 0.65
CA GLY H 588 -0.17 -20.97 0.55
C GLY H 588 0.93 -20.11 1.12
N GLY H 594 -2.74 -16.30 9.02
CA GLY H 594 -1.54 -17.04 8.68
C GLY H 594 -1.07 -17.96 9.78
N GLY H 595 0.21 -18.34 9.73
CA GLY H 595 0.79 -19.20 10.73
C GLY H 595 0.44 -20.67 10.58
N ALA H 596 -0.20 -21.06 9.48
CA ALA H 596 -0.61 -22.45 9.20
C ALA H 596 -1.50 -22.92 10.36
N ALA H 597 -1.40 -24.19 10.75
CA ALA H 597 -2.12 -24.77 11.89
C ALA H 597 -3.64 -24.57 11.73
N ASP H 598 -4.17 -25.25 10.71
CA ASP H 598 -5.59 -25.18 10.40
C ASP H 598 -6.38 -26.11 11.31
N ARG H 599 -7.71 -26.05 11.19
CA ARG H 599 -8.58 -26.83 12.07
C ARG H 599 -8.39 -28.33 11.86
N VAL H 600 -8.50 -28.78 10.62
CA VAL H 600 -8.38 -30.22 10.34
C VAL H 600 -6.97 -30.70 10.59
N ILE H 601 -5.97 -29.88 10.25
CA ILE H 601 -4.58 -30.24 10.53
C ILE H 601 -4.33 -30.31 12.04
N ASN H 602 -4.95 -29.41 12.81
CA ASN H 602 -4.78 -29.46 14.26
C ASN H 602 -5.43 -30.70 14.86
N GLN H 603 -6.61 -31.06 14.38
CA GLN H 603 -7.23 -32.31 14.84
C GLN H 603 -6.41 -33.52 14.41
N ILE H 604 -5.79 -33.46 13.24
CA ILE H 604 -4.89 -34.52 12.79
C ILE H 604 -3.69 -34.63 13.72
N LEU H 605 -3.16 -33.48 14.16
CA LEU H 605 -2.06 -33.48 15.12
C LEU H 605 -2.48 -34.11 16.44
N THR H 606 -3.68 -33.76 16.93
CA THR H 606 -4.17 -34.35 18.17
C THR H 606 -4.33 -35.86 18.05
N GLU H 607 -4.89 -36.31 16.92
CA GLU H 607 -5.07 -37.76 16.74
C GLU H 607 -3.74 -38.47 16.51
N MET H 608 -2.76 -37.80 15.92
CA MET H 608 -1.42 -38.36 15.81
C MET H 608 -0.79 -38.53 17.17
N ASP H 609 -0.96 -37.54 18.06
CA ASP H 609 -0.48 -37.67 19.43
C ASP H 609 -1.19 -38.82 20.14
N GLY H 610 -2.49 -38.99 19.88
CA GLY H 610 -3.21 -40.11 20.47
C GLY H 610 -2.74 -41.45 19.95
N MET H 611 -2.46 -41.55 18.65
CA MET H 611 -2.12 -42.81 18.01
C MET H 611 -0.62 -43.11 18.05
N SER H 612 0.19 -42.20 18.57
CA SER H 612 1.62 -42.49 18.69
C SER H 612 1.89 -43.67 19.61
N THR H 613 0.97 -43.97 20.52
CA THR H 613 1.09 -45.11 21.42
C THR H 613 0.47 -46.38 20.85
N LYS H 614 -0.15 -46.30 19.67
CA LYS H 614 -0.74 -47.49 19.06
C LYS H 614 0.35 -48.49 18.65
N LYS H 615 1.36 -48.01 17.91
CA LYS H 615 2.44 -48.85 17.40
C LYS H 615 1.92 -50.03 16.60
N ASN H 616 0.75 -49.85 15.98
CA ASN H 616 0.20 -50.82 15.04
C ASN H 616 -0.30 -50.17 13.76
N VAL H 617 -0.36 -48.85 13.69
CA VAL H 617 -0.83 -48.12 12.52
C VAL H 617 0.26 -47.13 12.11
N PHE H 618 0.50 -47.03 10.81
CA PHE H 618 1.47 -46.08 10.28
C PHE H 618 0.71 -44.92 9.64
N ILE H 619 1.26 -43.72 9.78
CA ILE H 619 0.48 -42.50 9.59
C ILE H 619 1.15 -41.71 8.45
N ILE H 620 1.64 -42.43 7.44
CA ILE H 620 2.32 -41.85 6.28
C ILE H 620 1.59 -40.63 5.74
N GLY H 621 2.34 -39.58 5.44
CA GLY H 621 1.75 -38.38 4.85
C GLY H 621 2.27 -38.09 3.47
N ALA H 622 1.85 -36.98 2.88
CA ALA H 622 2.29 -36.60 1.54
C ALA H 622 2.09 -35.11 1.34
N THR H 623 3.08 -34.45 0.76
CA THR H 623 3.03 -33.02 0.51
C THR H 623 3.69 -32.73 -0.83
N ASN H 624 2.91 -32.22 -1.77
CA ASN H 624 3.46 -31.74 -3.03
C ASN H 624 3.98 -30.31 -2.94
N ARG H 625 3.80 -29.67 -1.78
CA ARG H 625 4.36 -28.35 -1.50
C ARG H 625 4.73 -28.32 -0.03
N PRO H 626 5.84 -28.96 0.35
CA PRO H 626 6.16 -29.11 1.79
C PRO H 626 6.56 -27.82 2.48
N ASP H 627 6.88 -26.76 1.73
CA ASP H 627 7.29 -25.52 2.36
C ASP H 627 6.15 -24.90 3.16
N ILE H 628 4.95 -24.88 2.59
CA ILE H 628 3.78 -24.34 3.29
C ILE H 628 3.10 -25.53 3.97
N ILE H 629 3.60 -25.84 5.17
CA ILE H 629 3.03 -26.90 6.00
C ILE H 629 3.17 -26.49 7.46
N ASP H 630 2.34 -27.08 8.30
CA ASP H 630 2.40 -26.80 9.73
C ASP H 630 3.68 -27.40 10.32
N PRO H 631 4.55 -26.61 10.93
CA PRO H 631 5.76 -27.18 11.54
C PRO H 631 5.46 -28.14 12.67
N ALA H 632 4.26 -28.10 13.26
CA ALA H 632 3.90 -29.05 14.30
C ALA H 632 3.83 -30.47 13.77
N ILE H 633 3.56 -30.63 12.46
CA ILE H 633 3.54 -31.95 11.85
C ILE H 633 4.92 -32.61 11.83
N LEU H 634 5.98 -31.83 12.03
CA LEU H 634 7.36 -32.33 12.05
C LEU H 634 7.81 -32.35 13.51
N ARG H 635 7.53 -33.46 14.20
CA ARG H 635 7.82 -33.56 15.63
C ARG H 635 7.80 -35.03 16.04
N PRO H 636 8.63 -35.43 17.01
CA PRO H 636 8.58 -36.82 17.47
C PRO H 636 7.19 -37.20 17.96
N GLY H 637 6.80 -38.43 17.66
CA GLY H 637 5.44 -38.91 17.85
C GLY H 637 4.58 -38.65 16.63
N ARG H 638 4.72 -37.46 16.06
CA ARG H 638 4.11 -37.11 14.79
C ARG H 638 5.08 -37.45 13.66
N LEU H 639 4.83 -36.93 12.46
CA LEU H 639 5.65 -37.29 11.30
C LEU H 639 7.06 -36.70 11.44
N ASP H 640 7.95 -37.45 12.07
CA ASP H 640 9.32 -37.03 12.28
C ASP H 640 10.22 -37.35 11.08
N GLN H 641 10.22 -38.61 10.65
CA GLN H 641 11.04 -39.01 9.50
C GLN H 641 10.51 -38.36 8.23
N LEU H 642 11.42 -37.84 7.42
CA LEU H 642 11.07 -37.21 6.14
C LEU H 642 11.82 -37.91 5.03
N ILE H 643 11.09 -38.41 4.03
CA ILE H 643 11.66 -39.09 2.88
C ILE H 643 11.32 -38.26 1.64
N TYR H 644 12.35 -37.88 0.90
CA TYR H 644 12.18 -37.08 -0.31
C TYR H 644 12.00 -37.99 -1.50
N ILE H 645 10.93 -37.76 -2.26
CA ILE H 645 10.65 -38.54 -3.46
C ILE H 645 11.09 -37.72 -4.67
N PRO H 646 12.30 -37.92 -5.18
CA PRO H 646 12.81 -37.06 -6.25
C PRO H 646 12.22 -37.44 -7.60
N LEU H 647 12.40 -36.54 -8.56
CA LEU H 647 12.02 -36.82 -9.93
C LEU H 647 12.85 -38.00 -10.45
N PRO H 648 12.25 -38.93 -11.20
CA PRO H 648 13.00 -40.09 -11.67
C PRO H 648 14.15 -39.69 -12.58
N ASP H 649 15.27 -40.39 -12.45
CA ASP H 649 16.45 -40.15 -13.26
C ASP H 649 16.34 -40.99 -14.53
N GLU H 650 17.44 -41.07 -15.28
CA GLU H 650 17.41 -41.82 -16.54
C GLU H 650 17.12 -43.30 -16.30
N LYS H 651 17.72 -43.88 -15.25
CA LYS H 651 17.50 -45.29 -14.97
C LYS H 651 16.11 -45.54 -14.39
N SER H 652 15.63 -44.63 -13.54
CA SER H 652 14.34 -44.83 -12.89
C SER H 652 13.19 -44.69 -13.89
N ARG H 653 13.35 -43.85 -14.91
CA ARG H 653 12.27 -43.66 -15.88
C ARG H 653 12.05 -44.91 -16.72
N VAL H 654 13.09 -45.71 -16.96
CA VAL H 654 12.91 -46.98 -17.65
C VAL H 654 11.99 -47.89 -16.86
N ALA H 655 12.25 -48.00 -15.55
CA ALA H 655 11.42 -48.84 -14.70
C ALA H 655 10.00 -48.29 -14.59
N ILE H 656 9.87 -46.96 -14.54
CA ILE H 656 8.54 -46.35 -14.47
C ILE H 656 7.74 -46.66 -15.72
N LEU H 657 8.37 -46.53 -16.89
CA LEU H 657 7.68 -46.82 -18.14
C LEU H 657 7.36 -48.30 -18.28
N LYS H 658 8.27 -49.17 -17.82
CA LYS H 658 8.01 -50.61 -17.90
C LYS H 658 6.88 -51.02 -16.97
N ALA H 659 6.81 -50.42 -15.77
CA ALA H 659 5.74 -50.75 -14.84
C ALA H 659 4.40 -50.22 -15.31
N ASN H 660 4.39 -49.09 -16.01
CA ASN H 660 3.16 -48.51 -16.55
C ASN H 660 2.75 -49.14 -17.87
N LEU H 661 3.57 -50.06 -18.42
CA LEU H 661 3.26 -50.70 -19.68
C LEU H 661 3.28 -52.22 -19.59
N ARG H 662 3.33 -52.78 -18.37
CA ARG H 662 3.28 -54.23 -18.23
C ARG H 662 1.96 -54.81 -18.70
N LYS H 663 0.85 -54.16 -18.34
CA LYS H 663 -0.47 -54.62 -18.79
C LYS H 663 -0.67 -54.34 -20.27
N SER H 664 -0.14 -53.22 -20.76
CA SER H 664 -0.33 -52.86 -22.15
C SER H 664 0.53 -53.75 -23.06
N PRO H 665 -0.01 -54.21 -24.18
CA PRO H 665 0.78 -55.01 -25.12
C PRO H 665 1.68 -54.15 -25.99
N VAL H 666 2.86 -53.81 -25.49
CA VAL H 666 3.80 -52.95 -26.20
C VAL H 666 4.69 -53.82 -27.07
N ALA H 667 4.85 -53.41 -28.34
CA ALA H 667 5.72 -54.14 -29.25
C ALA H 667 7.19 -53.97 -28.83
N LYS H 668 7.98 -55.01 -29.11
CA LYS H 668 9.38 -55.01 -28.70
C LYS H 668 10.23 -54.01 -29.47
N ASP H 669 9.77 -53.56 -30.65
CA ASP H 669 10.56 -52.65 -31.46
C ASP H 669 10.65 -51.25 -30.87
N VAL H 670 9.81 -50.92 -29.87
CA VAL H 670 9.90 -49.61 -29.24
C VAL H 670 11.16 -49.52 -28.40
N ASP H 671 11.52 -48.28 -28.05
CA ASP H 671 12.75 -47.99 -27.30
C ASP H 671 12.37 -47.21 -26.04
N LEU H 672 12.02 -47.93 -24.97
CA LEU H 672 11.66 -47.26 -23.73
C LEU H 672 12.85 -46.67 -23.02
N GLU H 673 14.01 -47.32 -23.08
CA GLU H 673 15.21 -46.78 -22.46
C GLU H 673 15.72 -45.53 -23.17
N PHE H 674 15.27 -45.27 -24.40
CA PHE H 674 15.56 -44.01 -25.07
C PHE H 674 14.53 -42.95 -24.74
N LEU H 675 13.27 -43.35 -24.58
CA LEU H 675 12.24 -42.43 -24.08
C LEU H 675 12.58 -41.93 -22.69
N ALA H 676 13.22 -42.77 -21.87
CA ALA H 676 13.71 -42.32 -20.58
C ALA H 676 14.79 -41.26 -20.74
N LYS H 677 15.68 -41.45 -21.72
CA LYS H 677 16.74 -40.46 -21.96
C LYS H 677 16.17 -39.13 -22.42
N MET H 678 15.19 -39.17 -23.32
CA MET H 678 14.67 -37.92 -23.89
C MET H 678 13.93 -37.10 -22.84
N THR H 679 13.03 -37.73 -22.08
CA THR H 679 12.30 -37.02 -21.04
C THR H 679 13.22 -36.80 -19.83
N ASN H 680 13.44 -35.54 -19.48
CA ASN H 680 14.39 -35.19 -18.41
C ASN H 680 13.68 -34.87 -17.10
N GLY H 681 12.79 -33.88 -17.11
CA GLY H 681 12.11 -33.47 -15.89
C GLY H 681 10.75 -34.09 -15.72
N PHE H 682 10.53 -35.23 -16.38
CA PHE H 682 9.22 -35.87 -16.38
C PHE H 682 9.04 -36.68 -15.10
N SER H 683 7.93 -36.48 -14.43
CA SER H 683 7.60 -37.25 -13.24
C SER H 683 7.00 -38.59 -13.65
N GLY H 684 6.62 -39.39 -12.65
CA GLY H 684 5.93 -40.64 -12.93
C GLY H 684 4.57 -40.40 -13.56
N ALA H 685 3.87 -39.35 -13.13
CA ALA H 685 2.58 -39.01 -13.72
C ALA H 685 2.73 -38.59 -15.18
N ASP H 686 3.79 -37.86 -15.51
CA ASP H 686 4.00 -37.45 -16.89
C ASP H 686 4.26 -38.63 -17.80
N LEU H 687 5.10 -39.57 -17.37
CA LEU H 687 5.35 -40.77 -18.16
C LEU H 687 4.11 -41.65 -18.25
N THR H 688 3.32 -41.70 -17.17
CA THR H 688 2.06 -42.44 -17.21
C THR H 688 1.09 -41.81 -18.22
N GLU H 689 1.03 -40.48 -18.26
CA GLU H 689 0.21 -39.81 -19.26
C GLU H 689 0.73 -40.10 -20.67
N ILE H 690 2.04 -40.16 -20.84
CA ILE H 690 2.62 -40.45 -22.15
C ILE H 690 2.21 -41.84 -22.61
N CYS H 691 2.35 -42.83 -21.73
CA CYS H 691 2.01 -44.20 -22.11
C CYS H 691 0.50 -44.38 -22.28
N GLN H 692 -0.30 -43.66 -21.47
CA GLN H 692 -1.75 -43.73 -21.63
C GLN H 692 -2.18 -43.08 -22.95
N ARG H 693 -1.52 -42.00 -23.35
CA ARG H 693 -1.83 -41.39 -24.64
C ARG H 693 -1.39 -42.28 -25.80
N ALA H 694 -0.27 -42.98 -25.66
CA ALA H 694 0.13 -43.95 -26.67
C ALA H 694 -0.90 -45.07 -26.78
N CYS H 695 -1.39 -45.55 -25.63
CA CYS H 695 -2.45 -46.56 -25.64
C CYS H 695 -3.72 -46.02 -26.27
N LYS H 696 -4.05 -44.75 -25.99
CA LYS H 696 -5.24 -44.14 -26.58
C LYS H 696 -5.13 -44.05 -28.10
N LEU H 697 -3.95 -43.65 -28.60
CA LEU H 697 -3.77 -43.60 -30.05
C LEU H 697 -3.80 -45.00 -30.66
N ALA H 698 -3.25 -46.00 -29.97
CA ALA H 698 -3.30 -47.36 -30.47
C ALA H 698 -4.75 -47.86 -30.56
N ILE H 699 -5.54 -47.61 -29.53
CA ILE H 699 -6.93 -48.02 -29.53
C ILE H 699 -7.71 -47.25 -30.59
N ARG H 700 -7.40 -45.96 -30.77
CA ARG H 700 -8.08 -45.17 -31.79
C ARG H 700 -7.79 -45.70 -33.18
N GLU H 701 -6.53 -46.04 -33.46
CA GLU H 701 -6.18 -46.61 -34.76
C GLU H 701 -6.84 -47.97 -34.96
N SER H 702 -6.87 -48.80 -33.92
CA SER H 702 -7.51 -50.11 -34.04
C SER H 702 -9.00 -49.97 -34.32
N ILE H 703 -9.67 -49.05 -33.60
CA ILE H 703 -11.10 -48.85 -33.81
C ILE H 703 -11.37 -48.28 -35.19
N GLU H 704 -10.54 -47.33 -35.65
CA GLU H 704 -10.70 -46.78 -36.99
C GLU H 704 -10.54 -47.87 -38.05
N SER H 705 -9.53 -48.72 -37.90
CA SER H 705 -9.33 -49.80 -38.85
C SER H 705 -10.50 -50.78 -38.83
N GLU H 706 -11.00 -51.12 -37.64
CA GLU H 706 -12.11 -52.06 -37.55
C GLU H 706 -13.39 -51.50 -38.17
N ILE H 707 -13.72 -50.24 -37.88
CA ILE H 707 -14.94 -49.67 -38.45
C ILE H 707 -14.78 -49.42 -39.94
N ARG H 708 -13.56 -49.14 -40.40
CA ARG H 708 -13.34 -49.01 -41.84
C ARG H 708 -13.50 -50.34 -42.54
N ARG H 709 -13.00 -51.42 -41.93
CA ARG H 709 -13.18 -52.74 -42.51
C ARG H 709 -14.65 -53.15 -42.51
N GLU H 710 -15.38 -52.83 -41.44
CA GLU H 710 -16.81 -53.12 -41.40
C GLU H 710 -17.56 -52.34 -42.46
N ARG H 711 -17.18 -51.09 -42.69
CA ARG H 711 -17.78 -50.28 -43.75
C ARG H 711 -17.23 -50.62 -45.13
N GLU H 712 -16.19 -51.46 -45.21
CA GLU H 712 -15.64 -51.91 -46.48
C GLU H 712 -15.96 -53.37 -46.79
N ARG H 713 -16.14 -54.19 -45.76
CA ARG H 713 -16.44 -55.61 -45.96
C ARG H 713 -17.81 -55.96 -45.36
N PRO H 727 -6.23 -56.43 -37.48
CA PRO H 727 -5.62 -55.10 -37.61
C PRO H 727 -4.28 -55.00 -36.87
N VAL H 728 -4.18 -54.06 -35.93
CA VAL H 728 -2.96 -53.85 -35.16
C VAL H 728 -3.05 -54.68 -33.89
N PRO H 729 -2.03 -55.49 -33.58
CA PRO H 729 -2.08 -56.32 -32.36
C PRO H 729 -1.36 -55.74 -31.15
N GLU H 730 -0.62 -54.65 -31.30
CA GLU H 730 0.19 -54.11 -30.22
C GLU H 730 0.44 -52.63 -30.46
N ILE H 731 0.89 -51.95 -29.41
CA ILE H 731 1.21 -50.53 -29.50
C ILE H 731 2.44 -50.39 -30.38
N ARG H 732 2.25 -49.89 -31.60
CA ARG H 732 3.36 -49.76 -32.53
C ARG H 732 4.24 -48.57 -32.17
N ARG H 733 5.32 -48.40 -32.92
CA ARG H 733 6.24 -47.29 -32.69
C ARG H 733 5.57 -45.96 -32.95
N ASP H 734 4.80 -45.86 -34.04
CA ASP H 734 4.20 -44.59 -34.44
C ASP H 734 3.22 -44.06 -33.39
N HIS H 735 2.59 -44.96 -32.63
CA HIS H 735 1.69 -44.51 -31.56
C HIS H 735 2.46 -43.73 -30.50
N PHE H 736 3.61 -44.25 -30.06
CA PHE H 736 4.44 -43.52 -29.12
C PHE H 736 5.01 -42.27 -29.76
N GLU H 737 5.35 -42.33 -31.05
CA GLU H 737 5.84 -41.15 -31.77
C GLU H 737 4.83 -40.02 -31.71
N GLU H 738 3.56 -40.33 -31.95
CA GLU H 738 2.52 -39.30 -31.92
C GLU H 738 2.20 -38.87 -30.48
N ALA H 739 2.26 -39.81 -29.53
CA ALA H 739 1.95 -39.47 -28.15
C ALA H 739 2.99 -38.52 -27.56
N MET H 740 4.25 -38.69 -27.94
CA MET H 740 5.31 -37.83 -27.41
C MET H 740 5.23 -36.39 -27.91
N ARG H 741 4.40 -36.12 -28.92
CA ARG H 741 4.23 -34.74 -29.38
C ARG H 741 3.50 -33.88 -28.36
N PHE H 742 2.74 -34.49 -27.46
CA PHE H 742 2.03 -33.79 -26.39
C PHE H 742 2.67 -34.11 -25.04
N ALA H 743 3.99 -34.16 -25.00
CA ALA H 743 4.71 -34.59 -23.80
C ALA H 743 4.61 -33.53 -22.71
N ARG H 744 3.91 -33.86 -21.63
CA ARG H 744 3.68 -32.94 -20.53
C ARG H 744 4.84 -33.00 -19.53
N ARG H 745 5.28 -31.83 -19.07
CA ARG H 745 6.24 -31.71 -17.97
C ARG H 745 5.58 -30.82 -16.92
N SER H 746 4.86 -31.45 -15.99
CA SER H 746 4.08 -30.70 -15.02
C SER H 746 4.98 -29.89 -14.09
N VAL H 747 6.06 -30.48 -13.60
CA VAL H 747 6.98 -29.81 -12.68
C VAL H 747 8.33 -29.65 -13.38
N SER H 748 8.85 -28.43 -13.39
CA SER H 748 10.12 -28.15 -14.04
C SER H 748 10.72 -26.88 -13.46
N ASP H 749 12.05 -26.80 -13.53
CA ASP H 749 12.83 -25.60 -13.20
C ASP H 749 12.62 -25.25 -11.73
N ASN H 750 12.20 -24.04 -11.39
CA ASN H 750 12.25 -23.55 -10.01
C ASN H 750 11.43 -24.39 -9.05
N ASP H 751 10.36 -25.03 -9.53
CA ASP H 751 9.58 -25.90 -8.66
C ASP H 751 10.43 -27.03 -8.10
N ILE H 752 11.23 -27.67 -8.96
CA ILE H 752 12.13 -28.71 -8.49
C ILE H 752 13.14 -28.13 -7.51
N ARG H 753 13.46 -26.85 -7.66
CA ARG H 753 14.34 -26.20 -6.70
C ARG H 753 13.71 -26.15 -5.32
N LYS H 754 12.41 -25.84 -5.25
CA LYS H 754 11.77 -25.59 -3.96
C LYS H 754 11.90 -26.80 -3.04
N TYR H 755 11.56 -27.99 -3.53
CA TYR H 755 11.72 -29.20 -2.75
C TYR H 755 13.17 -29.37 -2.31
N GLU H 756 14.11 -29.15 -3.23
CA GLU H 756 15.52 -29.22 -2.88
C GLU H 756 15.84 -28.20 -1.78
N MET H 757 15.28 -26.99 -1.90
CA MET H 757 15.40 -26.03 -0.82
C MET H 757 14.84 -26.61 0.47
N PHE H 758 13.60 -27.14 0.41
CA PHE H 758 13.03 -27.77 1.59
C PHE H 758 13.83 -28.98 2.00
N ALA H 759 14.55 -29.60 1.05
CA ALA H 759 15.49 -30.65 1.42
C ALA H 759 16.60 -30.09 2.29
N GLN H 760 17.26 -29.02 1.80
CA GLN H 760 18.40 -28.47 2.52
C GLN H 760 17.98 -27.97 3.90
N THR H 761 16.93 -27.16 3.96
CA THR H 761 16.41 -26.67 5.24
C THR H 761 15.99 -27.81 6.16
N LEU H 762 15.72 -28.99 5.61
CA LEU H 762 15.40 -30.15 6.44
C LEU H 762 16.51 -31.19 6.46
N GLN H 763 17.56 -31.05 5.64
CA GLN H 763 18.68 -31.98 5.77
C GLN H 763 19.55 -31.60 6.97
N GLN H 764 19.68 -30.30 7.23
CA GLN H 764 20.31 -29.76 8.44
C GLN H 764 21.69 -30.37 8.68
N SER H 765 22.52 -30.36 7.63
CA SER H 765 23.91 -30.74 7.81
C SER H 765 24.61 -29.78 8.77
N ARG H 766 24.37 -28.48 8.60
CA ARG H 766 24.77 -27.42 9.53
C ARG H 766 26.28 -27.38 9.76
N GLY H 767 27.06 -27.90 8.82
CA GLY H 767 28.50 -27.93 8.96
C GLY H 767 29.03 -29.07 9.82
N PHE H 768 28.15 -29.95 10.30
CA PHE H 768 28.56 -31.08 11.14
C PHE H 768 28.95 -32.31 10.33
N GLY H 769 28.92 -32.23 9.00
CA GLY H 769 29.34 -33.35 8.19
C GLY H 769 30.82 -33.62 8.32
N SER H 770 31.19 -34.89 8.15
CA SER H 770 32.58 -35.35 8.26
C SER H 770 33.18 -34.97 9.61
N PHE H 771 32.38 -35.11 10.67
CA PHE H 771 32.84 -34.85 12.03
C PHE H 771 33.34 -36.16 12.64
N ARG H 772 34.55 -36.13 13.18
CA ARG H 772 35.20 -37.33 13.69
C ARG H 772 35.54 -37.17 15.16
N PHE H 773 35.33 -38.24 15.94
CA PHE H 773 35.71 -38.24 17.33
C PHE H 773 37.22 -38.38 17.48
N PRO H 774 37.79 -37.91 18.58
CA PRO H 774 39.20 -38.20 18.86
C PRO H 774 39.37 -39.62 19.38
N SER H 775 40.56 -40.16 19.15
CA SER H 775 40.88 -41.51 19.60
C SER H 775 41.25 -41.53 21.08
N ARG I 22 -1.88 -54.91 76.50
CA ARG I 22 -0.45 -54.76 76.34
C ARG I 22 -0.13 -53.73 75.26
N PRO I 23 1.02 -53.05 75.38
CA PRO I 23 1.43 -52.11 74.33
C PRO I 23 1.72 -52.77 73.00
N ASN I 24 1.90 -54.09 72.95
CA ASN I 24 2.18 -54.80 71.71
C ASN I 24 0.90 -55.12 70.94
N ARG I 25 0.07 -54.11 70.72
CA ARG I 25 -1.14 -54.24 69.93
C ARG I 25 -1.21 -53.06 68.98
N LEU I 26 -1.51 -53.34 67.71
CA LEU I 26 -1.39 -52.30 66.68
C LEU I 26 -2.64 -52.20 65.82
N ILE I 27 -2.58 -51.39 64.77
CA ILE I 27 -3.69 -51.19 63.85
C ILE I 27 -3.28 -51.71 62.47
N VAL I 28 -4.19 -52.44 61.83
CA VAL I 28 -3.92 -53.12 60.58
C VAL I 28 -3.96 -52.12 59.41
N ASP I 29 -3.09 -52.34 58.44
CA ASP I 29 -3.03 -51.54 57.23
C ASP I 29 -2.86 -52.47 56.03
N GLU I 30 -3.27 -51.99 54.86
CA GLU I 30 -3.11 -52.76 53.64
C GLU I 30 -1.62 -52.93 53.31
N ALA I 31 -1.22 -54.16 53.04
CA ALA I 31 0.18 -54.47 52.82
C ALA I 31 0.60 -54.09 51.41
N ILE I 32 1.80 -53.50 51.30
CA ILE I 32 2.33 -53.12 49.99
C ILE I 32 2.95 -54.29 49.24
N ASN I 33 3.18 -55.41 49.91
CA ASN I 33 3.75 -56.60 49.30
C ASN I 33 2.63 -57.58 48.92
N GLU I 34 3.03 -58.63 48.20
CA GLU I 34 2.10 -59.65 47.74
C GLU I 34 2.29 -61.00 48.40
N ASP I 35 3.35 -61.16 49.21
CA ASP I 35 3.62 -62.44 49.85
C ASP I 35 2.57 -62.75 50.92
N ASN I 36 2.14 -64.01 50.97
CA ASN I 36 1.15 -64.43 51.95
C ASN I 36 1.84 -64.84 53.26
N SER I 37 1.10 -64.69 54.36
CA SER I 37 1.60 -65.00 55.70
C SER I 37 2.88 -64.23 56.00
N VAL I 38 2.93 -62.98 55.57
CA VAL I 38 4.08 -62.11 55.78
C VAL I 38 3.57 -60.80 56.37
N VAL I 39 4.17 -60.39 57.49
CA VAL I 39 3.79 -59.16 58.18
C VAL I 39 4.90 -58.14 57.97
N SER I 40 4.53 -56.95 57.50
CA SER I 40 5.49 -55.86 57.30
C SER I 40 5.31 -54.83 58.41
N LEU I 41 6.37 -54.58 59.16
CA LEU I 41 6.32 -53.71 60.32
C LEU I 41 7.52 -52.77 60.33
N SER I 42 7.36 -51.64 61.01
CA SER I 42 8.43 -50.65 61.10
C SER I 42 9.54 -51.15 62.02
N GLN I 43 10.78 -50.78 61.69
CA GLN I 43 11.93 -51.25 62.46
C GLN I 43 11.91 -50.82 63.92
N PRO I 44 11.65 -49.57 64.29
CA PRO I 44 11.56 -49.24 65.72
C PRO I 44 10.48 -50.05 66.44
N LYS I 45 9.34 -50.24 65.80
CA LYS I 45 8.31 -51.10 66.38
C LYS I 45 8.76 -52.55 66.40
N MET I 46 9.53 -52.97 65.41
CA MET I 46 10.03 -54.35 65.38
C MET I 46 10.94 -54.63 66.57
N ASP I 47 11.88 -53.72 66.85
CA ASP I 47 12.74 -53.94 68.01
C ASP I 47 12.00 -53.69 69.32
N GLU I 48 10.98 -52.82 69.30
CA GLU I 48 10.13 -52.68 70.48
C GLU I 48 9.29 -53.93 70.70
N LEU I 49 8.99 -54.67 69.64
CA LEU I 49 8.23 -55.91 69.70
C LEU I 49 9.13 -57.13 69.81
N GLN I 50 10.45 -56.91 69.95
CA GLN I 50 11.45 -57.99 70.02
C GLN I 50 11.38 -58.87 68.77
N LEU I 51 11.62 -58.22 67.63
CA LEU I 51 11.59 -58.90 66.34
C LEU I 51 12.93 -58.70 65.64
N PHE I 52 13.47 -59.79 65.10
CA PHE I 52 14.73 -59.75 64.35
C PHE I 52 14.44 -59.45 62.88
N ARG I 53 15.45 -59.63 62.02
CA ARG I 53 15.27 -59.37 60.60
C ARG I 53 14.23 -60.28 59.98
N GLY I 54 14.24 -61.56 60.36
CA GLY I 54 13.29 -62.52 59.82
C GLY I 54 12.57 -63.30 60.90
N ASP I 55 12.35 -62.67 62.05
CA ASP I 55 11.66 -63.34 63.14
C ASP I 55 10.19 -63.59 62.80
N THR I 56 9.66 -64.69 63.30
CA THR I 56 8.25 -65.01 63.10
C THR I 56 7.41 -64.27 64.13
N VAL I 57 6.39 -63.56 63.66
CA VAL I 57 5.52 -62.77 64.51
C VAL I 57 4.15 -63.43 64.56
N LEU I 58 3.63 -63.62 65.78
CA LEU I 58 2.35 -64.26 66.00
C LEU I 58 1.30 -63.22 66.32
N LEU I 59 0.10 -63.40 65.78
CA LEU I 59 -0.97 -62.43 65.90
C LEU I 59 -2.23 -63.08 66.46
N LYS I 60 -3.03 -62.28 67.16
CA LYS I 60 -4.31 -62.72 67.70
C LYS I 60 -5.39 -61.77 67.20
N GLY I 61 -6.40 -62.32 66.53
CA GLY I 61 -7.45 -61.53 65.93
C GLY I 61 -8.62 -61.32 66.86
N LYS I 62 -9.68 -60.73 66.30
CA LYS I 62 -10.89 -60.46 67.08
C LYS I 62 -11.63 -61.73 67.45
N LYS I 63 -11.44 -62.82 66.69
CA LYS I 63 -12.10 -64.09 66.95
C LYS I 63 -11.06 -65.14 67.31
N ARG I 64 -11.51 -66.39 67.45
CA ARG I 64 -10.67 -67.49 67.92
C ARG I 64 -9.88 -68.05 66.73
N ARG I 65 -8.84 -67.31 66.35
CA ARG I 65 -7.95 -67.74 65.30
C ARG I 65 -6.64 -66.98 65.41
N GLU I 66 -5.53 -67.67 65.12
CA GLU I 66 -4.20 -67.07 65.14
C GLU I 66 -3.44 -67.50 63.90
N ALA I 67 -2.44 -66.71 63.54
CA ALA I 67 -1.63 -67.00 62.35
C ALA I 67 -0.23 -66.43 62.55
N VAL I 68 0.76 -67.31 62.63
CA VAL I 68 2.15 -66.89 62.71
C VAL I 68 2.64 -66.49 61.32
N CYS I 69 3.35 -65.37 61.25
CA CYS I 69 3.77 -64.81 59.97
C CYS I 69 5.21 -64.35 60.05
N ILE I 70 5.84 -64.23 58.88
CA ILE I 70 7.20 -63.71 58.79
C ILE I 70 7.17 -62.19 58.91
N VAL I 71 8.01 -61.64 59.77
CA VAL I 71 8.11 -60.19 59.89
C VAL I 71 8.88 -59.64 58.70
N LEU I 72 8.60 -58.38 58.37
CA LEU I 72 9.25 -57.70 57.25
C LEU I 72 9.54 -56.26 57.66
N SER I 73 10.68 -55.75 57.23
CA SER I 73 11.12 -54.39 57.58
C SER I 73 10.82 -53.47 56.40
N ASP I 74 9.70 -52.76 56.50
CA ASP I 74 9.33 -51.76 55.50
C ASP I 74 9.39 -50.37 56.12
N ASP I 75 9.92 -49.42 55.36
CA ASP I 75 10.05 -48.04 55.81
C ASP I 75 8.89 -47.16 55.37
N THR I 76 7.87 -47.74 54.73
CA THR I 76 6.73 -46.99 54.24
C THR I 76 5.57 -46.92 55.24
N CYS I 77 5.72 -47.50 56.43
CA CYS I 77 4.67 -47.51 57.43
C CYS I 77 5.25 -47.11 58.78
N SER I 78 4.38 -46.59 59.64
CA SER I 78 4.77 -46.14 60.97
C SER I 78 4.75 -47.33 61.94
N ASP I 79 4.92 -47.05 63.23
CA ASP I 79 4.95 -48.11 64.23
C ASP I 79 3.56 -48.72 64.42
N GLU I 80 2.54 -47.88 64.54
CA GLU I 80 1.19 -48.39 64.76
C GLU I 80 0.65 -49.13 63.54
N LYS I 81 0.98 -48.65 62.34
CA LYS I 81 0.53 -49.29 61.12
C LYS I 81 1.29 -50.59 60.90
N ILE I 82 0.62 -51.73 61.06
CA ILE I 82 1.20 -53.03 60.75
C ILE I 82 0.56 -53.53 59.46
N ARG I 83 1.38 -53.82 58.46
CA ARG I 83 0.88 -54.19 57.15
C ARG I 83 0.46 -55.66 57.15
N MET I 84 -0.70 -55.94 56.57
CA MET I 84 -1.21 -57.31 56.50
C MET I 84 -2.04 -57.48 55.25
N ASN I 85 -1.91 -58.65 54.61
CA ASN I 85 -2.68 -58.96 53.42
C ASN I 85 -4.10 -59.37 53.79
N ARG I 86 -4.94 -59.51 52.77
CA ARG I 86 -6.28 -60.06 52.99
C ARG I 86 -6.22 -61.50 53.43
N VAL I 87 -5.15 -62.21 53.08
CA VAL I 87 -5.00 -63.60 53.48
C VAL I 87 -4.93 -63.72 55.00
N VAL I 88 -4.16 -62.83 55.64
CA VAL I 88 -3.98 -62.84 57.08
C VAL I 88 -4.96 -61.87 57.72
N ARG I 89 -5.99 -61.47 56.97
CA ARG I 89 -7.08 -60.65 57.50
C ARG I 89 -8.40 -61.38 57.56
N ASN I 90 -8.73 -62.19 56.54
CA ASN I 90 -9.98 -62.94 56.57
C ASN I 90 -9.93 -64.10 57.57
N ASN I 91 -8.75 -64.69 57.77
CA ASN I 91 -8.62 -65.74 58.78
C ASN I 91 -8.60 -65.19 60.19
N LEU I 92 -8.05 -63.98 60.37
CA LEU I 92 -8.02 -63.35 61.67
C LEU I 92 -9.31 -62.63 62.01
N ARG I 93 -10.29 -62.62 61.10
CA ARG I 93 -11.58 -61.97 61.29
C ARG I 93 -11.41 -60.48 61.58
N VAL I 94 -10.39 -59.87 60.98
CA VAL I 94 -10.05 -58.46 61.21
C VAL I 94 -10.19 -57.72 59.89
N ARG I 95 -11.05 -56.70 59.87
CA ARG I 95 -11.21 -55.87 58.69
C ARG I 95 -10.15 -54.78 58.67
N LEU I 96 -10.07 -54.08 57.54
CA LEU I 96 -9.06 -53.03 57.37
C LEU I 96 -9.41 -51.84 58.25
N GLY I 97 -8.53 -51.54 59.20
CA GLY I 97 -8.76 -50.46 60.15
C GLY I 97 -9.23 -50.95 61.50
N ASP I 98 -8.71 -52.08 61.95
CA ASP I 98 -9.08 -52.69 63.21
C ASP I 98 -7.84 -52.94 64.05
N VAL I 99 -8.06 -53.34 65.30
CA VAL I 99 -6.98 -53.54 66.25
C VAL I 99 -6.56 -55.01 66.23
N ILE I 100 -5.26 -55.25 66.11
CA ILE I 100 -4.68 -56.58 66.08
C ILE I 100 -3.78 -56.75 67.30
N SER I 101 -3.92 -57.90 67.97
CA SER I 101 -3.13 -58.23 69.15
C SER I 101 -1.95 -59.10 68.75
N ILE I 102 -0.77 -58.76 69.26
CA ILE I 102 0.48 -59.40 68.87
C ILE I 102 1.19 -59.92 70.12
N GLN I 103 1.66 -61.16 70.06
CA GLN I 103 2.50 -61.72 71.11
C GLN I 103 3.40 -62.81 70.53
N PRO I 104 4.73 -62.62 70.59
CA PRO I 104 5.64 -63.63 70.06
C PRO I 104 5.68 -64.88 70.94
N CYS I 105 5.99 -66.01 70.31
CA CYS I 105 6.15 -67.28 71.00
C CYS I 105 6.98 -68.22 70.14
N PRO I 106 8.31 -68.15 70.22
CA PRO I 106 9.15 -68.95 69.31
C PRO I 106 9.39 -70.36 69.80
N ASP I 107 9.00 -71.34 68.98
CA ASP I 107 9.31 -72.75 69.17
C ASP I 107 9.76 -73.32 67.82
N VAL I 108 10.62 -74.33 67.87
CA VAL I 108 11.13 -74.91 66.62
C VAL I 108 9.99 -75.52 65.81
N LYS I 109 9.40 -76.61 66.32
CA LYS I 109 8.18 -77.24 65.80
C LYS I 109 8.15 -77.30 64.28
N TYR I 110 9.12 -78.02 63.71
CA TYR I 110 9.11 -78.26 62.28
C TYR I 110 7.96 -79.22 61.95
N GLY I 111 7.14 -78.83 60.98
CA GLY I 111 5.91 -79.55 60.68
C GLY I 111 6.09 -81.01 60.33
N LYS I 112 5.26 -81.87 60.92
CA LYS I 112 5.29 -83.31 60.68
C LYS I 112 3.94 -83.73 60.12
N ARG I 113 3.90 -83.95 58.80
CA ARG I 113 2.70 -84.43 58.08
C ARG I 113 1.52 -83.48 58.30
N ILE I 114 1.69 -82.26 57.79
CA ILE I 114 0.63 -81.26 57.87
C ILE I 114 -0.53 -81.67 56.99
N HIS I 115 -1.69 -81.06 57.20
CA HIS I 115 -2.95 -81.48 56.57
C HIS I 115 -3.59 -80.32 55.82
N VAL I 116 -2.81 -79.64 54.99
CA VAL I 116 -3.36 -78.62 54.11
C VAL I 116 -4.36 -79.27 53.16
N LEU I 117 -5.52 -78.64 53.00
CA LEU I 117 -6.61 -79.18 52.22
C LEU I 117 -7.18 -78.10 51.29
N PRO I 118 -7.70 -78.50 50.13
CA PRO I 118 -8.31 -77.53 49.21
C PRO I 118 -9.79 -77.30 49.51
N ILE I 119 -10.22 -77.66 50.71
CA ILE I 119 -11.66 -77.71 51.02
C ILE I 119 -12.22 -76.29 50.95
N ASP I 120 -12.98 -76.02 49.89
CA ASP I 120 -13.56 -74.70 49.62
C ASP I 120 -14.48 -74.78 48.41
N ASP I 121 -15.11 -73.67 48.06
CA ASP I 121 -15.91 -73.58 46.84
C ASP I 121 -15.09 -73.12 45.64
N THR I 122 -13.82 -72.78 45.82
CA THR I 122 -12.99 -72.34 44.71
C THR I 122 -12.50 -73.51 43.86
N VAL I 123 -12.50 -74.73 44.39
CA VAL I 123 -12.04 -75.90 43.63
C VAL I 123 -13.27 -76.47 42.94
N GLU I 124 -13.58 -75.89 41.77
CA GLU I 124 -14.67 -76.35 40.93
C GLU I 124 -14.14 -76.56 39.52
N GLY I 125 -14.24 -77.79 39.02
CA GLY I 125 -13.75 -78.08 37.69
C GLY I 125 -12.25 -78.07 37.54
N ILE I 126 -11.51 -78.18 38.64
CA ILE I 126 -10.06 -78.23 38.62
C ILE I 126 -9.63 -79.48 39.37
N THR I 127 -9.19 -80.50 38.64
CA THR I 127 -8.80 -81.79 39.20
C THR I 127 -7.33 -82.07 38.87
N GLY I 128 -6.90 -83.28 39.18
CA GLY I 128 -5.54 -83.70 38.89
C GLY I 128 -4.60 -83.58 40.06
N ASN I 129 -3.36 -83.14 39.81
CA ASN I 129 -2.36 -82.97 40.85
C ASN I 129 -2.31 -81.54 41.38
N LEU I 130 -3.44 -80.85 41.41
CA LEU I 130 -3.49 -79.47 41.92
C LEU I 130 -3.07 -79.40 43.39
N PHE I 131 -3.08 -80.53 44.09
CA PHE I 131 -2.66 -80.55 45.49
C PHE I 131 -1.17 -80.28 45.65
N GLU I 132 -0.36 -80.48 44.62
CA GLU I 132 1.09 -80.31 44.75
C GLU I 132 1.77 -79.56 43.61
N VAL I 133 1.11 -79.30 42.48
CA VAL I 133 1.82 -78.72 41.34
C VAL I 133 2.21 -77.27 41.62
N TYR I 134 1.30 -76.47 42.17
CA TYR I 134 1.61 -75.09 42.51
C TYR I 134 1.84 -74.88 44.00
N LEU I 135 1.80 -75.95 44.80
CA LEU I 135 2.15 -75.85 46.21
C LEU I 135 3.63 -76.07 46.47
N LYS I 136 4.30 -76.90 45.66
CA LYS I 136 5.74 -77.06 45.80
C LYS I 136 6.51 -75.77 45.60
N PRO I 137 6.27 -74.95 44.56
CA PRO I 137 7.04 -73.71 44.43
C PRO I 137 6.77 -72.68 45.51
N TYR I 138 5.59 -72.71 46.15
CA TYR I 138 5.22 -71.70 47.12
C TYR I 138 5.08 -72.27 48.52
N PHE I 139 4.21 -73.26 48.72
CA PHE I 139 3.92 -73.77 50.06
C PHE I 139 5.05 -74.63 50.61
N LEU I 140 5.96 -75.11 49.75
CA LEU I 140 7.09 -75.92 50.16
C LEU I 140 8.41 -75.19 49.93
N GLU I 141 8.40 -73.87 50.11
CA GLU I 141 9.58 -73.06 49.85
C GLU I 141 9.64 -71.92 50.87
N ALA I 142 10.85 -71.38 51.03
CA ALA I 142 11.15 -70.21 51.87
C ALA I 142 10.89 -70.45 53.35
N TYR I 143 10.57 -71.68 53.75
CA TYR I 143 10.31 -72.03 55.15
C TYR I 143 9.26 -71.12 55.78
N ARG I 144 8.17 -70.91 55.04
CA ARG I 144 7.09 -70.05 55.52
C ARG I 144 6.35 -70.72 56.67
N PRO I 145 5.84 -69.95 57.62
CA PRO I 145 5.15 -70.54 58.76
C PRO I 145 3.74 -71.01 58.39
N ILE I 146 3.30 -72.04 59.12
CA ILE I 146 2.01 -72.67 58.85
C ILE I 146 1.18 -72.65 60.13
N ARG I 147 -0.13 -72.74 59.95
CA ARG I 147 -1.07 -72.80 61.06
C ARG I 147 -2.29 -73.59 60.59
N LYS I 148 -3.01 -74.18 61.55
CA LYS I 148 -4.20 -74.95 61.26
C LYS I 148 -5.45 -74.11 61.55
N GLY I 149 -6.52 -74.41 60.83
CA GLY I 149 -7.77 -73.71 61.00
C GLY I 149 -7.93 -72.46 60.16
N ASP I 150 -6.85 -71.94 59.59
CA ASP I 150 -6.89 -70.75 58.75
C ASP I 150 -6.70 -71.14 57.28
N ILE I 151 -6.93 -70.17 56.41
CA ILE I 151 -6.90 -70.37 54.97
C ILE I 151 -5.86 -69.44 54.36
N PHE I 152 -4.96 -70.00 53.56
CA PHE I 152 -4.04 -69.20 52.76
C PHE I 152 -4.44 -69.31 51.29
N LEU I 153 -3.74 -68.57 50.44
CA LEU I 153 -4.09 -68.48 49.03
C LEU I 153 -2.86 -68.76 48.17
N VAL I 154 -3.07 -69.50 47.09
CA VAL I 154 -2.02 -69.81 46.14
C VAL I 154 -2.50 -69.43 44.74
N ARG I 155 -1.68 -68.69 44.01
CA ARG I 155 -2.01 -68.21 42.67
C ARG I 155 -1.12 -68.94 41.67
N GLY I 156 -1.72 -69.83 40.88
CA GLY I 156 -0.99 -70.56 39.87
C GLY I 156 -1.93 -71.16 38.85
N GLY I 157 -1.41 -71.37 37.64
CA GLY I 157 -2.19 -71.97 36.57
C GLY I 157 -3.46 -71.20 36.25
N MET I 158 -3.39 -69.87 36.24
CA MET I 158 -4.54 -68.99 36.03
C MET I 158 -5.64 -69.22 37.06
N ARG I 159 -5.29 -69.73 38.24
CA ARG I 159 -6.27 -70.04 39.28
C ARG I 159 -5.77 -69.54 40.63
N ALA I 160 -6.64 -68.84 41.35
CA ALA I 160 -6.36 -68.42 42.72
C ALA I 160 -7.16 -69.34 43.64
N VAL I 161 -6.46 -70.25 44.33
CA VAL I 161 -7.09 -71.30 45.11
C VAL I 161 -6.87 -71.01 46.59
N GLU I 162 -7.94 -71.10 47.37
CA GLU I 162 -7.89 -70.93 48.82
C GLU I 162 -7.72 -72.29 49.46
N PHE I 163 -6.59 -72.50 50.13
CA PHE I 163 -6.25 -73.77 50.77
C PHE I 163 -6.35 -73.62 52.28
N LYS I 164 -7.10 -74.50 52.92
CA LYS I 164 -7.18 -74.58 54.37
C LYS I 164 -6.29 -75.70 54.89
N VAL I 165 -5.77 -75.51 56.10
CA VAL I 165 -4.90 -76.51 56.73
C VAL I 165 -5.60 -76.96 58.02
N VAL I 166 -5.67 -78.27 58.21
CA VAL I 166 -6.42 -78.86 59.32
C VAL I 166 -5.53 -79.23 60.50
N GLU I 167 -4.40 -79.87 60.24
CA GLU I 167 -3.48 -80.28 61.29
C GLU I 167 -2.07 -79.80 60.97
N THR I 168 -1.44 -79.12 61.92
CA THR I 168 -0.05 -78.65 61.83
C THR I 168 0.69 -78.96 63.11
N ASP I 169 0.56 -80.20 63.58
CA ASP I 169 1.13 -80.73 64.82
C ASP I 169 0.46 -80.08 66.03
N PRO I 170 0.50 -80.70 67.22
CA PRO I 170 -0.15 -80.11 68.39
C PRO I 170 0.58 -78.88 68.92
N SER I 171 0.52 -77.79 68.16
CA SER I 171 1.13 -76.53 68.53
C SER I 171 0.50 -75.41 67.73
N PRO I 172 0.30 -74.24 68.31
CA PRO I 172 -0.18 -73.08 67.55
C PRO I 172 0.88 -72.39 66.72
N TYR I 173 2.07 -72.97 66.60
CA TYR I 173 3.19 -72.41 65.86
C TYR I 173 3.80 -73.52 65.03
N CYS I 174 3.74 -73.38 63.70
CA CYS I 174 4.26 -74.40 62.81
C CYS I 174 5.02 -73.76 61.66
N ILE I 175 6.12 -74.39 61.26
CA ILE I 175 6.93 -73.97 60.12
C ILE I 175 6.99 -75.13 59.13
N VAL I 176 6.88 -74.81 57.84
CA VAL I 176 6.92 -75.86 56.82
C VAL I 176 8.31 -76.48 56.77
N ALA I 177 8.35 -77.76 56.40
CA ALA I 177 9.57 -78.55 56.41
C ALA I 177 9.45 -79.63 55.34
N PRO I 178 10.57 -80.22 54.91
CA PRO I 178 10.48 -81.29 53.89
C PRO I 178 9.67 -82.50 54.34
N ASP I 179 9.52 -82.73 55.64
CA ASP I 179 8.73 -83.84 56.14
C ASP I 179 7.27 -83.49 56.38
N THR I 180 6.83 -82.30 55.95
CA THR I 180 5.43 -81.93 56.08
C THR I 180 4.52 -82.76 55.17
N VAL I 181 5.07 -83.39 54.14
CA VAL I 181 4.39 -84.39 53.32
C VAL I 181 3.23 -83.81 52.51
N ILE I 182 2.42 -82.96 53.13
CA ILE I 182 1.22 -82.33 52.56
C ILE I 182 0.34 -83.39 51.88
N HIS I 183 0.23 -84.55 52.52
CA HIS I 183 -0.53 -85.69 52.00
C HIS I 183 -1.92 -85.28 51.53
N CYS I 184 -2.39 -85.95 50.48
CA CYS I 184 -3.59 -85.55 49.78
C CYS I 184 -4.83 -86.13 50.45
N GLU I 185 -5.70 -85.25 50.95
CA GLU I 185 -6.99 -85.64 51.49
C GLU I 185 -8.05 -84.63 51.04
N GLY I 186 -8.03 -84.27 49.76
CA GLY I 186 -8.93 -83.23 49.28
C GLY I 186 -10.38 -83.63 49.37
N GLU I 187 -11.23 -82.65 49.63
CA GLU I 187 -12.66 -82.87 49.80
C GLU I 187 -13.40 -81.64 49.32
N PRO I 188 -14.68 -81.79 48.93
CA PRO I 188 -15.47 -80.62 48.52
C PRO I 188 -16.16 -79.92 49.68
N ILE I 189 -15.65 -80.14 50.90
CA ILE I 189 -16.27 -79.61 52.11
C ILE I 189 -16.47 -78.10 51.98
N LYS I 190 -17.70 -77.66 52.28
CA LYS I 190 -18.06 -76.26 52.13
C LYS I 190 -17.35 -75.37 53.14
N ARG I 191 -17.19 -74.10 52.79
CA ARG I 191 -16.60 -73.11 53.68
C ARG I 191 -17.63 -72.63 54.70
N GLU I 192 -17.12 -71.97 55.73
CA GLU I 192 -17.97 -71.39 56.77
C GLU I 192 -18.18 -69.90 56.50
N ASP I 193 -19.27 -69.36 57.05
CA ASP I 193 -19.61 -67.96 56.83
C ASP I 193 -18.64 -67.00 57.52
N GLU I 194 -17.91 -67.47 58.53
CA GLU I 194 -16.95 -66.60 59.21
C GLU I 194 -15.83 -66.18 58.27
N GLU I 195 -15.33 -67.11 57.46
CA GLU I 195 -14.27 -66.80 56.52
C GLU I 195 -14.81 -65.99 55.34
N GLU I 196 -13.98 -65.09 54.85
CA GLU I 196 -14.32 -64.25 53.72
C GLU I 196 -13.67 -64.80 52.46
N SER I 197 -14.42 -64.83 51.36
CA SER I 197 -13.93 -65.37 50.10
C SER I 197 -12.85 -64.45 49.53
N LEU I 198 -11.64 -64.98 49.37
CA LEU I 198 -10.56 -64.22 48.77
C LEU I 198 -10.79 -63.96 47.29
N ASN I 199 -11.60 -64.80 46.62
CA ASN I 199 -11.98 -64.51 45.24
C ASN I 199 -12.83 -63.25 45.15
N GLU I 200 -13.59 -62.94 46.20
CA GLU I 200 -14.35 -61.70 46.24
C GLU I 200 -13.39 -60.51 46.30
N VAL I 201 -13.85 -59.38 45.74
CA VAL I 201 -12.96 -58.24 45.55
C VAL I 201 -12.63 -57.59 46.90
N GLY I 202 -11.55 -56.81 46.89
CA GLY I 202 -11.10 -56.09 48.06
C GLY I 202 -10.18 -54.97 47.68
N TYR I 203 -9.47 -54.43 48.68
CA TYR I 203 -8.56 -53.31 48.44
C TYR I 203 -7.46 -53.69 47.47
N ASP I 204 -6.96 -54.93 47.54
CA ASP I 204 -5.88 -55.35 46.68
C ASP I 204 -6.29 -55.51 45.22
N ASP I 205 -7.59 -55.46 44.92
CA ASP I 205 -8.08 -55.66 43.56
C ASP I 205 -8.16 -54.38 42.75
N ILE I 206 -7.76 -53.25 43.32
CA ILE I 206 -7.62 -51.99 42.58
C ILE I 206 -6.18 -51.54 42.69
N GLY I 207 -5.55 -51.29 41.55
CA GLY I 207 -4.18 -50.82 41.54
C GLY I 207 -4.01 -49.48 40.87
N GLY I 208 -4.91 -49.17 39.93
CA GLY I 208 -4.77 -47.94 39.15
C GLY I 208 -5.14 -46.68 39.91
N CYS I 209 -5.71 -46.80 41.10
CA CYS I 209 -6.14 -45.64 41.89
C CYS I 209 -5.59 -45.77 43.30
N ARG I 210 -4.71 -44.84 43.67
CA ARG I 210 -4.15 -44.78 45.02
C ARG I 210 -4.72 -43.63 45.83
N LYS I 211 -4.62 -42.40 45.33
CA LYS I 211 -5.20 -41.26 46.03
C LYS I 211 -6.72 -41.34 46.05
N GLN I 212 -7.32 -41.72 44.92
CA GLN I 212 -8.78 -41.78 44.84
C GLN I 212 -9.37 -42.90 45.68
N LEU I 213 -8.65 -44.01 45.84
CA LEU I 213 -9.10 -45.07 46.74
C LEU I 213 -8.94 -44.68 48.20
N ALA I 214 -7.82 -44.01 48.54
CA ALA I 214 -7.63 -43.54 49.90
C ALA I 214 -8.64 -42.47 50.28
N GLN I 215 -9.10 -41.69 49.29
CA GLN I 215 -10.15 -40.70 49.56
C GLN I 215 -11.43 -41.38 50.02
N ILE I 216 -11.86 -42.43 49.31
CA ILE I 216 -13.06 -43.16 49.70
C ILE I 216 -12.82 -43.88 51.03
N LYS I 217 -11.60 -44.38 51.25
CA LYS I 217 -11.28 -45.02 52.51
C LYS I 217 -11.48 -44.08 53.68
N GLU I 218 -10.88 -42.88 53.62
CA GLU I 218 -11.07 -41.90 54.67
C GLU I 218 -12.52 -41.44 54.75
N MET I 219 -13.23 -41.42 53.61
CA MET I 219 -14.61 -40.96 53.61
C MET I 219 -15.53 -41.91 54.36
N VAL I 220 -15.39 -43.21 54.14
CA VAL I 220 -16.38 -44.18 54.57
C VAL I 220 -15.88 -45.15 55.64
N GLU I 221 -14.62 -45.05 56.07
CA GLU I 221 -14.14 -45.96 57.11
C GLU I 221 -14.77 -45.62 58.45
N LEU I 222 -14.74 -44.35 58.84
CA LEU I 222 -15.32 -43.95 60.13
C LEU I 222 -16.83 -44.16 60.20
N PRO I 223 -17.64 -43.73 59.22
CA PRO I 223 -19.09 -43.97 59.32
C PRO I 223 -19.50 -45.43 59.35
N LEU I 224 -18.74 -46.31 58.69
CA LEU I 224 -19.10 -47.72 58.60
C LEU I 224 -18.57 -48.55 59.76
N ARG I 225 -17.28 -48.42 60.07
CA ARG I 225 -16.69 -49.23 61.13
C ARG I 225 -17.22 -48.83 62.49
N HIS I 226 -17.42 -47.53 62.73
CA HIS I 226 -17.87 -47.02 64.02
C HIS I 226 -19.07 -46.10 63.82
N PRO I 227 -20.25 -46.66 63.57
CA PRO I 227 -21.46 -45.81 63.51
C PRO I 227 -21.88 -45.28 64.87
N ALA I 228 -21.44 -45.92 65.96
CA ALA I 228 -21.79 -45.43 67.29
C ALA I 228 -21.18 -44.07 67.56
N LEU I 229 -19.98 -43.79 67.05
CA LEU I 229 -19.39 -42.48 67.22
C LEU I 229 -20.21 -41.41 66.52
N PHE I 230 -20.71 -41.71 65.32
CA PHE I 230 -21.55 -40.74 64.61
C PHE I 230 -22.89 -40.55 65.29
N LYS I 231 -23.46 -41.64 65.83
CA LYS I 231 -24.70 -41.53 66.59
C LYS I 231 -24.48 -40.72 67.86
N ALA I 232 -23.27 -40.78 68.42
CA ALA I 232 -22.97 -40.06 69.66
C ALA I 232 -22.64 -38.60 69.37
N ILE I 233 -21.60 -38.36 68.59
CA ILE I 233 -21.13 -37.01 68.32
C ILE I 233 -21.97 -36.41 67.20
N GLY I 234 -22.47 -35.19 67.41
CA GLY I 234 -23.25 -34.54 66.38
C GLY I 234 -22.38 -34.14 65.20
N VAL I 235 -22.49 -34.92 64.12
CA VAL I 235 -21.73 -34.70 62.90
C VAL I 235 -22.68 -34.96 61.74
N LYS I 236 -22.30 -34.48 60.55
CA LYS I 236 -23.02 -34.79 59.33
C LYS I 236 -22.28 -35.90 58.59
N PRO I 237 -22.69 -37.16 58.75
CA PRO I 237 -21.95 -38.27 58.13
C PRO I 237 -22.04 -38.22 56.62
N PRO I 238 -21.00 -38.66 55.92
CA PRO I 238 -21.08 -38.75 54.46
C PRO I 238 -22.10 -39.78 54.01
N ARG I 239 -23.22 -39.30 53.46
CA ARG I 239 -24.28 -40.17 52.95
C ARG I 239 -24.51 -39.79 51.49
N GLY I 240 -23.71 -40.39 50.61
CA GLY I 240 -23.78 -40.11 49.20
C GLY I 240 -22.41 -39.90 48.60
N ILE I 241 -22.08 -40.71 47.59
CA ILE I 241 -20.80 -40.61 46.89
C ILE I 241 -21.10 -40.55 45.39
N LEU I 242 -20.28 -39.80 44.66
CA LEU I 242 -20.51 -39.52 43.25
C LEU I 242 -19.29 -39.93 42.43
N LEU I 243 -18.83 -41.16 42.64
CA LEU I 243 -17.73 -41.71 41.84
C LEU I 243 -18.04 -41.59 40.36
N TYR I 244 -17.30 -40.76 39.64
CA TYR I 244 -17.53 -40.57 38.22
C TYR I 244 -16.24 -40.79 37.45
N GLY I 245 -16.38 -41.29 36.23
CA GLY I 245 -15.27 -41.58 35.38
C GLY I 245 -15.72 -42.37 34.17
N PRO I 246 -14.82 -42.62 33.23
CA PRO I 246 -15.19 -43.36 32.03
C PRO I 246 -15.63 -44.77 32.40
N PRO I 247 -16.52 -45.36 31.61
CA PRO I 247 -17.00 -46.71 31.92
C PRO I 247 -15.88 -47.73 31.88
N GLY I 248 -15.96 -48.72 32.77
CA GLY I 248 -14.94 -49.74 32.86
C GLY I 248 -13.73 -49.36 33.65
N THR I 249 -13.81 -48.32 34.48
CA THR I 249 -12.68 -47.84 35.27
C THR I 249 -12.63 -48.46 36.66
N GLY I 250 -13.61 -49.28 37.03
CA GLY I 250 -13.61 -49.95 38.31
C GLY I 250 -14.42 -49.27 39.39
N LYS I 251 -15.36 -48.39 39.04
CA LYS I 251 -16.19 -47.75 40.06
C LYS I 251 -17.04 -48.78 40.80
N THR I 252 -17.65 -49.72 40.06
CA THR I 252 -18.37 -50.81 40.70
C THR I 252 -17.42 -51.70 41.48
N LEU I 253 -16.23 -51.97 40.92
CA LEU I 253 -15.23 -52.75 41.64
C LEU I 253 -14.81 -52.06 42.93
N ILE I 254 -14.60 -50.74 42.88
CA ILE I 254 -14.19 -50.00 44.06
C ILE I 254 -15.31 -50.00 45.10
N ALA I 255 -16.56 -49.85 44.66
CA ALA I 255 -17.68 -49.87 45.58
C ALA I 255 -17.82 -51.22 46.27
N ARG I 256 -17.72 -52.30 45.51
CA ARG I 256 -17.78 -53.63 46.13
C ARG I 256 -16.59 -53.84 47.07
N ALA I 257 -15.40 -53.39 46.66
CA ALA I 257 -14.19 -53.54 47.46
C ALA I 257 -14.31 -52.84 48.80
N VAL I 258 -14.41 -51.50 48.81
CA VAL I 258 -14.71 -50.87 50.08
C VAL I 258 -16.22 -50.69 50.17
N ALA I 259 -16.93 -51.82 50.15
CA ALA I 259 -18.19 -52.04 50.86
C ALA I 259 -18.26 -53.41 51.51
N ASN I 260 -17.49 -54.39 51.03
CA ASN I 260 -17.40 -55.71 51.66
C ASN I 260 -16.22 -55.84 52.61
N GLU I 261 -15.07 -55.26 52.25
CA GLU I 261 -13.91 -55.31 53.14
C GLU I 261 -14.10 -54.42 54.36
N THR I 262 -14.65 -53.22 54.15
CA THR I 262 -14.89 -52.29 55.25
C THR I 262 -16.24 -52.57 55.92
N GLY I 263 -17.31 -52.59 55.12
CA GLY I 263 -18.64 -52.87 55.62
C GLY I 263 -18.95 -54.36 55.62
N ALA I 264 -20.24 -54.67 55.67
CA ALA I 264 -20.69 -56.05 55.66
C ALA I 264 -21.77 -56.36 54.64
N PHE I 265 -22.53 -55.36 54.18
CA PHE I 265 -23.57 -55.58 53.18
C PHE I 265 -23.39 -54.56 52.06
N PHE I 266 -23.44 -55.03 50.82
CA PHE I 266 -23.24 -54.20 49.64
C PHE I 266 -24.38 -54.45 48.66
N PHE I 267 -25.16 -53.41 48.38
CA PHE I 267 -26.28 -53.50 47.46
C PHE I 267 -25.86 -52.97 46.09
N LEU I 268 -26.27 -53.68 45.03
CA LEU I 268 -25.79 -53.41 43.68
C LEU I 268 -26.99 -53.32 42.73
N ILE I 269 -27.94 -52.45 43.06
CA ILE I 269 -29.01 -52.16 42.11
C ILE I 269 -28.39 -51.66 40.81
N ASN I 270 -28.86 -52.22 39.69
CA ASN I 270 -28.15 -52.06 38.42
C ASN I 270 -28.20 -50.65 37.89
N GLY I 271 -29.30 -49.92 38.14
CA GLY I 271 -29.58 -48.70 37.44
C GLY I 271 -30.55 -48.87 36.28
N PRO I 272 -30.11 -49.53 35.20
CA PRO I 272 -31.08 -49.91 34.15
C PRO I 272 -32.17 -50.83 34.66
N GLU I 273 -31.91 -51.61 35.72
CA GLU I 273 -32.95 -52.46 36.29
C GLU I 273 -34.12 -51.63 36.81
N ILE I 274 -33.81 -50.52 37.50
CA ILE I 274 -34.87 -49.65 38.01
C ILE I 274 -35.46 -48.76 36.93
N MET I 275 -34.72 -48.48 35.86
CA MET I 275 -35.26 -47.74 34.73
C MET I 275 -36.06 -48.63 33.78
N SER I 276 -35.99 -49.95 33.95
CA SER I 276 -36.57 -50.90 33.02
C SER I 276 -37.90 -51.49 33.47
N LYS I 277 -38.09 -51.66 34.78
CA LYS I 277 -39.27 -52.33 35.28
C LYS I 277 -40.51 -51.46 35.08
N LEU I 278 -41.67 -52.03 35.43
CA LEU I 278 -42.96 -51.42 35.12
C LEU I 278 -43.34 -50.33 36.12
N ALA I 279 -42.53 -49.26 36.12
CA ALA I 279 -42.81 -48.04 36.87
C ALA I 279 -43.01 -48.30 38.35
N GLY I 280 -44.23 -48.70 38.74
CA GLY I 280 -44.53 -48.91 40.14
C GLY I 280 -43.68 -50.00 40.78
N GLU I 281 -43.47 -51.11 40.05
CA GLU I 281 -42.62 -52.17 40.58
C GLU I 281 -41.17 -51.71 40.67
N SER I 282 -40.73 -50.89 39.71
CA SER I 282 -39.37 -50.34 39.76
C SER I 282 -39.19 -49.46 40.99
N GLU I 283 -40.15 -48.59 41.27
CA GLU I 283 -40.05 -47.74 42.44
C GLU I 283 -40.17 -48.55 43.73
N SER I 284 -40.96 -49.63 43.70
CA SER I 284 -41.03 -50.52 44.84
C SER I 284 -39.67 -51.17 45.11
N ASN I 285 -38.98 -51.60 44.05
CA ASN I 285 -37.63 -52.15 44.22
C ASN I 285 -36.67 -51.08 44.73
N LEU I 286 -36.80 -49.85 44.24
CA LEU I 286 -35.96 -48.76 44.72
C LEU I 286 -36.15 -48.52 46.21
N ARG I 287 -37.41 -48.52 46.66
CA ARG I 287 -37.68 -48.37 48.09
C ARG I 287 -37.16 -49.58 48.88
N LYS I 288 -37.35 -50.78 48.34
CA LYS I 288 -37.02 -51.99 49.09
C LYS I 288 -35.51 -52.18 49.22
N ALA I 289 -34.73 -51.77 48.21
CA ALA I 289 -33.29 -51.84 48.35
C ALA I 289 -32.80 -50.95 49.48
N PHE I 290 -33.32 -49.73 49.56
CA PHE I 290 -32.96 -48.82 50.64
C PHE I 290 -33.40 -49.38 51.99
N GLU I 291 -34.61 -49.97 52.03
CA GLU I 291 -35.11 -50.55 53.27
C GLU I 291 -34.23 -51.69 53.75
N GLU I 292 -33.91 -52.64 52.85
CA GLU I 292 -33.06 -53.76 53.22
C GLU I 292 -31.65 -53.31 53.59
N ALA I 293 -31.18 -52.22 52.98
CA ALA I 293 -29.90 -51.65 53.40
C ALA I 293 -29.98 -51.10 54.82
N GLU I 294 -31.08 -50.43 55.16
CA GLU I 294 -31.22 -49.88 56.50
C GLU I 294 -31.83 -50.87 57.49
N LYS I 295 -32.27 -52.04 57.02
CA LYS I 295 -32.84 -53.03 57.93
C LYS I 295 -31.80 -54.06 58.39
N ASN I 296 -30.88 -54.44 57.51
CA ASN I 296 -29.96 -55.53 57.82
C ASN I 296 -28.82 -55.05 58.72
N ALA I 297 -28.02 -54.10 58.23
CA ALA I 297 -26.84 -53.62 58.93
C ALA I 297 -26.33 -52.36 58.24
N PRO I 298 -25.38 -51.61 58.83
CA PRO I 298 -24.73 -50.53 58.08
C PRO I 298 -24.18 -51.02 56.75
N ALA I 299 -24.78 -50.55 55.65
CA ALA I 299 -24.51 -51.08 54.33
C ALA I 299 -24.19 -49.94 53.37
N ILE I 300 -23.90 -50.30 52.13
CA ILE I 300 -23.57 -49.36 51.07
C ILE I 300 -24.49 -49.65 49.88
N ILE I 301 -25.27 -48.65 49.48
CA ILE I 301 -26.11 -48.75 48.31
C ILE I 301 -25.34 -48.18 47.12
N PHE I 302 -25.23 -48.97 46.06
CA PHE I 302 -24.47 -48.57 44.88
C PHE I 302 -25.43 -48.39 43.71
N ILE I 303 -25.43 -47.20 43.13
CA ILE I 303 -26.22 -46.89 41.94
C ILE I 303 -25.24 -46.84 40.77
N ASP I 304 -25.14 -47.95 40.03
CA ASP I 304 -24.15 -48.08 38.97
C ASP I 304 -24.42 -47.14 37.80
N GLU I 305 -25.67 -46.71 37.60
CA GLU I 305 -26.05 -45.89 36.45
C GLU I 305 -26.92 -44.73 36.90
N LEU I 306 -26.45 -43.99 37.91
CA LEU I 306 -27.17 -42.80 38.35
C LEU I 306 -27.37 -41.80 37.21
N ASP I 307 -26.48 -41.80 36.23
CA ASP I 307 -26.69 -41.01 35.03
C ASP I 307 -27.91 -41.48 34.25
N ALA I 308 -28.20 -42.78 34.29
CA ALA I 308 -29.37 -43.31 33.58
C ALA I 308 -30.64 -43.15 34.40
N ILE I 309 -30.57 -43.43 35.71
CA ILE I 309 -31.74 -43.27 36.56
C ILE I 309 -32.14 -41.81 36.66
N ALA I 310 -31.17 -40.92 36.85
CA ALA I 310 -31.41 -39.49 37.06
C ALA I 310 -30.59 -38.68 36.07
N PRO I 311 -31.02 -38.60 34.81
CA PRO I 311 -30.37 -37.67 33.88
C PRO I 311 -30.83 -36.24 34.11
N LYS I 312 -30.42 -35.32 33.23
CA LYS I 312 -30.88 -33.94 33.32
C LYS I 312 -32.40 -33.87 33.21
N ARG I 313 -33.07 -33.48 34.30
CA ARG I 313 -34.52 -33.43 34.32
C ARG I 313 -35.06 -32.39 33.35
N GLU I 314 -34.30 -31.32 33.10
CA GLU I 314 -34.75 -30.27 32.21
C GLU I 314 -34.91 -30.78 30.77
N LYS I 315 -34.02 -31.64 30.32
CA LYS I 315 -34.06 -32.15 28.95
C LYS I 315 -34.89 -33.41 28.79
N THR I 316 -35.43 -33.96 29.88
CA THR I 316 -36.27 -35.14 29.79
C THR I 316 -37.60 -34.81 29.15
N HIS I 317 -38.15 -35.77 28.41
CA HIS I 317 -39.43 -35.60 27.72
C HIS I 317 -40.58 -36.20 28.51
N GLY I 318 -40.48 -37.48 28.85
CA GLY I 318 -41.52 -38.11 29.64
C GLY I 318 -41.55 -37.60 31.06
N GLU I 319 -42.69 -37.84 31.72
CA GLU I 319 -42.86 -37.41 33.11
C GLU I 319 -42.71 -38.53 34.12
N VAL I 320 -42.93 -39.78 33.71
CA VAL I 320 -42.68 -40.89 34.62
C VAL I 320 -41.19 -41.01 34.93
N GLU I 321 -40.32 -40.67 33.96
CA GLU I 321 -38.90 -40.55 34.28
C GLU I 321 -38.63 -39.36 35.18
N ARG I 322 -39.39 -38.26 35.02
CA ARG I 322 -39.31 -37.16 35.97
C ARG I 322 -39.76 -37.61 37.35
N ARG I 323 -40.80 -38.45 37.41
CA ARG I 323 -41.21 -39.02 38.68
C ARG I 323 -40.12 -39.87 39.30
N ILE I 324 -39.41 -40.65 38.47
CA ILE I 324 -38.31 -41.47 38.96
C ILE I 324 -37.20 -40.59 39.54
N VAL I 325 -36.85 -39.53 38.81
CA VAL I 325 -35.79 -38.63 39.27
C VAL I 325 -36.18 -37.95 40.59
N SER I 326 -37.42 -37.47 40.66
CA SER I 326 -37.86 -36.78 41.87
C SER I 326 -38.00 -37.74 43.05
N GLN I 327 -38.44 -38.99 42.79
CA GLN I 327 -38.52 -39.98 43.86
C GLN I 327 -37.13 -40.34 44.38
N LEU I 328 -36.15 -40.46 43.48
CA LEU I 328 -34.78 -40.68 43.91
C LEU I 328 -34.26 -39.51 44.73
N LEU I 329 -34.58 -38.28 44.31
CA LEU I 329 -34.17 -37.10 45.05
C LEU I 329 -34.77 -37.08 46.45
N THR I 330 -36.06 -37.39 46.56
CA THR I 330 -36.71 -37.41 47.86
C THR I 330 -36.21 -38.55 48.74
N LEU I 331 -35.91 -39.70 48.14
CA LEU I 331 -35.33 -40.80 48.91
C LEU I 331 -33.95 -40.44 49.45
N MET I 332 -33.14 -39.76 48.63
CA MET I 332 -31.81 -39.35 49.10
C MET I 332 -31.92 -38.27 50.17
N ASP I 333 -32.87 -37.33 50.01
CA ASP I 333 -33.07 -36.31 51.04
C ASP I 333 -33.56 -36.93 52.34
N GLY I 334 -34.45 -37.93 52.27
CA GLY I 334 -34.90 -38.65 53.44
C GLY I 334 -33.93 -39.70 53.94
N LEU I 335 -32.83 -39.90 53.23
CA LEU I 335 -31.79 -40.83 53.65
C LEU I 335 -30.83 -40.21 54.66
N LYS I 336 -31.15 -39.01 55.17
CA LYS I 336 -30.34 -38.40 56.22
C LYS I 336 -30.42 -39.18 57.52
N GLN I 337 -31.37 -40.11 57.64
CA GLN I 337 -31.55 -40.87 58.86
C GLN I 337 -30.64 -42.11 58.86
N ARG I 338 -30.69 -42.84 59.98
CA ARG I 338 -30.01 -44.11 60.24
C ARG I 338 -28.51 -43.94 60.45
N ALA I 339 -27.98 -42.77 60.08
CA ALA I 339 -26.61 -42.37 60.38
C ALA I 339 -25.53 -43.38 59.99
N HIS I 340 -25.88 -44.41 59.22
CA HIS I 340 -24.88 -45.45 58.93
C HIS I 340 -24.97 -46.02 57.51
N VAL I 341 -25.74 -45.44 56.61
CA VAL I 341 -25.94 -45.99 55.27
C VAL I 341 -25.26 -45.06 54.27
N ILE I 342 -24.24 -45.57 53.59
CA ILE I 342 -23.60 -44.82 52.52
C ILE I 342 -24.26 -45.19 51.19
N VAL I 343 -24.34 -44.21 50.29
CA VAL I 343 -25.02 -44.39 49.01
C VAL I 343 -24.03 -43.98 47.91
N MET I 344 -23.31 -44.95 47.35
CA MET I 344 -22.40 -44.67 46.26
C MET I 344 -23.15 -44.62 44.94
N ALA I 345 -22.73 -43.72 44.06
CA ALA I 345 -23.34 -43.56 42.74
C ALA I 345 -22.25 -43.50 41.69
N ALA I 346 -22.46 -44.20 40.58
CA ALA I 346 -21.51 -44.24 39.48
C ALA I 346 -22.09 -43.57 38.26
N THR I 347 -21.23 -42.85 37.52
CA THR I 347 -21.63 -42.15 36.32
C THR I 347 -20.38 -41.89 35.48
N ASN I 348 -20.59 -41.34 34.28
CA ASN I 348 -19.48 -41.07 33.38
C ASN I 348 -18.93 -39.66 33.52
N ARG I 349 -19.75 -38.71 33.99
CA ARG I 349 -19.32 -37.32 34.13
C ARG I 349 -20.29 -36.61 35.05
N PRO I 350 -19.85 -35.59 35.78
CA PRO I 350 -20.77 -34.91 36.71
C PRO I 350 -21.66 -33.87 36.05
N ASN I 351 -21.29 -33.38 34.87
CA ASN I 351 -22.09 -32.38 34.17
C ASN I 351 -23.20 -32.99 33.33
N SER I 352 -23.48 -34.28 33.49
CA SER I 352 -24.58 -34.94 32.82
C SER I 352 -25.75 -35.28 33.73
N ILE I 353 -25.51 -35.36 35.04
CA ILE I 353 -26.58 -35.56 36.01
C ILE I 353 -27.31 -34.25 36.21
N ASP I 354 -28.62 -34.34 36.50
CA ASP I 354 -29.41 -33.16 36.79
C ASP I 354 -28.80 -32.40 37.97
N PRO I 355 -28.71 -31.07 37.89
CA PRO I 355 -28.10 -30.31 38.99
C PRO I 355 -28.95 -30.28 40.25
N ALA I 356 -29.40 -31.44 40.70
CA ALA I 356 -30.08 -31.59 41.97
C ALA I 356 -29.57 -32.76 42.79
N LEU I 357 -28.92 -33.74 42.18
CA LEU I 357 -28.22 -34.82 42.89
C LEU I 357 -26.84 -34.41 43.35
N ARG I 358 -26.53 -33.11 43.34
CA ARG I 358 -25.27 -32.60 43.87
C ARG I 358 -25.49 -31.69 45.07
N ARG I 359 -26.69 -31.65 45.62
CA ARG I 359 -27.01 -30.81 46.76
C ARG I 359 -26.43 -31.42 48.04
N PHE I 360 -26.51 -30.66 49.13
CA PHE I 360 -25.99 -31.12 50.41
C PHE I 360 -26.73 -32.36 50.89
N GLY I 361 -25.98 -33.36 51.30
CA GLY I 361 -26.55 -34.62 51.76
C GLY I 361 -26.92 -35.59 50.68
N ARG I 362 -26.78 -35.22 49.40
CA ARG I 362 -27.11 -36.08 48.27
C ARG I 362 -25.95 -36.02 47.29
N PHE I 363 -25.01 -36.97 47.41
CA PHE I 363 -23.85 -37.08 46.54
C PHE I 363 -23.07 -35.77 46.47
N ASP I 364 -22.89 -35.15 47.64
CA ASP I 364 -22.17 -33.88 47.70
C ASP I 364 -20.68 -34.03 47.49
N ARG I 365 -20.16 -35.25 47.58
CA ARG I 365 -18.73 -35.51 47.46
C ARG I 365 -18.44 -36.21 46.14
N GLU I 366 -17.57 -35.61 45.33
CA GLU I 366 -17.14 -36.19 44.08
C GLU I 366 -15.70 -36.68 44.22
N VAL I 367 -15.47 -37.95 43.87
CA VAL I 367 -14.22 -38.64 44.15
C VAL I 367 -13.63 -39.16 42.83
N ASP I 368 -13.75 -38.35 41.77
CA ASP I 368 -13.47 -38.70 40.38
C ASP I 368 -12.33 -39.69 40.19
N ILE I 369 -12.59 -40.75 39.45
CA ILE I 369 -11.62 -41.84 39.28
C ILE I 369 -10.63 -41.54 38.17
N GLY I 370 -11.11 -41.21 36.98
CA GLY I 370 -10.25 -40.88 35.87
C GLY I 370 -9.58 -42.08 35.24
N ILE I 371 -9.04 -41.90 34.03
CA ILE I 371 -8.37 -42.99 33.33
C ILE I 371 -7.13 -43.40 34.11
N PRO I 372 -6.83 -44.69 34.25
CA PRO I 372 -5.57 -45.09 34.87
C PRO I 372 -4.38 -44.52 34.11
N ASP I 373 -3.37 -44.09 34.87
CA ASP I 373 -2.28 -43.30 34.32
C ASP I 373 -0.94 -44.00 34.55
N ALA I 374 -0.19 -44.21 33.46
CA ALA I 374 1.18 -44.70 33.50
C ALA I 374 1.33 -45.95 34.35
N THR I 375 2.13 -45.84 35.42
CA THR I 375 2.38 -46.99 36.29
C THR I 375 1.10 -47.53 36.89
N GLY I 376 0.08 -46.68 37.04
CA GLY I 376 -1.22 -47.15 37.52
C GLY I 376 -1.77 -48.25 36.63
N ARG I 377 -1.67 -48.08 35.31
CA ARG I 377 -2.05 -49.16 34.41
C ARG I 377 -1.21 -50.40 34.69
N LEU I 378 0.10 -50.21 34.89
CA LEU I 378 0.95 -51.29 35.37
C LEU I 378 0.39 -51.87 36.67
N GLU I 379 0.02 -51.00 37.60
CA GLU I 379 -0.53 -51.47 38.88
C GLU I 379 -1.86 -52.18 38.69
N ILE I 380 -2.49 -52.05 37.53
CA ILE I 380 -3.68 -52.84 37.24
C ILE I 380 -3.29 -54.21 36.70
N LEU I 381 -2.27 -54.25 35.82
CA LEU I 381 -1.92 -55.48 35.13
C LEU I 381 -1.51 -56.57 36.12
N GLN I 382 -0.69 -56.22 37.11
CA GLN I 382 -0.28 -57.19 38.12
C GLN I 382 -1.45 -57.75 38.90
N ILE I 383 -2.57 -57.02 38.98
CA ILE I 383 -3.75 -57.56 39.64
C ILE I 383 -4.40 -58.65 38.79
N HIS I 384 -4.39 -58.49 37.47
CA HIS I 384 -4.98 -59.47 36.57
C HIS I 384 -3.97 -60.50 36.08
N THR I 385 -2.73 -60.43 36.56
CA THR I 385 -1.68 -61.36 36.17
C THR I 385 -1.19 -62.23 37.32
N LYS I 386 -1.42 -61.80 38.57
CA LYS I 386 -0.92 -62.54 39.73
C LYS I 386 -1.47 -63.96 39.77
N ASN I 387 -2.78 -64.10 39.51
CA ASN I 387 -3.35 -65.45 39.40
C ASN I 387 -2.84 -66.16 38.15
N MET I 388 -2.57 -65.42 37.09
CA MET I 388 -2.07 -65.97 35.84
C MET I 388 -0.56 -66.21 35.96
N LYS I 389 0.08 -66.51 34.83
CA LYS I 389 1.52 -66.58 34.74
C LYS I 389 2.02 -65.53 33.76
N LEU I 390 3.32 -65.25 33.81
CA LEU I 390 3.89 -64.21 32.97
C LEU I 390 5.22 -64.61 32.33
N ALA I 391 5.65 -65.85 32.49
CA ALA I 391 6.92 -66.37 31.94
C ALA I 391 8.05 -65.49 32.50
N ASP I 392 9.05 -65.14 31.68
CA ASP I 392 10.15 -64.31 32.16
C ASP I 392 10.58 -63.22 31.18
N ASP I 393 9.98 -63.14 29.99
CA ASP I 393 10.38 -62.19 28.97
C ASP I 393 9.41 -61.02 28.82
N VAL I 394 8.34 -60.98 29.61
CA VAL I 394 7.35 -59.91 29.45
C VAL I 394 7.91 -58.61 30.04
N ASP I 395 7.69 -57.52 29.31
CA ASP I 395 8.06 -56.18 29.76
C ASP I 395 6.76 -55.50 30.20
N LEU I 396 6.38 -55.72 31.45
CA LEU I 396 5.12 -55.17 31.96
C LEU I 396 5.13 -53.64 31.95
N GLU I 397 6.28 -53.03 32.20
CA GLU I 397 6.37 -51.57 32.12
C GLU I 397 6.18 -51.08 30.69
N GLN I 398 6.69 -51.84 29.72
CA GLN I 398 6.54 -51.43 28.32
C GLN I 398 5.09 -51.54 27.87
N VAL I 399 4.43 -52.66 28.19
CA VAL I 399 3.03 -52.80 27.83
C VAL I 399 2.16 -51.84 28.63
N ALA I 400 2.61 -51.42 29.82
CA ALA I 400 1.90 -50.38 30.55
C ALA I 400 2.03 -49.03 29.86
N ASN I 401 3.22 -48.73 29.33
CA ASN I 401 3.38 -47.53 28.51
C ASN I 401 2.74 -47.70 27.15
N GLU I 402 2.44 -48.95 26.75
CA GLU I 402 1.82 -49.21 25.46
C GLU I 402 0.30 -49.05 25.51
N THR I 403 -0.30 -49.28 26.66
CA THR I 403 -1.76 -49.32 26.79
C THR I 403 -2.35 -47.94 27.12
N HIS I 404 -1.94 -46.94 26.36
CA HIS I 404 -2.40 -45.58 26.61
C HIS I 404 -3.85 -45.41 26.18
N GLY I 405 -4.66 -44.85 27.07
CA GLY I 405 -6.07 -44.65 26.80
C GLY I 405 -6.97 -45.82 27.14
N HIS I 406 -6.50 -46.75 27.96
CA HIS I 406 -7.28 -47.93 28.33
C HIS I 406 -7.73 -47.79 29.78
N VAL I 407 -9.03 -47.99 30.01
CA VAL I 407 -9.57 -48.09 31.36
C VAL I 407 -9.22 -49.46 31.92
N GLY I 408 -9.46 -49.65 33.22
CA GLY I 408 -9.13 -50.91 33.87
C GLY I 408 -9.85 -52.11 33.28
N ALA I 409 -11.01 -51.90 32.65
CA ALA I 409 -11.70 -53.01 32.00
C ALA I 409 -10.92 -53.50 30.79
N ASP I 410 -10.34 -52.58 30.02
CA ASP I 410 -9.52 -52.98 28.87
C ASP I 410 -8.29 -53.75 29.32
N LEU I 411 -7.64 -53.32 30.40
CA LEU I 411 -6.50 -54.05 30.94
C LEU I 411 -6.92 -55.43 31.45
N ALA I 412 -8.12 -55.53 32.03
CA ALA I 412 -8.64 -56.84 32.39
C ALA I 412 -8.89 -57.71 31.17
N ALA I 413 -9.40 -57.09 30.09
CA ALA I 413 -9.57 -57.83 28.83
C ALA I 413 -8.22 -58.07 28.16
N LEU I 414 -7.30 -57.12 28.26
CA LEU I 414 -5.96 -57.32 27.69
C LEU I 414 -5.25 -58.47 28.37
N CYS I 415 -5.35 -58.57 29.69
CA CYS I 415 -4.79 -59.70 30.41
C CYS I 415 -5.56 -60.99 30.17
N SER I 416 -6.82 -60.90 29.76
CA SER I 416 -7.60 -62.08 29.42
C SER I 416 -7.47 -62.50 27.97
N GLU I 417 -7.24 -61.55 27.07
CA GLU I 417 -7.06 -61.90 25.66
C GLU I 417 -5.68 -62.50 25.41
N ALA I 418 -4.66 -62.05 26.13
CA ALA I 418 -3.34 -62.67 25.99
C ALA I 418 -3.33 -64.07 26.59
N ALA I 419 -3.98 -64.25 27.75
CA ALA I 419 -4.11 -65.58 28.33
C ALA I 419 -4.88 -66.51 27.41
N LEU I 420 -5.96 -66.02 26.81
CA LEU I 420 -6.72 -66.83 25.86
C LEU I 420 -5.92 -67.12 24.61
N GLN I 421 -5.08 -66.18 24.17
CA GLN I 421 -4.18 -66.44 23.03
C GLN I 421 -3.22 -67.56 23.35
N ALA I 422 -2.62 -67.53 24.55
CA ALA I 422 -1.72 -68.61 24.95
C ALA I 422 -2.44 -69.94 25.05
N ILE I 423 -3.66 -69.93 25.61
CA ILE I 423 -4.43 -71.16 25.73
C ILE I 423 -4.77 -71.72 24.35
N ARG I 424 -5.19 -70.85 23.43
CA ARG I 424 -5.57 -71.31 22.10
C ARG I 424 -4.36 -71.75 21.28
N LYS I 425 -3.18 -71.19 21.54
CA LYS I 425 -1.98 -71.72 20.91
C LYS I 425 -1.57 -73.06 21.51
N LYS I 426 -1.85 -73.28 22.78
CA LYS I 426 -1.61 -74.59 23.39
C LYS I 426 -2.69 -75.61 23.06
N MET I 427 -3.84 -75.17 22.52
CA MET I 427 -4.88 -76.11 22.13
C MET I 427 -4.41 -77.01 20.99
N ASP I 428 -3.65 -76.45 20.04
CA ASP I 428 -3.10 -77.26 18.96
C ASP I 428 -2.05 -78.24 19.47
N LEU I 429 -1.29 -77.84 20.49
CA LEU I 429 -0.29 -78.74 21.05
C LEU I 429 -0.94 -79.90 21.78
N ILE I 430 -1.94 -79.62 22.61
CA ILE I 430 -2.65 -80.64 23.37
C ILE I 430 -3.99 -80.85 22.67
N ASP I 431 -4.03 -81.83 21.78
CA ASP I 431 -5.23 -82.10 21.01
C ASP I 431 -6.21 -82.98 21.79
N LEU I 432 -7.45 -82.98 21.34
CA LEU I 432 -8.54 -83.84 21.80
C LEU I 432 -8.98 -83.51 23.24
N GLU I 433 -8.38 -82.51 23.88
CA GLU I 433 -8.67 -82.21 25.27
C GLU I 433 -10.10 -81.71 25.48
N ASP I 434 -10.96 -82.55 26.07
CA ASP I 434 -12.27 -82.11 26.56
C ASP I 434 -12.44 -82.74 27.95
N GLU I 435 -11.87 -82.07 28.95
CA GLU I 435 -11.91 -82.50 30.35
C GLU I 435 -11.88 -81.24 31.21
N THR I 436 -11.56 -81.42 32.50
CA THR I 436 -11.21 -80.29 33.35
C THR I 436 -9.86 -79.69 33.01
N ILE I 437 -9.10 -80.34 32.13
CA ILE I 437 -7.78 -79.90 31.65
C ILE I 437 -6.82 -79.78 32.83
N ASP I 438 -7.10 -80.51 33.90
CA ASP I 438 -6.21 -80.67 35.06
C ASP I 438 -5.81 -79.29 35.60
N ALA I 439 -4.64 -79.21 36.23
CA ALA I 439 -4.05 -77.94 36.62
C ALA I 439 -2.54 -77.89 36.39
N GLU I 440 -1.96 -78.94 35.81
CA GLU I 440 -0.52 -79.01 35.59
C GLU I 440 -0.12 -78.36 34.27
N VAL I 441 -0.90 -78.58 33.21
CA VAL I 441 -0.62 -77.91 31.94
C VAL I 441 -0.83 -76.41 32.07
N MET I 442 -1.81 -75.99 32.88
CA MET I 442 -2.00 -74.57 33.15
C MET I 442 -0.82 -73.99 33.91
N ASN I 443 -0.23 -74.77 34.82
CA ASN I 443 1.00 -74.35 35.47
C ASN I 443 2.13 -74.24 34.45
N SER I 444 2.18 -75.17 33.49
CA SER I 444 3.19 -75.11 32.44
C SER I 444 2.92 -73.99 31.45
N LEU I 445 1.72 -73.40 31.46
CA LEU I 445 1.42 -72.29 30.57
C LEU I 445 2.24 -71.07 30.95
N ALA I 446 2.91 -70.47 29.97
CA ALA I 446 3.77 -69.31 30.19
C ALA I 446 3.43 -68.25 29.14
N VAL I 447 2.64 -67.27 29.54
CA VAL I 447 2.27 -66.19 28.62
C VAL I 447 3.49 -65.30 28.37
N THR I 448 3.86 -65.17 27.10
CA THR I 448 5.05 -64.45 26.68
C THR I 448 4.64 -63.11 26.07
N MET I 449 5.64 -62.39 25.56
CA MET I 449 5.39 -61.10 24.90
C MET I 449 4.58 -61.24 23.62
N ASP I 450 4.59 -62.41 22.99
CA ASP I 450 3.80 -62.61 21.77
C ASP I 450 2.31 -62.48 22.06
N ASP I 451 1.84 -63.16 23.11
CA ASP I 451 0.42 -63.11 23.46
C ASP I 451 0.00 -61.71 23.86
N PHE I 452 0.80 -61.05 24.70
CA PHE I 452 0.48 -59.69 25.13
C PHE I 452 0.49 -58.69 23.99
N ARG I 453 1.46 -58.78 23.08
CA ARG I 453 1.50 -57.93 21.89
C ARG I 453 0.30 -58.15 20.99
N TRP I 454 -0.07 -59.43 20.76
CA TRP I 454 -1.23 -59.72 19.94
C TRP I 454 -2.50 -59.17 20.58
N ALA I 455 -2.65 -59.34 21.89
CA ALA I 455 -3.82 -58.82 22.59
C ALA I 455 -3.86 -57.29 22.55
N LEU I 456 -2.71 -56.65 22.73
CA LEU I 456 -2.64 -55.20 22.68
C LEU I 456 -3.00 -54.68 21.30
N SER I 457 -2.55 -55.36 20.26
CA SER I 457 -2.95 -55.01 18.90
C SER I 457 -4.45 -55.21 18.71
N GLN I 458 -5.00 -56.28 19.27
CA GLN I 458 -6.43 -56.54 19.13
C GLN I 458 -7.26 -55.62 20.02
N SER I 459 -6.78 -55.33 21.23
CA SER I 459 -7.53 -54.52 22.17
C SER I 459 -7.71 -53.10 21.65
N ASN I 460 -8.88 -52.53 21.92
CA ASN I 460 -9.21 -51.18 21.51
C ASN I 460 -9.40 -50.30 22.74
N PRO I 461 -8.81 -49.11 22.79
CA PRO I 461 -9.04 -48.20 23.91
C PRO I 461 -10.50 -47.79 23.99
N SER I 462 -11.01 -47.72 25.22
CA SER I 462 -12.37 -47.28 25.46
C SER I 462 -12.44 -45.81 25.84
N ALA I 463 -11.47 -45.33 26.59
CA ALA I 463 -11.41 -43.93 27.04
C ALA I 463 -10.07 -43.36 26.60
N LEU I 464 -10.01 -42.85 25.37
CA LEU I 464 -8.80 -42.25 24.83
C LEU I 464 -8.90 -40.74 24.66
N ARG I 465 -10.07 -40.24 24.25
CA ARG I 465 -10.23 -38.81 24.04
C ARG I 465 -10.34 -38.02 25.34
N GLU I 466 -10.67 -38.68 26.45
CA GLU I 466 -10.72 -37.98 27.73
C GLU I 466 -9.31 -37.58 28.16
N THR I 467 -9.20 -36.41 28.77
CA THR I 467 -7.90 -35.91 29.22
C THR I 467 -7.34 -36.83 30.30
N VAL I 468 -6.06 -37.15 30.18
CA VAL I 468 -5.41 -38.07 31.10
C VAL I 468 -4.81 -37.28 32.26
N VAL I 469 -5.10 -37.72 33.48
CA VAL I 469 -4.56 -37.14 34.70
C VAL I 469 -3.49 -38.10 35.21
N GLU I 470 -2.24 -37.66 35.18
CA GLU I 470 -1.11 -38.55 35.38
C GLU I 470 -0.19 -38.03 36.48
N VAL I 471 0.55 -38.96 37.07
CA VAL I 471 1.72 -38.65 37.90
C VAL I 471 2.94 -39.06 37.09
N PRO I 472 3.69 -38.12 36.52
CA PRO I 472 4.72 -38.48 35.54
C PRO I 472 5.86 -39.25 36.17
N GLN I 473 6.50 -40.07 35.33
CA GLN I 473 7.69 -40.81 35.73
C GLN I 473 8.98 -40.02 35.51
N VAL I 474 8.87 -38.81 34.98
CA VAL I 474 10.04 -37.97 34.75
C VAL I 474 10.49 -37.39 36.09
N THR I 475 11.72 -37.68 36.48
CA THR I 475 12.30 -37.21 37.73
C THR I 475 13.39 -36.18 37.45
N TRP I 476 14.01 -35.69 38.52
CA TRP I 476 15.10 -34.74 38.36
C TRP I 476 16.30 -35.36 37.67
N GLU I 477 16.47 -36.68 37.80
CA GLU I 477 17.55 -37.36 37.10
C GLU I 477 17.36 -37.33 35.59
N ASP I 478 16.09 -37.35 35.13
CA ASP I 478 15.82 -37.27 33.70
C ASP I 478 16.00 -35.88 33.14
N ILE I 479 16.20 -34.88 34.00
CA ILE I 479 16.39 -33.50 33.56
C ILE I 479 17.90 -33.22 33.54
N GLY I 480 18.42 -32.94 32.35
CA GLY I 480 19.83 -32.61 32.21
C GLY I 480 20.10 -31.12 32.30
N GLY I 481 20.99 -30.72 33.20
CA GLY I 481 21.28 -29.31 33.36
C GLY I 481 20.15 -28.57 34.06
N LEU I 482 20.11 -27.26 33.82
CA LEU I 482 19.10 -26.37 34.39
C LEU I 482 19.07 -26.47 35.92
N GLU I 483 20.26 -26.51 36.53
CA GLU I 483 20.35 -26.65 37.98
C GLU I 483 19.79 -25.41 38.68
N ASP I 484 20.07 -24.22 38.15
CA ASP I 484 19.51 -23.00 38.72
C ASP I 484 17.99 -22.99 38.58
N VAL I 485 17.48 -23.41 37.42
CA VAL I 485 16.03 -23.48 37.22
C VAL I 485 15.42 -24.52 38.14
N LYS I 486 16.11 -25.66 38.32
CA LYS I 486 15.62 -26.68 39.25
C LYS I 486 15.56 -26.15 40.67
N ARG I 487 16.58 -25.40 41.10
CA ARG I 487 16.57 -24.82 42.44
C ARG I 487 15.45 -23.81 42.60
N GLU I 488 15.25 -22.95 41.59
CA GLU I 488 14.16 -21.97 41.66
C GLU I 488 12.81 -22.67 41.74
N LEU I 489 12.61 -23.72 40.95
CA LEU I 489 11.35 -24.45 40.97
C LEU I 489 11.13 -25.11 42.32
N GLN I 490 12.13 -25.83 42.83
CA GLN I 490 12.00 -26.53 44.10
C GLN I 490 11.92 -25.58 45.30
N GLU I 491 12.35 -24.33 45.15
CA GLU I 491 12.17 -23.33 46.19
C GLU I 491 10.93 -22.48 45.98
N LEU I 492 10.24 -22.63 44.85
CA LEU I 492 9.05 -21.83 44.57
C LEU I 492 7.75 -22.60 44.75
N VAL I 493 7.72 -23.90 44.46
CA VAL I 493 6.52 -24.70 44.61
C VAL I 493 6.62 -25.71 45.75
N GLN I 494 7.79 -26.29 46.00
CA GLN I 494 7.93 -27.22 47.10
C GLN I 494 8.02 -26.52 48.45
N TYR I 495 8.53 -25.28 48.47
CA TYR I 495 8.62 -24.55 49.72
C TYR I 495 7.26 -24.26 50.35
N PRO I 496 6.26 -23.72 49.63
CA PRO I 496 4.98 -23.41 50.30
C PRO I 496 4.21 -24.63 50.77
N VAL I 497 4.34 -25.77 50.07
CA VAL I 497 3.53 -26.94 50.43
C VAL I 497 4.01 -27.62 51.70
N GLU I 498 5.23 -27.33 52.14
CA GLU I 498 5.77 -27.92 53.36
C GLU I 498 6.05 -26.92 54.46
N HIS I 499 6.08 -25.62 54.16
CA HIS I 499 6.26 -24.57 55.16
C HIS I 499 5.20 -23.50 54.97
N PRO I 500 3.95 -23.78 55.36
CA PRO I 500 2.89 -22.79 55.20
C PRO I 500 2.92 -21.73 56.29
N ASP I 501 3.39 -22.11 57.48
CA ASP I 501 3.41 -21.18 58.60
C ASP I 501 4.34 -20.00 58.34
N LYS I 502 5.53 -20.26 57.78
CA LYS I 502 6.47 -19.18 57.52
C LYS I 502 5.98 -18.29 56.38
N PHE I 503 5.27 -18.85 55.41
CA PHE I 503 4.67 -18.03 54.36
C PHE I 503 3.54 -17.17 54.92
N LEU I 504 2.78 -17.70 55.88
CA LEU I 504 1.69 -16.94 56.46
C LEU I 504 2.20 -15.85 57.39
N LYS I 505 3.33 -16.08 58.06
CA LYS I 505 3.85 -15.12 59.03
C LYS I 505 4.24 -13.81 58.34
N PHE I 506 4.92 -13.90 57.20
CA PHE I 506 5.38 -12.71 56.49
C PHE I 506 4.29 -12.04 55.67
N GLY I 507 3.11 -12.65 55.57
CA GLY I 507 2.00 -12.06 54.85
C GLY I 507 2.22 -11.97 53.35
N MET I 508 2.36 -13.12 52.70
CA MET I 508 2.52 -13.15 51.25
C MET I 508 1.89 -14.43 50.71
N THR I 509 0.99 -14.27 49.75
CA THR I 509 0.44 -15.43 49.06
C THR I 509 1.51 -16.00 48.13
N PRO I 510 1.83 -17.29 48.23
CA PRO I 510 2.87 -17.85 47.36
C PRO I 510 2.46 -17.80 45.90
N SER I 511 3.46 -17.62 45.04
CA SER I 511 3.20 -17.48 43.61
C SER I 511 2.72 -18.79 43.01
N LYS I 512 1.58 -18.75 42.35
CA LYS I 512 1.00 -19.92 41.70
C LYS I 512 0.98 -19.68 40.20
N GLY I 513 1.72 -20.50 39.46
CA GLY I 513 1.75 -20.35 38.01
C GLY I 513 3.10 -19.82 37.57
N VAL I 514 3.73 -20.54 36.65
CA VAL I 514 5.04 -20.19 36.12
C VAL I 514 4.99 -20.31 34.60
N LEU I 515 5.42 -19.26 33.90
CA LEU I 515 5.46 -19.25 32.44
C LEU I 515 6.88 -19.58 32.01
N PHE I 516 7.09 -20.83 31.59
CA PHE I 516 8.40 -21.24 31.08
C PHE I 516 8.55 -20.74 29.65
N TYR I 517 9.45 -19.78 29.45
CA TYR I 517 9.74 -19.27 28.12
C TYR I 517 11.18 -19.59 27.74
N GLY I 518 11.38 -19.91 26.46
CA GLY I 518 12.68 -20.28 25.97
C GLY I 518 12.61 -20.92 24.60
N PRO I 519 13.75 -21.43 24.12
CA PRO I 519 13.75 -22.09 22.82
C PRO I 519 12.91 -23.35 22.87
N PRO I 520 12.25 -23.69 21.76
CA PRO I 520 11.44 -24.91 21.73
C PRO I 520 12.30 -26.16 21.84
N GLY I 521 11.72 -27.19 22.45
CA GLY I 521 12.44 -28.44 22.63
C GLY I 521 13.62 -28.32 23.57
N CYS I 522 13.46 -27.59 24.68
CA CYS I 522 14.55 -27.36 25.60
C CYS I 522 14.30 -27.92 27.00
N GLY I 523 13.10 -28.43 27.29
CA GLY I 523 12.86 -29.08 28.56
C GLY I 523 11.87 -28.39 29.46
N LYS I 524 10.88 -27.71 28.87
CA LYS I 524 9.84 -27.08 29.68
C LYS I 524 8.81 -28.09 30.15
N THR I 525 8.29 -28.91 29.24
CA THR I 525 7.38 -29.98 29.63
C THR I 525 8.09 -30.98 30.53
N LEU I 526 9.35 -31.27 30.25
CA LEU I 526 10.13 -32.16 31.10
C LEU I 526 10.27 -31.60 32.51
N LEU I 527 10.54 -30.30 32.61
CA LEU I 527 10.65 -29.66 33.93
C LEU I 527 9.32 -29.69 34.67
N ALA I 528 8.22 -29.44 33.96
CA ALA I 528 6.90 -29.49 34.61
C ALA I 528 6.59 -30.90 35.10
N LYS I 529 6.91 -31.91 34.29
CA LYS I 529 6.67 -33.28 34.71
C LYS I 529 7.55 -33.67 35.89
N ALA I 530 8.80 -33.18 35.92
CA ALA I 530 9.67 -33.44 37.05
C ALA I 530 9.15 -32.77 38.32
N ILE I 531 8.63 -31.56 38.20
CA ILE I 531 8.01 -30.89 39.34
C ILE I 531 6.81 -31.67 39.84
N ALA I 532 5.99 -32.18 38.91
CA ALA I 532 4.83 -32.97 39.29
C ALA I 532 5.25 -34.25 40.01
N ASN I 533 6.31 -34.90 39.53
CA ASN I 533 6.74 -36.18 40.11
C ASN I 533 7.40 -35.97 41.47
N GLU I 534 8.18 -34.90 41.62
CA GLU I 534 8.89 -34.67 42.88
C GLU I 534 7.92 -34.42 44.02
N CYS I 535 6.86 -33.66 43.78
CA CYS I 535 5.84 -33.40 44.79
C CYS I 535 4.76 -34.47 44.83
N GLN I 536 4.85 -35.47 43.95
CA GLN I 536 3.88 -36.57 43.88
C GLN I 536 2.46 -36.04 43.70
N ALA I 537 2.32 -35.10 42.75
CA ALA I 537 1.04 -34.49 42.45
C ALA I 537 0.62 -34.84 41.03
N ASN I 538 -0.70 -34.81 40.80
CA ASN I 538 -1.23 -35.13 39.48
C ASN I 538 -0.81 -34.07 38.46
N PHE I 539 -0.66 -34.50 37.21
CA PHE I 539 -0.18 -33.65 36.14
C PHE I 539 -1.19 -33.65 35.00
N ILE I 540 -1.65 -32.46 34.62
CA ILE I 540 -2.57 -32.28 33.51
C ILE I 540 -1.86 -31.43 32.46
N SER I 541 -1.58 -32.02 31.31
CA SER I 541 -0.90 -31.34 30.23
C SER I 541 -1.92 -30.92 29.17
N ILE I 542 -2.11 -29.62 29.02
CA ILE I 542 -2.98 -29.09 27.97
C ILE I 542 -2.10 -28.59 26.84
N LYS I 543 -1.87 -29.43 25.84
CA LYS I 543 -0.95 -29.10 24.77
C LYS I 543 -1.58 -28.08 23.82
N GLY I 544 -0.74 -27.55 22.92
CA GLY I 544 -1.18 -26.64 21.90
C GLY I 544 -2.28 -27.14 20.98
N PRO I 545 -2.23 -28.40 20.54
CA PRO I 545 -3.37 -28.94 19.78
C PRO I 545 -4.72 -28.82 20.48
N GLU I 546 -4.77 -29.07 21.79
CA GLU I 546 -6.04 -28.96 22.50
C GLU I 546 -6.54 -27.52 22.54
N LEU I 547 -5.67 -26.56 22.83
CA LEU I 547 -6.05 -25.16 22.84
C LEU I 547 -6.51 -24.70 21.47
N LEU I 548 -5.79 -25.12 20.42
CA LEU I 548 -6.17 -24.72 19.06
C LEU I 548 -7.50 -25.34 18.65
N THR I 549 -7.75 -26.59 19.06
CA THR I 549 -9.03 -27.22 18.78
C THR I 549 -10.16 -26.49 19.48
N MET I 550 -9.95 -26.11 20.74
CA MET I 550 -10.98 -25.38 21.48
C MET I 550 -11.20 -23.99 20.91
N TRP I 551 -10.16 -23.37 20.36
CA TRP I 551 -10.30 -22.04 19.75
C TRP I 551 -11.01 -22.10 18.41
N PHE I 552 -10.65 -23.07 17.56
CA PHE I 552 -11.19 -23.13 16.22
C PHE I 552 -12.69 -23.45 16.23
N GLY I 553 -13.08 -24.46 17.01
CA GLY I 553 -14.47 -24.84 17.10
C GLY I 553 -15.31 -23.98 18.00
N GLU I 554 -14.75 -22.87 18.51
CA GLU I 554 -15.43 -22.01 19.48
C GLU I 554 -15.87 -22.81 20.70
N SER I 555 -15.01 -23.73 21.14
CA SER I 555 -15.28 -24.62 22.26
C SER I 555 -14.55 -24.18 23.52
N GLU I 556 -14.49 -22.87 23.77
CA GLU I 556 -13.86 -22.35 24.97
C GLU I 556 -14.57 -22.81 26.24
N ALA I 557 -15.87 -23.15 26.15
CA ALA I 557 -16.58 -23.69 27.30
C ALA I 557 -15.99 -25.00 27.79
N ASN I 558 -15.25 -25.71 26.93
CA ASN I 558 -14.54 -26.91 27.37
C ASN I 558 -13.36 -26.59 28.28
N VAL I 559 -12.78 -25.39 28.15
CA VAL I 559 -11.66 -24.99 29.00
C VAL I 559 -12.05 -25.12 30.47
N ARG I 560 -13.25 -24.63 30.80
CA ARG I 560 -13.80 -24.79 32.15
C ARG I 560 -13.69 -26.23 32.62
N GLU I 561 -14.13 -27.17 31.77
CA GLU I 561 -14.09 -28.58 32.12
C GLU I 561 -12.68 -29.00 32.52
N ILE I 562 -11.68 -28.56 31.74
CA ILE I 562 -10.30 -28.90 32.04
C ILE I 562 -9.95 -28.46 33.46
N PHE I 563 -10.27 -27.20 33.77
CA PHE I 563 -9.98 -26.71 35.12
C PHE I 563 -10.79 -27.48 36.15
N ASP I 564 -12.04 -27.81 35.81
CA ASP I 564 -12.84 -28.64 36.70
C ASP I 564 -12.16 -29.98 36.95
N LYS I 565 -11.56 -30.55 35.90
CA LYS I 565 -10.79 -31.78 36.08
C LYS I 565 -9.66 -31.56 37.08
N ALA I 566 -8.95 -30.45 36.93
CA ALA I 566 -7.88 -30.13 37.88
C ALA I 566 -8.43 -29.87 39.27
N ARG I 567 -9.68 -29.44 39.36
CA ARG I 567 -10.29 -29.28 40.68
C ARG I 567 -10.65 -30.61 41.29
N GLN I 568 -10.87 -31.63 40.46
CA GLN I 568 -11.23 -32.97 40.94
C GLN I 568 -10.03 -33.91 41.01
N ALA I 569 -8.84 -33.43 40.67
CA ALA I 569 -7.62 -34.23 40.73
C ALA I 569 -6.54 -33.52 41.52
N ALA I 570 -6.95 -32.67 42.46
CA ALA I 570 -6.00 -31.91 43.26
C ALA I 570 -5.17 -32.84 44.15
N PRO I 571 -3.88 -32.54 44.35
CA PRO I 571 -3.12 -31.41 43.80
C PRO I 571 -2.76 -31.60 42.33
N CYS I 572 -2.77 -30.53 41.54
CA CYS I 572 -2.47 -30.61 40.12
C CYS I 572 -1.36 -29.64 39.76
N VAL I 573 -0.67 -29.97 38.66
CA VAL I 573 0.49 -29.22 38.19
C VAL I 573 0.22 -28.74 36.77
N LEU I 574 -1.02 -28.29 36.53
CA LEU I 574 -1.54 -27.91 35.21
C LEU I 574 -0.51 -27.26 34.31
N PHE I 575 -0.37 -27.78 33.09
CA PHE I 575 0.67 -27.35 32.17
C PHE I 575 0.04 -27.00 30.84
N PHE I 576 0.14 -25.73 30.44
CA PHE I 576 -0.40 -25.25 29.17
C PHE I 576 0.74 -25.16 28.17
N ASP I 577 1.05 -26.31 27.56
CA ASP I 577 2.10 -26.34 26.55
C ASP I 577 1.69 -25.53 25.34
N GLU I 578 2.64 -24.77 24.79
CA GLU I 578 2.41 -23.87 23.65
C GLU I 578 1.27 -22.90 23.95
N LEU I 579 1.48 -22.08 24.98
CA LEU I 579 0.51 -21.05 25.32
C LEU I 579 0.41 -19.98 24.25
N ASP I 580 1.39 -19.89 23.36
CA ASP I 580 1.36 -18.96 22.24
C ASP I 580 0.90 -19.62 20.95
N SER I 581 0.43 -20.87 21.02
CA SER I 581 -0.04 -21.56 19.82
C SER I 581 -1.24 -20.85 19.20
N ILE I 582 -2.17 -20.38 20.05
CA ILE I 582 -3.31 -19.64 19.55
C ILE I 582 -2.85 -18.31 18.93
N ALA I 583 -1.85 -17.67 19.52
CA ALA I 583 -1.32 -16.44 18.92
C ALA I 583 -0.55 -16.73 17.65
N LYS I 584 0.14 -17.88 17.58
CA LYS I 584 0.86 -18.25 16.36
C LYS I 584 -0.12 -18.53 15.23
N ALA I 585 -1.26 -19.17 15.53
CA ALA I 585 -2.23 -19.50 14.50
C ALA I 585 -2.95 -18.26 13.96
N ARG I 586 -2.85 -17.12 14.65
CA ARG I 586 -3.45 -15.88 14.19
C ARG I 586 -2.47 -14.98 13.45
N GLY I 587 -1.24 -15.43 13.23
CA GLY I 587 -0.25 -14.64 12.53
C GLY I 587 1.00 -14.40 13.33
N GLY I 588 0.85 -14.22 14.64
CA GLY I 588 1.97 -13.98 15.53
C GLY I 588 2.33 -12.51 15.63
N GLY I 594 -5.99 -7.93 15.99
CA GLY I 594 -4.78 -7.95 16.78
C GLY I 594 -5.03 -7.77 18.27
N GLY I 595 -3.99 -7.35 18.99
CA GLY I 595 -4.10 -7.13 20.42
C GLY I 595 -4.09 -8.38 21.28
N ALA I 596 -3.83 -9.54 20.68
CA ALA I 596 -3.79 -10.84 21.38
C ALA I 596 -5.15 -11.06 22.05
N ALA I 597 -5.17 -11.67 23.24
CA ALA I 597 -6.39 -11.86 24.03
C ALA I 597 -7.45 -12.63 23.23
N ASP I 598 -7.12 -13.89 22.93
CA ASP I 598 -8.00 -14.75 22.17
C ASP I 598 -9.07 -15.36 23.06
N ARG I 599 -10.00 -16.10 22.45
CA ARG I 599 -11.14 -16.64 23.19
C ARG I 599 -10.68 -17.65 24.24
N VAL I 600 -9.90 -18.65 23.83
CA VAL I 600 -9.47 -19.69 24.75
C VAL I 600 -8.51 -19.13 25.79
N ILE I 601 -7.64 -18.21 25.37
CA ILE I 601 -6.72 -17.57 26.31
C ILE I 601 -7.51 -16.71 27.31
N ASN I 602 -8.58 -16.05 26.87
CA ASN I 602 -9.38 -15.26 27.80
C ASN I 602 -10.11 -16.15 28.81
N GLN I 603 -10.65 -17.28 28.34
CA GLN I 603 -11.27 -18.22 29.28
C GLN I 603 -10.23 -18.80 30.23
N ILE I 604 -9.01 -19.03 29.74
CA ILE I 604 -7.93 -19.48 30.60
C ILE I 604 -7.61 -18.44 31.67
N LEU I 605 -7.63 -17.16 31.28
CA LEU I 605 -7.42 -16.09 32.24
C LEU I 605 -8.51 -16.07 33.30
N THR I 606 -9.77 -16.23 32.87
CA THR I 606 -10.88 -16.27 33.83
C THR I 606 -10.74 -17.43 34.80
N GLU I 607 -10.38 -18.60 34.28
CA GLU I 607 -10.23 -19.77 35.15
C GLU I 607 -9.00 -19.65 36.04
N MET I 608 -7.95 -18.97 35.58
CA MET I 608 -6.80 -18.69 36.44
C MET I 608 -7.20 -17.77 37.59
N ASP I 609 -8.01 -16.75 37.30
CA ASP I 609 -8.52 -15.89 38.36
C ASP I 609 -9.38 -16.68 39.34
N GLY I 610 -10.17 -17.63 38.82
CA GLY I 610 -10.96 -18.48 39.70
C GLY I 610 -10.12 -19.39 40.56
N MET I 611 -9.06 -19.97 40.00
CA MET I 611 -8.23 -20.95 40.67
C MET I 611 -7.09 -20.33 41.49
N SER I 612 -6.93 -19.02 41.43
CA SER I 612 -5.90 -18.38 42.25
C SER I 612 -6.16 -18.57 43.73
N THR I 613 -7.40 -18.80 44.11
CA THR I 613 -7.75 -19.06 45.51
C THR I 613 -7.71 -20.54 45.87
N LYS I 614 -7.42 -21.41 44.91
CA LYS I 614 -7.33 -22.84 45.21
C LYS I 614 -6.13 -23.13 46.11
N LYS I 615 -4.95 -22.64 45.72
CA LYS I 615 -3.70 -22.88 46.45
C LYS I 615 -3.44 -24.37 46.65
N ASN I 616 -3.94 -25.19 45.73
CA ASN I 616 -3.64 -26.61 45.68
C ASN I 616 -3.25 -27.09 44.30
N VAL I 617 -3.41 -26.26 43.27
CA VAL I 617 -3.09 -26.62 41.89
C VAL I 617 -2.12 -25.57 41.35
N PHE I 618 -1.11 -26.03 40.62
CA PHE I 618 -0.15 -25.14 39.99
C PHE I 618 -0.44 -25.08 38.50
N ILE I 619 -0.26 -23.90 37.91
CA ILE I 619 -0.86 -23.59 36.62
C ILE I 619 0.28 -23.27 35.64
N ILE I 620 1.39 -24.01 35.78
CA ILE I 620 2.59 -23.84 34.95
C ILE I 620 2.24 -23.68 33.48
N GLY I 621 2.87 -22.71 32.81
CA GLY I 621 2.67 -22.52 31.39
C GLY I 621 3.93 -22.74 30.58
N ALA I 622 3.86 -22.52 29.27
CA ALA I 622 5.02 -22.70 28.41
C ALA I 622 4.81 -21.90 27.13
N THR I 623 5.86 -21.22 26.69
CA THR I 623 5.82 -20.40 25.48
C THR I 623 7.15 -20.53 24.76
N ASN I 624 7.11 -21.08 23.55
CA ASN I 624 8.29 -21.10 22.69
C ASN I 624 8.45 -19.80 21.90
N ARG I 625 7.48 -18.88 22.02
CA ARG I 625 7.58 -17.55 21.44
C ARG I 625 6.89 -16.58 22.40
N PRO I 626 7.56 -16.23 23.49
CA PRO I 626 6.89 -15.44 24.54
C PRO I 626 6.60 -14.00 24.16
N ASP I 627 7.20 -13.49 23.08
CA ASP I 627 6.95 -12.10 22.69
C ASP I 627 5.50 -11.90 22.26
N ILE I 628 4.97 -12.83 21.48
CA ILE I 628 3.56 -12.74 21.03
C ILE I 628 2.76 -13.55 22.04
N ILE I 629 2.39 -12.91 23.13
CA ILE I 629 1.55 -13.51 24.16
C ILE I 629 0.66 -12.41 24.75
N ASP I 630 -0.44 -12.83 25.36
CA ASP I 630 -1.35 -11.89 25.99
C ASP I 630 -0.70 -11.31 27.24
N PRO I 631 -0.54 -9.99 27.34
CA PRO I 631 0.05 -9.43 28.56
C PRO I 631 -0.79 -9.66 29.81
N ALA I 632 -2.08 -9.98 29.65
CA ALA I 632 -2.91 -10.30 30.80
C ALA I 632 -2.45 -11.56 31.50
N ILE I 633 -1.79 -12.47 30.78
CA ILE I 633 -1.26 -13.68 31.39
C ILE I 633 -0.13 -13.40 32.37
N LEU I 634 0.45 -12.20 32.32
CA LEU I 634 1.53 -11.78 33.21
C LEU I 634 0.93 -10.82 34.23
N ARG I 635 0.40 -11.37 35.33
CA ARG I 635 -0.30 -10.56 36.33
C ARG I 635 -0.40 -11.36 37.63
N PRO I 636 -0.36 -10.69 38.78
CA PRO I 636 -0.53 -11.42 40.05
C PRO I 636 -1.85 -12.18 40.08
N GLY I 637 -1.80 -13.38 40.66
CA GLY I 637 -2.90 -14.33 40.61
C GLY I 637 -2.78 -15.23 39.39
N ARG I 638 -2.45 -14.64 38.25
CA ARG I 638 -2.14 -15.38 37.02
C ARG I 638 -0.62 -15.66 37.00
N LEU I 639 -0.09 -16.05 35.85
CA LEU I 639 1.31 -16.43 35.76
C LEU I 639 2.21 -15.21 35.93
N ASP I 640 2.57 -14.92 37.18
CA ASP I 640 3.42 -13.78 37.51
C ASP I 640 4.90 -14.12 37.40
N GLN I 641 5.33 -15.19 38.07
CA GLN I 641 6.73 -15.59 38.01
C GLN I 641 7.09 -16.09 36.61
N LEU I 642 8.23 -15.66 36.11
CA LEU I 642 8.72 -16.06 34.79
C LEU I 642 10.09 -16.70 34.95
N ILE I 643 10.23 -17.92 34.46
CA ILE I 643 11.49 -18.65 34.52
C ILE I 643 11.95 -18.91 33.09
N TYR I 644 13.16 -18.46 32.77
CA TYR I 644 13.72 -18.62 31.44
C TYR I 644 14.46 -19.95 31.34
N ILE I 645 14.12 -20.74 30.33
CA ILE I 645 14.78 -22.03 30.11
C ILE I 645 15.80 -21.86 28.99
N PRO I 646 17.06 -21.59 29.30
CA PRO I 646 18.04 -21.27 28.25
C PRO I 646 18.51 -22.54 27.54
N LEU I 647 19.16 -22.31 26.40
CA LEU I 647 19.80 -23.40 25.68
C LEU I 647 20.90 -24.01 26.56
N PRO I 648 21.03 -25.33 26.57
CA PRO I 648 22.04 -25.96 27.44
C PRO I 648 23.45 -25.52 27.06
N ASP I 649 24.28 -25.32 28.07
CA ASP I 649 25.67 -24.93 27.88
C ASP I 649 26.52 -26.21 27.72
N GLU I 650 27.85 -26.05 27.77
CA GLU I 650 28.72 -27.20 27.58
C GLU I 650 28.52 -28.23 28.69
N LYS I 651 28.36 -27.78 29.93
CA LYS I 651 28.17 -28.71 31.04
C LYS I 651 26.79 -29.33 31.03
N SER I 652 25.76 -28.54 30.67
CA SER I 652 24.39 -29.05 30.70
C SER I 652 24.15 -30.07 29.59
N ARG I 653 24.84 -29.93 28.46
CA ARG I 653 24.64 -30.88 27.36
C ARG I 653 25.15 -32.26 27.70
N VAL I 654 26.19 -32.37 28.54
CA VAL I 654 26.65 -33.68 29.00
C VAL I 654 25.55 -34.38 29.78
N ALA I 655 24.91 -33.65 30.70
CA ALA I 655 23.83 -34.24 31.48
C ALA I 655 22.63 -34.56 30.62
N ILE I 656 22.34 -33.72 29.62
CA ILE I 656 21.22 -33.99 28.71
C ILE I 656 21.47 -35.27 27.92
N LEU I 657 22.68 -35.42 27.40
CA LEU I 657 23.01 -36.63 26.63
C LEU I 657 23.03 -37.87 27.51
N LYS I 658 23.52 -37.73 28.75
CA LYS I 658 23.54 -38.88 29.66
C LYS I 658 22.13 -39.30 30.05
N ALA I 659 21.24 -38.33 30.28
CA ALA I 659 19.87 -38.66 30.65
C ALA I 659 19.11 -39.26 29.49
N ASN I 660 19.42 -38.85 28.26
CA ASN I 660 18.78 -39.39 27.07
C ASN I 660 19.40 -40.71 26.61
N LEU I 661 20.47 -41.16 27.28
CA LEU I 661 21.14 -42.41 26.91
C LEU I 661 21.27 -43.37 28.08
N ARG I 662 20.58 -43.11 29.20
CA ARG I 662 20.62 -44.04 30.32
C ARG I 662 19.99 -45.38 29.97
N LYS I 663 18.85 -45.35 29.28
CA LYS I 663 18.20 -46.60 28.87
C LYS I 663 18.98 -47.27 27.74
N SER I 664 19.57 -46.47 26.85
CA SER I 664 20.28 -47.04 25.72
C SER I 664 21.61 -47.63 26.17
N PRO I 665 21.99 -48.80 25.65
CA PRO I 665 23.28 -49.38 26.01
C PRO I 665 24.42 -48.76 25.22
N VAL I 666 24.94 -47.64 25.70
CA VAL I 666 26.02 -46.92 25.02
C VAL I 666 27.36 -47.47 25.49
N ALA I 667 28.25 -47.74 24.55
CA ALA I 667 29.58 -48.22 24.88
C ALA I 667 30.39 -47.11 25.54
N LYS I 668 31.29 -47.52 26.44
CA LYS I 668 32.08 -46.56 27.21
C LYS I 668 33.11 -45.82 26.35
N ASP I 669 33.47 -46.36 25.18
CA ASP I 669 34.48 -45.73 24.36
C ASP I 669 34.00 -44.44 23.70
N VAL I 670 32.69 -44.16 23.72
CA VAL I 670 32.19 -42.92 23.15
C VAL I 670 32.58 -41.75 24.04
N ASP I 671 32.49 -40.54 23.49
CA ASP I 671 32.89 -39.30 24.17
C ASP I 671 31.70 -38.35 24.17
N LEU I 672 30.83 -38.48 25.18
CA LEU I 672 29.67 -37.61 25.26
C LEU I 672 30.05 -36.20 25.69
N GLU I 673 31.04 -36.05 26.57
CA GLU I 673 31.47 -34.72 26.98
C GLU I 673 32.17 -33.96 25.86
N PHE I 674 32.60 -34.65 24.79
CA PHE I 674 33.10 -33.99 23.59
C PHE I 674 31.98 -33.65 22.62
N LEU I 675 30.97 -34.52 22.54
CA LEU I 675 29.78 -34.21 21.76
C LEU I 675 29.07 -32.98 22.32
N ALA I 676 29.13 -32.80 23.64
CA ALA I 676 28.60 -31.57 24.24
C ALA I 676 29.40 -30.35 23.78
N LYS I 677 30.72 -30.49 23.70
CA LYS I 677 31.57 -29.38 23.24
C LYS I 677 31.27 -29.02 21.80
N MET I 678 31.11 -30.02 20.93
CA MET I 678 30.94 -29.75 19.50
C MET I 678 29.61 -29.06 19.22
N THR I 679 28.53 -29.59 19.78
CA THR I 679 27.22 -28.98 19.59
C THR I 679 27.10 -27.73 20.46
N ASN I 680 26.90 -26.58 19.83
CA ASN I 680 26.87 -25.30 20.53
C ASN I 680 25.45 -24.79 20.79
N GLY I 681 24.68 -24.63 19.72
CA GLY I 681 23.33 -24.09 19.87
C GLY I 681 22.27 -25.16 19.91
N PHE I 682 22.66 -26.38 20.27
CA PHE I 682 21.74 -27.51 20.24
C PHE I 682 20.88 -27.51 21.50
N SER I 683 19.58 -27.64 21.31
CA SER I 683 18.66 -27.74 22.43
C SER I 683 18.62 -29.17 22.95
N GLY I 684 17.78 -29.40 23.96
CA GLY I 684 17.59 -30.76 24.45
C GLY I 684 16.95 -31.65 23.40
N ALA I 685 16.01 -31.10 22.61
CA ALA I 685 15.40 -31.87 21.55
C ALA I 685 16.40 -32.24 20.47
N ASP I 686 17.33 -31.34 20.14
CA ASP I 686 18.32 -31.65 19.12
C ASP I 686 19.25 -32.77 19.57
N LEU I 687 19.71 -32.72 20.82
CA LEU I 687 20.56 -33.81 21.33
C LEU I 687 19.78 -35.11 21.46
N THR I 688 18.50 -35.03 21.80
CA THR I 688 17.66 -36.23 21.85
C THR I 688 17.50 -36.82 20.46
N GLU I 689 17.33 -35.98 19.44
CA GLU I 689 17.29 -36.48 18.07
C GLU I 689 18.62 -37.11 17.67
N ILE I 690 19.73 -36.52 18.11
CA ILE I 690 21.04 -37.07 17.79
C ILE I 690 21.19 -38.46 18.39
N CYS I 691 20.85 -38.61 19.67
CA CYS I 691 21.00 -39.92 20.32
C CYS I 691 19.99 -40.93 19.77
N GLN I 692 18.78 -40.47 19.41
CA GLN I 692 17.80 -41.37 18.82
C GLN I 692 18.25 -41.83 17.43
N ARG I 693 18.88 -40.95 16.67
CA ARG I 693 19.41 -41.36 15.36
C ARG I 693 20.60 -42.30 15.52
N ALA I 694 21.44 -42.10 16.54
CA ALA I 694 22.50 -43.05 16.81
C ALA I 694 21.93 -44.42 17.18
N CYS I 695 20.88 -44.43 18.00
CA CYS I 695 20.20 -45.69 18.33
C CYS I 695 19.59 -46.32 17.09
N LYS I 696 19.01 -45.51 16.20
CA LYS I 696 18.42 -46.03 14.98
C LYS I 696 19.48 -46.67 14.09
N LEU I 697 20.64 -46.03 13.95
CA LEU I 697 21.71 -46.62 13.16
C LEU I 697 22.24 -47.89 13.81
N ALA I 698 22.33 -47.92 15.15
CA ALA I 698 22.78 -49.12 15.83
C ALA I 698 21.81 -50.28 15.60
N ILE I 699 20.51 -50.02 15.71
CA ILE I 699 19.51 -51.05 15.47
C ILE I 699 19.52 -51.48 14.01
N ARG I 700 19.71 -50.54 13.08
CA ARG I 700 19.77 -50.88 11.68
C ARG I 700 20.96 -51.79 11.38
N GLU I 701 22.12 -51.48 11.94
CA GLU I 701 23.30 -52.33 11.75
C GLU I 701 23.09 -53.70 12.37
N SER I 702 22.49 -53.75 13.57
CA SER I 702 22.24 -55.03 14.20
C SER I 702 21.27 -55.89 13.38
N ILE I 703 20.21 -55.28 12.86
CA ILE I 703 19.24 -56.01 12.06
C ILE I 703 19.87 -56.47 10.75
N GLU I 704 20.67 -55.61 10.12
CA GLU I 704 21.35 -56.00 8.89
C GLU I 704 22.28 -57.18 9.14
N SER I 705 23.05 -57.14 10.22
CA SER I 705 23.95 -58.25 10.55
C SER I 705 23.16 -59.53 10.82
N GLU I 706 22.06 -59.42 11.56
CA GLU I 706 21.27 -60.61 11.88
C GLU I 706 20.65 -61.24 10.64
N ILE I 707 20.06 -60.42 9.76
CA ILE I 707 19.44 -60.96 8.56
C ILE I 707 20.50 -61.47 7.59
N ARG I 708 21.68 -60.85 7.57
CA ARG I 708 22.76 -61.37 6.74
C ARG I 708 23.25 -62.71 7.25
N ARG I 709 23.37 -62.87 8.58
CA ARG I 709 23.76 -64.15 9.14
C ARG I 709 22.70 -65.22 8.88
N GLU I 710 21.42 -64.85 8.98
CA GLU I 710 20.35 -65.80 8.68
C GLU I 710 20.37 -66.20 7.21
N ARG I 711 20.67 -65.27 6.32
CA ARG I 711 20.81 -65.59 4.90
C ARG I 711 22.15 -66.22 4.57
N GLU I 712 23.09 -66.26 5.52
CA GLU I 712 24.37 -66.92 5.33
C GLU I 712 24.50 -68.22 6.10
N ARG I 713 23.80 -68.36 7.22
CA ARG I 713 23.86 -69.58 8.03
C ARG I 713 22.50 -70.25 8.11
N PRO I 727 26.16 -60.35 17.32
CA PRO I 727 26.55 -59.19 16.51
C PRO I 727 27.07 -58.03 17.36
N VAL I 728 26.43 -56.88 17.26
CA VAL I 728 26.83 -55.68 18.00
C VAL I 728 26.04 -55.65 19.31
N PRO I 729 26.70 -55.49 20.46
CA PRO I 729 25.96 -55.46 21.73
C PRO I 729 25.66 -54.08 22.28
N GLU I 730 26.19 -53.02 21.67
CA GLU I 730 26.04 -51.68 22.22
C GLU I 730 26.21 -50.66 21.10
N ILE I 731 25.78 -49.43 21.37
CA ILE I 731 25.91 -48.35 20.39
C ILE I 731 27.40 -48.03 20.26
N ARG I 732 27.99 -48.41 19.13
CA ARG I 732 29.41 -48.19 18.92
C ARG I 732 29.69 -46.73 18.59
N ARG I 733 30.98 -46.42 18.44
CA ARG I 733 31.39 -45.06 18.12
C ARG I 733 30.89 -44.65 16.73
N ASP I 734 31.01 -45.55 15.75
CA ASP I 734 30.67 -45.21 14.38
C ASP I 734 29.20 -44.86 14.23
N HIS I 735 28.33 -45.42 15.07
CA HIS I 735 26.91 -45.06 15.02
C HIS I 735 26.71 -43.59 15.34
N PHE I 736 27.35 -43.10 16.41
CA PHE I 736 27.28 -41.68 16.73
C PHE I 736 27.98 -40.85 15.67
N GLU I 737 29.08 -41.36 15.10
CA GLU I 737 29.77 -40.66 14.02
C GLU I 737 28.84 -40.41 12.84
N GLU I 738 28.08 -41.43 12.45
CA GLU I 738 27.15 -41.27 11.33
C GLU I 738 25.94 -40.44 11.72
N ALA I 739 25.48 -40.56 12.97
CA ALA I 739 24.31 -39.79 13.40
C ALA I 739 24.60 -38.30 13.43
N MET I 740 25.82 -37.92 13.82
CA MET I 740 26.17 -36.50 13.90
C MET I 740 26.26 -35.83 12.53
N ARG I 741 26.26 -36.60 11.44
CA ARG I 741 26.27 -36.00 10.11
C ARG I 741 24.95 -35.30 9.80
N PHE I 742 23.87 -35.67 10.46
CA PHE I 742 22.57 -35.03 10.30
C PHE I 742 22.20 -34.22 11.54
N ALA I 743 23.19 -33.52 12.10
CA ALA I 743 23.00 -32.82 13.37
C ALA I 743 22.10 -31.61 13.17
N ARG I 744 20.90 -31.67 13.78
CA ARG I 744 19.91 -30.61 13.65
C ARG I 744 20.15 -29.53 14.69
N ARG I 745 20.04 -28.27 14.27
CA ARG I 745 20.05 -27.12 15.18
C ARG I 745 18.76 -26.34 14.89
N SER I 746 17.69 -26.68 15.60
CA SER I 746 16.38 -26.10 15.32
C SER I 746 16.36 -24.60 15.59
N VAL I 747 16.93 -24.17 16.71
CA VAL I 747 16.97 -22.77 17.11
C VAL I 747 18.41 -22.28 17.10
N SER I 748 18.65 -21.18 16.40
CA SER I 748 20.00 -20.64 16.30
C SER I 748 19.93 -19.17 15.93
N ASP I 749 20.97 -18.43 16.34
CA ASP I 749 21.21 -17.04 15.94
C ASP I 749 20.05 -16.17 16.45
N ASN I 750 19.37 -15.40 15.60
CA ASN I 750 18.47 -14.35 16.05
C ASN I 750 17.33 -14.88 16.91
N ASP I 751 16.90 -16.13 16.69
CA ASP I 751 15.85 -16.70 17.53
C ASP I 751 16.27 -16.72 18.99
N ILE I 752 17.50 -17.16 19.27
CA ILE I 752 18.00 -17.14 20.64
C ILE I 752 18.06 -15.71 21.15
N ARG I 753 18.25 -14.74 20.26
CA ARG I 753 18.20 -13.34 20.67
C ARG I 753 16.84 -12.96 21.19
N LYS I 754 15.77 -13.41 20.50
CA LYS I 754 14.43 -12.94 20.82
C LYS I 754 14.06 -13.22 22.27
N TYR I 755 14.27 -14.46 22.73
CA TYR I 755 14.02 -14.79 24.13
C TYR I 755 14.85 -13.90 25.05
N GLU I 756 16.14 -13.72 24.71
CA GLU I 756 16.97 -12.81 25.49
C GLU I 756 16.39 -11.41 25.50
N MET I 757 15.90 -10.95 24.34
CA MET I 757 15.17 -9.68 24.31
C MET I 757 13.98 -9.73 25.25
N PHE I 758 13.15 -10.78 25.14
CA PHE I 758 12.03 -10.93 26.06
C PHE I 758 12.53 -11.11 27.49
N ALA I 759 13.74 -11.62 27.65
CA ALA I 759 14.34 -11.64 28.99
C ALA I 759 14.55 -10.22 29.49
N GLN I 760 15.23 -9.39 28.69
CA GLN I 760 15.56 -8.04 29.12
C GLN I 760 14.29 -7.23 29.40
N THR I 761 13.37 -7.22 28.43
CA THR I 761 12.10 -6.53 28.61
C THR I 761 11.32 -7.06 29.81
N LEU I 762 11.60 -8.28 30.26
CA LEU I 762 10.97 -8.81 31.46
C LEU I 762 11.91 -8.91 32.66
N GLN I 763 13.21 -8.67 32.47
CA GLN I 763 14.08 -8.62 33.65
C GLN I 763 13.92 -7.29 34.38
N GLN I 764 13.69 -6.21 33.64
CA GLN I 764 13.32 -4.90 34.17
C GLN I 764 14.28 -4.45 35.28
N SER I 765 15.58 -4.52 34.98
CA SER I 765 16.56 -3.93 35.88
C SER I 765 16.36 -2.43 36.00
N ARG I 766 16.13 -1.77 34.86
CA ARG I 766 15.71 -0.37 34.78
C ARG I 766 16.69 0.59 35.45
N GLY I 767 17.95 0.18 35.58
CA GLY I 767 18.94 1.01 36.24
C GLY I 767 18.92 0.96 37.75
N PHE I 768 18.05 0.14 38.35
CA PHE I 768 17.95 0.02 39.79
C PHE I 768 18.90 -1.02 40.37
N GLY I 769 19.74 -1.65 39.54
CA GLY I 769 20.70 -2.59 40.06
C GLY I 769 21.77 -1.90 40.88
N SER I 770 22.30 -2.65 41.85
CA SER I 770 23.33 -2.15 42.77
C SER I 770 22.87 -0.89 43.50
N PHE I 771 21.60 -0.88 43.90
CA PHE I 771 21.03 0.22 44.66
C PHE I 771 21.16 -0.09 46.15
N ARG I 772 21.74 0.85 46.90
CA ARG I 772 22.03 0.66 48.31
C ARG I 772 21.31 1.70 49.16
N PHE I 773 20.78 1.24 50.30
CA PHE I 773 20.16 2.15 51.24
C PHE I 773 21.23 2.94 52.00
N PRO I 774 20.89 4.13 52.51
CA PRO I 774 21.79 4.83 53.40
C PRO I 774 21.75 4.24 54.81
N SER I 775 22.87 4.39 55.53
CA SER I 775 22.98 3.87 56.87
C SER I 775 22.30 4.80 57.88
N ARG J 22 -44.49 0.52 83.02
CA ARG J 22 -43.32 1.30 83.35
C ARG J 22 -42.51 1.64 82.11
N PRO J 23 -41.79 2.76 82.12
CA PRO J 23 -40.91 3.09 80.99
C PRO J 23 -39.75 2.13 80.82
N ASN J 24 -39.44 1.32 81.82
CA ASN J 24 -38.34 0.36 81.74
C ASN J 24 -38.77 -0.94 81.05
N ARG J 25 -39.37 -0.81 79.87
CA ARG J 25 -39.76 -1.95 79.05
C ARG J 25 -39.33 -1.67 77.62
N LEU J 26 -38.71 -2.66 76.98
CA LEU J 26 -38.07 -2.42 75.69
C LEU J 26 -38.46 -3.45 74.65
N ILE J 27 -37.83 -3.40 73.48
CA ILE J 27 -38.10 -4.34 72.39
C ILE J 27 -36.84 -5.16 72.13
N VAL J 28 -37.02 -6.47 71.95
CA VAL J 28 -35.92 -7.41 71.84
C VAL J 28 -35.32 -7.34 70.43
N ASP J 29 -34.00 -7.51 70.37
CA ASP J 29 -33.27 -7.56 69.11
C ASP J 29 -32.27 -8.70 69.17
N GLU J 30 -31.88 -9.18 67.99
CA GLU J 30 -30.87 -10.23 67.91
C GLU J 30 -29.52 -9.71 68.42
N ALA J 31 -28.90 -10.46 69.31
CA ALA J 31 -27.67 -10.02 69.94
C ALA J 31 -26.48 -10.25 69.01
N ILE J 32 -25.57 -9.27 68.97
CA ILE J 32 -24.37 -9.39 68.15
C ILE J 32 -23.28 -10.22 68.81
N ASN J 33 -23.41 -10.52 70.10
CA ASN J 33 -22.45 -11.33 70.82
C ASN J 33 -22.92 -12.77 70.91
N GLU J 34 -22.03 -13.63 71.40
CA GLU J 34 -22.33 -15.05 71.53
C GLU J 34 -22.45 -15.52 72.98
N ASP J 35 -22.16 -14.66 73.94
CA ASP J 35 -22.22 -15.06 75.34
C ASP J 35 -23.67 -15.29 75.78
N ASN J 36 -23.87 -16.34 76.57
CA ASN J 36 -25.20 -16.66 77.06
C ASN J 36 -25.48 -15.91 78.37
N SER J 37 -26.76 -15.65 78.61
CA SER J 37 -27.23 -14.91 79.78
C SER J 37 -26.54 -13.56 79.90
N VAL J 38 -26.37 -12.90 78.75
CA VAL J 38 -25.74 -11.59 78.67
C VAL J 38 -26.66 -10.68 77.86
N VAL J 39 -26.98 -9.52 78.42
CA VAL J 39 -27.86 -8.55 77.78
C VAL J 39 -27.01 -7.36 77.34
N SER J 40 -27.12 -7.00 76.07
CA SER J 40 -26.40 -5.85 75.51
C SER J 40 -27.37 -4.70 75.33
N LEU J 41 -27.09 -3.57 75.99
CA LEU J 41 -27.98 -2.43 75.99
C LEU J 41 -27.19 -1.14 75.76
N SER J 42 -27.88 -0.12 75.27
CA SER J 42 -27.25 1.17 75.01
C SER J 42 -26.94 1.89 76.32
N GLN J 43 -25.85 2.65 76.32
CA GLN J 43 -25.43 3.33 77.54
C GLN J 43 -26.43 4.35 78.06
N PRO J 44 -27.02 5.24 77.25
CA PRO J 44 -28.05 6.14 77.81
C PRO J 44 -29.24 5.38 78.39
N LYS J 45 -29.66 4.30 77.72
CA LYS J 45 -30.71 3.47 78.31
C LYS J 45 -30.22 2.74 79.54
N MET J 46 -28.94 2.37 79.58
CA MET J 46 -28.38 1.69 80.75
C MET J 46 -28.43 2.59 81.98
N ASP J 47 -28.02 3.85 81.83
CA ASP J 47 -28.09 4.76 82.98
C ASP J 47 -29.53 5.19 83.27
N GLU J 48 -30.38 5.22 82.24
CA GLU J 48 -31.80 5.45 82.48
C GLU J 48 -32.43 4.26 83.21
N LEU J 49 -31.89 3.07 83.02
CA LEU J 49 -32.36 1.85 83.67
C LEU J 49 -31.60 1.57 84.97
N GLN J 50 -30.73 2.50 85.40
CA GLN J 50 -29.89 2.34 86.59
C GLN J 50 -29.03 1.07 86.49
N LEU J 51 -28.18 1.06 85.46
CA LEU J 51 -27.29 -0.06 85.20
C LEU J 51 -25.86 0.45 85.17
N PHE J 52 -24.97 -0.27 85.85
CA PHE J 52 -23.55 0.06 85.87
C PHE J 52 -22.85 -0.63 84.70
N ARG J 53 -21.51 -0.65 84.73
CA ARG J 53 -20.76 -1.28 83.66
C ARG J 53 -21.03 -2.78 83.57
N GLY J 54 -21.11 -3.45 84.73
CA GLY J 54 -21.38 -4.87 84.75
C GLY J 54 -22.52 -5.24 85.67
N ASP J 55 -23.50 -4.36 85.78
CA ASP J 55 -24.66 -4.62 86.64
C ASP J 55 -25.50 -5.75 86.07
N THR J 56 -26.11 -6.53 86.95
CA THR J 56 -27.00 -7.61 86.54
C THR J 56 -28.38 -7.05 86.27
N VAL J 57 -28.93 -7.36 85.10
CA VAL J 57 -30.24 -6.85 84.67
C VAL J 57 -31.22 -8.01 84.68
N LEU J 58 -32.37 -7.81 85.31
CA LEU J 58 -33.41 -8.82 85.43
C LEU J 58 -34.54 -8.51 84.45
N LEU J 59 -35.07 -9.56 83.82
CA LEU J 59 -36.06 -9.43 82.77
C LEU J 59 -37.29 -10.25 83.10
N LYS J 60 -38.44 -9.79 82.61
CA LYS J 60 -39.71 -10.51 82.76
C LYS J 60 -40.31 -10.70 81.38
N GLY J 61 -40.56 -11.95 81.01
CA GLY J 61 -41.07 -12.29 79.69
C GLY J 61 -42.58 -12.30 79.63
N LYS J 62 -43.08 -12.75 78.48
CA LYS J 62 -44.52 -12.84 78.28
C LYS J 62 -45.17 -13.92 79.12
N LYS J 63 -44.42 -14.91 79.56
CA LYS J 63 -44.93 -16.01 80.38
C LYS J 63 -44.26 -15.97 81.75
N ARG J 64 -44.55 -16.98 82.56
CA ARG J 64 -44.08 -17.04 83.95
C ARG J 64 -42.66 -17.59 83.98
N ARG J 65 -41.71 -16.72 83.62
CA ARG J 65 -40.30 -17.07 83.67
C ARG J 65 -39.48 -15.79 83.68
N GLU J 66 -38.38 -15.81 84.43
CA GLU J 66 -37.46 -14.68 84.51
C GLU J 66 -36.03 -15.18 84.40
N ALA J 67 -35.14 -14.29 83.99
CA ALA J 67 -33.73 -14.65 83.83
C ALA J 67 -32.87 -13.41 84.06
N VAL J 68 -32.07 -13.44 85.12
CA VAL J 68 -31.12 -12.36 85.39
C VAL J 68 -29.91 -12.53 84.48
N CYS J 69 -29.45 -11.42 83.89
CA CYS J 69 -28.38 -11.47 82.91
C CYS J 69 -27.39 -10.34 83.17
N ILE J 70 -26.18 -10.50 82.65
CA ILE J 70 -25.15 -9.47 82.73
C ILE J 70 -25.43 -8.41 81.68
N VAL J 71 -25.42 -7.14 82.10
CA VAL J 71 -25.60 -6.05 81.14
C VAL J 71 -24.31 -5.86 80.35
N LEU J 72 -24.46 -5.34 79.13
CA LEU J 72 -23.32 -5.08 78.25
C LEU J 72 -23.53 -3.76 77.54
N SER J 73 -22.46 -3.01 77.36
CA SER J 73 -22.51 -1.68 76.74
C SER J 73 -22.08 -1.81 75.28
N ASP J 74 -23.07 -1.89 74.40
CA ASP J 74 -22.82 -1.92 72.95
C ASP J 74 -23.34 -0.64 72.32
N ASP J 75 -22.56 -0.09 71.39
CA ASP J 75 -22.91 1.14 70.70
C ASP J 75 -23.60 0.88 69.36
N THR J 76 -23.90 -0.37 69.04
CA THR J 76 -24.53 -0.73 67.77
C THR J 76 -26.05 -0.80 67.86
N CYS J 77 -26.64 -0.52 69.02
CA CYS J 77 -28.08 -0.58 69.21
C CYS J 77 -28.56 0.68 69.90
N SER J 78 -29.84 1.00 69.68
CA SER J 78 -30.46 2.18 70.26
C SER J 78 -30.96 1.85 71.67
N ASP J 79 -31.70 2.79 72.27
CA ASP J 79 -32.20 2.59 73.63
C ASP J 79 -33.29 1.52 73.66
N GLU J 80 -34.24 1.60 72.72
CA GLU J 80 -35.34 0.65 72.71
C GLU J 80 -34.87 -0.76 72.36
N LYS J 81 -33.90 -0.86 71.44
CA LYS J 81 -33.38 -2.16 71.04
C LYS J 81 -32.51 -2.73 72.15
N ILE J 82 -32.98 -3.78 72.82
CA ILE J 82 -32.19 -4.50 73.81
C ILE J 82 -31.79 -5.83 73.20
N ARG J 83 -30.48 -6.09 73.14
CA ARG J 83 -29.97 -7.28 72.47
C ARG J 83 -30.11 -8.49 73.39
N MET J 84 -30.59 -9.60 72.82
CA MET J 84 -30.76 -10.83 73.59
C MET J 84 -30.55 -12.04 72.67
N ASN J 85 -29.91 -13.07 73.21
CA ASN J 85 -29.68 -14.29 72.48
C ASN J 85 -30.94 -15.15 72.44
N ARG J 86 -30.90 -16.21 71.64
CA ARG J 86 -31.99 -17.19 71.66
C ARG J 86 -32.06 -17.91 72.99
N VAL J 87 -30.94 -17.99 73.71
CA VAL J 87 -30.92 -18.64 75.02
C VAL J 87 -31.84 -17.91 76.00
N VAL J 88 -31.77 -16.59 76.00
CA VAL J 88 -32.57 -15.78 76.90
C VAL J 88 -33.84 -15.32 76.18
N ARG J 89 -34.18 -15.98 75.08
CA ARG J 89 -35.43 -15.75 74.38
C ARG J 89 -36.38 -16.92 74.44
N ASN J 90 -35.89 -18.15 74.32
CA ASN J 90 -36.75 -19.32 74.42
C ASN J 90 -37.22 -19.57 75.85
N ASN J 91 -36.40 -19.24 76.84
CA ASN J 91 -36.82 -19.38 78.23
C ASN J 91 -37.79 -18.27 78.64
N LEU J 92 -37.63 -17.07 78.08
CA LEU J 92 -38.53 -15.96 78.37
C LEU J 92 -39.80 -16.01 77.55
N ARG J 93 -39.95 -16.99 76.66
CA ARG J 93 -41.12 -17.15 75.80
C ARG J 93 -41.36 -15.91 74.94
N VAL J 94 -40.28 -15.25 74.54
CA VAL J 94 -40.33 -14.00 73.77
C VAL J 94 -39.66 -14.24 72.43
N ARG J 95 -40.42 -14.02 71.36
CA ARG J 95 -39.88 -14.14 70.01
C ARG J 95 -39.19 -12.85 69.61
N LEU J 96 -38.49 -12.90 68.48
CA LEU J 96 -37.74 -11.74 68.00
C LEU J 96 -38.70 -10.67 67.50
N GLY J 97 -38.70 -9.51 68.16
CA GLY J 97 -39.60 -8.43 67.83
C GLY J 97 -40.78 -8.34 68.77
N ASP J 98 -40.54 -8.60 70.06
CA ASP J 98 -41.58 -8.56 71.08
C ASP J 98 -41.15 -7.64 72.22
N VAL J 99 -42.08 -7.40 73.14
CA VAL J 99 -41.86 -6.47 74.24
C VAL J 99 -41.35 -7.26 75.45
N ILE J 100 -40.27 -6.77 76.05
CA ILE J 100 -39.66 -7.38 77.23
C ILE J 100 -39.75 -6.39 78.39
N SER J 101 -40.16 -6.90 79.55
CA SER J 101 -40.28 -6.11 80.76
C SER J 101 -39.03 -6.26 81.61
N ILE J 102 -38.51 -5.14 82.10
CA ILE J 102 -37.25 -5.10 82.82
C ILE J 102 -37.46 -4.44 84.17
N GLN J 103 -36.92 -5.05 85.22
CA GLN J 103 -36.90 -4.44 86.56
C GLN J 103 -35.72 -4.98 87.35
N PRO J 104 -34.78 -4.12 87.75
CA PRO J 104 -33.64 -4.57 88.53
C PRO J 104 -34.03 -4.95 89.96
N CYS J 105 -33.25 -5.87 90.53
CA CYS J 105 -33.43 -6.29 91.91
C CYS J 105 -32.14 -6.91 92.42
N PRO J 106 -31.20 -6.11 92.91
CA PRO J 106 -29.88 -6.65 93.30
C PRO J 106 -29.84 -7.23 94.70
N ASP J 107 -29.50 -8.52 94.79
CA ASP J 107 -29.22 -9.20 96.05
C ASP J 107 -27.95 -10.02 95.87
N VAL J 108 -27.20 -10.23 96.94
CA VAL J 108 -25.94 -10.97 96.86
C VAL J 108 -26.21 -12.41 96.41
N LYS J 109 -26.85 -13.19 97.27
CA LYS J 109 -27.37 -14.54 96.97
C LYS J 109 -26.40 -15.37 96.12
N TYR J 110 -25.22 -15.61 96.69
CA TYR J 110 -24.27 -16.51 96.05
C TYR J 110 -24.81 -17.94 96.12
N GLY J 111 -24.85 -18.61 94.98
CA GLY J 111 -25.49 -19.91 94.86
C GLY J 111 -24.96 -20.98 95.79
N LYS J 112 -25.87 -21.71 96.44
CA LYS J 112 -25.52 -22.78 97.37
C LYS J 112 -26.12 -24.08 96.84
N ARG J 113 -25.28 -24.91 96.23
CA ARG J 113 -25.66 -26.23 95.72
C ARG J 113 -26.81 -26.12 94.71
N ILE J 114 -26.49 -25.47 93.59
CA ILE J 114 -27.45 -25.32 92.51
C ILE J 114 -27.71 -26.67 91.87
N HIS J 115 -28.79 -26.77 91.10
CA HIS J 115 -29.28 -28.05 90.59
C HIS J 115 -29.42 -28.00 89.06
N VAL J 116 -28.37 -27.53 88.39
CA VAL J 116 -28.34 -27.59 86.93
C VAL J 116 -28.40 -29.04 86.49
N LEU J 117 -29.24 -29.32 85.50
CA LEU J 117 -29.49 -30.67 85.03
C LEU J 117 -29.44 -30.72 83.50
N PRO J 118 -29.04 -31.85 82.92
CA PRO J 118 -29.03 -31.98 81.47
C PRO J 118 -30.35 -32.47 80.91
N ILE J 119 -31.42 -32.35 81.69
CA ILE J 119 -32.70 -32.99 81.37
C ILE J 119 -33.24 -32.37 80.08
N ASP J 120 -33.16 -33.13 78.99
CA ASP J 120 -33.57 -32.70 77.66
C ASP J 120 -33.47 -33.86 76.67
N ASP J 121 -33.85 -33.62 75.43
CA ASP J 121 -33.67 -34.61 74.37
C ASP J 121 -32.34 -34.46 73.64
N THR J 122 -31.54 -33.45 73.98
CA THR J 122 -30.24 -33.27 73.35
C THR J 122 -29.18 -34.23 73.89
N VAL J 123 -29.39 -34.78 75.09
CA VAL J 123 -28.41 -35.70 75.69
C VAL J 123 -28.82 -37.10 75.23
N GLU J 124 -28.37 -37.46 74.04
CA GLU J 124 -28.59 -38.79 73.48
C GLU J 124 -27.26 -39.35 73.02
N GLY J 125 -26.86 -40.50 73.59
CA GLY J 125 -25.60 -41.10 73.22
C GLY J 125 -24.37 -40.36 73.70
N ILE J 126 -24.52 -39.48 74.69
CA ILE J 126 -23.40 -38.74 75.27
C ILE J 126 -23.42 -38.98 76.77
N THR J 127 -22.49 -39.80 77.25
CA THR J 127 -22.41 -40.17 78.65
C THR J 127 -21.07 -39.74 79.23
N GLY J 128 -20.79 -40.16 80.46
CA GLY J 128 -19.53 -39.86 81.10
C GLY J 128 -19.61 -38.68 82.04
N ASN J 129 -18.56 -37.85 82.04
CA ASN J 129 -18.49 -36.67 82.89
C ASN J 129 -18.96 -35.42 82.18
N LEU J 130 -19.92 -35.54 81.26
CA LEU J 130 -20.44 -34.38 80.54
C LEU J 130 -21.08 -33.36 81.47
N PHE J 131 -21.42 -33.77 82.70
CA PHE J 131 -22.00 -32.86 83.67
C PHE J 131 -21.02 -31.79 84.12
N GLU J 132 -19.72 -32.01 83.99
CA GLU J 132 -18.73 -31.06 84.49
C GLU J 132 -17.57 -30.76 83.55
N VAL J 133 -17.36 -31.51 82.46
CA VAL J 133 -16.16 -31.31 81.66
C VAL J 133 -16.22 -29.97 80.92
N TYR J 134 -17.35 -29.65 80.30
CA TYR J 134 -17.50 -28.38 79.61
C TYR J 134 -18.32 -27.36 80.39
N LEU J 135 -18.73 -27.70 81.62
CA LEU J 135 -19.40 -26.74 82.48
C LEU J 135 -18.43 -25.95 83.34
N LYS J 136 -17.31 -26.56 83.73
CA LYS J 136 -16.28 -25.82 84.48
C LYS J 136 -15.72 -24.64 83.71
N PRO J 137 -15.33 -24.74 82.44
CA PRO J 137 -14.81 -23.55 81.74
C PRO J 137 -15.83 -22.46 81.52
N TYR J 138 -17.13 -22.81 81.45
CA TYR J 138 -18.16 -21.82 81.13
C TYR J 138 -19.11 -21.58 82.29
N PHE J 139 -19.78 -22.61 82.80
CA PHE J 139 -20.79 -22.43 83.84
C PHE J 139 -20.20 -22.13 85.20
N LEU J 140 -18.92 -22.40 85.39
CA LEU J 140 -18.22 -22.13 86.65
C LEU J 140 -17.17 -21.04 86.49
N GLU J 141 -17.44 -20.06 85.63
CA GLU J 141 -16.49 -19.01 85.34
C GLU J 141 -17.22 -17.70 85.12
N ALA J 142 -16.48 -16.60 85.27
CA ALA J 142 -16.93 -15.23 85.00
C ALA J 142 -18.07 -14.78 85.92
N TYR J 143 -18.42 -15.58 86.93
CA TYR J 143 -19.48 -15.25 87.89
C TYR J 143 -20.78 -14.90 87.18
N ARG J 144 -21.15 -15.71 86.19
CA ARG J 144 -22.37 -15.46 85.45
C ARG J 144 -23.60 -15.74 86.31
N PRO J 145 -24.69 -15.01 86.10
CA PRO J 145 -25.88 -15.20 86.92
C PRO J 145 -26.65 -16.46 86.52
N ILE J 146 -27.33 -17.04 87.51
CA ILE J 146 -28.05 -18.29 87.34
C ILE J 146 -29.50 -18.08 87.74
N ARG J 147 -30.37 -18.93 87.20
CA ARG J 147 -31.79 -18.93 87.53
C ARG J 147 -32.32 -20.34 87.37
N LYS J 148 -33.40 -20.64 88.08
CA LYS J 148 -34.03 -21.95 88.02
C LYS J 148 -35.25 -21.90 87.11
N GLY J 149 -35.56 -23.05 86.51
CA GLY J 149 -36.70 -23.17 85.61
C GLY J 149 -36.42 -22.83 84.17
N ASP J 150 -35.30 -22.18 83.88
CA ASP J 150 -34.92 -21.83 82.52
C ASP J 150 -33.79 -22.73 82.03
N ILE J 151 -33.51 -22.64 80.74
CA ILE J 151 -32.52 -23.49 80.08
C ILE J 151 -31.45 -22.61 79.44
N PHE J 152 -30.20 -22.90 79.73
CA PHE J 152 -29.08 -22.27 79.04
C PHE J 152 -28.42 -23.30 78.12
N LEU J 153 -27.42 -22.85 77.37
CA LEU J 153 -26.79 -23.69 76.36
C LEU J 153 -25.27 -23.65 76.54
N VAL J 154 -24.64 -24.82 76.38
CA VAL J 154 -23.20 -24.94 76.45
C VAL J 154 -22.69 -25.65 75.20
N ARG J 155 -21.69 -25.07 74.56
CA ARG J 155 -21.13 -25.60 73.32
C ARG J 155 -19.73 -26.12 73.62
N GLY J 156 -19.57 -27.44 73.58
CA GLY J 156 -18.27 -28.06 73.81
C GLY J 156 -18.25 -29.48 73.32
N GLY J 157 -17.06 -29.94 72.97
CA GLY J 157 -16.88 -31.31 72.50
C GLY J 157 -17.72 -31.65 71.28
N MET J 158 -17.82 -30.71 70.33
CA MET J 158 -18.65 -30.84 69.14
C MET J 158 -20.12 -31.07 69.48
N ARG J 159 -20.57 -30.63 70.66
CA ARG J 159 -21.93 -30.84 71.11
C ARG J 159 -22.49 -29.56 71.70
N ALA J 160 -23.69 -29.18 71.27
CA ALA J 160 -24.42 -28.06 71.86
C ALA J 160 -25.52 -28.64 72.75
N VAL J 161 -25.33 -28.54 74.06
CA VAL J 161 -26.19 -29.19 75.04
C VAL J 161 -27.01 -28.13 75.76
N GLU J 162 -28.31 -28.37 75.87
CA GLU J 162 -29.23 -27.50 76.59
C GLU J 162 -29.36 -28.00 78.02
N PHE J 163 -28.91 -27.20 78.98
CA PHE J 163 -28.92 -27.56 80.39
C PHE J 163 -29.98 -26.74 81.12
N LYS J 164 -30.86 -27.42 81.84
CA LYS J 164 -31.85 -26.78 82.69
C LYS J 164 -31.39 -26.80 84.14
N VAL J 165 -31.80 -25.78 84.90
CA VAL J 165 -31.46 -25.67 86.31
C VAL J 165 -32.74 -25.70 87.11
N VAL J 166 -32.77 -26.52 88.15
CA VAL J 166 -33.98 -26.77 88.93
C VAL J 166 -34.04 -25.94 90.20
N GLU J 167 -32.93 -25.89 90.95
CA GLU J 167 -32.88 -25.14 92.20
C GLU J 167 -31.66 -24.22 92.20
N THR J 168 -31.89 -22.94 92.48
CA THR J 168 -30.84 -21.93 92.60
C THR J 168 -31.07 -21.09 93.85
N ASP J 169 -31.32 -21.77 94.98
CA ASP J 169 -31.63 -21.18 96.29
C ASP J 169 -32.99 -20.50 96.25
N PRO J 170 -33.66 -20.30 97.40
CA PRO J 170 -34.99 -19.66 97.39
C PRO J 170 -34.92 -18.17 97.08
N SER J 171 -34.60 -17.85 95.82
CA SER J 171 -34.53 -16.48 95.35
C SER J 171 -34.62 -16.47 93.84
N PRO J 172 -35.28 -15.48 93.24
CA PRO J 172 -35.29 -15.35 91.77
C PRO J 172 -34.03 -14.74 91.19
N TYR J 173 -32.99 -14.55 92.01
CA TYR J 173 -31.74 -13.94 91.59
C TYR J 173 -30.61 -14.79 92.16
N CYS J 174 -29.80 -15.39 91.28
CA CYS J 174 -28.72 -16.25 91.71
C CYS J 174 -27.47 -15.98 90.87
N ILE J 175 -26.31 -16.02 91.52
CA ILE J 175 -25.01 -15.88 90.87
C ILE J 175 -24.20 -17.12 91.17
N VAL J 176 -23.48 -17.62 90.16
CA VAL J 176 -22.67 -18.82 90.35
C VAL J 176 -21.51 -18.51 91.31
N ALA J 177 -21.10 -19.54 92.04
CA ALA J 177 -20.09 -19.41 93.08
C ALA J 177 -19.36 -20.75 93.21
N PRO J 178 -18.17 -20.76 93.81
CA PRO J 178 -17.46 -22.04 93.98
C PRO J 178 -18.21 -23.07 94.80
N ASP J 179 -19.15 -22.65 95.66
CA ASP J 179 -19.92 -23.58 96.47
C ASP J 179 -21.23 -24.00 95.78
N THR J 180 -21.42 -23.66 94.51
CA THR J 180 -22.60 -24.10 93.79
C THR J 180 -22.60 -25.60 93.52
N VAL J 181 -21.45 -26.25 93.60
CA VAL J 181 -21.31 -27.71 93.61
C VAL J 181 -21.73 -28.34 92.29
N ILE J 182 -22.85 -27.89 91.70
CA ILE J 182 -23.45 -28.41 90.48
C ILE J 182 -23.55 -29.94 90.52
N HIS J 183 -23.91 -30.45 91.70
CA HIS J 183 -24.01 -31.90 91.95
C HIS J 183 -24.80 -32.61 90.86
N CYS J 184 -24.39 -33.84 90.56
CA CYS J 184 -24.89 -34.57 89.41
C CYS J 184 -26.19 -35.30 89.74
N GLU J 185 -27.27 -34.92 89.07
CA GLU J 185 -28.55 -35.60 89.17
C GLU J 185 -29.18 -35.71 87.78
N GLY J 186 -28.38 -36.10 86.79
CA GLY J 186 -28.86 -36.13 85.42
C GLY J 186 -29.97 -37.15 85.22
N GLU J 187 -30.89 -36.81 84.33
CA GLU J 187 -32.05 -37.63 84.05
C GLU J 187 -32.45 -37.45 82.59
N PRO J 188 -33.15 -38.43 81.99
CA PRO J 188 -33.60 -38.28 80.61
C PRO J 188 -34.96 -37.59 80.51
N ILE J 189 -35.34 -36.85 81.56
CA ILE J 189 -36.65 -36.21 81.63
C ILE J 189 -36.90 -35.37 80.38
N LYS J 190 -38.06 -35.57 79.77
CA LYS J 190 -38.40 -34.91 78.52
C LYS J 190 -38.63 -33.41 78.73
N ARG J 191 -38.43 -32.65 77.66
CA ARG J 191 -38.67 -31.22 77.67
C ARG J 191 -40.17 -30.92 77.51
N GLU J 192 -40.53 -29.68 77.81
CA GLU J 192 -41.91 -29.23 77.65
C GLU J 192 -42.07 -28.47 76.34
N ASP J 193 -43.31 -28.41 75.86
CA ASP J 193 -43.59 -27.76 74.58
C ASP J 193 -43.41 -26.25 74.64
N GLU J 194 -43.47 -25.66 75.83
CA GLU J 194 -43.29 -24.21 75.95
C GLU J 194 -41.88 -23.80 75.54
N GLU J 195 -40.87 -24.57 75.94
CA GLU J 195 -39.49 -24.26 75.58
C GLU J 195 -39.23 -24.60 74.11
N GLU J 196 -38.40 -23.79 73.48
CA GLU J 196 -38.02 -23.99 72.09
C GLU J 196 -36.65 -24.64 72.02
N SER J 197 -36.50 -25.62 71.13
CA SER J 197 -35.25 -26.35 71.00
C SER J 197 -34.19 -25.44 70.40
N LEU J 198 -33.10 -25.23 71.16
CA LEU J 198 -31.99 -24.43 70.66
C LEU J 198 -31.23 -25.14 69.54
N ASN J 199 -31.32 -26.47 69.46
CA ASN J 199 -30.74 -27.18 68.33
C ASN J 199 -31.47 -26.83 67.03
N GLU J 200 -32.76 -26.50 67.12
CA GLU J 200 -33.50 -26.06 65.95
C GLU J 200 -32.96 -24.71 65.48
N VAL J 201 -33.07 -24.46 64.17
CA VAL J 201 -32.42 -23.31 63.56
C VAL J 201 -33.11 -22.01 64.00
N GLY J 202 -32.39 -20.91 63.81
CA GLY J 202 -32.89 -19.60 64.14
C GLY J 202 -32.08 -18.53 63.44
N TYR J 203 -32.26 -17.28 63.90
CA TYR J 203 -31.55 -16.16 63.29
C TYR J 203 -30.05 -16.31 63.42
N ASP J 204 -29.58 -16.84 64.56
CA ASP J 204 -28.15 -16.98 64.78
C ASP J 204 -27.50 -18.05 63.91
N ASP J 205 -28.29 -18.87 63.22
CA ASP J 205 -27.75 -19.95 62.40
C ASP J 205 -27.44 -19.53 60.96
N ILE J 206 -27.64 -18.27 60.62
CA ILE J 206 -27.21 -17.71 59.33
C ILE J 206 -26.24 -16.58 59.61
N GLY J 207 -25.06 -16.65 59.01
CA GLY J 207 -24.07 -15.61 59.19
C GLY J 207 -23.67 -14.95 57.89
N GLY J 208 -23.78 -15.69 56.78
CA GLY J 208 -23.32 -15.17 55.50
C GLY J 208 -24.23 -14.14 54.88
N CYS J 209 -25.41 -13.93 55.44
CA CYS J 209 -26.38 -12.99 54.87
C CYS J 209 -26.87 -12.07 55.98
N ARG J 210 -26.56 -10.77 55.84
CA ARG J 210 -27.01 -9.76 56.78
C ARG J 210 -28.10 -8.87 56.19
N LYS J 211 -27.85 -8.24 55.05
CA LYS J 211 -28.86 -7.43 54.40
C LYS J 211 -30.02 -8.30 53.90
N GLN J 212 -29.70 -9.45 53.30
CA GLN J 212 -30.73 -10.32 52.75
C GLN J 212 -31.59 -10.96 53.83
N LEU J 213 -31.02 -11.25 55.00
CA LEU J 213 -31.82 -11.74 56.11
C LEU J 213 -32.69 -10.66 56.73
N ALA J 214 -32.15 -9.44 56.85
CA ALA J 214 -32.94 -8.33 57.36
C ALA J 214 -34.07 -7.96 56.41
N GLN J 215 -33.87 -8.17 55.11
CA GLN J 215 -34.94 -7.94 54.14
C GLN J 215 -36.13 -8.85 54.42
N ILE J 216 -35.87 -10.15 54.61
CA ILE J 216 -36.94 -11.09 54.93
C ILE J 216 -37.54 -10.78 56.29
N LYS J 217 -36.71 -10.35 57.23
CA LYS J 217 -37.20 -9.98 58.55
C LYS J 217 -38.22 -8.86 58.46
N GLU J 218 -37.87 -7.76 57.77
CA GLU J 218 -38.81 -6.66 57.58
C GLU J 218 -40.01 -7.09 56.75
N MET J 219 -39.81 -8.03 55.82
CA MET J 219 -40.90 -8.47 54.95
C MET J 219 -41.96 -9.23 55.73
N VAL J 220 -41.56 -10.14 56.62
CA VAL J 220 -42.47 -11.11 57.19
C VAL J 220 -42.67 -10.96 58.69
N GLU J 221 -42.02 -10.00 59.34
CA GLU J 221 -42.22 -9.83 60.78
C GLU J 221 -43.61 -9.26 61.07
N LEU J 222 -43.98 -8.19 60.37
CA LEU J 222 -45.30 -7.58 60.60
C LEU J 222 -46.46 -8.51 60.21
N PRO J 223 -46.48 -9.14 59.04
CA PRO J 223 -47.62 -10.02 58.72
C PRO J 223 -47.77 -11.22 59.66
N LEU J 224 -46.67 -11.74 60.20
CA LEU J 224 -46.72 -12.94 61.04
C LEU J 224 -46.97 -12.62 62.51
N ARG J 225 -46.21 -11.69 63.08
CA ARG J 225 -46.36 -11.38 64.50
C ARG J 225 -47.69 -10.70 64.79
N HIS J 226 -48.14 -9.82 63.90
CA HIS J 226 -49.38 -9.07 64.09
C HIS J 226 -50.26 -9.20 62.85
N PRO J 227 -50.92 -10.33 62.68
CA PRO J 227 -51.90 -10.44 61.57
C PRO J 227 -53.15 -9.62 61.79
N ALA J 228 -53.45 -9.26 63.05
CA ALA J 228 -54.63 -8.46 63.33
C ALA J 228 -54.52 -7.06 62.72
N LEU J 229 -53.31 -6.50 62.68
CA LEU J 229 -53.12 -5.20 62.05
C LEU J 229 -53.42 -5.28 60.55
N PHE J 230 -52.98 -6.36 59.89
CA PHE J 230 -53.26 -6.51 58.46
C PHE J 230 -54.74 -6.77 58.22
N LYS J 231 -55.39 -7.53 59.10
CA LYS J 231 -56.83 -7.73 58.99
C LYS J 231 -57.59 -6.42 59.21
N ALA J 232 -57.03 -5.54 60.03
CA ALA J 232 -57.69 -4.28 60.32
C ALA J 232 -57.43 -3.25 59.22
N ILE J 233 -56.16 -2.92 58.99
CA ILE J 233 -55.79 -1.89 58.03
C ILE J 233 -55.77 -2.50 56.64
N GLY J 234 -56.43 -1.84 55.68
CA GLY J 234 -56.42 -2.34 54.33
C GLY J 234 -55.05 -2.21 53.69
N VAL J 235 -54.34 -3.32 53.59
CA VAL J 235 -53.00 -3.39 53.02
C VAL J 235 -52.94 -4.66 52.19
N LYS J 236 -51.94 -4.73 51.31
CA LYS J 236 -51.65 -5.95 50.56
C LYS J 236 -50.48 -6.68 51.22
N PRO J 237 -50.75 -7.66 52.08
CA PRO J 237 -49.67 -8.32 52.82
C PRO J 237 -48.76 -9.10 51.88
N PRO J 238 -47.48 -9.19 52.20
CA PRO J 238 -46.58 -10.03 51.39
C PRO J 238 -46.95 -11.50 51.49
N ARG J 239 -47.48 -12.06 50.41
CA ARG J 239 -47.86 -13.47 50.35
C ARG J 239 -47.12 -14.07 49.16
N GLY J 240 -45.88 -14.50 49.40
CA GLY J 240 -45.05 -15.06 48.36
C GLY J 240 -43.65 -14.48 48.38
N ILE J 241 -42.66 -15.35 48.52
CA ILE J 241 -41.25 -14.96 48.53
C ILE J 241 -40.52 -15.83 47.52
N LEU J 242 -39.52 -15.25 46.86
CA LEU J 242 -38.80 -15.90 45.77
C LEU J 242 -37.30 -15.93 46.05
N LEU J 243 -36.95 -16.42 47.24
CA LEU J 243 -35.54 -16.59 47.60
C LEU J 243 -34.83 -17.42 46.55
N TYR J 244 -33.90 -16.83 45.82
CA TYR J 244 -33.19 -17.55 44.77
C TYR J 244 -31.69 -17.39 44.99
N GLY J 245 -30.95 -18.42 44.59
CA GLY J 245 -29.52 -18.44 44.75
C GLY J 245 -28.99 -19.83 44.45
N PRO J 246 -27.67 -19.99 44.44
CA PRO J 246 -27.09 -21.29 44.15
C PRO J 246 -27.49 -22.29 45.22
N PRO J 247 -27.59 -23.57 44.87
CA PRO J 247 -27.99 -24.58 45.85
C PRO J 247 -27.00 -24.69 47.00
N GLY J 248 -27.52 -24.95 48.19
CA GLY J 248 -26.69 -25.05 49.37
C GLY J 248 -26.34 -23.73 50.01
N THR J 249 -27.06 -22.65 49.69
CA THR J 249 -26.77 -21.33 50.22
C THR J 249 -27.57 -21.01 51.49
N GLY J 250 -28.44 -21.92 51.93
CA GLY J 250 -29.19 -21.72 53.14
C GLY J 250 -30.59 -21.15 52.96
N LYS J 251 -31.17 -21.23 51.77
CA LYS J 251 -32.52 -20.75 51.57
C LYS J 251 -33.52 -21.52 52.42
N THR J 252 -33.39 -22.86 52.45
CA THR J 252 -34.22 -23.66 53.33
C THR J 252 -33.91 -23.35 54.80
N LEU J 253 -32.62 -23.17 55.12
CA LEU J 253 -32.24 -22.80 56.47
C LEU J 253 -32.83 -21.46 56.87
N ILE J 254 -32.79 -20.48 55.96
CA ILE J 254 -33.34 -19.16 56.25
C ILE J 254 -34.86 -19.25 56.42
N ALA J 255 -35.53 -20.04 55.58
CA ALA J 255 -36.98 -20.19 55.69
C ALA J 255 -37.36 -20.82 57.03
N ARG J 256 -36.66 -21.89 57.42
CA ARG J 256 -36.96 -22.50 58.72
C ARG J 256 -36.65 -21.53 59.86
N ALA J 257 -35.54 -20.79 59.74
CA ALA J 257 -35.13 -19.83 60.77
C ALA J 257 -36.18 -18.75 60.97
N VAL J 258 -36.40 -17.91 59.97
CA VAL J 258 -37.53 -16.99 60.13
C VAL J 258 -38.75 -17.65 59.47
N ALA J 259 -39.13 -18.80 60.02
CA ALA J 259 -40.51 -19.26 60.11
C ALA J 259 -40.83 -19.90 61.45
N ASN J 260 -39.82 -20.38 62.18
CA ASN J 260 -40.01 -20.92 63.53
C ASN J 260 -39.72 -19.88 64.61
N GLU J 261 -38.70 -19.05 64.43
CA GLU J 261 -38.38 -18.03 65.41
C GLU J 261 -39.42 -16.91 65.38
N THR J 262 -39.84 -16.50 64.19
CA THR J 262 -40.85 -15.44 64.05
C THR J 262 -42.26 -16.02 64.12
N GLY J 263 -42.56 -17.00 63.28
CA GLY J 263 -43.84 -17.66 63.27
C GLY J 263 -43.89 -18.84 64.23
N ALA J 264 -44.86 -19.72 63.99
CA ALA J 264 -45.04 -20.89 64.83
C ALA J 264 -45.15 -22.20 64.06
N PHE J 265 -45.54 -22.18 62.79
CA PHE J 265 -45.66 -23.38 61.97
C PHE J 265 -44.91 -23.16 60.67
N PHE J 266 -44.09 -24.14 60.28
CA PHE J 266 -43.28 -24.06 59.08
C PHE J 266 -43.48 -25.34 58.27
N PHE J 267 -44.00 -25.20 57.06
CA PHE J 267 -44.24 -26.33 56.17
C PHE J 267 -43.10 -26.43 55.17
N LEU J 268 -42.64 -27.65 54.93
CA LEU J 268 -41.43 -27.90 54.14
C LEU J 268 -41.73 -28.96 53.08
N ILE J 269 -42.77 -28.73 52.26
CA ILE J 269 -42.99 -29.58 51.11
C ILE J 269 -41.74 -29.57 50.24
N ASN J 270 -41.31 -30.76 49.82
CA ASN J 270 -39.97 -30.91 49.26
C ASN J 270 -39.83 -30.25 47.89
N GLY J 271 -40.90 -30.25 47.10
CA GLY J 271 -40.81 -29.91 45.69
C GLY J 271 -40.76 -31.13 44.80
N PRO J 272 -39.66 -31.89 44.82
CA PRO J 272 -39.66 -33.19 44.15
C PRO J 272 -40.70 -34.15 44.69
N GLU J 273 -41.11 -34.00 45.96
CA GLU J 273 -42.16 -34.85 46.51
C GLU J 273 -43.47 -34.65 45.76
N ILE J 274 -43.82 -33.39 45.46
CA ILE J 274 -45.05 -33.11 44.72
C ILE J 274 -44.90 -33.38 43.23
N MET J 275 -43.68 -33.33 42.71
CA MET J 275 -43.45 -33.68 41.31
C MET J 275 -43.32 -35.20 41.11
N SER J 276 -43.23 -35.96 42.20
CA SER J 276 -42.95 -37.39 42.13
C SER J 276 -44.18 -38.27 42.33
N LYS J 277 -45.15 -37.83 43.12
CA LYS J 277 -46.29 -38.67 43.45
C LYS J 277 -47.19 -38.85 42.23
N LEU J 278 -48.22 -39.67 42.41
CA LEU J 278 -49.07 -40.13 41.30
C LEU J 278 -50.13 -39.09 40.94
N ALA J 279 -49.64 -37.93 40.46
CA ALA J 279 -50.48 -36.88 39.90
C ALA J 279 -51.57 -36.41 40.86
N GLY J 280 -52.68 -37.15 40.91
CA GLY J 280 -53.79 -36.74 41.75
C GLY J 280 -53.44 -36.70 43.23
N GLU J 281 -52.69 -37.69 43.69
CA GLU J 281 -52.26 -37.68 45.09
C GLU J 281 -51.27 -36.55 45.36
N SER J 282 -50.42 -36.25 44.38
CA SER J 282 -49.49 -35.12 44.52
C SER J 282 -50.25 -33.81 44.66
N GLU J 283 -51.27 -33.59 43.82
CA GLU J 283 -52.05 -32.38 43.91
C GLU J 283 -52.88 -32.34 45.18
N SER J 284 -53.32 -33.51 45.66
CA SER J 284 -54.00 -33.57 46.94
C SER J 284 -53.08 -33.14 48.08
N ASN J 285 -51.83 -33.59 48.05
CA ASN J 285 -50.86 -33.16 49.05
C ASN J 285 -50.57 -31.66 48.93
N LEU J 286 -50.51 -31.15 47.69
CA LEU J 286 -50.31 -29.71 47.51
C LEU J 286 -51.45 -28.90 48.11
N ARG J 287 -52.69 -29.35 47.89
CA ARG J 287 -53.83 -28.68 48.50
C ARG J 287 -53.82 -28.81 50.01
N LYS J 288 -53.47 -30.00 50.52
CA LYS J 288 -53.56 -30.26 51.95
C LYS J 288 -52.49 -29.51 52.73
N ALA J 289 -51.30 -29.32 52.14
CA ALA J 289 -50.29 -28.52 52.82
C ALA J 289 -50.76 -27.09 53.01
N PHE J 290 -51.34 -26.50 51.96
CA PHE J 290 -51.88 -25.15 52.06
C PHE J 290 -53.02 -25.09 53.07
N GLU J 291 -53.88 -26.12 53.07
CA GLU J 291 -55.00 -26.15 54.01
C GLU J 291 -54.50 -26.21 55.45
N GLU J 292 -53.58 -27.12 55.74
CA GLU J 292 -53.04 -27.24 57.10
C GLU J 292 -52.28 -25.99 57.51
N ALA J 293 -51.66 -25.30 56.54
CA ALA J 293 -51.03 -24.02 56.85
C ALA J 293 -52.07 -22.98 57.24
N GLU J 294 -53.20 -22.95 56.53
CA GLU J 294 -54.24 -21.98 56.84
C GLU J 294 -55.22 -22.47 57.90
N LYS J 295 -55.11 -23.73 58.32
CA LYS J 295 -56.01 -24.26 59.35
C LYS J 295 -55.41 -24.16 60.74
N ASN J 296 -54.10 -24.37 60.86
CA ASN J 296 -53.47 -24.45 62.18
C ASN J 296 -53.26 -23.06 62.78
N ALA J 297 -52.45 -22.22 62.11
CA ALA J 297 -52.07 -20.91 62.61
C ALA J 297 -51.39 -20.14 61.48
N PRO J 298 -51.14 -18.83 61.64
CA PRO J 298 -50.29 -18.12 60.67
C PRO J 298 -48.96 -18.83 60.47
N ALA J 299 -48.76 -19.38 59.28
CA ALA J 299 -47.64 -20.27 59.00
C ALA J 299 -46.91 -19.81 57.75
N ILE J 300 -45.84 -20.53 57.42
CA ILE J 300 -45.02 -20.25 56.24
C ILE J 300 -44.91 -21.52 55.44
N ILE J 301 -45.36 -21.48 54.18
CA ILE J 301 -45.21 -22.60 53.26
C ILE J 301 -43.94 -22.40 52.45
N PHE J 302 -43.07 -23.40 52.47
CA PHE J 302 -41.79 -23.32 51.79
C PHE J 302 -41.76 -24.31 50.63
N ILE J 303 -41.54 -23.79 49.43
CA ILE J 303 -41.40 -24.61 48.23
C ILE J 303 -39.91 -24.64 47.90
N ASP J 304 -39.23 -25.71 48.31
CA ASP J 304 -37.78 -25.80 48.17
C ASP J 304 -37.34 -25.89 46.72
N GLU J 305 -38.19 -26.38 45.83
CA GLU J 305 -37.83 -26.61 44.43
C GLU J 305 -38.91 -26.07 43.51
N LEU J 306 -39.31 -24.80 43.72
CA LEU J 306 -40.27 -24.17 42.84
C LEU J 306 -39.80 -24.18 41.38
N ASP J 307 -38.49 -24.20 41.16
CA ASP J 307 -37.98 -24.37 39.81
C ASP J 307 -38.33 -25.74 39.25
N ALA J 308 -38.42 -26.76 40.11
CA ALA J 308 -38.78 -28.10 39.66
C ALA J 308 -40.28 -28.27 39.53
N ILE J 309 -41.05 -27.76 40.50
CA ILE J 309 -42.50 -27.85 40.43
C ILE J 309 -43.04 -27.03 39.27
N ALA J 310 -42.53 -25.81 39.10
CA ALA J 310 -43.01 -24.88 38.09
C ALA J 310 -41.85 -24.38 37.24
N PRO J 311 -41.38 -25.19 36.30
CA PRO J 311 -40.38 -24.70 35.33
C PRO J 311 -41.05 -23.86 34.25
N LYS J 312 -40.28 -23.46 33.24
CA LYS J 312 -40.85 -22.72 32.10
C LYS J 312 -41.93 -23.55 31.42
N ARG J 313 -43.19 -23.09 31.51
CA ARG J 313 -44.30 -23.84 30.93
C ARG J 313 -44.20 -23.91 29.41
N GLU J 314 -43.58 -22.91 28.78
CA GLU J 314 -43.47 -22.89 27.33
C GLU J 314 -42.61 -24.05 26.82
N LYS J 315 -41.54 -24.38 27.53
CA LYS J 315 -40.63 -25.43 27.10
C LYS J 315 -41.00 -26.81 27.62
N THR J 316 -42.05 -26.92 28.44
CA THR J 316 -42.48 -28.22 28.93
C THR J 316 -43.11 -29.03 27.81
N HIS J 317 -42.93 -30.35 27.89
CA HIS J 317 -43.47 -31.28 26.89
C HIS J 317 -44.77 -31.90 27.33
N GLY J 318 -44.78 -32.54 28.50
CA GLY J 318 -45.99 -33.13 29.02
C GLY J 318 -47.00 -32.08 29.45
N GLU J 319 -48.25 -32.51 29.58
CA GLU J 319 -49.33 -31.63 29.98
C GLU J 319 -49.74 -31.79 31.44
N VAL J 320 -49.49 -32.95 32.03
CA VAL J 320 -49.76 -33.12 33.46
C VAL J 320 -48.82 -32.24 34.28
N GLU J 321 -47.59 -32.02 33.81
CA GLU J 321 -46.74 -31.03 34.43
C GLU J 321 -47.26 -29.61 34.19
N ARG J 322 -47.85 -29.37 33.01
CA ARG J 322 -48.53 -28.10 32.79
C ARG J 322 -49.72 -27.95 33.73
N ARG J 323 -50.44 -29.05 33.98
CA ARG J 323 -51.51 -29.02 34.96
C ARG J 323 -50.98 -28.70 36.35
N ILE J 324 -49.82 -29.25 36.71
CA ILE J 324 -49.21 -28.96 38.01
C ILE J 324 -48.86 -27.48 38.12
N VAL J 325 -48.25 -26.93 37.07
CA VAL J 325 -47.85 -25.53 37.07
C VAL J 325 -49.07 -24.63 37.18
N SER J 326 -50.12 -24.93 36.41
CA SER J 326 -51.31 -24.09 36.42
C SER J 326 -52.05 -24.22 37.75
N GLN J 327 -52.08 -25.42 38.34
CA GLN J 327 -52.71 -25.59 39.65
C GLN J 327 -51.96 -24.83 40.72
N LEU J 328 -50.63 -24.83 40.67
CA LEU J 328 -49.85 -24.03 41.59
C LEU J 328 -50.13 -22.54 41.40
N LEU J 329 -50.24 -22.10 40.15
CA LEU J 329 -50.55 -20.70 39.87
C LEU J 329 -51.90 -20.32 40.43
N THR J 330 -52.91 -21.17 40.23
CA THR J 330 -54.25 -20.87 40.74
C THR J 330 -54.30 -20.93 42.27
N LEU J 331 -53.55 -21.84 42.88
CA LEU J 331 -53.48 -21.89 44.33
C LEU J 331 -52.84 -20.63 44.89
N MET J 332 -51.78 -20.14 44.25
CA MET J 332 -51.13 -18.92 44.71
C MET J 332 -52.03 -17.70 44.50
N ASP J 333 -52.75 -17.66 43.37
CA ASP J 333 -53.68 -16.57 43.13
C ASP J 333 -54.83 -16.59 44.14
N GLY J 334 -55.33 -17.78 44.49
CA GLY J 334 -56.34 -17.91 45.53
C GLY J 334 -55.82 -17.86 46.93
N LEU J 335 -54.49 -17.76 47.10
CA LEU J 335 -53.88 -17.60 48.41
C LEU J 335 -53.89 -16.16 48.88
N LYS J 336 -54.59 -15.27 48.18
CA LYS J 336 -54.74 -13.89 48.64
C LYS J 336 -55.55 -13.80 49.92
N GLN J 337 -56.23 -14.88 50.31
CA GLN J 337 -57.07 -14.89 51.50
C GLN J 337 -56.24 -15.23 52.74
N ARG J 338 -56.92 -15.18 53.90
CA ARG J 338 -56.43 -15.55 55.22
C ARG J 338 -55.45 -14.51 55.79
N ALA J 339 -54.94 -13.63 54.93
CA ALA J 339 -54.15 -12.47 55.33
C ALA J 339 -52.97 -12.75 56.26
N HIS J 340 -52.61 -14.04 56.43
CA HIS J 340 -51.55 -14.35 57.39
C HIS J 340 -50.64 -15.49 56.96
N VAL J 341 -50.70 -15.97 55.73
CA VAL J 341 -49.92 -17.12 55.30
C VAL J 341 -48.87 -16.64 54.30
N ILE J 342 -47.61 -16.77 54.66
CA ILE J 342 -46.50 -16.47 53.76
C ILE J 342 -46.11 -17.73 53.02
N VAL J 343 -45.70 -17.58 51.76
CA VAL J 343 -45.36 -18.71 50.90
C VAL J 343 -43.96 -18.45 50.35
N MET J 344 -42.94 -19.00 51.00
CA MET J 344 -41.58 -18.87 50.51
C MET J 344 -41.30 -19.91 49.45
N ALA J 345 -40.51 -19.52 48.45
CA ALA J 345 -40.14 -20.41 47.34
C ALA J 345 -38.64 -20.31 47.11
N ALA J 346 -38.00 -21.46 46.91
CA ALA J 346 -36.56 -21.53 46.67
C ALA J 346 -36.29 -22.00 45.25
N THR J 347 -35.26 -21.43 44.65
CA THR J 347 -34.86 -21.78 43.29
C THR J 347 -33.41 -21.35 43.10
N ASN J 348 -32.85 -21.70 41.94
CA ASN J 348 -31.47 -21.37 41.64
C ASN J 348 -31.31 -20.05 40.91
N ARG J 349 -32.33 -19.61 40.17
CA ARG J 349 -32.26 -18.38 39.40
C ARG J 349 -33.68 -17.96 39.04
N PRO J 350 -33.94 -16.66 38.88
CA PRO J 350 -35.31 -16.23 38.57
C PRO J 350 -35.67 -16.34 37.10
N ASN J 351 -34.69 -16.40 36.21
CA ASN J 351 -34.96 -16.51 34.77
C ASN J 351 -35.18 -17.95 34.32
N SER J 352 -35.34 -18.89 35.25
CA SER J 352 -35.66 -20.27 34.92
C SER J 352 -37.10 -20.65 35.26
N ILE J 353 -37.75 -19.92 36.15
CA ILE J 353 -39.16 -20.15 36.45
C ILE J 353 -40.00 -19.55 35.33
N ASP J 354 -41.15 -20.18 35.06
CA ASP J 354 -42.08 -19.66 34.07
C ASP J 354 -42.47 -18.23 34.42
N PRO J 355 -42.52 -17.31 33.44
CA PRO J 355 -42.85 -15.91 33.76
C PRO J 355 -44.30 -15.72 34.12
N ALA J 356 -44.80 -16.52 35.05
CA ALA J 356 -46.12 -16.35 35.64
C ALA J 356 -46.13 -16.45 37.16
N LEU J 357 -45.12 -17.07 37.77
CA LEU J 357 -44.93 -17.06 39.21
C LEU J 357 -44.24 -15.81 39.70
N ARG J 358 -44.15 -14.77 38.88
CA ARG J 358 -43.61 -13.48 39.29
C ARG J 358 -44.65 -12.37 39.22
N ARG J 359 -45.92 -12.72 39.05
CA ARG J 359 -46.99 -11.75 38.97
C ARG J 359 -47.31 -11.21 40.36
N PHE J 360 -48.17 -10.18 40.40
CA PHE J 360 -48.55 -9.57 41.67
C PHE J 360 -49.28 -10.56 42.55
N GLY J 361 -48.86 -10.62 43.82
CA GLY J 361 -49.44 -11.54 44.78
C GLY J 361 -48.90 -12.95 44.73
N ARG J 362 -48.02 -13.27 43.78
CA ARG J 362 -47.43 -14.60 43.63
C ARG J 362 -45.93 -14.43 43.47
N PHE J 363 -45.20 -14.50 44.58
CA PHE J 363 -43.74 -14.40 44.60
C PHE J 363 -43.26 -13.12 43.90
N ASP J 364 -43.95 -12.02 44.19
CA ASP J 364 -43.61 -10.74 43.56
C ASP J 364 -42.32 -10.15 44.12
N ARG J 365 -41.84 -10.64 45.26
CA ARG J 365 -40.66 -10.11 45.92
C ARG J 365 -39.51 -11.09 45.79
N GLU J 366 -38.40 -10.62 45.22
CA GLU J 366 -37.18 -11.43 45.09
C GLU J 366 -36.14 -10.90 46.06
N VAL J 367 -35.60 -11.82 46.87
CA VAL J 367 -34.75 -11.47 48.01
C VAL J 367 -33.39 -12.16 47.86
N ASP J 368 -32.90 -12.22 46.62
CA ASP J 368 -31.74 -13.00 46.19
C ASP J 368 -30.65 -13.15 47.23
N ILE J 369 -30.23 -14.39 47.48
CA ILE J 369 -29.27 -14.68 48.54
C ILE J 369 -27.84 -14.51 48.06
N GLY J 370 -27.47 -15.15 46.96
CA GLY J 370 -26.15 -15.02 46.41
C GLY J 370 -25.09 -15.78 47.18
N ILE J 371 -23.93 -15.98 46.56
CA ILE J 371 -22.83 -16.71 47.21
C ILE J 371 -22.36 -15.92 48.42
N PRO J 372 -22.07 -16.57 49.55
CA PRO J 372 -21.48 -15.84 50.68
C PRO J 372 -20.16 -15.21 50.28
N ASP J 373 -19.93 -13.99 50.78
CA ASP J 373 -18.85 -13.14 50.31
C ASP J 373 -17.91 -12.78 51.44
N ALA J 374 -16.62 -13.07 51.26
CA ALA J 374 -15.55 -12.65 52.16
C ALA J 374 -15.84 -12.97 53.62
N THR J 375 -15.94 -11.93 54.44
CA THR J 375 -16.18 -12.13 55.87
C THR J 375 -17.48 -12.88 56.12
N GLY J 376 -18.44 -12.78 55.20
CA GLY J 376 -19.66 -13.56 55.33
C GLY J 376 -19.39 -15.04 55.41
N ARG J 377 -18.48 -15.54 54.57
CA ARG J 377 -18.05 -16.93 54.71
C ARG J 377 -17.45 -17.18 56.08
N LEU J 378 -16.62 -16.24 56.55
CA LEU J 378 -16.16 -16.28 57.94
C LEU J 378 -17.35 -16.31 58.90
N GLU J 379 -18.34 -15.44 58.66
CA GLU J 379 -19.52 -15.42 59.51
C GLU J 379 -20.32 -16.71 59.42
N ILE J 380 -20.06 -17.55 58.42
CA ILE J 380 -20.68 -18.87 58.39
C ILE J 380 -19.87 -19.85 59.23
N LEU J 381 -18.54 -19.77 59.13
CA LEU J 381 -17.68 -20.76 59.78
C LEU J 381 -17.89 -20.78 61.28
N GLN J 382 -17.96 -19.59 61.90
CA GLN J 382 -18.18 -19.52 63.34
C GLN J 382 -19.50 -20.14 63.76
N ILE J 383 -20.47 -20.22 62.84
CA ILE J 383 -21.73 -20.88 63.18
C ILE J 383 -21.54 -22.39 63.24
N HIS J 384 -20.70 -22.95 62.36
CA HIS J 384 -20.45 -24.38 62.34
C HIS J 384 -19.25 -24.78 63.19
N THR J 385 -18.63 -23.83 63.89
CA THR J 385 -17.48 -24.08 64.74
C THR J 385 -17.76 -23.82 66.21
N LYS J 386 -18.78 -23.02 66.53
CA LYS J 386 -19.07 -22.67 67.92
C LYS J 386 -19.35 -23.91 68.76
N ASN J 387 -20.15 -24.84 68.23
CA ASN J 387 -20.35 -26.11 68.93
C ASN J 387 -19.08 -26.95 68.93
N MET J 388 -18.27 -26.84 67.87
CA MET J 388 -17.02 -27.57 67.76
C MET J 388 -15.94 -26.86 68.58
N LYS J 389 -14.69 -27.28 68.39
CA LYS J 389 -13.53 -26.60 68.94
C LYS J 389 -12.64 -26.12 67.79
N LEU J 390 -11.73 -25.20 68.11
CA LEU J 390 -10.88 -24.62 67.09
C LEU J 390 -9.42 -24.50 67.51
N ALA J 391 -9.06 -25.02 68.68
CA ALA J 391 -7.68 -24.96 69.21
C ALA J 391 -7.29 -23.48 69.32
N ASP J 392 -6.05 -23.12 68.97
CA ASP J 392 -5.63 -21.73 69.06
C ASP J 392 -4.80 -21.26 67.87
N ASP J 393 -4.49 -22.13 66.91
CA ASP J 393 -3.64 -21.77 65.78
C ASP J 393 -4.41 -21.58 64.48
N VAL J 394 -5.73 -21.74 64.49
CA VAL J 394 -6.50 -21.62 63.26
C VAL J 394 -6.61 -20.17 62.85
N ASP J 395 -6.43 -19.90 61.56
CA ASP J 395 -6.61 -18.57 60.98
C ASP J 395 -7.94 -18.59 60.24
N LEU J 396 -9.02 -18.31 60.98
CA LEU J 396 -10.36 -18.36 60.39
C LEU J 396 -10.53 -17.33 59.28
N GLU J 397 -9.89 -16.17 59.41
CA GLU J 397 -9.95 -15.18 58.34
C GLU J 397 -9.22 -15.67 57.09
N GLN J 398 -8.12 -16.41 57.27
CA GLN J 398 -7.38 -16.91 56.11
C GLN J 398 -8.16 -18.00 55.40
N VAL J 399 -8.73 -18.95 56.15
CA VAL J 399 -9.54 -19.98 55.51
C VAL J 399 -10.83 -19.39 54.94
N ALA J 400 -11.30 -18.27 55.48
CA ALA J 400 -12.43 -17.58 54.88
C ALA J 400 -12.04 -16.94 53.55
N ASN J 401 -10.85 -16.36 53.48
CA ASN J 401 -10.34 -15.88 52.20
C ASN J 401 -9.91 -17.04 51.31
N GLU J 402 -9.74 -18.24 51.86
CA GLU J 402 -9.33 -19.39 51.09
C GLU J 402 -10.52 -20.09 50.43
N THR J 403 -11.71 -19.98 51.02
CA THR J 403 -12.88 -20.73 50.57
C THR J 403 -13.70 -19.94 49.54
N HIS J 404 -13.02 -19.44 48.52
CA HIS J 404 -13.69 -18.63 47.51
C HIS J 404 -14.52 -19.52 46.59
N GLY J 405 -15.78 -19.12 46.39
CA GLY J 405 -16.68 -19.89 45.55
C GLY J 405 -17.44 -21.00 46.25
N HIS J 406 -17.51 -20.95 47.58
CA HIS J 406 -18.20 -21.98 48.36
C HIS J 406 -19.50 -21.40 48.91
N VAL J 407 -20.60 -22.12 48.70
CA VAL J 407 -21.87 -21.79 49.34
C VAL J 407 -21.81 -22.25 50.79
N GLY J 408 -22.80 -21.85 51.58
CA GLY J 408 -22.83 -22.20 52.99
C GLY J 408 -22.86 -23.69 53.26
N ALA J 409 -23.34 -24.49 52.31
CA ALA J 409 -23.31 -25.93 52.48
C ALA J 409 -21.88 -26.47 52.44
N ASP J 410 -21.05 -25.92 51.56
CA ASP J 410 -19.65 -26.32 51.50
C ASP J 410 -18.92 -25.96 52.78
N LEU J 411 -19.18 -24.77 53.32
CA LEU J 411 -18.58 -24.39 54.60
C LEU J 411 -19.07 -25.27 55.74
N ALA J 412 -20.34 -25.70 55.69
CA ALA J 412 -20.81 -26.67 56.66
C ALA J 412 -20.11 -28.02 56.49
N ALA J 413 -19.86 -28.42 55.24
CA ALA J 413 -19.09 -29.64 54.99
C ALA J 413 -17.61 -29.43 55.29
N LEU J 414 -17.09 -28.23 55.01
CA LEU J 414 -15.70 -27.94 55.33
C LEU J 414 -15.46 -27.99 56.83
N CYS J 415 -16.38 -27.44 57.62
CA CYS J 415 -16.29 -27.53 59.06
C CYS J 415 -16.56 -28.95 59.57
N SER J 416 -17.26 -29.77 58.80
CA SER J 416 -17.50 -31.15 59.16
C SER J 416 -16.41 -32.10 58.70
N GLU J 417 -15.76 -31.80 57.57
CA GLU J 417 -14.67 -32.64 57.09
C GLU J 417 -13.40 -32.44 57.91
N ALA J 418 -13.15 -31.21 58.38
CA ALA J 418 -12.00 -30.99 59.25
C ALA J 418 -12.21 -31.62 60.61
N ALA J 419 -13.42 -31.53 61.15
CA ALA J 419 -13.74 -32.19 62.41
C ALA J 419 -13.61 -33.70 62.28
N LEU J 420 -14.10 -34.25 61.16
CA LEU J 420 -13.96 -35.69 60.93
C LEU J 420 -12.52 -36.08 60.73
N GLN J 421 -11.71 -35.22 60.10
CA GLN J 421 -10.27 -35.49 59.99
C GLN J 421 -9.61 -35.56 61.35
N ALA J 422 -9.94 -34.62 62.24
CA ALA J 422 -9.40 -34.65 63.59
C ALA J 422 -9.85 -35.90 64.34
N ILE J 423 -11.13 -36.25 64.20
CA ILE J 423 -11.66 -37.44 64.87
C ILE J 423 -10.95 -38.70 64.36
N ARG J 424 -10.77 -38.80 63.05
CA ARG J 424 -10.14 -39.99 62.48
C ARG J 424 -8.65 -40.05 62.77
N LYS J 425 -7.99 -38.90 62.97
CA LYS J 425 -6.62 -38.93 63.45
C LYS J 425 -6.54 -39.31 64.92
N LYS J 426 -7.55 -38.98 65.70
CA LYS J 426 -7.61 -39.42 67.10
C LYS J 426 -8.09 -40.86 67.24
N MET J 427 -8.66 -41.45 66.18
CA MET J 427 -9.07 -42.85 66.24
C MET J 427 -7.88 -43.78 66.43
N ASP J 428 -6.76 -43.47 65.76
CA ASP J 428 -5.56 -44.27 65.94
C ASP J 428 -4.98 -44.10 67.34
N LEU J 429 -5.11 -42.91 67.93
CA LEU J 429 -4.61 -42.69 69.28
C LEU J 429 -5.45 -43.45 70.30
N ILE J 430 -6.77 -43.38 70.19
CA ILE J 430 -7.68 -44.07 71.10
C ILE J 430 -8.20 -45.29 70.35
N ASP J 431 -7.54 -46.42 70.53
CA ASP J 431 -7.91 -47.65 69.83
C ASP J 431 -9.06 -48.36 70.55
N LEU J 432 -9.70 -49.27 69.82
CA LEU J 432 -10.73 -50.19 70.31
C LEU J 432 -12.02 -49.49 70.72
N GLU J 433 -12.10 -48.16 70.59
CA GLU J 433 -13.26 -47.41 71.06
C GLU J 433 -14.53 -47.74 70.28
N ASP J 434 -15.45 -48.48 70.89
CA ASP J 434 -16.81 -48.64 70.37
C ASP J 434 -17.77 -48.45 71.55
N GLU J 435 -18.06 -47.19 71.85
CA GLU J 435 -18.95 -46.80 72.94
C GLU J 435 -19.63 -45.49 72.54
N THR J 436 -20.20 -44.79 73.52
CA THR J 436 -20.63 -43.41 73.31
C THR J 436 -19.46 -42.45 73.18
N ILE J 437 -18.23 -42.93 73.45
CA ILE J 437 -16.98 -42.16 73.35
C ILE J 437 -17.03 -40.96 74.30
N ASP J 438 -17.85 -41.07 75.34
CA ASP J 438 -17.92 -40.11 76.46
C ASP J 438 -18.12 -38.70 75.91
N ALA J 439 -17.66 -37.69 76.65
CA ALA J 439 -17.62 -36.32 76.18
C ALA J 439 -16.34 -35.59 76.58
N GLU J 440 -15.40 -36.27 77.24
CA GLU J 440 -14.16 -35.67 77.70
C GLU J 440 -13.09 -35.67 76.62
N VAL J 441 -12.96 -36.78 75.88
CA VAL J 441 -12.01 -36.82 74.77
C VAL J 441 -12.43 -35.85 73.68
N MET J 442 -13.74 -35.68 73.46
CA MET J 442 -14.22 -34.69 72.51
C MET J 442 -13.89 -33.28 72.97
N ASN J 443 -13.94 -33.03 74.27
CA ASN J 443 -13.48 -31.76 74.81
C ASN J 443 -11.99 -31.59 74.58
N SER J 444 -11.22 -32.68 74.72
CA SER J 444 -9.79 -32.62 74.46
C SER J 444 -9.49 -32.51 72.97
N LEU J 445 -10.46 -32.75 72.10
CA LEU J 445 -10.25 -32.61 70.66
C LEU J 445 -10.01 -31.15 70.32
N ALA J 446 -8.95 -30.89 69.57
CA ALA J 446 -8.57 -29.53 69.17
C ALA J 446 -8.27 -29.53 67.67
N VAL J 447 -9.25 -29.08 66.88
CA VAL J 447 -9.06 -29.02 65.43
C VAL J 447 -8.07 -27.90 65.11
N THR J 448 -6.99 -28.25 64.42
CA THR J 448 -5.92 -27.33 64.10
C THR J 448 -5.97 -26.96 62.62
N MET J 449 -4.98 -26.18 62.18
CA MET J 449 -4.89 -25.78 60.78
C MET J 449 -4.66 -26.96 59.84
N ASP J 450 -4.10 -28.07 60.34
CA ASP J 450 -3.89 -29.24 59.48
C ASP J 450 -5.21 -29.80 59.00
N ASP J 451 -6.17 -29.99 59.92
CA ASP J 451 -7.47 -30.54 59.54
C ASP J 451 -8.21 -29.61 58.59
N PHE J 452 -8.23 -28.32 58.89
CA PHE J 452 -8.91 -27.36 58.03
C PHE J 452 -8.27 -27.25 56.65
N ARG J 453 -6.94 -27.25 56.57
CA ARG J 453 -6.25 -27.24 55.28
C ARG J 453 -6.54 -28.51 54.48
N TRP J 454 -6.53 -29.68 55.13
CA TRP J 454 -6.83 -30.92 54.44
C TRP J 454 -8.27 -30.91 53.92
N ALA J 455 -9.21 -30.44 54.74
CA ALA J 455 -10.61 -30.37 54.31
C ALA J 455 -10.78 -29.38 53.17
N LEU J 456 -10.12 -28.23 53.24
CA LEU J 456 -10.20 -27.23 52.17
C LEU J 456 -9.64 -27.78 50.87
N SER J 457 -8.54 -28.53 50.95
CA SER J 457 -8.01 -29.19 49.75
C SER J 457 -8.98 -30.23 49.22
N GLN J 458 -9.64 -30.97 50.12
CA GLN J 458 -10.60 -31.98 49.69
C GLN J 458 -11.90 -31.36 49.22
N SER J 459 -12.36 -30.30 49.88
CA SER J 459 -13.63 -29.68 49.54
C SER J 459 -13.60 -29.07 48.14
N ASN J 460 -14.72 -29.18 47.44
CA ASN J 460 -14.86 -28.66 46.09
C ASN J 460 -15.90 -27.55 46.09
N PRO J 461 -15.62 -26.40 45.48
CA PRO J 461 -16.63 -25.34 45.37
C PRO J 461 -17.83 -25.81 44.56
N SER J 462 -19.02 -25.42 45.02
CA SER J 462 -20.26 -25.74 44.32
C SER J 462 -20.73 -24.59 43.44
N ALA J 463 -20.54 -23.36 43.88
CA ALA J 463 -20.94 -22.17 43.15
C ALA J 463 -19.72 -21.27 42.98
N LEU J 464 -18.94 -21.52 41.93
CA LEU J 464 -17.74 -20.73 41.65
C LEU J 464 -17.88 -19.86 40.41
N ARG J 465 -18.56 -20.34 39.38
CA ARG J 465 -18.71 -19.58 38.14
C ARG J 465 -19.74 -18.45 38.27
N GLU J 466 -20.63 -18.51 39.26
CA GLU J 466 -21.57 -17.43 39.48
C GLU J 466 -20.83 -16.18 39.96
N THR J 467 -21.28 -15.02 39.50
CA THR J 467 -20.65 -13.76 39.88
C THR J 467 -20.82 -13.53 41.37
N VAL J 468 -19.74 -13.12 42.03
CA VAL J 468 -19.75 -12.92 43.47
C VAL J 468 -20.13 -11.48 43.78
N VAL J 469 -21.09 -11.31 44.69
CA VAL J 469 -21.54 -10.02 45.17
C VAL J 469 -20.95 -9.83 46.55
N GLU J 470 -20.04 -8.88 46.70
CA GLU J 470 -19.22 -8.77 47.89
C GLU J 470 -19.29 -7.37 48.48
N VAL J 471 -19.00 -7.31 49.79
CA VAL J 471 -18.70 -6.05 50.47
C VAL J 471 -17.21 -6.08 50.77
N PRO J 472 -16.39 -5.33 50.03
CA PRO J 472 -14.94 -5.51 50.12
C PRO J 472 -14.39 -5.10 51.48
N GLN J 473 -13.27 -5.72 51.84
CA GLN J 473 -12.55 -5.39 53.06
C GLN J 473 -11.53 -4.27 52.84
N VAL J 474 -11.41 -3.78 51.62
CA VAL J 474 -10.48 -2.69 51.32
C VAL J 474 -11.07 -1.38 51.83
N THR J 475 -10.36 -0.73 52.74
CA THR J 475 -10.78 0.53 53.33
C THR J 475 -9.91 1.67 52.82
N TRP J 476 -10.19 2.88 53.31
CA TRP J 476 -9.38 4.03 52.93
C TRP J 476 -7.94 3.91 53.45
N GLU J 477 -7.75 3.17 54.54
CA GLU J 477 -6.40 2.94 55.05
C GLU J 477 -5.58 2.10 54.09
N ASP J 478 -6.23 1.17 53.38
CA ASP J 478 -5.53 0.36 52.39
C ASP J 478 -5.19 1.12 51.12
N ILE J 479 -5.71 2.33 50.96
CA ILE J 479 -5.45 3.15 49.78
C ILE J 479 -4.33 4.13 50.13
N GLY J 480 -3.20 4.00 49.45
CA GLY J 480 -2.09 4.91 49.65
C GLY J 480 -2.11 6.10 48.73
N GLY J 481 -2.08 7.32 49.29
CA GLY J 481 -2.12 8.50 48.46
C GLY J 481 -3.51 8.74 47.89
N LEU J 482 -3.54 9.48 46.79
CA LEU J 482 -4.77 9.84 46.09
C LEU J 482 -5.78 10.52 47.01
N GLU J 483 -5.26 11.43 47.85
CA GLU J 483 -6.12 12.13 48.80
C GLU J 483 -7.15 13.01 48.09
N ASP J 484 -6.73 13.70 47.03
CA ASP J 484 -7.67 14.50 46.25
C ASP J 484 -8.72 13.63 45.59
N VAL J 485 -8.31 12.49 45.04
CA VAL J 485 -9.26 11.56 44.43
C VAL J 485 -10.20 10.99 45.49
N LYS J 486 -9.66 10.69 46.68
CA LYS J 486 -10.50 10.19 47.77
C LYS J 486 -11.54 11.24 48.17
N ARG J 487 -11.13 12.51 48.26
CA ARG J 487 -12.06 13.57 48.61
C ARG J 487 -13.14 13.74 47.53
N GLU J 488 -12.73 13.70 46.26
CA GLU J 488 -13.71 13.81 45.17
C GLU J 488 -14.71 12.65 45.21
N LEU J 489 -14.22 11.44 45.45
CA LEU J 489 -15.09 10.27 45.52
C LEU J 489 -16.06 10.39 46.69
N GLN J 490 -15.55 10.71 47.88
CA GLN J 490 -16.39 10.80 49.06
C GLN J 490 -17.33 12.00 49.02
N GLU J 491 -17.05 12.99 48.19
CA GLU J 491 -17.98 14.10 48.00
C GLU J 491 -18.89 13.91 46.79
N LEU J 492 -18.67 12.86 45.99
CA LEU J 492 -19.46 12.62 44.80
C LEU J 492 -20.47 11.48 44.96
N VAL J 493 -20.15 10.45 45.75
CA VAL J 493 -21.06 9.34 45.95
C VAL J 493 -21.60 9.28 47.37
N GLN J 494 -20.81 9.65 48.39
CA GLN J 494 -21.31 9.65 49.75
C GLN J 494 -22.20 10.85 50.04
N TYR J 495 -21.97 11.98 49.35
CA TYR J 495 -22.80 13.16 49.56
C TYR J 495 -24.27 12.93 49.19
N PRO J 496 -24.62 12.39 48.01
CA PRO J 496 -26.05 12.25 47.69
C PRO J 496 -26.79 11.24 48.56
N VAL J 497 -26.11 10.20 49.04
CA VAL J 497 -26.82 9.16 49.78
C VAL J 497 -27.20 9.60 51.18
N GLU J 498 -26.60 10.67 51.69
CA GLU J 498 -26.91 11.17 53.02
C GLU J 498 -27.53 12.56 53.03
N HIS J 499 -27.47 13.30 51.92
CA HIS J 499 -28.10 14.61 51.80
C HIS J 499 -28.90 14.66 50.51
N PRO J 500 -30.06 13.99 50.46
CA PRO J 500 -30.88 14.01 49.24
C PRO J 500 -31.68 15.30 49.11
N ASP J 501 -32.05 15.90 50.24
CA ASP J 501 -32.87 17.10 50.21
C ASP J 501 -32.14 18.27 49.56
N LYS J 502 -30.85 18.45 49.88
CA LYS J 502 -30.09 19.54 49.29
C LYS J 502 -29.83 19.31 47.81
N PHE J 503 -29.67 18.06 47.39
CA PHE J 503 -29.55 17.77 45.98
C PHE J 503 -30.85 18.02 45.24
N LEU J 504 -31.99 17.74 45.89
CA LEU J 504 -33.29 17.96 45.25
C LEU J 504 -33.63 19.44 45.18
N LYS J 505 -33.18 20.22 46.16
CA LYS J 505 -33.52 21.65 46.21
C LYS J 505 -32.93 22.39 45.02
N PHE J 506 -31.68 22.11 44.67
CA PHE J 506 -31.02 22.82 43.58
C PHE J 506 -31.38 22.26 42.21
N GLY J 507 -32.13 21.17 42.15
CA GLY J 507 -32.58 20.61 40.89
C GLY J 507 -31.45 20.03 40.06
N MET J 508 -30.79 19.00 40.57
CA MET J 508 -29.72 18.33 39.83
C MET J 508 -29.70 16.86 40.21
N THR J 509 -29.77 15.99 39.21
CA THR J 509 -29.60 14.57 39.45
C THR J 509 -28.13 14.29 39.73
N PRO J 510 -27.80 13.64 40.85
CA PRO J 510 -26.39 13.38 41.16
C PRO J 510 -25.76 12.46 40.13
N SER J 511 -24.47 12.68 39.89
CA SER J 511 -23.77 11.92 38.87
C SER J 511 -23.58 10.48 39.31
N LYS J 512 -24.02 9.55 38.46
CA LYS J 512 -23.90 8.12 38.72
C LYS J 512 -22.97 7.52 37.69
N GLY J 513 -21.84 7.00 38.14
CA GLY J 513 -20.89 6.37 37.21
C GLY J 513 -19.65 7.24 37.09
N VAL J 514 -18.50 6.63 37.33
CA VAL J 514 -17.22 7.31 37.26
C VAL J 514 -16.25 6.43 36.46
N LEU J 515 -15.60 7.02 35.46
CA LEU J 515 -14.63 6.31 34.63
C LEU J 515 -13.24 6.63 35.15
N PHE J 516 -12.66 5.69 35.91
CA PHE J 516 -11.30 5.86 36.41
C PHE J 516 -10.31 5.56 35.29
N TYR J 517 -9.61 6.58 34.81
CA TYR J 517 -8.60 6.42 33.79
C TYR J 517 -7.23 6.79 34.35
N GLY J 518 -6.22 6.04 33.92
CA GLY J 518 -4.87 6.23 34.41
C GLY J 518 -3.96 5.07 34.06
N PRO J 519 -2.74 5.10 34.59
CA PRO J 519 -1.83 4.00 34.32
C PRO J 519 -2.34 2.72 34.95
N PRO J 520 -2.07 1.58 34.33
CA PRO J 520 -2.53 0.31 34.89
C PRO J 520 -1.80 -0.02 36.18
N GLY J 521 -2.50 -0.73 37.07
CA GLY J 521 -1.94 -1.09 38.35
C GLY J 521 -1.67 0.10 39.25
N CYS J 522 -2.59 1.06 39.28
CA CYS J 522 -2.40 2.28 40.06
C CYS J 522 -3.43 2.47 41.17
N GLY J 523 -4.46 1.63 41.26
CA GLY J 523 -5.38 1.70 42.37
C GLY J 523 -6.80 2.09 42.00
N LYS J 524 -7.24 1.71 40.80
CA LYS J 524 -8.62 1.99 40.41
C LYS J 524 -9.58 0.99 41.03
N THR J 525 -9.29 -0.30 40.90
CA THR J 525 -10.10 -1.32 41.57
C THR J 525 -10.04 -1.16 43.08
N LEU J 526 -8.86 -0.82 43.60
CA LEU J 526 -8.73 -0.57 45.04
C LEU J 526 -9.60 0.60 45.48
N LEU J 527 -9.62 1.68 44.69
CA LEU J 527 -10.45 2.83 45.03
C LEU J 527 -11.93 2.47 44.97
N ALA J 528 -12.34 1.69 43.96
CA ALA J 528 -13.73 1.27 43.88
C ALA J 528 -14.13 0.40 45.06
N LYS J 529 -13.25 -0.52 45.46
CA LYS J 529 -13.53 -1.36 46.61
C LYS J 529 -13.59 -0.56 47.90
N ALA J 530 -12.73 0.46 48.02
CA ALA J 530 -12.77 1.33 49.20
C ALA J 530 -14.06 2.13 49.24
N ILE J 531 -14.52 2.60 48.08
CA ILE J 531 -15.80 3.30 48.01
C ILE J 531 -16.94 2.38 48.42
N ALA J 532 -16.89 1.13 47.95
CA ALA J 532 -17.92 0.16 48.31
C ALA J 532 -17.92 -0.12 49.81
N ASN J 533 -16.73 -0.23 50.41
CA ASN J 533 -16.65 -0.56 51.82
C ASN J 533 -17.05 0.63 52.70
N GLU J 534 -16.68 1.84 52.31
CA GLU J 534 -16.99 3.02 53.12
C GLU J 534 -18.49 3.24 53.23
N CYS J 535 -19.22 3.06 52.13
CA CYS J 535 -20.67 3.19 52.13
C CYS J 535 -21.38 1.91 52.53
N GLN J 536 -20.63 0.83 52.80
CA GLN J 536 -21.19 -0.46 53.18
C GLN J 536 -22.20 -0.97 52.15
N ALA J 537 -21.81 -0.88 50.89
CA ALA J 537 -22.65 -1.30 49.78
C ALA J 537 -22.01 -2.48 49.06
N ASN J 538 -22.85 -3.29 48.41
CA ASN J 538 -22.36 -4.46 47.69
C ASN J 538 -21.51 -4.03 46.50
N PHE J 539 -20.54 -4.88 46.15
CA PHE J 539 -19.57 -4.58 45.10
C PHE J 539 -19.60 -5.70 44.07
N ILE J 540 -19.84 -5.34 42.81
CA ILE J 540 -19.83 -6.27 41.70
C ILE J 540 -18.73 -5.84 40.75
N SER J 541 -17.70 -6.67 40.63
CA SER J 541 -16.57 -6.39 39.76
C SER J 541 -16.69 -7.19 38.48
N ILE J 542 -16.90 -6.50 37.36
CA ILE J 542 -16.94 -7.14 36.05
C ILE J 542 -15.60 -6.89 35.37
N LYS J 543 -14.68 -7.84 35.50
CA LYS J 543 -13.34 -7.66 35.00
C LYS J 543 -13.32 -7.78 33.47
N GLY J 544 -12.16 -7.44 32.89
CA GLY J 544 -11.94 -7.57 31.47
C GLY J 544 -12.11 -8.96 30.91
N PRO J 545 -11.65 -10.01 31.59
CA PRO J 545 -11.95 -11.37 31.12
C PRO J 545 -13.43 -11.66 30.92
N GLU J 546 -14.29 -11.19 31.83
CA GLU J 546 -15.72 -11.45 31.67
C GLU J 546 -16.29 -10.74 30.45
N LEU J 547 -15.92 -9.47 30.26
CA LEU J 547 -16.39 -8.72 29.10
C LEU J 547 -15.90 -9.35 27.81
N LEU J 548 -14.63 -9.77 27.78
CA LEU J 548 -14.09 -10.39 26.57
C LEU J 548 -14.75 -11.73 26.29
N THR J 549 -15.06 -12.50 27.34
CA THR J 549 -15.76 -13.77 27.16
C THR J 549 -17.15 -13.52 26.60
N MET J 550 -17.86 -12.52 27.11
CA MET J 550 -19.19 -12.21 26.61
C MET J 550 -19.16 -11.67 25.20
N TRP J 551 -18.09 -10.97 24.82
CA TRP J 551 -17.96 -10.46 23.45
C TRP J 551 -17.61 -11.56 22.47
N PHE J 552 -16.69 -12.45 22.83
CA PHE J 552 -16.22 -13.47 21.88
C PHE J 552 -17.31 -14.48 21.57
N GLY J 553 -17.99 -14.98 22.60
CA GLY J 553 -19.06 -15.93 22.41
C GLY J 553 -20.37 -15.35 21.98
N GLU J 554 -20.42 -14.04 21.67
CA GLU J 554 -21.65 -13.34 21.34
C GLU J 554 -22.68 -13.50 22.45
N SER J 555 -22.21 -13.44 23.70
CA SER J 555 -23.03 -13.61 24.89
C SER J 555 -23.34 -12.29 25.56
N GLU J 556 -23.62 -11.25 24.77
CA GLU J 556 -23.98 -9.95 25.33
C GLU J 556 -25.29 -10.00 26.11
N ALA J 557 -26.16 -10.98 25.82
CA ALA J 557 -27.38 -11.15 26.60
C ALA J 557 -27.10 -11.46 28.06
N ASN J 558 -25.90 -11.98 28.37
CA ASN J 558 -25.52 -12.18 29.75
C ASN J 558 -25.25 -10.87 30.48
N VAL J 559 -24.87 -9.81 29.75
CA VAL J 559 -24.62 -8.51 30.38
C VAL J 559 -25.85 -8.07 31.16
N ARG J 560 -27.03 -8.22 30.54
CA ARG J 560 -28.30 -7.95 31.22
C ARG J 560 -28.35 -8.62 32.58
N GLU J 561 -28.02 -9.92 32.61
CA GLU J 561 -28.05 -10.68 33.86
C GLU J 561 -27.19 -10.00 34.92
N ILE J 562 -25.99 -9.56 34.54
CA ILE J 562 -25.11 -8.89 35.49
C ILE J 562 -25.81 -7.69 36.09
N PHE J 563 -26.40 -6.85 35.24
CA PHE J 563 -27.12 -5.69 35.75
C PHE J 563 -28.30 -6.12 36.60
N ASP J 564 -28.99 -7.19 36.18
CA ASP J 564 -30.07 -7.73 37.00
C ASP J 564 -29.56 -8.14 38.37
N LYS J 565 -28.36 -8.73 38.42
CA LYS J 565 -27.75 -9.06 39.70
C LYS J 565 -27.56 -7.81 40.54
N ALA J 566 -27.08 -6.74 39.91
CA ALA J 566 -26.91 -5.47 40.63
C ALA J 566 -28.26 -4.89 41.02
N ARG J 567 -29.32 -5.23 40.29
CA ARG J 567 -30.65 -4.78 40.70
C ARG J 567 -31.15 -5.57 41.88
N GLN J 568 -30.66 -6.80 42.07
CA GLN J 568 -31.09 -7.64 43.17
C GLN J 568 -30.12 -7.60 44.35
N ALA J 569 -29.05 -6.81 44.27
CA ALA J 569 -28.08 -6.66 45.34
C ALA J 569 -27.87 -5.20 45.68
N ALA J 570 -28.89 -4.37 45.45
CA ALA J 570 -28.77 -2.95 45.70
C ALA J 570 -28.62 -2.68 47.21
N PRO J 571 -27.81 -1.68 47.59
CA PRO J 571 -27.01 -0.78 46.74
C PRO J 571 -25.77 -1.46 46.17
N CYS J 572 -25.39 -1.14 44.93
CA CYS J 572 -24.23 -1.75 44.30
C CYS J 572 -23.27 -0.68 43.81
N VAL J 573 -22.01 -1.09 43.68
CA VAL J 573 -20.92 -0.20 43.30
C VAL J 573 -20.26 -0.73 42.04
N LEU J 574 -21.09 -1.22 41.10
CA LEU J 574 -20.67 -1.92 39.87
C LEU J 574 -19.39 -1.37 39.28
N PHE J 575 -18.43 -2.26 39.01
CA PHE J 575 -17.11 -1.87 38.57
C PHE J 575 -16.76 -2.65 37.31
N PHE J 576 -16.57 -1.93 36.20
CA PHE J 576 -16.22 -2.55 34.92
C PHE J 576 -14.72 -2.38 34.70
N ASP J 577 -13.96 -3.29 35.32
CA ASP J 577 -12.51 -3.26 35.16
C ASP J 577 -12.13 -3.55 33.71
N GLU J 578 -11.15 -2.79 33.21
CA GLU J 578 -10.69 -2.88 31.82
C GLU J 578 -11.86 -2.70 30.85
N LEU J 579 -12.46 -1.50 30.92
CA LEU J 579 -13.54 -1.16 30.00
C LEU J 579 -13.05 -1.04 28.56
N ASP J 580 -11.74 -0.89 28.37
CA ASP J 580 -11.14 -0.84 27.04
C ASP J 580 -10.58 -2.20 26.61
N SER J 581 -10.83 -3.26 27.38
CA SER J 581 -10.32 -4.58 27.01
C SER J 581 -10.91 -5.05 25.70
N ILE J 582 -12.22 -4.81 25.49
CA ILE J 582 -12.84 -5.18 24.22
C ILE J 582 -12.25 -4.35 23.07
N ALA J 583 -11.96 -3.08 23.32
CA ALA J 583 -11.32 -2.26 22.30
C ALA J 583 -9.87 -2.69 22.07
N LYS J 584 -9.17 -3.12 23.13
CA LYS J 584 -7.81 -3.60 22.97
C LYS J 584 -7.77 -4.89 22.16
N ALA J 585 -8.75 -5.78 22.37
CA ALA J 585 -8.78 -7.05 21.64
C ALA J 585 -9.11 -6.87 20.17
N ARG J 586 -9.61 -5.71 19.77
CA ARG J 586 -9.92 -5.42 18.37
C ARG J 586 -8.81 -4.65 17.67
N GLY J 587 -7.69 -4.41 18.34
CA GLY J 587 -6.58 -3.70 17.73
C GLY J 587 -6.18 -2.45 18.50
N GLY J 588 -7.17 -1.76 19.05
CA GLY J 588 -6.92 -0.54 19.80
C GLY J 588 -6.90 0.70 18.93
N GLY J 594 -13.93 -0.52 12.65
CA GLY J 594 -13.53 0.52 13.58
C GLY J 594 -14.70 1.26 14.20
N GLY J 595 -14.43 2.47 14.71
CA GLY J 595 -15.46 3.28 15.31
C GLY J 595 -15.86 2.87 16.72
N ALA J 596 -15.14 1.93 17.33
CA ALA J 596 -15.41 1.43 18.69
C ALA J 596 -16.85 0.89 18.72
N ALA J 597 -17.57 1.06 19.83
CA ALA J 597 -18.98 0.68 19.96
C ALA J 597 -19.17 -0.82 19.66
N ASP J 598 -18.58 -1.63 20.54
CA ASP J 598 -18.64 -3.08 20.40
C ASP J 598 -19.96 -3.61 20.95
N ARG J 599 -20.18 -4.92 20.78
CA ARG J 599 -21.44 -5.53 21.17
C ARG J 599 -21.67 -5.43 22.68
N VAL J 600 -20.69 -5.90 23.46
CA VAL J 600 -20.84 -5.91 24.92
C VAL J 600 -20.85 -4.48 25.46
N ILE J 601 -20.04 -3.61 24.88
CA ILE J 601 -20.03 -2.20 25.30
C ILE J 601 -21.37 -1.54 24.95
N ASN J 602 -21.97 -1.90 23.81
CA ASN J 602 -23.27 -1.33 23.46
C ASN J 602 -24.36 -1.81 24.41
N GLN J 603 -24.35 -3.09 24.76
CA GLN J 603 -25.30 -3.59 25.75
C GLN J 603 -25.06 -2.95 27.12
N ILE J 604 -23.81 -2.69 27.46
CA ILE J 604 -23.49 -1.98 28.69
C ILE J 604 -24.06 -0.57 28.66
N LEU J 605 -23.97 0.09 27.51
CA LEU J 605 -24.57 1.42 27.35
C LEU J 605 -26.08 1.37 27.52
N THR J 606 -26.73 0.37 26.93
CA THR J 606 -28.18 0.23 27.08
C THR J 606 -28.56 0.00 28.53
N GLU J 607 -27.82 -0.85 29.23
CA GLU J 607 -28.14 -1.12 30.63
C GLU J 607 -27.79 0.07 31.52
N MET J 608 -26.80 0.86 31.15
CA MET J 608 -26.51 2.10 31.87
C MET J 608 -27.66 3.10 31.71
N ASP J 609 -28.21 3.20 30.50
CA ASP J 609 -29.37 4.04 30.29
C ASP J 609 -30.57 3.53 31.10
N GLY J 610 -30.72 2.21 31.19
CA GLY J 610 -31.79 1.65 32.01
C GLY J 610 -31.60 1.92 33.49
N MET J 611 -30.37 1.82 33.99
CA MET J 611 -30.07 1.95 35.41
C MET J 611 -29.81 3.38 35.84
N SER J 612 -29.80 4.33 34.92
CA SER J 612 -29.63 5.74 35.31
C SER J 612 -30.76 6.22 36.21
N THR J 613 -31.92 5.58 36.12
CA THR J 613 -33.06 5.92 36.97
C THR J 613 -33.08 5.13 38.28
N LYS J 614 -32.14 4.20 38.47
CA LYS J 614 -32.10 3.44 39.72
C LYS J 614 -31.74 4.34 40.89
N LYS J 615 -30.66 5.12 40.76
CA LYS J 615 -30.16 6.00 41.83
C LYS J 615 -29.92 5.24 43.13
N ASN J 616 -29.61 3.95 43.00
CA ASN J 616 -29.19 3.13 44.12
C ASN J 616 -27.94 2.31 43.83
N VAL J 617 -27.49 2.26 42.57
CA VAL J 617 -26.32 1.51 42.17
C VAL J 617 -25.36 2.45 41.46
N PHE J 618 -24.07 2.32 41.76
CA PHE J 618 -23.04 3.12 41.11
C PHE J 618 -22.31 2.26 40.10
N ILE J 619 -21.92 2.85 38.98
CA ILE J 619 -21.58 2.08 37.79
C ILE J 619 -20.13 2.42 37.44
N ILE J 620 -19.29 2.58 38.47
CA ILE J 620 -17.87 2.93 38.32
C ILE J 620 -17.20 2.11 37.22
N GLY J 621 -16.40 2.77 36.39
CA GLY J 621 -15.66 2.07 35.36
C GLY J 621 -14.16 2.19 35.53
N ALA J 622 -13.40 1.65 34.59
CA ALA J 622 -11.95 1.71 34.67
C ALA J 622 -11.36 1.49 33.28
N THR J 623 -10.37 2.30 32.93
CA THR J 623 -9.71 2.22 31.63
C THR J 623 -8.23 2.48 31.80
N ASN J 624 -7.41 1.48 31.50
CA ASN J 624 -5.96 1.66 31.47
C ASN J 624 -5.49 2.23 30.13
N ARG J 625 -6.40 2.39 29.17
CA ARG J 625 -6.10 3.05 27.90
C ARG J 625 -7.35 3.81 27.49
N PRO J 626 -7.61 4.97 28.10
CA PRO J 626 -8.88 5.67 27.88
C PRO J 626 -9.02 6.28 26.50
N ASP J 627 -7.93 6.41 25.74
CA ASP J 627 -8.02 7.01 24.41
C ASP J 627 -8.87 6.17 23.48
N ILE J 628 -8.65 4.84 23.49
CA ILE J 628 -9.43 3.93 22.65
C ILE J 628 -10.59 3.45 23.52
N ILE J 629 -11.66 4.25 23.53
CA ILE J 629 -12.88 3.90 24.24
C ILE J 629 -14.06 4.46 23.44
N ASP J 630 -15.23 3.89 23.68
CA ASP J 630 -16.44 4.35 23.00
C ASP J 630 -16.83 5.73 23.55
N PRO J 631 -16.92 6.76 22.70
CA PRO J 631 -17.35 8.08 23.21
C PRO J 631 -18.75 8.09 23.78
N ALA J 632 -19.59 7.10 23.43
CA ALA J 632 -20.92 7.02 24.01
C ALA J 632 -20.87 6.76 25.50
N ILE J 633 -19.81 6.15 26.00
CA ILE J 633 -19.65 5.92 27.43
C ILE J 633 -19.48 7.22 28.21
N LEU J 634 -19.14 8.31 27.53
CA LEU J 634 -18.95 9.62 28.15
C LEU J 634 -20.18 10.47 27.80
N ARG J 635 -21.22 10.36 28.63
CA ARG J 635 -22.49 11.04 28.35
C ARG J 635 -23.31 11.10 29.64
N PRO J 636 -24.12 12.16 29.82
CA PRO J 636 -24.98 12.21 31.01
C PRO J 636 -25.90 11.00 31.08
N GLY J 637 -26.09 10.51 32.30
CA GLY J 637 -26.78 9.25 32.56
C GLY J 637 -25.80 8.09 32.56
N ARG J 638 -24.87 8.09 31.61
CA ARG J 638 -23.77 7.15 31.56
C ARG J 638 -22.58 7.76 32.32
N LEU J 639 -21.39 7.20 32.14
CA LEU J 639 -20.22 7.66 32.90
C LEU J 639 -19.80 9.05 32.46
N ASP J 640 -20.38 10.07 33.09
CA ASP J 640 -20.08 11.45 32.77
C ASP J 640 -18.86 11.97 33.51
N GLN J 641 -18.84 11.82 34.84
CA GLN J 641 -17.70 12.27 35.63
C GLN J 641 -16.47 11.43 35.33
N LEU J 642 -15.33 12.08 35.15
CA LEU J 642 -14.06 11.40 34.88
C LEU J 642 -13.06 11.80 35.95
N ILE J 643 -12.49 10.80 36.62
CA ILE J 643 -11.49 11.01 37.66
C ILE J 643 -10.19 10.36 37.20
N TYR J 644 -9.13 11.15 37.15
CA TYR J 644 -7.82 10.67 36.72
C TYR J 644 -7.05 10.13 37.91
N ILE J 645 -6.56 8.90 37.78
CA ILE J 645 -5.77 8.27 38.84
C ILE J 645 -4.30 8.37 38.46
N PRO J 646 -3.58 9.39 38.92
CA PRO J 646 -2.20 9.60 38.46
C PRO J 646 -1.24 8.65 39.15
N LEU J 647 -0.03 8.57 38.58
CA LEU J 647 1.04 7.82 39.21
C LEU J 647 1.37 8.44 40.56
N PRO J 648 1.62 7.63 41.58
CA PRO J 648 1.89 8.19 42.91
C PRO J 648 3.14 9.04 42.91
N ASP J 649 3.09 10.15 43.67
CA ASP J 649 4.23 11.04 43.79
C ASP J 649 5.11 10.57 44.95
N GLU J 650 6.06 11.41 45.36
CA GLU J 650 6.97 11.02 46.43
C GLU J 650 6.23 10.77 47.74
N LYS J 651 5.25 11.61 48.05
CA LYS J 651 4.51 11.44 49.30
C LYS J 651 3.54 10.27 49.22
N SER J 652 2.91 10.07 48.06
CA SER J 652 1.92 9.00 47.92
C SER J 652 2.57 7.63 47.95
N ARG J 653 3.81 7.52 47.45
CA ARG J 653 4.47 6.22 47.45
C ARG J 653 4.80 5.74 48.84
N VAL J 654 5.05 6.65 49.79
CA VAL J 654 5.25 6.24 51.17
C VAL J 654 4.01 5.57 51.72
N ALA J 655 2.84 6.18 51.47
CA ALA J 655 1.59 5.60 51.94
C ALA J 655 1.29 4.29 51.22
N ILE J 656 1.61 4.20 49.93
CA ILE J 656 1.39 2.96 49.19
C ILE J 656 2.24 1.84 49.76
N LEU J 657 3.52 2.11 50.03
CA LEU J 657 4.39 1.09 50.59
C LEU J 657 3.98 0.72 52.01
N LYS J 658 3.54 1.70 52.80
CA LYS J 658 3.10 1.38 54.17
C LYS J 658 1.83 0.55 54.17
N ALA J 659 0.89 0.84 53.26
CA ALA J 659 -0.34 0.07 53.19
C ALA J 659 -0.09 -1.34 52.67
N ASN J 660 0.90 -1.52 51.79
CA ASN J 660 1.24 -2.83 51.26
C ASN J 660 2.16 -3.61 52.19
N LEU J 661 2.59 -3.01 53.31
CA LEU J 661 3.47 -3.67 54.25
C LEU J 661 2.93 -3.67 55.67
N ARG J 662 1.66 -3.30 55.86
CA ARG J 662 1.08 -3.33 57.20
C ARG J 662 0.99 -4.76 57.74
N LYS J 663 0.56 -5.70 56.89
CA LYS J 663 0.49 -7.10 57.32
C LYS J 663 1.88 -7.70 57.46
N SER J 664 2.81 -7.30 56.59
CA SER J 664 4.15 -7.87 56.62
C SER J 664 4.93 -7.32 57.81
N PRO J 665 5.68 -8.17 58.51
CA PRO J 665 6.50 -7.69 59.63
C PRO J 665 7.80 -7.05 59.17
N VAL J 666 7.74 -5.77 58.82
CA VAL J 666 8.91 -5.04 58.31
C VAL J 666 9.67 -4.45 59.48
N ALA J 667 10.99 -4.64 59.48
CA ALA J 667 11.84 -4.08 60.52
C ALA J 667 11.88 -2.56 60.40
N LYS J 668 12.03 -1.90 61.55
CA LYS J 668 12.02 -0.44 61.59
C LYS J 668 13.26 0.18 60.95
N ASP J 669 14.35 -0.58 60.81
CA ASP J 669 15.57 -0.02 60.25
C ASP J 669 15.48 0.26 58.76
N VAL J 670 14.45 -0.26 58.08
CA VAL J 670 14.30 0.03 56.65
C VAL J 670 13.88 1.49 56.46
N ASP J 671 14.03 1.96 55.23
CA ASP J 671 13.75 3.36 54.87
C ASP J 671 12.74 3.37 53.73
N LEU J 672 11.45 3.32 54.07
CA LEU J 672 10.41 3.33 53.04
C LEU J 672 10.25 4.70 52.40
N GLU J 673 10.41 5.77 53.17
CA GLU J 673 10.32 7.11 52.60
C GLU J 673 11.48 7.43 51.67
N PHE J 674 12.57 6.67 51.72
CA PHE J 674 13.65 6.78 50.75
C PHE J 674 13.39 5.91 49.52
N LEU J 675 12.79 4.74 49.73
CA LEU J 675 12.36 3.91 48.60
C LEU J 675 11.32 4.65 47.77
N ALA J 676 10.48 5.47 48.40
CA ALA J 676 9.56 6.32 47.66
C ALA J 676 10.32 7.34 46.81
N LYS J 677 11.38 7.91 47.36
CA LYS J 677 12.18 8.88 46.61
C LYS J 677 12.85 8.24 45.41
N MET J 678 13.41 7.04 45.59
CA MET J 678 14.18 6.41 44.51
C MET J 678 13.28 6.02 43.35
N THR J 679 12.16 5.36 43.64
CA THR J 679 11.22 4.96 42.59
C THR J 679 10.43 6.19 42.14
N ASN J 680 10.55 6.53 40.86
CA ASN J 680 9.93 7.75 40.32
C ASN J 680 8.63 7.45 39.56
N GLY J 681 8.71 6.61 38.54
CA GLY J 681 7.54 6.32 37.72
C GLY J 681 6.84 5.05 38.12
N PHE J 682 7.05 4.61 39.37
CA PHE J 682 6.51 3.35 39.82
C PHE J 682 5.05 3.51 40.22
N SER J 683 4.20 2.64 39.71
CA SER J 683 2.79 2.64 40.07
C SER J 683 2.59 1.91 41.40
N GLY J 684 1.34 1.81 41.84
CA GLY J 684 1.04 1.04 43.03
C GLY J 684 1.34 -0.44 42.84
N ALA J 685 1.08 -0.96 41.64
CA ALA J 685 1.39 -2.35 41.35
C ALA J 685 2.89 -2.61 41.38
N ASP J 686 3.69 -1.67 40.89
CA ASP J 686 5.14 -1.85 40.91
C ASP J 686 5.68 -1.88 42.33
N LEU J 687 5.22 -0.98 43.19
CA LEU J 687 5.64 -0.99 44.58
C LEU J 687 5.13 -2.23 45.31
N THR J 688 3.92 -2.68 44.96
CA THR J 688 3.41 -3.93 45.55
C THR J 688 4.27 -5.12 45.13
N GLU J 689 4.69 -5.16 43.86
CA GLU J 689 5.61 -6.21 43.43
C GLU J 689 6.94 -6.11 44.16
N ILE J 690 7.42 -4.90 44.40
CA ILE J 690 8.68 -4.72 45.13
C ILE J 690 8.57 -5.27 46.54
N CYS J 691 7.50 -4.92 47.25
CA CYS J 691 7.35 -5.39 48.62
C CYS J 691 7.06 -6.89 48.66
N GLN J 692 6.33 -7.41 47.67
CA GLN J 692 6.08 -8.85 47.62
C GLN J 692 7.36 -9.61 47.34
N ARG J 693 8.24 -9.08 46.49
CA ARG J 693 9.53 -9.72 46.25
C ARG J 693 10.43 -9.64 47.46
N ALA J 694 10.38 -8.54 48.22
CA ALA J 694 11.11 -8.47 49.47
C ALA J 694 10.61 -9.51 50.46
N CYS J 695 9.28 -9.67 50.54
CA CYS J 695 8.71 -10.72 51.39
C CYS J 695 9.13 -12.11 50.92
N LYS J 696 9.16 -12.31 49.60
CA LYS J 696 9.58 -13.60 49.05
C LYS J 696 11.02 -13.91 49.40
N LEU J 697 11.91 -12.92 49.30
CA LEU J 697 13.30 -13.14 49.69
C LEU J 697 13.43 -13.39 51.18
N ALA J 698 12.64 -12.69 52.00
CA ALA J 698 12.68 -12.91 53.44
C ALA J 698 12.23 -14.34 53.78
N ILE J 699 11.14 -14.80 53.15
CA ILE J 699 10.67 -16.16 53.40
C ILE J 699 11.67 -17.18 52.88
N ARG J 700 12.31 -16.90 51.74
CA ARG J 700 13.30 -17.82 51.21
C ARG J 700 14.50 -17.94 52.15
N GLU J 701 14.97 -16.82 52.69
CA GLU J 701 16.08 -16.85 53.63
C GLU J 701 15.68 -17.58 54.91
N SER J 702 14.46 -17.34 55.40
CA SER J 702 14.01 -18.02 56.61
C SER J 702 13.92 -19.53 56.40
N ILE J 703 13.37 -19.95 55.25
CA ILE J 703 13.25 -21.37 54.95
C ILE J 703 14.62 -22.00 54.78
N GLU J 704 15.54 -21.31 54.10
CA GLU J 704 16.90 -21.83 53.94
C GLU J 704 17.57 -22.00 55.29
N SER J 705 17.44 -21.00 56.18
CA SER J 705 18.04 -21.11 57.50
C SER J 705 17.42 -22.26 58.30
N GLU J 706 16.10 -22.41 58.22
CA GLU J 706 15.44 -23.47 58.98
C GLU J 706 15.84 -24.85 58.49
N ILE J 707 15.87 -25.06 57.17
CA ILE J 707 16.25 -26.37 56.64
C ILE J 707 17.73 -26.63 56.85
N ARG J 708 18.56 -25.59 56.85
CA ARG J 708 19.97 -25.77 57.15
C ARG J 708 20.17 -26.16 58.61
N ARG J 709 19.42 -25.54 59.52
CA ARG J 709 19.50 -25.90 60.93
C ARG J 709 19.00 -27.33 61.16
N GLU J 710 17.93 -27.72 60.46
CA GLU J 710 17.42 -29.08 60.58
C GLU J 710 18.44 -30.09 60.05
N ARG J 711 19.13 -29.75 58.96
CA ARG J 711 20.19 -30.60 58.43
C ARG J 711 21.49 -30.47 59.21
N GLU J 712 21.59 -29.52 60.14
CA GLU J 712 22.76 -29.37 60.99
C GLU J 712 22.50 -29.79 62.43
N ARG J 713 21.26 -29.69 62.91
CA ARG J 713 20.93 -30.07 64.29
C ARG J 713 19.93 -31.23 64.30
N PRO J 727 15.58 -17.92 63.75
CA PRO J 727 16.25 -17.33 62.58
C PRO J 727 15.95 -15.84 62.43
N VAL J 728 15.41 -15.46 61.28
CA VAL J 728 15.09 -14.07 60.99
C VAL J 728 13.64 -13.81 61.41
N PRO J 729 13.38 -12.77 62.20
CA PRO J 729 12.00 -12.50 62.64
C PRO J 729 11.26 -11.46 61.82
N GLU J 730 11.92 -10.76 60.90
CA GLU J 730 11.30 -9.67 60.17
C GLU J 730 12.03 -9.45 58.85
N ILE J 731 11.39 -8.71 57.96
CA ILE J 731 11.99 -8.40 56.67
C ILE J 731 13.16 -7.45 56.92
N ARG J 732 14.38 -7.97 56.77
CA ARG J 732 15.57 -7.17 57.03
C ARG J 732 15.81 -6.18 55.89
N ARG J 733 16.85 -5.35 56.06
CA ARG J 733 17.20 -4.38 55.04
C ARG J 733 17.68 -5.07 53.76
N ASP J 734 18.51 -6.11 53.90
CA ASP J 734 19.10 -6.76 52.74
C ASP J 734 18.05 -7.39 51.83
N HIS J 735 16.91 -7.81 52.40
CA HIS J 735 15.84 -8.36 51.58
C HIS J 735 15.30 -7.30 50.61
N PHE J 736 15.04 -6.09 51.11
CA PHE J 736 14.61 -5.01 50.23
C PHE J 736 15.72 -4.61 49.28
N GLU J 737 16.98 -4.65 49.75
CA GLU J 737 18.13 -4.35 48.88
C GLU J 737 18.15 -5.28 47.67
N GLU J 738 17.95 -6.57 47.90
CA GLU J 738 17.96 -7.53 46.80
C GLU J 738 16.69 -7.42 45.96
N ALA J 739 15.55 -7.12 46.58
CA ALA J 739 14.31 -7.02 45.82
C ALA J 739 14.33 -5.83 44.87
N MET J 740 14.95 -4.74 45.27
CA MET J 740 15.00 -3.54 44.42
C MET J 740 15.87 -3.73 43.18
N ARG J 741 16.67 -4.80 43.12
CA ARG J 741 17.46 -5.06 41.93
C ARG J 741 16.60 -5.46 40.73
N PHE J 742 15.39 -5.95 40.97
CA PHE J 742 14.44 -6.30 39.93
C PHE J 742 13.27 -5.33 39.91
N ALA J 743 13.56 -4.04 40.09
CA ALA J 743 12.52 -3.04 40.23
C ALA J 743 11.82 -2.80 38.90
N ARG J 744 10.55 -3.18 38.84
CA ARG J 744 9.76 -3.06 37.62
C ARG J 744 9.13 -1.67 37.52
N ARG J 745 9.17 -1.09 36.32
CA ARG J 745 8.46 0.14 36.00
C ARG J 745 7.59 -0.17 34.78
N SER J 746 6.36 -0.62 35.04
CA SER J 746 5.49 -1.07 33.96
C SER J 746 5.12 0.07 33.02
N VAL J 747 4.78 1.23 33.56
CA VAL J 747 4.38 2.39 32.77
C VAL J 747 5.42 3.49 32.95
N SER J 748 5.93 4.01 31.85
CA SER J 748 6.95 5.05 31.92
C SER J 748 6.96 5.82 30.60
N ASP J 749 7.39 7.09 30.69
CA ASP J 749 7.65 7.96 29.53
C ASP J 749 6.36 8.18 28.77
N ASN J 750 6.30 7.90 27.46
CA ASN J 750 5.21 8.35 26.60
C ASN J 750 3.85 7.81 27.05
N ASP J 751 3.82 6.63 27.67
CA ASP J 751 2.56 6.10 28.17
C ASP J 751 1.93 7.05 29.18
N ILE J 752 2.73 7.55 30.13
CA ILE J 752 2.21 8.54 31.08
C ILE J 752 1.75 9.79 30.36
N ARG J 753 2.37 10.09 29.21
CA ARG J 753 1.90 11.22 28.41
C ARG J 753 0.49 11.01 27.91
N LYS J 754 0.18 9.78 27.45
CA LYS J 754 -1.09 9.53 26.78
C LYS J 754 -2.27 9.89 27.68
N TYR J 755 -2.26 9.38 28.91
CA TYR J 755 -3.32 9.74 29.87
C TYR J 755 -3.39 11.25 30.05
N GLU J 756 -2.22 11.89 30.22
CA GLU J 756 -2.21 13.35 30.32
C GLU J 756 -2.82 13.98 29.08
N MET J 757 -2.49 13.45 27.89
CA MET J 757 -3.16 13.88 26.68
C MET J 757 -4.66 13.69 26.81
N PHE J 758 -5.09 12.48 27.19
CA PHE J 758 -6.51 12.25 27.40
C PHE J 758 -7.04 13.10 28.53
N ALA J 759 -6.18 13.50 29.47
CA ALA J 759 -6.59 14.49 30.46
C ALA J 759 -6.92 15.81 29.80
N GLN J 760 -5.99 16.33 28.99
CA GLN J 760 -6.18 17.64 28.38
C GLN J 760 -7.40 17.64 27.47
N THR J 761 -7.48 16.66 26.57
CA THR J 761 -8.64 16.54 25.69
C THR J 761 -9.93 16.36 26.46
N LEU J 762 -9.87 15.92 27.71
CA LEU J 762 -11.06 15.82 28.54
C LEU J 762 -11.11 16.87 29.65
N GLN J 763 -10.04 17.65 29.87
CA GLN J 763 -10.15 18.73 30.83
C GLN J 763 -10.91 19.91 30.23
N GLN J 764 -10.72 20.14 28.92
CA GLN J 764 -11.50 21.11 28.14
C GLN J 764 -11.55 22.48 28.80
N SER J 765 -10.37 22.98 29.17
CA SER J 765 -10.29 24.36 29.63
C SER J 765 -10.69 25.32 28.52
N ARG J 766 -10.20 25.07 27.31
CA ARG J 766 -10.63 25.75 26.08
C ARG J 766 -10.44 27.26 26.14
N GLY J 767 -9.53 27.74 26.98
CA GLY J 767 -9.30 29.16 27.13
C GLY J 767 -10.28 29.87 28.02
N PHE J 768 -11.22 29.15 28.64
CA PHE J 768 -12.23 29.75 29.51
C PHE J 768 -11.75 29.85 30.96
N GLY J 769 -10.52 29.45 31.26
CA GLY J 769 -10.01 29.60 32.60
C GLY J 769 -9.83 31.06 32.99
N SER J 770 -9.97 31.33 34.28
CA SER J 770 -9.84 32.68 34.83
C SER J 770 -10.81 33.65 34.15
N PHE J 771 -12.03 33.18 33.90
CA PHE J 771 -13.08 34.00 33.31
C PHE J 771 -13.91 34.62 34.44
N ARG J 772 -14.08 35.94 34.40
CA ARG J 772 -14.74 36.67 35.46
C ARG J 772 -15.95 37.42 34.92
N PHE J 773 -17.04 37.40 35.70
CA PHE J 773 -18.22 38.15 35.34
C PHE J 773 -18.01 39.65 35.60
N PRO J 774 -18.72 40.51 34.90
CA PRO J 774 -18.70 41.93 35.24
C PRO J 774 -19.57 42.22 36.46
N SER J 775 -19.21 43.28 37.18
CA SER J 775 -19.95 43.67 38.37
C SER J 775 -21.21 44.44 38.02
N ARG K 22 -87.30 18.29 30.27
CA ARG K 22 -86.73 19.62 30.34
C ARG K 22 -85.34 19.65 29.69
N PRO K 23 -84.95 20.81 29.14
CA PRO K 23 -83.59 20.92 28.59
C PRO K 23 -82.50 20.81 29.63
N ASN K 24 -82.81 20.93 30.92
CA ASN K 24 -81.82 20.84 31.98
C ASN K 24 -81.54 19.39 32.37
N ARG K 25 -81.25 18.56 31.38
CA ARG K 25 -80.88 17.17 31.59
C ARG K 25 -79.67 16.86 30.73
N LEU K 26 -78.67 16.22 31.33
CA LEU K 26 -77.38 16.07 30.64
C LEU K 26 -76.88 14.63 30.66
N ILE K 27 -75.66 14.42 30.19
CA ILE K 27 -75.04 13.09 30.15
C ILE K 27 -73.83 13.08 31.08
N VAL K 28 -73.70 12.01 31.85
CA VAL K 28 -72.69 11.91 32.89
C VAL K 28 -71.33 11.57 32.27
N ASP K 29 -70.27 12.13 32.85
CA ASP K 29 -68.91 11.86 32.44
C ASP K 29 -68.05 11.66 33.68
N GLU K 30 -66.94 10.95 33.51
CA GLU K 30 -66.01 10.74 34.61
C GLU K 30 -65.38 12.07 35.02
N ALA K 31 -65.40 12.35 36.33
CA ALA K 31 -64.92 13.62 36.83
C ALA K 31 -63.40 13.64 36.92
N ILE K 32 -62.81 14.77 36.53
CA ILE K 32 -61.36 14.93 36.59
C ILE K 32 -60.87 15.29 37.99
N ASN K 33 -61.76 15.66 38.88
CA ASN K 33 -61.41 16.00 40.26
C ASN K 33 -61.66 14.81 41.18
N GLU K 34 -61.20 14.96 42.43
CA GLU K 34 -61.35 13.91 43.42
C GLU K 34 -62.32 14.26 44.55
N ASP K 35 -62.83 15.48 44.58
CA ASP K 35 -63.73 15.89 45.65
C ASP K 35 -65.08 15.17 45.52
N ASN K 36 -65.62 14.75 46.65
CA ASN K 36 -66.91 14.07 46.66
C ASN K 36 -68.04 15.07 46.76
N SER K 37 -69.20 14.68 46.22
CA SER K 37 -70.40 15.53 46.19
C SER K 37 -70.11 16.87 45.52
N VAL K 38 -69.32 16.83 44.45
CA VAL K 38 -68.94 18.01 43.69
C VAL K 38 -69.22 17.72 42.22
N VAL K 39 -69.97 18.61 41.57
CA VAL K 39 -70.32 18.48 40.17
C VAL K 39 -69.53 19.51 39.37
N SER K 40 -68.84 19.06 38.34
CA SER K 40 -68.07 19.94 37.46
C SER K 40 -68.82 20.11 36.15
N LEU K 41 -69.16 21.35 35.81
CA LEU K 41 -69.98 21.65 34.64
C LEU K 41 -69.37 22.82 33.87
N SER K 42 -69.70 22.88 32.58
CA SER K 42 -69.21 23.96 31.73
C SER K 42 -69.90 25.28 32.07
N GLN K 43 -69.17 26.37 31.94
CA GLN K 43 -69.72 27.68 32.29
C GLN K 43 -70.94 28.10 31.47
N PRO K 44 -70.96 27.98 30.13
CA PRO K 44 -72.20 28.30 29.41
C PRO K 44 -73.38 27.45 29.85
N LYS K 45 -73.15 26.16 30.09
CA LYS K 45 -74.21 25.32 30.64
C LYS K 45 -74.56 25.72 32.06
N MET K 46 -73.58 26.18 32.84
CA MET K 46 -73.83 26.60 34.21
C MET K 46 -74.78 27.81 34.23
N ASP K 47 -74.51 28.81 33.39
CA ASP K 47 -75.41 29.95 33.36
C ASP K 47 -76.73 29.62 32.67
N GLU K 48 -76.72 28.66 31.73
CA GLU K 48 -77.98 28.18 31.17
C GLU K 48 -78.78 27.40 32.20
N LEU K 49 -78.10 26.79 33.18
CA LEU K 49 -78.74 26.05 34.26
C LEU K 49 -78.98 26.93 35.49
N GLN K 50 -78.70 28.23 35.39
CA GLN K 50 -78.83 29.17 36.50
C GLN K 50 -77.97 28.74 37.69
N LEU K 51 -76.66 28.66 37.43
CA LEU K 51 -75.69 28.26 38.43
C LEU K 51 -74.65 29.35 38.59
N PHE K 52 -74.34 29.69 39.84
CA PHE K 52 -73.32 30.69 40.15
C PHE K 52 -71.95 30.01 40.25
N ARG K 53 -70.96 30.73 40.78
CA ARG K 53 -69.62 30.17 40.92
C ARG K 53 -69.61 28.98 41.86
N GLY K 54 -70.33 29.06 42.97
CA GLY K 54 -70.38 27.97 43.92
C GLY K 54 -71.79 27.56 44.28
N ASP K 55 -72.71 27.69 43.33
CA ASP K 55 -74.10 27.33 43.58
C ASP K 55 -74.24 25.81 43.76
N THR K 56 -75.17 25.41 44.60
CA THR K 56 -75.45 24.00 44.82
C THR K 56 -76.39 23.49 43.72
N VAL K 57 -76.00 22.40 43.07
CA VAL K 57 -76.77 21.82 41.98
C VAL K 57 -77.38 20.50 42.45
N LEU K 58 -78.68 20.35 42.23
CA LEU K 58 -79.42 19.16 42.64
C LEU K 58 -79.68 18.28 41.43
N LEU K 59 -79.55 16.97 41.63
CA LEU K 59 -79.63 15.99 40.56
C LEU K 59 -80.67 14.93 40.88
N LYS K 60 -81.28 14.38 39.83
CA LYS K 60 -82.24 13.29 39.96
C LYS K 60 -81.78 12.14 39.08
N GLY K 61 -81.58 10.97 39.69
CA GLY K 61 -81.07 9.81 39.00
C GLY K 61 -82.17 8.95 38.39
N LYS K 62 -81.75 7.80 37.88
CA LYS K 62 -82.69 6.86 37.28
C LYS K 62 -83.60 6.22 38.31
N LYS K 63 -83.20 6.16 39.57
CA LYS K 63 -83.99 5.56 40.63
C LYS K 63 -84.38 6.64 41.64
N ARG K 64 -84.99 6.21 42.74
CA ARG K 64 -85.54 7.12 43.74
C ARG K 64 -84.42 7.54 44.70
N ARG K 65 -83.58 8.44 44.22
CA ARG K 65 -82.50 9.00 45.04
C ARG K 65 -82.04 10.31 44.42
N GLU K 66 -81.70 11.27 45.28
CA GLU K 66 -81.20 12.57 44.84
C GLU K 66 -79.98 12.94 45.70
N ALA K 67 -79.14 13.81 45.15
CA ALA K 67 -77.95 14.26 45.85
C ALA K 67 -77.58 15.66 45.40
N VAL K 68 -77.66 16.61 46.33
CA VAL K 68 -77.26 17.99 46.06
C VAL K 68 -75.73 18.07 46.12
N CYS K 69 -75.14 18.76 45.15
CA CYS K 69 -73.69 18.82 45.03
C CYS K 69 -73.25 20.24 44.73
N ILE K 70 -71.98 20.52 45.01
CA ILE K 70 -71.38 21.81 44.70
C ILE K 70 -71.03 21.85 43.21
N VAL K 71 -71.44 22.92 42.53
CA VAL K 71 -71.09 23.08 41.12
C VAL K 71 -69.62 23.49 41.02
N LEU K 72 -69.01 23.16 39.89
CA LEU K 72 -67.61 23.49 39.62
C LEU K 72 -67.47 23.92 38.17
N SER K 73 -66.62 24.91 37.93
CA SER K 73 -66.42 25.47 36.59
C SER K 73 -65.14 24.87 36.02
N ASP K 74 -65.30 23.84 35.18
CA ASP K 74 -64.18 23.23 34.48
C ASP K 74 -64.31 23.49 32.99
N ASP K 75 -63.19 23.82 32.35
CA ASP K 75 -63.14 24.10 30.93
C ASP K 75 -62.77 22.88 30.09
N THR K 76 -62.64 21.72 30.71
CA THR K 76 -62.25 20.50 30.00
C THR K 76 -63.44 19.67 29.54
N CYS K 77 -64.67 20.13 29.77
CA CYS K 77 -65.87 19.41 29.38
C CYS K 77 -66.84 20.35 28.67
N SER K 78 -67.69 19.77 27.84
CA SER K 78 -68.67 20.53 27.08
C SER K 78 -69.92 20.75 27.93
N ASP K 79 -70.97 21.29 27.31
CA ASP K 79 -72.21 21.56 28.04
C ASP K 79 -72.92 20.27 28.42
N GLU K 80 -73.05 19.34 27.47
CA GLU K 80 -73.75 18.10 27.75
C GLU K 80 -73.01 17.23 28.74
N LYS K 81 -71.68 17.21 28.66
CA LYS K 81 -70.86 16.42 29.58
C LYS K 81 -70.86 17.06 30.95
N ILE K 82 -71.52 16.43 31.92
CA ILE K 82 -71.49 16.87 33.31
C ILE K 82 -70.63 15.88 34.08
N ARG K 83 -69.58 16.38 34.73
CA ARG K 83 -68.63 15.52 35.41
C ARG K 83 -69.18 15.08 36.76
N MET K 84 -69.04 13.79 37.07
CA MET K 84 -69.52 13.26 38.34
C MET K 84 -68.64 12.10 38.77
N ASN K 85 -68.38 12.02 40.08
CA ASN K 85 -67.58 10.94 40.63
C ASN K 85 -68.41 9.67 40.76
N ARG K 86 -67.74 8.57 41.09
CA ARG K 86 -68.45 7.33 41.40
C ARG K 86 -69.29 7.48 42.66
N VAL K 87 -68.90 8.40 43.55
CA VAL K 87 -69.66 8.62 44.78
C VAL K 87 -71.07 9.11 44.46
N VAL K 88 -71.18 10.05 43.52
CA VAL K 88 -72.46 10.62 43.15
C VAL K 88 -73.00 9.89 41.93
N ARG K 89 -72.47 8.70 41.65
CA ARG K 89 -72.97 7.82 40.60
C ARG K 89 -73.60 6.55 41.14
N ASN K 90 -73.00 5.93 42.16
CA ASN K 90 -73.58 4.73 42.73
C ASN K 90 -74.83 5.02 43.55
N ASN K 91 -74.89 6.19 44.19
CA ASN K 91 -76.10 6.57 44.92
C ASN K 91 -77.22 7.00 43.98
N LEU K 92 -76.87 7.61 42.85
CA LEU K 92 -77.87 8.03 41.88
C LEU K 92 -78.30 6.90 40.95
N ARG K 93 -77.71 5.70 41.11
CA ARG K 93 -78.02 4.54 40.29
C ARG K 93 -77.79 4.81 38.80
N VAL K 94 -76.79 5.63 38.50
CA VAL K 94 -76.49 6.07 37.14
C VAL K 94 -75.09 5.58 36.79
N ARG K 95 -74.99 4.78 35.74
CA ARG K 95 -73.70 4.31 35.26
C ARG K 95 -73.06 5.35 34.34
N LEU K 96 -71.80 5.13 34.01
CA LEU K 96 -71.06 6.07 33.16
C LEU K 96 -71.59 6.02 31.74
N GLY K 97 -72.15 7.14 31.28
CA GLY K 97 -72.74 7.21 29.96
C GLY K 97 -74.26 7.12 29.98
N ASP K 98 -74.87 7.72 31.00
CA ASP K 98 -76.31 7.70 31.17
C ASP K 98 -76.83 9.13 31.31
N VAL K 99 -78.16 9.26 31.31
CA VAL K 99 -78.82 10.56 31.35
C VAL K 99 -79.13 10.91 32.80
N ILE K 100 -78.76 12.13 33.19
CA ILE K 100 -78.99 12.63 34.53
C ILE K 100 -79.92 13.84 34.45
N SER K 101 -80.92 13.86 35.34
CA SER K 101 -81.89 14.94 35.40
C SER K 101 -81.48 15.94 36.47
N ILE K 102 -81.54 17.22 36.13
CA ILE K 102 -81.06 18.29 36.98
C ILE K 102 -82.17 19.31 37.19
N GLN K 103 -82.37 19.72 38.45
CA GLN K 103 -83.29 20.80 38.77
C GLN K 103 -82.86 21.49 40.07
N PRO K 104 -82.51 22.77 40.02
CA PRO K 104 -82.09 23.47 41.23
C PRO K 104 -83.27 23.73 42.17
N CYS K 105 -82.94 23.81 43.46
CA CYS K 105 -83.93 24.13 44.50
C CYS K 105 -83.21 24.67 45.73
N PRO K 106 -82.91 25.97 45.78
CA PRO K 106 -82.11 26.51 46.89
C PRO K 106 -82.92 26.84 48.14
N ASP K 107 -82.57 26.19 49.24
CA ASP K 107 -83.09 26.52 50.57
C ASP K 107 -81.92 26.56 51.54
N VAL K 108 -82.03 27.37 52.60
CA VAL K 108 -80.94 27.50 53.55
C VAL K 108 -80.68 26.16 54.24
N LYS K 109 -81.63 25.71 55.07
CA LYS K 109 -81.67 24.38 55.68
C LYS K 109 -80.29 23.91 56.17
N TYR K 110 -79.74 24.67 57.12
CA TYR K 110 -78.50 24.25 57.76
C TYR K 110 -78.79 23.03 58.65
N GLY K 111 -78.00 21.98 58.46
CA GLY K 111 -78.26 20.71 59.10
C GLY K 111 -78.33 20.73 60.61
N LYS K 112 -79.36 20.08 61.17
CA LYS K 112 -79.57 20.02 62.61
C LYS K 112 -79.53 18.54 63.03
N ARG K 113 -78.40 18.12 63.60
CA ARG K 113 -78.20 16.77 64.13
C ARG K 113 -78.42 15.72 63.05
N ILE K 114 -77.54 15.77 62.04
CA ILE K 114 -77.58 14.81 60.95
C ILE K 114 -77.20 13.43 61.47
N HIS K 115 -77.51 12.39 60.70
CA HIS K 115 -77.39 11.01 61.15
C HIS K 115 -76.52 10.20 60.19
N VAL K 116 -75.34 10.74 59.86
CA VAL K 116 -74.37 9.98 59.08
C VAL K 116 -73.96 8.74 59.86
N LEU K 117 -73.93 7.60 59.18
CA LEU K 117 -73.65 6.32 59.81
C LEU K 117 -72.62 5.55 58.99
N PRO K 118 -71.81 4.70 59.63
CA PRO K 118 -70.84 3.89 58.90
C PRO K 118 -71.42 2.56 58.44
N ILE K 119 -72.74 2.46 58.40
CA ILE K 119 -73.42 1.18 58.20
C ILE K 119 -73.07 0.65 56.80
N ASP K 120 -72.22 -0.36 56.76
CA ASP K 120 -71.72 -0.96 55.53
C ASP K 120 -70.87 -2.18 55.85
N ASP K 121 -70.37 -2.86 54.82
CA ASP K 121 -69.44 -3.97 55.00
C ASP K 121 -67.98 -3.51 54.99
N THR K 122 -67.72 -2.23 54.75
CA THR K 122 -66.35 -1.74 54.75
C THR K 122 -65.80 -1.54 56.14
N VAL K 123 -66.65 -1.41 57.16
CA VAL K 123 -66.20 -1.21 58.54
C VAL K 123 -66.05 -2.60 59.14
N GLU K 124 -64.90 -3.20 58.90
CA GLU K 124 -64.54 -4.51 59.46
C GLU K 124 -63.18 -4.40 60.11
N GLY K 125 -63.12 -4.66 61.41
CA GLY K 125 -61.86 -4.58 62.12
C GLY K 125 -61.33 -3.18 62.32
N ILE K 126 -62.19 -2.16 62.19
CA ILE K 126 -61.79 -0.77 62.41
C ILE K 126 -62.75 -0.18 63.43
N THR K 127 -62.27 0.01 64.65
CA THR K 127 -63.08 0.50 65.76
C THR K 127 -62.49 1.81 66.27
N GLY K 128 -63.03 2.29 67.39
CA GLY K 128 -62.53 3.49 68.02
C GLY K 128 -63.33 4.73 67.67
N ASN K 129 -62.63 5.85 67.46
CA ASN K 129 -63.28 7.12 67.11
C ASN K 129 -63.32 7.35 65.61
N LEU K 130 -63.43 6.28 64.81
CA LEU K 130 -63.49 6.43 63.36
C LEU K 130 -64.70 7.24 62.91
N PHE K 131 -65.70 7.39 63.78
CA PHE K 131 -66.88 8.19 63.46
C PHE K 131 -66.56 9.67 63.31
N GLU K 132 -65.45 10.15 63.89
CA GLU K 132 -65.15 11.58 63.84
C GLU K 132 -63.70 11.93 63.53
N VAL K 133 -62.76 10.99 63.53
CA VAL K 133 -61.36 11.37 63.38
C VAL K 133 -61.07 11.86 61.97
N TYR K 134 -61.56 11.16 60.95
CA TYR K 134 -61.37 11.59 59.57
C TYR K 134 -62.62 12.23 58.97
N LEU K 135 -63.68 12.39 59.76
CA LEU K 135 -64.86 13.12 59.29
C LEU K 135 -64.78 14.62 59.59
N LYS K 136 -64.11 15.00 60.68
CA LYS K 136 -63.92 16.43 60.95
C LYS K 136 -63.14 17.14 59.86
N PRO K 137 -62.00 16.63 59.36
CA PRO K 137 -61.29 17.37 58.29
C PRO K 137 -62.05 17.45 56.98
N TYR K 138 -62.95 16.48 56.70
CA TYR K 138 -63.63 16.43 55.41
C TYR K 138 -65.13 16.67 55.53
N PHE K 139 -65.83 15.87 56.34
CA PHE K 139 -67.29 15.96 56.41
C PHE K 139 -67.76 17.17 57.20
N LEU K 140 -66.89 17.79 57.98
CA LEU K 140 -67.22 18.98 58.77
C LEU K 140 -66.44 20.20 58.29
N GLU K 141 -66.20 20.27 56.98
CA GLU K 141 -65.42 21.35 56.41
C GLU K 141 -65.98 21.72 55.04
N ALA K 142 -65.65 22.94 54.60
CA ALA K 142 -65.98 23.50 53.29
C ALA K 142 -67.48 23.64 53.06
N TYR K 143 -68.31 23.42 54.08
CA TYR K 143 -69.77 23.57 53.99
C TYR K 143 -70.34 22.75 52.84
N ARG K 144 -69.88 21.50 52.72
CA ARG K 144 -70.33 20.63 51.66
C ARG K 144 -71.79 20.22 51.89
N PRO K 145 -72.57 20.02 50.82
CA PRO K 145 -73.96 19.66 50.98
C PRO K 145 -74.14 18.20 51.39
N ILE K 146 -75.22 17.94 52.11
CA ILE K 146 -75.51 16.62 52.65
C ILE K 146 -76.89 16.18 52.18
N ARG K 147 -77.10 14.87 52.16
CA ARG K 147 -78.38 14.27 51.81
C ARG K 147 -78.50 12.96 52.56
N LYS K 148 -79.74 12.52 52.77
CA LYS K 148 -80.02 11.27 53.45
C LYS K 148 -80.37 10.19 52.43
N GLY K 149 -80.07 8.94 52.81
CA GLY K 149 -80.34 7.81 51.96
C GLY K 149 -79.23 7.46 50.99
N ASP K 150 -78.27 8.35 50.77
CA ASP K 150 -77.15 8.10 49.88
C ASP K 150 -75.87 7.86 50.69
N ILE K 151 -74.84 7.42 49.99
CA ILE K 151 -73.56 7.04 50.61
C ILE K 151 -72.46 7.89 49.99
N PHE K 152 -71.66 8.51 50.85
CA PHE K 152 -70.44 9.19 50.43
C PHE K 152 -69.23 8.38 50.89
N LEU K 153 -68.05 8.85 50.51
CA LEU K 153 -66.82 8.12 50.79
C LEU K 153 -65.80 9.04 51.43
N VAL K 154 -65.09 8.52 52.43
CA VAL K 154 -64.03 9.26 53.11
C VAL K 154 -62.76 8.41 53.09
N ARG K 155 -61.66 9.02 52.68
CA ARG K 155 -60.37 8.34 52.58
C ARG K 155 -59.44 8.89 53.66
N GLY K 156 -59.14 8.06 54.66
CA GLY K 156 -58.25 8.47 55.72
C GLY K 156 -57.74 7.27 56.49
N GLY K 157 -56.56 7.42 57.08
CA GLY K 157 -55.97 6.35 57.87
C GLY K 157 -55.77 5.06 57.10
N MET K 158 -55.34 5.16 55.84
CA MET K 158 -55.18 4.02 54.94
C MET K 158 -56.49 3.25 54.74
N ARG K 159 -57.63 3.90 54.93
CA ARG K 159 -58.93 3.25 54.83
C ARG K 159 -59.88 4.12 54.02
N ALA K 160 -60.55 3.51 53.05
CA ALA K 160 -61.61 4.17 52.29
C ALA K 160 -62.94 3.63 52.82
N VAL K 161 -63.66 4.47 53.55
CA VAL K 161 -64.87 4.06 54.26
C VAL K 161 -66.08 4.70 53.59
N GLU K 162 -67.10 3.89 53.34
CA GLU K 162 -68.36 4.35 52.77
C GLU K 162 -69.32 4.66 53.91
N PHE K 163 -69.70 5.93 54.04
CA PHE K 163 -70.58 6.39 55.10
C PHE K 163 -71.95 6.74 54.52
N LYS K 164 -73.00 6.17 55.10
CA LYS K 164 -74.37 6.50 54.74
C LYS K 164 -74.96 7.47 55.76
N VAL K 165 -75.88 8.31 55.30
CA VAL K 165 -76.54 9.29 56.15
C VAL K 165 -78.04 8.98 56.15
N VAL K 166 -78.63 8.94 57.33
CA VAL K 166 -80.01 8.50 57.50
C VAL K 166 -80.97 9.68 57.60
N GLU K 167 -80.63 10.68 58.41
CA GLU K 167 -81.49 11.85 58.60
C GLU K 167 -80.68 13.12 58.38
N THR K 168 -81.18 14.00 57.52
CA THR K 168 -80.59 15.32 57.26
C THR K 168 -81.67 16.39 57.28
N ASP K 169 -82.52 16.37 58.31
CA ASP K 169 -83.66 17.25 58.52
C ASP K 169 -84.74 16.96 57.49
N PRO K 170 -86.01 17.32 57.75
CA PRO K 170 -87.08 17.03 56.77
C PRO K 170 -87.00 17.92 55.54
N SER K 171 -85.99 17.67 54.70
CA SER K 171 -85.78 18.40 53.46
C SER K 171 -84.87 17.58 52.56
N PRO K 172 -85.10 17.59 51.25
CA PRO K 172 -84.18 16.95 50.31
C PRO K 172 -82.92 17.74 50.01
N TYR K 173 -82.69 18.84 50.73
CA TYR K 173 -81.55 19.72 50.52
C TYR K 173 -80.96 20.04 51.89
N CYS K 174 -79.72 19.63 52.13
CA CYS K 174 -79.08 19.84 53.41
C CYS K 174 -77.63 20.27 53.21
N ILE K 175 -77.17 21.20 54.04
CA ILE K 175 -75.79 21.66 54.06
C ILE K 175 -75.22 21.41 55.45
N VAL K 176 -73.97 20.95 55.50
CA VAL K 176 -73.34 20.68 56.79
C VAL K 176 -73.12 21.99 57.55
N ALA K 177 -73.17 21.89 58.88
CA ALA K 177 -73.09 23.04 59.76
C ALA K 177 -72.47 22.60 61.08
N PRO K 178 -71.97 23.53 61.88
CA PRO K 178 -71.38 23.14 63.18
C PRO K 178 -72.37 22.46 64.12
N ASP K 179 -73.67 22.67 63.95
CA ASP K 179 -74.67 22.03 64.79
C ASP K 179 -75.17 20.70 64.22
N THR K 180 -74.52 20.18 63.17
CA THR K 180 -74.90 18.89 62.63
C THR K 180 -74.55 17.74 63.57
N VAL K 181 -73.65 17.96 64.53
CA VAL K 181 -73.39 17.05 65.64
C VAL K 181 -72.77 15.73 65.20
N ILE K 182 -73.29 15.14 64.11
CA ILE K 182 -72.89 13.85 63.55
C ILE K 182 -72.81 12.79 64.66
N HIS K 183 -73.78 12.84 65.57
CA HIS K 183 -73.86 11.94 66.72
C HIS K 183 -73.66 10.48 66.32
N CYS K 184 -73.02 9.72 67.21
CA CYS K 184 -72.56 8.37 66.89
C CYS K 184 -73.67 7.36 67.12
N GLU K 185 -74.10 6.69 66.05
CA GLU K 185 -75.04 5.59 66.12
C GLU K 185 -74.61 4.48 65.17
N GLY K 186 -73.32 4.14 65.19
CA GLY K 186 -72.80 3.18 64.24
C GLY K 186 -73.37 1.79 64.45
N GLU K 187 -73.54 1.07 63.34
CA GLU K 187 -74.13 -0.26 63.35
C GLU K 187 -73.50 -1.08 62.24
N PRO K 188 -73.53 -2.41 62.35
CA PRO K 188 -72.99 -3.26 61.26
C PRO K 188 -74.03 -3.57 60.19
N ILE K 189 -75.08 -2.74 60.11
CA ILE K 189 -76.20 -2.98 59.19
C ILE K 189 -75.67 -3.18 57.78
N LYS K 190 -76.13 -4.26 57.13
CA LYS K 190 -75.65 -4.61 55.81
C LYS K 190 -76.14 -3.63 54.74
N ARG K 191 -75.38 -3.54 53.66
CA ARG K 191 -75.74 -2.70 52.53
C ARG K 191 -76.80 -3.38 51.66
N GLU K 192 -77.42 -2.59 50.79
CA GLU K 192 -78.40 -3.11 49.85
C GLU K 192 -77.76 -3.34 48.49
N ASP K 193 -78.39 -4.22 47.70
CA ASP K 193 -77.85 -4.58 46.39
C ASP K 193 -77.93 -3.43 45.39
N GLU K 194 -78.81 -2.45 45.63
CA GLU K 194 -78.92 -1.32 44.71
C GLU K 194 -77.65 -0.49 44.70
N GLU K 195 -77.06 -0.27 45.87
CA GLU K 195 -75.82 0.50 45.96
C GLU K 195 -74.63 -0.33 45.47
N GLU K 196 -73.70 0.34 44.82
CA GLU K 196 -72.49 -0.29 44.32
C GLU K 196 -71.33 -0.02 45.28
N SER K 197 -70.53 -1.05 45.53
CA SER K 197 -69.42 -0.94 46.46
C SER K 197 -68.33 -0.05 45.87
N LEU K 198 -68.03 1.06 46.56
CA LEU K 198 -66.96 1.94 46.11
C LEU K 198 -65.59 1.31 46.27
N ASN K 199 -65.45 0.33 47.16
CA ASN K 199 -64.19 -0.42 47.24
C ASN K 199 -63.94 -1.23 45.98
N GLU K 200 -65.01 -1.66 45.30
CA GLU K 200 -64.86 -2.34 44.03
C GLU K 200 -64.31 -1.38 42.98
N VAL K 201 -63.58 -1.94 42.01
CA VAL K 201 -62.83 -1.11 41.06
C VAL K 201 -63.78 -0.39 40.11
N GLY K 202 -63.25 0.65 39.48
CA GLY K 202 -63.99 1.43 38.51
C GLY K 202 -63.06 2.24 37.65
N TYR K 203 -63.63 3.21 36.93
CA TYR K 203 -62.83 4.05 36.03
C TYR K 203 -61.77 4.82 36.79
N ASP K 204 -62.09 5.28 38.00
CA ASP K 204 -61.14 6.07 38.77
C ASP K 204 -59.96 5.26 39.29
N ASP K 205 -60.01 3.93 39.19
CA ASP K 205 -58.95 3.08 39.72
C ASP K 205 -57.84 2.80 38.71
N ILE K 206 -57.91 3.38 37.51
CA ILE K 206 -56.82 3.33 36.55
C ILE K 206 -56.41 4.76 36.24
N GLY K 207 -55.12 5.05 36.39
CA GLY K 207 -54.62 6.37 36.11
C GLY K 207 -53.54 6.38 35.04
N GLY K 208 -52.82 5.26 34.91
CA GLY K 208 -51.71 5.21 33.98
C GLY K 208 -52.11 5.10 32.52
N CYS K 209 -53.39 4.88 32.23
CA CYS K 209 -53.86 4.72 30.86
C CYS K 209 -55.05 5.64 30.64
N ARG K 210 -54.88 6.61 29.74
CA ARG K 210 -55.96 7.53 29.36
C ARG K 210 -56.50 7.24 27.97
N LYS K 211 -55.63 7.22 26.96
CA LYS K 211 -56.08 6.90 25.61
C LYS K 211 -56.52 5.44 25.52
N GLN K 212 -55.76 4.54 26.14
CA GLN K 212 -56.08 3.11 26.06
C GLN K 212 -57.35 2.76 26.82
N LEU K 213 -57.65 3.45 27.91
CA LEU K 213 -58.91 3.26 28.61
C LEU K 213 -60.09 3.83 27.83
N ALA K 214 -59.90 5.01 27.23
CA ALA K 214 -60.96 5.59 26.41
C ALA K 214 -61.23 4.74 25.18
N GLN K 215 -60.22 4.05 24.65
CA GLN K 215 -60.44 3.15 23.53
C GLN K 215 -61.40 2.03 23.91
N ILE K 216 -61.17 1.40 25.05
CA ILE K 216 -62.07 0.34 25.52
C ILE K 216 -63.44 0.92 25.85
N LYS K 217 -63.48 2.13 26.39
CA LYS K 217 -64.75 2.78 26.69
C LYS K 217 -65.59 2.94 25.43
N GLU K 218 -65.00 3.52 24.38
CA GLU K 218 -65.72 3.67 23.11
C GLU K 218 -66.03 2.31 22.49
N MET K 219 -65.17 1.32 22.72
CA MET K 219 -65.38 0.00 22.14
C MET K 219 -66.60 -0.70 22.73
N VAL K 220 -66.76 -0.65 24.05
CA VAL K 220 -67.71 -1.51 24.74
C VAL K 220 -68.84 -0.76 25.42
N GLU K 221 -68.89 0.58 25.33
CA GLU K 221 -69.99 1.30 25.95
C GLU K 221 -71.29 1.09 25.18
N LEU K 222 -71.24 1.25 23.86
CA LEU K 222 -72.45 1.07 23.05
C LEU K 222 -72.97 -0.37 23.07
N PRO K 223 -72.15 -1.41 22.86
CA PRO K 223 -72.70 -2.78 22.88
C PRO K 223 -73.28 -3.19 24.23
N LEU K 224 -72.75 -2.67 25.34
CA LEU K 224 -73.19 -3.08 26.67
C LEU K 224 -74.36 -2.26 27.18
N ARG K 225 -74.27 -0.93 27.12
CA ARG K 225 -75.33 -0.09 27.65
C ARG K 225 -76.60 -0.21 26.81
N HIS K 226 -76.47 -0.30 25.49
CA HIS K 226 -77.62 -0.36 24.59
C HIS K 226 -77.46 -1.55 23.64
N PRO K 227 -77.71 -2.77 24.11
CA PRO K 227 -77.72 -3.92 23.20
C PRO K 227 -78.91 -3.92 22.26
N ALA K 228 -79.99 -3.21 22.59
CA ALA K 228 -81.16 -3.16 21.72
C ALA K 228 -80.83 -2.47 20.40
N LEU K 229 -79.96 -1.45 20.43
CA LEU K 229 -79.56 -0.80 19.19
C LEU K 229 -78.81 -1.76 18.28
N PHE K 230 -77.93 -2.59 18.85
CA PHE K 230 -77.20 -3.57 18.04
C PHE K 230 -78.12 -4.66 17.53
N LYS K 231 -79.10 -5.08 18.35
CA LYS K 231 -80.08 -6.05 17.89
C LYS K 231 -80.95 -5.47 16.77
N ALA K 232 -81.16 -4.16 16.80
CA ALA K 232 -82.00 -3.50 15.80
C ALA K 232 -81.21 -3.23 14.53
N ILE K 233 -80.14 -2.44 14.63
CA ILE K 233 -79.36 -2.03 13.47
C ILE K 233 -78.37 -3.14 13.12
N GLY K 234 -78.33 -3.53 11.85
CA GLY K 234 -77.39 -4.55 11.44
C GLY K 234 -75.96 -4.03 11.50
N VAL K 235 -75.23 -4.46 12.53
CA VAL K 235 -73.85 -4.06 12.76
C VAL K 235 -73.11 -5.31 13.23
N LYS K 236 -71.78 -5.26 13.16
CA LYS K 236 -70.94 -6.30 13.72
C LYS K 236 -70.40 -5.84 15.07
N PRO K 237 -71.04 -6.22 16.17
CA PRO K 237 -70.63 -5.71 17.49
C PRO K 237 -69.25 -6.22 17.86
N PRO K 238 -68.47 -5.43 18.60
CA PRO K 238 -67.18 -5.91 19.09
C PRO K 238 -67.35 -7.05 20.08
N ARG K 239 -66.98 -8.26 19.67
CA ARG K 239 -67.06 -9.45 20.52
C ARG K 239 -65.67 -10.06 20.55
N GLY K 240 -64.84 -9.56 21.47
CA GLY K 240 -63.47 -10.01 21.60
C GLY K 240 -62.50 -8.86 21.72
N ILE K 241 -61.74 -8.84 22.80
CA ILE K 241 -60.73 -7.81 23.06
C ILE K 241 -59.42 -8.52 23.38
N LEU K 242 -58.31 -7.93 22.97
CA LEU K 242 -56.99 -8.53 23.09
C LEU K 242 -56.04 -7.60 23.84
N LEU K 243 -56.49 -7.13 25.01
CA LEU K 243 -55.64 -6.31 25.87
C LEU K 243 -54.32 -7.02 26.15
N TYR K 244 -53.22 -6.49 25.64
CA TYR K 244 -51.92 -7.11 25.84
C TYR K 244 -50.95 -6.10 26.42
N GLY K 245 -50.02 -6.59 27.21
CA GLY K 245 -49.04 -5.76 27.87
C GLY K 245 -48.28 -6.56 28.91
N PRO K 246 -47.27 -5.96 29.51
CA PRO K 246 -46.49 -6.68 30.51
C PRO K 246 -47.36 -7.03 31.70
N PRO K 247 -47.05 -8.12 32.40
CA PRO K 247 -47.88 -8.52 33.54
C PRO K 247 -47.86 -7.49 34.65
N GLY K 248 -48.99 -7.35 35.33
CA GLY K 248 -49.13 -6.36 36.38
C GLY K 248 -49.42 -4.96 35.93
N THR K 249 -49.89 -4.79 34.68
CA THR K 249 -50.17 -3.47 34.14
C THR K 249 -51.62 -3.05 34.32
N GLY K 250 -52.46 -3.90 34.91
CA GLY K 250 -53.84 -3.56 35.17
C GLY K 250 -54.84 -4.02 34.13
N LYS K 251 -54.49 -4.99 33.29
CA LYS K 251 -55.44 -5.49 32.30
C LYS K 251 -56.65 -6.12 32.98
N THR K 252 -56.42 -6.94 34.01
CA THR K 252 -57.53 -7.48 34.80
C THR K 252 -58.27 -6.37 35.53
N LEU K 253 -57.53 -5.40 36.06
CA LEU K 253 -58.16 -4.26 36.71
C LEU K 253 -59.03 -3.47 35.74
N ILE K 254 -58.52 -3.24 34.52
CA ILE K 254 -59.28 -2.50 33.52
C ILE K 254 -60.52 -3.29 33.10
N ALA K 255 -60.39 -4.61 32.94
CA ALA K 255 -61.53 -5.43 32.57
C ALA K 255 -62.62 -5.40 33.65
N ARG K 256 -62.22 -5.54 34.91
CA ARG K 256 -63.21 -5.45 36.00
C ARG K 256 -63.82 -4.06 36.06
N ALA K 257 -63.01 -3.02 35.87
CA ALA K 257 -63.47 -1.64 35.92
C ALA K 257 -64.51 -1.37 34.85
N VAL K 258 -64.14 -1.42 33.57
CA VAL K 258 -65.19 -1.34 32.57
C VAL K 258 -65.61 -2.76 32.22
N ALA K 259 -66.12 -3.46 33.22
CA ALA K 259 -67.16 -4.48 33.09
C ALA K 259 -68.20 -4.41 34.19
N ASN K 260 -67.86 -3.82 35.35
CA ASN K 260 -68.81 -3.60 36.43
C ASN K 260 -69.41 -2.20 36.42
N GLU K 261 -68.61 -1.19 36.09
CA GLU K 261 -69.13 0.17 36.02
C GLU K 261 -70.03 0.35 34.80
N THR K 262 -69.62 -0.20 33.66
CA THR K 262 -70.41 -0.10 32.43
C THR K 262 -71.46 -1.21 32.36
N GLY K 263 -71.01 -2.46 32.49
CA GLY K 263 -71.90 -3.60 32.47
C GLY K 263 -72.43 -3.94 33.86
N ALA K 264 -72.90 -5.18 34.00
CA ALA K 264 -73.44 -5.64 35.26
C ALA K 264 -72.87 -6.98 35.73
N PHE K 265 -72.34 -7.81 34.84
CA PHE K 265 -71.77 -9.09 35.21
C PHE K 265 -70.39 -9.20 34.58
N PHE K 266 -69.40 -9.61 35.38
CA PHE K 266 -68.01 -9.73 34.95
C PHE K 266 -67.49 -11.11 35.34
N PHE K 267 -67.12 -11.91 34.35
CA PHE K 267 -66.60 -13.23 34.58
C PHE K 267 -65.07 -13.21 34.50
N LEU K 268 -64.43 -13.91 35.43
CA LEU K 268 -62.98 -13.82 35.62
C LEU K 268 -62.40 -15.24 35.67
N ILE K 269 -62.67 -16.05 34.65
CA ILE K 269 -62.00 -17.33 34.53
C ILE K 269 -60.49 -17.08 34.50
N ASN K 270 -59.76 -17.86 35.29
CA ASN K 270 -58.37 -17.53 35.58
C ASN K 270 -57.46 -17.70 34.37
N GLY K 271 -57.75 -18.66 33.50
CA GLY K 271 -56.81 -19.10 32.50
C GLY K 271 -56.05 -20.36 32.89
N PRO K 272 -55.15 -20.26 33.87
CA PRO K 272 -54.57 -21.48 34.43
C PRO K 272 -55.58 -22.41 35.04
N GLU K 273 -56.72 -21.89 35.51
CA GLU K 273 -57.78 -22.75 36.04
C GLU K 273 -58.30 -23.70 34.97
N ILE K 274 -58.52 -23.19 33.76
CA ILE K 274 -59.00 -24.03 32.67
C ILE K 274 -57.89 -24.89 32.07
N MET K 275 -56.63 -24.47 32.19
CA MET K 275 -55.51 -25.28 31.74
C MET K 275 -55.12 -26.34 32.77
N SER K 276 -55.66 -26.26 33.99
CA SER K 276 -55.24 -27.10 35.10
C SER K 276 -56.19 -28.26 35.38
N LYS K 277 -57.49 -28.08 35.15
CA LYS K 277 -58.46 -29.09 35.52
C LYS K 277 -58.34 -30.31 34.61
N LEU K 278 -59.13 -31.34 34.92
CA LEU K 278 -58.99 -32.66 34.31
C LEU K 278 -59.68 -32.71 32.94
N ALA K 279 -59.14 -31.91 32.01
CA ALA K 279 -59.53 -31.93 30.60
C ALA K 279 -61.02 -31.72 30.41
N GLY K 280 -61.81 -32.79 30.55
CA GLY K 280 -63.24 -32.69 30.31
C GLY K 280 -63.93 -31.73 31.26
N GLU K 281 -63.55 -31.75 32.54
CA GLU K 281 -64.13 -30.82 33.49
C GLU K 281 -63.70 -29.39 33.19
N SER K 282 -62.46 -29.21 32.73
CA SER K 282 -61.98 -27.88 32.34
C SER K 282 -62.79 -27.34 31.18
N GLU K 283 -63.04 -28.16 30.16
CA GLU K 283 -63.83 -27.71 29.02
C GLU K 283 -65.29 -27.50 29.41
N SER K 284 -65.79 -28.29 30.37
CA SER K 284 -67.13 -28.05 30.89
C SER K 284 -67.22 -26.69 31.57
N ASN K 285 -66.20 -26.33 32.36
CA ASN K 285 -66.17 -25.01 32.98
C ASN K 285 -66.05 -23.91 31.93
N LEU K 286 -65.27 -24.14 30.88
CA LEU K 286 -65.16 -23.17 29.80
C LEU K 286 -66.51 -22.94 29.12
N ARG K 287 -67.25 -24.01 28.84
CA ARG K 287 -68.58 -23.87 28.28
C ARG K 287 -69.53 -23.18 29.25
N LYS K 288 -69.46 -23.55 30.53
CA LYS K 288 -70.43 -23.04 31.51
C LYS K 288 -70.21 -21.57 31.81
N ALA K 289 -68.96 -21.10 31.79
CA ALA K 289 -68.72 -19.68 31.98
C ALA K 289 -69.37 -18.86 30.86
N PHE K 290 -69.20 -19.30 29.61
CA PHE K 290 -69.83 -18.64 28.48
C PHE K 290 -71.35 -18.70 28.58
N GLU K 291 -71.88 -19.85 29.00
CA GLU K 291 -73.32 -20.01 29.15
C GLU K 291 -73.87 -19.05 30.20
N GLU K 292 -73.26 -19.02 31.39
CA GLU K 292 -73.72 -18.13 32.44
C GLU K 292 -73.55 -16.67 32.06
N ALA K 293 -72.54 -16.36 31.24
CA ALA K 293 -72.42 -14.99 30.72
C ALA K 293 -73.57 -14.66 29.79
N GLU K 294 -73.97 -15.61 28.93
CA GLU K 294 -75.07 -15.35 28.01
C GLU K 294 -76.43 -15.68 28.61
N LYS K 295 -76.48 -16.26 29.81
CA LYS K 295 -77.76 -16.58 30.44
C LYS K 295 -78.22 -15.48 31.39
N ASN K 296 -77.28 -14.87 32.11
CA ASN K 296 -77.66 -13.91 33.15
C ASN K 296 -78.05 -12.56 32.56
N ALA K 297 -77.10 -11.90 31.88
CA ALA K 297 -77.29 -10.56 31.35
C ALA K 297 -76.14 -10.24 30.41
N PRO K 298 -76.21 -9.14 29.63
CA PRO K 298 -75.03 -8.70 28.88
C PRO K 298 -73.81 -8.56 29.79
N ALA K 299 -72.83 -9.42 29.59
CA ALA K 299 -71.69 -9.56 30.50
C ALA K 299 -70.40 -9.49 29.72
N ILE K 300 -69.28 -9.56 30.46
CA ILE K 300 -67.94 -9.52 29.89
C ILE K 300 -67.18 -10.74 30.40
N ILE K 301 -66.72 -11.58 29.49
CA ILE K 301 -65.88 -12.72 29.83
C ILE K 301 -64.42 -12.31 29.70
N PHE K 302 -63.66 -12.51 30.77
CA PHE K 302 -62.27 -12.10 30.81
C PHE K 302 -61.39 -13.34 30.86
N ILE K 303 -60.50 -13.48 29.89
CA ILE K 303 -59.52 -14.56 29.85
C ILE K 303 -58.17 -13.95 30.25
N ASP K 304 -57.81 -14.10 31.52
CA ASP K 304 -56.61 -13.45 32.05
C ASP K 304 -55.33 -14.00 31.46
N GLU K 305 -55.34 -15.24 30.99
CA GLU K 305 -54.14 -15.91 30.50
C GLU K 305 -54.42 -16.59 29.16
N LEU K 306 -55.00 -15.84 28.21
CA LEU K 306 -55.23 -16.38 26.88
C LEU K 306 -53.93 -16.87 26.24
N ASP K 307 -52.80 -16.29 26.62
CA ASP K 307 -51.51 -16.81 26.17
C ASP K 307 -51.26 -18.21 26.71
N ALA K 308 -51.77 -18.51 27.91
CA ALA K 308 -51.58 -19.84 28.49
C ALA K 308 -52.62 -20.83 27.97
N ILE K 309 -53.88 -20.40 27.87
CA ILE K 309 -54.92 -21.28 27.34
C ILE K 309 -54.67 -21.60 25.88
N ALA K 310 -54.32 -20.59 25.09
CA ALA K 310 -54.14 -20.73 23.64
C ALA K 310 -52.78 -20.19 23.23
N PRO K 311 -51.71 -20.96 23.47
CA PRO K 311 -50.40 -20.58 22.93
C PRO K 311 -50.29 -20.92 21.46
N LYS K 312 -49.11 -20.75 20.86
CA LYS K 312 -48.89 -21.13 19.48
C LYS K 312 -49.16 -22.61 19.28
N ARG K 313 -50.22 -22.94 18.52
CA ARG K 313 -50.59 -24.33 18.31
C ARG K 313 -49.53 -25.09 17.53
N GLU K 314 -48.78 -24.40 16.68
CA GLU K 314 -47.75 -25.06 15.88
C GLU K 314 -46.64 -25.64 16.76
N LYS K 315 -46.26 -24.92 17.81
CA LYS K 315 -45.17 -25.36 18.67
C LYS K 315 -45.63 -26.23 19.83
N THR K 316 -46.93 -26.45 19.98
CA THR K 316 -47.41 -27.32 21.05
C THR K 316 -47.07 -28.78 20.77
N HIS K 317 -46.83 -29.53 21.83
CA HIS K 317 -46.48 -30.94 21.73
C HIS K 317 -47.68 -31.85 21.95
N GLY K 318 -48.37 -31.68 23.08
CA GLY K 318 -49.55 -32.48 23.35
C GLY K 318 -50.71 -32.09 22.45
N GLU K 319 -51.68 -33.00 22.37
CA GLU K 319 -52.86 -32.77 21.55
C GLU K 319 -54.09 -32.36 22.35
N VAL K 320 -54.15 -32.72 23.63
CA VAL K 320 -55.26 -32.26 24.45
C VAL K 320 -55.19 -30.75 24.63
N GLU K 321 -53.98 -30.18 24.67
CA GLU K 321 -53.86 -28.73 24.63
C GLU K 321 -54.26 -28.18 23.26
N ARG K 322 -53.97 -28.92 22.19
CA ARG K 322 -54.49 -28.55 20.87
C ARG K 322 -56.01 -28.61 20.86
N ARG K 323 -56.59 -29.61 21.53
CA ARG K 323 -58.03 -29.67 21.66
C ARG K 323 -58.57 -28.46 22.43
N ILE K 324 -57.86 -28.04 23.47
CA ILE K 324 -58.29 -26.86 24.22
C ILE K 324 -58.26 -25.62 23.34
N VAL K 325 -57.18 -25.45 22.58
CA VAL K 325 -57.05 -24.28 21.71
C VAL K 325 -58.15 -24.27 20.65
N SER K 326 -58.40 -25.43 20.04
CA SER K 326 -59.41 -25.50 18.99
C SER K 326 -60.81 -25.32 19.56
N GLN K 327 -61.07 -25.85 20.76
CA GLN K 327 -62.37 -25.65 21.39
C GLN K 327 -62.59 -24.19 21.74
N LEU K 328 -61.54 -23.50 22.21
CA LEU K 328 -61.65 -22.07 22.45
C LEU K 328 -61.92 -21.31 21.16
N LEU K 329 -61.24 -21.70 20.07
CA LEU K 329 -61.45 -21.07 18.78
C LEU K 329 -62.89 -21.25 18.31
N THR K 330 -63.42 -22.47 18.43
CA THR K 330 -64.79 -22.73 18.00
C THR K 330 -65.81 -22.03 18.89
N LEU K 331 -65.53 -21.94 20.19
CA LEU K 331 -66.41 -21.20 21.09
C LEU K 331 -66.45 -19.72 20.73
N MET K 332 -65.28 -19.14 20.41
CA MET K 332 -65.23 -17.74 20.03
C MET K 332 -65.92 -17.50 18.69
N ASP K 333 -65.74 -18.43 17.74
CA ASP K 333 -66.42 -18.32 16.44
C ASP K 333 -67.94 -18.43 16.61
N GLY K 334 -68.40 -19.33 17.48
CA GLY K 334 -69.81 -19.45 17.79
C GLY K 334 -70.33 -18.42 18.75
N LEU K 335 -69.45 -17.56 19.27
CA LEU K 335 -69.86 -16.46 20.15
C LEU K 335 -70.34 -15.25 19.36
N LYS K 336 -70.52 -15.38 18.04
CA LYS K 336 -71.09 -14.30 17.25
C LYS K 336 -72.54 -14.03 17.61
N GLN K 337 -73.18 -14.93 18.36
CA GLN K 337 -74.58 -14.78 18.73
C GLN K 337 -74.72 -13.94 19.99
N ARG K 338 -75.98 -13.69 20.36
CA ARG K 338 -76.42 -13.01 21.57
C ARG K 338 -76.18 -11.50 21.52
N ALA K 339 -75.34 -11.05 20.58
CA ALA K 339 -75.14 -9.65 20.25
C ALA K 339 -74.82 -8.74 21.44
N HIS K 340 -74.51 -9.32 22.61
CA HIS K 340 -74.30 -8.48 23.78
C HIS K 340 -73.20 -8.97 24.72
N VAL K 341 -72.39 -9.96 24.34
CA VAL K 341 -71.39 -10.53 25.23
C VAL K 341 -70.01 -10.14 24.70
N ILE K 342 -69.28 -9.37 25.49
CA ILE K 342 -67.89 -9.03 25.16
C ILE K 342 -66.97 -10.05 25.81
N VAL K 343 -65.87 -10.35 25.13
CA VAL K 343 -64.92 -11.36 25.59
C VAL K 343 -63.54 -10.71 25.61
N MET K 344 -63.13 -10.21 26.77
CA MET K 344 -61.81 -9.63 26.92
C MET K 344 -60.78 -10.72 27.17
N ALA K 345 -59.58 -10.54 26.61
CA ALA K 345 -58.49 -11.49 26.77
C ALA K 345 -57.21 -10.74 27.13
N ALA K 346 -56.47 -11.28 28.09
CA ALA K 346 -55.23 -10.67 28.55
C ALA K 346 -54.05 -11.56 28.19
N THR K 347 -52.94 -10.92 27.82
CA THR K 347 -51.73 -11.63 27.43
C THR K 347 -50.56 -10.65 27.57
N ASN K 348 -49.35 -11.17 27.36
CA ASN K 348 -48.15 -10.35 27.49
C ASN K 348 -47.71 -9.75 26.16
N ARG K 349 -48.06 -10.37 25.04
CA ARG K 349 -47.66 -9.89 23.72
C ARG K 349 -48.53 -10.56 22.68
N PRO K 350 -48.78 -9.90 21.54
CA PRO K 350 -49.66 -10.50 20.53
C PRO K 350 -48.97 -11.51 19.64
N ASN K 351 -47.65 -11.48 19.54
CA ASN K 351 -46.91 -12.41 18.70
C ASN K 351 -46.61 -13.73 19.41
N SER K 352 -47.22 -13.98 20.56
CA SER K 352 -47.09 -15.25 21.26
C SER K 352 -48.34 -16.12 21.19
N ILE K 353 -49.50 -15.53 20.92
CA ILE K 353 -50.73 -16.29 20.72
C ILE K 353 -50.70 -16.91 19.33
N ASP K 354 -51.33 -18.08 19.20
CA ASP K 354 -51.45 -18.73 17.90
C ASP K 354 -52.13 -17.80 16.91
N PRO K 355 -51.64 -17.70 15.67
CA PRO K 355 -52.26 -16.77 14.71
C PRO K 355 -53.62 -17.24 14.22
N ALA K 356 -54.50 -17.58 15.15
CA ALA K 356 -55.90 -17.88 14.86
C ALA K 356 -56.87 -17.18 15.80
N LEU K 357 -56.43 -16.76 16.98
CA LEU K 357 -57.23 -15.92 17.87
C LEU K 357 -57.17 -14.45 17.51
N ARG K 358 -56.70 -14.12 16.30
CA ARG K 358 -56.70 -12.75 15.80
C ARG K 358 -57.58 -12.59 14.57
N ARG K 359 -58.38 -13.60 14.24
CA ARG K 359 -59.25 -13.57 13.08
C ARG K 359 -60.45 -12.66 13.36
N PHE K 360 -61.24 -12.42 12.32
CA PHE K 360 -62.42 -11.57 12.44
C PHE K 360 -63.42 -12.19 13.41
N GLY K 361 -63.92 -11.37 14.33
CA GLY K 361 -64.88 -11.81 15.33
C GLY K 361 -64.27 -12.49 16.53
N ARG K 362 -62.96 -12.71 16.56
CA ARG K 362 -62.25 -13.38 17.66
C ARG K 362 -61.04 -12.53 18.01
N PHE K 363 -61.20 -11.62 18.98
CA PHE K 363 -60.13 -10.75 19.46
C PHE K 363 -59.46 -9.99 18.32
N ASP K 364 -60.30 -9.48 17.41
CA ASP K 364 -59.78 -8.74 16.26
C ASP K 364 -59.25 -7.37 16.64
N ARG K 365 -59.57 -6.87 17.83
CA ARG K 365 -59.17 -5.53 18.25
C ARG K 365 -58.10 -5.65 19.33
N GLU K 366 -56.95 -5.02 19.09
CA GLU K 366 -55.86 -4.97 20.05
C GLU K 366 -55.76 -3.57 20.63
N VAL K 367 -55.77 -3.49 21.96
CA VAL K 367 -55.91 -2.22 22.67
C VAL K 367 -54.71 -2.04 23.60
N ASP K 368 -53.52 -2.43 23.12
CA ASP K 368 -52.28 -2.56 23.89
C ASP K 368 -52.12 -1.54 25.00
N ILE K 369 -51.82 -2.02 26.21
CA ILE K 369 -51.75 -1.17 27.39
C ILE K 369 -50.38 -0.53 27.53
N GLY K 370 -49.31 -1.32 27.50
CA GLY K 370 -47.97 -0.80 27.59
C GLY K 370 -47.58 -0.36 28.99
N ILE K 371 -46.28 -0.18 29.22
CA ILE K 371 -45.79 0.24 30.54
C ILE K 371 -46.32 1.65 30.83
N PRO K 372 -46.75 1.93 32.06
CA PRO K 372 -47.12 3.31 32.39
C PRO K 372 -45.94 4.26 32.21
N ASP K 373 -46.23 5.44 31.69
CA ASP K 373 -45.21 6.36 31.21
C ASP K 373 -45.29 7.69 31.95
N ALA K 374 -44.16 8.09 32.54
CA ALA K 374 -43.99 9.41 33.15
C ALA K 374 -45.11 9.76 34.11
N THR K 375 -45.85 10.84 33.79
CA THR K 375 -46.93 11.29 34.66
C THR K 375 -47.98 10.21 34.86
N GLY K 376 -48.12 9.30 33.90
CA GLY K 376 -49.03 8.18 34.08
C GLY K 376 -48.70 7.37 35.31
N ARG K 377 -47.41 7.10 35.54
CA ARG K 377 -47.02 6.46 36.79
C ARG K 377 -47.43 7.31 37.98
N LEU K 378 -47.22 8.63 37.88
CA LEU K 378 -47.77 9.55 38.87
C LEU K 378 -49.27 9.36 38.99
N GLU K 379 -49.97 9.30 37.85
CA GLU K 379 -51.42 9.12 37.88
C GLU K 379 -51.81 7.76 38.46
N ILE K 380 -50.86 6.83 38.60
CA ILE K 380 -51.16 5.59 39.31
C ILE K 380 -50.97 5.79 40.81
N LEU K 381 -49.92 6.51 41.21
CA LEU K 381 -49.57 6.63 42.62
C LEU K 381 -50.70 7.26 43.41
N GLN K 382 -51.29 8.34 42.88
CA GLN K 382 -52.40 9.00 43.56
C GLN K 382 -53.59 8.08 43.75
N ILE K 383 -53.73 7.04 42.92
CA ILE K 383 -54.81 6.08 43.11
C ILE K 383 -54.52 5.19 44.32
N HIS K 384 -53.26 4.83 44.55
CA HIS K 384 -52.89 3.99 45.67
C HIS K 384 -52.49 4.79 46.90
N THR K 385 -52.59 6.12 46.84
CA THR K 385 -52.25 7.00 47.94
C THR K 385 -53.43 7.77 48.49
N LYS K 386 -54.51 7.92 47.70
CA LYS K 386 -55.66 8.70 48.13
C LYS K 386 -56.28 8.14 49.41
N ASN K 387 -56.43 6.82 49.49
CA ASN K 387 -56.88 6.20 50.73
C ASN K 387 -55.82 6.32 51.82
N MET K 388 -54.55 6.30 51.44
CA MET K 388 -53.45 6.42 52.38
C MET K 388 -53.24 7.88 52.74
N LYS K 389 -52.13 8.19 53.42
CA LYS K 389 -51.69 9.54 53.68
C LYS K 389 -50.33 9.77 53.01
N LEU K 390 -49.96 11.04 52.87
CA LEU K 390 -48.72 11.37 52.17
C LEU K 390 -47.92 12.46 52.88
N ALA K 391 -48.34 12.89 54.07
CA ALA K 391 -47.65 13.94 54.85
C ALA K 391 -47.61 15.20 53.98
N ASP K 392 -46.49 15.94 53.98
CA ASP K 392 -46.39 17.14 53.18
C ASP K 392 -45.05 17.31 52.46
N ASP K 393 -44.09 16.41 52.67
CA ASP K 393 -42.77 16.53 52.08
C ASP K 393 -42.52 15.59 50.92
N VAL K 394 -43.50 14.77 50.53
CA VAL K 394 -43.30 13.82 49.46
C VAL K 394 -43.29 14.54 48.12
N ASP K 395 -42.35 14.16 47.26
CA ASP K 395 -42.26 14.67 45.89
C ASP K 395 -42.79 13.57 44.98
N LEU K 396 -44.11 13.55 44.79
CA LEU K 396 -44.73 12.50 43.99
C LEU K 396 -44.26 12.55 42.54
N GLU K 397 -44.01 13.74 42.00
CA GLU K 397 -43.47 13.83 40.64
C GLU K 397 -42.05 13.26 40.57
N GLN K 398 -41.26 13.46 41.62
CA GLN K 398 -39.89 12.93 41.61
C GLN K 398 -39.89 11.41 41.69
N VAL K 399 -40.69 10.84 42.60
CA VAL K 399 -40.77 9.39 42.68
C VAL K 399 -41.44 8.81 41.45
N ALA K 400 -42.28 9.58 40.75
CA ALA K 400 -42.82 9.13 39.48
C ALA K 400 -41.74 9.10 38.40
N ASN K 401 -40.87 10.10 38.39
CA ASN K 401 -39.71 10.05 37.51
C ASN K 401 -38.67 9.05 37.99
N GLU K 402 -38.76 8.62 39.26
CA GLU K 402 -37.82 7.66 39.81
C GLU K 402 -38.21 6.22 39.49
N THR K 403 -39.49 5.96 39.30
CA THR K 403 -40.00 4.59 39.15
C THR K 403 -40.04 4.16 37.68
N HIS K 404 -38.93 4.35 36.98
CA HIS K 404 -38.87 4.02 35.56
C HIS K 404 -38.81 2.51 35.37
N GLY K 405 -39.66 2.00 34.48
CA GLY K 405 -39.72 0.58 34.22
C GLY K 405 -40.62 -0.22 35.14
N HIS K 406 -41.53 0.44 35.85
CA HIS K 406 -42.43 -0.23 36.78
C HIS K 406 -43.84 -0.26 36.19
N VAL K 407 -44.44 -1.45 36.17
CA VAL K 407 -45.85 -1.59 35.82
C VAL K 407 -46.69 -1.13 37.00
N GLY K 408 -48.00 -1.00 36.78
CA GLY K 408 -48.89 -0.54 37.84
C GLY K 408 -48.92 -1.41 39.07
N ALA K 409 -48.57 -2.70 38.92
CA ALA K 409 -48.48 -3.58 40.09
C ALA K 409 -47.32 -3.18 40.99
N ASP K 410 -46.19 -2.81 40.40
CA ASP K 410 -45.04 -2.37 41.19
C ASP K 410 -45.36 -1.08 41.94
N LEU K 411 -46.06 -0.14 41.28
CA LEU K 411 -46.47 1.08 41.96
C LEU K 411 -47.47 0.79 43.06
N ALA K 412 -48.35 -0.20 42.88
CA ALA K 412 -49.22 -0.63 43.96
C ALA K 412 -48.43 -1.23 45.11
N ALA K 413 -47.38 -2.01 44.78
CA ALA K 413 -46.50 -2.54 45.82
C ALA K 413 -45.60 -1.45 46.39
N LEU K 414 -45.17 -0.50 45.56
CA LEU K 414 -44.36 0.61 46.05
C LEU K 414 -45.14 1.46 47.04
N CYS K 415 -46.41 1.73 46.73
CA CYS K 415 -47.27 2.45 47.66
C CYS K 415 -47.64 1.60 48.88
N SER K 416 -47.56 0.28 48.78
CA SER K 416 -47.82 -0.59 49.91
C SER K 416 -46.59 -0.88 50.73
N GLU K 417 -45.41 -0.90 50.12
CA GLU K 417 -44.18 -1.13 50.87
C GLU K 417 -43.77 0.11 51.66
N ALA K 418 -44.03 1.31 51.14
CA ALA K 418 -43.75 2.52 51.91
C ALA K 418 -44.72 2.66 53.07
N ALA K 419 -46.00 2.35 52.85
CA ALA K 419 -46.97 2.36 53.93
C ALA K 419 -46.61 1.34 55.00
N LEU K 420 -46.19 0.14 54.58
CA LEU K 420 -45.77 -0.86 55.54
C LEU K 420 -44.49 -0.46 56.28
N GLN K 421 -43.60 0.25 55.59
CA GLN K 421 -42.40 0.77 56.25
C GLN K 421 -42.78 1.77 57.34
N ALA K 422 -43.71 2.68 57.03
CA ALA K 422 -44.18 3.63 58.04
C ALA K 422 -44.86 2.93 59.20
N ILE K 423 -45.69 1.93 58.90
CA ILE K 423 -46.37 1.18 59.95
C ILE K 423 -45.37 0.46 60.84
N ARG K 424 -44.37 -0.18 60.24
CA ARG K 424 -43.38 -0.93 61.01
C ARG K 424 -42.45 -0.02 61.80
N LYS K 425 -42.22 1.21 61.32
CA LYS K 425 -41.49 2.17 62.13
C LYS K 425 -42.33 2.70 63.27
N LYS K 426 -43.64 2.78 63.10
CA LYS K 426 -44.53 3.14 64.19
C LYS K 426 -44.82 1.99 65.14
N MET K 427 -44.49 0.75 64.75
CA MET K 427 -44.69 -0.38 65.65
C MET K 427 -43.80 -0.27 66.89
N ASP K 428 -42.57 0.20 66.69
CA ASP K 428 -41.67 0.40 67.84
C ASP K 428 -42.16 1.53 68.74
N LEU K 429 -42.78 2.56 68.16
CA LEU K 429 -43.30 3.65 68.96
C LEU K 429 -44.51 3.21 69.79
N ILE K 430 -45.44 2.48 69.17
CA ILE K 430 -46.63 1.99 69.85
C ILE K 430 -46.40 0.50 70.10
N ASP K 431 -45.89 0.19 71.29
CA ASP K 431 -45.57 -1.18 71.64
C ASP K 431 -46.82 -1.92 72.13
N LEU K 432 -46.72 -3.25 72.14
CA LEU K 432 -47.70 -4.18 72.70
C LEU K 432 -49.02 -4.20 71.93
N GLU K 433 -49.15 -3.41 70.86
CA GLU K 433 -50.42 -3.29 70.15
C GLU K 433 -50.82 -4.59 69.46
N ASP K 434 -51.84 -5.27 70.00
CA ASP K 434 -52.50 -6.38 69.31
C ASP K 434 -54.01 -6.17 69.48
N GLU K 435 -54.58 -5.33 68.62
CA GLU K 435 -56.00 -4.99 68.62
C GLU K 435 -56.40 -4.68 67.18
N THR K 436 -57.54 -4.02 67.02
CA THR K 436 -57.89 -3.42 65.74
C THR K 436 -57.05 -2.20 65.41
N ILE K 437 -56.24 -1.73 66.36
CA ILE K 437 -55.32 -0.59 66.22
C ILE K 437 -56.12 0.67 65.87
N ASP K 438 -57.40 0.68 66.24
CA ASP K 438 -58.28 1.85 66.16
C ASP K 438 -58.24 2.42 64.73
N ALA K 439 -58.49 3.72 64.60
CA ALA K 439 -58.32 4.43 63.34
C ALA K 439 -57.70 5.82 63.53
N GLU K 440 -57.33 6.19 64.75
CA GLU K 440 -56.78 7.50 65.04
C GLU K 440 -55.26 7.53 64.85
N VAL K 441 -54.56 6.49 65.27
CA VAL K 441 -53.12 6.41 65.03
C VAL K 441 -52.85 6.29 63.53
N MET K 442 -53.71 5.58 62.80
CA MET K 442 -53.57 5.50 61.35
C MET K 442 -53.79 6.88 60.71
N ASN K 443 -54.71 7.67 61.25
CA ASN K 443 -54.85 9.05 60.80
C ASN K 443 -53.59 9.85 61.11
N SER K 444 -52.99 9.61 62.27
CA SER K 444 -51.74 10.27 62.62
C SER K 444 -50.56 9.77 61.81
N LEU K 445 -50.71 8.64 61.12
CA LEU K 445 -49.63 8.13 60.28
C LEU K 445 -49.40 9.05 59.10
N ALA K 446 -48.14 9.43 58.88
CA ALA K 446 -47.76 10.35 57.81
C ALA K 446 -46.57 9.75 57.07
N VAL K 447 -46.84 9.13 55.92
CA VAL K 447 -45.77 8.55 55.12
C VAL K 447 -44.94 9.67 54.49
N THR K 448 -43.65 9.68 54.76
CA THR K 448 -42.74 10.71 54.31
C THR K 448 -41.87 10.18 53.17
N MET K 449 -40.92 11.01 52.74
CA MET K 449 -40.00 10.62 51.67
C MET K 449 -39.09 9.49 52.09
N ASP K 450 -38.85 9.29 53.39
CA ASP K 450 -38.01 8.19 53.83
C ASP K 450 -38.62 6.84 53.46
N ASP K 451 -39.91 6.66 53.76
CA ASP K 451 -40.58 5.40 53.46
C ASP K 451 -40.63 5.15 51.96
N PHE K 452 -41.00 6.17 51.18
CA PHE K 452 -41.06 6.01 49.74
C PHE K 452 -39.71 5.74 49.11
N ARG K 453 -38.64 6.41 49.57
CA ARG K 453 -37.29 6.13 49.08
C ARG K 453 -36.84 4.72 49.44
N TRP K 454 -37.12 4.27 50.67
CA TRP K 454 -36.76 2.92 51.05
C TRP K 454 -37.50 1.89 50.22
N ALA K 455 -38.80 2.11 49.98
CA ALA K 455 -39.58 1.20 49.16
C ALA K 455 -39.10 1.19 47.71
N LEU K 456 -38.76 2.36 47.18
CA LEU K 456 -38.26 2.45 45.80
C LEU K 456 -36.93 1.72 45.67
N SER K 457 -36.06 1.85 46.68
CA SER K 457 -34.81 1.09 46.67
C SER K 457 -35.09 -0.40 46.77
N GLN K 458 -36.07 -0.80 47.57
CA GLN K 458 -36.39 -2.22 47.70
C GLN K 458 -37.14 -2.74 46.48
N SER K 459 -38.04 -1.94 45.91
CA SER K 459 -38.85 -2.37 44.79
C SER K 459 -37.99 -2.66 43.56
N ASN K 460 -38.37 -3.69 42.81
CA ASN K 460 -37.67 -4.09 41.61
C ASN K 460 -38.58 -3.90 40.40
N PRO K 461 -38.10 -3.28 39.33
CA PRO K 461 -38.92 -3.17 38.10
C PRO K 461 -39.26 -4.53 37.53
N SER K 462 -40.49 -4.68 37.07
CA SER K 462 -40.92 -5.92 36.43
C SER K 462 -40.84 -5.84 34.92
N ALA K 463 -41.14 -4.68 34.34
CA ALA K 463 -41.10 -4.46 32.90
C ALA K 463 -40.18 -3.29 32.62
N LEU K 464 -38.88 -3.56 32.49
CA LEU K 464 -37.90 -2.53 32.20
C LEU K 464 -37.30 -2.64 30.81
N ARG K 465 -37.08 -3.85 30.32
CA ARG K 465 -36.49 -4.04 28.99
C ARG K 465 -37.47 -3.77 27.87
N GLU K 466 -38.78 -3.79 28.14
CA GLU K 466 -39.75 -3.46 27.11
C GLU K 466 -39.66 -1.97 26.76
N THR K 467 -39.83 -1.66 25.48
CA THR K 467 -39.75 -0.28 25.01
C THR K 467 -40.88 0.54 25.63
N VAL K 468 -40.54 1.73 26.12
CA VAL K 468 -41.50 2.59 26.81
C VAL K 468 -42.15 3.50 25.79
N VAL K 469 -43.48 3.56 25.83
CA VAL K 469 -44.28 4.44 24.98
C VAL K 469 -44.76 5.58 25.86
N GLU K 470 -44.28 6.78 25.59
CA GLU K 470 -44.45 7.91 26.50
C GLU K 470 -45.05 9.10 25.80
N VAL K 471 -45.68 9.96 26.60
CA VAL K 471 -46.04 11.31 26.19
C VAL K 471 -45.11 12.25 26.95
N PRO K 472 -44.10 12.83 26.29
CA PRO K 472 -43.04 13.53 27.02
C PRO K 472 -43.55 14.79 27.71
N GLN K 473 -42.88 15.15 28.80
CA GLN K 473 -43.16 16.38 29.52
C GLN K 473 -42.38 17.57 28.96
N VAL K 474 -41.56 17.36 27.95
CA VAL K 474 -40.79 18.44 27.34
C VAL K 474 -41.72 19.27 26.46
N THR K 475 -41.85 20.54 26.76
CA THR K 475 -42.70 21.47 26.02
C THR K 475 -41.84 22.45 25.23
N TRP K 476 -42.51 23.37 24.53
CA TRP K 476 -41.79 24.38 23.78
C TRP K 476 -41.03 25.32 24.70
N GLU K 477 -41.51 25.49 25.94
CA GLU K 477 -40.79 26.32 26.91
C GLU K 477 -39.46 25.71 27.29
N ASP K 478 -39.38 24.37 27.30
CA ASP K 478 -38.11 23.70 27.60
C ASP K 478 -37.13 23.76 26.45
N ILE K 479 -37.56 24.22 25.28
CA ILE K 479 -36.69 24.31 24.10
C ILE K 479 -36.19 25.75 24.01
N GLY K 480 -34.88 25.93 24.14
CA GLY K 480 -34.29 27.25 24.02
C GLY K 480 -33.84 27.56 22.60
N GLY K 481 -34.31 28.69 22.07
CA GLY K 481 -33.96 29.05 20.71
C GLY K 481 -34.66 28.18 19.68
N LEU K 482 -34.05 28.11 18.50
CA LEU K 482 -34.57 27.32 17.38
C LEU K 482 -36.01 27.71 17.03
N GLU K 483 -36.27 29.03 17.04
CA GLU K 483 -37.61 29.52 16.75
C GLU K 483 -38.03 29.20 15.32
N ASP K 484 -37.11 29.36 14.37
CA ASP K 484 -37.41 29.01 12.98
C ASP K 484 -37.67 27.51 12.85
N VAL K 485 -36.87 26.68 13.52
CA VAL K 485 -37.09 25.24 13.48
C VAL K 485 -38.41 24.89 14.15
N LYS K 486 -38.74 25.57 15.25
CA LYS K 486 -40.02 25.34 15.92
C LYS K 486 -41.18 25.68 14.99
N ARG K 487 -41.08 26.81 14.27
CA ARG K 487 -42.13 27.19 13.34
C ARG K 487 -42.27 26.19 12.20
N GLU K 488 -41.13 25.73 11.64
CA GLU K 488 -41.18 24.74 10.58
C GLU K 488 -41.82 23.43 11.07
N LEU K 489 -41.46 23.00 12.28
CA LEU K 489 -42.03 21.78 12.84
C LEU K 489 -43.53 21.93 13.06
N GLN K 490 -43.95 23.02 13.70
CA GLN K 490 -45.36 23.23 13.99
C GLN K 490 -46.19 23.51 12.74
N GLU K 491 -45.56 23.91 11.65
CA GLU K 491 -46.26 24.05 10.37
C GLU K 491 -46.13 22.83 9.48
N LEU K 492 -45.33 21.84 9.88
CA LEU K 492 -45.13 20.65 9.06
C LEU K 492 -45.86 19.43 9.61
N VAL K 493 -46.01 19.29 10.92
CA VAL K 493 -46.70 18.16 11.51
C VAL K 493 -48.02 18.54 12.16
N GLN K 494 -48.13 19.72 12.77
CA GLN K 494 -49.39 20.15 13.36
C GLN K 494 -50.38 20.63 12.31
N TYR K 495 -49.89 21.16 11.19
CA TYR K 495 -50.79 21.61 10.13
C TYR K 495 -51.63 20.48 9.53
N PRO K 496 -51.07 19.34 9.12
CA PRO K 496 -51.92 18.31 8.49
C PRO K 496 -52.92 17.67 9.45
N VAL K 497 -52.60 17.57 10.74
CA VAL K 497 -53.49 16.86 11.65
C VAL K 497 -54.74 17.67 11.99
N GLU K 498 -54.74 18.97 11.72
CA GLU K 498 -55.89 19.81 12.01
C GLU K 498 -56.53 20.42 10.76
N HIS K 499 -55.85 20.39 9.62
CA HIS K 499 -56.41 20.88 8.35
C HIS K 499 -56.18 19.82 7.27
N PRO K 500 -56.94 18.73 7.29
CA PRO K 500 -56.77 17.69 6.28
C PRO K 500 -57.43 18.05 4.97
N ASP K 501 -58.52 18.83 5.03
CA ASP K 501 -59.26 19.19 3.83
C ASP K 501 -58.42 20.04 2.88
N LYS K 502 -57.68 21.01 3.42
CA LYS K 502 -56.87 21.87 2.57
C LYS K 502 -55.68 21.10 1.99
N PHE K 503 -55.14 20.13 2.73
CA PHE K 503 -54.09 19.28 2.18
C PHE K 503 -54.63 18.38 1.08
N LEU K 504 -55.87 17.91 1.22
CA LEU K 504 -56.46 17.04 0.21
C LEU K 504 -56.85 17.82 -1.03
N LYS K 505 -57.24 19.09 -0.88
CA LYS K 505 -57.69 19.88 -2.01
C LYS K 505 -56.57 20.10 -3.02
N PHE K 506 -55.36 20.42 -2.54
CA PHE K 506 -54.25 20.70 -3.42
C PHE K 506 -53.57 19.44 -3.93
N GLY K 507 -53.96 18.26 -3.46
CA GLY K 507 -53.42 17.01 -3.94
C GLY K 507 -51.96 16.81 -3.57
N MET K 508 -51.67 16.72 -2.27
CA MET K 508 -50.31 16.47 -1.81
C MET K 508 -50.37 15.69 -0.52
N THR K 509 -49.68 14.55 -0.48
CA THR K 509 -49.53 13.80 0.76
C THR K 509 -48.58 14.55 1.69
N PRO K 510 -48.99 14.86 2.91
CA PRO K 510 -48.08 15.60 3.81
C PRO K 510 -46.84 14.80 4.13
N SER K 511 -45.73 15.51 4.32
CA SER K 511 -44.45 14.87 4.56
C SER K 511 -44.43 14.22 5.92
N LYS K 512 -44.11 12.93 5.96
CA LYS K 512 -44.02 12.16 7.19
C LYS K 512 -42.57 11.73 7.39
N GLY K 513 -41.96 12.22 8.46
CA GLY K 513 -40.57 11.84 8.74
C GLY K 513 -39.66 13.02 8.50
N VAL K 514 -38.87 13.35 9.52
CA VAL K 514 -37.93 14.46 9.47
C VAL K 514 -36.59 13.99 10.02
N LEU K 515 -35.52 14.23 9.27
CA LEU K 515 -34.17 13.87 9.67
C LEU K 515 -33.50 15.10 10.26
N PHE K 516 -33.44 15.15 11.60
CA PHE K 516 -32.76 16.24 12.28
C PHE K 516 -31.26 16.02 12.23
N TYR K 517 -30.54 16.83 11.47
CA TYR K 517 -29.10 16.76 11.39
C TYR K 517 -28.47 18.02 11.96
N GLY K 518 -27.34 17.85 12.65
CA GLY K 518 -26.67 18.95 13.28
C GLY K 518 -25.63 18.48 14.28
N PRO K 519 -25.04 19.42 15.02
CA PRO K 519 -24.05 19.04 16.02
C PRO K 519 -24.70 18.22 17.11
N PRO K 520 -23.96 17.27 17.69
CA PRO K 520 -24.52 16.45 18.76
C PRO K 520 -24.77 17.27 20.02
N GLY K 521 -25.79 16.86 20.77
CA GLY K 521 -26.16 17.58 21.98
C GLY K 521 -26.67 18.97 21.73
N CYS K 522 -27.50 19.15 20.70
CA CYS K 522 -28.00 20.46 20.33
C CYS K 522 -29.52 20.60 20.44
N GLY K 523 -30.24 19.52 20.72
CA GLY K 523 -31.67 19.63 20.95
C GLY K 523 -32.55 18.94 19.93
N LYS K 524 -32.06 17.84 19.34
CA LYS K 524 -32.88 17.10 18.39
C LYS K 524 -33.89 16.21 19.10
N THR K 525 -33.43 15.43 20.09
CA THR K 525 -34.35 14.64 20.91
C THR K 525 -35.30 15.55 21.68
N LEU K 526 -34.80 16.68 22.17
CA LEU K 526 -35.65 17.64 22.87
C LEU K 526 -36.73 18.18 21.94
N LEU K 527 -36.36 18.50 20.69
CA LEU K 527 -37.35 19.00 19.73
C LEU K 527 -38.38 17.93 19.40
N ALA K 528 -37.94 16.68 19.24
CA ALA K 528 -38.89 15.60 18.97
C ALA K 528 -39.85 15.40 20.13
N LYS K 529 -39.34 15.45 21.36
CA LYS K 529 -40.20 15.31 22.53
C LYS K 529 -41.17 16.48 22.65
N ALA K 530 -40.72 17.69 22.31
CA ALA K 530 -41.61 18.84 22.34
C ALA K 530 -42.70 18.71 21.29
N ILE K 531 -42.36 18.20 20.11
CA ILE K 531 -43.36 17.95 19.07
C ILE K 531 -44.37 16.92 19.54
N ALA K 532 -43.89 15.86 20.20
CA ALA K 532 -44.78 14.84 20.73
C ALA K 532 -45.72 15.41 21.79
N ASN K 533 -45.20 16.27 22.66
CA ASN K 533 -46.02 16.82 23.74
C ASN K 533 -47.02 17.83 23.23
N GLU K 534 -46.64 18.66 22.26
CA GLU K 534 -47.53 19.69 21.75
C GLU K 534 -48.75 19.09 21.09
N CYS K 535 -48.58 18.02 20.31
CA CYS K 535 -49.68 17.34 19.67
C CYS K 535 -50.33 16.29 20.56
N GLN K 536 -49.80 16.09 21.78
CA GLN K 536 -50.33 15.12 22.73
C GLN K 536 -50.36 13.71 22.13
N ALA K 537 -49.26 13.35 21.49
CA ALA K 537 -49.12 12.05 20.86
C ALA K 537 -48.03 11.23 21.54
N ASN K 538 -48.16 9.91 21.44
CA ASN K 538 -47.19 9.02 22.06
C ASN K 538 -45.82 9.16 21.39
N PHE K 539 -44.77 8.94 22.18
CA PHE K 539 -43.40 9.13 21.72
C PHE K 539 -42.62 7.84 21.94
N ILE K 540 -42.03 7.32 20.87
CA ILE K 540 -41.20 6.13 20.92
C ILE K 540 -39.80 6.54 20.48
N SER K 541 -38.84 6.47 21.40
CA SER K 541 -37.47 6.83 21.12
C SER K 541 -36.64 5.57 20.93
N ILE K 542 -36.15 5.37 19.71
CA ILE K 542 -35.25 4.25 19.41
C ILE K 542 -33.83 4.79 19.35
N LYS K 543 -33.11 4.72 20.46
CA LYS K 543 -31.80 5.31 20.55
C LYS K 543 -30.78 4.47 19.78
N GLY K 544 -29.57 5.03 19.62
CA GLY K 544 -28.47 4.34 18.99
C GLY K 544 -28.08 3.03 19.62
N PRO K 545 -28.05 2.91 20.95
CA PRO K 545 -27.81 1.60 21.56
C PRO K 545 -28.76 0.50 21.10
N GLU K 546 -30.06 0.81 20.95
CA GLU K 546 -31.00 -0.20 20.51
C GLU K 546 -30.72 -0.65 19.07
N LEU K 547 -30.47 0.30 18.18
CA LEU K 547 -30.16 -0.03 16.79
C LEU K 547 -28.88 -0.83 16.70
N LEU K 548 -27.86 -0.45 17.47
CA LEU K 548 -26.59 -1.19 17.43
C LEU K 548 -26.75 -2.60 18.00
N THR K 549 -27.57 -2.75 19.05
CA THR K 549 -27.84 -4.07 19.59
C THR K 549 -28.55 -4.94 18.58
N MET K 550 -29.54 -4.37 17.87
CA MET K 550 -30.26 -5.14 16.86
C MET K 550 -29.37 -5.48 15.67
N TRP K 551 -28.41 -4.62 15.35
CA TRP K 551 -27.49 -4.89 14.24
C TRP K 551 -26.46 -5.95 14.61
N PHE K 552 -25.88 -5.87 15.81
CA PHE K 552 -24.80 -6.77 16.20
C PHE K 552 -25.30 -8.20 16.34
N GLY K 553 -26.43 -8.39 17.03
CA GLY K 553 -26.99 -9.71 17.21
C GLY K 553 -27.78 -10.23 16.05
N GLU K 554 -27.76 -9.53 14.91
CA GLU K 554 -28.56 -9.89 13.74
C GLU K 554 -30.04 -9.99 14.11
N SER K 555 -30.50 -9.07 14.95
CA SER K 555 -31.87 -9.03 15.44
C SER K 555 -32.69 -7.96 14.75
N GLU K 556 -32.51 -7.81 13.42
CA GLU K 556 -33.29 -6.85 12.67
C GLU K 556 -34.78 -7.19 12.66
N ALA K 557 -35.13 -8.47 12.88
CA ALA K 557 -36.54 -8.84 12.98
C ALA K 557 -37.23 -8.17 14.16
N ASN K 558 -36.47 -7.71 15.15
CA ASN K 558 -37.06 -6.94 16.24
C ASN K 558 -37.47 -5.55 15.81
N VAL K 559 -36.84 -5.00 14.77
CA VAL K 559 -37.21 -3.68 14.27
C VAL K 559 -38.70 -3.64 13.93
N ARG K 560 -39.17 -4.68 13.23
CA ARG K 560 -40.59 -4.85 12.95
C ARG K 560 -41.43 -4.64 14.20
N GLU K 561 -41.06 -5.32 15.29
CA GLU K 561 -41.80 -5.22 16.54
C GLU K 561 -41.92 -3.77 16.97
N ILE K 562 -40.82 -3.02 16.89
CA ILE K 562 -40.84 -1.61 17.28
C ILE K 562 -41.90 -0.87 16.48
N PHE K 563 -41.89 -1.05 15.16
CA PHE K 563 -42.90 -0.40 14.34
C PHE K 563 -44.29 -0.89 14.70
N ASP K 564 -44.41 -2.20 14.97
CA ASP K 564 -45.69 -2.74 15.42
C ASP K 564 -46.15 -2.05 16.70
N LYS K 565 -45.20 -1.78 17.61
CA LYS K 565 -45.54 -1.02 18.81
C LYS K 565 -46.09 0.35 18.44
N ALA K 566 -45.44 1.02 17.49
CA ALA K 566 -45.93 2.32 17.05
C ALA K 566 -47.26 2.19 16.34
N ARG K 567 -47.55 1.02 15.77
CA ARG K 567 -48.86 0.81 15.17
C ARG K 567 -49.92 0.61 16.24
N GLN K 568 -49.54 0.14 17.41
CA GLN K 568 -50.47 -0.10 18.50
C GLN K 568 -50.50 1.04 19.52
N ALA K 569 -49.73 2.10 19.29
CA ALA K 569 -49.71 3.26 20.17
C ALA K 569 -49.95 4.54 19.37
N ALA K 570 -50.66 4.43 18.25
CA ALA K 570 -50.91 5.59 17.41
C ALA K 570 -51.79 6.60 18.12
N PRO K 571 -51.55 7.90 17.92
CA PRO K 571 -50.51 8.52 17.09
C PRO K 571 -49.12 8.44 17.72
N CYS K 572 -48.08 8.24 16.93
CA CYS K 572 -46.72 8.13 17.45
C CYS K 572 -45.81 9.12 16.75
N VAL K 573 -44.72 9.46 17.44
CA VAL K 573 -43.76 10.46 16.99
C VAL K 573 -42.38 9.81 16.91
N LEU K 574 -42.34 8.56 16.42
CA LEU K 574 -41.16 7.70 16.38
C LEU K 574 -39.87 8.45 16.13
N PHE K 575 -38.87 8.24 16.98
CA PHE K 575 -37.63 8.99 16.95
C PHE K 575 -36.47 8.01 16.93
N PHE K 576 -35.69 8.04 15.84
CA PHE K 576 -34.52 7.17 15.69
C PHE K 576 -33.27 7.98 16.01
N ASP K 577 -32.99 8.09 17.31
CA ASP K 577 -31.79 8.80 17.75
C ASP K 577 -30.54 8.09 17.27
N GLU K 578 -29.57 8.87 16.81
CA GLU K 578 -28.31 8.36 16.26
C GLU K 578 -28.58 7.37 15.12
N LEU K 579 -29.23 7.89 14.07
CA LEU K 579 -29.48 7.07 12.88
C LEU K 579 -28.19 6.69 12.16
N ASP K 580 -27.10 7.40 12.43
CA ASP K 580 -25.79 7.08 11.87
C ASP K 580 -24.94 6.25 12.81
N SER K 581 -25.50 5.78 13.93
CA SER K 581 -24.72 4.98 14.88
C SER K 581 -24.26 3.68 14.25
N ILE K 582 -25.14 3.04 13.47
CA ILE K 582 -24.75 1.82 12.77
C ILE K 582 -23.66 2.12 11.74
N ALA K 583 -23.75 3.26 11.06
CA ALA K 583 -22.69 3.64 10.12
C ALA K 583 -21.41 4.01 10.85
N LYS K 584 -21.51 4.63 12.03
CA LYS K 584 -20.32 4.96 12.80
C LYS K 584 -19.62 3.70 13.29
N ALA K 585 -20.39 2.68 13.69
CA ALA K 585 -19.80 1.44 14.19
C ALA K 585 -19.11 0.64 13.09
N ARG K 586 -19.37 0.95 11.82
CA ARG K 586 -18.73 0.28 10.70
C ARG K 586 -17.53 1.04 10.17
N GLY K 587 -17.14 2.14 10.79
CA GLY K 587 -16.00 2.91 10.34
C GLY K 587 -16.34 4.35 10.02
N GLY K 588 -17.52 4.57 9.46
CA GLY K 588 -17.97 5.90 9.10
C GLY K 588 -17.53 6.31 7.72
N GLY K 594 -18.62 -1.46 2.35
CA GLY K 594 -19.04 -0.08 2.27
C GLY K 594 -20.42 0.11 1.65
N GLY K 595 -20.68 1.32 1.16
CA GLY K 595 -21.95 1.62 0.52
C GLY K 595 -23.11 1.84 1.47
N ALA K 596 -22.85 1.90 2.77
CA ALA K 596 -23.88 2.10 3.82
C ALA K 596 -24.91 0.98 3.68
N ALA K 597 -26.19 1.26 3.92
CA ALA K 597 -27.29 0.32 3.75
C ALA K 597 -27.07 -0.95 4.59
N ASP K 598 -27.10 -0.74 5.91
CA ASP K 598 -26.88 -1.82 6.87
C ASP K 598 -28.17 -2.61 7.06
N ARG K 599 -28.08 -3.69 7.85
CA ARG K 599 -29.21 -4.59 8.04
C ARG K 599 -30.36 -3.89 8.75
N VAL K 600 -30.08 -3.28 9.89
CA VAL K 600 -31.13 -2.64 10.67
C VAL K 600 -31.66 -1.40 9.95
N ILE K 601 -30.78 -0.66 9.28
CA ILE K 601 -31.21 0.50 8.50
C ILE K 601 -32.07 0.05 7.32
N ASN K 602 -31.74 -1.09 6.70
CA ASN K 602 -32.56 -1.58 5.60
C ASN K 602 -33.94 -2.02 6.07
N GLN K 603 -34.00 -2.70 7.21
CA GLN K 603 -35.31 -3.05 7.78
C GLN K 603 -36.08 -1.80 8.19
N ILE K 604 -35.39 -0.77 8.67
CA ILE K 604 -36.03 0.50 8.97
C ILE K 604 -36.61 1.12 7.71
N LEU K 605 -35.87 1.04 6.60
CA LEU K 605 -36.38 1.53 5.32
C LEU K 605 -37.62 0.77 4.88
N THR K 606 -37.61 -0.55 5.02
CA THR K 606 -38.78 -1.35 4.67
C THR K 606 -39.99 -0.98 5.52
N GLU K 607 -39.78 -0.80 6.82
CA GLU K 607 -40.88 -0.45 7.70
C GLU K 607 -41.34 0.99 7.47
N MET K 608 -40.45 1.88 7.06
CA MET K 608 -40.85 3.23 6.67
C MET K 608 -41.72 3.20 5.43
N ASP K 609 -41.37 2.36 4.45
CA ASP K 609 -42.20 2.19 3.27
C ASP K 609 -43.57 1.62 3.65
N GLY K 610 -43.59 0.70 4.62
CA GLY K 610 -44.85 0.16 5.09
C GLY K 610 -45.71 1.19 5.80
N MET K 611 -45.08 2.03 6.63
CA MET K 611 -45.79 2.99 7.46
C MET K 611 -46.04 4.33 6.78
N SER K 612 -45.55 4.51 5.55
CA SER K 612 -45.84 5.74 4.82
C SER K 612 -47.33 5.91 4.56
N THR K 613 -48.08 4.81 4.53
CA THR K 613 -49.53 4.86 4.33
C THR K 613 -50.29 4.96 5.65
N LYS K 614 -49.60 4.94 6.79
CA LYS K 614 -50.29 5.09 8.07
C LYS K 614 -50.88 6.48 8.23
N LYS K 615 -50.07 7.52 7.99
CA LYS K 615 -50.49 8.92 8.15
C LYS K 615 -51.06 9.19 9.54
N ASN K 616 -50.59 8.42 10.52
CA ASN K 616 -50.90 8.66 11.93
C ASN K 616 -49.68 8.63 12.82
N VAL K 617 -48.52 8.21 12.30
CA VAL K 617 -47.29 8.13 13.06
C VAL K 617 -46.22 8.93 12.34
N PHE K 618 -45.43 9.69 13.09
CA PHE K 618 -44.33 10.45 12.52
C PHE K 618 -43.02 9.75 12.86
N ILE K 619 -42.08 9.80 11.93
CA ILE K 619 -40.96 8.86 11.93
C ILE K 619 -39.68 9.69 12.03
N ILE K 620 -39.74 10.78 12.82
CA ILE K 620 -38.61 11.70 13.03
C ILE K 620 -37.29 10.95 13.24
N GLY K 621 -36.23 11.40 12.59
CA GLY K 621 -34.92 10.81 12.79
C GLY K 621 -33.92 11.79 13.36
N ALA K 622 -32.67 11.35 13.52
CA ALA K 622 -31.64 12.22 14.06
C ALA K 622 -30.27 11.68 13.65
N THR K 623 -29.39 12.59 13.23
CA THR K 623 -28.04 12.23 12.80
C THR K 623 -27.07 13.29 13.27
N ASN K 624 -26.14 12.91 14.14
CA ASN K 624 -25.06 13.80 14.52
C ASN K 624 -23.90 13.76 13.53
N ARG K 625 -23.98 12.89 12.52
CA ARG K 625 -23.02 12.85 11.42
C ARG K 625 -23.77 12.49 10.16
N PRO K 626 -24.50 13.44 9.58
CA PRO K 626 -25.40 13.11 8.45
C PRO K 626 -24.68 12.76 7.16
N ASP K 627 -23.39 13.06 7.05
CA ASP K 627 -22.67 12.74 5.81
C ASP K 627 -22.59 11.23 5.59
N ILE K 628 -22.29 10.48 6.64
CA ILE K 628 -22.22 9.01 6.52
C ILE K 628 -23.61 8.50 6.93
N ILE K 629 -24.51 8.46 5.95
CA ILE K 629 -25.85 7.93 6.14
C ILE K 629 -26.28 7.28 4.85
N ASP K 630 -27.26 6.38 4.95
CA ASP K 630 -27.79 5.71 3.77
C ASP K 630 -28.59 6.69 2.94
N PRO K 631 -28.24 6.91 1.67
CA PRO K 631 -29.03 7.83 0.84
C PRO K 631 -30.46 7.36 0.62
N ALA K 632 -30.75 6.07 0.83
CA ALA K 632 -32.12 5.59 0.71
C ALA K 632 -33.03 6.20 1.76
N ILE K 633 -32.47 6.61 2.90
CA ILE K 633 -33.25 7.25 3.95
C ILE K 633 -33.77 8.62 3.52
N LEU K 634 -33.21 9.20 2.46
CA LEU K 634 -33.63 10.50 1.92
C LEU K 634 -34.42 10.23 0.64
N ARG K 635 -35.73 10.01 0.80
CA ARG K 635 -36.59 9.65 -0.33
C ARG K 635 -38.04 9.90 0.04
N PRO K 636 -38.89 10.27 -0.91
CA PRO K 636 -40.31 10.45 -0.60
C PRO K 636 -40.92 9.17 -0.03
N GLY K 637 -41.80 9.36 0.96
CA GLY K 637 -42.33 8.25 1.76
C GLY K 637 -41.46 8.00 2.97
N ARG K 638 -40.14 8.02 2.78
CA ARG K 638 -39.17 7.96 3.86
C ARG K 638 -38.83 9.39 4.29
N LEU K 639 -37.76 9.57 5.06
CA LEU K 639 -37.42 10.88 5.60
C LEU K 639 -36.98 11.83 4.49
N ASP K 640 -37.95 12.53 3.89
CA ASP K 640 -37.68 13.46 2.80
C ASP K 640 -37.30 14.85 3.31
N GLN K 641 -38.12 15.42 4.19
CA GLN K 641 -37.83 16.74 4.75
C GLN K 641 -36.60 16.68 5.66
N LEU K 642 -35.72 17.64 5.51
CA LEU K 642 -34.50 17.73 6.32
C LEU K 642 -34.48 19.07 7.03
N ILE K 643 -34.38 19.05 8.35
CA ILE K 643 -34.32 20.25 9.17
C ILE K 643 -32.97 20.28 9.86
N TYR K 644 -32.22 21.36 9.67
CA TYR K 644 -30.91 21.52 10.26
C TYR K 644 -31.03 22.17 11.62
N ILE K 645 -30.43 21.54 12.64
CA ILE K 645 -30.45 22.08 14.00
C ILE K 645 -29.11 22.74 14.26
N PRO K 646 -28.98 24.05 14.06
CA PRO K 646 -27.67 24.70 14.16
C PRO K 646 -27.28 24.92 15.62
N LEU K 647 -26.00 25.24 15.80
CA LEU K 647 -25.50 25.62 17.11
C LEU K 647 -26.21 26.90 17.56
N PRO K 648 -26.58 27.01 18.83
CA PRO K 648 -27.31 28.20 19.29
C PRO K 648 -26.47 29.46 19.13
N ASP K 649 -27.12 30.55 18.75
CA ASP K 649 -26.45 31.83 18.59
C ASP K 649 -26.47 32.56 19.93
N GLU K 650 -26.13 33.86 19.91
CA GLU K 650 -26.09 34.62 21.15
C GLU K 650 -27.46 34.71 21.80
N LYS K 651 -28.50 34.91 21.00
CA LYS K 651 -29.85 35.03 21.55
C LYS K 651 -30.40 33.68 21.98
N SER K 652 -30.09 32.61 21.23
CA SER K 652 -30.62 31.29 21.56
C SER K 652 -29.99 30.73 22.82
N ARG K 653 -28.72 31.07 23.09
CA ARG K 653 -28.06 30.54 24.28
C ARG K 653 -28.66 31.10 25.56
N VAL K 654 -29.19 32.33 25.53
CA VAL K 654 -29.89 32.86 26.69
C VAL K 654 -31.10 32.01 27.02
N ALA K 655 -31.89 31.67 25.99
CA ALA K 655 -33.07 30.85 26.21
C ALA K 655 -32.69 29.44 26.65
N ILE K 656 -31.59 28.90 26.10
CA ILE K 656 -31.13 27.57 26.48
C ILE K 656 -30.73 27.55 27.95
N LEU K 657 -29.98 28.57 28.39
CA LEU K 657 -29.56 28.63 29.78
C LEU K 657 -30.74 28.87 30.71
N LYS K 658 -31.71 29.69 30.28
CA LYS K 658 -32.88 29.93 31.12
C LYS K 658 -33.74 28.69 31.26
N ALA K 659 -33.89 27.92 30.17
CA ALA K 659 -34.69 26.70 30.23
C ALA K 659 -34.00 25.62 31.06
N ASN K 660 -32.67 25.59 31.05
CA ASN K 660 -31.91 24.63 31.84
C ASN K 660 -31.73 25.06 33.28
N LEU K 661 -32.19 26.26 33.64
CA LEU K 661 -32.06 26.77 35.00
C LEU K 661 -33.39 27.20 35.60
N ARG K 662 -34.51 26.85 34.96
CA ARG K 662 -35.82 27.20 35.53
C ARG K 662 -36.06 26.45 36.84
N LYS K 663 -35.73 25.17 36.89
CA LYS K 663 -35.89 24.40 38.12
C LYS K 663 -34.86 24.81 39.17
N SER K 664 -33.65 25.14 38.72
CA SER K 664 -32.60 25.50 39.67
C SER K 664 -32.85 26.89 40.24
N PRO K 665 -32.63 27.07 41.54
CA PRO K 665 -32.80 28.40 42.15
C PRO K 665 -31.59 29.29 41.90
N VAL K 666 -31.56 29.95 40.75
CA VAL K 666 -30.43 30.81 40.38
C VAL K 666 -30.68 32.21 40.90
N ALA K 667 -29.67 32.79 41.53
CA ALA K 667 -29.77 34.15 42.03
C ALA K 667 -29.83 35.14 40.88
N LYS K 668 -30.54 36.25 41.11
CA LYS K 668 -30.75 37.25 40.06
C LYS K 668 -29.47 38.01 39.72
N ASP K 669 -28.48 38.02 40.60
CA ASP K 669 -27.26 38.77 40.34
C ASP K 669 -26.39 38.16 39.25
N VAL K 670 -26.66 36.91 38.84
CA VAL K 670 -25.90 36.30 37.76
C VAL K 670 -26.26 36.96 36.44
N ASP K 671 -25.40 36.74 35.43
CA ASP K 671 -25.55 37.35 34.11
C ASP K 671 -25.57 36.24 33.07
N LEU K 672 -26.76 35.69 32.81
CA LEU K 672 -26.87 34.62 31.83
C LEU K 672 -26.73 35.13 30.41
N GLU K 673 -27.23 36.33 30.12
CA GLU K 673 -27.10 36.90 28.79
C GLU K 673 -25.66 37.27 28.46
N PHE K 674 -24.79 37.37 29.46
CA PHE K 674 -23.36 37.53 29.23
C PHE K 674 -22.65 36.19 29.06
N LEU K 675 -23.10 35.18 29.81
CA LEU K 675 -22.60 33.81 29.60
C LEU K 675 -22.92 33.33 28.20
N ALA K 676 -24.06 33.76 27.65
CA ALA K 676 -24.37 33.45 26.25
C ALA K 676 -23.38 34.13 25.31
N LYS K 677 -23.00 35.37 25.62
CA LYS K 677 -22.03 36.07 24.77
C LYS K 677 -20.67 35.39 24.82
N MET K 678 -20.22 34.98 26.00
CA MET K 678 -18.88 34.42 26.13
C MET K 678 -18.75 33.08 25.41
N THR K 679 -19.71 32.18 25.63
CA THR K 679 -19.69 30.89 24.97
C THR K 679 -20.13 31.05 23.52
N ASN K 680 -19.27 30.70 22.58
CA ASN K 680 -19.52 30.92 21.16
C ASN K 680 -19.98 29.64 20.45
N GLY K 681 -19.15 28.60 20.50
CA GLY K 681 -19.47 27.35 19.81
C GLY K 681 -20.11 26.33 20.71
N PHE K 682 -20.70 26.77 21.81
CA PHE K 682 -21.26 25.86 22.79
C PHE K 682 -22.64 25.38 22.34
N SER K 683 -22.84 24.07 22.36
CA SER K 683 -24.14 23.50 22.04
C SER K 683 -25.07 23.58 23.25
N GLY K 684 -26.28 23.05 23.10
CA GLY K 684 -27.18 22.97 24.23
C GLY K 684 -26.66 22.04 25.31
N ALA K 685 -26.02 20.94 24.91
CA ALA K 685 -25.44 20.02 25.87
C ALA K 685 -24.30 20.68 26.65
N ASP K 686 -23.48 21.49 25.99
CA ASP K 686 -22.39 22.16 26.67
C ASP K 686 -22.89 23.15 27.72
N LEU K 687 -23.91 23.94 27.37
CA LEU K 687 -24.48 24.86 28.34
C LEU K 687 -25.19 24.12 29.46
N THR K 688 -25.82 22.99 29.14
CA THR K 688 -26.44 22.17 30.19
C THR K 688 -25.39 21.61 31.14
N GLU K 689 -24.25 21.18 30.60
CA GLU K 689 -23.15 20.74 31.48
C GLU K 689 -22.63 21.89 32.32
N ILE K 690 -22.57 23.10 31.75
CA ILE K 690 -22.11 24.25 32.51
C ILE K 690 -23.04 24.54 33.68
N CYS K 691 -24.35 24.56 33.42
CA CYS K 691 -25.30 24.85 34.50
C CYS K 691 -25.37 23.70 35.50
N GLN K 692 -25.22 22.46 35.04
CA GLN K 692 -25.20 21.33 35.97
C GLN K 692 -23.96 21.36 36.84
N ARG K 693 -22.82 21.77 36.30
CA ARG K 693 -21.61 21.90 37.11
C ARG K 693 -21.73 23.06 38.10
N ALA K 694 -22.39 24.16 37.70
CA ALA K 694 -22.65 25.23 38.65
C ALA K 694 -23.54 24.75 39.78
N CYS K 695 -24.58 23.97 39.44
CA CYS K 695 -25.44 23.38 40.47
C CYS K 695 -24.65 22.44 41.37
N LYS K 696 -23.75 21.65 40.78
CA LYS K 696 -22.93 20.72 41.56
C LYS K 696 -22.04 21.48 42.54
N LEU K 697 -21.41 22.57 42.10
CA LEU K 697 -20.60 23.36 43.00
C LEU K 697 -21.44 24.01 44.08
N ALA K 698 -22.65 24.48 43.74
CA ALA K 698 -23.52 25.07 44.74
C ALA K 698 -23.91 24.04 45.80
N ILE K 699 -24.27 22.83 45.38
CA ILE K 699 -24.63 21.78 46.32
C ILE K 699 -23.42 21.37 47.16
N ARG K 700 -22.23 21.32 46.54
CA ARG K 700 -21.03 20.97 47.27
C ARG K 700 -20.72 22.01 48.36
N GLU K 701 -20.84 23.29 48.02
CA GLU K 701 -20.62 24.34 49.00
C GLU K 701 -21.66 24.28 50.12
N SER K 702 -22.92 24.04 49.77
CA SER K 702 -23.96 23.94 50.78
C SER K 702 -23.72 22.76 51.72
N ILE K 703 -23.34 21.61 51.17
CA ILE K 703 -23.08 20.44 51.99
C ILE K 703 -21.86 20.66 52.86
N GLU K 704 -20.81 21.28 52.31
CA GLU K 704 -19.62 21.58 53.12
C GLU K 704 -19.96 22.51 54.27
N SER K 705 -20.75 23.55 54.00
CA SER K 705 -21.15 24.47 55.06
C SER K 705 -22.00 23.77 56.12
N GLU K 706 -22.92 22.92 55.69
CA GLU K 706 -23.79 22.22 56.64
C GLU K 706 -23.00 21.27 57.52
N ILE K 707 -22.10 20.47 56.92
CA ILE K 707 -21.33 19.53 57.72
C ILE K 707 -20.31 20.25 58.60
N ARG K 708 -19.80 21.40 58.15
CA ARG K 708 -18.92 22.19 58.99
C ARG K 708 -19.67 22.77 60.19
N ARG K 709 -20.89 23.24 59.96
CA ARG K 709 -21.70 23.76 61.06
C ARG K 709 -22.06 22.63 62.04
N GLU K 710 -22.38 21.45 61.52
CA GLU K 710 -22.67 20.31 62.39
C GLU K 710 -21.44 19.91 63.20
N ARG K 711 -20.26 19.97 62.60
CA ARG K 711 -19.02 19.69 63.32
C ARG K 711 -18.56 20.88 64.16
N GLU K 712 -19.20 22.04 64.03
CA GLU K 712 -18.89 23.20 64.85
C GLU K 712 -19.96 23.51 65.89
N ARG K 713 -21.22 23.15 65.63
CA ARG K 713 -22.30 23.40 66.56
C ARG K 713 -22.94 22.09 67.02
N PRO K 727 -27.42 28.45 55.38
CA PRO K 727 -26.23 28.63 54.54
C PRO K 727 -26.52 29.39 53.25
N VAL K 728 -26.23 28.77 52.11
CA VAL K 728 -26.45 29.40 50.81
C VAL K 728 -27.85 29.01 50.31
N PRO K 729 -28.68 29.97 49.90
CA PRO K 729 -30.03 29.62 49.44
C PRO K 729 -30.18 29.51 47.93
N GLU K 730 -29.17 29.88 47.15
CA GLU K 730 -29.30 29.92 45.70
C GLU K 730 -27.92 29.80 45.07
N ILE K 731 -27.91 29.50 43.77
CA ILE K 731 -26.66 29.38 43.04
C ILE K 731 -26.04 30.77 42.94
N ARG K 732 -24.97 31.01 43.68
CA ARG K 732 -24.34 32.32 43.70
C ARG K 732 -23.53 32.54 42.42
N ARG K 733 -22.96 33.74 42.31
CA ARG K 733 -22.14 34.08 41.14
C ARG K 733 -20.88 33.22 41.10
N ASP K 734 -20.22 33.03 42.25
CA ASP K 734 -18.95 32.33 42.29
C ASP K 734 -19.08 30.88 41.83
N HIS K 735 -20.25 30.27 42.03
CA HIS K 735 -20.47 28.90 41.55
C HIS K 735 -20.37 28.85 40.03
N PHE K 736 -21.04 29.77 39.33
CA PHE K 736 -20.91 29.83 37.88
C PHE K 736 -19.50 30.22 37.47
N GLU K 737 -18.85 31.10 38.25
CA GLU K 737 -17.47 31.49 37.96
C GLU K 737 -16.56 30.27 37.95
N GLU K 738 -16.71 29.40 38.95
CA GLU K 738 -15.88 28.21 39.02
C GLU K 738 -16.29 27.16 37.99
N ALA K 739 -17.59 27.06 37.69
CA ALA K 739 -18.06 26.09 36.71
C ALA K 739 -17.56 26.42 35.31
N MET K 740 -17.48 27.70 34.97
CA MET K 740 -17.03 28.09 33.64
C MET K 740 -15.56 27.82 33.39
N ARG K 741 -14.79 27.49 34.44
CA ARG K 741 -13.39 27.14 34.25
C ARG K 741 -13.22 25.81 33.53
N PHE K 742 -14.22 24.94 33.57
CA PHE K 742 -14.22 23.66 32.87
C PHE K 742 -15.20 23.68 31.71
N ALA K 743 -15.25 24.80 30.99
CA ALA K 743 -16.25 25.00 29.94
C ALA K 743 -15.94 24.11 28.74
N ARG K 744 -16.82 23.13 28.50
CA ARG K 744 -16.64 22.17 27.42
C ARG K 744 -17.20 22.71 26.11
N ARG K 745 -16.47 22.54 25.03
CA ARG K 745 -16.95 22.81 23.67
C ARG K 745 -16.77 21.52 22.87
N SER K 746 -17.82 20.69 22.88
CA SER K 746 -17.72 19.37 22.27
C SER K 746 -17.52 19.46 20.76
N VAL K 747 -18.26 20.33 20.10
CA VAL K 747 -18.19 20.51 18.64
C VAL K 747 -17.66 21.90 18.34
N SER K 748 -16.62 21.98 17.52
CA SER K 748 -16.01 23.25 17.18
C SER K 748 -15.24 23.12 15.88
N ASP K 749 -15.13 24.25 15.17
CA ASP K 749 -14.28 24.40 13.98
C ASP K 749 -14.78 23.46 12.89
N ASN K 750 -13.95 22.58 12.32
CA ASN K 750 -14.27 21.87 11.09
C ASN K 750 -15.51 21.00 11.23
N ASP K 751 -15.81 20.50 12.44
CA ASP K 751 -17.02 19.71 12.63
C ASP K 751 -18.26 20.52 12.28
N ILE K 752 -18.33 21.77 12.75
CA ILE K 752 -19.45 22.64 12.39
C ILE K 752 -19.47 22.87 10.90
N ARG K 753 -18.31 22.83 10.24
CA ARG K 753 -18.27 22.93 8.79
C ARG K 753 -18.98 21.77 8.12
N LYS K 754 -18.77 20.55 8.64
CA LYS K 754 -19.26 19.36 7.96
C LYS K 754 -20.78 19.42 7.76
N TYR K 755 -21.52 19.71 8.83
CA TYR K 755 -22.97 19.86 8.73
C TYR K 755 -23.32 20.93 7.71
N GLU K 756 -22.63 22.08 7.77
CA GLU K 756 -22.85 23.12 6.78
C GLU K 756 -22.58 22.59 5.37
N MET K 757 -21.51 21.82 5.21
CA MET K 757 -21.27 21.14 3.95
C MET K 757 -22.47 20.27 3.59
N PHE K 758 -22.90 19.41 4.53
CA PHE K 758 -24.07 18.58 4.29
C PHE K 758 -25.31 19.46 4.11
N ALA K 759 -25.31 20.66 4.68
CA ALA K 759 -26.37 21.60 4.38
C ALA K 759 -26.35 21.98 2.90
N GLN K 760 -25.18 22.43 2.42
CA GLN K 760 -25.09 22.91 1.04
C GLN K 760 -25.43 21.79 0.06
N THR K 761 -24.78 20.63 0.22
CA THR K 761 -25.07 19.48 -0.63
C THR K 761 -26.52 19.05 -0.55
N LEU K 762 -27.24 19.42 0.51
CA LEU K 762 -28.66 19.14 0.62
C LEU K 762 -29.54 20.37 0.46
N GLN K 763 -28.96 21.58 0.43
CA GLN K 763 -29.80 22.74 0.15
C GLN K 763 -30.11 22.82 -1.35
N GLN K 764 -29.15 22.42 -2.19
CA GLN K 764 -29.35 22.25 -3.63
C GLN K 764 -29.97 23.49 -4.27
N SER K 765 -29.38 24.65 -3.98
CA SER K 765 -29.78 25.86 -4.69
C SER K 765 -29.48 25.74 -6.18
N ARG K 766 -28.29 25.21 -6.50
CA ARG K 766 -27.90 24.83 -7.86
C ARG K 766 -27.98 25.98 -8.85
N GLY K 767 -27.89 27.22 -8.37
CA GLY K 767 -27.98 28.37 -9.24
C GLY K 767 -29.38 28.77 -9.62
N PHE K 768 -30.41 28.09 -9.10
CA PHE K 768 -31.80 28.39 -9.42
C PHE K 768 -32.39 29.45 -8.49
N GLY K 769 -31.61 29.99 -7.57
CA GLY K 769 -32.11 31.05 -6.70
C GLY K 769 -32.39 32.32 -7.49
N SER K 770 -33.37 33.09 -6.99
CA SER K 770 -33.79 34.35 -7.61
C SER K 770 -34.19 34.13 -9.07
N PHE K 771 -34.89 33.03 -9.33
CA PHE K 771 -35.39 32.72 -10.66
C PHE K 771 -36.82 33.26 -10.78
N ARG K 772 -37.07 34.04 -11.83
CA ARG K 772 -38.35 34.71 -12.01
C ARG K 772 -39.00 34.29 -13.32
N PHE K 773 -40.32 34.09 -13.27
CA PHE K 773 -41.07 33.78 -14.47
C PHE K 773 -41.25 35.04 -15.32
N PRO K 774 -41.43 34.88 -16.64
CA PRO K 774 -41.81 36.02 -17.46
C PRO K 774 -43.29 36.37 -17.30
N SER K 775 -43.61 37.63 -17.53
CA SER K 775 -44.98 38.11 -17.41
C SER K 775 -45.79 37.76 -18.65
N ARG L 22 -87.50 -19.38 -29.00
CA ARG L 22 -87.27 -18.14 -29.72
C ARG L 22 -85.81 -17.70 -29.58
N PRO L 23 -85.30 -16.99 -30.59
CA PRO L 23 -83.92 -16.46 -30.48
C PRO L 23 -83.76 -15.41 -29.38
N ASN L 24 -84.85 -14.85 -28.86
CA ASN L 24 -84.77 -13.84 -27.81
C ASN L 24 -84.64 -14.48 -26.43
N ARG L 25 -83.69 -15.39 -26.28
CA ARG L 25 -83.39 -16.01 -25.01
C ARG L 25 -81.88 -16.00 -24.82
N LEU L 26 -81.44 -15.60 -23.62
CA LEU L 26 -80.01 -15.35 -23.42
C LEU L 26 -79.47 -16.05 -22.18
N ILE L 27 -78.22 -15.77 -21.82
CA ILE L 27 -77.58 -16.34 -20.65
C ILE L 27 -77.26 -15.23 -19.66
N VAL L 28 -77.54 -15.50 -18.38
CA VAL L 28 -77.43 -14.50 -17.33
C VAL L 28 -75.97 -14.31 -16.93
N ASP L 29 -75.62 -13.07 -16.60
CA ASP L 29 -74.30 -12.72 -16.13
C ASP L 29 -74.43 -11.78 -14.95
N GLU L 30 -73.39 -11.74 -14.11
CA GLU L 30 -73.39 -10.82 -12.98
C GLU L 30 -73.33 -9.37 -13.47
N ALA L 31 -74.22 -8.55 -12.94
CA ALA L 31 -74.34 -7.17 -13.40
C ALA L 31 -73.25 -6.30 -12.79
N ILE L 32 -72.69 -5.41 -13.61
CA ILE L 32 -71.65 -4.49 -13.14
C ILE L 32 -72.23 -3.29 -12.42
N ASN L 33 -73.53 -3.05 -12.52
CA ASN L 33 -74.19 -1.95 -11.84
C ASN L 33 -74.84 -2.42 -10.55
N GLU L 34 -75.31 -1.45 -9.77
CA GLU L 34 -75.95 -1.72 -8.48
C GLU L 34 -77.44 -1.45 -8.47
N ASP L 35 -77.99 -0.88 -9.54
CA ASP L 35 -79.41 -0.55 -9.56
C ASP L 35 -80.26 -1.83 -9.63
N ASN L 36 -81.35 -1.84 -8.87
CA ASN L 36 -82.25 -2.98 -8.85
C ASN L 36 -83.29 -2.86 -9.96
N SER L 37 -83.76 -4.02 -10.42
CA SER L 37 -84.74 -4.11 -11.51
C SER L 37 -84.25 -3.39 -12.76
N VAL L 38 -82.96 -3.53 -13.03
CA VAL L 38 -82.32 -2.91 -14.20
C VAL L 38 -81.54 -4.00 -14.93
N VAL L 39 -81.79 -4.13 -16.23
CA VAL L 39 -81.13 -5.12 -17.07
C VAL L 39 -80.14 -4.40 -17.98
N SER L 40 -78.89 -4.86 -17.98
CA SER L 40 -77.85 -4.29 -18.83
C SER L 40 -77.59 -5.24 -19.99
N LEU L 41 -77.78 -4.76 -21.21
CA LEU L 41 -77.66 -5.59 -22.40
C LEU L 41 -76.85 -4.86 -23.47
N SER L 42 -76.27 -5.64 -24.38
CA SER L 42 -75.48 -5.07 -25.46
C SER L 42 -76.38 -4.39 -26.49
N GLN L 43 -75.87 -3.32 -27.09
CA GLN L 43 -76.67 -2.55 -28.05
C GLN L 43 -77.10 -3.35 -29.28
N PRO L 44 -76.23 -4.11 -29.96
CA PRO L 44 -76.74 -4.93 -31.08
C PRO L 44 -77.81 -5.92 -30.65
N LYS L 45 -77.65 -6.54 -29.49
CA LYS L 45 -78.70 -7.41 -28.97
C LYS L 45 -79.93 -6.61 -28.58
N MET L 46 -79.74 -5.37 -28.10
CA MET L 46 -80.88 -4.53 -27.73
C MET L 46 -81.74 -4.22 -28.94
N ASP L 47 -81.12 -3.82 -30.06
CA ASP L 47 -81.91 -3.55 -31.25
C ASP L 47 -82.42 -4.84 -31.89
N GLU L 48 -81.69 -5.94 -31.73
CA GLU L 48 -82.22 -7.23 -32.17
C GLU L 48 -83.40 -7.66 -31.31
N LEU L 49 -83.45 -7.22 -30.05
CA LEU L 49 -84.55 -7.51 -29.14
C LEU L 49 -85.62 -6.44 -29.17
N GLN L 50 -85.50 -5.46 -30.07
CA GLN L 50 -86.42 -4.33 -30.17
C GLN L 50 -86.49 -3.56 -28.85
N LEU L 51 -85.33 -3.03 -28.45
CA LEU L 51 -85.20 -2.28 -27.20
C LEU L 51 -84.65 -0.90 -27.52
N PHE L 52 -85.26 0.13 -26.94
CA PHE L 52 -84.80 1.50 -27.11
C PHE L 52 -83.76 1.83 -26.04
N ARG L 53 -83.45 3.12 -25.88
CA ARG L 53 -82.46 3.53 -24.89
C ARG L 53 -82.92 3.20 -23.48
N GLY L 54 -84.20 3.44 -23.18
CA GLY L 54 -84.72 3.15 -21.86
C GLY L 54 -85.96 2.30 -21.89
N ASP L 55 -86.06 1.41 -22.87
CA ASP L 55 -87.22 0.54 -22.98
C ASP L 55 -87.27 -0.47 -21.84
N THR L 56 -88.47 -0.81 -21.42
CA THR L 56 -88.65 -1.81 -20.37
C THR L 56 -88.59 -3.21 -20.98
N VAL L 57 -87.76 -4.07 -20.41
CA VAL L 57 -87.55 -5.42 -20.90
C VAL L 57 -88.16 -6.40 -19.91
N LEU L 58 -88.99 -7.32 -20.41
CA LEU L 58 -89.66 -8.31 -19.59
C LEU L 58 -88.97 -9.66 -19.72
N LEU L 59 -88.86 -10.36 -18.61
CA LEU L 59 -88.11 -11.62 -18.55
C LEU L 59 -88.98 -12.72 -17.98
N LYS L 60 -88.69 -13.95 -18.41
CA LYS L 60 -89.37 -15.14 -17.91
C LYS L 60 -88.32 -16.11 -17.40
N GLY L 61 -88.43 -16.49 -16.12
CA GLY L 61 -87.45 -17.35 -15.48
C GLY L 61 -87.80 -18.81 -15.62
N LYS L 62 -87.01 -19.64 -14.91
CA LYS L 62 -87.22 -21.08 -14.94
C LYS L 62 -88.50 -21.49 -14.21
N LYS L 63 -89.01 -20.67 -13.31
CA LYS L 63 -90.22 -20.96 -12.55
C LYS L 63 -91.29 -19.93 -12.91
N ARG L 64 -92.42 -20.00 -12.21
CA ARG L 64 -93.58 -19.17 -12.50
C ARG L 64 -93.41 -17.81 -11.83
N ARG L 65 -92.57 -16.98 -12.44
CA ARG L 65 -92.36 -15.61 -11.98
C ARG L 65 -91.76 -14.79 -13.11
N GLU L 66 -92.17 -13.53 -13.19
CA GLU L 66 -91.66 -12.60 -14.20
C GLU L 66 -91.34 -11.28 -13.52
N ALA L 67 -90.46 -10.50 -14.15
CA ALA L 67 -90.06 -9.20 -13.62
C ALA L 67 -89.66 -8.29 -14.77
N VAL L 68 -90.44 -7.22 -14.96
CA VAL L 68 -90.11 -6.21 -15.96
C VAL L 68 -89.01 -5.31 -15.41
N CYS L 69 -88.02 -5.01 -16.24
CA CYS L 69 -86.86 -4.25 -15.81
C CYS L 69 -86.50 -3.20 -16.85
N ILE L 70 -85.76 -2.18 -16.41
CA ILE L 70 -85.25 -1.15 -17.30
C ILE L 70 -84.03 -1.69 -18.04
N VAL L 71 -84.03 -1.53 -19.37
CA VAL L 71 -82.87 -1.94 -20.15
C VAL L 71 -81.75 -0.93 -19.97
N LEU L 72 -80.51 -1.39 -20.14
CA LEU L 72 -79.33 -0.54 -20.01
C LEU L 72 -78.33 -0.92 -21.09
N SER L 73 -77.66 0.09 -21.64
CA SER L 73 -76.70 -0.11 -22.73
C SER L 73 -75.29 -0.11 -22.14
N ASP L 74 -74.75 -1.31 -21.92
CA ASP L 74 -73.39 -1.48 -21.46
C ASP L 74 -72.55 -2.12 -22.55
N ASP L 75 -71.33 -1.62 -22.72
CA ASP L 75 -70.41 -2.11 -23.73
C ASP L 75 -69.44 -3.17 -23.18
N THR L 76 -69.61 -3.57 -21.93
CA THR L 76 -68.72 -4.54 -21.30
C THR L 76 -69.21 -5.98 -21.42
N CYS L 77 -70.35 -6.21 -22.09
CA CYS L 77 -70.90 -7.54 -22.23
C CYS L 77 -71.28 -7.78 -23.68
N SER L 78 -71.32 -9.05 -24.06
CA SER L 78 -71.66 -9.45 -25.42
C SER L 78 -73.18 -9.54 -25.57
N ASP L 79 -73.63 -10.06 -26.71
CA ASP L 79 -75.07 -10.17 -26.95
C ASP L 79 -75.71 -11.24 -26.08
N GLU L 80 -75.07 -12.41 -25.98
CA GLU L 80 -75.63 -13.49 -25.19
C GLU L 80 -75.62 -13.17 -23.70
N LYS L 81 -74.56 -12.50 -23.23
CA LYS L 81 -74.44 -12.14 -21.82
C LYS L 81 -75.41 -11.02 -21.51
N ILE L 82 -76.46 -11.31 -20.75
CA ILE L 82 -77.39 -10.29 -20.26
C ILE L 82 -77.13 -10.11 -18.77
N ARG L 83 -76.81 -8.88 -18.37
CA ARG L 83 -76.43 -8.61 -16.99
C ARG L 83 -77.68 -8.51 -16.11
N MET L 84 -77.62 -9.15 -14.95
CA MET L 84 -78.74 -9.13 -14.01
C MET L 84 -78.21 -9.22 -12.58
N ASN L 85 -78.85 -8.49 -11.68
CA ASN L 85 -78.49 -8.50 -10.28
C ASN L 85 -79.05 -9.74 -9.60
N ARG L 86 -78.63 -9.96 -8.35
CA ARG L 86 -79.22 -11.02 -7.54
C ARG L 86 -80.68 -10.73 -7.24
N VAL L 87 -81.07 -9.46 -7.26
CA VAL L 87 -82.47 -9.09 -7.00
C VAL L 87 -83.38 -9.67 -8.07
N VAL L 88 -82.96 -9.58 -9.33
CA VAL L 88 -83.75 -10.07 -10.44
C VAL L 88 -83.28 -11.48 -10.82
N ARG L 89 -82.57 -12.13 -9.91
CA ARG L 89 -82.16 -13.53 -10.06
C ARG L 89 -82.83 -14.45 -9.07
N ASN L 90 -82.97 -14.03 -7.80
CA ASN L 90 -83.63 -14.87 -6.81
C ASN L 90 -85.14 -14.93 -7.03
N ASN L 91 -85.74 -13.85 -7.54
CA ASN L 91 -87.16 -13.87 -7.85
C ASN L 91 -87.46 -14.65 -9.14
N LEU L 92 -86.54 -14.63 -10.10
CA LEU L 92 -86.71 -15.38 -11.33
C LEU L 92 -86.30 -16.83 -11.20
N ARG L 93 -85.82 -17.24 -10.01
CA ARG L 93 -85.38 -18.62 -9.75
C ARG L 93 -84.28 -19.06 -10.72
N VAL L 94 -83.43 -18.11 -11.11
CA VAL L 94 -82.37 -18.34 -12.09
C VAL L 94 -81.03 -18.10 -11.41
N ARG L 95 -80.18 -19.11 -11.39
CA ARG L 95 -78.85 -18.97 -10.83
C ARG L 95 -77.90 -18.40 -11.87
N LEU L 96 -76.70 -18.03 -11.42
CA LEU L 96 -75.70 -17.43 -12.31
C LEU L 96 -75.18 -18.47 -13.29
N GLY L 97 -75.43 -18.24 -14.58
CA GLY L 97 -75.03 -19.18 -15.60
C GLY L 97 -76.17 -20.04 -16.10
N ASP L 98 -77.37 -19.46 -16.20
CA ASP L 98 -78.56 -20.16 -16.63
C ASP L 98 -79.21 -19.41 -17.79
N VAL L 99 -80.23 -20.03 -18.37
CA VAL L 99 -80.90 -19.49 -19.55
C VAL L 99 -82.11 -18.69 -19.10
N ILE L 100 -82.24 -17.47 -19.61
CA ILE L 100 -83.34 -16.57 -19.30
C ILE L 100 -84.13 -16.30 -20.58
N SER L 101 -85.45 -16.38 -20.47
CA SER L 101 -86.35 -16.14 -21.59
C SER L 101 -86.85 -14.71 -21.55
N ILE L 102 -86.83 -14.04 -22.70
CA ILE L 102 -87.15 -12.62 -22.81
C ILE L 102 -88.23 -12.44 -23.85
N GLN L 103 -89.25 -11.64 -23.50
CA GLN L 103 -90.28 -11.23 -24.46
C GLN L 103 -90.87 -9.88 -24.05
N PRO L 104 -90.72 -8.85 -24.88
CA PRO L 104 -91.27 -7.54 -24.54
C PRO L 104 -92.79 -7.54 -24.63
N CYS L 105 -93.41 -6.65 -23.84
CA CYS L 105 -94.85 -6.44 -23.85
C CYS L 105 -95.17 -5.07 -23.27
N PRO L 106 -95.13 -4.02 -24.07
CA PRO L 106 -95.30 -2.66 -23.52
C PRO L 106 -96.76 -2.24 -23.36
N ASP L 107 -97.14 -1.92 -22.13
CA ASP L 107 -98.43 -1.32 -21.81
C ASP L 107 -98.18 -0.17 -20.83
N VAL L 108 -99.04 0.85 -20.86
CA VAL L 108 -98.85 2.01 -19.99
C VAL L 108 -98.95 1.59 -18.53
N LYS L 109 -100.14 1.20 -18.09
CA LYS L 109 -100.42 0.59 -16.79
C LYS L 109 -99.64 1.25 -15.65
N TYR L 110 -99.92 2.54 -15.45
CA TYR L 110 -99.36 3.25 -14.31
C TYR L 110 -100.00 2.71 -13.03
N GLY L 111 -99.17 2.35 -12.06
CA GLY L 111 -99.62 1.66 -10.86
C GLY L 111 -100.66 2.41 -10.05
N LYS L 112 -101.72 1.70 -9.64
CA LYS L 112 -102.80 2.26 -8.85
C LYS L 112 -102.87 1.50 -7.52
N ARG L 113 -102.34 2.12 -6.47
CA ARG L 113 -102.38 1.58 -5.11
C ARG L 113 -101.72 0.20 -5.04
N ILE L 114 -100.41 0.20 -5.31
CA ILE L 114 -99.62 -1.03 -5.26
C ILE L 114 -99.51 -1.49 -3.82
N HIS L 115 -99.12 -2.74 -3.61
CA HIS L 115 -99.16 -3.39 -2.30
C HIS L 115 -97.79 -3.94 -1.94
N VAL L 116 -96.76 -3.11 -2.07
CA VAL L 116 -95.43 -3.49 -1.60
C VAL L 116 -95.49 -3.71 -0.10
N LEU L 117 -94.89 -4.80 0.36
CA LEU L 117 -94.92 -5.21 1.76
C LEU L 117 -93.53 -5.59 2.24
N PRO L 118 -93.24 -5.40 3.53
CA PRO L 118 -91.94 -5.79 4.07
C PRO L 118 -91.93 -7.24 4.55
N ILE L 119 -92.88 -8.04 4.10
CA ILE L 119 -93.11 -9.37 4.66
C ILE L 119 -91.88 -10.24 4.38
N ASP L 120 -91.09 -10.48 5.43
CA ASP L 120 -89.85 -11.24 5.35
C ASP L 120 -89.27 -11.44 6.74
N ASP L 121 -88.15 -12.16 6.83
CA ASP L 121 -87.44 -12.31 8.10
C ASP L 121 -86.39 -11.23 8.31
N THR L 122 -86.19 -10.34 7.33
CA THR L 122 -85.21 -9.27 7.49
C THR L 122 -85.72 -8.13 8.36
N VAL L 123 -87.03 -8.00 8.51
CA VAL L 123 -87.61 -6.92 9.33
C VAL L 123 -87.73 -7.47 10.75
N GLU L 124 -86.63 -7.39 11.48
CA GLU L 124 -86.58 -7.79 12.88
C GLU L 124 -85.98 -6.66 13.69
N GLY L 125 -86.75 -6.14 14.66
CA GLY L 125 -86.27 -5.05 15.47
C GLY L 125 -86.17 -3.72 14.76
N ILE L 126 -86.84 -3.56 13.63
CA ILE L 126 -86.85 -2.31 12.88
C ILE L 126 -88.29 -1.91 12.68
N THR L 127 -88.75 -0.91 13.42
CA THR L 127 -90.13 -0.45 13.39
C THR L 127 -90.17 1.02 12.96
N GLY L 128 -91.36 1.62 13.04
CA GLY L 128 -91.53 3.01 12.71
C GLY L 128 -92.06 3.24 11.31
N ASN L 129 -91.53 4.26 10.63
CA ASN L 129 -91.93 4.59 9.27
C ASN L 129 -91.02 3.98 8.22
N LEU L 130 -90.46 2.79 8.50
CA LEU L 130 -89.59 2.12 7.54
C LEU L 130 -90.30 1.79 6.24
N PHE L 131 -91.64 1.80 6.25
CA PHE L 131 -92.41 1.55 5.04
C PHE L 131 -92.24 2.64 4.00
N GLU L 132 -91.84 3.85 4.40
CA GLU L 132 -91.75 4.96 3.44
C GLU L 132 -90.49 5.81 3.55
N VAL L 133 -89.68 5.69 4.60
CA VAL L 133 -88.56 6.62 4.77
C VAL L 133 -87.50 6.39 3.70
N TYR L 134 -87.12 5.14 3.45
CA TYR L 134 -86.14 4.84 2.42
C TYR L 134 -86.76 4.30 1.14
N LEU L 135 -88.10 4.23 1.06
CA LEU L 135 -88.77 3.86 -0.18
C LEU L 135 -89.07 5.06 -1.06
N LYS L 136 -89.32 6.22 -0.47
CA LYS L 136 -89.51 7.43 -1.27
C LYS L 136 -88.31 7.78 -2.12
N PRO L 137 -87.06 7.80 -1.62
CA PRO L 137 -85.93 8.14 -2.50
C PRO L 137 -85.66 7.11 -3.58
N TYR L 138 -86.04 5.84 -3.37
CA TYR L 138 -85.72 4.79 -4.34
C TYR L 138 -86.95 4.21 -5.00
N PHE L 139 -87.91 3.69 -4.23
CA PHE L 139 -89.06 3.00 -4.80
C PHE L 139 -90.08 3.97 -5.42
N LEU L 140 -90.00 5.25 -5.08
CA LEU L 140 -90.89 6.27 -5.61
C LEU L 140 -90.14 7.27 -6.49
N GLU L 141 -89.12 6.79 -7.21
CA GLU L 141 -88.29 7.65 -8.03
C GLU L 141 -87.87 6.91 -9.30
N ALA L 142 -87.48 7.69 -10.31
CA ALA L 142 -86.94 7.22 -11.58
C ALA L 142 -87.94 6.40 -12.40
N TYR L 143 -89.20 6.32 -11.96
CA TYR L 143 -90.26 5.59 -12.66
C TYR L 143 -89.84 4.15 -12.94
N ARG L 144 -89.28 3.49 -11.93
CA ARG L 144 -88.83 2.12 -12.08
C ARG L 144 -90.03 1.19 -12.19
N PRO L 145 -89.90 0.09 -12.95
CA PRO L 145 -91.01 -0.83 -13.12
C PRO L 145 -91.24 -1.70 -11.90
N ILE L 146 -92.49 -2.09 -11.70
CA ILE L 146 -92.90 -2.87 -10.54
C ILE L 146 -93.59 -4.15 -11.02
N ARG L 147 -93.57 -5.15 -10.14
CA ARG L 147 -94.24 -6.42 -10.39
C ARG L 147 -94.66 -7.00 -9.05
N LYS L 148 -95.68 -7.86 -9.09
CA LYS L 148 -96.20 -8.51 -7.90
C LYS L 148 -95.67 -9.93 -7.81
N GLY L 149 -95.54 -10.43 -6.58
CA GLY L 149 -95.06 -11.77 -6.33
C GLY L 149 -93.55 -11.90 -6.22
N ASP L 150 -92.80 -10.88 -6.62
CA ASP L 150 -91.35 -10.90 -6.53
C ASP L 150 -90.88 -9.97 -5.42
N ILE L 151 -89.60 -10.06 -5.10
CA ILE L 151 -88.99 -9.32 -3.99
C ILE L 151 -87.86 -8.46 -4.54
N PHE L 152 -87.90 -7.17 -4.20
CA PHE L 152 -86.77 -6.29 -4.49
C PHE L 152 -86.07 -5.93 -3.17
N LEU L 153 -84.99 -5.18 -3.28
CA LEU L 153 -84.15 -4.87 -2.13
C LEU L 153 -83.92 -3.37 -2.05
N VAL L 154 -83.96 -2.84 -0.83
CA VAL L 154 -83.69 -1.42 -0.58
C VAL L 154 -82.63 -1.32 0.51
N ARG L 155 -81.60 -0.52 0.26
CA ARG L 155 -80.49 -0.34 1.18
C ARG L 155 -80.55 1.07 1.73
N GLY L 156 -80.87 1.18 3.03
CA GLY L 156 -80.93 2.47 3.68
C GLY L 156 -80.91 2.32 5.18
N GLY L 157 -80.41 3.36 5.85
CA GLY L 157 -80.35 3.35 7.31
C GLY L 157 -79.56 2.20 7.89
N MET L 158 -78.44 1.87 7.25
CA MET L 158 -77.59 0.72 7.63
C MET L 158 -78.36 -0.60 7.58
N ARG L 159 -79.42 -0.68 6.78
CA ARG L 159 -80.25 -1.88 6.71
C ARG L 159 -80.55 -2.21 5.25
N ALA L 160 -80.36 -3.46 4.89
CA ALA L 160 -80.74 -3.98 3.57
C ALA L 160 -82.03 -4.78 3.76
N VAL L 161 -83.14 -4.24 3.30
CA VAL L 161 -84.46 -4.80 3.55
C VAL L 161 -85.01 -5.36 2.25
N GLU L 162 -85.52 -6.59 2.31
CA GLU L 162 -86.16 -7.25 1.17
C GLU L 162 -87.66 -6.98 1.23
N PHE L 163 -88.18 -6.26 0.24
CA PHE L 163 -89.58 -5.88 0.18
C PHE L 163 -90.27 -6.68 -0.93
N LYS L 164 -91.37 -7.33 -0.58
CA LYS L 164 -92.21 -8.04 -1.54
C LYS L 164 -93.43 -7.18 -1.88
N VAL L 165 -93.92 -7.33 -3.11
CA VAL L 165 -95.08 -6.60 -3.59
C VAL L 165 -96.17 -7.62 -3.92
N VAL L 166 -97.38 -7.37 -3.44
CA VAL L 166 -98.48 -8.33 -3.56
C VAL L 166 -99.41 -8.00 -4.72
N GLU L 167 -99.79 -6.73 -4.86
CA GLU L 167 -100.70 -6.30 -5.92
C GLU L 167 -100.10 -5.12 -6.66
N THR L 168 -100.03 -5.23 -7.99
CA THR L 168 -99.56 -4.15 -8.88
C THR L 168 -100.51 -4.00 -10.05
N ASP L 169 -101.82 -3.95 -9.76
CA ASP L 169 -102.92 -3.86 -10.72
C ASP L 169 -103.03 -5.17 -11.51
N PRO L 170 -104.20 -5.48 -12.10
CA PRO L 170 -104.33 -6.74 -12.85
C PRO L 170 -103.58 -6.72 -14.18
N SER L 171 -102.24 -6.76 -14.09
CA SER L 171 -101.38 -6.79 -15.25
C SER L 171 -100.01 -7.30 -14.82
N PRO L 172 -99.34 -8.08 -15.67
CA PRO L 172 -97.95 -8.50 -15.39
C PRO L 172 -96.91 -7.43 -15.67
N TYR L 173 -97.33 -6.20 -15.96
CA TYR L 173 -96.44 -5.10 -16.29
C TYR L 173 -96.92 -3.88 -15.53
N CYS L 174 -96.09 -3.37 -14.62
CA CYS L 174 -96.46 -2.23 -13.79
C CYS L 174 -95.29 -1.27 -13.68
N ILE L 175 -95.60 0.04 -13.71
CA ILE L 175 -94.62 1.09 -13.51
C ILE L 175 -95.06 1.94 -12.32
N VAL L 176 -94.10 2.32 -11.48
CA VAL L 176 -94.42 3.13 -10.31
C VAL L 176 -94.91 4.51 -10.75
N ALA L 177 -95.78 5.09 -9.93
CA ALA L 177 -96.43 6.35 -10.24
C ALA L 177 -96.77 7.05 -8.93
N PRO L 178 -97.02 8.36 -8.96
CA PRO L 178 -97.38 9.07 -7.71
C PRO L 178 -98.64 8.55 -7.05
N ASP L 179 -99.54 7.91 -7.79
CA ASP L 179 -100.77 7.36 -7.22
C ASP L 179 -100.61 5.91 -6.77
N THR L 180 -99.38 5.38 -6.74
CA THR L 180 -99.16 4.02 -6.26
C THR L 180 -99.38 3.91 -4.75
N VAL L 181 -99.35 5.02 -4.03
CA VAL L 181 -99.77 5.12 -2.63
C VAL L 181 -98.85 4.33 -1.69
N ILE L 182 -98.48 3.11 -2.08
CA ILE L 182 -97.66 2.18 -1.30
C ILE L 182 -98.19 2.05 0.13
N HIS L 183 -99.52 2.03 0.26
CA HIS L 183 -100.22 1.96 1.54
C HIS L 183 -99.64 0.88 2.44
N CYS L 184 -99.64 1.16 3.75
CA CYS L 184 -98.93 0.34 4.72
C CYS L 184 -99.80 -0.83 5.18
N GLU L 185 -99.34 -2.05 4.89
CA GLU L 185 -99.97 -3.27 5.37
C GLU L 185 -98.90 -4.26 5.80
N GLY L 186 -97.91 -3.78 6.54
CA GLY L 186 -96.78 -4.64 6.91
C GLY L 186 -97.19 -5.78 7.81
N GLU L 187 -96.51 -6.91 7.64
CA GLU L 187 -96.81 -8.12 8.38
C GLU L 187 -95.52 -8.90 8.58
N PRO L 188 -95.46 -9.76 9.61
CA PRO L 188 -94.26 -10.59 9.81
C PRO L 188 -94.31 -11.90 9.04
N ILE L 189 -95.14 -11.95 8.00
CA ILE L 189 -95.35 -13.17 7.22
C ILE L 189 -94.02 -13.74 6.75
N LYS L 190 -93.83 -15.03 6.99
CA LYS L 190 -92.56 -15.69 6.68
C LYS L 190 -92.36 -15.82 5.17
N ARG L 191 -91.09 -15.91 4.77
CA ARG L 191 -90.73 -16.10 3.39
C ARG L 191 -90.89 -17.56 2.99
N GLU L 192 -90.89 -17.80 1.67
CA GLU L 192 -90.96 -19.15 1.14
C GLU L 192 -89.56 -19.66 0.77
N ASP L 193 -89.43 -20.98 0.72
CA ASP L 193 -88.13 -21.60 0.44
C ASP L 193 -87.68 -21.37 -1.00
N GLU L 194 -88.61 -21.07 -1.91
CA GLU L 194 -88.23 -20.83 -3.30
C GLU L 194 -87.36 -19.59 -3.43
N GLU L 195 -87.70 -18.52 -2.70
CA GLU L 195 -86.92 -17.29 -2.74
C GLU L 195 -85.61 -17.46 -1.97
N GLU L 196 -84.57 -16.83 -2.47
CA GLU L 196 -83.26 -16.85 -1.84
C GLU L 196 -83.03 -15.57 -1.06
N SER L 197 -82.48 -15.71 0.14
CA SER L 197 -82.24 -14.57 1.01
C SER L 197 -81.16 -13.68 0.43
N LEU L 198 -81.50 -12.42 0.14
CA LEU L 198 -80.51 -11.48 -0.35
C LEU L 198 -79.51 -11.08 0.71
N ASN L 199 -79.86 -11.22 1.99
CA ASN L 199 -78.88 -11.01 3.05
C ASN L 199 -77.78 -12.06 3.01
N GLU L 200 -78.09 -13.26 2.55
CA GLU L 200 -77.08 -14.29 2.37
C GLU L 200 -76.10 -13.87 1.27
N VAL L 201 -74.86 -14.34 1.40
CA VAL L 201 -73.77 -13.86 0.55
C VAL L 201 -73.96 -14.37 -0.89
N GLY L 202 -73.27 -13.70 -1.80
CA GLY L 202 -73.30 -14.05 -3.21
C GLY L 202 -72.13 -13.44 -3.93
N TYR L 203 -72.21 -13.45 -5.26
CA TYR L 203 -71.12 -12.93 -6.09
C TYR L 203 -70.91 -11.44 -5.82
N ASP L 204 -71.98 -10.69 -5.58
CA ASP L 204 -71.86 -9.25 -5.37
C ASP L 204 -71.21 -8.91 -4.03
N ASP L 205 -71.03 -9.88 -3.14
CA ASP L 205 -70.48 -9.62 -1.82
C ASP L 205 -68.95 -9.72 -1.77
N ILE L 206 -68.30 -9.97 -2.90
CA ILE L 206 -66.84 -9.90 -3.01
C ILE L 206 -66.50 -8.87 -4.06
N GLY L 207 -65.66 -7.91 -3.70
CA GLY L 207 -65.26 -6.89 -4.64
C GLY L 207 -63.76 -6.85 -4.85
N GLY L 208 -63.00 -7.28 -3.84
CA GLY L 208 -61.55 -7.18 -3.91
C GLY L 208 -60.90 -8.20 -4.81
N CYS L 209 -61.65 -9.18 -5.31
CA CYS L 209 -61.11 -10.24 -6.14
C CYS L 209 -61.97 -10.37 -7.39
N ARG L 210 -61.36 -10.08 -8.55
CA ARG L 210 -62.04 -10.23 -9.84
C ARG L 210 -61.52 -11.42 -10.63
N LYS L 211 -60.20 -11.48 -10.87
CA LYS L 211 -59.63 -12.62 -11.57
C LYS L 211 -59.72 -13.89 -10.73
N GLN L 212 -59.45 -13.77 -9.42
CA GLN L 212 -59.47 -14.94 -8.55
C GLN L 212 -60.88 -15.48 -8.34
N LEU L 213 -61.90 -14.61 -8.34
CA LEU L 213 -63.27 -15.08 -8.28
C LEU L 213 -63.73 -15.72 -9.58
N ALA L 214 -63.33 -15.13 -10.72
CA ALA L 214 -63.67 -15.72 -12.01
C ALA L 214 -62.98 -17.06 -12.20
N GLN L 215 -61.80 -17.24 -11.61
CA GLN L 215 -61.12 -18.54 -11.68
C GLN L 215 -61.96 -19.63 -11.01
N ILE L 216 -62.46 -19.35 -9.80
CA ILE L 216 -63.32 -20.31 -9.12
C ILE L 216 -64.63 -20.49 -9.86
N LYS L 217 -65.15 -19.42 -10.45
CA LYS L 217 -66.38 -19.51 -11.24
C LYS L 217 -66.21 -20.50 -12.39
N GLU L 218 -65.16 -20.32 -13.19
CA GLU L 218 -64.90 -21.25 -14.29
C GLU L 218 -64.57 -22.64 -13.77
N MET L 219 -63.96 -22.73 -12.59
CA MET L 219 -63.58 -24.03 -12.05
C MET L 219 -64.79 -24.86 -11.65
N VAL L 220 -65.79 -24.24 -11.00
CA VAL L 220 -66.84 -24.99 -10.34
C VAL L 220 -68.22 -24.75 -10.93
N GLU L 221 -68.35 -23.91 -11.96
CA GLU L 221 -69.67 -23.71 -12.56
C GLU L 221 -70.13 -24.94 -13.33
N LEU L 222 -69.25 -25.47 -14.19
CA LEU L 222 -69.62 -26.65 -14.97
C LEU L 222 -69.86 -27.89 -14.11
N PRO L 223 -68.98 -28.26 -13.17
CA PRO L 223 -69.25 -29.46 -12.37
C PRO L 223 -70.51 -29.38 -11.51
N LEU L 224 -70.88 -28.18 -11.06
CA LEU L 224 -72.03 -28.03 -10.16
C LEU L 224 -73.35 -27.85 -10.90
N ARG L 225 -73.38 -26.93 -11.87
CA ARG L 225 -74.63 -26.67 -12.59
C ARG L 225 -75.04 -27.85 -13.46
N HIS L 226 -74.07 -28.51 -14.10
CA HIS L 226 -74.34 -29.63 -15.00
C HIS L 226 -73.48 -30.82 -14.63
N PRO L 227 -73.83 -31.54 -13.56
CA PRO L 227 -73.10 -32.78 -13.24
C PRO L 227 -73.38 -33.90 -14.23
N ALA L 228 -74.50 -33.83 -14.96
CA ALA L 228 -74.83 -34.87 -15.94
C ALA L 228 -73.81 -34.88 -17.08
N LEU L 229 -73.29 -33.72 -17.47
CA LEU L 229 -72.26 -33.68 -18.50
C LEU L 229 -70.99 -34.40 -18.03
N PHE L 230 -70.60 -34.20 -16.78
CA PHE L 230 -69.41 -34.87 -16.26
C PHE L 230 -69.65 -36.36 -16.10
N LYS L 231 -70.87 -36.75 -15.69
CA LYS L 231 -71.19 -38.17 -15.62
C LYS L 231 -71.20 -38.80 -17.01
N ALA L 232 -71.53 -38.02 -18.03
CA ALA L 232 -71.59 -38.54 -19.40
C ALA L 232 -70.20 -38.57 -20.03
N ILE L 233 -69.56 -37.41 -20.13
CA ILE L 233 -68.27 -37.30 -20.80
C ILE L 233 -67.17 -37.68 -19.82
N GLY L 234 -66.27 -38.56 -20.25
CA GLY L 234 -65.18 -38.96 -19.38
C GLY L 234 -64.19 -37.82 -19.18
N VAL L 235 -64.26 -37.19 -18.01
CA VAL L 235 -63.41 -36.07 -17.65
C VAL L 235 -63.02 -36.27 -16.19
N LYS L 236 -61.98 -35.55 -15.77
CA LYS L 236 -61.59 -35.52 -14.37
C LYS L 236 -62.10 -34.24 -13.73
N PRO L 237 -63.26 -34.28 -13.06
CA PRO L 237 -63.85 -33.05 -12.52
C PRO L 237 -63.00 -32.46 -11.42
N PRO L 238 -62.99 -31.14 -11.29
CA PRO L 238 -62.26 -30.53 -10.16
C PRO L 238 -62.90 -30.88 -8.82
N ARG L 239 -62.22 -31.71 -8.05
CA ARG L 239 -62.69 -32.13 -6.72
C ARG L 239 -61.59 -31.77 -5.73
N GLY L 240 -61.61 -30.53 -5.26
CA GLY L 240 -60.62 -30.03 -4.34
C GLY L 240 -60.10 -28.67 -4.74
N ILE L 241 -60.23 -27.70 -3.84
CA ILE L 241 -59.75 -26.34 -4.07
C ILE L 241 -58.90 -25.95 -2.87
N LEU L 242 -57.87 -25.15 -3.12
CA LEU L 242 -56.88 -24.78 -2.12
C LEU L 242 -56.75 -23.28 -2.01
N LEU L 243 -57.90 -22.61 -1.85
CA LEU L 243 -57.92 -21.16 -1.64
C LEU L 243 -57.02 -20.79 -0.46
N TYR L 244 -55.92 -20.10 -0.72
CA TYR L 244 -55.00 -19.72 0.34
C TYR L 244 -54.76 -18.22 0.29
N GLY L 245 -54.52 -17.64 1.46
CA GLY L 245 -54.30 -16.23 1.60
C GLY L 245 -54.31 -15.84 3.06
N PRO L 246 -54.00 -14.59 3.35
CA PRO L 246 -53.98 -14.14 4.74
C PRO L 246 -55.37 -14.24 5.35
N PRO L 247 -55.46 -14.47 6.66
CA PRO L 247 -56.78 -14.61 7.29
C PRO L 247 -57.61 -13.33 7.18
N GLY L 248 -58.91 -13.51 7.03
CA GLY L 248 -59.81 -12.39 6.87
C GLY L 248 -59.90 -11.83 5.47
N THR L 249 -59.47 -12.59 4.46
CA THR L 249 -59.48 -12.12 3.08
C THR L 249 -60.75 -12.53 2.34
N GLY L 250 -61.65 -13.26 2.98
CA GLY L 250 -62.90 -13.65 2.36
C GLY L 250 -62.93 -15.01 1.72
N LYS L 251 -62.01 -15.91 2.07
CA LYS L 251 -62.03 -17.26 1.52
C LYS L 251 -63.30 -17.99 1.91
N THR L 252 -63.70 -17.90 3.18
CA THR L 252 -64.98 -18.46 3.61
C THR L 252 -66.14 -17.75 2.93
N LEU L 253 -66.05 -16.42 2.81
CA LEU L 253 -67.07 -15.66 2.11
C LEU L 253 -67.19 -16.09 0.65
N ILE L 254 -66.05 -16.27 -0.01
CA ILE L 254 -66.06 -16.69 -1.42
C ILE L 254 -66.63 -18.10 -1.55
N ALA L 255 -66.27 -19.00 -0.62
CA ALA L 255 -66.80 -20.36 -0.68
C ALA L 255 -68.32 -20.37 -0.50
N ARG L 256 -68.82 -19.62 0.48
CA ARG L 256 -70.27 -19.55 0.67
C ARG L 256 -70.94 -18.91 -0.55
N ALA L 257 -70.33 -17.86 -1.10
CA ALA L 257 -70.87 -17.15 -2.25
C ALA L 257 -71.00 -18.07 -3.46
N VAL L 258 -69.88 -18.55 -4.00
CA VAL L 258 -70.03 -19.56 -5.04
C VAL L 258 -69.95 -20.94 -4.36
N ALA L 259 -70.91 -21.17 -3.47
CA ALA L 259 -71.49 -22.49 -3.20
C ALA L 259 -72.99 -22.43 -3.01
N ASN L 260 -73.55 -21.27 -2.65
CA ASN L 260 -74.99 -21.10 -2.55
C ASN L 260 -75.60 -20.48 -3.81
N GLU L 261 -74.90 -19.53 -4.43
CA GLU L 261 -75.41 -18.93 -5.66
C GLU L 261 -75.32 -19.91 -6.83
N THR L 262 -74.21 -20.63 -6.93
CA THR L 262 -74.02 -21.61 -8.00
C THR L 262 -74.63 -22.96 -7.61
N GLY L 263 -74.24 -23.50 -6.47
CA GLY L 263 -74.76 -24.75 -5.98
C GLY L 263 -76.01 -24.57 -5.14
N ALA L 264 -76.32 -25.58 -4.34
CA ALA L 264 -77.49 -25.55 -3.48
C ALA L 264 -77.21 -25.91 -2.02
N PHE L 265 -76.14 -26.64 -1.74
CA PHE L 265 -75.79 -27.01 -0.36
C PHE L 265 -74.33 -26.65 -0.13
N PHE L 266 -74.06 -26.00 1.00
CA PHE L 266 -72.72 -25.56 1.37
C PHE L 266 -72.42 -26.00 2.80
N PHE L 267 -71.40 -26.85 2.94
CA PHE L 267 -70.99 -27.34 4.25
C PHE L 267 -69.80 -26.54 4.75
N LEU L 268 -69.84 -26.20 6.04
CA LEU L 268 -68.88 -25.27 6.64
C LEU L 268 -68.31 -25.87 7.92
N ILE L 269 -67.76 -27.09 7.81
CA ILE L 269 -67.02 -27.65 8.94
C ILE L 269 -65.89 -26.70 9.30
N ASN L 270 -65.76 -26.43 10.61
CA ASN L 270 -64.94 -25.30 11.05
C ASN L 270 -63.46 -25.54 10.83
N GLY L 271 -63.00 -26.78 10.93
CA GLY L 271 -61.59 -27.09 11.03
C GLY L 271 -61.13 -27.32 12.45
N PRO L 272 -61.09 -26.28 13.28
CA PRO L 272 -60.87 -26.51 14.71
C PRO L 272 -61.93 -27.37 15.35
N GLU L 273 -63.15 -27.40 14.81
CA GLU L 273 -64.18 -28.28 15.35
C GLU L 273 -63.78 -29.74 15.23
N ILE L 274 -63.21 -30.12 14.08
CA ILE L 274 -62.78 -31.50 13.88
C ILE L 274 -61.45 -31.79 14.58
N MET L 275 -60.63 -30.76 14.82
CA MET L 275 -59.40 -30.94 15.58
C MET L 275 -59.64 -30.92 17.09
N SER L 276 -60.85 -30.55 17.52
CA SER L 276 -61.15 -30.33 18.93
C SER L 276 -61.92 -31.48 19.58
N LYS L 277 -62.77 -32.17 18.83
CA LYS L 277 -63.62 -33.19 19.41
C LYS L 277 -62.79 -34.41 19.83
N LEU L 278 -63.47 -35.37 20.46
CA LEU L 278 -62.82 -36.50 21.12
C LEU L 278 -62.45 -37.59 20.11
N ALA L 279 -61.53 -37.23 19.20
CA ALA L 279 -60.91 -38.17 18.26
C ALA L 279 -61.93 -38.93 17.43
N GLY L 280 -62.49 -40.00 18.00
CA GLY L 280 -63.43 -40.83 17.24
C GLY L 280 -64.67 -40.06 16.83
N GLU L 281 -65.21 -39.23 17.72
CA GLU L 281 -66.38 -38.43 17.36
C GLU L 281 -66.02 -37.39 16.31
N SER L 282 -64.81 -36.83 16.39
CA SER L 282 -64.36 -35.88 15.38
C SER L 282 -64.28 -36.53 14.00
N GLU L 283 -63.70 -37.74 13.94
CA GLU L 283 -63.62 -38.44 12.66
C GLU L 283 -65.00 -38.87 12.17
N SER L 284 -65.90 -39.19 13.10
CA SER L 284 -67.28 -39.49 12.72
C SER L 284 -67.95 -38.28 12.09
N ASN L 285 -67.73 -37.09 12.67
CA ASN L 285 -68.26 -35.87 12.07
C ASN L 285 -67.63 -35.59 10.71
N LEU L 286 -66.32 -35.86 10.58
CA LEU L 286 -65.66 -35.69 9.30
C LEU L 286 -66.26 -36.59 8.22
N ARG L 287 -66.52 -37.85 8.57
CA ARG L 287 -67.17 -38.77 7.63
C ARG L 287 -68.60 -38.33 7.33
N LYS L 288 -69.33 -37.88 8.36
CA LYS L 288 -70.74 -37.58 8.19
C LYS L 288 -70.95 -36.31 7.38
N ALA L 289 -70.05 -35.33 7.48
CA ALA L 289 -70.16 -34.14 6.65
C ALA L 289 -70.02 -34.51 5.17
N PHE L 290 -69.03 -35.35 4.85
CA PHE L 290 -68.86 -35.80 3.47
C PHE L 290 -70.06 -36.61 3.01
N GLU L 291 -70.60 -37.46 3.88
CA GLU L 291 -71.76 -38.27 3.53
C GLU L 291 -72.97 -37.39 3.23
N GLU L 292 -73.27 -36.45 4.12
CA GLU L 292 -74.41 -35.56 3.90
C GLU L 292 -74.20 -34.67 2.69
N ALA L 293 -72.95 -34.34 2.37
CA ALA L 293 -72.68 -33.61 1.13
C ALA L 293 -72.99 -34.47 -0.09
N GLU L 294 -72.62 -35.76 -0.03
CA GLU L 294 -72.88 -36.65 -1.16
C GLU L 294 -74.26 -37.30 -1.11
N LYS L 295 -75.00 -37.11 -0.01
CA LYS L 295 -76.33 -37.70 0.09
C LYS L 295 -77.42 -36.73 -0.33
N ASN L 296 -77.26 -35.44 -0.01
CA ASN L 296 -78.33 -34.47 -0.25
C ASN L 296 -78.40 -34.07 -1.72
N ALA L 297 -77.32 -33.46 -2.23
CA ALA L 297 -77.28 -32.92 -3.59
C ALA L 297 -75.84 -32.56 -3.93
N PRO L 298 -75.51 -32.26 -5.20
CA PRO L 298 -74.20 -31.69 -5.50
C PRO L 298 -73.89 -30.48 -4.62
N ALA L 299 -72.90 -30.64 -3.73
CA ALA L 299 -72.63 -29.66 -2.70
C ALA L 299 -71.15 -29.31 -2.69
N ILE L 300 -70.79 -28.38 -1.80
CA ILE L 300 -69.42 -27.92 -1.65
C ILE L 300 -69.03 -28.07 -0.18
N ILE L 301 -67.99 -28.86 0.08
CA ILE L 301 -67.45 -29.00 1.43
C ILE L 301 -66.31 -28.01 1.60
N PHE L 302 -66.40 -27.19 2.65
CA PHE L 302 -65.43 -26.15 2.90
C PHE L 302 -64.66 -26.48 4.17
N ILE L 303 -63.33 -26.59 4.05
CA ILE L 303 -62.45 -26.81 5.19
C ILE L 303 -61.77 -25.47 5.47
N ASP L 304 -62.30 -24.73 6.44
CA ASP L 304 -61.82 -23.38 6.73
C ASP L 304 -60.40 -23.37 7.28
N GLU L 305 -59.96 -24.45 7.90
CA GLU L 305 -58.66 -24.50 8.56
C GLU L 305 -57.92 -25.79 8.19
N LEU L 306 -57.84 -26.07 6.89
CA LEU L 306 -57.08 -27.24 6.43
C LEU L 306 -55.64 -27.18 6.90
N ASP L 307 -55.10 -25.99 7.12
CA ASP L 307 -53.78 -25.87 7.75
C ASP L 307 -53.77 -26.41 9.17
N ALA L 308 -54.89 -26.28 9.88
CA ALA L 308 -54.98 -26.79 11.24
C ALA L 308 -55.30 -28.27 11.27
N ILE L 309 -56.24 -28.72 10.43
CA ILE L 309 -56.57 -30.14 10.38
C ILE L 309 -55.40 -30.96 9.88
N ALA L 310 -54.75 -30.48 8.81
CA ALA L 310 -53.66 -31.21 8.16
C ALA L 310 -52.43 -30.32 8.05
N PRO L 311 -51.69 -30.15 9.14
CA PRO L 311 -50.40 -29.46 9.05
C PRO L 311 -49.32 -30.38 8.51
N LYS L 312 -48.07 -29.92 8.49
CA LYS L 312 -46.96 -30.76 8.05
C LYS L 312 -46.86 -32.01 8.92
N ARG L 313 -47.14 -33.17 8.32
CA ARG L 313 -47.12 -34.42 9.07
C ARG L 313 -45.72 -34.75 9.59
N GLU L 314 -44.68 -34.31 8.88
CA GLU L 314 -43.32 -34.62 9.29
C GLU L 314 -42.98 -33.96 10.63
N LYS L 315 -43.45 -32.74 10.86
CA LYS L 315 -43.14 -32.01 12.08
C LYS L 315 -44.13 -32.27 13.20
N THR L 316 -45.19 -33.04 12.96
CA THR L 316 -46.15 -33.35 14.01
C THR L 316 -45.53 -34.29 15.04
N HIS L 317 -45.95 -34.13 16.29
CA HIS L 317 -45.45 -34.95 17.40
C HIS L 317 -46.40 -36.09 17.73
N GLY L 318 -47.66 -35.78 18.00
CA GLY L 318 -48.63 -36.82 18.28
C GLY L 318 -48.97 -37.64 17.05
N GLU L 319 -49.55 -38.81 17.30
CA GLU L 319 -49.92 -39.71 16.21
C GLU L 319 -51.42 -39.69 15.91
N VAL L 320 -52.25 -39.32 16.88
CA VAL L 320 -53.68 -39.19 16.60
C VAL L 320 -53.92 -38.04 15.63
N GLU L 321 -53.10 -36.98 15.69
CA GLU L 321 -53.15 -35.96 14.65
C GLU L 321 -52.63 -36.50 13.32
N ARG L 322 -51.64 -37.38 13.36
CA ARG L 322 -51.22 -38.07 12.14
C ARG L 322 -52.34 -38.94 11.60
N ARG L 323 -53.09 -39.59 12.50
CA ARG L 323 -54.26 -40.34 12.07
C ARG L 323 -55.30 -39.43 11.43
N ILE L 324 -55.50 -38.24 11.98
CA ILE L 324 -56.44 -37.28 11.39
C ILE L 324 -55.99 -36.88 9.99
N VAL L 325 -54.71 -36.57 9.85
CA VAL L 325 -54.19 -36.15 8.54
C VAL L 325 -54.33 -37.26 7.52
N SER L 326 -53.98 -38.50 7.92
CA SER L 326 -54.05 -39.62 6.99
C SER L 326 -55.50 -39.96 6.65
N GLN L 327 -56.41 -39.85 7.62
CA GLN L 327 -57.82 -40.10 7.35
C GLN L 327 -58.39 -39.05 6.40
N LEU L 328 -57.99 -37.79 6.56
CA LEU L 328 -58.40 -36.76 5.61
C LEU L 328 -57.84 -37.04 4.22
N LEU L 329 -56.58 -37.49 4.15
CA LEU L 329 -55.98 -37.84 2.86
C LEU L 329 -56.74 -38.97 2.18
N THR L 330 -57.07 -40.01 2.94
CA THR L 330 -57.79 -41.14 2.37
C THR L 330 -59.22 -40.76 1.99
N LEU L 331 -59.87 -39.89 2.77
CA LEU L 331 -61.20 -39.43 2.40
C LEU L 331 -61.16 -38.62 1.11
N MET L 332 -60.15 -37.77 0.94
CA MET L 332 -60.03 -36.99 -0.29
C MET L 332 -59.70 -37.88 -1.47
N ASP L 333 -58.84 -38.88 -1.27
CA ASP L 333 -58.53 -39.83 -2.35
C ASP L 333 -59.76 -40.64 -2.74
N GLY L 334 -60.57 -41.05 -1.76
CA GLY L 334 -61.82 -41.73 -2.03
C GLY L 334 -62.96 -40.84 -2.43
N LEU L 335 -62.74 -39.51 -2.43
CA LEU L 335 -63.74 -38.56 -2.89
C LEU L 335 -63.73 -38.39 -4.40
N LYS L 336 -63.00 -39.24 -5.12
CA LYS L 336 -63.04 -39.22 -6.58
C LYS L 336 -64.40 -39.63 -7.12
N GLN L 337 -65.26 -40.21 -6.28
CA GLN L 337 -66.57 -40.67 -6.70
C GLN L 337 -67.60 -39.55 -6.65
N ARG L 338 -68.81 -39.87 -7.09
CA ARG L 338 -70.02 -39.04 -7.07
C ARG L 338 -69.97 -37.91 -8.11
N ALA L 339 -68.78 -37.64 -8.65
CA ALA L 339 -68.58 -36.75 -9.79
C ALA L 339 -69.21 -35.36 -9.64
N HIS L 340 -69.67 -35.00 -8.44
CA HIS L 340 -70.36 -33.72 -8.30
C HIS L 340 -70.10 -32.99 -6.99
N VAL L 341 -69.12 -33.41 -6.19
CA VAL L 341 -68.87 -32.81 -4.88
C VAL L 341 -67.54 -32.07 -4.95
N ILE L 342 -67.59 -30.76 -4.78
CA ILE L 342 -66.37 -29.95 -4.70
C ILE L 342 -65.97 -29.81 -3.23
N VAL L 343 -64.67 -29.77 -2.98
CA VAL L 343 -64.14 -29.70 -1.62
C VAL L 343 -63.19 -28.51 -1.56
N MET L 344 -63.69 -27.37 -1.11
CA MET L 344 -62.85 -26.19 -0.95
C MET L 344 -62.11 -26.25 0.38
N ALA L 345 -60.87 -25.76 0.38
CA ALA L 345 -60.04 -25.74 1.57
C ALA L 345 -59.40 -24.37 1.71
N ALA L 346 -59.40 -23.84 2.93
CA ALA L 346 -58.84 -22.52 3.23
C ALA L 346 -57.61 -22.68 4.11
N THR L 347 -56.61 -21.84 3.84
CA THR L 347 -55.36 -21.85 4.61
C THR L 347 -54.68 -20.50 4.42
N ASN L 348 -53.58 -20.30 5.13
CA ASN L 348 -52.85 -19.04 5.05
C ASN L 348 -51.73 -19.07 4.03
N ARG L 349 -51.19 -20.24 3.72
CA ARG L 349 -50.10 -20.36 2.76
C ARG L 349 -50.00 -21.81 2.32
N PRO L 350 -49.53 -22.07 1.09
CA PRO L 350 -49.47 -23.46 0.62
C PRO L 350 -48.25 -24.23 1.10
N ASN L 351 -47.19 -23.54 1.53
CA ASN L 351 -45.98 -24.20 2.01
C ASN L 351 -46.06 -24.57 3.49
N SER L 352 -47.25 -24.49 4.10
CA SER L 352 -47.45 -24.92 5.47
C SER L 352 -48.25 -26.22 5.59
N ILE L 353 -49.01 -26.57 4.57
CA ILE L 353 -49.72 -27.85 4.54
C ILE L 353 -48.73 -28.96 4.20
N ASP L 354 -48.98 -30.15 4.75
CA ASP L 354 -48.15 -31.31 4.44
C ASP L 354 -48.13 -31.55 2.94
N PRO L 355 -46.98 -31.85 2.34
CA PRO L 355 -46.93 -32.04 0.88
C PRO L 355 -47.58 -33.33 0.43
N ALA L 356 -48.80 -33.57 0.87
CA ALA L 356 -49.63 -34.67 0.40
C ALA L 356 -51.06 -34.25 0.06
N LEU L 357 -51.54 -33.13 0.59
CA LEU L 357 -52.81 -32.54 0.19
C LEU L 357 -52.71 -31.70 -1.07
N ARG L 358 -51.61 -31.83 -1.82
CA ARG L 358 -51.44 -31.16 -3.10
C ARG L 358 -51.33 -32.15 -4.25
N ARG L 359 -51.60 -33.42 -4.00
CA ARG L 359 -51.51 -34.45 -5.02
C ARG L 359 -52.70 -34.35 -5.98
N PHE L 360 -52.65 -35.14 -7.05
CA PHE L 360 -53.72 -35.13 -8.04
C PHE L 360 -55.03 -35.60 -7.42
N GLY L 361 -56.10 -34.85 -7.68
CA GLY L 361 -57.41 -35.17 -7.14
C GLY L 361 -57.65 -34.70 -5.73
N ARG L 362 -56.66 -34.12 -5.06
CA ARG L 362 -56.76 -33.63 -3.69
C ARG L 362 -56.17 -32.23 -3.64
N PHE L 363 -57.02 -31.22 -3.81
CA PHE L 363 -56.64 -29.81 -3.76
C PHE L 363 -55.48 -29.51 -4.72
N ASP L 364 -55.59 -30.07 -5.93
CA ASP L 364 -54.54 -29.88 -6.93
C ASP L 364 -54.54 -28.48 -7.51
N ARG L 365 -55.60 -27.72 -7.31
CA ARG L 365 -55.74 -26.38 -7.89
C ARG L 365 -55.62 -25.33 -6.79
N GLU L 366 -54.66 -24.42 -6.95
CA GLU L 366 -54.47 -23.31 -6.02
C GLU L 366 -54.94 -22.02 -6.68
N VAL L 367 -55.81 -21.30 -5.99
CA VAL L 367 -56.53 -20.16 -6.55
C VAL L 367 -56.25 -18.92 -5.69
N ASP L 368 -55.00 -18.80 -5.23
CA ASP L 368 -54.54 -17.82 -4.23
C ASP L 368 -55.26 -16.48 -4.28
N ILE L 369 -55.76 -16.04 -3.12
CA ILE L 369 -56.57 -14.83 -3.04
C ILE L 369 -55.71 -13.59 -2.92
N GLY L 370 -54.79 -13.57 -1.95
CA GLY L 370 -53.90 -12.44 -1.77
C GLY L 370 -54.57 -11.23 -1.15
N ILE L 371 -53.76 -10.30 -0.65
CA ILE L 371 -54.29 -9.08 -0.03
C ILE L 371 -55.03 -8.27 -1.08
N PRO L 372 -56.20 -7.69 -0.75
CA PRO L 372 -56.86 -6.78 -1.70
C PRO L 372 -55.95 -5.61 -2.05
N ASP L 373 -55.98 -5.22 -3.32
CA ASP L 373 -55.01 -4.30 -3.88
C ASP L 373 -55.70 -3.07 -4.45
N ALA L 374 -55.27 -1.89 -3.98
CA ALA L 374 -55.69 -0.61 -4.52
C ALA L 374 -57.20 -0.48 -4.66
N THR L 375 -57.67 -0.32 -5.90
CA THR L 375 -59.11 -0.15 -6.14
C THR L 375 -59.90 -1.35 -5.64
N GLY L 376 -59.28 -2.52 -5.58
CA GLY L 376 -59.95 -3.68 -5.00
C GLY L 376 -60.41 -3.43 -3.59
N ARG L 377 -59.55 -2.80 -2.77
CA ARG L 377 -59.98 -2.40 -1.44
C ARG L 377 -61.17 -1.44 -1.54
N LEU L 378 -61.09 -0.49 -2.47
CA LEU L 378 -62.25 0.34 -2.79
C LEU L 378 -63.45 -0.53 -3.15
N GLU L 379 -63.23 -1.53 -4.02
CA GLU L 379 -64.31 -2.42 -4.41
C GLU L 379 -64.83 -3.25 -3.25
N ILE L 380 -64.10 -3.29 -2.13
CA ILE L 380 -64.63 -3.94 -0.93
C ILE L 380 -65.48 -2.95 -0.15
N LEU L 381 -65.03 -1.69 -0.05
CA LEU L 381 -65.70 -0.71 0.80
C LEU L 381 -67.14 -0.49 0.37
N GLN L 382 -67.36 -0.35 -0.94
CA GLN L 382 -68.72 -0.16 -1.45
C GLN L 382 -69.63 -1.33 -1.13
N ILE L 383 -69.07 -2.52 -0.89
CA ILE L 383 -69.91 -3.64 -0.49
C ILE L 383 -70.36 -3.49 0.95
N HIS L 384 -69.52 -2.94 1.82
CA HIS L 384 -69.87 -2.74 3.21
C HIS L 384 -70.46 -1.37 3.49
N THR L 385 -70.65 -0.55 2.44
CA THR L 385 -71.20 0.79 2.57
C THR L 385 -72.55 0.94 1.87
N LYS L 386 -72.86 0.06 0.91
CA LYS L 386 -74.11 0.19 0.14
C LYS L 386 -75.32 0.13 1.06
N ASN L 387 -75.33 -0.81 2.01
CA ASN L 387 -76.41 -0.85 2.99
C ASN L 387 -76.33 0.36 3.93
N MET L 388 -75.12 0.84 4.21
CA MET L 388 -74.91 1.99 5.07
C MET L 388 -75.16 3.28 4.29
N LYS L 389 -74.80 4.41 4.88
CA LYS L 389 -74.79 5.70 4.20
C LYS L 389 -73.36 6.23 4.16
N LEU L 390 -73.14 7.22 3.30
CA LEU L 390 -71.80 7.77 3.13
C LEU L 390 -71.78 9.29 3.05
N ALA L 391 -72.91 9.96 3.26
CA ALA L 391 -73.03 11.43 3.19
C ALA L 391 -72.58 11.87 1.80
N ASP L 392 -71.82 12.97 1.68
CA ASP L 392 -71.37 13.43 0.38
C ASP L 392 -69.92 13.90 0.36
N ASP L 393 -69.22 13.90 1.49
CA ASP L 393 -67.86 14.41 1.57
C ASP L 393 -66.81 13.32 1.68
N VAL L 394 -67.21 12.05 1.69
CA VAL L 394 -66.25 10.97 1.84
C VAL L 394 -65.46 10.79 0.55
N ASP L 395 -64.15 10.60 0.70
CA ASP L 395 -63.26 10.31 -0.43
C ASP L 395 -62.93 8.81 -0.34
N LEU L 396 -63.80 8.00 -0.94
CA LEU L 396 -63.63 6.55 -0.86
C LEU L 396 -62.34 6.10 -1.55
N GLU L 397 -61.94 6.77 -2.63
CA GLU L 397 -60.67 6.44 -3.27
C GLU L 397 -59.49 6.78 -2.36
N GLN L 398 -59.59 7.87 -1.60
CA GLN L 398 -58.49 8.25 -0.71
C GLN L 398 -58.36 7.26 0.45
N VAL L 399 -59.49 6.91 1.08
CA VAL L 399 -59.43 5.92 2.16
C VAL L 399 -59.07 4.54 1.62
N ALA L 400 -59.35 4.26 0.33
CA ALA L 400 -58.88 3.03 -0.27
C ALA L 400 -57.37 3.05 -0.45
N ASN L 401 -56.82 4.19 -0.86
CA ASN L 401 -55.37 4.34 -0.88
C ASN L 401 -54.78 4.46 0.52
N GLU L 402 -55.62 4.75 1.51
CA GLU L 402 -55.15 4.89 2.88
C GLU L 402 -55.07 3.55 3.60
N THR L 403 -55.88 2.58 3.20
CA THR L 403 -56.00 1.31 3.91
C THR L 403 -55.04 0.26 3.38
N HIS L 404 -53.77 0.63 3.25
CA HIS L 404 -52.77 -0.27 2.71
C HIS L 404 -52.42 -1.35 3.72
N GLY L 405 -52.43 -2.61 3.27
CA GLY L 405 -52.13 -3.73 4.13
C GLY L 405 -53.32 -4.28 4.90
N HIS L 406 -54.53 -3.98 4.49
CA HIS L 406 -55.74 -4.45 5.17
C HIS L 406 -56.41 -5.51 4.31
N VAL L 407 -56.72 -6.66 4.93
CA VAL L 407 -57.53 -7.69 4.31
C VAL L 407 -58.99 -7.24 4.33
N GLY L 408 -59.85 -7.96 3.61
CA GLY L 408 -61.26 -7.59 3.55
C GLY L 408 -61.97 -7.58 4.88
N ALA L 409 -61.46 -8.34 5.86
CA ALA L 409 -62.05 -8.29 7.20
C ALA L 409 -61.80 -6.95 7.87
N ASP L 410 -60.61 -6.38 7.69
CA ASP L 410 -60.31 -5.07 8.24
C ASP L 410 -61.19 -3.99 7.62
N LEU L 411 -61.39 -4.07 6.30
CA LEU L 411 -62.29 -3.12 5.64
C LEU L 411 -63.73 -3.29 6.10
N ALA L 412 -64.15 -4.53 6.38
CA ALA L 412 -65.46 -4.74 6.98
C ALA L 412 -65.52 -4.15 8.39
N ALA L 413 -64.44 -4.27 9.15
CA ALA L 413 -64.38 -3.63 10.47
C ALA L 413 -64.20 -2.13 10.34
N LEU L 414 -63.45 -1.67 9.35
CA LEU L 414 -63.29 -0.23 9.12
C LEU L 414 -64.62 0.42 8.77
N CYS L 415 -65.41 -0.25 7.92
CA CYS L 415 -66.74 0.25 7.61
C CYS L 415 -67.71 0.10 8.78
N SER L 416 -67.43 -0.81 9.70
CA SER L 416 -68.25 -0.97 10.89
C SER L 416 -67.83 -0.07 12.04
N GLU L 417 -66.53 0.23 12.15
CA GLU L 417 -66.07 1.13 13.21
C GLU L 417 -66.42 2.57 12.91
N ALA L 418 -66.41 2.98 11.65
CA ALA L 418 -66.84 4.33 11.31
C ALA L 418 -68.34 4.50 11.50
N ALA L 419 -69.12 3.49 11.12
CA ALA L 419 -70.57 3.52 11.37
C ALA L 419 -70.87 3.56 12.85
N LEU L 420 -70.14 2.77 13.65
CA LEU L 420 -70.33 2.81 15.09
C LEU L 420 -69.89 4.13 15.69
N GLN L 421 -68.84 4.74 15.12
CA GLN L 421 -68.44 6.08 15.57
C GLN L 421 -69.54 7.10 15.32
N ALA L 422 -70.15 7.05 14.13
CA ALA L 422 -71.26 7.95 13.84
C ALA L 422 -72.44 7.69 14.76
N ILE L 423 -72.76 6.42 15.00
CA ILE L 423 -73.87 6.08 15.89
C ILE L 423 -73.60 6.58 17.30
N ARG L 424 -72.39 6.39 17.80
CA ARG L 424 -72.06 6.80 19.16
C ARG L 424 -71.96 8.31 19.30
N LYS L 425 -71.63 9.02 18.21
CA LYS L 425 -71.71 10.47 18.25
C LYS L 425 -73.15 10.95 18.21
N LYS L 426 -74.03 10.21 17.55
CA LYS L 426 -75.46 10.54 17.57
C LYS L 426 -76.16 10.08 18.85
N MET L 427 -75.51 9.22 19.65
CA MET L 427 -76.10 8.81 20.92
C MET L 427 -76.25 9.98 21.88
N ASP L 428 -75.25 10.87 21.90
CA ASP L 428 -75.34 12.06 22.74
C ASP L 428 -76.42 13.01 22.24
N LEU L 429 -76.63 13.08 20.92
CA LEU L 429 -77.68 13.94 20.39
C LEU L 429 -79.06 13.41 20.73
N ILE L 430 -79.28 12.11 20.56
CA ILE L 430 -80.56 11.48 20.86
C ILE L 430 -80.38 10.73 22.18
N ASP L 431 -80.72 11.39 23.27
CA ASP L 431 -80.55 10.81 24.60
C ASP L 431 -81.72 9.89 24.95
N LEU L 432 -81.50 9.04 25.94
CA LEU L 432 -82.49 8.18 26.58
C LEU L 432 -82.99 7.07 25.65
N GLU L 433 -82.49 6.99 24.42
CA GLU L 433 -82.99 6.03 23.44
C GLU L 433 -82.70 4.58 23.84
N ASP L 434 -83.73 3.85 24.27
CA ASP L 434 -83.65 2.39 24.42
C ASP L 434 -84.93 1.81 23.80
N GLU L 435 -84.90 1.64 22.48
CA GLU L 435 -86.01 1.11 21.70
C GLU L 435 -85.41 0.37 20.50
N THR L 436 -86.26 0.13 19.49
CA THR L 436 -85.75 -0.31 18.19
C THR L 436 -85.04 0.81 17.44
N ILE L 437 -85.11 2.04 17.95
CA ILE L 437 -84.46 3.23 17.38
C ILE L 437 -84.98 3.47 15.97
N ASP L 438 -86.18 2.98 15.68
CA ASP L 438 -86.92 3.25 14.45
C ASP L 438 -86.05 2.93 13.23
N ALA L 439 -86.31 3.61 12.11
CA ALA L 439 -85.44 3.55 10.95
C ALA L 439 -85.26 4.91 10.28
N GLU L 440 -85.82 5.99 10.84
CA GLU L 440 -85.74 7.32 10.27
C GLU L 440 -84.48 8.05 10.70
N VAL L 441 -84.10 7.93 11.97
CA VAL L 441 -82.85 8.53 12.42
C VAL L 441 -81.66 7.85 11.77
N MET L 442 -81.75 6.54 11.54
CA MET L 442 -80.70 5.83 10.81
C MET L 442 -80.61 6.31 9.37
N ASN L 443 -81.75 6.63 8.76
CA ASN L 443 -81.73 7.25 7.44
C ASN L 443 -81.08 8.63 7.51
N SER L 444 -81.34 9.37 8.58
CA SER L 444 -80.71 10.68 8.77
C SER L 444 -79.23 10.56 9.11
N LEU L 445 -78.76 9.37 9.48
CA LEU L 445 -77.35 9.18 9.79
C LEU L 445 -76.52 9.34 8.52
N ALA L 446 -75.47 10.15 8.60
CA ALA L 446 -74.60 10.44 7.46
C ALA L 446 -73.16 10.31 7.91
N VAL L 447 -72.54 9.16 7.62
CA VAL L 447 -71.15 8.94 7.98
C VAL L 447 -70.25 9.82 7.12
N THR L 448 -69.46 10.66 7.76
CA THR L 448 -68.60 11.62 7.10
C THR L 448 -67.15 11.16 7.16
N MET L 449 -66.25 12.01 6.66
CA MET L 449 -64.82 11.71 6.68
C MET L 449 -64.26 11.64 8.10
N ASP L 450 -64.91 12.29 9.06
CA ASP L 450 -64.43 12.23 10.44
C ASP L 450 -64.49 10.80 10.98
N ASP L 451 -65.64 10.14 10.79
CA ASP L 451 -65.80 8.77 11.28
C ASP L 451 -64.84 7.82 10.60
N PHE L 452 -64.72 7.91 9.27
CA PHE L 452 -63.82 7.05 8.53
C PHE L 452 -62.36 7.27 8.89
N ARG L 453 -61.94 8.53 9.06
CA ARG L 453 -60.57 8.83 9.50
C ARG L 453 -60.30 8.30 10.90
N TRP L 454 -61.25 8.46 11.83
CA TRP L 454 -61.08 7.94 13.17
C TRP L 454 -60.97 6.42 13.16
N ALA L 455 -61.82 5.76 12.37
CA ALA L 455 -61.77 4.30 12.28
C ALA L 455 -60.47 3.83 11.64
N LEU L 456 -60.02 4.53 10.60
CA LEU L 456 -58.75 4.17 9.95
C LEU L 456 -57.58 4.33 10.90
N SER L 457 -57.59 5.38 11.71
CA SER L 457 -56.56 5.54 12.73
C SER L 457 -56.64 4.43 13.77
N GLN L 458 -57.86 4.03 14.14
CA GLN L 458 -58.02 2.97 15.13
C GLN L 458 -57.74 1.60 14.52
N SER L 459 -58.14 1.38 13.29
CA SER L 459 -57.97 0.07 12.65
C SER L 459 -56.50 -0.27 12.48
N ASN L 460 -56.18 -1.55 12.66
CA ASN L 460 -54.83 -2.04 12.52
C ASN L 460 -54.75 -3.02 11.36
N PRO L 461 -53.77 -2.89 10.48
CA PRO L 461 -53.61 -3.86 9.38
C PRO L 461 -53.33 -5.26 9.93
N SER L 462 -53.95 -6.25 9.30
CA SER L 462 -53.71 -7.64 9.68
C SER L 462 -52.68 -8.31 8.78
N ALA L 463 -52.67 -7.98 7.50
CA ALA L 463 -51.73 -8.54 6.53
C ALA L 463 -50.99 -7.40 5.86
N LEU L 464 -49.91 -6.94 6.47
CA LEU L 464 -49.09 -5.86 5.93
C LEU L 464 -47.73 -6.32 5.44
N ARG L 465 -47.10 -7.27 6.13
CA ARG L 465 -45.78 -7.75 5.73
C ARG L 465 -45.82 -8.66 4.52
N GLU L 466 -46.98 -9.23 4.19
CA GLU L 466 -47.09 -10.05 2.99
C GLU L 466 -46.96 -9.18 1.74
N THR L 467 -46.30 -9.72 0.72
CA THR L 467 -46.10 -8.97 -0.51
C THR L 467 -47.45 -8.71 -1.18
N VAL L 468 -47.64 -7.48 -1.64
CA VAL L 468 -48.91 -7.07 -2.24
C VAL L 468 -48.85 -7.32 -3.74
N VAL L 469 -49.88 -7.98 -4.26
CA VAL L 469 -50.04 -8.25 -5.68
C VAL L 469 -51.11 -7.29 -6.19
N GLU L 470 -50.71 -6.35 -7.04
CA GLU L 470 -51.56 -5.22 -7.40
C GLU L 470 -51.70 -5.09 -8.91
N VAL L 471 -52.79 -4.45 -9.30
CA VAL L 471 -52.96 -3.94 -10.67
C VAL L 471 -52.85 -2.43 -10.56
N PRO L 472 -51.74 -1.82 -10.98
CA PRO L 472 -51.50 -0.41 -10.68
C PRO L 472 -52.48 0.51 -11.40
N GLN L 473 -52.71 1.67 -10.78
CA GLN L 473 -53.54 2.72 -11.36
C GLN L 473 -52.73 3.66 -12.26
N VAL L 474 -51.43 3.44 -12.37
CA VAL L 474 -50.58 4.29 -13.22
C VAL L 474 -50.80 3.89 -14.67
N THR L 475 -51.25 4.84 -15.48
CA THR L 475 -51.52 4.63 -16.89
C THR L 475 -50.48 5.36 -17.73
N TRP L 476 -50.64 5.26 -19.06
CA TRP L 476 -49.73 5.96 -19.96
C TRP L 476 -49.87 7.47 -19.84
N GLU L 477 -51.04 7.95 -19.43
CA GLU L 477 -51.23 9.38 -19.21
C GLU L 477 -50.39 9.87 -18.04
N ASP L 478 -50.19 9.03 -17.03
CA ASP L 478 -49.35 9.41 -15.89
C ASP L 478 -47.87 9.40 -16.22
N ILE L 479 -47.48 8.88 -17.38
CA ILE L 479 -46.09 8.83 -17.79
C ILE L 479 -45.82 10.01 -18.71
N GLY L 480 -44.94 10.91 -18.27
CA GLY L 480 -44.56 12.06 -19.07
C GLY L 480 -43.35 11.80 -19.95
N GLY L 481 -43.49 12.03 -21.25
CA GLY L 481 -42.38 11.78 -22.15
C GLY L 481 -42.15 10.29 -22.37
N LEU L 482 -40.92 9.98 -22.77
CA LEU L 482 -40.49 8.60 -23.03
C LEU L 482 -41.40 7.92 -24.05
N GLU L 483 -41.75 8.67 -25.11
CA GLU L 483 -42.64 8.13 -26.14
C GLU L 483 -41.99 6.97 -26.88
N ASP L 484 -40.69 7.09 -27.19
CA ASP L 484 -39.98 5.99 -27.84
C ASP L 484 -39.91 4.77 -26.93
N VAL L 485 -39.65 4.99 -25.64
CA VAL L 485 -39.63 3.88 -24.69
C VAL L 485 -41.01 3.26 -24.55
N LYS L 486 -42.05 4.10 -24.54
CA LYS L 486 -43.41 3.58 -24.48
C LYS L 486 -43.73 2.73 -25.70
N ARG L 487 -43.32 3.18 -26.89
CA ARG L 487 -43.56 2.40 -28.10
C ARG L 487 -42.80 1.08 -28.07
N GLU L 488 -41.54 1.11 -27.63
CA GLU L 488 -40.77 -0.13 -27.53
C GLU L 488 -41.41 -1.11 -26.54
N LEU L 489 -41.87 -0.60 -25.40
CA LEU L 489 -42.52 -1.45 -24.41
C LEU L 489 -43.81 -2.04 -24.95
N GLN L 490 -44.67 -1.21 -25.54
CA GLN L 490 -45.95 -1.69 -26.06
C GLN L 490 -45.79 -2.57 -27.29
N GLU L 491 -44.66 -2.52 -27.98
CA GLU L 491 -44.38 -3.43 -29.07
C GLU L 491 -43.57 -4.64 -28.64
N LEU L 492 -43.10 -4.68 -27.39
CA LEU L 492 -42.29 -5.78 -26.91
C LEU L 492 -43.04 -6.73 -25.98
N VAL L 493 -43.99 -6.23 -25.19
CA VAL L 493 -44.75 -7.08 -24.29
C VAL L 493 -46.21 -7.20 -24.70
N GLN L 494 -46.83 -6.16 -25.25
CA GLN L 494 -48.21 -6.25 -25.70
C GLN L 494 -48.34 -6.99 -27.02
N TYR L 495 -47.31 -6.93 -27.86
CA TYR L 495 -47.35 -7.64 -29.14
C TYR L 495 -47.46 -9.16 -28.98
N PRO L 496 -46.64 -9.84 -28.17
CA PRO L 496 -46.76 -11.30 -28.10
C PRO L 496 -48.06 -11.79 -27.47
N VAL L 497 -48.64 -11.04 -26.54
CA VAL L 497 -49.81 -11.54 -25.83
C VAL L 497 -51.07 -11.50 -26.69
N GLU L 498 -51.05 -10.75 -27.79
CA GLU L 498 -52.20 -10.66 -28.68
C GLU L 498 -51.94 -11.22 -30.08
N HIS L 499 -50.69 -11.45 -30.46
CA HIS L 499 -50.35 -12.06 -31.74
C HIS L 499 -49.35 -13.19 -31.51
N PRO L 500 -49.81 -14.33 -30.99
CA PRO L 500 -48.90 -15.46 -30.74
C PRO L 500 -48.60 -16.23 -32.02
N ASP L 501 -49.55 -16.25 -32.95
CA ASP L 501 -49.37 -17.02 -34.18
C ASP L 501 -48.22 -16.47 -35.02
N LYS L 502 -48.13 -15.14 -35.15
CA LYS L 502 -47.06 -14.55 -35.94
C LYS L 502 -45.71 -14.72 -35.28
N PHE L 503 -45.67 -14.71 -33.93
CA PHE L 503 -44.42 -15.01 -33.24
C PHE L 503 -44.01 -16.46 -33.42
N LEU L 504 -44.98 -17.37 -33.45
CA LEU L 504 -44.67 -18.79 -33.62
C LEU L 504 -44.24 -19.10 -35.05
N LYS L 505 -44.79 -18.37 -36.03
CA LYS L 505 -44.49 -18.65 -37.43
C LYS L 505 -43.02 -18.40 -37.74
N PHE L 506 -42.46 -17.30 -37.24
CA PHE L 506 -41.08 -16.95 -37.53
C PHE L 506 -40.08 -17.70 -36.64
N GLY L 507 -40.56 -18.46 -35.67
CA GLY L 507 -39.69 -19.26 -34.83
C GLY L 507 -38.80 -18.43 -33.92
N MET L 508 -39.42 -17.68 -33.00
CA MET L 508 -38.66 -16.87 -32.04
C MET L 508 -39.45 -16.79 -30.75
N THR L 509 -38.82 -17.16 -29.64
CA THR L 509 -39.43 -16.96 -28.33
C THR L 509 -39.40 -15.48 -27.99
N PRO L 510 -40.53 -14.87 -27.67
CA PRO L 510 -40.52 -13.43 -27.36
C PRO L 510 -39.70 -13.14 -26.11
N SER L 511 -39.06 -11.97 -26.11
CA SER L 511 -38.18 -11.60 -25.02
C SER L 511 -38.97 -11.33 -23.75
N LYS L 512 -38.59 -12.02 -22.68
CA LYS L 512 -39.24 -11.86 -21.38
C LYS L 512 -38.23 -11.28 -20.41
N GLY L 513 -38.51 -10.07 -19.91
CA GLY L 513 -37.61 -9.44 -18.96
C GLY L 513 -36.90 -8.27 -19.60
N VAL L 514 -37.01 -7.11 -18.97
CA VAL L 514 -36.40 -5.88 -19.45
C VAL L 514 -35.70 -5.20 -18.30
N LEU L 515 -34.43 -4.84 -18.50
CA LEU L 515 -33.63 -4.16 -17.48
C LEU L 515 -33.65 -2.66 -17.79
N PHE L 516 -34.48 -1.92 -17.04
CA PHE L 516 -34.53 -0.47 -17.20
C PHE L 516 -33.34 0.15 -16.49
N TYR L 517 -32.41 0.71 -17.25
CA TYR L 517 -31.26 1.39 -16.69
C TYR L 517 -31.30 2.87 -17.05
N GLY L 518 -30.87 3.70 -16.10
CA GLY L 518 -30.91 5.13 -16.29
C GLY L 518 -30.71 5.88 -14.98
N PRO L 519 -30.86 7.20 -15.03
CA PRO L 519 -30.72 7.98 -13.80
C PRO L 519 -31.82 7.63 -12.82
N PRO L 520 -31.52 7.68 -11.53
CA PRO L 520 -32.55 7.37 -10.53
C PRO L 520 -33.65 8.42 -10.51
N GLY L 521 -34.85 7.98 -10.16
CA GLY L 521 -35.99 8.87 -10.12
C GLY L 521 -36.38 9.41 -11.48
N CYS L 522 -36.35 8.56 -12.50
CA CYS L 522 -36.65 8.99 -13.86
C CYS L 522 -37.88 8.33 -14.48
N GLY L 523 -38.48 7.35 -13.80
CA GLY L 523 -39.72 6.77 -14.29
C GLY L 523 -39.63 5.31 -14.71
N LYS L 524 -38.76 4.54 -14.06
CA LYS L 524 -38.67 3.11 -14.36
C LYS L 524 -39.79 2.34 -13.69
N THR L 525 -40.00 2.56 -12.38
CA THR L 525 -41.13 1.94 -11.69
C THR L 525 -42.44 2.43 -12.28
N LEU L 526 -42.52 3.72 -12.63
CA LEU L 526 -43.72 4.25 -13.25
C LEU L 526 -44.00 3.57 -14.58
N LEU L 527 -42.96 3.35 -15.39
CA LEU L 527 -43.13 2.68 -16.67
C LEU L 527 -43.57 1.23 -16.47
N ALA L 528 -42.99 0.54 -15.49
CA ALA L 528 -43.40 -0.84 -15.21
C ALA L 528 -44.86 -0.90 -14.77
N LYS L 529 -45.27 0.03 -13.91
CA LYS L 529 -46.66 0.06 -13.47
C LYS L 529 -47.60 0.38 -14.61
N ALA L 530 -47.18 1.27 -15.52
CA ALA L 530 -48.01 1.59 -16.69
C ALA L 530 -48.14 0.38 -17.60
N ILE L 531 -47.05 -0.38 -17.77
CA ILE L 531 -47.11 -1.61 -18.56
C ILE L 531 -48.06 -2.60 -17.91
N ALA L 532 -48.00 -2.72 -16.58
CA ALA L 532 -48.89 -3.63 -15.88
C ALA L 532 -50.34 -3.22 -16.05
N ASN L 533 -50.62 -1.91 -15.98
CA ASN L 533 -52.00 -1.44 -16.06
C ASN L 533 -52.55 -1.56 -17.48
N GLU L 534 -51.72 -1.28 -18.48
CA GLU L 534 -52.19 -1.32 -19.87
C GLU L 534 -52.62 -2.72 -20.27
N CYS L 535 -51.85 -3.73 -19.87
CA CYS L 535 -52.19 -5.12 -20.15
C CYS L 535 -53.13 -5.73 -19.12
N GLN L 536 -53.50 -4.96 -18.09
CA GLN L 536 -54.39 -5.42 -17.03
C GLN L 536 -53.87 -6.69 -16.37
N ALA L 537 -52.58 -6.67 -16.05
CA ALA L 537 -51.91 -7.79 -15.41
C ALA L 537 -51.45 -7.41 -14.02
N ASN L 538 -51.32 -8.42 -13.16
CA ASN L 538 -50.88 -8.18 -11.79
C ASN L 538 -49.43 -7.70 -11.76
N PHE L 539 -49.13 -6.88 -10.75
CA PHE L 539 -47.82 -6.24 -10.63
C PHE L 539 -47.23 -6.58 -9.27
N ILE L 540 -46.03 -7.15 -9.29
CA ILE L 540 -45.29 -7.48 -8.07
C ILE L 540 -44.00 -6.68 -8.09
N SER L 541 -43.87 -5.75 -7.16
CA SER L 541 -42.70 -4.90 -7.06
C SER L 541 -41.79 -5.41 -5.94
N ILE L 542 -40.61 -5.89 -6.30
CA ILE L 542 -39.62 -6.31 -5.32
C ILE L 542 -38.57 -5.22 -5.22
N LYS L 543 -38.74 -4.32 -4.26
CA LYS L 543 -37.87 -3.17 -4.14
C LYS L 543 -36.51 -3.58 -3.57
N GLY L 544 -35.57 -2.62 -3.63
CA GLY L 544 -34.25 -2.82 -3.06
C GLY L 544 -34.20 -3.18 -1.60
N PRO L 545 -35.03 -2.56 -0.74
CA PRO L 545 -35.09 -3.01 0.66
C PRO L 545 -35.38 -4.50 0.82
N GLU L 546 -36.29 -5.06 0.03
CA GLU L 546 -36.60 -6.48 0.16
C GLU L 546 -35.41 -7.35 -0.23
N LEU L 547 -34.76 -7.02 -1.34
CA LEU L 547 -33.59 -7.78 -1.77
C LEU L 547 -32.46 -7.69 -0.76
N LEU L 548 -32.24 -6.49 -0.21
CA LEU L 548 -31.17 -6.33 0.78
C LEU L 548 -31.50 -7.07 2.07
N THR L 549 -32.78 -7.08 2.47
CA THR L 549 -33.18 -7.84 3.65
C THR L 549 -32.96 -9.34 3.42
N MET L 550 -33.31 -9.84 2.24
CA MET L 550 -33.10 -11.25 1.96
C MET L 550 -31.62 -11.60 1.86
N TRP L 551 -30.80 -10.66 1.40
CA TRP L 551 -29.36 -10.91 1.31
C TRP L 551 -28.69 -10.89 2.69
N PHE L 552 -29.05 -9.92 3.53
CA PHE L 552 -28.37 -9.76 4.81
C PHE L 552 -28.68 -10.91 5.76
N GLY L 553 -29.95 -11.30 5.86
CA GLY L 553 -30.34 -12.40 6.71
C GLY L 553 -30.11 -13.77 6.13
N GLU L 554 -29.45 -13.85 4.97
CA GLU L 554 -29.25 -15.12 4.26
C GLU L 554 -30.59 -15.80 3.99
N SER L 555 -31.58 -15.00 3.63
CA SER L 555 -32.94 -15.46 3.36
C SER L 555 -33.24 -15.54 1.88
N GLU L 556 -32.26 -16.00 1.08
CA GLU L 556 -32.48 -16.15 -0.36
C GLU L 556 -33.55 -17.19 -0.66
N ALA L 557 -33.81 -18.13 0.25
CA ALA L 557 -34.89 -19.09 0.05
C ALA L 557 -36.25 -18.42 -0.03
N ASN L 558 -36.38 -17.20 0.50
CA ASN L 558 -37.61 -16.44 0.34
C ASN L 558 -37.81 -15.94 -1.08
N VAL L 559 -36.72 -15.76 -1.84
CA VAL L 559 -36.83 -15.31 -3.22
C VAL L 559 -37.74 -16.27 -4.01
N ARG L 560 -37.52 -17.57 -3.82
CA ARG L 560 -38.39 -18.59 -4.41
C ARG L 560 -39.86 -18.27 -4.15
N GLU L 561 -40.20 -17.99 -2.90
CA GLU L 561 -41.58 -17.68 -2.53
C GLU L 561 -42.13 -16.54 -3.40
N ILE L 562 -41.32 -15.49 -3.56
CA ILE L 562 -41.76 -14.35 -4.38
C ILE L 562 -42.13 -14.83 -5.78
N PHE L 563 -41.25 -15.61 -6.40
CA PHE L 563 -41.56 -16.13 -7.73
C PHE L 563 -42.78 -17.03 -7.68
N ASP L 564 -42.89 -17.84 -6.62
CA ASP L 564 -44.08 -18.66 -6.45
C ASP L 564 -45.33 -17.80 -6.40
N LYS L 565 -45.24 -16.65 -5.72
CA LYS L 565 -46.36 -15.72 -5.71
C LYS L 565 -46.70 -15.27 -7.12
N ALA L 566 -45.67 -14.94 -7.91
CA ALA L 566 -45.90 -14.57 -9.30
C ALA L 566 -46.44 -15.72 -10.11
N ARG L 567 -46.14 -16.96 -9.70
CA ARG L 567 -46.72 -18.11 -10.39
C ARG L 567 -48.19 -18.27 -10.02
N GLN L 568 -48.60 -17.78 -8.85
CA GLN L 568 -49.99 -17.90 -8.41
C GLN L 568 -50.79 -16.65 -8.68
N ALA L 569 -50.20 -15.62 -9.29
CA ALA L 569 -50.89 -14.39 -9.63
C ALA L 569 -50.70 -14.05 -11.11
N ALA L 570 -50.50 -15.07 -11.93
CA ALA L 570 -50.27 -14.85 -13.35
C ALA L 570 -51.52 -14.29 -14.02
N PRO L 571 -51.36 -13.37 -14.99
CA PRO L 571 -50.11 -12.82 -15.52
C PRO L 571 -49.46 -11.81 -14.57
N CYS L 572 -48.14 -11.77 -14.49
CA CYS L 572 -47.44 -10.87 -13.60
C CYS L 572 -46.42 -10.06 -14.38
N VAL L 573 -46.09 -8.89 -13.82
CA VAL L 573 -45.19 -7.92 -14.44
C VAL L 573 -44.02 -7.66 -13.49
N LEU L 574 -43.53 -8.73 -12.85
CA LEU L 574 -42.51 -8.70 -11.80
C LEU L 574 -41.46 -7.62 -12.01
N PHE L 575 -41.24 -6.79 -10.98
CA PHE L 575 -40.37 -5.64 -11.08
C PHE L 575 -39.36 -5.68 -9.94
N PHE L 576 -38.08 -5.79 -10.29
CA PHE L 576 -37.00 -5.83 -9.30
C PHE L 576 -36.36 -4.45 -9.24
N ASP L 577 -37.00 -3.57 -8.46
CA ASP L 577 -36.47 -2.22 -8.28
C ASP L 577 -35.13 -2.27 -7.56
N GLU L 578 -34.19 -1.45 -8.03
CA GLU L 578 -32.83 -1.40 -7.50
C GLU L 578 -32.19 -2.79 -7.53
N LEU L 579 -32.04 -3.31 -8.75
CA LEU L 579 -31.38 -4.60 -8.92
C LEU L 579 -29.89 -4.53 -8.58
N ASP L 580 -29.32 -3.33 -8.52
CA ASP L 580 -27.94 -3.12 -8.12
C ASP L 580 -27.81 -2.74 -6.65
N SER L 581 -28.90 -2.80 -5.89
CA SER L 581 -28.84 -2.44 -4.47
C SER L 581 -27.93 -3.38 -3.71
N ILE L 582 -28.01 -4.69 -4.02
CA ILE L 582 -27.12 -5.65 -3.38
C ILE L 582 -25.67 -5.39 -3.78
N ALA L 583 -25.43 -5.00 -5.03
CA ALA L 583 -24.07 -4.65 -5.44
C ALA L 583 -23.61 -3.35 -4.81
N LYS L 584 -24.54 -2.39 -4.63
CA LYS L 584 -24.18 -1.14 -3.97
C LYS L 584 -23.82 -1.37 -2.51
N ALA L 585 -24.54 -2.26 -1.83
CA ALA L 585 -24.27 -2.53 -0.42
C ALA L 585 -22.95 -3.25 -0.21
N ARG L 586 -22.36 -3.82 -1.26
CA ARG L 586 -21.07 -4.50 -1.17
C ARG L 586 -19.90 -3.61 -1.57
N GLY L 587 -20.15 -2.34 -1.88
CA GLY L 587 -19.09 -1.43 -2.26
C GLY L 587 -19.31 -0.80 -3.62
N GLY L 588 -19.86 -1.57 -4.55
CA GLY L 588 -20.11 -1.10 -5.88
C GLY L 588 -18.93 -1.29 -6.81
N GLY L 594 -15.38 -9.83 -4.64
CA GLY L 594 -15.81 -9.15 -5.85
C GLY L 594 -16.46 -10.09 -6.86
N GLY L 595 -16.49 -9.66 -8.11
CA GLY L 595 -17.06 -10.45 -9.17
C GLY L 595 -18.58 -10.46 -9.23
N ALA L 596 -19.23 -9.62 -8.43
CA ALA L 596 -20.70 -9.51 -8.37
C ALA L 596 -21.27 -10.89 -8.02
N ALA L 597 -22.42 -11.27 -8.58
CA ALA L 597 -23.03 -12.58 -8.39
C ALA L 597 -23.26 -12.89 -6.91
N ASP L 598 -24.15 -12.10 -6.32
CA ASP L 598 -24.49 -12.24 -4.91
C ASP L 598 -25.50 -13.36 -4.71
N ARG L 599 -25.80 -13.65 -3.43
CA ARG L 599 -26.67 -14.77 -3.11
C ARG L 599 -28.08 -14.55 -3.65
N VAL L 600 -28.69 -13.41 -3.32
CA VAL L 600 -30.06 -13.15 -3.74
C VAL L 600 -30.12 -12.97 -5.25
N ILE L 601 -29.11 -12.33 -5.84
CA ILE L 601 -29.07 -12.18 -7.29
C ILE L 601 -28.90 -13.54 -7.97
N ASN L 602 -28.12 -14.44 -7.37
CA ASN L 602 -27.96 -15.78 -7.95
C ASN L 602 -29.26 -16.57 -7.88
N GLN L 603 -29.97 -16.49 -6.76
CA GLN L 603 -31.27 -17.14 -6.67
C GLN L 603 -32.27 -16.51 -7.64
N ILE L 604 -32.18 -15.21 -7.85
CA ILE L 604 -33.01 -14.53 -8.85
C ILE L 604 -32.70 -15.06 -10.25
N LEU L 605 -31.41 -15.29 -10.54
CA LEU L 605 -31.03 -15.86 -11.82
C LEU L 605 -31.59 -17.26 -11.99
N THR L 606 -31.52 -18.08 -10.93
CA THR L 606 -32.08 -19.44 -11.00
C THR L 606 -33.58 -19.40 -11.24
N GLU L 607 -34.29 -18.51 -10.54
CA GLU L 607 -35.73 -18.43 -10.72
C GLU L 607 -36.10 -17.82 -12.08
N MET L 608 -35.26 -16.94 -12.62
CA MET L 608 -35.47 -16.45 -13.97
C MET L 608 -35.32 -17.57 -14.99
N ASP L 609 -34.32 -18.43 -14.80
CA ASP L 609 -34.17 -19.59 -15.68
C ASP L 609 -35.38 -20.52 -15.55
N GLY L 610 -35.90 -20.67 -14.33
CA GLY L 610 -37.10 -21.47 -14.15
C GLY L 610 -38.33 -20.87 -14.82
N MET L 611 -38.49 -19.55 -14.72
CA MET L 611 -39.68 -18.87 -15.22
C MET L 611 -39.58 -18.45 -16.67
N SER L 612 -38.44 -18.68 -17.32
CA SER L 612 -38.33 -18.37 -18.74
C SER L 612 -39.30 -19.20 -19.58
N THR L 613 -39.72 -20.35 -19.08
CA THR L 613 -40.68 -21.19 -19.76
C THR L 613 -42.13 -20.88 -19.39
N LYS L 614 -42.34 -19.94 -18.46
CA LYS L 614 -43.70 -19.56 -18.08
C LYS L 614 -44.42 -18.87 -19.24
N LYS L 615 -43.77 -17.85 -19.83
CA LYS L 615 -44.36 -17.05 -20.91
C LYS L 615 -45.72 -16.48 -20.54
N ASN L 616 -45.91 -16.24 -19.24
CA ASN L 616 -47.08 -15.54 -18.73
C ASN L 616 -46.73 -14.46 -17.73
N VAL L 617 -45.48 -14.38 -17.28
CA VAL L 617 -45.04 -13.38 -16.32
C VAL L 617 -43.85 -12.64 -16.91
N PHE L 618 -43.83 -11.32 -16.74
CA PHE L 618 -42.72 -10.50 -17.21
C PHE L 618 -41.87 -10.09 -16.01
N ILE L 619 -40.56 -10.03 -16.21
CA ILE L 619 -39.62 -10.05 -15.10
C ILE L 619 -38.81 -8.75 -15.17
N ILE L 620 -39.49 -7.65 -15.54
CA ILE L 620 -38.89 -6.32 -15.66
C ILE L 620 -37.95 -6.00 -14.50
N GLY L 621 -36.78 -5.46 -14.80
CA GLY L 621 -35.85 -5.05 -13.76
C GLY L 621 -35.59 -3.56 -13.77
N ALA L 622 -34.69 -3.11 -12.89
CA ALA L 622 -34.36 -1.69 -12.82
C ALA L 622 -33.01 -1.52 -12.15
N THR L 623 -32.18 -0.65 -12.71
CA THR L 623 -30.84 -0.39 -12.20
C THR L 623 -30.54 1.09 -12.33
N ASN L 624 -30.35 1.77 -11.20
CA ASN L 624 -29.89 3.15 -11.21
C ASN L 624 -28.37 3.25 -11.32
N ARG L 625 -27.68 2.11 -11.30
CA ARG L 625 -26.24 2.05 -11.53
C ARG L 625 -25.95 0.76 -12.27
N PRO L 626 -26.23 0.72 -13.58
CA PRO L 626 -26.14 -0.56 -14.32
C PRO L 626 -24.73 -1.06 -14.52
N ASP L 627 -23.71 -0.22 -14.32
CA ASP L 627 -22.33 -0.67 -14.52
C ASP L 627 -21.96 -1.76 -13.53
N ILE L 628 -22.31 -1.58 -12.26
CA ILE L 628 -22.03 -2.59 -11.23
C ILE L 628 -23.27 -3.47 -11.14
N ILE L 629 -23.31 -4.48 -12.02
CA ILE L 629 -24.38 -5.46 -12.03
C ILE L 629 -23.79 -6.79 -12.46
N ASP L 630 -24.48 -7.87 -12.12
CA ASP L 630 -24.04 -9.21 -12.50
C ASP L 630 -24.22 -9.39 -14.00
N PRO L 631 -23.16 -9.69 -14.75
CA PRO L 631 -23.33 -9.92 -16.20
C PRO L 631 -24.21 -11.12 -16.52
N ALA L 632 -24.42 -12.04 -15.57
CA ALA L 632 -25.31 -13.16 -15.81
C ALA L 632 -26.75 -12.71 -15.99
N ILE L 633 -27.12 -11.55 -15.42
CA ILE L 633 -28.46 -11.01 -15.59
C ILE L 633 -28.73 -10.59 -17.03
N LEU L 634 -27.69 -10.44 -17.85
CA LEU L 634 -27.81 -10.05 -19.26
C LEU L 634 -27.54 -11.30 -20.09
N ARG L 635 -28.61 -12.07 -20.34
CA ARG L 635 -28.48 -13.34 -21.04
C ARG L 635 -29.85 -13.78 -21.56
N PRO L 636 -29.91 -14.46 -22.70
CA PRO L 636 -31.21 -14.95 -23.19
C PRO L 636 -31.89 -15.85 -22.16
N GLY L 637 -33.20 -15.71 -22.06
CA GLY L 637 -34.00 -16.32 -21.00
C GLY L 637 -34.09 -15.42 -19.80
N ARG L 638 -32.98 -14.79 -19.42
CA ARG L 638 -32.94 -13.76 -18.39
C ARG L 638 -33.13 -12.40 -19.06
N LEU L 639 -32.84 -11.31 -18.35
CA LEU L 639 -33.09 -9.98 -18.86
C LEU L 639 -32.15 -9.66 -20.03
N ASP L 640 -32.57 -10.01 -21.24
CA ASP L 640 -31.78 -9.79 -22.44
C ASP L 640 -31.98 -8.39 -23.01
N GLN L 641 -33.24 -8.00 -23.23
CA GLN L 641 -33.53 -6.68 -23.77
C GLN L 641 -33.19 -5.60 -22.75
N LEU L 642 -32.54 -4.54 -23.19
CA LEU L 642 -32.16 -3.42 -22.34
C LEU L 642 -32.76 -2.14 -22.91
N ILE L 643 -33.53 -1.44 -22.09
CA ILE L 643 -34.16 -0.18 -22.48
C ILE L 643 -33.59 0.92 -21.59
N TYR L 644 -33.04 1.95 -22.21
CA TYR L 644 -32.44 3.06 -21.49
C TYR L 644 -33.50 4.13 -21.23
N ILE L 645 -33.63 4.53 -19.97
CA ILE L 645 -34.58 5.57 -19.58
C ILE L 645 -33.82 6.88 -19.41
N PRO L 646 -33.75 7.72 -20.43
CA PRO L 646 -32.91 8.92 -20.36
C PRO L 646 -33.58 10.02 -19.54
N LEU L 647 -32.76 11.01 -19.18
CA LEU L 647 -33.29 12.19 -18.52
C LEU L 647 -34.25 12.91 -19.46
N PRO L 648 -35.38 13.42 -18.96
CA PRO L 648 -36.35 14.06 -19.84
C PRO L 648 -35.77 15.29 -20.52
N ASP L 649 -36.14 15.48 -21.79
CA ASP L 649 -35.69 16.63 -22.56
C ASP L 649 -36.66 17.78 -22.33
N GLU L 650 -36.53 18.83 -23.16
CA GLU L 650 -37.39 19.99 -22.98
C GLU L 650 -38.86 19.64 -23.20
N LYS L 651 -39.15 18.81 -24.20
CA LYS L 651 -40.54 18.45 -24.48
C LYS L 651 -41.07 17.46 -23.45
N SER L 652 -40.23 16.53 -22.99
CA SER L 652 -40.69 15.52 -22.05
C SER L 652 -40.96 16.11 -20.67
N ARG L 653 -40.22 17.16 -20.29
CA ARG L 653 -40.43 17.76 -18.97
C ARG L 653 -41.78 18.46 -18.88
N VAL L 654 -42.30 18.99 -19.99
CA VAL L 654 -43.64 19.56 -19.98
C VAL L 654 -44.66 18.50 -19.62
N ALA L 655 -44.56 17.33 -20.26
CA ALA L 655 -45.49 16.24 -19.98
C ALA L 655 -45.32 15.72 -18.56
N ILE L 656 -44.08 15.68 -18.07
CA ILE L 656 -43.82 15.21 -16.71
C ILE L 656 -44.47 16.15 -15.71
N LEU L 657 -44.30 17.47 -15.91
CA LEU L 657 -44.89 18.44 -15.00
C LEU L 657 -46.41 18.43 -15.09
N LYS L 658 -46.96 18.25 -16.30
CA LYS L 658 -48.42 18.21 -16.44
C LYS L 658 -49.00 16.97 -15.78
N ALA L 659 -48.33 15.83 -15.89
CA ALA L 659 -48.82 14.60 -15.27
C ALA L 659 -48.71 14.66 -13.76
N ASN L 660 -47.70 15.35 -13.24
CA ASN L 660 -47.52 15.51 -11.79
C ASN L 660 -48.38 16.63 -11.22
N LEU L 661 -49.10 17.37 -12.06
CA LEU L 661 -49.94 18.47 -11.61
C LEU L 661 -51.38 18.34 -12.08
N ARG L 662 -51.77 17.18 -12.62
CA ARG L 662 -53.16 17.00 -13.03
C ARG L 662 -54.11 17.03 -11.83
N LYS L 663 -53.74 16.37 -10.75
CA LYS L 663 -54.57 16.38 -9.55
C LYS L 663 -54.51 17.73 -8.86
N SER L 664 -53.35 18.40 -8.89
CA SER L 664 -53.21 19.67 -8.21
C SER L 664 -53.94 20.77 -9.00
N PRO L 665 -54.64 21.67 -8.30
CA PRO L 665 -55.31 22.78 -8.99
C PRO L 665 -54.34 23.91 -9.32
N VAL L 666 -53.65 23.78 -10.45
CA VAL L 666 -52.66 24.78 -10.86
C VAL L 666 -53.36 25.86 -11.68
N ALA L 667 -53.06 27.12 -11.36
CA ALA L 667 -53.63 28.23 -12.10
C ALA L 667 -53.05 28.29 -13.51
N LYS L 668 -53.86 28.77 -14.45
CA LYS L 668 -53.45 28.80 -15.85
C LYS L 668 -52.36 29.83 -16.12
N ASP L 669 -52.18 30.81 -15.24
CA ASP L 669 -51.18 31.85 -15.48
C ASP L 669 -49.75 31.35 -15.33
N VAL L 670 -49.55 30.16 -14.77
CA VAL L 670 -48.20 29.61 -14.65
C VAL L 670 -47.69 29.20 -16.02
N ASP L 671 -46.37 29.01 -16.11
CA ASP L 671 -45.70 28.67 -17.37
C ASP L 671 -44.91 27.38 -17.16
N LEU L 672 -45.57 26.24 -17.35
CA LEU L 672 -44.89 24.96 -17.17
C LEU L 672 -43.93 24.66 -18.31
N GLU L 673 -44.27 25.05 -19.54
CA GLU L 673 -43.36 24.84 -20.66
C GLU L 673 -42.11 25.70 -20.58
N PHE L 674 -42.11 26.74 -19.74
CA PHE L 674 -40.91 27.51 -19.46
C PHE L 674 -40.11 26.90 -18.31
N LEU L 675 -40.81 26.35 -17.32
CA LEU L 675 -40.14 25.60 -16.26
C LEU L 675 -39.42 24.38 -16.82
N ALA L 676 -39.98 23.78 -17.88
CA ALA L 676 -39.28 22.71 -18.58
C ALA L 676 -38.00 23.22 -19.22
N LYS L 677 -38.05 24.42 -19.82
CA LYS L 677 -36.86 24.99 -20.45
C LYS L 677 -35.77 25.28 -19.41
N MET L 678 -36.16 25.84 -18.26
CA MET L 678 -35.16 26.25 -17.27
C MET L 678 -34.44 25.05 -16.66
N THR L 679 -35.21 24.05 -16.23
CA THR L 679 -34.61 22.84 -15.67
C THR L 679 -34.03 21.99 -16.79
N ASN L 680 -32.72 21.74 -16.74
CA ASN L 680 -32.02 21.04 -17.81
C ASN L 680 -31.76 19.58 -17.45
N GLY L 681 -31.04 19.34 -16.35
CA GLY L 681 -30.70 17.98 -15.97
C GLY L 681 -31.63 17.39 -14.94
N PHE L 682 -32.85 17.93 -14.86
CA PHE L 682 -33.80 17.50 -13.85
C PHE L 682 -34.48 16.21 -14.28
N SER L 683 -34.50 15.23 -13.38
CA SER L 683 -35.20 13.99 -13.64
C SER L 683 -36.69 14.15 -13.35
N GLY L 684 -37.45 13.07 -13.51
CA GLY L 684 -38.85 13.10 -13.15
C GLY L 684 -39.05 13.30 -11.66
N ALA L 685 -38.18 12.69 -10.85
CA ALA L 685 -38.25 12.87 -9.40
C ALA L 685 -37.97 14.32 -9.00
N ASP L 686 -37.02 14.97 -9.68
CA ASP L 686 -36.72 16.36 -9.35
C ASP L 686 -37.89 17.28 -9.66
N LEU L 687 -38.53 17.10 -10.83
CA LEU L 687 -39.70 17.90 -11.17
C LEU L 687 -40.87 17.58 -10.25
N THR L 688 -41.01 16.32 -9.84
CA THR L 688 -42.05 15.96 -8.89
C THR L 688 -41.81 16.63 -7.54
N GLU L 689 -40.56 16.69 -7.09
CA GLU L 689 -40.24 17.41 -5.87
C GLU L 689 -40.53 18.90 -6.02
N ILE L 690 -40.26 19.46 -7.20
CA ILE L 690 -40.53 20.87 -7.44
C ILE L 690 -42.03 21.15 -7.33
N CYS L 691 -42.85 20.33 -7.99
CA CYS L 691 -44.29 20.56 -7.94
C CYS L 691 -44.86 20.25 -6.56
N GLN L 692 -44.31 19.27 -5.86
CA GLN L 692 -44.75 18.97 -4.50
C GLN L 692 -44.40 20.11 -3.55
N ARG L 693 -43.23 20.73 -3.73
CA ARG L 693 -42.87 21.88 -2.91
C ARG L 693 -43.72 23.09 -3.23
N ALA L 694 -44.09 23.27 -4.50
CA ALA L 694 -45.03 24.34 -4.85
C ALA L 694 -46.38 24.10 -4.19
N CYS L 695 -46.85 22.85 -4.21
CA CYS L 695 -48.09 22.50 -3.51
C CYS L 695 -47.97 22.74 -2.01
N LYS L 696 -46.82 22.40 -1.43
CA LYS L 696 -46.60 22.61 -0.01
C LYS L 696 -46.65 24.09 0.35
N LEU L 697 -46.01 24.94 -0.47
CA LEU L 697 -46.08 26.37 -0.22
C LEU L 697 -47.49 26.92 -0.40
N ALA L 698 -48.24 26.40 -1.39
CA ALA L 698 -49.61 26.83 -1.58
C ALA L 698 -50.47 26.46 -0.37
N ILE L 699 -50.32 25.24 0.14
CA ILE L 699 -51.08 24.82 1.30
C ILE L 699 -50.67 25.61 2.54
N ARG L 700 -49.36 25.90 2.66
CA ARG L 700 -48.90 26.69 3.80
C ARG L 700 -49.48 28.09 3.77
N GLU L 701 -49.51 28.73 2.60
CA GLU L 701 -50.10 30.06 2.49
C GLU L 701 -51.60 30.01 2.77
N SER L 702 -52.29 28.99 2.27
CA SER L 702 -53.72 28.88 2.53
C SER L 702 -54.01 28.69 4.01
N ILE L 703 -53.23 27.83 4.68
CA ILE L 703 -53.42 27.60 6.11
C ILE L 703 -53.10 28.85 6.91
N GLU L 704 -52.02 29.55 6.54
CA GLU L 704 -51.68 30.80 7.23
C GLU L 704 -52.80 31.83 7.08
N SER L 705 -53.34 31.97 5.87
CA SER L 705 -54.43 32.91 5.65
C SER L 705 -55.67 32.51 6.45
N GLU L 706 -55.99 31.23 6.48
CA GLU L 706 -57.19 30.77 7.19
C GLU L 706 -57.04 30.99 8.70
N ILE L 707 -55.89 30.64 9.27
CA ILE L 707 -55.71 30.82 10.70
C ILE L 707 -55.60 32.30 11.06
N ARG L 708 -55.06 33.12 10.17
CA ARG L 708 -55.03 34.56 10.41
C ARG L 708 -56.43 35.14 10.38
N ARG L 709 -57.27 34.70 9.45
CA ARG L 709 -58.65 35.16 9.39
C ARG L 709 -59.42 34.70 10.63
N GLU L 710 -59.18 33.47 11.09
CA GLU L 710 -59.83 32.98 12.30
C GLU L 710 -59.39 33.78 13.51
N ARG L 711 -58.11 34.15 13.58
CA ARG L 711 -57.61 35.00 14.66
C ARG L 711 -57.95 36.47 14.45
N GLU L 712 -58.48 36.84 13.29
CA GLU L 712 -58.91 38.21 13.03
C GLU L 712 -60.43 38.36 12.99
N ARG L 713 -61.16 37.31 12.63
CA ARG L 713 -62.62 37.37 12.57
C ARG L 713 -63.24 36.38 13.55
N PRO L 727 -59.83 32.38 0.56
CA PRO L 727 -58.41 32.72 0.41
C PRO L 727 -57.89 32.43 -1.00
N VAL L 728 -56.86 31.59 -1.09
CA VAL L 728 -56.25 31.24 -2.36
C VAL L 728 -56.94 29.98 -2.89
N PRO L 729 -57.41 29.97 -4.14
CA PRO L 729 -58.09 28.77 -4.67
C PRO L 729 -57.21 27.85 -5.51
N GLU L 730 -55.99 28.25 -5.84
CA GLU L 730 -55.15 27.48 -6.75
C GLU L 730 -53.69 27.82 -6.49
N ILE L 731 -52.81 26.96 -7.01
CA ILE L 731 -51.38 27.20 -6.87
C ILE L 731 -51.01 28.41 -7.71
N ARG L 732 -50.72 29.53 -7.05
CA ARG L 732 -50.41 30.76 -7.76
C ARG L 732 -48.99 30.70 -8.34
N ARG L 733 -48.63 31.76 -9.08
CA ARG L 733 -47.30 31.85 -9.67
C ARG L 733 -46.22 31.92 -8.60
N ASP L 734 -46.45 32.72 -7.56
CA ASP L 734 -45.43 32.96 -6.55
C ASP L 734 -45.06 31.68 -5.79
N HIS L 735 -46.01 30.74 -5.69
CA HIS L 735 -45.70 29.46 -5.04
C HIS L 735 -44.63 28.70 -5.83
N PHE L 736 -44.79 28.62 -7.15
CA PHE L 736 -43.77 27.99 -7.98
C PHE L 736 -42.48 28.80 -7.97
N GLU L 737 -42.59 30.13 -7.92
CA GLU L 737 -41.42 31.00 -7.85
C GLU L 737 -40.58 30.66 -6.61
N GLU L 738 -41.24 30.50 -5.46
CA GLU L 738 -40.52 30.18 -4.24
C GLU L 738 -40.04 28.73 -4.23
N ALA L 739 -40.81 27.81 -4.82
CA ALA L 739 -40.41 26.41 -4.84
C ALA L 739 -39.17 26.19 -5.70
N MET L 740 -39.05 26.93 -6.79
CA MET L 740 -37.89 26.77 -7.67
C MET L 740 -36.59 27.26 -7.05
N ARG L 741 -36.65 27.97 -5.93
CA ARG L 741 -35.43 28.39 -5.25
C ARG L 741 -34.68 27.21 -4.63
N PHE L 742 -35.36 26.12 -4.36
CA PHE L 742 -34.75 24.90 -3.82
C PHE L 742 -34.75 23.80 -4.88
N ALA L 743 -34.45 24.17 -6.12
CA ALA L 743 -34.55 23.23 -7.24
C ALA L 743 -33.43 22.19 -7.16
N ARG L 744 -33.82 20.94 -6.91
CA ARG L 744 -32.88 19.84 -6.77
C ARG L 744 -32.52 19.25 -8.12
N ARG L 745 -31.24 18.97 -8.33
CA ARG L 745 -30.76 18.22 -9.49
C ARG L 745 -29.96 17.04 -8.94
N SER L 746 -30.66 15.92 -8.73
CA SER L 746 -30.03 14.77 -8.08
C SER L 746 -28.91 14.18 -8.93
N VAL L 747 -29.15 14.04 -10.23
CA VAL L 747 -28.17 13.46 -11.15
C VAL L 747 -27.74 14.53 -12.15
N SER L 748 -26.43 14.73 -12.27
CA SER L 748 -25.91 15.75 -13.17
C SER L 748 -24.47 15.42 -13.52
N ASP L 749 -24.05 15.88 -14.70
CA ASP L 749 -22.66 15.83 -15.18
C ASP L 749 -22.23 14.38 -15.31
N ASN L 750 -21.13 13.96 -14.67
CA ASN L 750 -20.50 12.67 -14.98
C ASN L 750 -21.41 11.49 -14.74
N ASP L 751 -22.35 11.60 -13.80
CA ASP L 751 -23.31 10.52 -13.57
C ASP L 751 -24.11 10.21 -14.84
N ILE L 752 -24.61 11.26 -15.50
CA ILE L 752 -25.32 11.05 -16.76
C ILE L 752 -24.40 10.45 -17.79
N ARG L 753 -23.09 10.72 -17.69
CA ARG L 753 -22.14 10.09 -18.58
C ARG L 753 -22.11 8.58 -18.39
N LYS L 754 -22.14 8.12 -17.13
CA LYS L 754 -21.93 6.71 -16.83
C LYS L 754 -22.96 5.84 -17.56
N TYR L 755 -24.24 6.18 -17.44
CA TYR L 755 -25.28 5.45 -18.15
C TYR L 755 -25.01 5.47 -19.65
N GLU L 756 -24.66 6.64 -20.19
CA GLU L 756 -24.31 6.73 -21.60
C GLU L 756 -23.14 5.81 -21.92
N MET L 757 -22.13 5.78 -21.04
CA MET L 757 -21.06 4.81 -21.18
C MET L 757 -21.62 3.40 -21.20
N PHE L 758 -22.46 3.06 -20.20
CA PHE L 758 -23.09 1.74 -20.19
C PHE L 758 -24.00 1.58 -21.38
N ALA L 759 -24.51 2.68 -21.94
CA ALA L 759 -25.23 2.59 -23.20
C ALA L 759 -24.31 2.12 -24.31
N GLN L 760 -23.16 2.80 -24.48
CA GLN L 760 -22.26 2.48 -25.58
C GLN L 760 -21.75 1.05 -25.45
N THR L 761 -21.24 0.70 -24.27
CA THR L 761 -20.76 -0.66 -24.02
C THR L 761 -21.86 -1.69 -24.21
N LEU L 762 -23.13 -1.29 -24.15
CA LEU L 762 -24.23 -2.20 -24.42
C LEU L 762 -24.94 -1.92 -25.73
N GLN L 763 -24.63 -0.81 -26.42
CA GLN L 763 -25.20 -0.62 -27.74
C GLN L 763 -24.49 -1.48 -28.77
N GLN L 764 -23.17 -1.67 -28.59
CA GLN L 764 -22.37 -2.61 -29.38
C GLN L 764 -22.57 -2.43 -30.88
N SER L 765 -22.45 -1.18 -31.33
CA SER L 765 -22.43 -0.94 -32.77
C SER L 765 -21.23 -1.61 -33.42
N ARG L 766 -20.06 -1.49 -32.77
CA ARG L 766 -18.84 -2.23 -33.12
C ARG L 766 -18.39 -2.00 -34.56
N GLY L 767 -18.78 -0.87 -35.15
CA GLY L 767 -18.42 -0.57 -36.53
C GLY L 767 -19.28 -1.25 -37.57
N PHE L 768 -20.31 -2.00 -37.15
CA PHE L 768 -21.19 -2.70 -38.08
C PHE L 768 -22.36 -1.84 -38.55
N GLY L 769 -22.43 -0.58 -38.11
CA GLY L 769 -23.49 0.29 -38.58
C GLY L 769 -23.34 0.61 -40.06
N SER L 770 -24.49 0.84 -40.71
CA SER L 770 -24.55 1.15 -42.13
C SER L 770 -23.88 0.05 -42.97
N PHE L 771 -24.12 -1.19 -42.58
CA PHE L 771 -23.60 -2.35 -43.31
C PHE L 771 -24.66 -2.81 -44.30
N ARG L 772 -24.26 -2.95 -45.56
CA ARG L 772 -25.19 -3.27 -46.65
C ARG L 772 -24.78 -4.57 -47.33
N PHE L 773 -25.78 -5.39 -47.65
CA PHE L 773 -25.54 -6.60 -48.40
C PHE L 773 -25.26 -6.28 -49.87
N PRO L 774 -24.53 -7.15 -50.57
CA PRO L 774 -24.42 -7.00 -52.02
C PRO L 774 -25.68 -7.48 -52.73
N SER L 775 -25.92 -6.91 -53.90
CA SER L 775 -27.08 -7.27 -54.70
C SER L 775 -26.84 -8.57 -55.47
#